data_8AP7
#
_entry.id   8AP7
#
_cell.length_a   1.00
_cell.length_b   1.00
_cell.length_c   1.00
_cell.angle_alpha   90.00
_cell.angle_beta   90.00
_cell.angle_gamma   90.00
#
_symmetry.space_group_name_H-M   'P 1'
#
loop_
_entity.id
_entity.type
_entity.pdbx_description
1 polymer 'ATP synthase subunit a'
2 polymer subunit-8
3 polymer subunit-d
4 polymer ATPTB1
5 polymer subunit-f
6 polymer subunit-i/j
7 polymer ATPTB6
8 polymer subunit-k
9 polymer subunit-e
10 polymer subunit-g
11 polymer ATPTB11
12 polymer ATPTB12
13 polymer subunit-b
14 polymer ATPEG3
15 polymer ATPEG4
16 non-polymer CARDIOLIPIN
17 non-polymer DODECYL-BETA-D-MALTOSIDE
18 non-polymer '2-{[(4-O-alpha-D-glucopyranosyl-alpha-D-glucopyranosyl)oxy]methyl}-4-{[(3beta,9beta,14beta,17beta,25R)-spirost-5-en-3-yl]oxy}butyl 4-O-alpha-D-glucopyranosyl-alpha-D-glucopyranoside'
19 non-polymer 1,2-dioleoyl-sn-glycero-3-phosphoethanolamine
20 non-polymer 1,2-DIACYL-SN-GLYCERO-3-PHOSPHOCHOLINE
21 water water
#
loop_
_entity_poly.entity_id
_entity_poly.type
_entity_poly.pdbx_seq_one_letter_code
_entity_poly.pdbx_strand_id
1 'polypeptide(L)'
;MFLFFFCDLFWLRLLLCMYYCVWSRLCFIVYFNCLMLIFDFLLFCLFDLYLFVGLCLFLLLWFMLFNLYSLILYYCITYL
NLYLLFCIVFLLYIAFLFLFCFLCDFFLFNNLLVGDSFMDVFFIRFLLCFLECFSLLCRCLSTFLRLFCNLLSSHFLLLM
FFDFFYFIFVFFFYGVFCYWFILFIFVFCFCLLFYVFLYLLDLFAAILQLFIFCNMILQLIMDFLLFLLFV
;
A,a
2 'polypeptide(L)'
;MLRRLGANVSNMARPMNKYAVTVSPRRHLEPMSTWYLASWAMVWYYAFFFWMPMVWTDIMVPSFVYNKLPVIHFLQEKRA
EQKLRRVLDETYTEWTEELDQAHVTDAITRSLNI
;
C,c
3 'polypeptide(L)'
;MRRVSSPNITIQSVRWISGVSPLLYFPPTTTSTTNREDQINKNTNIAIQMIKRYKGEVPPHYTRKSSATIEQVEKEIDAL
LGGAEKLRKTSTDDQPMDKLTLMERCLRHALWSYHKEEGRYDFDQIGRWVVYTPEDEVKLAQLKREVEAKEKLAALRKRR
EEEGLPGGPVPRINWPQEYSSFIDREPVVAKRIRYDTLASTTLERDEKQIESTLQQYRRASQDKRLDDLVDLLERFKPVL
AREAIMQRLTIKHLEGQLGVWRYMDWCPEVRDRAELEVDITGWQWWSPLEERRLLPVRLRSVNEVREIMSKTQAKKSAEA
AERNPIVTQTSTGDNARDRLLKEVLALQARINQRDEVEPSQTEQKKKAHH
;
D,d
4 'polypeptide(L)'
;(AME)QGSWSVLKKNCSNFFPGLLAFAQQTQEAYGIWLRIYNRQQKYGPTDFVEQSETFSPDYHKRFHSQDKNMWVDKEL
CTEVSQKEVARLMTYKLDMWRMAHCAGALLATGGYAIPFGLFWLANDTWVPSSFNLTGEELRAWREAQDLYRYRSAPSYL
TDTKWHFDFHAYPWNETQERAWDDLFEKNDVRRDPKVVRPAAEMYDGFIKFELIRRKSLRHLCRSMNIPTFPMLARLCNG
TRVRDYWNLAWCEDYMVITQRLHESMTDEELYDYAWRRYLAPYDKNLNREQLMERVEDYFEFLGPDFVAHGKAPNLVILT
NYVLGYYNDPAYLEGDISELDKNDYDHLASWGKDAFLRRLEFENGPLRDQVEAHTQRLLAERAAIAKGDNAAAVEGRHTA
;
E,e
5 'polypeptide(L)'
;MVLFSTYRSSRLVSKEFLHGPVMRFRALGEYYFQRAWNGTLNWALPGEYRLYAVMIPFIYFYHRWHNDHTLDRDHVEKAM
IMRWGGTLEDVRKLSAKDQLRVRCFTDIEKLYSAYGPKDTYLQPPGDTLPGKDFYRKAGGAQAHH
;
F,f
6 'polypeptide(L)'
;MVYTRWKCDRLPVFQLKLFTQEYPMHAAVGIFTIIFLWKHMSHCSEETERKYGWWAGYPYWRDPIARRNETKYKQMIINN
DVDITHPKWTGCSVEQLEELSRVV
;
I,i
7 'polypeptide(L)'
;MTKYELKMQYFDEWMIRWRKFQTESDWEIEKGRQWWRRFNMAVSGALFCGLVLYTSGTATLKRQYGLPHFFDIGVDGQAK
ETMLKTLTSRWRYTPQGYGRVLITGVPTYILFVTLEHYRERRRMQQYLQQNTVFGEQMRRLLSTGKIEEYLPVNIKATLP
ASQQAIYNY
;
J,j
8 'polypeptide(L)'
;MLRRSSAALIRRTPVRHSGGELFVRPKLEEIPPADQCRGFFGPLNDSLKFLRLLDIKWMMNRAVAMRREYLIATPTLFTF
IWMFTWKGAVIYFWGDRAPPRRMDWNTEETGRLPLGFKPTPAPL
;
K,k
9 'polypeptide(L)'
;MSAKAAPKTLHQVRNVAYFFAAWLGVQKGYIEKSANDRLWVEHQRKVRQQNVERQQALDSIKLMQQGVRATTPGQLEGVP
AELQQLAEAFTK
;
L,l
10 'polypeptide(L)'
;MSSTKCAVACKIMTPLCNAASKVQARSAKKLAALTDAGIQKTISEHNANGTDAAVSSTKRYLAEQRQLFHYRVVRFFDEC
HYIISGEYFAQYTKVNLIWDLRFLTKLVVLFLIGTVLGRQSIFPPIDPDSPLVEALVTKVNPNY
;
M,m
11 'polypeptide(L)'
;MLRKTPLFAMATTRKALVGNGPTFSTGGECMNTCDIQNAFPMNDRGVRSSSPFQEPNTAIYDSYLAWTYFQPMDVHIEKL
PAPEAKYYQRHTKKPWDVSSTELTEIQSRKKYFQTLGYLVAFIYLYFLMPKEKSFSGLSGPDGHWIMLPKGRPELF
;
N,n
12 'polypeptide(L)'
;MSSGFHFHDVSNDAIKGMPPSEALHKHLENAQLAHRICLAKALKAGEPPVEKCALTWGEVLIRYQAWSEYRPPFQDSVAQ
AKYKKYWSKKRQEEDDKNPFK
;
O,o
13 'polypeptide(L)'
;MLRRLVPRVMMAPMGGATALCTSRGYNMLVFRDPKRRPQLSEEERAKVVVNQAEWPEEFKDFDPDDPYKNSPEIIKGMSS
WNLFLWGVECAFIYQFYELVFPKSI
;
P,p
14 'polypeptide(L)'
;MTENIEAVMSDFWSNPADHFRPNLKALTLYAERQHYVDRWLHVKERWLAPWYLPWWSPLFQLGTWYSQRSRNLFLVENHL
SYRPYKFRRNDEDRNNPY
;
Q,q
15 'polypeptide(L)' MLLGGFVPRRFSQFNRDPCWMFFIFSVGFWLGEYPAMMIKYNARDLVYDPHRYVWSHHDDHH R,r
#
loop_
_chem_comp.id
_chem_comp.type
_chem_comp.name
_chem_comp.formula
CDL non-polymer CARDIOLIPIN 'C81 H156 O17 P2 -2'
LMT D-saccharide DODECYL-BETA-D-MALTOSIDE 'C24 H46 O11'
PC1 non-polymer 1,2-DIACYL-SN-GLYCERO-3-PHOSPHOCHOLINE 'C44 H88 N O8 P'
PEE non-polymer 1,2-dioleoyl-sn-glycero-3-phosphoethanolamine 'C41 H78 N O8 P'
Q7G non-polymer '2-{[(4-O-alpha-D-glucopyranosyl-alpha-D-glucopyranosyl)oxy]methyl}-4-{[(3beta,9beta,14beta,17beta,25R)-spirost-5-en-3-yl]oxy}butyl 4-O-alpha-D-glucopyranosyl-alpha-D-glucopyranoside' 'C56 H92 O25'
#
# COMPACT_ATOMS: atom_id res chain seq x y z
N MET A 1 37.28 49.00 2.51
CA MET A 1 36.42 47.80 2.68
C MET A 1 37.15 46.70 3.44
N PHE A 2 36.54 46.24 4.53
CA PHE A 2 37.11 45.18 5.37
C PHE A 2 36.05 44.11 5.59
N LEU A 3 36.25 42.95 4.97
CA LEU A 3 35.35 41.83 5.11
C LEU A 3 35.88 40.86 6.17
N PHE A 4 35.02 40.51 7.12
CA PHE A 4 35.36 39.55 8.16
C PHE A 4 34.72 38.21 7.83
N PHE A 5 35.55 37.19 7.66
CA PHE A 5 35.08 35.86 7.32
C PHE A 5 35.99 34.85 8.00
N PHE A 6 35.65 33.56 7.85
CA PHE A 6 36.39 32.49 8.50
C PHE A 6 36.66 31.38 7.50
N CYS A 7 37.75 30.66 7.72
CA CYS A 7 38.06 29.51 6.89
C CYS A 7 37.12 28.36 7.21
N ASP A 8 37.12 27.35 6.34
CA ASP A 8 36.28 26.18 6.48
C ASP A 8 37.01 24.99 7.11
N LEU A 9 37.95 25.28 8.01
CA LEU A 9 38.80 24.26 8.63
C LEU A 9 38.56 24.09 10.12
N PHE A 10 37.53 24.74 10.68
CA PHE A 10 37.37 24.76 12.13
C PHE A 10 37.19 23.37 12.71
N TRP A 11 36.35 22.54 12.07
CA TRP A 11 36.21 21.17 12.53
C TRP A 11 37.52 20.40 12.39
N LEU A 12 38.24 20.63 11.29
CA LEU A 12 39.52 19.97 11.11
C LEU A 12 40.55 20.47 12.12
N ARG A 13 40.50 21.75 12.48
CA ARG A 13 41.35 22.24 13.55
C ARG A 13 41.03 21.54 14.87
N LEU A 14 39.74 21.35 15.15
CA LEU A 14 39.34 20.62 16.34
C LEU A 14 39.89 19.20 16.32
N LEU A 15 39.78 18.52 15.18
CA LEU A 15 40.30 17.16 15.08
C LEU A 15 41.82 17.14 15.23
N LEU A 16 42.51 18.11 14.66
CA LEU A 16 43.96 18.17 14.82
C LEU A 16 44.35 18.33 16.28
N CYS A 17 43.64 19.21 17.00
CA CYS A 17 43.92 19.37 18.43
C CYS A 17 43.63 18.09 19.20
N MET A 18 42.53 17.40 18.87
CA MET A 18 42.17 16.19 19.59
C MET A 18 43.16 15.06 19.31
N TYR A 19 43.56 14.88 18.07
CA TYR A 19 44.34 13.72 17.66
C TYR A 19 45.84 13.95 17.66
N TYR A 20 46.32 15.17 17.91
CA TYR A 20 47.74 15.45 17.92
C TYR A 20 48.18 16.16 19.19
N CYS A 21 47.43 15.98 20.27
CA CYS A 21 47.94 16.36 21.58
C CYS A 21 49.06 15.44 22.03
N VAL A 22 49.15 14.25 21.46
CA VAL A 22 50.20 13.30 21.72
C VAL A 22 50.97 13.07 20.43
N TRP A 23 52.23 12.66 20.58
CA TRP A 23 53.11 12.53 19.42
C TRP A 23 52.76 11.30 18.58
N SER A 24 53.05 11.40 17.30
CA SER A 24 52.89 10.29 16.37
C SER A 24 53.96 10.38 15.30
N ARG A 25 54.42 9.22 14.84
CA ARG A 25 55.39 9.17 13.76
C ARG A 25 54.73 9.48 12.42
N LEU A 26 55.48 10.15 11.55
CA LEU A 26 55.05 10.40 10.18
C LEU A 26 56.02 9.68 9.25
N CYS A 27 55.49 8.80 8.41
CA CYS A 27 56.30 8.02 7.50
C CYS A 27 55.89 8.15 6.04
N PHE A 28 54.80 8.85 5.75
CA PHE A 28 54.32 9.05 4.39
C PHE A 28 54.17 10.53 4.14
N ILE A 29 54.93 11.04 3.17
CA ILE A 29 54.97 12.46 2.86
C ILE A 29 54.69 12.64 1.37
N VAL A 30 53.82 13.59 1.04
CA VAL A 30 53.41 13.77 -0.35
C VAL A 30 54.61 14.12 -1.21
N TYR A 31 55.44 15.06 -0.75
CA TYR A 31 56.64 15.48 -1.46
C TYR A 31 57.83 15.12 -0.58
N PHE A 32 58.34 13.91 -0.75
CA PHE A 32 59.48 13.44 0.02
C PHE A 32 60.81 13.98 -0.48
N ASN A 33 60.85 14.48 -1.72
CA ASN A 33 62.12 14.88 -2.32
C ASN A 33 62.71 16.12 -1.66
N CYS A 34 61.93 16.88 -0.90
CA CYS A 34 62.48 18.02 -0.17
C CYS A 34 63.44 17.57 0.91
N LEU A 35 63.35 16.32 1.35
CA LEU A 35 64.22 15.80 2.40
C LEU A 35 65.51 15.18 1.87
N MET A 36 65.52 14.74 0.62
CA MET A 36 66.67 14.07 0.02
C MET A 36 67.04 14.81 -1.27
N LEU A 37 67.88 15.83 -1.15
CA LEU A 37 68.36 16.57 -2.30
C LEU A 37 69.63 15.98 -2.87
N ILE A 38 70.50 15.44 -2.03
CA ILE A 38 71.79 14.90 -2.43
C ILE A 38 71.69 13.38 -2.47
N PHE A 39 72.09 12.79 -3.60
CA PHE A 39 72.03 11.35 -3.77
C PHE A 39 73.41 10.69 -3.83
N ASP A 40 74.45 11.42 -4.19
CA ASP A 40 75.82 10.92 -4.18
C ASP A 40 76.48 11.31 -2.87
N PHE A 41 77.03 10.33 -2.17
CA PHE A 41 77.65 10.60 -0.88
C PHE A 41 78.96 11.38 -1.07
N LEU A 42 79.38 12.03 0.01
CA LEU A 42 80.55 12.90 0.10
C LEU A 42 80.27 14.27 -0.52
N LEU A 43 79.10 14.49 -1.10
CA LEU A 43 78.71 15.81 -1.59
C LEU A 43 77.98 16.55 -0.47
N PHE A 44 78.34 17.83 -0.28
CA PHE A 44 77.70 18.66 0.72
C PHE A 44 77.57 20.08 0.17
N CYS A 45 76.61 20.81 0.73
CA CYS A 45 76.29 22.16 0.29
C CYS A 45 76.41 23.12 1.46
N LEU A 46 77.08 24.25 1.23
CA LEU A 46 77.18 25.29 2.26
C LEU A 46 75.94 26.15 2.33
N PHE A 47 75.09 26.10 1.31
CA PHE A 47 73.83 26.83 1.33
C PHE A 47 72.80 26.06 2.16
N ASP A 48 71.88 26.80 2.76
CA ASP A 48 70.82 26.21 3.58
C ASP A 48 69.80 25.57 2.66
N LEU A 49 70.13 24.35 2.21
CA LEU A 49 69.32 23.65 1.23
C LEU A 49 68.13 22.91 1.84
N TYR A 50 68.09 22.78 3.16
CA TYR A 50 66.98 22.12 3.85
C TYR A 50 66.04 23.12 4.49
N LEU A 51 66.16 24.40 4.15
CA LEU A 51 65.28 25.43 4.69
C LEU A 51 63.84 25.28 4.21
N PHE A 52 63.63 24.61 3.07
CA PHE A 52 62.31 24.48 2.48
C PHE A 52 61.48 23.36 3.08
N VAL A 53 62.06 22.51 3.92
CA VAL A 53 61.34 21.35 4.43
C VAL A 53 60.14 21.77 5.26
N GLY A 54 60.34 22.72 6.18
CA GLY A 54 59.25 23.13 7.05
C GLY A 54 58.10 23.78 6.30
N LEU A 55 58.43 24.71 5.40
CA LEU A 55 57.40 25.34 4.60
C LEU A 55 56.70 24.32 3.71
N CYS A 56 57.46 23.39 3.15
CA CYS A 56 56.87 22.36 2.30
C CYS A 56 55.86 21.54 3.08
N LEU A 57 56.24 21.09 4.29
CA LEU A 57 55.35 20.27 5.09
C LEU A 57 54.08 21.03 5.46
N PHE A 58 54.23 22.28 5.91
CA PHE A 58 53.05 23.06 6.28
C PHE A 58 52.16 23.31 5.08
N LEU A 59 52.75 23.65 3.93
CA LEU A 59 51.96 23.89 2.73
C LEU A 59 51.20 22.65 2.31
N LEU A 60 51.85 21.49 2.38
CA LEU A 60 51.17 20.24 2.03
C LEU A 60 49.99 20.00 2.96
N LEU A 61 50.20 20.19 4.27
CA LEU A 61 49.11 19.97 5.22
C LEU A 61 47.95 20.91 4.95
N TRP A 62 48.25 22.21 4.75
CA TRP A 62 47.20 23.19 4.53
C TRP A 62 46.42 22.89 3.25
N PHE A 63 47.14 22.71 2.13
CA PHE A 63 46.48 22.44 0.87
C PHE A 63 45.74 21.11 0.87
N MET A 64 46.21 20.14 1.65
CA MET A 64 45.49 18.87 1.74
C MET A 64 44.22 19.01 2.55
N LEU A 65 44.29 19.73 3.68
CA LEU A 65 43.10 19.96 4.48
C LEU A 65 42.03 20.67 3.67
N PHE A 66 42.43 21.48 2.69
CA PHE A 66 41.44 22.16 1.85
C PHE A 66 41.00 21.30 0.66
N ASN A 67 41.97 20.89 -0.18
CA ASN A 67 41.64 20.33 -1.48
C ASN A 67 41.05 18.93 -1.37
N LEU A 68 41.64 18.07 -0.54
CA LEU A 68 41.16 16.70 -0.46
C LEU A 68 39.76 16.63 0.15
N TYR A 69 39.50 17.42 1.18
CA TYR A 69 38.20 17.44 1.83
C TYR A 69 37.15 18.17 1.02
N SER A 70 37.55 18.92 -0.02
CA SER A 70 36.59 19.60 -0.87
C SER A 70 35.77 18.64 -1.71
N LEU A 71 36.16 17.37 -1.81
CA LEU A 71 35.37 16.40 -2.54
C LEU A 71 34.05 16.11 -1.83
N ILE A 72 34.00 16.31 -0.51
CA ILE A 72 32.75 16.21 0.23
C ILE A 72 31.84 17.35 -0.20
N LEU A 73 30.59 17.02 -0.50
CA LEU A 73 29.67 18.01 -1.02
C LEU A 73 29.47 19.16 -0.04
N TYR A 74 29.42 20.38 -0.59
CA TYR A 74 29.21 21.63 0.12
C TYR A 74 30.42 22.07 0.93
N TYR A 75 31.54 21.35 0.86
CA TYR A 75 32.78 21.80 1.47
C TYR A 75 33.41 22.86 0.59
N CYS A 76 33.87 23.94 1.22
CA CYS A 76 34.33 25.12 0.51
C CYS A 76 35.85 25.24 0.55
N ILE A 77 36.44 25.53 -0.60
CA ILE A 77 37.86 25.88 -0.69
C ILE A 77 37.92 27.40 -0.52
N THR A 78 38.26 27.85 0.69
CA THR A 78 38.13 29.25 1.03
C THR A 78 39.11 30.14 0.29
N TYR A 79 40.28 29.60 -0.07
CA TYR A 79 41.34 30.38 -0.70
C TYR A 79 41.28 30.36 -2.22
N LEU A 80 40.24 29.77 -2.81
CA LEU A 80 40.23 29.53 -4.25
C LEU A 80 40.01 30.86 -4.98
N ASN A 81 41.10 31.59 -5.14
CA ASN A 81 41.12 32.82 -5.92
C ASN A 81 42.44 32.90 -6.66
N LEU A 82 42.38 33.38 -7.91
CA LEU A 82 43.57 33.40 -8.75
C LEU A 82 44.67 34.26 -8.14
N TYR A 83 44.32 35.46 -7.69
CA TYR A 83 45.33 36.39 -7.22
C TYR A 83 45.85 36.00 -5.84
N LEU A 84 45.02 35.35 -5.02
CA LEU A 84 45.50 34.86 -3.74
C LEU A 84 46.56 33.78 -3.92
N LEU A 85 46.33 32.85 -4.85
CA LEU A 85 47.35 31.87 -5.18
C LEU A 85 48.59 32.54 -5.76
N PHE A 86 48.39 33.60 -6.55
CA PHE A 86 49.52 34.37 -7.03
C PHE A 86 50.33 34.93 -5.86
N CYS A 87 49.65 35.44 -4.84
CA CYS A 87 50.35 35.96 -3.67
C CYS A 87 51.14 34.85 -2.97
N ILE A 88 50.55 33.66 -2.83
CA ILE A 88 51.23 32.57 -2.14
C ILE A 88 52.50 32.19 -2.90
N VAL A 89 52.36 31.95 -4.21
CA VAL A 89 53.51 31.54 -5.01
C VAL A 89 54.53 32.66 -5.09
N PHE A 90 54.07 33.91 -5.17
CA PHE A 90 54.98 35.05 -5.14
C PHE A 90 55.82 35.03 -3.88
N LEU A 91 55.17 34.87 -2.72
CA LEU A 91 55.89 34.80 -1.46
C LEU A 91 57.00 33.75 -1.54
N LEU A 92 56.63 32.50 -1.79
CA LEU A 92 57.61 31.42 -1.75
C LEU A 92 58.70 31.62 -2.81
N TYR A 93 58.29 31.80 -4.06
CA TYR A 93 59.27 31.84 -5.14
C TYR A 93 60.19 33.05 -5.04
N ILE A 94 59.61 34.24 -4.86
CA ILE A 94 60.42 35.44 -4.79
C ILE A 94 61.28 35.45 -3.53
N ALA A 95 60.80 34.87 -2.43
CA ALA A 95 61.62 34.81 -1.23
C ALA A 95 62.87 33.98 -1.47
N PHE A 96 62.73 32.81 -2.09
CA PHE A 96 63.91 32.00 -2.37
C PHE A 96 64.81 32.67 -3.40
N LEU A 97 64.22 33.30 -4.43
CA LEU A 97 65.02 34.00 -5.42
C LEU A 97 65.81 35.14 -4.79
N PHE A 98 65.17 35.91 -3.90
CA PHE A 98 65.87 36.99 -3.20
C PHE A 98 66.90 36.44 -2.23
N LEU A 99 66.68 35.25 -1.69
CA LEU A 99 67.71 34.62 -0.87
C LEU A 99 68.96 34.35 -1.69
N PHE A 100 68.79 33.87 -2.92
CA PHE A 100 69.94 33.64 -3.79
C PHE A 100 70.57 34.95 -4.27
N CYS A 101 69.76 35.99 -4.48
CA CYS A 101 70.28 37.25 -4.98
C CYS A 101 70.99 38.05 -3.89
N PHE A 102 70.48 37.99 -2.65
CA PHE A 102 71.14 38.67 -1.55
C PHE A 102 72.51 38.10 -1.26
N LEU A 103 72.81 36.89 -1.76
CA LEU A 103 74.12 36.30 -1.61
C LEU A 103 75.20 37.14 -2.27
N CYS A 104 74.82 38.01 -3.21
CA CYS A 104 75.76 38.93 -3.86
C CYS A 104 76.86 38.18 -4.59
N ASP A 105 76.56 36.99 -5.11
CA ASP A 105 77.47 36.23 -5.94
C ASP A 105 76.94 36.29 -7.37
N PHE A 106 77.57 37.14 -8.18
CA PHE A 106 77.11 37.31 -9.56
C PHE A 106 77.49 36.13 -10.43
N PHE A 107 78.59 35.44 -10.12
CA PHE A 107 78.96 34.25 -10.87
C PHE A 107 77.86 33.19 -10.84
N LEU A 108 77.01 33.21 -9.82
CA LEU A 108 75.92 32.25 -9.75
C LEU A 108 75.03 32.33 -10.99
N PHE A 109 74.97 33.49 -11.64
CA PHE A 109 74.13 33.69 -12.80
C PHE A 109 74.86 33.42 -14.12
N ASN A 110 76.11 32.95 -14.07
CA ASN A 110 76.85 32.69 -15.29
C ASN A 110 76.11 31.71 -16.20
N ASN A 111 75.45 30.71 -15.61
CA ASN A 111 74.75 29.71 -16.39
C ASN A 111 73.54 30.27 -17.13
N LEU A 112 73.11 31.50 -16.83
CA LEU A 112 71.99 32.08 -17.55
C LEU A 112 72.35 32.32 -19.01
N LEU A 113 73.60 32.71 -19.27
CA LEU A 113 74.06 32.90 -20.64
C LEU A 113 74.24 31.53 -21.28
N VAL A 114 73.21 31.09 -22.01
CA VAL A 114 73.19 29.72 -22.52
C VAL A 114 74.17 29.58 -23.69
N GLY A 115 74.70 28.38 -23.83
CA GLY A 115 75.57 28.05 -24.95
C GLY A 115 77.04 28.13 -24.59
N ASP A 116 77.87 27.98 -25.62
CA ASP A 116 79.32 28.04 -25.50
C ASP A 116 79.84 29.24 -26.27
N SER A 117 81.16 29.44 -26.19
CA SER A 117 81.77 30.58 -26.85
C SER A 117 81.65 30.52 -28.36
N PHE A 118 81.43 29.34 -28.92
CA PHE A 118 81.29 29.22 -30.37
C PHE A 118 80.07 30.00 -30.87
N MET A 119 78.99 29.98 -30.10
CA MET A 119 77.76 30.65 -30.50
C MET A 119 77.93 32.16 -30.40
N ASP A 120 77.35 32.87 -31.36
CA ASP A 120 77.43 34.33 -31.37
C ASP A 120 76.79 34.88 -30.11
N VAL A 121 77.48 35.83 -29.46
CA VAL A 121 77.07 36.28 -28.14
C VAL A 121 75.83 37.17 -28.24
N PHE A 122 75.84 38.13 -29.16
CA PHE A 122 74.75 39.12 -29.19
C PHE A 122 73.48 38.53 -29.78
N PHE A 123 73.59 37.77 -30.87
CA PHE A 123 72.42 37.34 -31.62
C PHE A 123 71.89 35.98 -31.20
N ILE A 124 72.64 35.20 -30.43
CA ILE A 124 72.17 33.90 -29.98
C ILE A 124 72.19 33.82 -28.45
N ARG A 125 73.39 33.94 -27.86
CA ARG A 125 73.52 33.71 -26.43
C ARG A 125 72.72 34.73 -25.62
N PHE A 126 72.78 36.00 -26.01
CA PHE A 126 72.08 37.03 -25.24
C PHE A 126 70.57 36.85 -25.33
N LEU A 127 70.07 36.45 -26.50
CA LEU A 127 68.64 36.21 -26.64
C LEU A 127 68.21 35.01 -25.81
N LEU A 128 69.04 33.98 -25.74
CA LEU A 128 68.73 32.84 -24.87
C LEU A 128 68.74 33.26 -23.40
N CYS A 129 69.66 34.12 -23.00
CA CYS A 129 69.66 34.63 -21.64
C CYS A 129 68.38 35.41 -21.35
N PHE A 130 67.94 36.23 -22.29
CA PHE A 130 66.68 36.94 -22.14
C PHE A 130 65.52 35.97 -21.94
N LEU A 131 65.47 34.93 -22.78
CA LEU A 131 64.39 33.97 -22.69
C LEU A 131 64.43 33.20 -21.37
N GLU A 132 65.62 32.88 -20.87
CA GLU A 132 65.71 32.13 -19.62
C GLU A 132 65.29 32.97 -18.43
N CYS A 133 65.72 34.24 -18.40
CA CYS A 133 65.27 35.14 -17.34
C CYS A 133 63.76 35.31 -17.40
N PHE A 134 63.19 35.35 -18.60
CA PHE A 134 61.74 35.38 -18.74
C PHE A 134 61.11 34.08 -18.24
N SER A 135 61.80 32.95 -18.48
CA SER A 135 61.24 31.65 -18.14
C SER A 135 61.15 31.44 -16.63
N LEU A 136 62.05 32.04 -15.86
CA LEU A 136 61.94 31.94 -14.40
C LEU A 136 60.61 32.50 -13.91
N LEU A 137 60.30 33.73 -14.31
CA LEU A 137 59.04 34.35 -13.92
C LEU A 137 57.85 33.58 -14.49
N CYS A 138 57.98 33.10 -15.73
CA CYS A 138 56.92 32.30 -16.31
C CYS A 138 56.70 31.01 -15.54
N ARG A 139 57.76 30.44 -14.98
CA ARG A 139 57.60 29.24 -14.16
C ARG A 139 56.79 29.55 -12.91
N CYS A 140 57.07 30.69 -12.26
CA CYS A 140 56.24 31.11 -11.14
C CYS A 140 54.78 31.23 -11.55
N LEU A 141 54.52 31.97 -12.64
CA LEU A 141 53.15 32.18 -13.08
C LEU A 141 52.47 30.86 -13.44
N SER A 142 53.18 29.98 -14.13
CA SER A 142 52.60 28.71 -14.54
C SER A 142 52.28 27.83 -13.34
N THR A 143 53.15 27.86 -12.32
CA THR A 143 52.89 27.09 -11.11
C THR A 143 51.55 27.49 -10.50
N PHE A 144 51.35 28.79 -10.26
CA PHE A 144 50.12 29.21 -9.61
C PHE A 144 48.92 29.02 -10.53
N LEU A 145 49.09 29.27 -11.83
CA LEU A 145 47.99 29.09 -12.77
C LEU A 145 47.56 27.62 -12.84
N ARG A 146 48.53 26.70 -12.88
CA ARG A 146 48.20 25.28 -12.93
C ARG A 146 47.41 24.86 -11.70
N LEU A 147 47.87 25.29 -10.53
CA LEU A 147 47.17 24.93 -9.30
C LEU A 147 45.74 25.45 -9.30
N PHE A 148 45.54 26.69 -9.76
CA PHE A 148 44.19 27.25 -9.77
C PHE A 148 43.30 26.53 -10.78
N CYS A 149 43.79 26.37 -12.01
CA CYS A 149 42.95 25.84 -13.08
C CYS A 149 42.54 24.40 -12.81
N ASN A 150 43.45 23.58 -12.27
CA ASN A 150 43.10 22.19 -12.03
C ASN A 150 41.92 22.07 -11.07
N LEU A 151 42.00 22.77 -9.94
CA LEU A 151 40.91 22.73 -8.97
C LEU A 151 39.61 23.23 -9.58
N LEU A 152 39.68 24.38 -10.26
CA LEU A 152 38.46 24.98 -10.81
C LEU A 152 37.78 24.02 -11.80
N SER A 153 38.56 23.48 -12.73
CA SER A 153 37.98 22.60 -13.74
C SER A 153 37.43 21.33 -13.12
N SER A 154 38.16 20.72 -12.19
CA SER A 154 37.69 19.49 -11.58
C SER A 154 36.37 19.69 -10.86
N HIS A 155 36.25 20.78 -10.10
CA HIS A 155 35.02 20.99 -9.34
C HIS A 155 33.86 21.42 -10.23
N PHE A 156 34.13 22.15 -11.31
CA PHE A 156 33.08 22.45 -12.27
C PHE A 156 32.52 21.17 -12.87
N LEU A 157 33.41 20.27 -13.29
CA LEU A 157 32.95 19.00 -13.88
C LEU A 157 32.15 18.19 -12.87
N LEU A 158 32.62 18.12 -11.62
CA LEU A 158 31.90 17.37 -10.60
C LEU A 158 30.51 17.96 -10.37
N LEU A 159 30.41 19.29 -10.28
CA LEU A 159 29.12 19.91 -10.03
C LEU A 159 28.14 19.62 -11.16
N MET A 160 28.61 19.74 -12.41
CA MET A 160 27.71 19.51 -13.54
C MET A 160 27.24 18.06 -13.58
N PHE A 161 28.15 17.12 -13.37
CA PHE A 161 27.75 15.72 -13.40
C PHE A 161 26.79 15.40 -12.26
N PHE A 162 27.05 15.94 -11.06
CA PHE A 162 26.15 15.70 -9.95
C PHE A 162 24.75 16.25 -10.25
N ASP A 163 24.68 17.42 -10.87
CA ASP A 163 23.38 17.98 -11.24
C ASP A 163 22.65 17.05 -12.21
N PHE A 164 23.35 16.54 -13.22
CA PHE A 164 22.72 15.62 -14.16
C PHE A 164 22.23 14.36 -13.46
N PHE A 165 23.05 13.81 -12.56
CA PHE A 165 22.66 12.60 -11.86
C PHE A 165 21.44 12.83 -10.98
N TYR A 166 21.41 13.96 -10.26
CA TYR A 166 20.23 14.28 -9.47
C TYR A 166 19.00 14.37 -10.36
N PHE A 167 19.13 15.04 -11.51
CA PHE A 167 17.98 15.21 -12.39
C PHE A 167 17.43 13.86 -12.84
N ILE A 168 18.28 13.00 -13.38
CA ILE A 168 17.79 11.73 -13.92
C ILE A 168 17.32 10.81 -12.80
N PHE A 169 18.00 10.81 -11.66
CA PHE A 169 17.62 9.96 -10.55
C PHE A 169 16.25 10.34 -10.00
N VAL A 170 16.01 11.65 -9.84
CA VAL A 170 14.76 12.10 -9.23
C VAL A 170 13.60 12.01 -10.21
N PHE A 171 13.79 12.46 -11.45
CA PHE A 171 12.69 12.66 -12.38
C PHE A 171 12.54 11.54 -13.40
N PHE A 172 13.35 10.47 -13.32
CA PHE A 172 13.22 9.37 -14.27
C PHE A 172 13.38 8.00 -13.63
N PHE A 173 13.37 7.91 -12.30
CA PHE A 173 13.45 6.60 -11.66
C PHE A 173 12.15 5.81 -11.82
N TYR A 174 11.03 6.47 -12.09
CA TYR A 174 9.77 5.76 -12.26
C TYR A 174 9.84 4.76 -13.39
N GLY A 175 10.76 4.94 -14.33
CA GLY A 175 10.92 3.98 -15.41
C GLY A 175 11.29 2.59 -14.95
N VAL A 176 11.72 2.45 -13.70
CA VAL A 176 11.98 1.12 -13.15
C VAL A 176 10.71 0.30 -13.14
N PHE A 177 9.56 0.94 -12.93
CA PHE A 177 8.28 0.26 -12.94
C PHE A 177 7.66 0.17 -14.32
N CYS A 178 8.31 0.71 -15.34
CA CYS A 178 7.79 0.77 -16.69
C CYS A 178 8.49 -0.24 -17.58
N TYR A 179 8.08 -0.25 -18.86
CA TYR A 179 8.62 -1.24 -19.80
C TYR A 179 9.98 -0.84 -20.35
N TRP A 180 10.40 0.41 -20.19
CA TRP A 180 11.72 0.85 -20.59
C TRP A 180 12.69 0.86 -19.42
N PHE A 181 12.51 -0.06 -18.47
CA PHE A 181 13.34 -0.08 -17.28
C PHE A 181 14.80 -0.39 -17.61
N ILE A 182 15.04 -1.17 -18.67
CA ILE A 182 16.40 -1.56 -18.99
C ILE A 182 17.23 -0.35 -19.38
N LEU A 183 16.64 0.59 -20.11
CA LEU A 183 17.35 1.79 -20.49
C LEU A 183 17.75 2.61 -19.26
N PHE A 184 16.82 2.77 -18.31
CA PHE A 184 17.15 3.52 -17.11
C PHE A 184 18.22 2.81 -16.29
N ILE A 185 18.16 1.48 -16.21
CA ILE A 185 19.16 0.75 -15.44
C ILE A 185 20.53 0.90 -16.09
N PHE A 186 20.59 0.84 -17.42
CA PHE A 186 21.84 1.07 -18.11
C PHE A 186 22.39 2.45 -17.82
N VAL A 187 21.53 3.47 -17.92
CA VAL A 187 21.97 4.85 -17.67
C VAL A 187 22.43 5.00 -16.23
N PHE A 188 21.69 4.44 -15.28
CA PHE A 188 22.03 4.56 -13.88
C PHE A 188 23.38 3.89 -13.59
N CYS A 189 23.61 2.70 -14.15
CA CYS A 189 24.88 2.04 -13.97
C CYS A 189 26.02 2.86 -14.56
N PHE A 190 25.80 3.44 -15.75
CA PHE A 190 26.81 4.30 -16.33
C PHE A 190 27.10 5.50 -15.45
N CYS A 191 26.06 6.10 -14.86
CA CYS A 191 26.26 7.24 -13.98
C CYS A 191 27.04 6.85 -12.74
N LEU A 192 26.75 5.68 -12.16
CA LEU A 192 27.51 5.22 -11.01
C LEU A 192 28.98 5.02 -11.37
N LEU A 193 29.23 4.41 -12.54
CA LEU A 193 30.61 4.20 -12.98
C LEU A 193 31.34 5.52 -13.15
N PHE A 194 30.69 6.50 -13.77
CA PHE A 194 31.31 7.81 -13.97
C PHE A 194 31.51 8.52 -12.64
N TYR A 195 30.58 8.35 -11.71
CA TYR A 195 30.71 8.93 -10.38
C TYR A 195 31.98 8.41 -9.69
N VAL A 196 32.15 7.09 -9.65
CA VAL A 196 33.31 6.51 -9.01
C VAL A 196 34.59 6.94 -9.73
N PHE A 197 34.56 6.93 -11.07
CA PHE A 197 35.74 7.31 -11.83
C PHE A 197 36.14 8.76 -11.56
N LEU A 198 35.16 9.65 -11.52
CA LEU A 198 35.46 11.06 -11.27
C LEU A 198 36.04 11.25 -9.87
N TYR A 199 35.48 10.58 -8.87
CA TYR A 199 36.00 10.74 -7.52
C TYR A 199 37.44 10.22 -7.41
N LEU A 200 37.71 9.05 -8.00
CA LEU A 200 39.08 8.53 -7.98
C LEU A 200 40.03 9.47 -8.70
N LEU A 201 39.61 9.98 -9.86
CA LEU A 201 40.46 10.88 -10.63
C LEU A 201 40.79 12.14 -9.84
N ASP A 202 39.78 12.72 -9.19
CA ASP A 202 40.00 13.93 -8.40
C ASP A 202 40.92 13.64 -7.20
N LEU A 203 40.72 12.51 -6.53
CA LEU A 203 41.59 12.16 -5.40
C LEU A 203 43.04 12.06 -5.85
N PHE A 204 43.29 11.39 -6.97
CA PHE A 204 44.65 11.28 -7.47
C PHE A 204 45.21 12.63 -7.93
N ALA A 205 44.37 13.42 -8.59
CA ALA A 205 44.84 14.66 -9.19
C ALA A 205 45.20 15.69 -8.13
N ALA A 206 44.46 15.73 -7.02
CA ALA A 206 44.77 16.69 -5.97
C ALA A 206 46.17 16.45 -5.41
N ILE A 207 46.48 15.21 -5.06
CA ILE A 207 47.78 14.88 -4.51
C ILE A 207 48.88 15.13 -5.54
N LEU A 208 48.61 14.75 -6.80
CA LEU A 208 49.59 14.99 -7.85
C LEU A 208 49.87 16.48 -8.03
N GLN A 209 48.84 17.30 -7.98
CA GLN A 209 49.01 18.74 -8.14
C GLN A 209 49.83 19.32 -7.00
N LEU A 210 49.58 18.88 -5.76
CA LEU A 210 50.40 19.35 -4.65
C LEU A 210 51.85 18.93 -4.82
N PHE A 211 52.07 17.70 -5.29
CA PHE A 211 53.43 17.23 -5.54
C PHE A 211 54.13 18.12 -6.56
N ILE A 212 53.44 18.45 -7.65
CA ILE A 212 54.03 19.29 -8.69
C ILE A 212 54.27 20.70 -8.16
N PHE A 213 53.35 21.19 -7.34
CA PHE A 213 53.49 22.54 -6.78
C PHE A 213 54.76 22.66 -5.95
N CYS A 214 55.01 21.67 -5.09
CA CYS A 214 56.25 21.68 -4.31
C CYS A 214 57.47 21.41 -5.16
N ASN A 215 57.32 20.58 -6.21
CA ASN A 215 58.46 20.27 -7.07
C ASN A 215 58.95 21.50 -7.81
N MET A 216 58.05 22.39 -8.22
CA MET A 216 58.47 23.61 -8.89
C MET A 216 59.35 24.46 -7.99
N ILE A 217 58.95 24.62 -6.73
CA ILE A 217 59.74 25.43 -5.80
C ILE A 217 61.10 24.79 -5.56
N LEU A 218 61.12 23.48 -5.34
CA LEU A 218 62.39 22.81 -5.12
C LEU A 218 63.27 22.87 -6.36
N GLN A 219 62.67 22.88 -7.55
CA GLN A 219 63.46 23.02 -8.77
C GLN A 219 64.10 24.40 -8.85
N LEU A 220 63.36 25.44 -8.48
CA LEU A 220 63.95 26.77 -8.38
C LEU A 220 65.17 26.75 -7.47
N ILE A 221 65.02 26.12 -6.30
CA ILE A 221 66.14 26.07 -5.35
C ILE A 221 67.31 25.29 -5.95
N MET A 222 67.02 24.14 -6.57
CA MET A 222 68.08 23.27 -7.07
C MET A 222 68.83 23.88 -8.23
N ASP A 223 68.19 24.76 -9.00
CA ASP A 223 68.85 25.35 -10.15
C ASP A 223 70.06 26.20 -9.76
N PHE A 224 70.14 26.64 -8.50
CA PHE A 224 71.21 27.52 -8.06
C PHE A 224 72.08 26.91 -6.96
N LEU A 225 71.91 25.63 -6.66
CA LEU A 225 72.72 24.97 -5.64
C LEU A 225 74.01 24.44 -6.23
N LEU A 226 75.11 24.61 -5.49
CA LEU A 226 76.41 24.11 -5.88
C LEU A 226 76.94 23.23 -4.76
N PHE A 227 77.41 22.03 -5.12
CA PHE A 227 77.81 21.02 -4.15
C PHE A 227 79.32 20.86 -4.16
N LEU A 228 79.91 20.87 -2.97
CA LEU A 228 81.33 20.58 -2.81
C LEU A 228 81.53 19.10 -2.52
N LEU A 229 82.72 18.61 -2.84
CA LEU A 229 83.08 17.22 -2.63
C LEU A 229 84.02 17.11 -1.45
N PHE A 230 83.70 16.22 -0.51
CA PHE A 230 84.51 16.05 0.68
C PHE A 230 85.83 15.36 0.36
N VAL A 231 86.92 15.88 0.90
CA VAL A 231 88.24 15.32 0.68
C VAL A 231 88.99 15.25 2.00
N LEU B 29 32.55 35.20 -11.81
CA LEU B 29 33.41 34.37 -10.96
C LEU B 29 34.12 35.20 -9.90
N GLU B 30 33.87 34.86 -8.64
CA GLU B 30 34.61 35.45 -7.53
C GLU B 30 36.07 35.00 -7.54
N PRO B 31 36.36 33.77 -7.97
CA PRO B 31 37.77 33.37 -8.09
C PRO B 31 38.60 34.26 -9.00
N MET B 32 37.95 34.99 -9.91
CA MET B 32 38.64 35.91 -10.80
C MET B 32 38.51 37.36 -10.34
N SER B 33 37.98 37.60 -9.14
CA SER B 33 37.64 38.93 -8.69
C SER B 33 38.76 39.54 -7.84
N THR B 34 38.66 40.85 -7.63
CA THR B 34 39.62 41.58 -6.82
C THR B 34 38.99 42.60 -5.89
N TRP B 35 37.67 42.69 -5.81
CA TRP B 35 37.05 43.77 -5.06
C TRP B 35 37.17 43.60 -3.56
N TYR B 36 37.49 42.39 -3.08
CA TYR B 36 37.84 42.20 -1.67
C TYR B 36 39.04 41.26 -1.55
N LEU B 37 40.03 41.45 -2.42
CA LEU B 37 41.19 40.57 -2.43
C LEU B 37 42.02 40.72 -1.15
N ALA B 38 42.18 41.94 -0.66
CA ALA B 38 43.03 42.16 0.50
C ALA B 38 42.51 41.42 1.72
N SER B 39 41.22 41.56 2.01
CA SER B 39 40.63 40.82 3.12
C SER B 39 40.66 39.33 2.86
N TRP B 40 40.41 38.92 1.62
CA TRP B 40 40.43 37.51 1.28
C TRP B 40 41.81 36.90 1.51
N ALA B 41 42.86 37.63 1.15
CA ALA B 41 44.23 37.12 1.28
C ALA B 41 44.67 37.01 2.74
N MET B 42 43.99 37.69 3.66
CA MET B 42 44.38 37.62 5.06
C MET B 42 44.25 36.21 5.63
N VAL B 43 43.41 35.37 5.02
CA VAL B 43 43.26 34.00 5.51
C VAL B 43 44.57 33.24 5.32
N TRP B 44 45.24 33.45 4.19
CA TRP B 44 46.54 32.81 3.97
C TRP B 44 47.61 33.40 4.88
N TYR B 45 47.64 34.72 5.03
CA TYR B 45 48.70 35.35 5.80
C TYR B 45 48.56 35.05 7.29
N TYR B 46 47.33 34.91 7.79
CA TYR B 46 47.16 34.46 9.17
C TYR B 46 47.65 33.03 9.34
N ALA B 47 47.35 32.16 8.37
CA ALA B 47 47.81 30.79 8.45
C ALA B 47 49.33 30.72 8.42
N PHE B 48 49.96 31.53 7.57
CA PHE B 48 51.41 31.49 7.44
C PHE B 48 52.11 32.04 8.69
N PHE B 49 51.63 33.18 9.20
CA PHE B 49 52.35 33.88 10.25
C PHE B 49 51.94 33.46 11.67
N PHE B 50 50.75 32.92 11.84
CA PHE B 50 50.24 32.62 13.19
C PHE B 50 49.91 31.15 13.41
N TRP B 51 49.42 30.43 12.40
CA TRP B 51 49.05 29.04 12.59
C TRP B 51 50.20 28.09 12.29
N MET B 52 51.08 28.44 11.35
CA MET B 52 52.23 27.57 11.08
C MET B 52 53.12 27.38 12.30
N PRO B 53 53.47 28.42 13.07
CA PRO B 53 54.27 28.18 14.28
C PRO B 53 53.62 27.20 15.25
N MET B 54 52.31 27.26 15.43
CA MET B 54 51.65 26.31 16.32
C MET B 54 51.73 24.89 15.76
N VAL B 55 51.48 24.72 14.46
CA VAL B 55 51.60 23.41 13.84
C VAL B 55 53.04 22.95 13.87
N TRP B 56 53.98 23.89 13.73
CA TRP B 56 55.40 23.56 13.79
C TRP B 56 55.76 22.92 15.12
N THR B 57 55.35 23.54 16.22
CA THR B 57 55.75 23.07 17.55
C THR B 57 54.89 21.93 18.05
N ASP B 58 53.63 21.87 17.64
CA ASP B 58 52.69 20.92 18.22
C ASP B 58 52.58 19.62 17.42
N ILE B 59 52.85 19.66 16.12
CA ILE B 59 52.59 18.50 15.26
C ILE B 59 53.84 18.08 14.50
N MET B 60 54.48 19.01 13.81
CA MET B 60 55.49 18.64 12.83
C MET B 60 56.79 18.22 13.50
N VAL B 61 57.40 19.11 14.28
CA VAL B 61 58.65 18.75 14.96
C VAL B 61 58.48 17.53 15.84
N PRO B 62 57.40 17.40 16.62
CA PRO B 62 57.21 16.16 17.41
C PRO B 62 57.24 14.89 16.58
N SER B 63 56.63 14.90 15.39
CA SER B 63 56.60 13.71 14.57
C SER B 63 58.00 13.34 14.08
N PHE B 64 58.80 14.34 13.71
CA PHE B 64 60.14 14.07 13.20
C PHE B 64 61.11 13.70 14.31
N VAL B 65 60.90 14.20 15.53
CA VAL B 65 61.67 13.71 16.67
C VAL B 65 61.33 12.25 16.93
N TYR B 66 60.04 11.90 16.87
CA TYR B 66 59.63 10.52 17.05
C TYR B 66 60.28 9.62 16.00
N ASN B 67 60.35 10.08 14.76
CA ASN B 67 60.99 9.30 13.70
C ASN B 67 62.47 9.09 13.98
N LYS B 68 63.11 10.05 14.66
CA LYS B 68 64.55 9.97 14.91
C LYS B 68 64.90 8.97 16.00
N LEU B 69 63.98 8.72 16.94
CA LEU B 69 64.34 7.97 18.14
C LEU B 69 64.93 6.60 17.84
N PRO B 70 64.35 5.77 16.97
CA PRO B 70 64.89 4.41 16.82
C PRO B 70 66.33 4.37 16.33
N VAL B 71 66.68 5.19 15.35
CA VAL B 71 68.04 5.14 14.79
C VAL B 71 69.04 5.65 15.81
N ILE B 72 68.72 6.72 16.53
CA ILE B 72 69.63 7.25 17.54
C ILE B 72 69.82 6.25 18.66
N HIS B 73 68.74 5.59 19.07
CA HIS B 73 68.84 4.54 20.09
C HIS B 73 69.74 3.41 19.61
N PHE B 74 69.58 2.99 18.35
CA PHE B 74 70.41 1.92 17.80
C PHE B 74 71.88 2.33 17.73
N LEU B 75 72.15 3.55 17.26
CA LEU B 75 73.54 3.99 17.12
C LEU B 75 74.22 4.15 18.46
N GLN B 76 73.48 4.64 19.47
CA GLN B 76 74.08 4.83 20.80
C GLN B 76 74.32 3.50 21.50
N GLU B 77 73.47 2.50 21.25
CA GLU B 77 73.76 1.17 21.77
C GLU B 77 75.05 0.61 21.18
N LYS B 78 75.23 0.78 19.87
CA LYS B 78 76.46 0.34 19.23
C LYS B 78 77.67 1.08 19.78
N ARG B 79 77.53 2.39 19.99
CA ARG B 79 78.63 3.17 20.54
C ARG B 79 79.00 2.68 21.93
N ALA B 80 78.00 2.35 22.76
CA ALA B 80 78.29 1.82 24.08
C ALA B 80 78.98 0.47 24.00
N GLU B 81 78.51 -0.41 23.11
CA GLU B 81 79.19 -1.68 22.90
C GLU B 81 80.61 -1.47 22.42
N GLN B 82 80.81 -0.47 21.58
CA GLN B 82 82.16 -0.17 21.08
C GLN B 82 83.08 0.23 22.23
N LYS B 83 82.58 1.03 23.18
CA LYS B 83 83.39 1.40 24.32
C LYS B 83 83.76 0.20 25.17
N LEU B 84 82.78 -0.68 25.44
CA LEU B 84 83.07 -1.89 26.22
C LEU B 84 84.07 -2.77 25.50
N ARG B 85 83.92 -2.92 24.19
CA ARG B 85 84.85 -3.76 23.42
C ARG B 85 86.27 -3.21 23.51
N ARG B 86 86.42 -1.89 23.39
CA ARG B 86 87.75 -1.29 23.49
C ARG B 86 88.33 -1.47 24.90
N VAL B 87 87.47 -1.42 25.92
CA VAL B 87 87.94 -1.63 27.28
C VAL B 87 88.51 -3.04 27.43
N LEU B 88 87.81 -4.04 26.90
CA LEU B 88 88.30 -5.41 26.97
C LEU B 88 89.56 -5.61 26.15
N ASP B 89 89.62 -4.98 24.98
CA ASP B 89 90.74 -5.21 24.06
C ASP B 89 92.06 -4.68 24.61
N GLU B 90 92.02 -3.70 25.52
CA GLU B 90 93.24 -3.12 26.08
C GLU B 90 93.79 -3.91 27.26
N THR B 91 93.12 -4.99 27.66
CA THR B 91 93.56 -5.79 28.79
C THR B 91 94.48 -6.91 28.31
N TYR B 92 95.50 -7.21 29.11
CA TYR B 92 96.44 -8.27 28.79
C TYR B 92 97.22 -8.70 30.03
N PRO C 59 111.45 2.31 42.36
CA PRO C 59 110.67 3.20 41.49
C PRO C 59 110.09 4.40 42.23
N PRO C 60 109.66 5.42 41.49
CA PRO C 60 109.11 6.61 42.14
C PRO C 60 107.83 6.28 42.90
N HIS C 61 107.62 7.02 43.99
CA HIS C 61 106.44 6.80 44.82
C HIS C 61 105.19 7.33 44.12
N TYR C 62 104.07 6.63 44.34
CA TYR C 62 102.79 6.98 43.77
C TYR C 62 101.76 7.13 44.90
N THR C 63 101.00 8.20 44.86
CA THR C 63 99.95 8.47 45.84
C THR C 63 98.61 8.01 45.30
N ARG C 64 97.89 7.21 46.09
CA ARG C 64 96.61 6.69 45.66
C ARG C 64 95.58 7.82 45.54
N LYS C 65 94.78 7.77 44.47
CA LYS C 65 93.71 8.73 44.30
C LYS C 65 92.54 8.43 45.23
N SER C 66 92.28 7.15 45.51
CA SER C 66 91.20 6.75 46.38
C SER C 66 91.70 5.67 47.32
N SER C 67 91.04 5.55 48.47
CA SER C 67 91.40 4.58 49.50
C SER C 67 90.42 3.42 49.49
N ALA C 68 90.95 2.21 49.36
CA ALA C 68 90.13 1.00 49.37
C ALA C 68 91.04 -0.21 49.47
N THR C 69 90.61 -1.21 50.23
CA THR C 69 91.38 -2.42 50.41
C THR C 69 91.04 -3.44 49.33
N ILE C 70 91.98 -4.35 49.09
CA ILE C 70 91.78 -5.38 48.07
C ILE C 70 90.61 -6.27 48.46
N GLU C 71 90.47 -6.58 49.75
CA GLU C 71 89.32 -7.37 50.19
C GLU C 71 88.02 -6.64 49.92
N GLN C 72 87.98 -5.33 50.19
CA GLN C 72 86.79 -4.55 49.91
C GLN C 72 86.48 -4.55 48.42
N VAL C 73 87.50 -4.41 47.58
CA VAL C 73 87.29 -4.41 46.14
C VAL C 73 86.74 -5.76 45.68
N GLU C 74 87.29 -6.86 46.20
CA GLU C 74 86.82 -8.18 45.82
C GLU C 74 85.37 -8.39 46.26
N LYS C 75 85.04 -7.94 47.47
CA LYS C 75 83.65 -8.04 47.94
C LYS C 75 82.71 -7.23 47.06
N GLU C 76 83.14 -6.03 46.67
CA GLU C 76 82.31 -5.19 45.80
C GLU C 76 82.11 -5.86 44.44
N ILE C 77 83.17 -6.47 43.90
CA ILE C 77 83.05 -7.17 42.62
C ILE C 77 82.09 -8.33 42.75
N ASP C 78 82.18 -9.09 43.85
CA ASP C 78 81.28 -10.22 44.05
C ASP C 78 79.84 -9.75 44.15
N ALA C 79 79.60 -8.64 44.86
CA ALA C 79 78.25 -8.10 44.95
C ALA C 79 77.74 -7.66 43.60
N LEU C 80 78.59 -6.99 42.81
CA LEU C 80 78.18 -6.51 41.50
C LEU C 80 77.81 -7.66 40.58
N LEU C 81 78.61 -8.72 40.59
CA LEU C 81 78.34 -9.86 39.71
C LEU C 81 77.28 -10.80 40.25
N GLY C 82 76.94 -10.70 41.55
CA GLY C 82 75.98 -11.61 42.12
C GLY C 82 74.53 -11.28 41.77
N GLY C 83 74.23 -10.00 41.57
CA GLY C 83 72.87 -9.61 41.25
C GLY C 83 72.45 -9.96 39.84
N ALA C 84 73.40 -10.16 38.94
CA ALA C 84 73.12 -10.45 37.54
C ALA C 84 73.25 -11.94 37.22
N GLU C 85 73.34 -12.80 38.23
CA GLU C 85 73.51 -14.23 37.97
C GLU C 85 72.35 -14.80 37.18
N LYS C 86 71.12 -14.43 37.55
CA LYS C 86 69.96 -14.90 36.80
C LYS C 86 69.98 -14.42 35.36
N LEU C 87 70.34 -13.15 35.15
CA LEU C 87 70.40 -12.61 33.79
C LEU C 87 71.56 -13.20 33.01
N ARG C 88 72.66 -13.52 33.68
CA ARG C 88 73.84 -14.04 32.98
C ARG C 88 73.52 -15.38 32.35
N LYS C 89 73.91 -15.55 31.09
CA LYS C 89 73.67 -16.77 30.33
C LYS C 89 74.98 -17.25 29.74
N THR C 90 75.27 -18.54 29.92
CA THR C 90 76.48 -19.12 29.35
C THR C 90 76.29 -19.38 27.86
N SER C 91 77.42 -19.51 27.17
CA SER C 91 77.40 -19.73 25.73
C SER C 91 78.70 -20.40 25.32
N THR C 92 78.75 -20.84 24.06
CA THR C 92 79.94 -21.49 23.54
C THR C 92 81.10 -20.51 23.51
N ASP C 93 82.32 -21.06 23.62
CA ASP C 93 83.50 -20.22 23.67
C ASP C 93 83.68 -19.42 22.38
N ASP C 94 83.24 -19.96 21.25
CA ASP C 94 83.37 -19.27 19.97
C ASP C 94 82.26 -18.26 19.72
N GLN C 95 81.17 -18.33 20.48
CA GLN C 95 80.07 -17.40 20.31
C GLN C 95 80.40 -16.04 20.91
N PRO C 96 79.73 -14.99 20.45
CA PRO C 96 79.98 -13.66 21.05
C PRO C 96 79.58 -13.62 22.52
N MET C 97 80.32 -12.83 23.28
CA MET C 97 80.11 -12.72 24.72
C MET C 97 79.08 -11.64 25.03
N ASP C 98 78.59 -11.68 26.27
CA ASP C 98 77.61 -10.72 26.75
C ASP C 98 78.29 -9.65 27.59
N LYS C 99 77.51 -8.62 27.95
CA LYS C 99 78.04 -7.55 28.78
C LYS C 99 78.47 -8.07 30.15
N LEU C 100 77.65 -8.93 30.76
CA LEU C 100 78.00 -9.48 32.06
C LEU C 100 79.27 -10.31 31.97
N THR C 101 79.41 -11.12 30.93
CA THR C 101 80.61 -11.93 30.76
C THR C 101 81.84 -11.04 30.60
N LEU C 102 81.73 -9.98 29.79
CA LEU C 102 82.86 -9.09 29.58
C LEU C 102 83.26 -8.40 30.89
N MET C 103 82.28 -7.90 31.64
CA MET C 103 82.58 -7.26 32.91
C MET C 103 83.24 -8.23 33.87
N GLU C 104 82.70 -9.45 33.97
CA GLU C 104 83.27 -10.44 34.88
C GLU C 104 84.70 -10.77 34.49
N ARG C 105 84.95 -10.97 33.20
CA ARG C 105 86.30 -11.31 32.76
C ARG C 105 87.28 -10.18 33.07
N CYS C 106 86.90 -8.95 32.78
CA CYS C 106 87.80 -7.82 33.04
C CYS C 106 88.09 -7.69 34.53
N LEU C 107 87.04 -7.70 35.34
CA LEU C 107 87.22 -7.50 36.78
C LEU C 107 88.05 -8.62 37.39
N ARG C 108 87.73 -9.87 37.03
CA ARG C 108 88.46 -11.00 37.59
C ARG C 108 89.90 -11.03 37.11
N HIS C 109 90.12 -10.67 35.84
CA HIS C 109 91.49 -10.62 35.32
C HIS C 109 92.33 -9.62 36.10
N ALA C 110 91.80 -8.41 36.31
CA ALA C 110 92.54 -7.41 37.08
C ALA C 110 92.75 -7.89 38.51
N LEU C 111 91.71 -8.44 39.13
CA LEU C 111 91.81 -8.86 40.53
C LEU C 111 92.88 -9.94 40.69
N TRP C 112 92.87 -10.95 39.83
CA TRP C 112 93.81 -12.06 39.98
C TRP C 112 95.22 -11.68 39.53
N SER C 113 95.35 -10.76 38.58
CA SER C 113 96.67 -10.22 38.29
C SER C 113 97.25 -9.52 39.50
N TYR C 114 96.43 -8.72 40.18
CA TYR C 114 96.89 -8.07 41.41
C TYR C 114 97.26 -9.10 42.47
N HIS C 115 96.43 -10.15 42.61
CA HIS C 115 96.72 -11.17 43.61
C HIS C 115 98.02 -11.91 43.30
N LYS C 116 98.23 -12.27 42.04
CA LYS C 116 99.45 -12.99 41.68
C LYS C 116 100.68 -12.12 41.88
N GLU C 117 100.56 -10.81 41.59
CA GLU C 117 101.66 -9.90 41.89
C GLU C 117 101.90 -9.81 43.39
N GLU C 118 100.83 -9.80 44.18
CA GLU C 118 100.96 -9.68 45.63
C GLU C 118 101.65 -10.91 46.23
N GLY C 119 101.21 -12.11 45.82
CA GLY C 119 101.79 -13.33 46.34
C GLY C 119 100.79 -14.43 46.59
N ARG C 120 99.50 -14.12 46.49
CA ARG C 120 98.44 -15.11 46.68
C ARG C 120 98.36 -15.97 45.43
N TYR C 121 99.28 -16.94 45.33
CA TYR C 121 99.40 -17.79 44.16
C TYR C 121 98.35 -18.91 44.24
N ASP C 122 97.12 -18.54 43.89
CA ASP C 122 96.03 -19.50 43.76
C ASP C 122 95.91 -19.84 42.27
N PHE C 123 96.59 -20.91 41.87
CA PHE C 123 96.67 -21.24 40.45
C PHE C 123 95.33 -21.67 39.88
N ASP C 124 94.43 -22.20 40.72
CA ASP C 124 93.16 -22.70 40.22
C ASP C 124 92.35 -21.58 39.55
N GLN C 125 92.31 -20.40 40.18
CA GLN C 125 91.59 -19.27 39.62
C GLN C 125 92.44 -18.46 38.63
N ILE C 126 93.75 -18.42 38.84
CA ILE C 126 94.62 -17.68 37.93
C ILE C 126 94.62 -18.33 36.55
N GLY C 127 94.53 -19.66 36.50
CA GLY C 127 94.46 -20.35 35.22
C GLY C 127 93.17 -20.11 34.48
N ARG C 128 92.13 -19.66 35.18
CA ARG C 128 90.82 -19.41 34.58
C ARG C 128 90.65 -17.96 34.16
N TRP C 129 91.02 -17.01 35.03
CA TRP C 129 90.74 -15.60 34.82
C TRP C 129 91.92 -14.82 34.25
N VAL C 130 93.05 -15.47 33.99
CA VAL C 130 94.21 -14.77 33.45
C VAL C 130 94.80 -15.43 32.22
N VAL C 131 94.51 -16.69 31.93
CA VAL C 131 95.11 -17.40 30.81
C VAL C 131 94.29 -17.11 29.56
N TYR C 132 94.91 -16.40 28.61
CA TYR C 132 94.27 -16.14 27.32
C TYR C 132 95.23 -16.29 26.15
N THR C 133 96.47 -16.69 26.38
CA THR C 133 97.47 -16.82 25.33
C THR C 133 98.30 -18.06 25.59
N PRO C 134 98.76 -18.75 24.54
CA PRO C 134 99.70 -19.87 24.77
C PRO C 134 100.95 -19.45 25.53
N GLU C 135 101.45 -18.25 25.26
CA GLU C 135 102.59 -17.74 26.04
C GLU C 135 102.20 -17.58 27.51
N ASP C 136 100.99 -17.09 27.76
CA ASP C 136 100.52 -16.97 29.14
C ASP C 136 100.42 -18.34 29.79
N GLU C 137 99.93 -19.34 29.05
CA GLU C 137 99.84 -20.69 29.60
C GLU C 137 101.22 -21.24 29.93
N VAL C 138 102.20 -21.00 29.06
CA VAL C 138 103.57 -21.46 29.32
C VAL C 138 104.11 -20.77 30.56
N LYS C 139 103.89 -19.47 30.68
CA LYS C 139 104.34 -18.75 31.87
C LYS C 139 103.69 -19.29 33.14
N LEU C 140 102.40 -19.59 33.07
CA LEU C 140 101.71 -20.16 34.23
C LEU C 140 102.30 -21.52 34.61
N ALA C 141 102.56 -22.37 33.61
CA ALA C 141 103.15 -23.67 33.89
C ALA C 141 104.53 -23.52 34.51
N GLN C 142 105.33 -22.58 34.00
CA GLN C 142 106.64 -22.34 34.58
C GLN C 142 106.53 -21.86 36.02
N LEU C 143 105.57 -20.97 36.29
CA LEU C 143 105.36 -20.49 37.65
C LEU C 143 104.94 -21.63 38.57
N LYS C 144 104.07 -22.50 38.09
CA LYS C 144 103.58 -23.62 38.88
C LYS C 144 104.61 -24.76 38.91
N ARG C 219 105.38 -1.66 44.39
CA ARG C 219 104.38 -1.13 45.30
C ARG C 219 103.52 -0.07 44.61
N ALA C 220 104.20 0.87 43.93
CA ALA C 220 103.47 1.90 43.20
C ALA C 220 102.63 1.28 42.10
N SER C 221 103.16 0.28 41.40
CA SER C 221 102.38 -0.41 40.37
C SER C 221 101.14 -1.05 40.96
N GLN C 222 101.27 -1.67 42.13
CA GLN C 222 100.12 -2.29 42.77
C GLN C 222 99.06 -1.25 43.13
N ASP C 223 99.49 -0.10 43.66
CA ASP C 223 98.54 0.95 44.01
C ASP C 223 97.82 1.46 42.77
N LYS C 224 98.56 1.68 41.68
CA LYS C 224 97.93 2.14 40.45
C LYS C 224 96.95 1.10 39.92
N ARG C 225 97.32 -0.18 39.99
CA ARG C 225 96.43 -1.23 39.53
C ARG C 225 95.15 -1.28 40.36
N LEU C 226 95.28 -1.12 41.68
CA LEU C 226 94.10 -1.13 42.54
C LEU C 226 93.19 0.05 42.22
N ASP C 227 93.77 1.24 42.04
CA ASP C 227 92.97 2.41 41.68
C ASP C 227 92.30 2.21 40.34
N ASP C 228 93.01 1.63 39.37
CA ASP C 228 92.42 1.37 38.06
C ASP C 228 91.27 0.38 38.17
N LEU C 229 91.41 -0.64 39.01
CA LEU C 229 90.33 -1.59 39.21
C LEU C 229 89.10 -0.91 39.82
N VAL C 230 89.31 -0.04 40.80
CA VAL C 230 88.19 0.67 41.41
C VAL C 230 87.51 1.56 40.36
N ASP C 231 88.30 2.26 39.55
CA ASP C 231 87.72 3.09 38.51
C ASP C 231 86.94 2.26 37.50
N LEU C 232 87.46 1.08 37.16
CA LEU C 232 86.76 0.20 36.22
C LEU C 232 85.42 -0.25 36.80
N LEU C 233 85.39 -0.58 38.09
CA LEU C 233 84.14 -0.96 38.73
C LEU C 233 83.13 0.18 38.69
N GLU C 234 83.59 1.39 39.03
CA GLU C 234 82.69 2.55 38.98
C GLU C 234 82.25 2.86 37.56
N ARG C 235 83.05 2.47 36.56
CA ARG C 235 82.67 2.66 35.17
C ARG C 235 81.62 1.63 34.73
N PHE C 236 81.74 0.40 35.23
CA PHE C 236 80.79 -0.64 34.84
C PHE C 236 79.44 -0.48 35.51
N LYS C 237 79.40 0.07 36.72
CA LYS C 237 78.12 0.18 37.43
C LYS C 237 77.08 0.96 36.65
N PRO C 238 77.37 2.13 36.08
CA PRO C 238 76.36 2.83 35.27
C PRO C 238 75.85 2.01 34.10
N VAL C 239 76.69 1.18 33.49
CA VAL C 239 76.23 0.36 32.37
C VAL C 239 75.16 -0.62 32.85
N LEU C 240 75.38 -1.25 34.00
CA LEU C 240 74.37 -2.15 34.55
C LEU C 240 73.12 -1.40 34.93
N ALA C 241 73.25 -0.17 35.43
CA ALA C 241 72.08 0.63 35.74
C ALA C 241 71.26 0.90 34.49
N ARG C 242 71.92 1.27 33.40
CA ARG C 242 71.21 1.49 32.14
C ARG C 242 70.54 0.21 31.66
N GLU C 243 71.22 -0.92 31.81
CA GLU C 243 70.62 -2.20 31.42
C GLU C 243 69.36 -2.49 32.21
N ALA C 244 69.39 -2.25 33.52
CA ALA C 244 68.20 -2.44 34.34
C ALA C 244 67.07 -1.52 33.91
N ILE C 245 67.39 -0.25 33.64
CA ILE C 245 66.38 0.70 33.20
C ILE C 245 65.75 0.22 31.89
N MET C 246 66.58 -0.26 30.96
CA MET C 246 66.05 -0.76 29.70
C MET C 246 65.18 -2.00 29.91
N GLN C 247 65.55 -2.85 30.86
CA GLN C 247 64.72 -4.01 31.17
C GLN C 247 63.34 -3.59 31.63
N ARG C 248 63.29 -2.62 32.55
CA ARG C 248 61.99 -2.15 33.05
C ARG C 248 61.19 -1.48 31.94
N LEU C 249 61.85 -0.67 31.10
CA LEU C 249 61.17 -0.05 29.98
C LEU C 249 60.59 -1.10 29.03
N THR C 250 61.37 -2.14 28.74
CA THR C 250 60.87 -3.21 27.88
C THR C 250 59.68 -3.93 28.52
N ILE C 251 59.75 -4.15 29.83
CA ILE C 251 58.66 -4.80 30.53
C ILE C 251 57.38 -4.00 30.36
N LYS C 252 57.46 -2.68 30.56
CA LYS C 252 56.26 -1.85 30.42
C LYS C 252 55.83 -1.74 28.97
N HIS C 253 56.76 -1.81 28.03
CA HIS C 253 56.40 -1.78 26.61
C HIS C 253 55.59 -3.02 26.23
N LEU C 254 56.03 -4.20 26.69
CA LEU C 254 55.33 -5.43 26.33
C LEU C 254 53.93 -5.46 26.92
N GLU C 255 53.70 -4.75 28.02
CA GLU C 255 52.37 -4.65 28.61
C GLU C 255 51.49 -3.62 27.92
N GLY C 256 52.05 -2.78 27.06
CA GLY C 256 51.27 -1.71 26.46
C GLY C 256 51.02 -0.55 27.39
N GLN C 257 51.94 -0.27 28.31
CA GLN C 257 51.78 0.77 29.32
C GLN C 257 52.99 1.68 29.34
N LEU C 258 53.56 1.96 28.18
CA LEU C 258 54.74 2.82 28.05
C LEU C 258 54.47 3.91 27.04
N GLY C 259 54.41 5.15 27.50
CA GLY C 259 54.35 6.28 26.60
C GLY C 259 55.72 6.73 26.13
N VAL C 260 55.74 7.37 24.96
CA VAL C 260 57.00 7.82 24.39
C VAL C 260 57.65 8.88 25.27
N TRP C 261 56.83 9.69 25.97
CA TRP C 261 57.37 10.70 26.85
C TRP C 261 58.17 10.07 27.99
N ARG C 262 57.65 8.99 28.57
CA ARG C 262 58.37 8.29 29.62
C ARG C 262 59.67 7.69 29.09
N TYR C 263 59.61 7.09 27.91
CA TYR C 263 60.81 6.51 27.31
C TYR C 263 61.88 7.56 27.07
N MET C 264 61.48 8.73 26.57
CA MET C 264 62.46 9.79 26.32
C MET C 264 63.01 10.34 27.63
N ASP C 265 62.17 10.42 28.66
CA ASP C 265 62.66 10.88 29.96
C ASP C 265 63.68 9.91 30.54
N TRP C 266 63.46 8.61 30.37
CA TRP C 266 64.36 7.60 30.93
C TRP C 266 65.41 7.13 29.94
N CYS C 267 65.45 7.70 28.75
CA CYS C 267 66.58 7.55 27.81
C CYS C 267 66.99 8.95 27.37
N PRO C 268 67.54 9.75 28.29
CA PRO C 268 67.71 11.18 28.00
C PRO C 268 68.61 11.49 26.82
N GLU C 269 69.65 10.69 26.58
CA GLU C 269 70.60 11.02 25.52
C GLU C 269 69.92 10.98 24.16
N VAL C 270 69.11 9.96 23.90
CA VAL C 270 68.40 9.86 22.64
C VAL C 270 67.47 11.05 22.47
N ARG C 271 66.73 11.39 23.53
CA ARG C 271 65.82 12.53 23.49
C ARG C 271 66.56 13.80 23.13
N ASP C 272 67.65 14.09 23.83
CA ASP C 272 68.36 15.34 23.61
C ASP C 272 68.92 15.41 22.20
N ARG C 273 69.52 14.32 21.72
CA ARG C 273 70.08 14.34 20.38
C ARG C 273 69.01 14.57 19.33
N ALA C 274 67.88 13.87 19.45
CA ALA C 274 66.81 14.03 18.46
C ALA C 274 66.28 15.46 18.46
N GLU C 275 66.00 16.00 19.65
CA GLU C 275 65.46 17.35 19.74
C GLU C 275 66.43 18.37 19.16
N LEU C 276 67.71 18.25 19.51
CA LEU C 276 68.71 19.18 19.00
C LEU C 276 68.85 19.07 17.48
N GLU C 277 68.88 17.85 16.96
CA GLU C 277 69.03 17.68 15.51
C GLU C 277 67.88 18.33 14.76
N VAL C 278 66.65 18.15 15.24
CA VAL C 278 65.52 18.77 14.57
C VAL C 278 65.56 20.28 14.72
N ASP C 279 66.00 20.78 15.88
CA ASP C 279 66.02 22.22 16.12
C ASP C 279 67.05 22.94 15.26
N ILE C 280 68.08 22.25 14.79
CA ILE C 280 69.10 22.86 13.93
C ILE C 280 68.86 22.51 12.46
N THR C 281 67.63 22.18 12.10
CA THR C 281 67.22 21.91 10.72
C THR C 281 67.71 20.55 10.21
N GLY C 282 67.99 19.62 11.11
CA GLY C 282 68.28 18.25 10.73
C GLY C 282 67.05 17.36 10.73
N TRP C 283 66.15 17.58 9.77
CA TRP C 283 64.88 16.89 9.78
C TRP C 283 65.01 15.40 9.56
N GLN C 284 65.99 14.97 8.77
CA GLN C 284 66.05 13.58 8.32
C GLN C 284 66.26 12.63 9.51
N TRP C 285 65.62 11.47 9.43
CA TRP C 285 65.67 10.47 10.47
C TRP C 285 66.56 9.28 10.14
N TRP C 286 67.27 9.33 9.00
CA TRP C 286 68.16 8.26 8.59
C TRP C 286 69.60 8.76 8.56
N SER C 287 70.51 7.93 9.04
CA SER C 287 71.94 8.26 9.10
C SER C 287 72.73 7.09 8.53
N PRO C 288 72.70 6.91 7.20
CA PRO C 288 73.36 5.73 6.61
C PRO C 288 74.86 5.67 6.89
N LEU C 289 75.54 6.80 6.92
CA LEU C 289 76.99 6.79 7.05
C LEU C 289 77.43 6.39 8.46
N GLU C 290 76.80 6.98 9.47
CA GLU C 290 77.13 6.61 10.85
C GLU C 290 76.78 5.15 11.11
N GLU C 291 75.65 4.69 10.57
CA GLU C 291 75.30 3.28 10.69
C GLU C 291 76.34 2.40 10.02
N ARG C 292 76.79 2.80 8.83
CA ARG C 292 77.85 2.06 8.14
C ARG C 292 79.10 1.98 8.99
N ARG C 293 79.39 3.04 9.74
CA ARG C 293 80.55 3.02 10.63
C ARG C 293 80.33 2.11 11.82
N LEU C 294 79.09 2.04 12.34
CA LEU C 294 78.81 1.35 13.59
C LEU C 294 78.02 0.05 13.41
N LEU C 295 77.52 -0.23 12.22
CA LEU C 295 76.68 -1.42 12.05
C LEU C 295 77.37 -2.71 12.44
N PRO C 296 78.61 -2.98 11.99
CA PRO C 296 79.25 -4.27 12.32
C PRO C 296 79.85 -4.35 13.72
N VAL C 297 79.55 -3.41 14.60
CA VAL C 297 80.08 -3.45 15.96
C VAL C 297 79.35 -4.51 16.77
N ARG C 298 80.11 -5.29 17.52
CA ARG C 298 79.56 -6.33 18.37
C ARG C 298 80.64 -6.80 19.34
N LEU C 299 80.21 -7.30 20.49
CA LEU C 299 81.15 -7.86 21.45
C LEU C 299 81.84 -9.08 20.85
N ARG C 300 83.14 -9.20 21.12
CA ARG C 300 83.94 -10.24 20.50
C ARG C 300 83.78 -11.57 21.21
N SER C 301 84.17 -12.63 20.53
CA SER C 301 84.18 -13.97 21.10
C SER C 301 85.44 -14.16 21.94
N VAL C 302 85.45 -15.22 22.73
CA VAL C 302 86.59 -15.51 23.59
C VAL C 302 87.84 -15.75 22.76
N ASN C 303 87.71 -16.51 21.67
CA ASN C 303 88.86 -16.80 20.81
C ASN C 303 89.42 -15.52 20.20
N GLU C 304 88.53 -14.62 19.76
CA GLU C 304 88.99 -13.34 19.23
C GLU C 304 89.72 -12.54 20.31
N VAL C 305 89.24 -12.59 21.54
CA VAL C 305 89.92 -11.91 22.64
C VAL C 305 91.31 -12.52 22.84
N ARG C 306 91.42 -13.84 22.76
CA ARG C 306 92.72 -14.49 22.90
C ARG C 306 93.67 -14.01 21.81
N GLU C 307 93.20 -13.95 20.57
CA GLU C 307 94.05 -13.51 19.47
C GLU C 307 94.49 -12.06 19.67
N ILE C 308 93.57 -11.20 20.09
CA ILE C 308 93.91 -9.79 20.29
C ILE C 308 94.91 -9.64 21.43
N MET C 309 94.72 -10.40 22.51
CA MET C 309 95.66 -10.34 23.62
C MET C 309 97.04 -10.83 23.20
N SER C 310 97.09 -11.87 22.37
CA SER C 310 98.37 -12.34 21.86
C SER C 310 99.04 -11.27 21.02
N LYS C 311 98.27 -10.60 20.17
CA LYS C 311 98.84 -9.52 19.35
C LYS C 311 99.39 -8.41 20.23
N THR C 312 98.63 -8.01 21.27
CA THR C 312 99.09 -6.94 22.14
C THR C 312 100.35 -7.36 22.91
N GLN C 313 100.39 -8.61 23.37
CA GLN C 313 101.58 -9.09 24.07
C GLN C 313 102.79 -9.08 23.15
N ALA C 314 102.62 -9.51 21.91
CA ALA C 314 103.72 -9.49 20.95
C ALA C 314 104.19 -8.06 20.70
N LYS C 315 103.25 -7.12 20.57
CA LYS C 315 103.61 -5.73 20.35
C LYS C 315 104.39 -5.18 21.54
N LYS C 316 103.94 -5.49 22.76
CA LYS C 316 104.65 -5.01 23.95
C LYS C 316 106.05 -5.61 24.03
N SER C 317 106.19 -6.89 23.71
CA SER C 317 107.51 -7.52 23.73
C SER C 317 108.43 -6.86 22.71
N ALA C 318 107.92 -6.63 21.50
CA ALA C 318 108.72 -5.95 20.48
C ALA C 318 109.13 -4.56 20.94
N GLU C 319 108.23 -3.86 21.64
CA GLU C 319 108.55 -2.55 22.16
C GLU C 319 109.69 -2.62 23.16
N ALA C 320 109.66 -3.61 24.05
CA ALA C 320 110.72 -3.73 25.05
C ALA C 320 112.05 -4.11 24.39
N ALA C 321 112.00 -4.78 23.24
CA ALA C 321 113.24 -5.11 22.55
C ALA C 321 113.98 -3.88 22.04
N GLU C 322 113.26 -2.92 21.46
CA GLU C 322 113.86 -1.80 20.73
C GLU C 322 114.86 -0.93 21.51
N ARG C 323 113.28 -1.23 23.58
CA ARG C 323 113.88 -0.46 24.65
C ARG C 323 115.29 -0.94 24.98
N ASN C 324 115.55 -2.25 24.80
CA ASN C 324 116.81 -2.83 25.27
C ASN C 324 118.00 -2.41 24.43
N PRO C 325 118.11 -2.77 23.13
CA PRO C 325 119.21 -2.14 22.41
C PRO C 325 118.78 -1.04 21.46
CT2 AME D 1 70.05 31.78 29.56
CT1 AME D 1 69.36 31.89 30.89
OT AME D 1 68.31 31.30 31.12
CB AME D 1 70.31 33.66 34.01
CG AME D 1 70.03 33.35 35.48
SD AME D 1 71.49 33.56 36.50
CE AME D 1 70.96 32.73 38.00
C AME D 1 68.13 33.94 32.80
O AME D 1 68.11 34.72 31.87
N AME D 1 69.96 32.67 31.79
CA AME D 1 69.30 33.02 33.05
HT23 AME D 1 69.34 31.78 28.75
HT22 AME D 1 70.61 30.86 29.48
HT21 AME D 1 70.76 32.59 29.38
HB2 AME D 1 70.33 34.73 33.87
HB1 AME D 1 71.30 33.33 33.75
HG2 AME D 1 69.68 32.33 35.59
HG1 AME D 1 69.25 33.98 35.87
HE3 AME D 1 70.48 31.78 37.79
HE2 AME D 1 70.27 33.34 38.58
HE1 AME D 1 71.84 32.55 38.60
HN1 AME D 1 70.88 33.05 31.64
HA AME D 1 68.93 32.10 33.51
N GLN D 2 67.12 33.83 33.67
CA GLN D 2 65.94 34.68 33.58
C GLN D 2 66.12 35.95 34.39
N GLY D 3 65.38 36.99 34.02
CA GLY D 3 65.47 38.24 34.74
C GLY D 3 64.89 38.14 36.13
N SER D 4 65.41 38.98 37.03
CA SER D 4 64.96 39.00 38.41
C SER D 4 65.03 40.42 38.94
N TRP D 5 64.27 40.68 40.01
CA TRP D 5 64.24 42.01 40.60
C TRP D 5 65.49 42.30 41.40
N SER D 6 66.06 41.28 42.06
CA SER D 6 67.29 41.50 42.82
C SER D 6 68.43 41.93 41.91
N VAL D 7 68.58 41.27 40.76
CA VAL D 7 69.62 41.65 39.82
C VAL D 7 69.35 43.03 39.25
N LEU D 8 68.07 43.37 39.04
CA LEU D 8 67.73 44.71 38.57
C LEU D 8 68.18 45.76 39.57
N LYS D 9 67.92 45.52 40.86
CA LYS D 9 68.38 46.44 41.89
C LYS D 9 69.90 46.53 41.91
N LYS D 10 70.57 45.38 41.80
CA LYS D 10 72.03 45.36 41.80
C LYS D 10 72.59 46.22 40.68
N ASN D 11 72.06 46.04 39.46
CA ASN D 11 72.60 46.75 38.31
C ASN D 11 72.20 48.22 38.29
N CYS D 12 71.02 48.56 38.82
CA CYS D 12 70.65 49.96 38.91
C CYS D 12 71.52 50.69 39.93
N SER D 13 71.84 50.03 41.05
CA SER D 13 72.69 50.65 42.05
C SER D 13 74.10 50.90 41.52
N ASN D 14 74.64 49.94 40.76
CA ASN D 14 76.02 49.99 40.28
C ASN D 14 76.12 50.49 38.84
N PHE D 15 75.09 51.20 38.36
CA PHE D 15 75.07 51.61 36.96
C PHE D 15 76.17 52.63 36.66
N PHE D 16 76.25 53.69 37.46
CA PHE D 16 77.17 54.78 37.16
C PHE D 16 78.60 54.43 37.55
N PRO D 17 78.83 53.81 38.71
CA PRO D 17 80.17 53.28 38.97
C PRO D 17 80.62 52.30 37.90
N GLY D 18 79.71 51.47 37.41
CA GLY D 18 80.04 50.56 36.33
C GLY D 18 80.43 51.28 35.05
N LEU D 19 79.69 52.34 34.70
CA LEU D 19 80.05 53.12 33.52
C LEU D 19 81.41 53.77 33.67
N LEU D 20 81.70 54.32 34.84
CA LEU D 20 83.00 54.96 35.06
C LEU D 20 84.12 53.93 34.94
N ALA D 21 83.93 52.75 35.55
CA ALA D 21 84.93 51.70 35.43
C ALA D 21 85.10 51.26 33.98
N PHE D 22 83.99 51.18 33.24
CA PHE D 22 84.07 50.80 31.83
C PHE D 22 84.86 51.83 31.03
N ALA D 23 84.68 53.11 31.33
CA ALA D 23 85.45 54.14 30.64
C ALA D 23 86.94 54.03 30.92
N GLN D 24 87.30 53.82 32.20
CA GLN D 24 88.70 53.63 32.54
C GLN D 24 89.28 52.42 31.83
N GLN D 25 88.55 51.30 31.86
CA GLN D 25 88.98 50.11 31.15
C GLN D 25 89.10 50.37 29.65
N THR D 26 88.24 51.24 29.11
CA THR D 26 88.31 51.56 27.69
C THR D 26 89.62 52.27 27.37
N GLN D 27 90.03 53.22 28.21
CA GLN D 27 91.30 53.89 27.99
C GLN D 27 92.46 52.91 28.05
N GLU D 28 92.48 52.07 29.10
CA GLU D 28 93.56 51.09 29.24
C GLU D 28 93.60 50.13 28.06
N ALA D 29 92.43 49.63 27.66
CA ALA D 29 92.37 48.67 26.57
C ALA D 29 92.74 49.30 25.24
N TYR D 30 92.41 50.58 25.04
CA TYR D 30 92.85 51.26 23.83
C TYR D 30 94.37 51.33 23.77
N GLY D 31 95.01 51.63 24.91
CA GLY D 31 96.47 51.62 24.92
C GLY D 31 97.03 50.26 24.56
N ILE D 32 96.50 49.21 25.16
CA ILE D 32 96.98 47.86 24.89
C ILE D 32 96.78 47.51 23.42
N TRP D 33 95.58 47.80 22.90
CA TRP D 33 95.28 47.49 21.50
C TRP D 33 96.18 48.29 20.57
N LEU D 34 96.48 49.53 20.92
CA LEU D 34 97.36 50.33 20.08
C LEU D 34 98.74 49.70 19.99
N ARG D 35 99.28 49.25 21.11
CA ARG D 35 100.57 48.56 21.08
C ARG D 35 100.50 47.32 20.19
N ILE D 36 99.46 46.49 20.39
CA ILE D 36 99.35 45.25 19.62
C ILE D 36 99.19 45.56 18.13
N TYR D 37 98.36 46.54 17.80
CA TYR D 37 98.10 46.87 16.40
C TYR D 37 99.35 47.40 15.72
N ASN D 38 100.10 48.27 16.40
CA ASN D 38 101.35 48.75 15.82
C ASN D 38 102.30 47.60 15.56
N ARG D 39 102.42 46.68 16.53
CA ARG D 39 103.31 45.54 16.34
C ARG D 39 102.85 44.66 15.19
N GLN D 40 101.53 44.44 15.08
CA GLN D 40 101.01 43.62 13.98
C GLN D 40 101.31 44.26 12.63
N GLN D 41 101.08 45.57 12.52
CA GLN D 41 101.31 46.25 11.24
C GLN D 41 102.79 46.28 10.88
N LYS D 42 103.67 46.35 11.88
CA LYS D 42 105.10 46.47 11.59
C LYS D 42 105.73 45.12 11.29
N TYR D 43 105.48 44.13 12.15
CA TYR D 43 106.16 42.84 12.06
C TYR D 43 105.29 41.72 11.48
N GLY D 44 104.05 42.01 11.12
CA GLY D 44 103.16 41.00 10.60
C GLY D 44 103.52 40.57 9.19
N PRO D 45 103.08 39.38 8.79
CA PRO D 45 103.32 38.95 7.41
C PRO D 45 102.58 39.82 6.42
N THR D 46 103.06 39.78 5.17
CA THR D 46 102.47 40.62 4.13
C THR D 46 101.00 40.27 3.90
N ASP D 47 100.67 38.98 3.88
CA ASP D 47 99.28 38.59 3.69
C ASP D 47 98.41 39.06 4.84
N PHE D 48 98.90 38.91 6.07
CA PHE D 48 98.11 39.33 7.24
C PHE D 48 97.88 40.83 7.24
N VAL D 49 98.92 41.61 6.95
CA VAL D 49 98.80 43.07 6.99
C VAL D 49 97.94 43.56 5.83
N GLU D 50 98.18 43.03 4.62
CA GLU D 50 97.42 43.44 3.45
C GLU D 50 96.02 42.86 3.42
N GLN D 51 95.68 41.96 4.34
CA GLN D 51 94.35 41.36 4.40
C GLN D 51 94.03 40.63 3.09
N SER D 52 94.82 39.59 2.82
CA SER D 52 94.62 38.81 1.61
C SER D 52 93.23 38.22 1.56
N GLU D 53 92.68 38.11 0.36
CA GLU D 53 91.32 37.67 0.15
C GLU D 53 91.28 36.16 -0.08
N THR D 54 90.39 35.48 0.64
CA THR D 54 90.16 34.05 0.48
C THR D 54 88.67 33.85 0.22
N PHE D 55 88.33 33.36 -0.97
CA PHE D 55 86.96 33.19 -1.39
C PHE D 55 86.56 31.72 -1.34
N SER D 56 85.28 31.49 -1.08
CA SER D 56 84.77 30.13 -1.06
C SER D 56 84.71 29.57 -2.48
N PRO D 57 84.83 28.25 -2.64
CA PRO D 57 84.87 27.67 -3.99
C PRO D 57 83.51 27.54 -4.65
N ASP D 58 82.41 27.72 -3.92
CA ASP D 58 81.08 27.56 -4.46
C ASP D 58 80.42 28.88 -4.84
N TYR D 59 80.40 29.84 -3.93
CA TYR D 59 79.78 31.14 -4.18
C TYR D 59 80.76 32.30 -4.12
N HIS D 60 82.05 32.03 -3.96
CA HIS D 60 83.09 33.06 -4.05
C HIS D 60 82.82 34.20 -3.09
N LYS D 61 82.54 33.84 -1.84
CA LYS D 61 82.30 34.81 -0.77
C LYS D 61 83.53 34.87 0.13
N ARG D 62 84.02 36.08 0.38
CA ARG D 62 85.24 36.25 1.15
C ARG D 62 84.98 35.97 2.62
N PHE D 63 85.97 35.37 3.27
CA PHE D 63 85.94 35.17 4.71
C PHE D 63 87.37 34.98 5.19
N HIS D 64 87.55 35.14 6.50
CA HIS D 64 88.88 35.07 7.08
C HIS D 64 89.47 33.68 6.91
N SER D 65 90.72 33.62 6.47
CA SER D 65 91.46 32.38 6.36
C SER D 65 92.35 32.21 7.59
N GLN D 66 92.27 31.04 8.22
CA GLN D 66 93.01 30.81 9.44
C GLN D 66 94.51 30.89 9.21
N ASP D 67 94.98 30.39 8.06
CA ASP D 67 96.40 30.39 7.77
C ASP D 67 96.92 31.79 7.47
N LYS D 68 96.19 32.55 6.65
CA LYS D 68 96.67 33.82 6.12
C LYS D 68 96.22 35.03 6.93
N ASN D 69 94.97 35.04 7.39
CA ASN D 69 94.40 36.20 8.06
C ASN D 69 94.52 36.12 9.58
N MET D 70 95.21 35.12 10.10
CA MET D 70 95.49 35.01 11.53
C MET D 70 96.98 34.80 11.71
N TRP D 71 97.56 35.50 12.68
CA TRP D 71 98.99 35.48 12.90
C TRP D 71 99.28 35.53 14.39
N VAL D 72 100.10 34.59 14.85
CA VAL D 72 100.50 34.52 16.26
C VAL D 72 101.80 35.28 16.42
N ASP D 73 101.77 36.37 17.19
CA ASP D 73 102.95 37.18 17.43
C ASP D 73 103.77 36.51 18.52
N LYS D 74 104.83 35.81 18.12
CA LYS D 74 105.64 35.07 19.07
C LYS D 74 106.43 35.99 20.00
N GLU D 75 106.74 37.21 19.55
CA GLU D 75 107.56 38.14 20.30
C GLU D 75 106.73 39.28 20.90
N LEU D 76 105.45 39.03 21.18
CA LEU D 76 104.60 40.03 21.78
C LEU D 76 104.87 40.23 23.26
N CYS D 77 105.56 39.29 23.91
CA CYS D 77 105.83 39.41 25.33
C CYS D 77 106.70 40.62 25.64
N THR D 78 107.53 41.06 24.68
CA THR D 78 108.41 42.20 24.91
C THR D 78 107.59 43.47 25.12
N GLU D 79 106.53 43.66 24.33
CA GLU D 79 105.73 44.88 24.38
C GLU D 79 104.51 44.75 25.28
N VAL D 80 103.82 43.61 25.25
CA VAL D 80 102.56 43.42 25.97
C VAL D 80 102.66 42.16 26.81
N SER D 81 102.22 42.25 28.06
CA SER D 81 102.25 41.11 28.97
C SER D 81 100.99 40.26 28.83
N GLN D 82 101.02 39.09 29.47
CA GLN D 82 99.89 38.18 29.43
C GLN D 82 98.66 38.80 30.07
N LYS D 83 98.83 39.46 31.21
CA LYS D 83 97.70 40.05 31.91
C LYS D 83 97.04 41.14 31.06
N GLU D 84 97.84 41.91 30.32
CA GLU D 84 97.28 42.93 29.45
C GLU D 84 96.44 42.31 28.35
N VAL D 85 96.89 41.19 27.78
CA VAL D 85 96.11 40.52 26.75
C VAL D 85 94.80 40.01 27.31
N ALA D 86 94.84 39.42 28.51
CA ALA D 86 93.59 38.98 29.15
C ALA D 86 92.65 40.16 29.39
N ARG D 87 93.20 41.29 29.84
CA ARG D 87 92.39 42.47 30.04
C ARG D 87 91.75 42.93 28.74
N LEU D 88 92.50 42.91 27.65
CA LEU D 88 91.96 43.31 26.36
C LEU D 88 90.83 42.40 25.91
N MET D 89 91.00 41.08 26.11
CA MET D 89 89.95 40.14 25.71
C MET D 89 88.66 40.39 26.51
N THR D 90 88.79 40.51 27.83
CA THR D 90 87.62 40.78 28.67
C THR D 90 86.96 42.08 28.25
N TYR D 91 87.76 43.12 28.00
CA TYR D 91 87.19 44.39 27.58
C TYR D 91 86.52 44.28 26.21
N LYS D 92 87.05 43.45 25.31
CA LYS D 92 86.42 43.29 24.02
C LYS D 92 85.02 42.72 24.16
N LEU D 93 84.85 41.71 25.03
CA LEU D 93 83.52 41.18 25.27
C LEU D 93 82.58 42.26 25.82
N ASP D 94 83.04 42.96 26.88
CA ASP D 94 82.21 43.98 27.50
C ASP D 94 81.89 45.09 26.50
N MET D 95 82.86 45.47 25.68
CA MET D 95 82.66 46.55 24.73
C MET D 95 81.69 46.16 23.64
N TRP D 96 81.71 44.90 23.21
CA TRP D 96 80.76 44.45 22.20
C TRP D 96 79.33 44.57 22.72
N ARG D 97 79.08 44.07 23.93
CA ARG D 97 77.73 44.16 24.47
C ARG D 97 77.32 45.62 24.71
N MET D 98 78.23 46.43 25.24
CA MET D 98 77.92 47.85 25.44
C MET D 98 77.66 48.55 24.12
N ALA D 99 78.41 48.20 23.07
CA ALA D 99 78.23 48.83 21.77
C ALA D 99 76.85 48.51 21.20
N HIS D 100 76.41 47.26 21.32
CA HIS D 100 75.08 46.92 20.84
C HIS D 100 74.01 47.68 21.60
N CYS D 101 74.15 47.78 22.92
CA CYS D 101 73.17 48.54 23.71
C CYS D 101 73.16 50.01 23.32
N ALA D 102 74.35 50.60 23.13
CA ALA D 102 74.42 52.00 22.73
C ALA D 102 73.81 52.21 21.35
N GLY D 103 74.04 51.26 20.44
CA GLY D 103 73.43 51.34 19.13
C GLY D 103 71.91 51.30 19.20
N ALA D 104 71.37 50.43 20.07
CA ALA D 104 69.93 50.40 20.25
C ALA D 104 69.42 51.72 20.79
N LEU D 105 70.13 52.29 21.77
CA LEU D 105 69.72 53.57 22.33
C LEU D 105 69.70 54.66 21.26
N LEU D 106 70.78 54.76 20.48
CA LEU D 106 70.85 55.77 19.43
C LEU D 106 69.77 55.55 18.39
N ALA D 107 69.49 54.29 18.04
CA ALA D 107 68.52 54.00 17.00
C ALA D 107 67.10 54.37 17.43
N THR D 108 66.72 53.98 18.65
CA THR D 108 65.34 54.12 19.10
C THR D 108 65.12 55.31 20.02
N GLY D 109 66.12 56.17 20.20
CA GLY D 109 65.94 57.33 21.05
C GLY D 109 65.59 56.91 22.46
N GLY D 110 64.56 57.54 23.02
CA GLY D 110 64.13 57.28 24.37
C GLY D 110 63.21 56.10 24.55
N TYR D 111 62.86 55.41 23.47
CA TYR D 111 61.98 54.25 23.56
C TYR D 111 62.71 52.98 24.00
N ALA D 112 64.02 53.04 24.16
CA ALA D 112 64.80 51.89 24.61
C ALA D 112 64.84 51.76 26.13
N ILE D 113 64.26 52.71 26.86
CA ILE D 113 64.34 52.68 28.32
C ILE D 113 63.70 51.43 28.90
N PRO D 114 62.46 51.06 28.56
CA PRO D 114 61.91 49.81 29.09
C PRO D 114 62.73 48.59 28.71
N PHE D 115 63.28 48.57 27.50
CA PHE D 115 64.18 47.49 27.13
C PHE D 115 65.46 47.55 27.96
N GLY D 116 65.87 48.75 28.37
CA GLY D 116 66.97 48.86 29.32
C GLY D 116 66.61 48.27 30.66
N LEU D 117 65.35 48.40 31.08
CA LEU D 117 64.91 47.76 32.32
C LEU D 117 64.99 46.25 32.20
N PHE D 118 64.58 45.71 31.05
CA PHE D 118 64.78 44.28 30.81
C PHE D 118 66.26 43.92 30.79
N TRP D 119 67.10 44.85 30.32
CA TRP D 119 68.53 44.57 30.20
C TRP D 119 69.22 44.53 31.56
N LEU D 120 68.91 45.48 32.43
CA LEU D 120 69.56 45.53 33.73
C LEU D 120 69.03 44.46 34.68
N ALA D 121 67.90 43.85 34.36
CA ALA D 121 67.33 42.81 35.21
C ALA D 121 68.01 41.46 35.00
N ASN D 122 68.94 41.37 34.05
CA ASN D 122 69.65 40.12 33.76
C ASN D 122 71.13 40.43 33.60
N ASP D 123 71.97 39.53 34.11
CA ASP D 123 73.41 39.67 34.04
C ASP D 123 74.00 39.10 32.76
N THR D 124 73.16 38.59 31.85
CA THR D 124 73.67 37.95 30.65
C THR D 124 74.42 38.94 29.77
N TRP D 125 73.89 40.16 29.63
CA TRP D 125 74.44 41.13 28.69
C TRP D 125 74.95 42.41 29.34
N VAL D 126 75.11 42.42 30.66
CA VAL D 126 75.70 43.58 31.32
C VAL D 126 77.21 43.39 31.38
N PRO D 127 77.99 44.46 31.42
CA PRO D 127 79.45 44.30 31.50
C PRO D 127 79.88 43.80 32.87
N SER D 128 81.08 43.20 32.90
CA SER D 128 81.65 42.72 34.15
C SER D 128 81.90 43.85 35.13
N SER D 129 82.07 45.09 34.63
CA SER D 129 82.36 46.21 35.51
C SER D 129 81.20 46.58 36.41
N PHE D 130 79.99 46.13 36.10
CA PHE D 130 78.83 46.46 36.91
C PHE D 130 78.82 45.74 38.25
N ASN D 131 79.71 44.77 38.45
CA ASN D 131 79.79 44.03 39.70
C ASN D 131 80.90 44.61 40.55
N LEU D 132 80.56 45.08 41.75
CA LEU D 132 81.49 45.75 42.64
C LEU D 132 81.91 44.89 43.82
N THR D 133 81.41 43.66 43.92
CA THR D 133 81.75 42.77 45.02
C THR D 133 81.88 41.35 44.49
N GLY D 134 82.47 40.49 45.33
CA GLY D 134 82.73 39.12 44.91
C GLY D 134 81.47 38.33 44.61
N GLU D 135 80.45 38.48 45.46
CA GLU D 135 79.21 37.73 45.25
C GLU D 135 78.53 38.15 43.95
N GLU D 136 78.51 39.47 43.67
CA GLU D 136 77.92 39.94 42.44
C GLU D 136 78.68 39.40 41.23
N LEU D 137 80.01 39.38 41.30
CA LEU D 137 80.81 38.83 40.22
C LEU D 137 80.53 37.35 40.04
N ARG D 138 80.36 36.61 41.15
CA ARG D 138 80.05 35.20 41.05
C ARG D 138 78.72 34.96 40.36
N ALA D 139 77.70 35.76 40.71
CA ALA D 139 76.41 35.62 40.05
C ALA D 139 76.50 35.97 38.58
N TRP D 140 77.26 37.01 38.24
CA TRP D 140 77.46 37.36 36.83
C TRP D 140 78.11 36.23 36.06
N ARG D 141 79.15 35.62 36.64
CA ARG D 141 79.80 34.49 35.98
C ARG D 141 78.84 33.31 35.85
N GLU D 142 77.98 33.12 36.84
CA GLU D 142 76.98 32.06 36.74
C GLU D 142 76.04 32.31 35.56
N ALA D 143 75.63 33.57 35.35
CA ALA D 143 74.79 33.89 34.22
C ALA D 143 75.51 33.62 32.90
N GLN D 144 76.78 34.00 32.80
CA GLN D 144 77.54 33.72 31.59
C GLN D 144 77.63 32.23 31.34
N ASP D 145 77.91 31.44 32.38
CA ASP D 145 78.00 30.00 32.23
C ASP D 145 76.66 29.41 31.79
N LEU D 146 75.56 29.93 32.33
CA LEU D 146 74.25 29.45 31.93
C LEU D 146 74.00 29.70 30.44
N TYR D 147 74.36 30.89 29.95
CA TYR D 147 74.20 31.16 28.52
C TYR D 147 75.05 30.22 27.69
N ARG D 148 76.29 29.96 28.14
CA ARG D 148 77.14 29.02 27.43
C ARG D 148 76.53 27.63 27.39
N TYR D 149 75.98 27.16 28.52
CA TYR D 149 75.31 25.86 28.55
C TYR D 149 74.13 25.84 27.60
N ARG D 150 73.37 26.92 27.55
CA ARG D 150 72.20 27.00 26.68
C ARG D 150 72.59 26.90 25.22
N SER D 151 73.69 27.54 24.84
CA SER D 151 74.02 27.69 23.43
C SER D 151 74.93 26.60 22.87
N ALA D 152 75.85 26.06 23.67
CA ALA D 152 76.87 25.16 23.13
C ALA D 152 76.29 23.90 22.50
N PRO D 153 75.36 23.19 23.14
CA PRO D 153 74.90 21.92 22.55
C PRO D 153 74.37 22.07 21.14
N SER D 154 73.69 23.17 20.83
CA SER D 154 73.20 23.38 19.48
C SER D 154 74.35 23.48 18.48
N TYR D 155 75.41 24.20 18.83
CA TYR D 155 76.58 24.31 17.96
C TYR D 155 77.20 22.93 17.72
N LEU D 156 77.39 22.16 18.79
CA LEU D 156 78.00 20.85 18.66
C LEU D 156 77.13 19.93 17.80
N THR D 157 75.82 19.93 18.03
CA THR D 157 74.93 19.08 17.26
C THR D 157 74.88 19.49 15.80
N ASP D 158 74.88 20.80 15.53
CA ASP D 158 74.91 21.26 14.15
C ASP D 158 76.13 20.72 13.42
N THR D 159 77.31 20.90 13.98
CA THR D 159 78.53 20.43 13.35
C THR D 159 78.46 18.92 13.13
N LYS D 160 78.17 18.17 14.19
CA LYS D 160 78.22 16.71 14.11
C LYS D 160 77.19 16.19 13.12
N TRP D 161 75.95 16.70 13.18
CA TRP D 161 74.91 16.17 12.32
C TRP D 161 75.22 16.45 10.86
N HIS D 162 75.65 17.67 10.53
CA HIS D 162 75.91 17.98 9.13
C HIS D 162 77.03 17.10 8.57
N PHE D 163 78.11 16.94 9.32
CA PHE D 163 79.18 16.08 8.84
C PHE D 163 78.72 14.63 8.71
N ASP D 164 78.12 14.09 9.77
CA ASP D 164 77.74 12.68 9.76
C ASP D 164 76.70 12.39 8.68
N PHE D 165 75.84 13.35 8.38
CA PHE D 165 74.82 13.14 7.37
C PHE D 165 75.37 13.25 5.96
N HIS D 166 76.42 14.06 5.75
CA HIS D 166 76.94 14.29 4.41
C HIS D 166 78.33 13.72 4.17
N ALA D 167 78.99 13.17 5.19
CA ALA D 167 80.32 12.62 5.00
C ALA D 167 80.62 11.63 6.12
N TYR D 168 81.68 10.85 5.92
CA TYR D 168 82.14 9.88 6.88
C TYR D 168 83.66 9.96 6.97
N PRO D 169 84.25 9.51 8.08
CA PRO D 169 85.71 9.53 8.20
C PRO D 169 86.37 8.56 7.23
N TRP D 170 87.65 8.83 6.96
CA TRP D 170 88.38 8.03 5.98
C TRP D 170 88.95 6.76 6.58
N ASN D 171 89.48 6.83 7.81
CA ASN D 171 90.18 5.71 8.42
C ASN D 171 89.75 5.56 9.87
N GLU D 172 90.18 4.45 10.48
CA GLU D 172 89.72 4.10 11.82
C GLU D 172 90.13 5.15 12.84
N THR D 173 91.36 5.66 12.75
CA THR D 173 91.81 6.65 13.72
C THR D 173 90.94 7.91 13.65
N GLN D 174 90.60 8.35 12.44
CA GLN D 174 89.70 9.49 12.30
C GLN D 174 88.32 9.17 12.87
N GLU D 175 87.84 7.94 12.67
CA GLU D 175 86.56 7.55 13.25
C GLU D 175 86.59 7.68 14.76
N ARG D 176 87.64 7.17 15.40
CA ARG D 176 87.75 7.26 16.85
C ARG D 176 87.82 8.70 17.31
N ALA D 177 88.61 9.52 16.61
CA ALA D 177 88.73 10.92 16.99
C ALA D 177 87.39 11.63 16.89
N TRP D 178 86.68 11.42 15.79
CA TRP D 178 85.39 12.07 15.59
C TRP D 178 84.39 11.63 16.65
N ASP D 179 84.34 10.33 16.94
CA ASP D 179 83.40 9.84 17.94
C ASP D 179 83.72 10.37 19.33
N ASP D 180 85.00 10.42 19.69
CA ASP D 180 85.40 10.87 21.03
C ASP D 180 85.37 12.39 21.17
N LEU D 181 85.34 13.13 20.07
CA LEU D 181 85.31 14.59 20.17
C LEU D 181 84.04 15.07 20.85
N PHE D 182 82.90 14.45 20.54
CA PHE D 182 81.60 14.92 21.00
C PHE D 182 81.08 14.13 22.20
N GLU D 183 81.98 13.67 23.07
CA GLU D 183 81.56 13.03 24.31
C GLU D 183 81.21 14.08 25.34
N LYS D 184 80.33 13.71 26.27
CA LYS D 184 79.90 14.63 27.30
C LYS D 184 81.06 14.92 28.26
N ASN D 185 80.92 16.02 29.00
CA ASN D 185 82.01 16.51 29.85
C ASN D 185 82.26 15.63 31.06
N ASP D 186 81.39 14.66 31.34
CA ASP D 186 81.61 13.77 32.47
C ASP D 186 82.73 12.77 32.20
N VAL D 187 83.18 12.63 30.96
CA VAL D 187 84.30 11.77 30.61
C VAL D 187 85.43 12.63 30.06
N ARG D 188 86.66 12.17 30.23
CA ARG D 188 87.83 12.92 29.83
C ARG D 188 88.27 12.47 28.44
N ARG D 189 88.38 13.43 27.52
CA ARG D 189 88.79 13.15 26.15
C ARG D 189 90.30 13.30 26.04
N ASP D 190 90.94 12.33 25.40
CA ASP D 190 92.39 12.39 25.19
C ASP D 190 92.68 13.26 23.99
N PRO D 191 93.38 14.39 24.15
CA PRO D 191 93.62 15.27 23.00
C PRO D 191 94.39 14.61 21.86
N LYS D 192 95.30 13.69 22.18
CA LYS D 192 96.03 13.00 21.12
C LYS D 192 95.10 12.15 20.28
N VAL D 193 94.11 11.52 20.92
CA VAL D 193 93.13 10.72 20.18
C VAL D 193 92.25 11.62 19.32
N VAL D 194 91.89 12.79 19.83
CA VAL D 194 90.90 13.64 19.17
C VAL D 194 91.50 14.58 18.12
N ARG D 195 92.81 14.78 18.14
CA ARG D 195 93.41 15.75 17.23
C ARG D 195 93.15 15.46 15.76
N PRO D 196 93.26 14.21 15.27
CA PRO D 196 93.07 13.96 13.84
C PRO D 196 91.76 14.47 13.28
N ALA D 197 90.74 14.65 14.13
CA ALA D 197 89.48 15.21 13.67
C ALA D 197 89.69 16.60 13.07
N ALA D 198 90.70 17.34 13.53
CA ALA D 198 90.96 18.66 12.99
C ALA D 198 91.28 18.58 11.50
N GLU D 199 92.20 17.70 11.12
CA GLU D 199 92.52 17.54 9.70
C GLU D 199 91.35 16.96 8.93
N MET D 200 90.66 15.98 9.52
CA MET D 200 89.51 15.39 8.83
C MET D 200 88.48 16.46 8.49
N TYR D 201 88.22 17.38 9.43
CA TYR D 201 87.24 18.44 9.18
C TYR D 201 87.81 19.53 8.29
N ASP D 202 89.13 19.78 8.36
CA ASP D 202 89.75 20.68 7.40
C ASP D 202 89.43 20.23 5.98
N GLY D 203 89.36 18.92 5.77
CA GLY D 203 88.93 18.42 4.47
C GLY D 203 87.48 18.76 4.16
N PHE D 204 86.65 18.96 5.19
CA PHE D 204 85.22 19.19 5.02
C PHE D 204 84.87 20.67 5.03
N ILE D 205 85.15 21.37 6.13
CA ILE D 205 84.82 22.77 6.29
C ILE D 205 85.93 23.44 7.08
N LYS D 206 86.69 24.30 6.43
CA LYS D 206 87.62 25.17 7.12
C LYS D 206 86.88 26.36 7.72
N PHE D 207 87.59 27.12 8.55
CA PHE D 207 86.98 28.29 9.18
C PHE D 207 86.52 29.30 8.13
N GLU D 208 87.16 29.31 6.96
CA GLU D 208 86.78 30.23 5.90
C GLU D 208 85.44 29.89 5.28
N LEU D 209 84.95 28.66 5.47
CA LEU D 209 83.70 28.22 4.88
C LEU D 209 82.58 28.05 5.90
N ILE D 210 82.77 28.55 7.13
CA ILE D 210 81.78 28.33 8.17
C ILE D 210 80.47 29.01 7.81
N ARG D 211 79.37 28.29 8.00
CA ARG D 211 78.06 28.80 7.64
C ARG D 211 77.56 29.81 8.66
N ARG D 212 76.59 30.62 8.24
CA ARG D 212 76.11 31.73 9.07
C ARG D 212 75.36 31.22 10.29
N LYS D 213 74.56 30.17 10.13
CA LYS D 213 73.84 29.61 11.28
C LYS D 213 74.81 29.00 12.29
N SER D 214 75.80 28.25 11.81
CA SER D 214 76.82 27.71 12.71
C SER D 214 77.57 28.83 13.41
N LEU D 215 77.86 29.91 12.68
CA LEU D 215 78.52 31.05 13.30
C LEU D 215 77.65 31.68 14.37
N ARG D 216 76.34 31.78 14.13
CA ARG D 216 75.44 32.32 15.14
C ARG D 216 75.47 31.46 16.40
N HIS D 217 75.41 30.14 16.24
CA HIS D 217 75.50 29.26 17.40
C HIS D 217 76.82 29.45 18.14
N LEU D 218 77.92 29.54 17.40
CA LEU D 218 79.23 29.70 18.02
C LEU D 218 79.31 31.01 18.79
N CYS D 219 78.81 32.11 18.21
CA CYS D 219 78.87 33.39 18.90
C CYS D 219 77.97 33.41 20.12
N ARG D 220 76.82 32.74 20.06
CA ARG D 220 76.00 32.58 21.25
C ARG D 220 76.78 31.86 22.34
N SER D 221 77.50 30.79 21.98
CA SER D 221 78.26 30.03 22.95
C SER D 221 79.43 30.82 23.51
N MET D 222 79.91 31.84 22.81
CA MET D 222 81.04 32.65 23.23
C MET D 222 80.61 33.94 23.91
N ASN D 223 79.33 34.09 24.22
CA ASN D 223 78.80 35.28 24.88
C ASN D 223 79.01 36.54 24.04
N ILE D 224 78.98 36.38 22.72
CA ILE D 224 79.10 37.49 21.78
C ILE D 224 77.70 37.88 21.33
N PRO D 225 77.29 39.14 21.45
CA PRO D 225 75.95 39.53 21.01
C PRO D 225 75.76 39.25 19.53
N THR D 226 74.58 38.76 19.18
CA THR D 226 74.28 38.30 17.83
C THR D 226 73.18 39.09 17.13
N PHE D 227 72.59 40.08 17.79
CA PHE D 227 71.54 40.89 17.20
C PHE D 227 71.97 42.35 17.16
N PRO D 228 72.05 42.99 15.98
CA PRO D 228 71.82 42.43 14.65
C PRO D 228 73.01 41.61 14.16
N MET D 229 72.74 40.40 13.64
CA MET D 229 73.80 39.55 13.15
C MET D 229 74.45 40.15 11.91
N LEU D 230 73.65 40.48 10.90
CA LEU D 230 74.13 41.10 9.67
C LEU D 230 74.89 40.07 8.86
N ALA D 231 75.86 40.52 8.06
CA ALA D 231 76.68 39.59 7.30
C ALA D 231 77.56 38.76 8.24
N ARG D 232 77.88 37.55 7.80
CA ARG D 232 78.65 36.63 8.63
C ARG D 232 80.08 37.06 8.82
N LEU D 233 80.56 38.06 8.10
CA LEU D 233 81.93 38.52 8.18
C LEU D 233 82.13 39.58 9.25
N CYS D 234 81.10 39.90 10.03
CA CYS D 234 81.22 40.82 11.16
C CYS D 234 81.49 40.06 12.45
N ASN D 235 80.56 39.18 12.83
CA ASN D 235 80.80 38.31 13.98
C ASN D 235 81.95 37.35 13.71
N GLY D 236 82.17 36.97 12.44
CA GLY D 236 83.35 36.21 12.11
C GLY D 236 84.62 36.97 12.41
N THR D 237 84.63 38.28 12.12
CA THR D 237 85.77 39.11 12.46
C THR D 237 85.96 39.16 13.97
N ARG D 238 84.87 39.26 14.72
CA ARG D 238 84.97 39.25 16.18
C ARG D 238 85.58 37.95 16.68
N VAL D 239 85.11 36.81 16.16
CA VAL D 239 85.62 35.51 16.57
C VAL D 239 87.10 35.41 16.24
N ARG D 240 87.49 35.83 15.04
CA ARG D 240 88.88 35.76 14.64
C ARG D 240 89.76 36.59 15.56
N ASP D 241 89.34 37.81 15.87
CA ASP D 241 90.13 38.67 16.74
C ASP D 241 90.28 38.05 18.13
N TYR D 242 89.19 37.55 18.69
CA TYR D 242 89.24 36.99 20.03
C TYR D 242 90.20 35.81 20.09
N TRP D 243 90.10 34.89 19.12
CA TRP D 243 90.94 33.70 19.17
C TRP D 243 92.37 33.99 18.76
N ASN D 244 92.60 35.03 17.95
CA ASN D 244 93.97 35.44 17.68
C ASN D 244 94.65 35.95 18.95
N LEU D 245 93.94 36.78 19.72
CA LEU D 245 94.47 37.22 21.00
C LEU D 245 94.70 36.03 21.94
N ALA D 246 93.74 35.10 21.97
CA ALA D 246 93.88 33.93 22.82
C ALA D 246 95.09 33.11 22.44
N TRP D 247 95.36 32.95 21.14
CA TRP D 247 96.50 32.16 20.71
C TRP D 247 97.81 32.87 21.02
N CYS D 248 97.84 34.20 20.92
CA CYS D 248 99.05 34.94 21.32
C CYS D 248 99.34 34.71 22.80
N GLU D 249 98.31 34.84 23.64
CA GLU D 249 98.50 34.60 25.06
C GLU D 249 98.88 33.15 25.32
N ASP D 250 98.31 32.21 24.58
CA ASP D 250 98.64 30.80 24.76
C ASP D 250 100.10 30.54 24.42
N TYR D 251 100.60 31.12 23.33
CA TYR D 251 102.01 30.96 23.01
C TYR D 251 102.88 31.53 24.11
N MET D 252 102.53 32.71 24.62
CA MET D 252 103.29 33.31 25.71
C MET D 252 103.33 32.38 26.91
N VAL D 253 102.18 31.84 27.31
CA VAL D 253 102.10 31.00 28.50
C VAL D 253 102.86 29.70 28.28
N ILE D 254 102.69 29.06 27.12
CA ILE D 254 103.37 27.80 26.86
C ILE D 254 104.88 28.00 26.87
N THR D 255 105.35 29.03 26.18
CA THR D 255 106.79 29.26 26.09
C THR D 255 107.38 29.60 27.47
N GLN D 256 106.72 30.46 28.23
CA GLN D 256 107.24 30.91 29.51
C GLN D 256 106.69 30.13 30.70
N ARG D 257 105.84 29.13 30.46
CA ARG D 257 105.31 28.29 31.54
C ARG D 257 104.65 29.14 32.62
N LEU D 258 103.90 30.16 32.19
CA LEU D 258 103.29 31.08 33.15
C LEU D 258 102.19 30.40 33.95
N HIS D 259 101.51 29.40 33.38
CA HIS D 259 100.38 28.79 34.05
C HIS D 259 100.79 28.09 35.34
N GLU D 260 102.00 27.52 35.38
CA GLU D 260 102.47 26.89 36.61
C GLU D 260 102.61 27.91 37.73
N SER D 261 103.15 29.08 37.42
CA SER D 261 103.26 30.16 38.40
C SER D 261 101.96 30.94 38.56
N MET D 262 101.00 30.74 37.67
CA MET D 262 99.73 31.44 37.76
C MET D 262 98.96 31.01 38.99
N THR D 263 98.34 31.97 39.67
CA THR D 263 97.60 31.67 40.90
C THR D 263 96.28 30.99 40.56
N ASP D 264 95.57 30.57 41.61
CA ASP D 264 94.38 29.75 41.43
C ASP D 264 93.27 30.52 40.70
N GLU D 265 92.94 31.71 41.18
CA GLU D 265 91.87 32.49 40.56
C GLU D 265 92.24 32.89 39.14
N GLU D 266 93.49 33.33 38.93
CA GLU D 266 93.91 33.71 37.60
C GLU D 266 93.92 32.52 36.66
N LEU D 267 94.32 31.35 37.16
CA LEU D 267 94.27 30.14 36.34
C LEU D 267 92.83 29.79 35.97
N TYR D 268 91.91 29.92 36.92
CA TYR D 268 90.51 29.64 36.62
C TYR D 268 89.99 30.60 35.57
N ASP D 269 90.34 31.87 35.66
CA ASP D 269 89.94 32.84 34.66
C ASP D 269 90.54 32.49 33.30
N TYR D 270 91.81 32.08 33.28
CA TYR D 270 92.46 31.72 32.02
C TYR D 270 91.74 30.56 31.35
N ALA D 271 91.39 29.54 32.13
CA ALA D 271 90.64 28.42 31.56
C ALA D 271 89.25 28.85 31.11
N TRP D 272 88.60 29.72 31.89
CA TRP D 272 87.25 30.15 31.56
C TRP D 272 87.22 30.91 30.24
N ARG D 273 88.21 31.79 30.02
CA ARG D 273 88.26 32.52 28.76
C ARG D 273 88.49 31.60 27.57
N ARG D 274 89.02 30.41 27.79
CA ARG D 274 89.15 29.41 26.75
C ARG D 274 87.93 28.49 26.67
N TYR D 275 86.90 28.74 27.49
CA TYR D 275 85.70 27.92 27.50
C TYR D 275 86.01 26.49 27.90
N LEU D 276 86.91 26.34 28.88
CA LEU D 276 87.34 25.03 29.35
C LEU D 276 86.83 24.69 30.74
N ALA D 277 86.58 25.69 31.59
CA ALA D 277 86.31 25.47 33.00
C ALA D 277 85.10 26.29 33.46
N PRO D 278 83.91 25.71 33.51
CA PRO D 278 82.78 26.40 34.12
C PRO D 278 83.01 26.64 35.60
N TYR D 279 82.48 27.76 36.11
CA TYR D 279 82.62 28.08 37.52
C TYR D 279 81.69 27.25 38.39
N ASP D 280 80.57 26.78 37.85
CA ASP D 280 79.65 25.98 38.65
C ASP D 280 80.16 24.57 38.90
N LYS D 281 81.25 24.16 38.24
CA LYS D 281 81.84 22.86 38.48
C LYS D 281 82.74 22.84 39.72
N ASN D 282 83.11 24.01 40.24
CA ASN D 282 83.91 24.10 41.46
C ASN D 282 85.20 23.29 41.32
N LEU D 283 85.91 23.51 40.22
CA LEU D 283 87.13 22.79 39.95
C LEU D 283 88.26 23.26 40.86
N ASN D 284 89.14 22.32 41.20
CA ASN D 284 90.34 22.64 41.96
C ASN D 284 91.51 22.85 40.99
N ARG D 285 92.68 23.16 41.55
CA ARG D 285 93.84 23.47 40.71
C ARG D 285 94.26 22.26 39.88
N GLU D 286 94.12 21.05 40.43
CA GLU D 286 94.51 19.86 39.68
C GLU D 286 93.69 19.73 38.41
N GLN D 287 92.36 19.86 38.53
CA GLN D 287 91.49 19.73 37.36
C GLN D 287 91.73 20.86 36.37
N LEU D 288 91.92 22.09 36.85
CA LEU D 288 92.20 23.20 35.95
C LEU D 288 93.49 22.97 35.18
N MET D 289 94.54 22.51 35.88
CA MET D 289 95.80 22.25 35.21
C MET D 289 95.65 21.13 34.19
N GLU D 290 94.88 20.09 34.53
CA GLU D 290 94.66 18.99 33.59
C GLU D 290 93.98 19.50 32.32
N ARG D 291 92.94 20.33 32.47
CA ARG D 291 92.23 20.83 31.30
C ARG D 291 93.11 21.77 30.48
N VAL D 292 93.87 22.64 31.14
CA VAL D 292 94.75 23.55 30.41
C VAL D 292 95.83 22.79 29.66
N GLU D 293 96.42 21.77 30.30
CA GLU D 293 97.43 20.97 29.63
C GLU D 293 96.83 20.21 28.46
N ASP D 294 95.60 19.71 28.60
CA ASP D 294 94.94 19.07 27.48
C ASP D 294 94.73 20.05 26.33
N TYR D 295 94.36 21.30 26.66
CA TYR D 295 94.19 22.31 25.62
C TYR D 295 95.50 22.58 24.89
N PHE D 296 96.59 22.72 25.65
CA PHE D 296 97.90 22.93 25.03
C PHE D 296 98.29 21.74 24.16
N GLU D 297 98.03 20.53 24.63
CA GLU D 297 98.34 19.34 23.85
C GLU D 297 97.51 19.28 22.58
N PHE D 298 96.25 19.71 22.66
CA PHE D 298 95.41 19.76 21.48
C PHE D 298 95.94 20.75 20.46
N LEU D 299 96.44 21.89 20.93
CA LEU D 299 97.09 22.84 20.02
C LEU D 299 98.24 22.16 19.27
N GLY D 300 99.04 21.37 19.98
CA GLY D 300 100.03 20.52 19.35
C GLY D 300 101.40 21.17 19.23
N PRO D 301 102.40 20.36 18.89
CA PRO D 301 103.76 20.92 18.71
C PRO D 301 103.82 21.97 17.61
N ASP D 302 103.03 21.81 16.55
CA ASP D 302 103.09 22.73 15.43
C ASP D 302 102.71 24.15 15.85
N PHE D 303 101.91 24.28 16.91
CA PHE D 303 101.53 25.61 17.38
C PHE D 303 102.75 26.38 17.86
N VAL D 304 103.59 25.75 18.68
CA VAL D 304 104.81 26.40 19.15
C VAL D 304 105.81 26.51 18.00
N ALA D 305 105.93 25.47 17.18
CA ALA D 305 106.95 25.45 16.15
C ALA D 305 106.70 26.54 15.10
N HIS D 306 105.45 26.73 14.68
CA HIS D 306 105.14 27.64 13.59
C HIS D 306 103.99 28.59 13.89
N GLY D 307 103.38 28.51 15.07
CA GLY D 307 102.25 29.38 15.36
C GLY D 307 100.98 29.01 14.64
N LYS D 308 100.84 27.76 14.21
CA LYS D 308 99.67 27.30 13.47
C LYS D 308 98.83 26.42 14.38
N ALA D 309 97.63 26.87 14.69
CA ALA D 309 96.70 26.13 15.52
C ALA D 309 95.85 25.19 14.66
N PRO D 310 95.23 24.18 15.27
CA PRO D 310 94.35 23.30 14.50
C PRO D 310 93.13 24.03 13.98
N ASN D 311 92.28 23.34 13.23
CA ASN D 311 91.11 23.97 12.65
C ASN D 311 90.27 24.61 13.74
N LEU D 312 89.86 25.85 13.49
CA LEU D 312 89.18 26.63 14.52
C LEU D 312 87.80 26.09 14.83
N VAL D 313 87.11 25.54 13.83
CA VAL D 313 85.79 24.96 14.08
C VAL D 313 85.91 23.78 15.04
N ILE D 314 86.85 22.88 14.78
CA ILE D 314 87.04 21.72 15.63
C ILE D 314 87.56 22.14 17.00
N LEU D 315 88.43 23.15 17.04
CA LEU D 315 88.91 23.64 18.33
C LEU D 315 87.78 24.19 19.17
N THR D 316 86.90 24.99 18.56
CA THR D 316 85.75 25.53 19.29
C THR D 316 84.84 24.42 19.78
N ASN D 317 84.60 23.41 18.94
CA ASN D 317 83.79 22.28 19.37
C ASN D 317 84.45 21.56 20.54
N TYR D 318 85.76 21.35 20.48
CA TYR D 318 86.47 20.66 21.55
C TYR D 318 86.34 21.40 22.87
N VAL D 319 86.59 22.71 22.86
CA VAL D 319 86.56 23.46 24.11
C VAL D 319 85.13 23.59 24.63
N LEU D 320 84.17 23.84 23.73
CA LEU D 320 82.78 23.94 24.14
C LEU D 320 82.19 22.61 24.56
N GLY D 321 82.87 21.50 24.28
CA GLY D 321 82.43 20.21 24.79
C GLY D 321 82.43 20.11 26.30
N TYR D 322 83.13 21.02 26.97
CA TYR D 322 83.11 21.04 28.43
C TYR D 322 81.81 21.59 28.99
N TYR D 323 81.02 22.27 28.16
CA TYR D 323 79.70 22.76 28.54
C TYR D 323 78.59 21.84 28.05
N ASN D 324 78.93 20.66 27.55
CA ASN D 324 77.95 19.69 27.08
C ASN D 324 77.72 18.68 28.20
N ASP D 325 76.87 19.08 29.15
CA ASP D 325 76.62 18.25 30.31
C ASP D 325 75.83 16.99 29.93
N PRO D 326 75.92 15.94 30.74
CA PRO D 326 75.08 14.77 30.49
C PRO D 326 73.60 15.12 30.58
N ALA D 327 72.81 14.46 29.76
CA ALA D 327 71.38 14.70 29.75
C ALA D 327 70.79 14.36 31.11
N TYR D 328 69.97 15.27 31.63
CA TYR D 328 69.46 15.14 32.98
C TYR D 328 68.50 13.96 33.11
N LEU D 329 68.57 13.27 34.25
CA LEU D 329 67.67 12.18 34.56
C LEU D 329 67.34 12.28 36.04
N GLU D 330 66.11 12.66 36.34
CA GLU D 330 65.64 12.82 37.71
C GLU D 330 64.44 11.93 37.96
N GLY D 331 64.41 11.31 39.13
CA GLY D 331 63.32 10.41 39.49
C GLY D 331 63.81 9.02 39.84
N ASP D 332 63.22 8.44 40.89
CA ASP D 332 63.62 7.10 41.31
C ASP D 332 63.15 6.06 40.29
N ILE D 333 63.89 4.96 40.21
CA ILE D 333 63.58 3.91 39.25
C ILE D 333 62.23 3.26 39.55
N SER D 334 61.75 3.36 40.79
CA SER D 334 60.44 2.83 41.12
C SER D 334 59.33 3.47 40.30
N GLU D 335 59.56 4.68 39.78
CA GLU D 335 58.57 5.31 38.93
C GLU D 335 58.29 4.50 37.67
N LEU D 336 59.20 3.60 37.31
CA LEU D 336 59.00 2.73 36.15
C LEU D 336 58.03 1.59 36.43
N ASP D 337 57.52 1.48 37.66
CA ASP D 337 56.53 0.47 37.98
C ASP D 337 55.10 0.92 37.69
N LYS D 338 54.91 2.19 37.34
CA LYS D 338 53.58 2.72 37.09
C LYS D 338 53.12 2.36 35.68
N ASN D 339 51.92 2.80 35.33
CA ASN D 339 51.35 2.59 34.01
C ASN D 339 50.95 3.94 33.41
N ASP D 340 51.06 4.04 32.09
CA ASP D 340 50.80 5.28 31.38
C ASP D 340 49.41 5.35 30.76
N TYR D 341 48.78 4.22 30.47
CA TYR D 341 47.51 4.19 29.75
C TYR D 341 46.41 3.56 30.59
N ASP D 342 46.35 3.91 31.87
CA ASP D 342 45.23 3.46 32.70
C ASP D 342 43.94 4.16 32.32
N HIS D 343 44.02 5.41 31.86
CA HIS D 343 42.83 6.16 31.49
C HIS D 343 42.09 5.53 30.32
N LEU D 344 42.73 4.64 29.57
CA LEU D 344 42.08 3.94 28.48
C LEU D 344 41.46 2.62 28.92
N ALA D 345 41.71 2.18 30.15
CA ALA D 345 41.26 0.85 30.57
C ALA D 345 39.75 0.72 30.47
N SER D 346 39.02 1.79 30.78
CA SER D 346 37.57 1.74 30.74
C SER D 346 37.03 1.45 29.35
N TRP D 347 37.80 1.74 28.30
CA TRP D 347 37.29 1.59 26.94
C TRP D 347 37.23 0.14 26.50
N GLY D 348 38.06 -0.73 27.08
CA GLY D 348 38.06 -2.11 26.66
C GLY D 348 38.64 -2.29 25.26
N LYS D 349 38.34 -3.45 24.69
CA LYS D 349 38.81 -3.81 23.35
C LYS D 349 37.62 -3.98 22.43
N ASP D 350 37.70 -3.39 21.24
CA ASP D 350 36.68 -3.55 20.22
C ASP D 350 36.91 -4.85 19.46
N ALA D 351 36.08 -5.08 18.44
CA ALA D 351 36.16 -6.32 17.69
C ALA D 351 37.51 -6.48 17.01
N PHE D 352 38.02 -5.41 16.39
CA PHE D 352 39.29 -5.51 15.69
C PHE D 352 40.44 -5.74 16.66
N LEU D 353 40.42 -5.07 17.81
CA LEU D 353 41.46 -5.29 18.81
C LEU D 353 41.41 -6.72 19.35
N ARG D 354 40.20 -7.23 19.59
CA ARG D 354 40.06 -8.62 20.04
C ARG D 354 40.59 -9.59 18.99
N ARG D 355 40.30 -9.33 17.72
CA ARG D 355 40.83 -10.17 16.65
C ARG D 355 42.35 -10.13 16.63
N LEU D 356 42.94 -8.95 16.78
CA LEU D 356 44.40 -8.84 16.76
C LEU D 356 45.01 -9.57 17.94
N GLU D 357 44.40 -9.45 19.13
CA GLU D 357 44.90 -10.18 20.29
C GLU D 357 44.80 -11.68 20.07
N PHE D 358 43.69 -12.13 19.49
CA PHE D 358 43.50 -13.56 19.25
C PHE D 358 44.52 -14.10 18.25
N GLU D 359 44.76 -13.38 17.16
CA GLU D 359 45.66 -13.86 16.13
C GLU D 359 47.12 -13.73 16.51
N ASN D 360 47.49 -12.70 17.27
CA ASN D 360 48.87 -12.44 17.61
C ASN D 360 49.17 -12.73 19.07
N GLY D 361 48.26 -13.38 19.79
CA GLY D 361 48.47 -13.71 21.17
C GLY D 361 49.22 -15.02 21.34
N PRO D 362 49.15 -15.61 22.54
CA PRO D 362 49.85 -16.88 22.76
C PRO D 362 49.34 -18.01 21.89
N LEU D 363 48.10 -17.90 21.37
CA LEU D 363 47.53 -18.91 20.50
C LEU D 363 47.79 -18.61 19.03
N ARG D 364 48.78 -17.77 18.72
CA ARG D 364 48.98 -17.33 17.35
C ARG D 364 49.36 -18.50 16.44
N ASP D 365 50.19 -19.42 16.94
CA ASP D 365 50.60 -20.56 16.12
C ASP D 365 49.41 -21.43 15.74
N GLN D 366 48.52 -21.70 16.70
CA GLN D 366 47.34 -22.53 16.42
C GLN D 366 46.44 -21.86 15.40
N VAL D 367 46.21 -20.55 15.55
CA VAL D 367 45.36 -19.82 14.61
C VAL D 367 45.98 -19.82 13.23
N GLU D 368 47.30 -19.60 13.15
CA GLU D 368 47.96 -19.60 11.85
C GLU D 368 47.84 -20.97 11.17
N ALA D 369 48.05 -22.04 11.92
CA ALA D 369 47.93 -23.38 11.35
C ALA D 369 46.52 -23.64 10.85
N HIS D 370 45.52 -23.32 11.68
CA HIS D 370 44.14 -23.55 11.27
C HIS D 370 43.78 -22.74 10.03
N THR D 371 44.17 -21.47 10.01
CA THR D 371 43.85 -20.61 8.86
C THR D 371 44.51 -21.12 7.59
N GLN D 372 45.79 -21.50 7.67
CA GLN D 372 46.47 -21.98 6.47
C GLN D 372 45.89 -23.29 5.98
N ARG D 373 45.55 -24.20 6.91
CA ARG D 373 44.93 -25.45 6.51
C ARG D 373 43.58 -25.21 5.82
N LEU D 374 42.78 -24.31 6.39
CA LEU D 374 41.48 -24.00 5.79
C LEU D 374 41.65 -23.39 4.40
N LEU D 375 42.60 -22.47 4.25
CA LEU D 375 42.83 -21.85 2.95
C LEU D 375 43.32 -22.89 1.93
N ALA D 376 44.20 -23.80 2.36
CA ALA D 376 44.68 -24.83 1.46
C ALA D 376 43.53 -25.74 1.02
N GLU D 377 42.66 -26.12 1.95
CA GLU D 377 41.51 -26.95 1.59
C GLU D 377 40.62 -26.24 0.59
N ARG D 378 40.35 -24.95 0.82
CA ARG D 378 39.49 -24.20 -0.10
C ARG D 378 40.14 -24.08 -1.48
N ALA D 379 41.46 -23.86 -1.51
CA ALA D 379 42.15 -23.78 -2.80
C ALA D 379 42.09 -25.10 -3.54
N ALA D 380 42.28 -26.22 -2.82
CA ALA D 380 42.19 -27.53 -3.45
C ALA D 380 40.79 -27.77 -3.99
N ILE D 381 39.76 -27.41 -3.22
CA ILE D 381 38.39 -27.59 -3.67
C ILE D 381 38.12 -26.75 -4.90
N ALA D 382 38.66 -25.52 -4.93
CA ALA D 382 38.45 -24.65 -6.08
C ALA D 382 39.03 -25.25 -7.35
N LYS D 383 40.22 -25.85 -7.25
CA LYS D 383 40.86 -26.46 -8.41
C LYS D 383 40.20 -27.79 -8.75
N VAL E 2 61.79 40.07 32.77
CA VAL E 2 61.56 40.16 34.21
C VAL E 2 60.06 40.21 34.49
N LEU E 3 59.30 40.76 33.55
CA LEU E 3 57.85 40.81 33.69
C LEU E 3 57.22 39.47 33.31
N PHE E 4 57.54 38.98 32.12
CA PHE E 4 57.04 37.71 31.63
C PHE E 4 58.22 36.82 31.25
N SER E 5 58.09 35.52 31.52
CA SER E 5 59.12 34.57 31.16
C SER E 5 59.00 34.16 29.70
N THR E 6 60.15 34.00 29.06
CA THR E 6 60.22 33.51 27.69
C THR E 6 60.25 31.99 27.62
N TYR E 7 60.31 31.31 28.75
CA TYR E 7 60.43 29.86 28.80
C TYR E 7 59.08 29.24 29.11
N ARG E 8 58.78 28.13 28.41
CA ARG E 8 57.55 27.40 28.65
C ARG E 8 57.55 26.73 30.02
N SER E 9 58.71 26.62 30.67
CA SER E 9 58.79 25.95 31.96
C SER E 9 58.19 26.75 33.09
N SER E 10 57.96 28.05 32.89
CA SER E 10 57.32 28.88 33.92
C SER E 10 55.84 28.54 33.95
N ARG E 11 55.47 27.68 34.88
CA ARG E 11 54.10 27.17 34.94
C ARG E 11 53.16 28.19 35.55
N LEU E 12 51.94 28.24 35.03
CA LEU E 12 50.89 29.13 35.53
C LEU E 12 49.86 28.39 36.37
N VAL E 13 49.82 27.06 36.30
CA VAL E 13 48.87 26.26 37.06
C VAL E 13 49.61 25.05 37.63
N SER E 14 48.90 24.31 38.47
CA SER E 14 49.46 23.10 39.06
C SER E 14 49.40 21.95 38.07
N LYS E 15 50.21 20.92 38.33
CA LYS E 15 50.26 19.78 37.44
C LYS E 15 48.95 18.99 37.45
N GLU E 16 48.19 19.07 38.54
CA GLU E 16 46.98 18.28 38.70
C GLU E 16 45.72 19.06 38.38
N PHE E 17 45.85 20.23 37.76
CA PHE E 17 44.69 21.06 37.45
C PHE E 17 43.90 20.42 36.31
N LEU E 18 42.64 20.08 36.58
CA LEU E 18 41.75 19.47 35.59
C LEU E 18 42.35 18.20 35.01
N HIS E 19 42.95 17.38 35.90
CA HIS E 19 43.58 16.15 35.43
C HIS E 19 42.56 15.17 34.87
N GLY E 20 41.42 15.03 35.53
CA GLY E 20 40.44 14.04 35.15
C GLY E 20 39.81 14.31 33.79
N PRO E 21 39.24 15.50 33.62
CA PRO E 21 38.68 15.83 32.30
C PRO E 21 39.70 15.76 31.17
N VAL E 22 40.93 16.20 31.44
CA VAL E 22 41.97 16.14 30.43
C VAL E 22 42.30 14.69 30.08
N MET E 23 42.34 13.82 31.07
CA MET E 23 42.63 12.41 30.81
C MET E 23 41.50 11.77 30.01
N ARG E 24 40.24 12.13 30.30
CA ARG E 24 39.14 11.62 29.49
C ARG E 24 39.24 12.11 28.05
N PHE E 25 39.60 13.38 27.87
CA PHE E 25 39.79 13.92 26.53
C PHE E 25 40.90 13.19 25.78
N ARG E 26 42.02 12.94 26.46
CA ARG E 26 43.13 12.22 25.84
C ARG E 26 42.77 10.77 25.55
N ALA E 27 41.97 10.14 26.41
CA ALA E 27 41.50 8.80 26.12
C ALA E 27 40.65 8.78 24.86
N LEU E 28 39.77 9.76 24.70
CA LEU E 28 38.98 9.86 23.48
C LEU E 28 39.88 10.02 22.26
N GLY E 29 40.91 10.86 22.37
CA GLY E 29 41.80 11.07 21.24
C GLY E 29 42.64 9.85 20.89
N GLU E 30 43.14 9.14 21.90
CA GLU E 30 44.17 8.13 21.68
C GLU E 30 43.62 6.77 21.28
N TYR E 31 42.37 6.46 21.60
CA TYR E 31 41.90 5.09 21.47
C TYR E 31 41.94 4.60 20.03
N TYR E 32 41.51 5.44 19.09
CA TYR E 32 41.47 5.05 17.68
C TYR E 32 42.67 5.55 16.88
N PHE E 33 43.34 6.61 17.33
CA PHE E 33 44.37 7.24 16.52
C PHE E 33 45.76 6.67 16.77
N GLN E 34 46.09 6.37 18.02
CA GLN E 34 47.42 5.85 18.36
C GLN E 34 47.45 4.34 18.15
N ARG E 35 47.49 3.97 16.87
CA ARG E 35 47.53 2.57 16.47
C ARG E 35 48.47 2.42 15.29
N ALA E 36 49.00 1.20 15.13
CA ALA E 36 49.96 0.94 14.07
C ALA E 36 49.36 1.18 12.70
N TRP E 37 48.12 0.75 12.49
CA TRP E 37 47.45 0.90 11.21
C TRP E 37 46.92 2.30 10.96
N ASN E 38 47.05 3.21 11.93
CA ASN E 38 46.64 4.61 11.74
C ASN E 38 47.83 5.45 11.32
N GLY E 39 48.43 5.07 10.20
CA GLY E 39 49.51 5.83 9.61
C GLY E 39 49.00 6.88 8.65
N THR E 40 49.21 8.15 8.97
CA THR E 40 48.64 9.24 8.19
C THR E 40 49.53 9.59 7.01
N LEU E 41 48.90 10.20 6.00
CA LEU E 41 49.60 10.77 4.86
C LEU E 41 49.70 12.27 5.08
N ASN E 42 50.86 12.73 5.52
CA ASN E 42 51.12 14.16 5.75
C ASN E 42 50.14 14.74 6.76
N TRP E 43 49.78 13.94 7.76
CA TRP E 43 48.95 14.31 8.90
C TRP E 43 47.48 14.54 8.54
N ALA E 44 47.10 14.43 7.28
CA ALA E 44 45.76 14.79 6.85
C ALA E 44 44.86 13.59 6.57
N LEU E 45 45.42 12.50 6.06
CA LEU E 45 44.63 11.32 5.71
C LEU E 45 45.03 10.15 6.60
N PRO E 46 44.22 9.77 7.58
CA PRO E 46 44.60 8.66 8.48
C PRO E 46 44.41 7.31 7.80
N GLY E 47 44.97 6.29 8.44
CA GLY E 47 44.89 4.93 7.95
C GLY E 47 43.69 4.17 8.47
N GLU E 48 43.15 4.60 9.60
CA GLU E 48 41.99 3.93 10.18
C GLU E 48 40.76 4.18 9.31
N TYR E 49 40.09 3.09 8.92
CA TYR E 49 38.89 3.20 8.09
C TYR E 49 37.76 3.90 8.84
N ARG E 50 37.59 3.59 10.12
CA ARG E 50 36.44 4.08 10.86
C ARG E 50 36.46 5.60 11.00
N LEU E 51 37.65 6.21 10.95
CA LEU E 51 37.72 7.65 10.98
C LEU E 51 37.03 8.26 9.76
N TYR E 52 37.30 7.69 8.57
CA TYR E 52 36.56 8.10 7.39
C TYR E 52 35.07 7.85 7.57
N ALA E 53 34.72 6.62 7.98
CA ALA E 53 33.32 6.24 8.11
C ALA E 53 32.54 7.18 9.01
N VAL E 54 33.19 7.75 10.01
CA VAL E 54 32.51 8.64 10.94
C VAL E 54 32.56 10.09 10.47
N MET E 55 33.71 10.54 9.95
CA MET E 55 33.90 11.96 9.73
C MET E 55 33.31 12.45 8.41
N ILE E 56 33.33 11.63 7.37
CA ILE E 56 32.72 12.05 6.10
C ILE E 56 31.24 12.35 6.27
N PRO E 57 30.42 11.47 6.86
CA PRO E 57 29.01 11.84 7.09
C PRO E 57 28.82 13.06 7.96
N PHE E 58 29.59 13.21 9.03
CA PHE E 58 29.41 14.34 9.93
C PHE E 58 29.72 15.66 9.22
N ILE E 59 30.82 15.68 8.47
CA ILE E 59 31.19 16.89 7.74
C ILE E 59 30.11 17.24 6.72
N TYR E 60 29.65 16.24 5.97
CA TYR E 60 28.58 16.49 5.01
C TYR E 60 27.32 17.00 5.70
N PHE E 61 26.96 16.40 6.84
CA PHE E 61 25.73 16.77 7.51
C PHE E 61 25.74 18.23 7.94
N TYR E 62 26.80 18.66 8.63
CA TYR E 62 26.78 20.03 9.13
C TYR E 62 26.95 21.03 7.98
N HIS E 63 27.74 20.69 6.95
CA HIS E 63 27.82 21.57 5.80
C HIS E 63 26.48 21.70 5.10
N ARG E 64 25.75 20.58 4.96
CA ARG E 64 24.46 20.63 4.29
C ARG E 64 23.45 21.44 5.11
N TRP E 65 23.45 21.27 6.42
CA TRP E 65 22.55 22.08 7.25
C TRP E 65 22.84 23.56 7.07
N HIS E 66 24.12 23.92 7.10
CA HIS E 66 24.49 25.32 6.90
C HIS E 66 24.03 25.82 5.53
N ASN E 67 24.27 25.03 4.49
CA ASN E 67 23.89 25.45 3.14
C ASN E 67 22.38 25.62 3.00
N ASP E 68 21.61 24.68 3.55
CA ASP E 68 20.17 24.71 3.38
C ASP E 68 19.54 25.84 4.18
N HIS E 69 20.05 26.11 5.38
CA HIS E 69 19.40 27.06 6.28
C HIS E 69 20.03 28.44 6.26
N THR E 70 21.15 28.64 5.59
CA THR E 70 21.81 29.94 5.61
C THR E 70 22.14 30.47 4.22
N LEU E 71 22.50 29.61 3.28
CA LEU E 71 22.99 30.03 1.97
C LEU E 71 21.91 29.98 0.90
N ASP E 72 21.29 28.80 0.70
CA ASP E 72 20.25 28.69 -0.31
C ASP E 72 18.99 29.44 0.10
N ARG E 73 18.78 29.63 1.41
CA ARG E 73 17.62 30.37 1.88
C ARG E 73 17.59 31.78 1.28
N ASP E 74 18.75 32.38 1.05
CA ASP E 74 18.80 33.71 0.48
C ASP E 74 18.22 33.72 -0.93
N HIS E 75 18.63 32.76 -1.77
CA HIS E 75 18.09 32.66 -3.12
C HIS E 75 16.59 32.38 -3.08
N VAL E 76 16.16 31.50 -2.17
CA VAL E 76 14.74 31.17 -2.08
C VAL E 76 13.93 32.41 -1.74
N GLU E 77 14.39 33.18 -0.74
CA GLU E 77 13.69 34.39 -0.36
C GLU E 77 13.69 35.42 -1.47
N LYS E 78 14.79 35.53 -2.21
CA LYS E 78 14.81 36.45 -3.34
C LYS E 78 13.76 36.08 -4.37
N ALA E 79 13.66 34.80 -4.70
CA ALA E 79 12.65 34.37 -5.67
C ALA E 79 11.25 34.68 -5.18
N MET E 80 10.98 34.40 -3.89
CA MET E 80 9.66 34.68 -3.35
C MET E 80 9.34 36.16 -3.41
N ILE E 81 10.30 37.02 -3.05
CA ILE E 81 10.05 38.46 -3.04
C ILE E 81 9.86 38.98 -4.46
N MET E 82 10.68 38.53 -5.40
CA MET E 82 10.64 39.09 -6.75
C MET E 82 9.40 38.63 -7.50
N ARG E 83 8.96 37.39 -7.28
CA ARG E 83 7.84 36.85 -8.03
C ARG E 83 6.48 37.20 -7.45
N TRP E 84 6.42 37.74 -6.24
CA TRP E 84 5.15 37.95 -5.54
C TRP E 84 5.10 39.33 -4.89
N GLY E 85 5.48 40.35 -5.66
CA GLY E 85 5.25 41.72 -5.24
C GLY E 85 6.49 42.60 -5.23
N GLY E 86 7.66 42.00 -5.07
CA GLY E 86 8.87 42.77 -4.95
C GLY E 86 9.13 43.35 -3.59
N THR E 87 8.38 42.93 -2.57
CA THR E 87 8.56 43.42 -1.21
C THR E 87 8.27 42.30 -0.24
N LEU E 88 8.92 42.36 0.93
CA LEU E 88 8.76 41.32 1.94
C LEU E 88 7.34 41.29 2.46
N GLU E 89 6.73 42.45 2.66
CA GLU E 89 5.35 42.50 3.15
C GLU E 89 4.40 41.81 2.18
N ASP E 90 4.63 41.98 0.88
CA ASP E 90 3.79 41.32 -0.11
C ASP E 90 3.87 39.80 0.03
N VAL E 91 5.07 39.27 0.25
CA VAL E 91 5.21 37.83 0.46
C VAL E 91 4.51 37.41 1.74
N ARG E 92 4.68 38.18 2.82
CA ARG E 92 4.04 37.86 4.08
C ARG E 92 2.52 37.93 3.99
N LYS E 93 1.99 38.61 2.96
CA LYS E 93 0.55 38.61 2.75
C LYS E 93 0.04 37.24 2.32
N LEU E 94 0.90 36.40 1.78
CA LEU E 94 0.54 35.03 1.44
C LEU E 94 0.48 34.18 2.69
N SER E 95 -0.17 33.02 2.56
CA SER E 95 -0.22 32.06 3.64
C SER E 95 0.99 31.13 3.60
N ALA E 96 1.19 30.39 4.69
CA ALA E 96 2.32 29.49 4.78
C ALA E 96 2.26 28.42 3.69
N LYS E 97 1.05 27.94 3.38
CA LYS E 97 0.90 26.93 2.33
C LYS E 97 1.34 27.48 0.97
N ASP E 98 0.95 28.71 0.65
CA ASP E 98 1.35 29.31 -0.61
C ASP E 98 2.86 29.48 -0.68
N GLN E 99 3.48 29.93 0.42
CA GLN E 99 4.93 30.05 0.45
C GLN E 99 5.59 28.70 0.27
N LEU E 100 5.02 27.65 0.87
CA LEU E 100 5.53 26.30 0.68
C LEU E 100 5.51 25.91 -0.80
N ARG E 101 4.40 26.21 -1.49
CA ARG E 101 4.31 25.90 -2.91
C ARG E 101 5.40 26.62 -3.69
N VAL E 102 5.59 27.92 -3.41
CA VAL E 102 6.56 28.72 -4.15
C VAL E 102 7.97 28.18 -3.91
N ARG E 103 8.30 27.89 -2.66
CA ARG E 103 9.64 27.39 -2.34
C ARG E 103 9.89 26.04 -2.99
N CYS E 104 8.89 25.17 -3.02
CA CYS E 104 9.08 23.87 -3.65
C CYS E 104 9.23 24.01 -5.17
N PHE E 105 8.57 24.99 -5.77
CA PHE E 105 8.82 25.25 -7.19
C PHE E 105 10.25 25.69 -7.42
N THR E 106 10.79 26.52 -6.52
CA THR E 106 12.19 26.91 -6.60
C THR E 106 13.09 25.68 -6.54
N ASP E 107 12.75 24.73 -5.66
CA ASP E 107 13.51 23.48 -5.59
C ASP E 107 13.44 22.71 -6.90
N ILE E 108 12.26 22.67 -7.52
CA ILE E 108 12.11 22.02 -8.82
C ILE E 108 13.07 22.64 -9.83
N GLU E 109 13.07 23.97 -9.91
CA GLU E 109 13.97 24.65 -10.83
C GLU E 109 15.42 24.28 -10.57
N LYS E 110 15.79 24.16 -9.29
CA LYS E 110 17.17 23.77 -8.97
C LYS E 110 17.47 22.37 -9.48
N LEU E 111 16.54 21.44 -9.35
CA LEU E 111 16.82 20.04 -9.69
C LEU E 111 16.92 19.80 -11.20
N TYR E 112 16.12 20.51 -12.00
CA TYR E 112 16.27 20.52 -13.46
C TYR E 112 17.58 21.19 -13.87
N SER E 113 17.69 22.43 -13.46
CA SER E 113 18.84 23.30 -13.67
C SER E 113 19.23 23.48 -15.15
N ALA E 114 20.22 22.71 -15.67
CA ALA E 114 20.45 22.72 -17.13
C ALA E 114 19.71 21.66 -17.94
N TYR E 115 19.07 20.69 -17.32
CA TYR E 115 18.37 19.68 -18.12
C TYR E 115 16.86 19.76 -18.12
N GLY E 116 16.22 20.45 -17.19
CA GLY E 116 14.79 20.49 -17.22
C GLY E 116 14.24 21.26 -18.40
N PRO E 117 12.92 21.16 -18.53
CA PRO E 117 12.20 21.96 -19.52
C PRO E 117 12.45 23.45 -19.30
N LYS E 118 12.53 24.17 -20.41
CA LYS E 118 12.80 25.60 -20.38
C LYS E 118 11.54 26.44 -20.32
N ASP E 119 10.37 25.81 -20.27
CA ASP E 119 9.13 26.54 -20.07
C ASP E 119 8.90 26.94 -18.63
N THR E 120 9.75 26.49 -17.71
CA THR E 120 9.66 26.93 -16.32
C THR E 120 10.09 28.38 -16.14
N TYR E 121 10.86 28.92 -17.08
CA TYR E 121 11.29 30.31 -17.02
C TYR E 121 11.12 31.06 -18.33
N LEU E 122 10.89 30.37 -19.44
CA LEU E 122 10.60 31.01 -20.72
C LEU E 122 9.10 30.91 -20.98
N GLN E 123 8.44 32.05 -21.10
CA GLN E 123 7.00 32.07 -21.33
C GLN E 123 6.71 31.76 -22.78
N PRO E 124 5.99 30.68 -23.09
CA PRO E 124 5.65 30.40 -24.48
C PRO E 124 4.73 31.48 -25.02
N PRO E 125 4.79 31.75 -26.32
CA PRO E 125 3.87 32.74 -26.90
C PRO E 125 2.42 32.28 -26.73
N GLY E 126 1.56 33.24 -26.40
CA GLY E 126 0.17 32.96 -26.17
C GLY E 126 -0.18 32.55 -24.76
N ASP E 127 0.81 32.37 -23.89
CA ASP E 127 0.53 31.99 -22.51
C ASP E 127 -0.20 33.12 -21.79
N THR E 128 -1.17 32.75 -20.96
CA THR E 128 -2.03 33.72 -20.29
C THR E 128 -1.51 34.11 -18.91
N LEU E 129 -0.42 33.50 -18.45
CA LEU E 129 0.09 33.81 -17.12
C LEU E 129 0.76 35.18 -17.11
N PRO E 130 0.92 35.76 -15.92
CA PRO E 130 1.54 37.10 -15.82
C PRO E 130 2.96 37.10 -16.36
N GLY E 131 3.34 38.25 -16.92
CA GLY E 131 4.67 38.44 -17.46
C GLY E 131 5.58 39.22 -16.53
N LYS E 132 6.66 39.73 -17.10
CA LYS E 132 7.67 40.43 -16.31
C LYS E 132 7.20 41.83 -15.88
N ASP E 133 6.34 42.46 -16.68
CA ASP E 133 5.82 43.79 -16.37
C ASP E 133 4.52 43.73 -15.58
N PHE E 134 4.28 42.64 -14.85
CA PHE E 134 3.03 42.48 -14.12
C PHE E 134 2.92 43.48 -12.98
N TYR E 135 3.98 43.62 -12.19
CA TYR E 135 3.98 44.51 -11.04
C TYR E 135 4.50 45.90 -11.35
N ARG E 136 5.02 46.13 -12.55
CA ARG E 136 5.54 47.45 -12.92
C ARG E 136 4.41 48.37 -13.36
N VAL F 2 68.04 19.61 27.61
CA VAL F 2 68.83 20.56 26.83
C VAL F 2 67.89 21.56 26.17
N TYR F 3 68.44 22.69 25.72
CA TYR F 3 67.63 23.79 25.23
C TYR F 3 67.33 23.65 23.75
N THR F 4 66.06 23.76 23.39
CA THR F 4 65.61 23.86 22.01
C THR F 4 64.56 24.95 21.92
N ARG F 5 64.56 25.68 20.81
CA ARG F 5 63.60 26.77 20.65
C ARG F 5 62.17 26.26 20.64
N TRP F 6 61.92 25.16 19.94
CA TRP F 6 60.55 24.69 19.76
C TRP F 6 59.96 24.13 21.05
N LYS F 7 60.80 23.59 21.93
CA LYS F 7 60.33 22.94 23.14
C LYS F 7 60.38 23.83 24.37
N CYS F 8 61.32 24.76 24.43
CA CYS F 8 61.54 25.55 25.63
C CYS F 8 60.94 26.94 25.57
N ASP F 9 60.89 27.56 24.40
CA ASP F 9 60.36 28.91 24.27
C ASP F 9 58.84 28.88 24.18
N ARG F 10 58.22 29.96 24.67
CA ARG F 10 56.79 30.12 24.52
C ARG F 10 56.45 30.49 23.08
N LEU F 11 55.15 30.36 22.75
CA LEU F 11 54.75 30.46 21.36
C LEU F 11 55.09 31.80 20.73
N PRO F 12 54.80 32.96 21.35
CA PRO F 12 55.19 34.23 20.72
C PRO F 12 56.68 34.35 20.48
N VAL F 13 57.49 33.91 21.45
CA VAL F 13 58.94 33.97 21.29
C VAL F 13 59.39 33.09 20.14
N PHE F 14 58.85 31.87 20.05
CA PHE F 14 59.21 30.99 18.96
C PHE F 14 58.76 31.55 17.62
N GLN F 15 57.60 32.21 17.59
CA GLN F 15 57.13 32.82 16.35
C GLN F 15 58.10 33.88 15.87
N LEU F 16 58.54 34.76 16.78
CA LEU F 16 59.52 35.78 16.40
C LEU F 16 60.81 35.15 15.93
N LYS F 17 61.30 34.14 16.65
CA LYS F 17 62.54 33.48 16.25
C LYS F 17 62.39 32.80 14.89
N LEU F 18 61.25 32.16 14.66
CA LEU F 18 61.03 31.45 13.41
C LEU F 18 61.05 32.41 12.23
N PHE F 19 60.41 33.56 12.37
CA PHE F 19 60.32 34.50 11.26
C PHE F 19 61.43 35.55 11.26
N THR F 20 62.39 35.46 12.17
CA THR F 20 63.52 36.38 12.16
C THR F 20 64.87 35.70 11.93
N GLN F 21 65.06 34.48 12.41
CA GLN F 21 66.31 33.76 12.19
C GLN F 21 66.14 32.46 11.42
N GLU F 22 64.93 32.13 10.97
CA GLU F 22 64.70 30.97 10.13
C GLU F 22 64.14 31.35 8.77
N TYR F 23 63.09 32.18 8.73
CA TYR F 23 62.47 32.62 7.48
C TYR F 23 62.27 34.13 7.50
N PRO F 24 63.37 34.91 7.56
CA PRO F 24 63.21 36.37 7.57
C PRO F 24 62.85 36.93 6.20
N MET F 25 63.43 36.39 5.12
CA MET F 25 63.12 36.88 3.79
C MET F 25 61.67 36.62 3.43
N HIS F 26 61.16 35.43 3.77
CA HIS F 26 59.77 35.12 3.49
C HIS F 26 58.83 36.05 4.23
N ALA F 27 59.14 36.35 5.50
CA ALA F 27 58.33 37.30 6.26
C ALA F 27 58.37 38.68 5.61
N ALA F 28 59.55 39.11 5.19
CA ALA F 28 59.68 40.42 4.55
C ALA F 28 58.84 40.49 3.27
N VAL F 29 58.92 39.45 2.44
CA VAL F 29 58.16 39.44 1.20
C VAL F 29 56.66 39.42 1.48
N GLY F 30 56.26 38.65 2.50
CA GLY F 30 54.85 38.60 2.86
C GLY F 30 54.32 39.94 3.33
N ILE F 31 55.10 40.63 4.16
CA ILE F 31 54.70 41.96 4.61
C ILE F 31 54.62 42.92 3.44
N PHE F 32 55.59 42.85 2.52
CA PHE F 32 55.54 43.65 1.30
C PHE F 32 54.25 43.42 0.55
N THR F 33 53.87 42.15 0.36
CA THR F 33 52.66 41.83 -0.39
C THR F 33 51.41 42.29 0.35
N ILE F 34 51.41 42.18 1.68
CA ILE F 34 50.27 42.65 2.47
C ILE F 34 50.08 44.15 2.28
N ILE F 35 51.18 44.91 2.34
CA ILE F 35 51.10 46.34 2.15
C ILE F 35 50.57 46.66 0.75
N PHE F 36 51.08 45.95 -0.26
CA PHE F 36 50.59 46.18 -1.61
C PHE F 36 49.10 45.91 -1.73
N LEU F 37 48.63 44.80 -1.14
CA LEU F 37 47.23 44.44 -1.25
C LEU F 37 46.34 45.50 -0.59
N TRP F 38 46.71 45.95 0.60
CA TRP F 38 45.91 46.96 1.29
C TRP F 38 46.11 48.35 0.72
N LYS F 39 47.10 48.54 -0.16
CA LYS F 39 47.30 49.83 -0.81
C LYS F 39 46.60 49.92 -2.16
N HIS F 40 46.36 48.77 -2.82
CA HIS F 40 45.80 48.78 -4.17
C HIS F 40 44.61 47.85 -4.37
N MET F 41 44.26 47.02 -3.40
CA MET F 41 43.19 46.04 -3.57
C MET F 41 42.28 46.02 -2.35
N SER F 42 41.92 47.21 -1.84
CA SER F 42 41.11 47.32 -0.64
C SER F 42 39.95 48.29 -0.82
N HIS F 43 39.49 48.47 -2.07
CA HIS F 43 38.42 49.39 -2.37
C HIS F 43 37.39 48.69 -3.25
N CYS F 44 36.13 49.10 -3.08
CA CYS F 44 35.04 48.58 -3.89
C CYS F 44 33.99 49.66 -4.06
N SER F 45 33.69 50.00 -5.30
CA SER F 45 32.68 51.01 -5.58
C SER F 45 31.28 50.47 -5.32
N GLU F 46 30.32 51.39 -5.22
CA GLU F 46 28.93 51.00 -5.00
C GLU F 46 28.41 50.16 -6.15
N GLU F 47 28.74 50.55 -7.39
CA GLU F 47 28.30 49.76 -8.55
C GLU F 47 28.89 48.37 -8.52
N THR F 48 30.17 48.25 -8.13
CA THR F 48 30.79 46.95 -8.02
C THR F 48 30.10 46.09 -6.96
N GLU F 49 29.74 46.71 -5.83
CA GLU F 49 29.01 45.99 -4.80
C GLU F 49 27.66 45.51 -5.31
N ARG F 50 26.95 46.36 -6.05
CA ARG F 50 25.64 45.97 -6.59
C ARG F 50 25.80 44.82 -7.59
N LYS F 51 26.83 44.87 -8.43
CA LYS F 51 27.01 43.83 -9.43
C LYS F 51 27.42 42.50 -8.80
N TYR F 52 28.35 42.53 -7.84
CA TYR F 52 28.97 41.31 -7.33
C TYR F 52 28.99 41.19 -5.82
N GLY F 53 28.60 42.21 -5.07
CA GLY F 53 28.80 42.23 -3.64
C GLY F 53 27.76 41.52 -2.81
N TRP F 54 26.71 40.98 -3.41
CA TRP F 54 25.60 40.39 -2.67
C TRP F 54 25.37 38.96 -3.13
N TRP F 55 25.09 38.09 -2.16
CA TRP F 55 25.05 36.65 -2.42
C TRP F 55 23.99 36.30 -3.44
N ALA F 56 22.76 36.75 -3.21
CA ALA F 56 21.64 36.47 -4.11
C ALA F 56 21.37 37.61 -5.08
N GLY F 57 22.10 38.71 -4.98
CA GLY F 57 21.84 39.89 -5.80
C GLY F 57 21.53 41.10 -4.94
N TYR F 58 21.62 42.27 -5.53
CA TYR F 58 21.40 43.50 -4.77
C TYR F 58 19.91 43.73 -4.56
N PRO F 59 19.45 43.89 -3.32
CA PRO F 59 18.01 44.17 -3.09
C PRO F 59 17.64 45.64 -3.32
N TYR F 60 17.40 45.96 -4.60
CA TYR F 60 17.01 47.32 -4.95
C TYR F 60 15.73 47.75 -4.25
N TRP F 61 14.87 46.80 -3.90
CA TRP F 61 13.58 47.13 -3.31
C TRP F 61 13.72 47.80 -1.94
N ARG F 62 14.90 47.72 -1.31
CA ARG F 62 15.17 48.47 -0.10
C ARG F 62 16.45 49.31 -0.18
N ASP F 63 17.34 49.05 -1.14
CA ASP F 63 18.52 49.87 -1.40
C ASP F 63 19.33 50.09 -0.13
N PRO F 64 19.93 49.04 0.42
CA PRO F 64 20.68 49.19 1.68
C PRO F 64 21.88 50.11 1.55
N ILE F 65 22.46 50.26 0.36
CA ILE F 65 23.61 51.15 0.20
C ILE F 65 23.20 52.59 0.48
N ALA F 66 22.02 52.99 -0.02
CA ALA F 66 21.54 54.34 0.24
C ALA F 66 21.31 54.58 1.72
N ARG F 67 20.75 53.60 2.42
CA ARG F 67 20.53 53.74 3.85
C ARG F 67 21.86 53.85 4.59
N ARG F 68 22.84 53.04 4.19
CA ARG F 68 24.16 53.09 4.81
C ARG F 68 24.80 54.46 4.63
N ASN F 69 24.75 54.99 3.40
CA ASN F 69 25.32 56.30 3.15
C ASN F 69 24.55 57.39 3.90
N GLU F 70 23.22 57.25 3.99
CA GLU F 70 22.44 58.23 4.73
C GLU F 70 22.83 58.26 6.20
N THR F 71 22.99 57.08 6.81
CA THR F 71 23.46 57.04 8.19
C THR F 71 24.84 57.66 8.33
N LYS F 72 25.73 57.35 7.40
CA LYS F 72 27.09 57.91 7.43
C LYS F 72 27.04 59.43 7.41
N TYR F 73 26.29 60.01 6.45
CA TYR F 73 26.29 61.45 6.28
C TYR F 73 25.56 62.15 7.41
N LYS F 74 24.47 61.56 7.91
CA LYS F 74 23.80 62.13 9.07
C LYS F 74 24.72 62.17 10.27
N GLN F 75 25.45 61.07 10.50
CA GLN F 75 26.38 61.02 11.62
C GLN F 75 27.47 62.09 11.47
N MET F 76 28.03 62.21 10.27
CA MET F 76 29.08 63.22 10.05
C MET F 76 28.54 64.62 10.27
N ILE F 77 27.36 64.92 9.74
CA ILE F 77 26.79 66.26 9.87
C ILE F 77 26.53 66.59 11.33
N ILE F 78 25.92 65.66 12.07
CA ILE F 78 25.56 65.93 13.45
C ILE F 78 26.80 66.06 14.32
N ASN F 79 27.79 65.19 14.12
CA ASN F 79 28.96 65.19 14.99
C ASN F 79 29.88 66.37 14.68
N ASN F 80 30.03 66.73 13.42
CA ASN F 80 30.96 67.78 13.02
C ASN F 80 30.29 69.15 12.94
N ASP F 81 29.00 69.25 13.23
CA ASP F 81 28.30 70.54 13.22
C ASP F 81 28.43 71.23 11.86
N VAL F 82 28.06 70.50 10.81
CA VAL F 82 28.17 71.00 9.44
C VAL F 82 26.88 71.72 9.08
N ASP F 83 27.01 72.94 8.56
CA ASP F 83 25.87 73.71 8.06
C ASP F 83 25.69 73.39 6.58
N ILE F 84 24.80 72.46 6.27
CA ILE F 84 24.61 72.02 4.90
C ILE F 84 23.89 73.05 4.05
N THR F 85 23.39 74.12 4.65
CA THR F 85 22.77 75.22 3.92
C THR F 85 23.78 76.27 3.49
N HIS F 86 25.06 76.05 3.76
CA HIS F 86 26.08 77.02 3.39
C HIS F 86 26.12 77.18 1.87
N PRO F 87 26.44 78.38 1.38
CA PRO F 87 26.42 78.58 -0.08
C PRO F 87 27.33 77.64 -0.84
N LYS F 88 28.45 77.21 -0.26
CA LYS F 88 29.35 76.32 -0.99
C LYS F 88 28.69 74.98 -1.27
N TRP F 89 27.85 74.50 -0.35
CA TRP F 89 27.15 73.24 -0.58
C TRP F 89 26.01 73.41 -1.58
N THR F 90 25.31 74.54 -1.52
CA THR F 90 24.15 74.78 -2.37
C THR F 90 24.47 75.56 -3.64
N GLY F 91 25.55 76.34 -3.65
CA GLY F 91 25.87 77.17 -4.79
C GLY F 91 25.10 78.46 -4.87
N CYS F 92 24.33 78.80 -3.84
CA CYS F 92 23.52 80.02 -3.85
C CYS F 92 23.42 80.54 -2.43
N SER F 93 23.09 81.82 -2.32
CA SER F 93 22.96 82.45 -1.01
C SER F 93 21.75 81.92 -0.27
N VAL F 94 21.71 82.18 1.03
CA VAL F 94 20.60 81.71 1.86
C VAL F 94 19.30 82.38 1.44
N GLU F 95 19.36 83.68 1.14
CA GLU F 95 18.15 84.39 0.72
C GLU F 95 17.61 83.82 -0.58
N GLN F 96 18.50 83.49 -1.52
CA GLN F 96 18.05 82.85 -2.75
C GLN F 96 17.43 81.50 -2.47
N LEU F 97 17.97 80.77 -1.49
CA LEU F 97 17.39 79.49 -1.10
C LEU F 97 15.98 79.68 -0.56
N GLU F 98 15.77 80.70 0.26
CA GLU F 98 14.43 80.98 0.78
C GLU F 98 13.48 81.36 -0.36
N GLU F 99 13.97 82.16 -1.31
CA GLU F 99 13.14 82.51 -2.47
C GLU F 99 12.75 81.26 -3.25
N LEU F 100 13.70 80.35 -3.46
CA LEU F 100 13.38 79.10 -4.15
C LEU F 100 12.37 78.28 -3.38
N SER F 101 12.50 78.23 -2.06
CA SER F 101 11.55 77.48 -1.25
C SER F 101 10.15 78.06 -1.38
N ARG F 102 10.03 79.39 -1.34
CA ARG F 102 8.72 80.01 -1.52
C ARG F 102 8.18 79.78 -2.93
N VAL F 103 9.05 79.72 -3.93
CA VAL F 103 8.60 79.51 -5.30
C VAL F 103 8.05 78.11 -5.47
N VAL F 104 8.89 77.09 -5.23
CA VAL F 104 8.47 75.70 -5.41
C VAL F 104 7.46 75.33 -4.33
N THR G 2 63.89 71.08 15.76
CA THR G 2 62.51 71.20 15.32
C THR G 2 62.17 70.11 14.33
N LYS G 3 60.96 69.57 14.44
CA LYS G 3 60.49 68.46 13.61
C LYS G 3 59.47 69.01 12.62
N TYR G 4 59.93 69.32 11.40
CA TYR G 4 59.06 69.89 10.38
C TYR G 4 58.23 68.84 9.66
N GLU G 5 58.67 67.58 9.65
CA GLU G 5 57.95 66.55 8.91
C GLU G 5 56.56 66.31 9.49
N LEU G 6 56.44 66.34 10.82
CA LEU G 6 55.16 66.10 11.45
C LEU G 6 54.15 67.18 11.09
N LYS G 7 54.61 68.43 10.98
CA LYS G 7 53.73 69.50 10.54
C LYS G 7 53.43 69.39 9.05
N MET G 8 54.42 68.99 8.26
CA MET G 8 54.31 69.04 6.80
C MET G 8 53.53 67.87 6.21
N GLN G 9 53.38 66.77 6.94
CA GLN G 9 52.66 65.63 6.37
C GLN G 9 51.19 65.97 6.13
N TYR G 10 50.56 66.66 7.08
CA TYR G 10 49.17 67.08 6.89
C TYR G 10 49.06 68.02 5.70
N PHE G 11 49.99 68.97 5.59
CA PHE G 11 49.95 69.93 4.49
C PHE G 11 50.11 69.24 3.15
N ASP G 12 51.03 68.27 3.06
CA ASP G 12 51.22 67.56 1.80
C ASP G 12 49.98 66.75 1.43
N GLU G 13 49.38 66.07 2.40
CA GLU G 13 48.17 65.32 2.12
C GLU G 13 47.05 66.23 1.64
N TRP G 14 46.89 67.38 2.30
CA TRP G 14 45.88 68.34 1.88
C TRP G 14 46.14 68.84 0.47
N MET G 15 47.40 69.15 0.15
CA MET G 15 47.74 69.62 -1.18
C MET G 15 47.40 68.57 -2.22
N ILE G 16 47.67 67.30 -1.93
CA ILE G 16 47.30 66.23 -2.85
C ILE G 16 45.79 66.18 -3.02
N ARG G 17 45.04 66.32 -1.92
CA ARG G 17 43.59 66.31 -2.02
C ARG G 17 43.06 67.54 -2.76
N TRP G 18 43.71 68.68 -2.62
CA TRP G 18 43.31 69.93 -3.24
C TRP G 18 44.36 70.40 -4.24
N ARG G 19 44.88 69.48 -5.03
CA ARG G 19 45.93 69.80 -5.99
C ARG G 19 45.42 70.65 -7.15
N LYS G 20 44.10 70.78 -7.31
CA LYS G 20 43.57 71.62 -8.38
C LYS G 20 44.05 73.06 -8.25
N PHE G 21 44.19 73.54 -7.01
CA PHE G 21 44.61 74.91 -6.76
C PHE G 21 46.12 75.04 -6.66
N GLN G 22 46.86 74.13 -7.26
CA GLN G 22 48.32 74.17 -7.24
C GLN G 22 48.79 75.11 -8.34
N THR G 23 49.29 76.28 -7.96
CA THR G 23 49.84 77.21 -8.94
C THR G 23 51.17 76.67 -9.47
N GLU G 24 51.62 77.27 -10.56
CA GLU G 24 52.90 76.86 -11.15
C GLU G 24 54.06 77.14 -10.21
N SER G 25 53.92 78.15 -9.34
CA SER G 25 54.97 78.41 -8.36
C SER G 25 55.12 77.27 -7.37
N ASP G 26 54.00 76.75 -6.86
CA ASP G 26 54.05 75.61 -5.96
C ASP G 26 54.62 74.38 -6.65
N TRP G 27 54.24 74.19 -7.92
CA TRP G 27 54.79 73.07 -8.69
C TRP G 27 56.29 73.21 -8.84
N GLU G 28 56.78 74.43 -9.08
CA GLU G 28 58.22 74.65 -9.16
C GLU G 28 58.89 74.36 -7.82
N ILE G 29 58.24 74.72 -6.72
CA ILE G 29 58.78 74.43 -5.40
C ILE G 29 58.96 72.92 -5.23
N GLU G 30 57.93 72.16 -5.59
CA GLU G 30 58.01 70.71 -5.44
C GLU G 30 59.06 70.11 -6.36
N LYS G 31 59.18 70.63 -7.59
CA LYS G 31 60.22 70.15 -8.50
C LYS G 31 61.60 70.43 -7.93
N GLY G 32 61.78 71.61 -7.32
CA GLY G 32 63.05 71.91 -6.69
C GLY G 32 63.34 70.97 -5.53
N ARG G 33 62.31 70.63 -4.75
CA ARG G 33 62.48 69.66 -3.68
C ARG G 33 62.93 68.31 -4.23
N GLN G 34 62.32 67.87 -5.34
CA GLN G 34 62.72 66.62 -5.97
C GLN G 34 64.18 66.68 -6.43
N TRP G 35 64.56 67.78 -7.07
CA TRP G 35 65.93 67.93 -7.55
C TRP G 35 66.92 67.89 -6.40
N TRP G 36 66.59 68.56 -5.29
CA TRP G 36 67.49 68.57 -4.15
C TRP G 36 67.56 67.20 -3.48
N ARG G 37 66.45 66.45 -3.47
CA ARG G 37 66.52 65.08 -2.97
C ARG G 37 67.47 64.24 -3.81
N ARG G 38 67.39 64.36 -5.14
CA ARG G 38 68.29 63.62 -6.00
C ARG G 38 69.74 64.05 -5.77
N PHE G 39 69.98 65.34 -5.59
CA PHE G 39 71.33 65.83 -5.32
C PHE G 39 71.86 65.28 -4.01
N ASN G 40 71.02 65.26 -2.97
CA ASN G 40 71.44 64.72 -1.69
C ASN G 40 71.78 63.23 -1.82
N MET G 41 70.95 62.48 -2.55
CA MET G 41 71.26 61.08 -2.79
C MET G 41 72.60 60.93 -3.48
N ALA G 42 72.86 61.75 -4.49
CA ALA G 42 74.11 61.63 -5.25
C ALA G 42 75.31 61.90 -4.38
N VAL G 43 75.28 62.98 -3.59
CA VAL G 43 76.43 63.32 -2.76
C VAL G 43 76.63 62.29 -1.66
N SER G 44 75.54 61.82 -1.06
CA SER G 44 75.66 60.78 -0.04
C SER G 44 76.24 59.50 -0.62
N GLY G 45 75.81 59.12 -1.82
CA GLY G 45 76.38 57.96 -2.46
C GLY G 45 77.85 58.13 -2.78
N ALA G 46 78.24 59.33 -3.22
CA ALA G 46 79.65 59.60 -3.47
C ALA G 46 80.47 59.48 -2.19
N LEU G 47 79.95 60.01 -1.09
CA LEU G 47 80.64 59.88 0.19
C LEU G 47 80.77 58.42 0.60
N PHE G 48 79.70 57.65 0.43
CA PHE G 48 79.74 56.23 0.79
C PHE G 48 80.76 55.49 -0.05
N CYS G 49 80.81 55.77 -1.36
CA CYS G 49 81.79 55.12 -2.22
C CYS G 49 83.21 55.51 -1.81
N GLY G 50 83.43 56.78 -1.49
CA GLY G 50 84.76 57.21 -1.06
C GLY G 50 85.19 56.52 0.22
N LEU G 51 84.29 56.44 1.20
CA LEU G 51 84.62 55.77 2.45
C LEU G 51 84.89 54.28 2.22
N VAL G 52 84.10 53.64 1.36
CA VAL G 52 84.33 52.23 1.06
C VAL G 52 85.69 52.05 0.41
N LEU G 53 86.03 52.91 -0.55
CA LEU G 53 87.33 52.79 -1.22
C LEU G 53 88.48 53.03 -0.26
N TYR G 54 88.34 54.03 0.62
CA TYR G 54 89.44 54.35 1.54
C TYR G 54 89.70 53.21 2.51
N THR G 55 88.64 52.58 3.02
CA THR G 55 88.78 51.51 4.00
C THR G 55 89.00 50.14 3.38
N SER G 56 89.07 50.05 2.06
CA SER G 56 89.24 48.76 1.41
C SER G 56 90.64 48.21 1.68
N GLY G 57 90.72 46.89 1.76
CA GLY G 57 91.99 46.23 2.02
C GLY G 57 92.97 46.41 0.87
N THR G 58 94.25 46.32 1.21
CA THR G 58 95.29 46.52 0.21
C THR G 58 95.22 45.46 -0.89
N ALA G 59 95.04 44.19 -0.50
CA ALA G 59 94.90 43.14 -1.49
C ALA G 59 93.66 43.34 -2.34
N THR G 60 92.57 43.79 -1.72
CA THR G 60 91.35 44.06 -2.47
C THR G 60 91.59 45.14 -3.52
N LEU G 61 92.28 46.22 -3.15
CA LEU G 61 92.57 47.28 -4.10
C LEU G 61 93.48 46.78 -5.21
N LYS G 62 94.50 45.98 -4.87
CA LYS G 62 95.40 45.46 -5.88
C LYS G 62 94.65 44.59 -6.89
N ARG G 63 93.74 43.75 -6.42
CA ARG G 63 92.93 42.95 -7.33
C ARG G 63 92.02 43.84 -8.18
N GLN G 64 91.37 44.82 -7.55
CA GLN G 64 90.40 45.63 -8.26
C GLN G 64 91.07 46.52 -9.30
N TYR G 65 92.16 47.17 -8.92
CA TYR G 65 92.84 48.16 -9.77
C TYR G 65 94.15 47.62 -10.31
N GLY G 66 94.19 46.32 -10.60
CA GLY G 66 95.35 45.70 -11.22
C GLY G 66 94.98 45.05 -12.53
N LEU G 67 95.92 44.28 -13.10
CA LEU G 67 95.65 43.56 -14.32
C LEU G 67 94.63 42.45 -14.05
N PRO G 68 93.89 42.02 -15.09
CA PRO G 68 93.91 42.51 -16.47
C PRO G 68 93.08 43.77 -16.68
N HIS G 69 93.16 44.34 -17.89
CA HIS G 69 92.35 45.48 -18.28
C HIS G 69 91.26 45.01 -19.24
N PHE G 70 90.01 45.37 -18.94
CA PHE G 70 88.90 44.94 -19.77
C PHE G 70 89.00 45.53 -21.17
N PHE G 71 89.24 46.83 -21.26
CA PHE G 71 89.35 47.50 -22.55
C PHE G 71 90.78 47.54 -23.07
N ASP G 72 91.75 47.75 -22.17
CA ASP G 72 93.17 47.80 -22.54
C ASP G 72 93.45 48.93 -23.52
N ILE G 73 92.71 50.03 -23.40
CA ILE G 73 92.93 51.17 -24.28
C ILE G 73 94.26 51.84 -23.95
N GLY G 74 94.61 51.91 -22.67
CA GLY G 74 95.81 52.58 -22.24
C GLY G 74 95.52 53.66 -21.22
N VAL G 75 94.43 54.40 -21.43
CA VAL G 75 93.97 55.34 -20.42
C VAL G 75 93.42 54.59 -19.20
N ASP G 76 92.75 53.46 -19.45
CA ASP G 76 92.21 52.66 -18.35
C ASP G 76 93.32 52.20 -17.42
N GLY G 77 94.39 51.63 -17.99
CA GLY G 77 95.50 51.18 -17.17
C GLY G 77 96.17 52.31 -16.42
N GLN G 78 96.35 53.45 -17.08
CA GLN G 78 96.98 54.60 -16.44
C GLN G 78 96.15 55.06 -15.25
N ALA G 79 94.84 55.17 -15.42
CA ALA G 79 93.97 55.62 -14.34
C ALA G 79 93.98 54.62 -13.18
N LYS G 80 93.89 53.33 -13.49
CA LYS G 80 93.89 52.32 -12.43
C LYS G 80 95.20 52.33 -11.67
N GLU G 81 96.32 52.42 -12.37
CA GLU G 81 97.62 52.49 -11.69
C GLU G 81 97.73 53.73 -10.83
N THR G 82 97.25 54.87 -11.34
CA THR G 82 97.32 56.11 -10.57
C THR G 82 96.52 55.98 -9.27
N MET G 83 95.29 55.48 -9.37
CA MET G 83 94.47 55.34 -8.17
C MET G 83 95.07 54.34 -7.20
N LEU G 84 95.59 53.21 -7.73
CA LEU G 84 96.19 52.21 -6.86
C LEU G 84 97.41 52.76 -6.12
N LYS G 85 98.27 53.49 -6.82
CA LYS G 85 99.43 54.08 -6.17
C LYS G 85 99.01 55.10 -5.12
N THR G 86 98.01 55.94 -5.45
CA THR G 86 97.56 56.94 -4.51
C THR G 86 97.02 56.30 -3.24
N LEU G 87 96.26 55.21 -3.38
CA LEU G 87 95.66 54.58 -2.22
C LEU G 87 96.70 53.81 -1.40
N THR G 88 97.61 53.11 -2.07
CA THR G 88 98.56 52.25 -1.38
C THR G 88 99.83 52.97 -0.93
N SER G 89 99.99 54.25 -1.28
CA SER G 89 101.17 54.99 -0.85
C SER G 89 101.17 55.19 0.67
N ARG G 90 100.15 55.86 1.17
CA ARG G 90 100.05 56.15 2.60
C ARG G 90 99.42 54.97 3.34
N TRP G 91 99.47 55.05 4.67
CA TRP G 91 98.78 54.09 5.52
C TRP G 91 97.31 54.45 5.64
N ARG G 92 96.46 53.43 5.58
CA ARG G 92 95.01 53.60 5.67
C ARG G 92 94.46 52.66 6.72
N TYR G 93 93.54 53.18 7.54
CA TYR G 93 92.83 52.34 8.49
C TYR G 93 91.79 51.51 7.75
N THR G 94 91.98 50.19 7.76
CA THR G 94 91.18 49.27 6.96
C THR G 94 90.45 48.32 7.90
N PRO G 95 89.35 48.76 8.50
CA PRO G 95 88.58 47.89 9.37
C PRO G 95 87.74 46.89 8.58
N GLN G 96 87.28 45.87 9.29
CA GLN G 96 86.41 44.86 8.72
C GLN G 96 85.25 44.60 9.67
N GLY G 97 84.16 44.06 9.12
CA GLY G 97 83.03 43.68 9.93
C GLY G 97 82.16 44.85 10.37
N TYR G 98 81.72 44.82 11.62
CA TYR G 98 80.87 45.90 12.13
C TYR G 98 81.55 47.26 11.99
N GLY G 99 82.87 47.30 12.17
CA GLY G 99 83.57 48.58 12.13
C GLY G 99 83.48 49.26 10.79
N ARG G 100 83.73 48.50 9.72
CA ARG G 100 83.59 49.07 8.38
C ARG G 100 82.16 49.50 8.12
N VAL G 101 81.20 48.71 8.61
CA VAL G 101 79.80 49.08 8.45
C VAL G 101 79.54 50.45 9.05
N LEU G 102 79.98 50.65 10.30
CA LEU G 102 79.74 51.93 10.95
C LEU G 102 80.44 53.07 10.22
N ILE G 103 81.72 52.89 9.90
CA ILE G 103 82.50 53.97 9.29
C ILE G 103 81.92 54.36 7.95
N THR G 104 81.50 53.37 7.14
CA THR G 104 80.97 53.67 5.82
C THR G 104 79.54 54.19 5.87
N GLY G 105 78.75 53.76 6.86
CA GLY G 105 77.33 54.07 6.86
C GLY G 105 76.92 55.26 7.67
N VAL G 106 77.44 55.38 8.91
CA VAL G 106 76.99 56.45 9.79
C VAL G 106 77.24 57.83 9.18
N PRO G 107 78.42 58.14 8.64
CA PRO G 107 78.58 59.44 7.96
C PRO G 107 77.60 59.63 6.83
N THR G 108 77.36 58.59 6.03
CA THR G 108 76.43 58.71 4.91
C THR G 108 75.02 58.99 5.40
N TYR G 109 74.57 58.23 6.41
CA TYR G 109 73.23 58.44 6.95
C TYR G 109 73.10 59.83 7.54
N ILE G 110 74.10 60.28 8.28
CA ILE G 110 74.04 61.60 8.91
C ILE G 110 73.96 62.69 7.85
N LEU G 111 74.80 62.59 6.82
CA LEU G 111 74.80 63.60 5.77
C LEU G 111 73.45 63.64 5.07
N PHE G 112 72.94 62.49 4.64
CA PHE G 112 71.68 62.45 3.92
C PHE G 112 70.55 62.99 4.77
N VAL G 113 70.46 62.56 6.02
CA VAL G 113 69.37 62.97 6.90
C VAL G 113 69.44 64.47 7.16
N THR G 114 70.64 65.00 7.44
CA THR G 114 70.78 66.42 7.72
C THR G 114 70.37 67.26 6.52
N LEU G 115 70.87 66.90 5.34
CA LEU G 115 70.53 67.65 4.14
C LEU G 115 69.02 67.61 3.88
N GLU G 116 68.42 66.44 4.01
CA GLU G 116 66.99 66.31 3.75
C GLU G 116 66.18 67.11 4.76
N HIS G 117 66.57 67.07 6.03
CA HIS G 117 65.84 67.81 7.05
C HIS G 117 65.87 69.31 6.80
N TYR G 118 67.06 69.84 6.47
CA TYR G 118 67.17 71.26 6.25
C TYR G 118 66.49 71.68 4.95
N ARG G 119 66.46 70.79 3.96
CA ARG G 119 65.68 71.09 2.75
C ARG G 119 64.19 71.08 3.04
N GLU G 120 63.73 70.23 3.96
CA GLU G 120 62.34 70.28 4.38
C GLU G 120 62.02 71.61 5.05
N ARG G 121 62.93 72.09 5.90
CA ARG G 121 62.76 73.42 6.50
C ARG G 121 62.71 74.48 5.42
N ARG G 122 63.58 74.38 4.42
CA ARG G 122 63.58 75.33 3.32
C ARG G 122 62.26 75.33 2.58
N ARG G 123 61.70 74.15 2.33
CA ARG G 123 60.42 74.07 1.64
C ARG G 123 59.30 74.68 2.49
N MET G 124 59.33 74.46 3.79
CA MET G 124 58.33 75.08 4.66
C MET G 124 58.41 76.60 4.57
N GLN G 125 59.63 77.14 4.60
CA GLN G 125 59.78 78.60 4.46
C GLN G 125 59.27 79.06 3.09
N GLN G 126 59.59 78.32 2.04
CA GLN G 126 59.13 78.70 0.70
C GLN G 126 57.61 78.78 0.65
N TYR G 127 56.93 77.77 1.18
CA TYR G 127 55.47 77.80 1.18
C TYR G 127 54.93 78.91 2.08
N LEU G 128 55.65 79.23 3.16
CA LEU G 128 55.24 80.35 3.99
C LEU G 128 55.28 81.66 3.20
N GLN G 129 56.28 81.82 2.33
CA GLN G 129 56.43 83.06 1.58
C GLN G 129 55.54 83.13 0.34
N GLN G 130 54.81 82.07 0.03
CA GLN G 130 53.96 82.09 -1.16
C GLN G 130 52.74 82.96 -0.95
N ASN G 131 52.29 83.60 -2.03
CA ASN G 131 51.09 84.43 -2.03
C ASN G 131 49.91 83.71 -2.68
N THR G 132 49.85 82.40 -2.54
CA THR G 132 48.78 81.58 -3.10
C THR G 132 47.96 80.98 -1.97
N VAL G 133 46.92 80.23 -2.35
CA VAL G 133 46.06 79.60 -1.36
C VAL G 133 46.83 78.54 -0.58
N PHE G 134 47.77 77.84 -1.23
CA PHE G 134 48.60 76.88 -0.52
C PHE G 134 49.43 77.58 0.55
N GLY G 135 50.01 78.74 0.23
CA GLY G 135 50.76 79.48 1.23
C GLY G 135 49.89 79.94 2.39
N GLU G 136 48.67 80.39 2.08
CA GLU G 136 47.75 80.79 3.14
C GLU G 136 47.40 79.61 4.02
N GLN G 137 47.19 78.44 3.43
CA GLN G 137 46.93 77.24 4.22
C GLN G 137 48.11 76.89 5.11
N MET G 138 49.34 77.03 4.58
CA MET G 138 50.52 76.76 5.38
C MET G 138 50.60 77.71 6.57
N ARG G 139 50.36 79.00 6.34
CA ARG G 139 50.39 79.97 7.42
C ARG G 139 49.32 79.68 8.46
N ARG G 140 48.11 79.36 8.01
CA ARG G 140 47.04 79.02 8.94
C ARG G 140 47.37 77.76 9.71
N LEU G 141 48.02 76.79 9.07
CA LEU G 141 48.39 75.55 9.74
C LEU G 141 49.39 75.83 10.85
N LEU G 142 50.41 76.64 10.57
CA LEU G 142 51.39 76.96 11.60
C LEU G 142 50.82 77.87 12.68
N SER G 143 49.76 78.63 12.37
CA SER G 143 49.16 79.50 13.37
C SER G 143 48.21 78.74 14.29
N THR G 144 47.17 78.14 13.72
CA THR G 144 46.16 77.44 14.50
C THR G 144 46.52 75.99 14.80
N GLY G 145 47.47 75.41 14.07
CA GLY G 145 47.86 74.04 14.30
C GLY G 145 46.94 73.01 13.66
N LYS G 146 45.92 73.43 12.93
CA LYS G 146 44.99 72.52 12.29
C LYS G 146 44.86 72.87 10.82
N ILE G 147 44.68 71.84 10.00
CA ILE G 147 44.48 72.02 8.57
C ILE G 147 43.01 72.34 8.32
N GLU G 148 42.75 73.46 7.65
CA GLU G 148 41.39 73.92 7.37
C GLU G 148 41.03 73.49 5.94
N GLU G 149 40.32 72.37 5.83
CA GLU G 149 39.91 71.88 4.53
C GLU G 149 38.77 72.72 3.99
N TYR G 150 38.65 72.73 2.66
CA TYR G 150 37.72 73.58 1.92
C TYR G 150 38.04 75.06 2.07
N LEU G 151 39.28 75.37 2.47
CA LEU G 151 39.71 76.76 2.50
C LEU G 151 39.63 77.44 1.14
N PRO G 152 40.06 76.82 0.04
CA PRO G 152 40.02 77.53 -1.24
C PRO G 152 38.63 78.03 -1.61
N VAL G 153 37.58 77.27 -1.27
CA VAL G 153 36.22 77.71 -1.57
C VAL G 153 35.64 78.61 -0.50
N ASN G 154 36.24 78.64 0.70
CA ASN G 154 35.80 79.57 1.74
C ASN G 154 36.24 80.99 1.40
N ILE G 155 37.55 81.20 1.25
CA ILE G 155 38.08 82.51 0.90
C ILE G 155 37.93 82.83 -0.58
N LYS G 156 37.32 81.94 -1.36
CA LYS G 156 37.07 82.16 -2.78
C LYS G 156 38.38 82.40 -3.54
N ALA G 157 39.22 81.36 -3.54
CA ALA G 157 40.44 81.40 -4.34
C ALA G 157 40.08 81.45 -5.82
N THR G 158 40.99 81.99 -6.62
CA THR G 158 40.70 82.23 -8.03
C THR G 158 40.42 80.93 -8.75
N LEU G 159 39.49 80.99 -9.70
CA LEU G 159 39.11 79.87 -10.55
C LEU G 159 39.13 80.32 -12.00
N PRO G 160 39.15 79.38 -12.95
CA PRO G 160 39.06 79.77 -14.36
C PRO G 160 37.79 80.54 -14.63
N ALA G 161 37.83 81.34 -15.70
CA ALA G 161 36.70 82.21 -16.02
C ALA G 161 35.42 81.43 -16.23
N SER G 162 35.52 80.16 -16.64
CA SER G 162 34.36 79.34 -16.94
C SER G 162 33.86 78.55 -15.75
N GLN G 163 34.43 78.76 -14.55
CA GLN G 163 34.05 77.99 -13.37
C GLN G 163 33.76 78.89 -12.16
N GLN G 164 33.46 80.17 -12.39
CA GLN G 164 33.20 81.10 -11.30
C GLN G 164 31.74 81.13 -10.89
N ALA G 165 30.89 80.30 -11.49
CA ALA G 165 29.47 80.31 -11.15
C ALA G 165 29.23 79.89 -9.70
N ILE G 166 30.05 78.97 -9.19
CA ILE G 166 29.84 78.48 -7.82
C ILE G 166 30.04 79.61 -6.81
N TYR G 167 30.99 80.50 -7.09
CA TYR G 167 31.22 81.65 -6.21
C TYR G 167 30.11 82.69 -6.32
N ASN G 168 29.20 82.56 -7.28
CA ASN G 168 28.20 83.59 -7.55
C ASN G 168 27.14 83.55 -6.44
N TYR G 169 27.51 84.10 -5.29
CA TYR G 169 26.57 84.23 -4.18
C TYR G 169 27.02 85.34 -3.23
N GLY H 20 75.61 24.60 -12.34
CA GLY H 20 75.86 23.18 -12.40
C GLY H 20 77.11 22.76 -11.65
N GLU H 21 78.26 23.01 -12.27
CA GLU H 21 79.56 22.67 -11.68
C GLU H 21 80.22 23.93 -11.12
N LEU H 22 81.24 23.70 -10.30
CA LEU H 22 81.95 24.80 -9.66
C LEU H 22 82.70 25.64 -10.70
N PHE H 23 82.72 26.94 -10.48
CA PHE H 23 83.35 27.90 -11.38
C PHE H 23 84.66 28.37 -10.79
N VAL H 24 85.73 28.28 -11.58
CA VAL H 24 87.07 28.72 -11.17
C VAL H 24 87.47 29.88 -12.06
N ARG H 25 87.83 31.00 -11.44
CA ARG H 25 88.19 32.18 -12.21
C ARG H 25 89.48 31.92 -12.99
N PRO H 26 89.60 32.44 -14.21
CA PRO H 26 90.81 32.20 -14.99
C PRO H 26 92.01 32.91 -14.38
N LYS H 27 93.19 32.33 -14.60
CA LYS H 27 94.43 32.95 -14.17
C LYS H 27 94.76 34.13 -15.07
N LEU H 28 95.68 34.96 -14.59
CA LEU H 28 96.07 36.15 -15.36
C LEU H 28 96.68 35.78 -16.71
N GLU H 29 97.32 34.61 -16.79
CA GLU H 29 97.93 34.17 -18.04
C GLU H 29 96.95 33.49 -18.99
N GLU H 30 95.79 33.06 -18.48
CA GLU H 30 94.81 32.36 -19.30
C GLU H 30 93.83 33.30 -20.00
N ILE H 31 93.94 34.61 -19.76
CA ILE H 31 93.02 35.58 -20.32
C ILE H 31 93.59 36.07 -21.65
N PRO H 32 92.88 35.91 -22.76
CA PRO H 32 93.42 36.34 -24.06
C PRO H 32 93.60 37.84 -24.12
N PRO H 33 94.42 38.32 -25.04
CA PRO H 33 94.62 39.77 -25.16
C PRO H 33 93.39 40.46 -25.72
N ALA H 34 93.29 41.76 -25.44
CA ALA H 34 92.13 42.53 -25.88
C ALA H 34 92.08 42.65 -27.39
N ASP H 35 93.24 42.68 -28.06
CA ASP H 35 93.27 42.86 -29.49
C ASP H 35 92.60 41.70 -30.23
N GLN H 36 92.53 40.53 -29.62
CA GLN H 36 91.93 39.36 -30.27
C GLN H 36 90.42 39.43 -30.31
N CYS H 37 89.79 40.26 -29.47
CA CYS H 37 88.35 40.33 -29.43
C CYS H 37 87.80 40.99 -30.70
N ARG H 38 86.59 40.57 -31.08
CA ARG H 38 85.93 41.06 -32.29
C ARG H 38 84.68 41.85 -31.92
N GLY H 39 84.41 42.88 -32.72
CA GLY H 39 83.24 43.71 -32.56
C GLY H 39 82.11 43.29 -33.48
N PHE H 40 81.22 44.24 -33.75
CA PHE H 40 80.09 43.96 -34.65
C PHE H 40 80.59 43.62 -36.05
N PHE H 41 81.52 44.41 -36.57
CA PHE H 41 82.04 44.23 -37.92
C PHE H 41 83.40 43.54 -37.92
N GLY H 42 84.34 44.02 -37.10
CA GLY H 42 85.65 43.44 -37.01
C GLY H 42 86.40 43.91 -35.78
N PRO H 43 87.61 43.38 -35.58
CA PRO H 43 88.39 43.78 -34.40
C PRO H 43 88.65 45.28 -34.38
N LEU H 44 88.53 45.88 -33.20
CA LEU H 44 88.79 47.30 -33.01
C LEU H 44 90.21 47.47 -32.46
N ASN H 45 91.18 47.18 -33.33
CA ASN H 45 92.58 47.23 -32.97
C ASN H 45 93.08 48.68 -33.02
N ASP H 46 94.39 48.85 -32.97
CA ASP H 46 94.99 50.18 -32.94
C ASP H 46 94.35 51.10 -33.97
N SER H 47 94.23 52.37 -33.61
CA SER H 47 93.54 53.42 -34.35
C SER H 47 92.03 53.29 -34.20
N LEU H 48 91.54 52.25 -33.52
CA LEU H 48 90.12 52.08 -33.28
C LEU H 48 89.85 51.63 -31.84
N LYS H 49 90.85 51.74 -30.96
CA LYS H 49 90.68 51.25 -29.60
C LYS H 49 89.55 51.98 -28.88
N PHE H 50 89.48 53.29 -29.04
CA PHE H 50 88.48 54.09 -28.33
C PHE H 50 87.06 53.76 -28.78
N LEU H 51 86.89 53.07 -29.90
CA LEU H 51 85.57 52.59 -30.29
C LEU H 51 85.14 51.35 -29.51
N ARG H 52 86.05 50.73 -28.76
CA ARG H 52 85.69 49.60 -27.92
C ARG H 52 84.66 50.00 -26.87
N LEU H 53 84.72 51.25 -26.39
CA LEU H 53 83.78 51.70 -25.38
C LEU H 53 82.35 51.72 -25.91
N LEU H 54 82.18 52.03 -27.20
CA LEU H 54 80.85 52.21 -27.77
C LEU H 54 80.27 50.92 -28.35
N ASP H 55 81.11 49.95 -28.72
CA ASP H 55 80.63 48.72 -29.34
C ASP H 55 80.18 47.76 -28.25
N ILE H 56 78.87 47.51 -28.18
CA ILE H 56 78.34 46.62 -27.15
C ILE H 56 78.74 45.18 -27.42
N LYS H 57 78.71 44.76 -28.69
CA LYS H 57 79.06 43.38 -29.01
C LYS H 57 80.52 43.10 -28.68
N TRP H 58 81.41 44.07 -28.92
CA TRP H 58 82.80 43.87 -28.56
C TRP H 58 82.95 43.68 -27.06
N MET H 59 82.22 44.46 -26.27
CA MET H 59 82.28 44.30 -24.82
C MET H 59 81.74 42.95 -24.40
N MET H 60 80.66 42.48 -25.04
CA MET H 60 80.13 41.16 -24.71
C MET H 60 81.15 40.07 -25.02
N ASN H 61 81.78 40.14 -26.19
CA ASN H 61 82.79 39.15 -26.55
C ASN H 61 83.97 39.19 -25.60
N ARG H 62 84.39 40.40 -25.21
CA ARG H 62 85.49 40.53 -24.26
C ARG H 62 85.12 39.93 -22.91
N ALA H 63 83.89 40.19 -22.44
CA ALA H 63 83.45 39.62 -21.18
C ALA H 63 83.44 38.09 -21.23
N VAL H 64 82.94 37.53 -22.33
CA VAL H 64 82.95 36.08 -22.48
C VAL H 64 84.39 35.56 -22.50
N ALA H 65 85.28 36.29 -23.16
CA ALA H 65 86.67 35.84 -23.24
C ALA H 65 87.33 35.83 -21.87
N MET H 66 87.03 36.83 -21.05
CA MET H 66 87.60 36.94 -19.71
C MET H 66 86.83 36.13 -18.68
N ARG H 67 85.85 35.34 -19.10
CA ARG H 67 85.02 34.53 -18.21
C ARG H 67 84.16 35.39 -17.29
N ARG H 68 84.03 36.68 -17.59
CA ARG H 68 83.17 37.58 -16.83
C ARG H 68 81.77 37.65 -17.44
N GLU H 69 81.17 36.48 -17.65
CA GLU H 69 79.86 36.41 -18.29
C GLU H 69 78.76 37.03 -17.43
N TYR H 70 78.99 37.14 -16.11
CA TYR H 70 77.96 37.71 -15.25
C TYR H 70 77.59 39.13 -15.67
N LEU H 71 78.55 39.87 -16.22
CA LEU H 71 78.27 41.23 -16.67
C LEU H 71 77.13 41.27 -17.67
N ILE H 72 76.94 40.18 -18.42
CA ILE H 72 75.84 40.09 -19.37
C ILE H 72 74.58 39.55 -18.69
N ALA H 73 74.73 38.61 -17.77
CA ALA H 73 73.59 37.91 -17.20
C ALA H 73 72.99 38.63 -16.00
N THR H 74 73.83 39.17 -15.12
CA THR H 74 73.31 39.81 -13.91
C THR H 74 72.41 41.00 -14.22
N PRO H 75 72.79 41.94 -15.09
CA PRO H 75 71.90 43.07 -15.36
C PRO H 75 70.56 42.65 -15.94
N THR H 76 70.53 41.60 -16.76
CA THR H 76 69.29 41.15 -17.36
C THR H 76 68.32 40.64 -16.29
N LEU H 77 68.73 39.58 -15.57
CA LEU H 77 67.85 38.97 -14.59
C LEU H 77 67.32 40.00 -13.60
N PHE H 78 68.23 40.78 -13.01
CA PHE H 78 67.81 41.79 -12.05
C PHE H 78 66.76 42.71 -12.66
N THR H 79 67.02 43.19 -13.88
CA THR H 79 66.06 44.04 -14.56
C THR H 79 64.69 43.37 -14.59
N PHE H 80 64.65 42.12 -15.06
CA PHE H 80 63.38 41.39 -15.08
C PHE H 80 62.74 41.39 -13.70
N ILE H 81 63.51 41.06 -12.67
CA ILE H 81 62.98 41.07 -11.31
C ILE H 81 62.41 42.45 -10.99
N TRP H 82 63.20 43.49 -11.28
CA TRP H 82 62.74 44.85 -11.01
C TRP H 82 61.44 45.14 -11.72
N MET H 83 61.27 44.62 -12.94
CA MET H 83 60.00 44.79 -13.64
C MET H 83 58.92 43.89 -13.05
N PHE H 84 59.27 42.65 -12.72
CA PHE H 84 58.27 41.71 -12.21
C PHE H 84 57.78 42.09 -10.82
N THR H 85 58.57 42.85 -10.07
CA THR H 85 58.28 43.14 -8.68
C THR H 85 57.75 44.56 -8.47
N TRP H 86 58.42 45.58 -8.98
CA TRP H 86 58.20 46.93 -8.49
C TRP H 86 57.73 47.85 -9.60
N LYS H 87 58.43 47.93 -10.74
CA LYS H 87 58.00 48.81 -11.81
C LYS H 87 56.75 48.35 -12.53
N GLY H 88 56.52 47.04 -12.68
CA GLY H 88 55.33 46.61 -13.39
C GLY H 88 54.06 47.20 -12.80
N ALA H 89 53.90 47.06 -11.49
CA ALA H 89 52.71 47.59 -10.83
C ALA H 89 52.70 49.11 -10.84
N VAL H 90 53.88 49.74 -10.71
CA VAL H 90 53.94 51.20 -10.71
C VAL H 90 53.44 51.74 -12.04
N ILE H 91 53.88 51.15 -13.15
CA ILE H 91 53.40 51.57 -14.46
C ILE H 91 51.91 51.31 -14.60
N TYR H 92 51.44 50.15 -14.12
CA TYR H 92 50.03 49.81 -14.27
C TYR H 92 49.14 50.78 -13.51
N PHE H 93 49.52 51.13 -12.28
CA PHE H 93 48.63 51.90 -11.41
C PHE H 93 48.86 53.40 -11.49
N TRP H 94 50.08 53.85 -11.76
CA TRP H 94 50.41 55.26 -11.71
C TRP H 94 51.04 55.79 -12.98
N GLY H 95 51.14 54.98 -14.03
CA GLY H 95 51.75 55.43 -15.26
C GLY H 95 50.88 56.41 -16.02
N ASP H 96 51.52 57.18 -16.89
CA ASP H 96 50.84 58.15 -17.72
C ASP H 96 50.44 57.49 -19.03
N ARG H 97 49.14 57.40 -19.29
CA ARG H 97 48.65 56.85 -20.54
C ARG H 97 48.88 57.84 -21.67
N ALA H 98 48.57 57.41 -22.88
CA ALA H 98 48.78 58.24 -24.05
C ALA H 98 47.89 59.48 -23.95
N PRO H 99 48.37 60.65 -24.37
CA PRO H 99 47.58 61.87 -24.26
C PRO H 99 46.41 61.86 -25.23
N PRO H 100 45.34 62.59 -24.94
CA PRO H 100 44.21 62.66 -25.86
C PRO H 100 44.49 63.62 -27.01
N ARG H 101 43.67 63.49 -28.05
CA ARG H 101 43.77 64.39 -29.20
C ARG H 101 43.51 65.83 -28.78
N ARG H 102 42.31 66.10 -28.29
CA ARG H 102 41.97 67.42 -27.75
C ARG H 102 42.45 67.49 -26.31
N MET H 103 43.46 68.31 -26.06
CA MET H 103 44.17 68.33 -24.80
C MET H 103 43.65 69.42 -23.88
N ASP H 104 43.52 69.10 -22.60
CA ASP H 104 43.00 70.03 -21.60
C ASP H 104 44.18 70.67 -20.88
N TRP H 105 44.78 71.66 -21.53
CA TRP H 105 45.89 72.38 -20.93
C TRP H 105 45.40 73.27 -19.79
N ASN H 106 46.34 73.64 -18.92
CA ASN H 106 46.04 74.47 -17.76
C ASN H 106 46.12 75.95 -18.14
N THR H 107 45.06 76.69 -17.84
CA THR H 107 45.00 78.11 -18.12
C THR H 107 45.82 78.94 -17.14
N GLU H 108 46.30 78.34 -16.05
CA GLU H 108 47.12 79.04 -15.07
C GLU H 108 46.38 80.22 -14.46
N GLU H 109 45.10 80.03 -14.17
CA GLU H 109 44.29 81.02 -13.49
C GLU H 109 43.91 80.64 -12.07
N THR H 110 44.01 79.37 -11.71
CA THR H 110 43.55 78.88 -10.42
C THR H 110 44.65 79.01 -9.37
N GLY H 111 44.22 79.25 -8.13
CA GLY H 111 45.12 79.23 -6.99
C GLY H 111 45.37 80.59 -6.36
N ARG H 112 45.44 81.63 -7.18
CA ARG H 112 45.79 82.95 -6.67
C ARG H 112 44.69 83.46 -5.74
N LEU H 113 45.11 84.16 -4.69
CA LEU H 113 44.16 84.72 -3.74
C LEU H 113 43.37 85.85 -4.40
N PRO H 114 42.14 86.08 -3.96
CA PRO H 114 41.31 87.13 -4.57
C PRO H 114 41.72 88.52 -4.13
N LEU H 115 41.27 89.51 -4.90
CA LEU H 115 41.54 90.89 -4.55
C LEU H 115 40.83 91.27 -3.26
N GLY H 116 41.52 92.06 -2.44
CA GLY H 116 40.98 92.50 -1.17
C GLY H 116 41.13 91.52 -0.04
N PHE H 117 41.77 90.37 -0.27
CA PHE H 117 41.97 89.39 0.78
C PHE H 117 43.17 89.76 1.63
N LYS H 118 43.02 89.62 2.95
CA LYS H 118 44.08 89.96 3.90
C LYS H 118 44.73 88.69 4.42
N PRO H 119 45.82 88.22 3.81
CA PRO H 119 46.45 86.98 4.28
C PRO H 119 47.00 87.13 5.69
N THR H 120 46.99 86.02 6.43
CA THR H 120 47.49 86.02 7.78
C THR H 120 48.99 86.25 7.80
N PRO H 121 49.52 86.86 8.86
CA PRO H 121 50.97 87.10 8.92
C PRO H 121 51.75 85.81 9.05
N ALA H 122 52.97 85.83 8.53
CA ALA H 122 53.86 84.68 8.65
C ALA H 122 54.40 84.59 10.08
N PRO H 123 54.90 83.42 10.47
CA PRO H 123 55.43 83.28 11.83
C PRO H 123 56.59 84.23 12.08
N LEU H 124 56.69 84.70 13.32
CA LEU H 124 57.75 85.61 13.71
C LEU H 124 58.03 85.50 15.22
N LYS I 4 7.75 -15.02 36.11
CA LYS I 4 7.45 -14.02 35.09
C LYS I 4 8.25 -12.75 35.34
N ALA I 5 9.43 -12.66 34.74
CA ALA I 5 10.31 -11.54 34.96
C ALA I 5 9.79 -10.28 34.26
N ALA I 6 10.40 -9.15 34.60
CA ALA I 6 10.02 -7.90 33.97
C ALA I 6 10.40 -7.92 32.49
N PRO I 7 9.63 -7.24 31.64
CA PRO I 7 9.91 -7.29 30.20
C PRO I 7 11.19 -6.57 29.85
N LYS I 8 12.04 -7.25 29.09
CA LYS I 8 13.28 -6.66 28.60
C LYS I 8 13.07 -5.78 27.37
N THR I 9 11.91 -5.90 26.71
CA THR I 9 11.60 -5.09 25.54
C THR I 9 10.16 -4.62 25.63
N LEU I 10 9.88 -3.50 24.96
CA LEU I 10 8.57 -2.87 24.97
C LEU I 10 7.97 -2.85 23.57
N HIS I 11 8.10 -3.96 22.84
CA HIS I 11 7.73 -3.98 21.44
C HIS I 11 6.24 -3.71 21.23
N GLN I 12 5.38 -4.30 22.07
CA GLN I 12 3.95 -4.20 21.83
C GLN I 12 3.43 -2.79 22.08
N VAL I 13 3.91 -2.15 23.16
CA VAL I 13 3.55 -0.76 23.41
C VAL I 13 4.00 0.12 22.24
N ARG I 14 5.21 -0.12 21.74
CA ARG I 14 5.71 0.66 20.61
C ARG I 14 4.85 0.44 19.37
N ASN I 15 4.41 -0.78 19.13
CA ASN I 15 3.55 -1.05 17.97
C ASN I 15 2.23 -0.28 18.09
N VAL I 16 1.62 -0.31 19.28
CA VAL I 16 0.37 0.42 19.47
C VAL I 16 0.59 1.91 19.28
N ALA I 17 1.72 2.43 19.77
CA ALA I 17 2.03 3.83 19.59
C ALA I 17 2.22 4.18 18.12
N TYR I 18 2.86 3.30 17.36
CA TYR I 18 3.00 3.52 15.92
C TYR I 18 1.63 3.64 15.27
N PHE I 19 0.73 2.72 15.58
CA PHE I 19 -0.61 2.78 15.02
C PHE I 19 -1.29 4.09 15.39
N PHE I 20 -1.19 4.48 16.66
CA PHE I 20 -1.87 5.70 17.11
C PHE I 20 -1.30 6.94 16.42
N ALA I 21 0.02 6.98 16.22
CA ALA I 21 0.63 8.11 15.54
C ALA I 21 0.13 8.22 14.10
N ALA I 22 0.11 7.09 13.39
CA ALA I 22 -0.39 7.11 12.02
C ALA I 22 -1.86 7.53 11.99
N TRP I 23 -2.65 7.02 12.93
CA TRP I 23 -4.07 7.38 12.98
C TRP I 23 -4.27 8.88 13.22
N LEU I 24 -3.50 9.45 14.15
CA LEU I 24 -3.63 10.87 14.44
C LEU I 24 -3.22 11.71 13.23
N GLY I 25 -2.17 11.30 12.53
CA GLY I 25 -1.82 11.99 11.29
C GLY I 25 -2.94 11.93 10.27
N VAL I 26 -3.56 10.75 10.14
CA VAL I 26 -4.69 10.61 9.22
C VAL I 26 -5.80 11.58 9.61
N GLN I 27 -6.07 11.72 10.91
CA GLN I 27 -7.12 12.63 11.34
C GLN I 27 -6.78 14.07 11.00
N LYS I 28 -5.51 14.46 11.20
CA LYS I 28 -5.09 15.81 10.84
C LYS I 28 -5.34 16.06 9.36
N GLY I 29 -4.91 15.14 8.51
CA GLY I 29 -5.12 15.30 7.08
C GLY I 29 -6.58 15.34 6.69
N TYR I 30 -7.39 14.47 7.30
CA TYR I 30 -8.81 14.44 7.00
C TYR I 30 -9.49 15.75 7.38
N ILE I 31 -9.16 16.29 8.55
CA ILE I 31 -9.72 17.56 8.97
C ILE I 31 -9.34 18.66 7.99
N GLU I 32 -8.07 18.68 7.58
CA GLU I 32 -7.62 19.67 6.62
C GLU I 32 -8.38 19.58 5.31
N LYS I 33 -8.53 18.37 4.78
CA LYS I 33 -9.23 18.18 3.52
C LYS I 33 -10.70 18.56 3.63
N SER I 34 -11.35 18.19 4.72
CA SER I 34 -12.76 18.51 4.90
C SER I 34 -12.96 20.02 4.97
N ALA I 35 -12.09 20.73 5.69
CA ALA I 35 -12.20 22.18 5.74
C ALA I 35 -12.02 22.79 4.36
N ASN I 36 -11.05 22.30 3.58
CA ASN I 36 -10.86 22.83 2.23
C ASN I 36 -12.09 22.57 1.37
N ASP I 37 -12.68 21.39 1.49
CA ASP I 37 -13.87 21.08 0.70
C ASP I 37 -15.02 22.00 1.04
N ARG I 38 -15.23 22.26 2.34
CA ARG I 38 -16.28 23.19 2.73
C ARG I 38 -16.03 24.58 2.18
N LEU I 39 -14.78 25.04 2.23
CA LEU I 39 -14.46 26.35 1.67
C LEU I 39 -14.80 26.41 0.19
N TRP I 40 -14.44 25.38 -0.57
CA TRP I 40 -14.70 25.39 -1.99
C TRP I 40 -16.18 25.30 -2.30
N VAL I 41 -16.94 24.55 -1.50
CA VAL I 41 -18.38 24.50 -1.69
C VAL I 41 -18.99 25.89 -1.51
N GLU I 42 -18.58 26.59 -0.45
CA GLU I 42 -19.07 27.94 -0.25
C GLU I 42 -18.67 28.86 -1.40
N HIS I 43 -17.45 28.71 -1.91
CA HIS I 43 -17.00 29.55 -3.02
C HIS I 43 -17.85 29.31 -4.26
N GLN I 44 -18.13 28.04 -4.58
CA GLN I 44 -18.95 27.75 -5.75
C GLN I 44 -20.36 28.29 -5.58
N ARG I 45 -20.90 28.20 -4.37
CA ARG I 45 -22.22 28.78 -4.11
C ARG I 45 -22.21 30.28 -4.35
N LYS I 46 -21.17 30.97 -3.86
CA LYS I 46 -21.07 32.40 -4.09
C LYS I 46 -20.95 32.72 -5.58
N VAL I 47 -20.18 31.92 -6.32
CA VAL I 47 -20.04 32.14 -7.76
C VAL I 47 -21.39 32.01 -8.45
N ARG I 48 -22.15 30.98 -8.10
CA ARG I 48 -23.47 30.81 -8.71
C ARG I 48 -24.39 31.98 -8.36
N GLN I 49 -24.34 32.44 -7.12
CA GLN I 49 -25.16 33.59 -6.73
C GLN I 49 -24.79 34.83 -7.52
N GLN I 50 -23.48 35.07 -7.71
CA GLN I 50 -23.04 36.21 -8.49
C GLN I 50 -23.51 36.09 -9.94
N ASN I 51 -23.45 34.87 -10.49
CA ASN I 51 -23.93 34.67 -11.85
C ASN I 51 -25.42 34.96 -11.96
N VAL I 52 -26.20 34.54 -10.96
CA VAL I 52 -27.63 34.82 -10.95
C VAL I 52 -27.88 36.32 -10.91
N GLU I 53 -27.14 37.03 -10.05
CA GLU I 53 -27.32 38.48 -9.96
C GLU I 53 -26.96 39.16 -11.28
N ARG I 54 -25.87 38.72 -11.92
CA ARG I 54 -25.49 39.28 -13.20
C ARG I 54 -26.57 39.04 -14.25
N GLN I 55 -27.12 37.83 -14.28
CA GLN I 55 -28.19 37.53 -15.23
C GLN I 55 -29.41 38.40 -14.96
N GLN I 56 -29.76 38.59 -13.69
CA GLN I 56 -30.90 39.43 -13.35
C GLN I 56 -30.66 40.88 -13.78
N ALA I 57 -29.45 41.39 -13.58
CA ALA I 57 -29.14 42.75 -14.02
C ALA I 57 -29.24 42.87 -15.53
N LEU I 58 -28.71 41.88 -16.25
CA LEU I 58 -28.82 41.90 -17.71
C LEU I 58 -30.28 41.88 -18.15
N ASP I 59 -31.09 41.05 -17.50
CA ASP I 59 -32.51 40.99 -17.84
C ASP I 59 -33.20 42.30 -17.53
N SER I 60 -32.81 42.96 -16.43
CA SER I 60 -33.40 44.25 -16.09
C SER I 60 -33.07 45.30 -17.14
N ILE I 61 -31.81 45.33 -17.60
CA ILE I 61 -31.43 46.29 -18.63
C ILE I 61 -32.17 45.99 -19.93
N LYS I 62 -32.30 44.71 -20.28
CA LYS I 62 -33.06 44.35 -21.46
C LYS I 62 -34.53 44.74 -21.32
N LEU I 63 -35.08 44.60 -20.11
CA LEU I 63 -36.45 45.03 -19.86
C LEU I 63 -36.61 46.53 -20.07
N MET I 64 -35.65 47.31 -19.58
CA MET I 64 -35.72 48.75 -19.79
C MET I 64 -35.60 49.10 -21.27
N GLN I 65 -34.75 48.39 -22.00
CA GLN I 65 -34.67 48.60 -23.44
C GLN I 65 -35.98 48.24 -24.12
N GLN I 66 -36.66 47.21 -23.62
CA GLN I 66 -37.98 46.86 -24.16
C GLN I 66 -38.95 48.01 -23.97
N GLY I 67 -38.89 48.70 -22.84
CA GLY I 67 -39.65 49.91 -22.63
C GLY I 67 -41.15 49.75 -22.64
N VAL I 68 -41.66 48.75 -21.94
CA VAL I 68 -43.11 48.57 -21.80
C VAL I 68 -43.61 49.42 -20.63
N LEU J 16 18.49 -17.63 -23.15
CA LEU J 16 17.10 -17.83 -22.77
C LEU J 16 16.92 -19.17 -22.06
N CYS J 17 17.75 -20.14 -22.44
CA CYS J 17 17.86 -21.41 -21.73
C CYS J 17 19.20 -21.55 -21.02
N ASN J 18 20.28 -21.09 -21.63
CA ASN J 18 21.57 -21.08 -20.96
C ASN J 18 21.54 -20.18 -19.73
N ALA J 19 20.92 -19.01 -19.84
CA ALA J 19 20.81 -18.12 -18.69
C ALA J 19 20.01 -18.77 -17.57
N ALA J 20 18.90 -19.42 -17.92
CA ALA J 20 18.10 -20.09 -16.90
C ALA J 20 18.90 -21.19 -16.22
N SER J 21 19.63 -21.99 -17.00
CA SER J 21 20.45 -23.04 -16.41
C SER J 21 21.52 -22.46 -15.50
N LYS J 22 22.15 -21.36 -15.92
CA LYS J 22 23.18 -20.74 -15.09
C LYS J 22 22.60 -20.23 -13.78
N VAL J 23 21.44 -19.58 -13.84
CA VAL J 23 20.81 -19.09 -12.62
C VAL J 23 20.46 -20.24 -11.69
N GLN J 24 19.89 -21.31 -12.24
CA GLN J 24 19.55 -22.47 -11.42
C GLN J 24 20.78 -23.07 -10.78
N ALA J 25 21.87 -23.19 -11.54
CA ALA J 25 23.10 -23.75 -11.00
C ALA J 25 23.65 -22.88 -9.88
N ARG J 26 23.65 -21.57 -10.07
CA ARG J 26 24.17 -20.67 -9.04
C ARG J 26 23.35 -20.80 -7.75
N SER J 27 22.03 -20.78 -7.88
CA SER J 27 21.18 -20.90 -6.69
C SER J 27 21.35 -22.25 -6.03
N ALA J 28 21.53 -23.31 -6.82
CA ALA J 28 21.77 -24.63 -6.25
C ALA J 28 23.08 -24.65 -5.46
N LYS J 29 24.13 -24.04 -6.00
CA LYS J 29 25.40 -23.99 -5.29
C LYS J 29 25.24 -23.24 -3.98
N LYS J 30 24.56 -22.10 -4.00
CA LYS J 30 24.36 -21.33 -2.77
C LYS J 30 23.54 -22.11 -1.76
N LEU J 31 22.52 -22.84 -2.23
CA LEU J 31 21.70 -23.64 -1.33
C LEU J 31 22.54 -24.74 -0.68
N ALA J 32 23.40 -25.38 -1.45
CA ALA J 32 24.28 -26.41 -0.90
C ALA J 32 25.30 -25.82 0.06
N ALA J 33 25.69 -24.55 -0.15
CA ALA J 33 26.76 -23.97 0.64
C ALA J 33 26.36 -23.79 2.09
N LEU J 34 25.13 -23.35 2.35
CA LEU J 34 24.74 -23.02 3.71
C LEU J 34 24.90 -24.23 4.63
N THR J 35 25.40 -23.98 5.83
CA THR J 35 25.76 -25.03 6.78
C THR J 35 24.83 -25.03 7.99
N ASP J 36 23.54 -24.77 7.77
CA ASP J 36 22.54 -24.78 8.82
C ASP J 36 21.86 -26.14 8.83
N ALA J 37 21.97 -26.86 9.96
CA ALA J 37 21.43 -28.21 10.03
C ALA J 37 19.92 -28.22 9.83
N GLY J 38 19.21 -27.30 10.49
CA GLY J 38 17.77 -27.28 10.38
C GLY J 38 17.29 -26.98 8.96
N ILE J 39 17.91 -25.99 8.31
CA ILE J 39 17.50 -25.62 6.96
C ILE J 39 17.73 -26.78 6.00
N GLN J 40 18.90 -27.41 6.09
CA GLN J 40 19.20 -28.54 5.22
C GLN J 40 18.25 -29.69 5.48
N LYS J 41 17.95 -29.97 6.75
CA LYS J 41 17.04 -31.07 7.06
C LYS J 41 15.66 -30.81 6.49
N THR J 42 15.15 -29.58 6.64
CA THR J 42 13.83 -29.25 6.09
C THR J 42 13.84 -29.35 4.58
N ILE J 43 14.89 -28.85 3.93
CA ILE J 43 14.98 -28.93 2.48
C ILE J 43 14.97 -30.38 2.02
N SER J 44 15.74 -31.24 2.68
CA SER J 44 15.79 -32.64 2.30
C SER J 44 14.43 -33.31 2.48
N GLU J 45 13.77 -33.04 3.61
CA GLU J 45 12.46 -33.65 3.86
C GLU J 45 11.44 -33.22 2.81
N HIS J 46 11.41 -31.93 2.48
CA HIS J 46 10.44 -31.45 1.51
C HIS J 46 10.75 -31.93 0.11
N ASN J 47 12.04 -32.04 -0.23
CA ASN J 47 12.40 -32.60 -1.53
C ASN J 47 11.98 -34.07 -1.62
N ALA J 48 12.14 -34.82 -0.54
CA ALA J 48 11.69 -36.20 -0.53
C ALA J 48 10.18 -36.29 -0.68
N ASN J 49 9.45 -35.44 0.05
CA ASN J 49 7.99 -35.45 -0.03
C ASN J 49 7.44 -34.68 -1.22
N GLY J 50 8.26 -33.86 -1.88
CA GLY J 50 7.79 -33.10 -3.02
C GLY J 50 7.00 -31.86 -2.68
N THR J 51 7.06 -31.39 -1.44
CA THR J 51 6.34 -30.21 -1.00
C THR J 51 7.26 -29.00 -1.01
N ASP J 52 6.69 -27.84 -0.68
CA ASP J 52 7.40 -26.57 -0.69
C ASP J 52 7.76 -26.18 0.74
N ALA J 53 9.05 -25.96 0.98
CA ALA J 53 9.50 -25.60 2.33
C ALA J 53 9.16 -24.15 2.66
N ALA J 54 9.32 -23.24 1.70
CA ALA J 54 9.08 -21.83 1.98
C ALA J 54 7.61 -21.57 2.32
N VAL J 55 6.70 -22.17 1.55
CA VAL J 55 5.27 -21.99 1.83
C VAL J 55 4.91 -22.60 3.18
N SER J 56 5.53 -23.74 3.51
CA SER J 56 5.29 -24.35 4.81
C SER J 56 5.76 -23.43 5.94
N SER J 57 6.91 -22.78 5.75
CA SER J 57 7.38 -21.83 6.75
C SER J 57 6.40 -20.68 6.92
N THR J 58 5.87 -20.16 5.80
CA THR J 58 4.90 -19.08 5.89
C THR J 58 3.65 -19.51 6.65
N LYS J 59 3.15 -20.71 6.37
CA LYS J 59 1.95 -21.19 7.04
C LYS J 59 2.20 -21.42 8.53
N ARG J 60 3.36 -21.98 8.89
CA ARG J 60 3.69 -22.12 10.29
C ARG J 60 3.75 -20.77 10.99
N TYR J 61 4.36 -19.79 10.34
CA TYR J 61 4.46 -18.45 10.95
C TYR J 61 3.08 -17.85 11.18
N LEU J 62 2.21 -17.92 10.17
CA LEU J 62 0.89 -17.33 10.33
C LEU J 62 0.07 -18.06 11.39
N ALA J 63 0.21 -19.38 11.47
CA ALA J 63 -0.47 -20.13 12.52
C ALA J 63 0.01 -19.69 13.90
N GLU J 64 1.33 -19.57 14.08
CA GLU J 64 1.86 -19.13 15.36
C GLU J 64 1.36 -17.75 15.73
N GLN J 65 1.38 -16.82 14.76
CA GLN J 65 0.91 -15.47 15.03
C GLN J 65 -0.57 -15.45 15.36
N ARG J 66 -1.35 -16.33 14.72
CA ARG J 66 -2.77 -16.43 15.05
C ARG J 66 -2.96 -16.92 16.47
N GLN J 67 -2.10 -17.84 16.92
CA GLN J 67 -2.20 -18.37 18.27
C GLN J 67 -1.54 -17.50 19.33
N LEU J 68 -0.78 -16.47 18.93
CA LEU J 68 -0.08 -15.60 19.86
C LEU J 68 -0.71 -14.22 19.98
N PHE J 69 -1.88 -14.01 19.38
CA PHE J 69 -2.51 -12.70 19.43
C PHE J 69 -2.82 -12.28 20.86
N HIS J 70 -3.44 -13.17 21.63
CA HIS J 70 -3.78 -12.84 23.01
C HIS J 70 -2.54 -12.78 23.88
N TYR J 71 -1.49 -13.52 23.53
CA TYR J 71 -0.20 -13.31 24.18
C TYR J 71 0.29 -11.90 23.95
N ARG J 72 0.14 -11.38 22.74
CA ARG J 72 0.52 -9.99 22.46
C ARG J 72 -0.27 -9.03 23.32
N VAL J 73 -1.58 -9.28 23.48
CA VAL J 73 -2.41 -8.39 24.29
C VAL J 73 -1.93 -8.40 25.74
N VAL J 74 -1.69 -9.61 26.28
CA VAL J 74 -1.22 -9.72 27.66
C VAL J 74 0.13 -9.03 27.82
N ARG J 75 1.03 -9.21 26.86
CA ARG J 75 2.33 -8.55 26.92
C ARG J 75 2.17 -7.04 26.88
N PHE J 76 1.25 -6.53 26.06
CA PHE J 76 1.03 -5.09 26.01
C PHE J 76 0.60 -4.55 27.36
N PHE J 77 -0.32 -5.25 28.02
CA PHE J 77 -0.76 -4.77 29.34
C PHE J 77 0.34 -4.88 30.37
N ASP J 78 1.14 -5.95 30.31
CA ASP J 78 2.26 -6.08 31.24
C ASP J 78 3.28 -4.97 31.04
N GLU J 79 3.58 -4.65 29.78
CA GLU J 79 4.53 -3.57 29.49
C GLU J 79 3.97 -2.23 29.93
N CYS J 80 2.67 -2.00 29.73
CA CYS J 80 2.06 -0.77 30.19
C CYS J 80 2.17 -0.63 31.70
N HIS J 81 1.92 -1.71 32.43
CA HIS J 81 2.09 -1.68 33.88
C HIS J 81 3.54 -1.41 34.26
N TYR J 82 4.48 -2.03 33.54
CA TYR J 82 5.89 -1.84 33.83
C TYR J 82 6.30 -0.38 33.63
N ILE J 83 5.83 0.25 32.56
CA ILE J 83 6.16 1.64 32.30
C ILE J 83 5.49 2.55 33.31
N ILE J 84 4.20 2.33 33.55
CA ILE J 84 3.43 3.23 34.40
C ILE J 84 3.93 3.17 35.84
N SER J 85 4.34 1.99 36.29
CA SER J 85 4.80 1.82 37.66
C SER J 85 6.10 2.56 37.95
N GLY J 86 6.79 3.04 36.92
CA GLY J 86 8.06 3.72 37.10
C GLY J 86 9.26 2.81 37.17
N GLU J 87 9.06 1.49 37.14
CA GLU J 87 10.18 0.57 37.20
C GLU J 87 11.04 0.66 35.95
N TYR J 88 10.45 1.01 34.81
CA TYR J 88 11.21 1.13 33.57
C TYR J 88 12.24 2.24 33.66
N PHE J 89 11.84 3.40 34.21
CA PHE J 89 12.75 4.54 34.30
C PHE J 89 13.75 4.39 35.43
N ALA J 90 13.51 3.48 36.39
CA ALA J 90 14.46 3.30 37.48
C ALA J 90 15.80 2.76 36.97
N GLN J 91 15.75 1.84 36.01
CA GLN J 91 16.94 1.21 35.45
C GLN J 91 17.30 1.80 34.09
N TYR J 92 16.92 3.05 33.83
CA TYR J 92 17.15 3.66 32.53
C TYR J 92 18.65 3.78 32.25
N THR J 93 19.05 3.43 31.04
CA THR J 93 20.43 3.49 30.60
C THR J 93 20.50 4.20 29.25
N LYS J 94 21.73 4.32 28.73
CA LYS J 94 21.91 4.96 27.44
C LYS J 94 21.31 4.16 26.30
N VAL J 95 21.35 2.83 26.39
CA VAL J 95 20.76 1.99 25.35
C VAL J 95 19.27 2.26 25.24
N ASN J 96 18.59 2.38 26.37
CA ASN J 96 17.17 2.72 26.35
C ASN J 96 16.94 4.09 25.72
N LEU J 97 17.86 5.03 25.96
CA LEU J 97 17.74 6.34 25.33
C LEU J 97 17.84 6.22 23.81
N ILE J 98 18.77 5.39 23.32
CA ILE J 98 18.90 5.19 21.88
C ILE J 98 17.61 4.61 21.32
N TRP J 99 17.07 3.59 22.00
CA TRP J 99 15.83 2.97 21.54
C TRP J 99 14.68 3.97 21.52
N ASP J 100 14.59 4.81 22.55
CA ASP J 100 13.51 5.79 22.61
C ASP J 100 13.65 6.84 21.52
N LEU J 101 14.88 7.22 21.17
CA LEU J 101 15.08 8.15 20.06
C LEU J 101 14.63 7.53 18.75
N ARG J 102 14.98 6.26 18.53
CA ARG J 102 14.47 5.54 17.36
C ARG J 102 12.95 5.54 17.35
N PHE J 103 12.34 5.27 18.50
CA PHE J 103 10.89 5.22 18.61
C PHE J 103 10.27 6.57 18.25
N LEU J 104 10.85 7.66 18.77
CA LEU J 104 10.34 8.99 18.48
C LEU J 104 10.44 9.32 17.00
N THR J 105 11.56 8.95 16.37
CA THR J 105 11.72 9.22 14.94
C THR J 105 10.65 8.49 14.13
N LYS J 106 10.40 7.22 14.45
CA LYS J 106 9.37 6.48 13.74
C LYS J 106 8.00 7.12 13.95
N LEU J 107 7.72 7.58 15.17
CA LEU J 107 6.44 8.22 15.43
C LEU J 107 6.25 9.46 14.57
N VAL J 108 7.29 10.29 14.46
CA VAL J 108 7.17 11.51 13.66
C VAL J 108 6.94 11.17 12.20
N VAL J 109 7.71 10.22 11.67
CA VAL J 109 7.58 9.88 10.25
C VAL J 109 6.19 9.31 9.98
N LEU J 110 5.68 8.48 10.90
CA LEU J 110 4.36 7.90 10.73
C LEU J 110 3.27 8.97 10.79
N PHE J 111 3.42 9.95 11.68
CA PHE J 111 2.45 11.04 11.74
C PHE J 111 2.41 11.81 10.43
N LEU J 112 3.59 12.10 9.86
CA LEU J 112 3.64 12.84 8.60
C LEU J 112 3.01 12.04 7.47
N ILE J 113 3.35 10.75 7.37
CA ILE J 113 2.78 9.91 6.34
C ILE J 113 1.26 9.80 6.51
N GLY J 114 0.81 9.70 7.75
CA GLY J 114 -0.62 9.66 8.00
C GLY J 114 -1.33 10.93 7.56
N THR J 115 -0.71 12.08 7.81
CA THR J 115 -1.30 13.34 7.34
C THR J 115 -1.40 13.37 5.83
N VAL J 116 -0.33 12.95 5.14
CA VAL J 116 -0.34 12.96 3.69
C VAL J 116 -1.43 12.04 3.15
N LEU J 117 -1.56 10.85 3.74
CA LEU J 117 -2.60 9.93 3.28
C LEU J 117 -4.00 10.44 3.64
N GLY J 118 -4.14 11.08 4.80
CA GLY J 118 -5.44 11.59 5.21
C GLY J 118 -5.97 12.66 4.29
N ARG J 119 -5.12 13.62 3.91
CA ARG J 119 -5.53 14.61 2.93
C ARG J 119 -5.36 14.13 1.50
N GLN J 120 -4.80 12.93 1.30
CA GLN J 120 -4.67 12.33 -0.02
C GLN J 120 -3.92 13.27 -0.97
N SER J 121 -2.90 13.94 -0.45
CA SER J 121 -2.11 14.86 -1.25
C SER J 121 -0.80 15.13 -0.51
N ILE J 122 0.29 15.21 -1.29
CA ILE J 122 1.58 15.51 -0.70
C ILE J 122 1.61 16.93 -0.15
N PHE J 123 1.03 17.88 -0.89
CA PHE J 123 0.99 19.27 -0.49
C PHE J 123 -0.39 19.65 0.03
N PRO J 124 -0.49 20.67 0.89
CA PRO J 124 -1.79 21.10 1.37
C PRO J 124 -2.64 21.59 0.23
N PRO J 125 -3.95 21.39 0.29
CA PRO J 125 -4.82 21.90 -0.78
C PRO J 125 -4.90 23.42 -0.77
N ILE J 126 -5.13 23.98 -1.95
CA ILE J 126 -5.17 25.42 -2.15
C ILE J 126 -6.58 25.92 -1.87
N ASP J 127 -6.68 27.01 -1.10
CA ASP J 127 -7.97 27.61 -0.80
C ASP J 127 -8.47 28.44 -1.97
N PRO J 128 -9.79 28.60 -2.10
CA PRO J 128 -10.33 29.36 -3.24
C PRO J 128 -9.89 30.81 -3.26
N ASP J 129 -9.60 31.40 -2.12
CA ASP J 129 -9.20 32.80 -2.04
C ASP J 129 -7.70 32.99 -2.24
N SER J 130 -6.95 31.91 -2.41
CA SER J 130 -5.52 32.02 -2.61
C SER J 130 -5.19 32.48 -4.03
N PRO J 131 -4.08 33.19 -4.22
CA PRO J 131 -3.69 33.58 -5.59
C PRO J 131 -3.13 32.44 -6.41
N LEU J 132 -2.91 31.26 -5.81
CA LEU J 132 -2.41 30.11 -6.54
C LEU J 132 -3.50 29.34 -7.27
N VAL J 133 -4.76 29.77 -7.14
CA VAL J 133 -5.85 29.09 -7.84
C VAL J 133 -5.60 29.10 -9.34
N GLU J 134 -5.00 30.16 -9.86
CA GLU J 134 -4.66 30.21 -11.27
C GLU J 134 -3.86 28.99 -11.68
N ALA J 135 -2.93 28.55 -10.83
CA ALA J 135 -2.15 27.35 -11.13
C ALA J 135 -3.04 26.16 -11.36
N LEU J 136 -4.07 25.99 -10.53
CA LEU J 136 -5.01 24.90 -10.72
C LEU J 136 -5.76 25.04 -12.04
N VAL J 137 -6.14 26.28 -12.39
CA VAL J 137 -6.92 26.49 -13.60
C VAL J 137 -6.08 26.18 -14.84
N THR J 138 -4.79 26.48 -14.79
CA THR J 138 -3.90 26.32 -15.94
C THR J 138 -3.20 24.97 -15.95
N LYS J 139 -3.81 23.94 -15.37
CA LYS J 139 -3.23 22.60 -15.43
C LYS J 139 -3.15 22.12 -16.88
N VAL J 140 -2.02 21.51 -17.23
CA VAL J 140 -1.86 20.95 -18.56
C VAL J 140 -2.86 19.82 -18.78
N ASN J 141 -2.97 18.91 -17.80
CA ASN J 141 -3.90 17.79 -17.86
C ASN J 141 -4.88 17.90 -16.71
N PRO J 142 -6.11 18.36 -16.93
CA PRO J 142 -7.07 18.45 -15.83
C PRO J 142 -7.42 17.11 -15.19
N ASN J 143 -7.20 15.99 -15.90
CA ASN J 143 -7.50 14.69 -15.32
C ASN J 143 -6.57 14.38 -14.16
N TYR J 144 -5.39 14.96 -14.13
CA TYR J 144 -4.40 14.67 -13.10
C TYR J 144 -3.93 15.94 -12.42
N VAL K 18 45.66 -8.85 29.10
CA VAL K 18 46.50 -7.70 28.81
C VAL K 18 45.63 -6.50 28.50
N GLY K 19 46.20 -5.30 28.64
CA GLY K 19 45.46 -4.08 28.43
C GLY K 19 45.30 -3.74 26.96
N ASN K 20 44.63 -2.61 26.73
CA ASN K 20 44.32 -2.13 25.39
C ASN K 20 45.17 -0.93 24.99
N GLY K 21 46.23 -0.64 25.72
CA GLY K 21 47.00 0.56 25.51
C GLY K 21 47.81 0.53 24.23
N PRO K 22 48.16 1.69 23.70
CA PRO K 22 49.00 1.74 22.50
C PRO K 22 50.45 1.39 22.82
N THR K 23 51.24 1.27 21.76
CA THR K 23 52.67 1.01 21.88
C THR K 23 53.46 2.03 21.08
N PHE K 24 54.77 1.83 20.98
CA PHE K 24 55.63 2.71 20.21
C PHE K 24 55.06 2.90 18.81
N SER K 25 54.89 4.16 18.42
CA SER K 25 54.26 4.48 17.14
C SER K 25 55.11 4.00 15.98
N THR K 26 54.43 3.56 14.92
CA THR K 26 55.09 3.03 13.74
C THR K 26 54.88 3.86 12.49
N GLY K 27 53.86 4.70 12.46
CA GLY K 27 53.57 5.48 11.27
C GLY K 27 52.99 4.70 10.12
N GLY K 28 52.51 3.48 10.38
CA GLY K 28 51.98 2.65 9.32
C GLY K 28 53.03 2.05 8.41
N GLU K 29 54.26 1.92 8.90
CA GLU K 29 55.38 1.45 8.10
C GLU K 29 55.69 -0.01 8.41
N CYS K 30 56.22 -0.70 7.40
CA CYS K 30 56.73 -2.06 7.56
C CYS K 30 58.24 -1.97 7.78
N MET K 31 58.68 -2.48 8.94
CA MET K 31 60.08 -2.34 9.33
C MET K 31 60.99 -3.34 8.64
N ASN K 32 60.45 -4.36 7.99
CA ASN K 32 61.26 -5.31 7.25
C ASN K 32 61.69 -4.77 5.88
N THR K 33 61.15 -3.62 5.47
CA THR K 33 61.50 -3.04 4.18
C THR K 33 61.75 -1.53 4.26
N CYS K 34 61.82 -0.96 5.46
CA CYS K 34 62.02 0.48 5.59
C CYS K 34 63.50 0.82 5.43
N ASP K 35 63.77 2.12 5.28
CA ASP K 35 65.12 2.60 5.07
C ASP K 35 65.96 2.55 6.34
N ILE K 36 65.35 2.35 7.51
CA ILE K 36 66.06 2.30 8.78
C ILE K 36 65.80 0.96 9.44
N GLN K 37 65.63 -0.09 8.63
CA GLN K 37 65.25 -1.39 9.16
C GLN K 37 66.28 -1.94 10.13
N ASN K 38 67.56 -1.66 9.91
CA ASN K 38 68.59 -2.18 10.80
C ASN K 38 68.43 -1.68 12.23
N ALA K 39 67.74 -0.56 12.43
CA ALA K 39 67.52 -0.03 13.77
C ALA K 39 66.48 -0.81 14.55
N PHE K 40 65.76 -1.74 13.91
CA PHE K 40 64.70 -2.49 14.56
C PHE K 40 65.15 -3.94 14.75
N PRO K 41 65.22 -4.43 15.98
CA PRO K 41 65.71 -5.80 16.18
C PRO K 41 64.84 -6.83 15.48
N MET K 42 65.48 -7.91 15.04
CA MET K 42 64.81 -9.03 14.40
C MET K 42 64.69 -10.20 15.37
N ASN K 43 63.51 -10.79 15.41
CA ASN K 43 63.24 -11.90 16.32
C ASN K 43 63.53 -13.24 15.64
N ASP K 44 63.23 -14.33 16.33
CA ASP K 44 63.51 -15.66 15.80
C ASP K 44 62.71 -15.92 14.54
N ARG K 45 61.46 -15.48 14.50
CA ARG K 45 60.60 -15.71 13.34
C ARG K 45 61.01 -14.90 12.13
N GLY K 46 61.94 -13.96 12.29
CA GLY K 46 62.39 -13.16 11.17
C GLY K 46 61.60 -11.89 10.92
N VAL K 47 60.84 -11.42 11.89
CA VAL K 47 60.04 -10.21 11.76
C VAL K 47 60.69 -9.12 12.61
N ARG K 48 61.09 -8.03 11.96
CA ARG K 48 61.73 -6.94 12.66
C ARG K 48 60.73 -6.23 13.57
N SER K 49 61.23 -5.79 14.73
CA SER K 49 60.38 -5.18 15.73
C SER K 49 59.79 -3.87 15.22
N SER K 50 58.66 -3.49 15.82
CA SER K 50 58.03 -2.20 15.56
C SER K 50 58.63 -1.08 16.41
N SER K 51 59.61 -1.40 17.24
CA SER K 51 60.16 -0.45 18.20
C SER K 51 61.62 -0.80 18.42
N PRO K 52 62.36 0.08 19.10
CA PRO K 52 63.73 -0.29 19.49
C PRO K 52 63.80 -1.49 20.42
N PHE K 53 62.70 -1.85 21.07
CA PHE K 53 62.70 -2.93 22.04
C PHE K 53 62.64 -4.28 21.33
N GLN K 54 62.91 -5.33 22.10
CA GLN K 54 62.83 -6.70 21.62
C GLN K 54 61.40 -7.21 21.78
N GLU K 55 60.82 -7.68 20.68
CA GLU K 55 59.44 -8.13 20.64
C GLU K 55 59.39 -9.57 20.15
N PRO K 56 58.75 -10.49 20.89
CA PRO K 56 58.73 -11.89 20.47
C PRO K 56 57.64 -12.22 19.47
N ASN K 57 56.54 -11.46 19.47
CA ASN K 57 55.34 -11.80 18.71
C ASN K 57 54.98 -10.74 17.69
N THR K 58 55.99 -10.09 17.09
CA THR K 58 55.71 -9.12 16.05
C THR K 58 55.19 -9.80 14.80
N ALA K 59 54.28 -9.13 14.10
CA ALA K 59 53.65 -9.68 12.91
C ALA K 59 53.57 -8.61 11.84
N ILE K 60 53.23 -9.04 10.63
CA ILE K 60 53.04 -8.15 9.48
C ILE K 60 51.66 -8.42 8.89
N TYR K 61 50.91 -7.36 8.64
CA TYR K 61 49.59 -7.44 8.03
C TYR K 61 49.63 -6.82 6.64
N ASP K 62 48.89 -7.42 5.71
CA ASP K 62 48.93 -7.04 4.30
C ASP K 62 47.57 -6.48 3.88
N SER K 63 47.45 -5.17 3.99
CA SER K 63 46.43 -4.41 3.28
C SER K 63 47.03 -3.97 1.94
N TYR K 64 46.41 -3.00 1.27
CA TYR K 64 47.00 -2.41 0.07
C TYR K 64 48.50 -2.22 0.28
N LEU K 65 48.88 -1.76 1.47
CA LEU K 65 50.28 -1.68 1.89
C LEU K 65 50.48 -2.54 3.13
N ALA K 66 51.68 -3.10 3.25
CA ALA K 66 52.03 -3.91 4.40
C ALA K 66 52.41 -3.02 5.58
N TRP K 67 52.07 -3.48 6.79
CA TRP K 67 52.41 -2.75 7.99
C TRP K 67 52.69 -3.71 9.13
N THR K 68 53.66 -3.35 9.96
CA THR K 68 54.06 -4.16 11.10
C THR K 68 53.19 -3.85 12.31
N TYR K 69 52.87 -4.89 13.08
CA TYR K 69 52.04 -4.75 14.26
C TYR K 69 52.62 -5.59 15.40
N PHE K 70 52.60 -5.02 16.60
CA PHE K 70 53.03 -5.70 17.81
C PHE K 70 51.87 -5.78 18.78
N GLN K 71 51.55 -7.00 19.23
CA GLN K 71 50.46 -7.23 20.16
C GLN K 71 51.02 -7.35 21.57
N PRO K 72 50.69 -6.44 22.48
CA PRO K 72 51.14 -6.61 23.87
C PRO K 72 50.61 -7.90 24.47
N MET K 73 51.41 -8.48 25.35
CA MET K 73 51.06 -9.74 26.00
C MET K 73 51.73 -9.81 27.35
N ASP K 74 51.26 -10.75 28.18
CA ASP K 74 51.82 -10.97 29.50
C ASP K 74 53.06 -11.84 29.37
N VAL K 75 54.22 -11.24 29.61
CA VAL K 75 55.50 -11.95 29.51
C VAL K 75 56.36 -11.55 30.70
N HIS K 76 57.02 -12.54 31.30
CA HIS K 76 57.88 -12.31 32.45
C HIS K 76 59.33 -12.20 31.99
N ILE K 77 60.02 -11.17 32.48
CA ILE K 77 61.41 -10.91 32.14
C ILE K 77 62.21 -10.83 33.43
N GLU K 78 63.34 -11.52 33.48
CA GLU K 78 64.20 -11.48 34.65
C GLU K 78 64.62 -10.05 34.95
N LYS K 79 64.17 -9.51 36.08
CA LYS K 79 64.35 -8.10 36.40
C LYS K 79 65.62 -7.94 37.23
N LEU K 80 66.61 -7.27 36.64
CA LEU K 80 67.82 -6.95 37.37
C LEU K 80 67.49 -6.03 38.54
N PRO K 81 68.10 -6.23 39.71
CA PRO K 81 67.68 -5.46 40.89
C PRO K 81 67.91 -3.97 40.71
N ALA K 82 67.18 -3.19 41.49
CA ALA K 82 67.22 -1.74 41.35
C ALA K 82 68.62 -1.21 41.66
N PRO K 83 69.23 -0.43 40.77
CA PRO K 83 70.52 0.18 41.09
C PRO K 83 70.36 1.35 42.06
N GLU K 84 71.51 1.87 42.49
CA GLU K 84 71.52 3.06 43.32
C GLU K 84 71.27 4.30 42.48
N ALA K 85 70.69 5.32 43.13
CA ALA K 85 70.40 6.56 42.43
C ALA K 85 71.65 7.25 41.90
N LYS K 86 72.81 6.98 42.52
CA LYS K 86 74.03 7.66 42.11
C LYS K 86 74.42 7.32 40.67
N TYR K 87 74.12 6.11 40.22
CA TYR K 87 74.66 5.59 38.98
C TYR K 87 73.74 5.77 37.78
N TYR K 88 72.54 6.34 37.96
CA TYR K 88 71.68 6.64 36.83
C TYR K 88 71.04 8.02 36.88
N GLN K 89 71.08 8.72 38.00
CA GLN K 89 70.51 10.06 38.09
C GLN K 89 71.56 11.10 37.71
N ARG K 90 71.18 12.02 36.83
CA ARG K 90 72.04 13.12 36.40
C ARG K 90 71.33 14.42 36.74
N HIS K 91 71.86 15.16 37.72
CA HIS K 91 71.24 16.40 38.18
C HIS K 91 71.83 17.59 37.43
N THR K 92 71.56 17.60 36.13
CA THR K 92 71.99 18.67 35.23
C THR K 92 70.80 19.50 34.73
N LYS K 93 69.68 19.48 35.45
CA LYS K 93 68.50 20.21 35.02
C LYS K 93 68.77 21.71 35.03
N LYS K 94 68.19 22.40 34.07
CA LYS K 94 68.36 23.83 33.88
C LYS K 94 67.01 24.53 33.89
N PRO K 95 66.99 25.84 34.18
CA PRO K 95 65.69 26.53 34.27
C PRO K 95 64.85 26.41 33.00
N TRP K 96 65.48 26.41 31.83
CA TRP K 96 64.74 26.31 30.59
C TRP K 96 64.23 24.90 30.32
N ASP K 97 64.77 23.90 31.02
CA ASP K 97 64.46 22.51 30.69
C ASP K 97 63.03 22.17 31.08
N VAL K 98 62.33 21.50 30.17
CA VAL K 98 61.00 20.96 30.42
C VAL K 98 61.01 19.51 29.96
N SER K 99 60.65 18.61 30.86
CA SER K 99 60.69 17.19 30.54
C SER K 99 59.55 16.81 29.60
N SER K 100 59.69 15.64 28.97
CA SER K 100 58.69 15.18 28.03
C SER K 100 57.35 14.92 28.73
N THR K 101 57.40 14.39 29.95
CA THR K 101 56.17 14.18 30.71
C THR K 101 55.48 15.51 31.00
N GLU K 102 56.24 16.51 31.44
CA GLU K 102 55.66 17.82 31.72
C GLU K 102 55.14 18.47 30.43
N LEU K 103 55.87 18.32 29.33
CA LEU K 103 55.41 18.86 28.06
C LEU K 103 54.11 18.20 27.64
N THR K 104 54.00 16.89 27.82
CA THR K 104 52.77 16.19 27.50
C THR K 104 51.61 16.70 28.33
N GLU K 105 51.85 16.93 29.63
CA GLU K 105 50.80 17.47 30.50
C GLU K 105 50.36 18.85 30.01
N ILE K 106 51.33 19.73 29.73
CA ILE K 106 51.01 21.09 29.29
C ILE K 106 50.22 21.06 27.99
N GLN K 107 50.69 20.28 27.02
CA GLN K 107 50.03 20.22 25.73
C GLN K 107 48.65 19.60 25.84
N SER K 108 48.49 18.60 26.71
CA SER K 108 47.17 18.00 26.90
C SER K 108 46.18 19.03 27.39
N ARG K 109 46.55 19.82 28.40
CA ARG K 109 45.63 20.83 28.92
C ARG K 109 45.34 21.90 27.86
N LYS K 110 46.39 22.37 27.17
CA LYS K 110 46.20 23.39 26.15
C LYS K 110 45.28 22.91 25.05
N LYS K 111 45.48 21.68 24.57
CA LYS K 111 44.66 21.15 23.50
C LYS K 111 43.24 20.86 23.96
N TYR K 112 43.06 20.50 25.22
CA TYR K 112 41.71 20.35 25.76
C TYR K 112 40.95 21.67 25.68
N PHE K 113 41.57 22.75 26.14
CA PHE K 113 40.90 24.05 26.09
C PHE K 113 40.71 24.51 24.65
N GLN K 114 41.70 24.29 23.79
CA GLN K 114 41.55 24.65 22.39
C GLN K 114 40.41 23.87 21.73
N THR K 115 40.29 22.59 22.05
CA THR K 115 39.21 21.78 21.49
C THR K 115 37.85 22.31 21.93
N LEU K 116 37.70 22.67 23.21
CA LEU K 116 36.44 23.23 23.66
C LEU K 116 36.13 24.54 22.93
N GLY K 117 37.14 25.41 22.80
CA GLY K 117 36.91 26.67 22.10
C GLY K 117 36.55 26.48 20.64
N TYR K 118 37.25 25.57 19.96
CA TYR K 118 36.93 25.29 18.57
C TYR K 118 35.54 24.69 18.43
N LEU K 119 35.13 23.87 19.40
CA LEU K 119 33.79 23.30 19.36
C LEU K 119 32.73 24.40 19.45
N VAL K 120 32.92 25.35 20.37
CA VAL K 120 31.98 26.46 20.49
C VAL K 120 31.97 27.29 19.21
N ALA K 121 33.16 27.56 18.66
CA ALA K 121 33.26 28.32 17.43
C ALA K 121 32.54 27.62 16.29
N PHE K 122 32.75 26.31 16.17
CA PHE K 122 32.12 25.55 15.09
C PHE K 122 30.60 25.58 15.22
N ILE K 123 30.08 25.39 16.42
CA ILE K 123 28.63 25.42 16.62
C ILE K 123 28.07 26.78 16.24
N TYR K 124 28.71 27.86 16.72
CA TYR K 124 28.21 29.19 16.40
C TYR K 124 28.29 29.46 14.90
N LEU K 125 29.41 29.11 14.27
CA LEU K 125 29.60 29.45 12.86
C LEU K 125 28.58 28.74 11.98
N TYR K 126 28.36 27.45 12.20
CA TYR K 126 27.56 26.65 11.30
C TYR K 126 26.10 26.50 11.73
N PHE K 127 25.73 27.02 12.89
CA PHE K 127 24.35 26.87 13.36
C PHE K 127 23.74 28.15 13.93
N LEU K 128 24.52 29.17 14.23
CA LEU K 128 23.98 30.38 14.83
C LEU K 128 24.35 31.64 14.07
N MET K 129 25.54 31.71 13.49
CA MET K 129 25.99 32.93 12.85
C MET K 129 25.21 33.18 11.56
N PRO K 130 24.54 34.31 11.41
CA PRO K 130 23.89 34.62 10.14
C PRO K 130 24.88 35.13 9.10
N LYS K 131 24.53 34.90 7.84
CA LYS K 131 25.32 35.42 6.74
C LYS K 131 25.00 36.89 6.52
N GLU K 132 26.03 37.68 6.26
CA GLU K 132 25.86 39.11 6.05
C GLU K 132 25.18 39.39 4.72
N LYS K 133 24.55 40.56 4.64
CA LYS K 133 23.99 41.08 3.40
C LYS K 133 22.96 40.12 2.80
N SER K 134 21.88 39.94 3.55
CA SER K 134 20.76 39.13 3.08
C SER K 134 19.86 39.96 2.16
N PHE K 135 19.26 39.28 1.18
CA PHE K 135 18.38 39.95 0.24
C PHE K 135 17.14 40.49 0.95
N SER K 136 16.56 39.70 1.85
CA SER K 136 15.36 40.11 2.56
C SER K 136 15.66 41.09 3.69
N GLY K 137 16.87 41.08 4.22
CA GLY K 137 17.20 41.93 5.35
C GLY K 137 16.77 41.38 6.70
N LEU K 138 16.34 40.12 6.75
CA LEU K 138 15.89 39.53 8.00
C LEU K 138 17.03 38.97 8.85
N SER K 139 18.22 38.79 8.27
CA SER K 139 19.32 38.17 8.98
C SER K 139 20.63 38.75 8.48
N GLY K 140 21.52 39.05 9.42
CA GLY K 140 22.86 39.50 9.09
C GLY K 140 22.92 41.00 8.87
N PRO K 141 24.10 41.58 9.05
CA PRO K 141 24.25 43.02 8.83
C PRO K 141 24.53 43.36 7.37
N ASP K 142 24.13 44.59 7.01
CA ASP K 142 24.35 45.11 5.68
C ASP K 142 25.63 45.91 5.56
N GLY K 143 26.40 46.03 6.64
CA GLY K 143 27.62 46.80 6.64
C GLY K 143 27.38 48.25 7.03
N HIS K 144 28.44 48.88 7.55
CA HIS K 144 28.36 50.27 7.96
C HIS K 144 29.76 50.87 7.96
N TRP K 145 29.79 52.20 7.97
CA TRP K 145 31.04 52.94 7.92
C TRP K 145 31.62 53.14 9.30
N ILE K 146 32.95 53.17 9.37
CA ILE K 146 33.68 53.34 10.63
C ILE K 146 34.74 54.41 10.43
N MET K 147 35.35 54.81 11.55
CA MET K 147 36.43 55.80 11.56
C MET K 147 35.96 57.15 11.00
N LEU K 148 34.68 57.46 11.16
CA LEU K 148 34.17 58.74 10.70
C LEU K 148 34.67 59.86 11.63
N PRO K 149 34.92 61.05 11.09
CA PRO K 149 35.41 62.14 11.93
C PRO K 149 34.36 62.58 12.93
N LYS K 150 34.84 63.07 14.07
CA LYS K 150 33.96 63.55 15.14
C LYS K 150 34.61 64.75 15.81
N GLY K 151 33.83 65.81 15.98
CA GLY K 151 34.33 67.02 16.63
C GLY K 151 35.41 67.72 15.85
N ARG K 152 35.29 67.76 14.52
CA ARG K 152 36.26 68.42 13.65
C ARG K 152 35.51 69.28 12.64
N PRO K 153 34.92 70.39 13.10
CA PRO K 153 34.18 71.25 12.16
C PRO K 153 35.03 71.80 11.04
N GLU K 154 36.32 72.08 11.29
CA GLU K 154 37.17 72.62 10.25
C GLU K 154 37.39 71.63 9.11
N LEU K 155 37.11 70.35 9.35
CA LEU K 155 37.29 69.35 8.31
C LEU K 155 36.31 69.53 7.15
N PHE K 156 35.21 70.23 7.38
CA PHE K 156 34.22 70.46 6.34
C PHE K 156 34.01 71.95 6.11
N PHE L 5 15.91 76.82 -13.18
CA PHE L 5 17.18 76.08 -13.10
C PHE L 5 17.30 75.08 -14.24
N HIS L 6 18.52 74.62 -14.50
CA HIS L 6 18.79 73.73 -15.62
C HIS L 6 19.97 72.83 -15.28
N PHE L 7 19.76 71.52 -15.39
CA PHE L 7 20.83 70.56 -15.17
C PHE L 7 21.66 70.40 -16.45
N HIS L 8 22.97 70.28 -16.27
CA HIS L 8 23.86 70.06 -17.38
C HIS L 8 23.75 68.63 -17.88
N ASP L 9 24.11 68.42 -19.14
CA ASP L 9 24.09 67.11 -19.77
C ASP L 9 25.44 66.43 -19.52
N VAL L 10 25.45 65.37 -18.73
CA VAL L 10 26.67 64.66 -18.38
C VAL L 10 26.57 63.21 -18.82
N SER L 11 25.79 62.96 -19.87
CA SER L 11 25.67 61.62 -20.41
C SER L 11 26.97 61.20 -21.09
N ASN L 12 27.07 59.91 -21.38
CA ASN L 12 28.29 59.38 -21.98
C ASN L 12 28.55 60.02 -23.34
N ASP L 13 27.51 60.19 -24.16
CA ASP L 13 27.69 60.81 -25.46
C ASP L 13 28.17 62.25 -25.33
N ALA L 14 27.57 63.00 -24.41
CA ALA L 14 28.02 64.37 -24.17
C ALA L 14 29.41 64.40 -23.52
N ILE L 15 29.66 63.48 -22.59
CA ILE L 15 30.93 63.45 -21.88
C ILE L 15 32.08 63.05 -22.79
N LYS L 16 31.80 62.36 -23.89
CA LYS L 16 32.88 61.84 -24.73
C LYS L 16 33.72 62.97 -25.31
N GLY L 17 33.09 64.05 -25.75
CA GLY L 17 33.79 65.16 -26.36
C GLY L 17 33.98 66.33 -25.42
N MET L 18 34.31 66.05 -24.16
CA MET L 18 34.44 67.09 -23.15
C MET L 18 35.75 66.96 -22.40
N PRO L 19 36.35 68.08 -21.98
CA PRO L 19 37.55 67.98 -21.16
C PRO L 19 37.23 67.49 -19.76
N PRO L 20 38.18 66.88 -19.06
CA PRO L 20 37.90 66.40 -17.70
C PRO L 20 37.45 67.50 -16.75
N SER L 21 38.08 68.68 -16.82
CA SER L 21 37.73 69.74 -15.88
C SER L 21 36.29 70.20 -16.07
N GLU L 22 35.86 70.36 -17.32
CA GLU L 22 34.49 70.77 -17.58
C GLU L 22 33.50 69.75 -17.06
N ALA L 23 33.77 68.46 -17.29
CA ALA L 23 32.86 67.42 -16.83
C ALA L 23 32.78 67.38 -15.31
N LEU L 24 33.92 67.50 -14.63
CA LEU L 24 33.92 67.49 -13.17
C LEU L 24 33.15 68.69 -12.63
N HIS L 25 33.37 69.87 -13.20
CA HIS L 25 32.66 71.06 -12.73
C HIS L 25 31.16 70.94 -12.97
N LYS L 26 30.77 70.39 -14.13
CA LYS L 26 29.35 70.21 -14.41
C LYS L 26 28.70 69.23 -13.44
N HIS L 27 29.40 68.14 -13.13
CA HIS L 27 28.88 67.20 -12.13
C HIS L 27 28.71 67.89 -10.78
N LEU L 28 29.70 68.70 -10.38
CA LEU L 28 29.60 69.42 -9.12
C LEU L 28 28.43 70.38 -9.12
N GLU L 29 28.23 71.11 -10.22
CA GLU L 29 27.13 72.05 -10.30
C GLU L 29 25.78 71.34 -10.25
N ASN L 30 25.67 70.20 -10.93
CA ASN L 30 24.44 69.43 -10.87
C ASN L 30 24.16 68.96 -9.45
N ALA L 31 25.19 68.49 -8.75
CA ALA L 31 25.00 68.06 -7.37
C ALA L 31 24.55 69.22 -6.49
N GLN L 32 25.18 70.39 -6.66
CA GLN L 32 24.77 71.55 -5.88
C GLN L 32 23.33 71.94 -6.17
N LEU L 33 22.93 71.92 -7.44
CA LEU L 33 21.56 72.26 -7.80
C LEU L 33 20.57 71.30 -7.18
N ALA L 34 20.85 70.00 -7.26
CA ALA L 34 19.98 69.02 -6.63
C ALA L 34 19.88 69.23 -5.14
N HIS L 35 21.02 69.53 -4.50
CA HIS L 35 21.02 69.75 -3.06
C HIS L 35 20.18 70.96 -2.69
N ARG L 36 20.30 72.05 -3.44
CA ARG L 36 19.53 73.25 -3.11
C ARG L 36 18.04 73.02 -3.37
N ILE L 37 17.69 72.26 -4.41
CA ILE L 37 16.30 71.94 -4.64
C ILE L 37 15.73 71.13 -3.48
N CYS L 38 16.49 70.14 -3.01
CA CYS L 38 16.02 69.33 -1.88
C CYS L 38 15.88 70.18 -0.63
N LEU L 39 16.84 71.08 -0.39
CA LEU L 39 16.75 71.97 0.76
C LEU L 39 15.54 72.89 0.65
N ALA L 40 15.26 73.39 -0.55
CA ALA L 40 14.10 74.25 -0.74
C ALA L 40 12.81 73.50 -0.43
N LYS L 41 12.70 72.27 -0.92
CA LYS L 41 11.52 71.46 -0.61
C LYS L 41 11.40 71.23 0.88
N ALA L 42 12.52 70.94 1.55
CA ALA L 42 12.49 70.71 2.99
C ALA L 42 12.03 71.96 3.73
N LEU L 43 12.56 73.13 3.34
CA LEU L 43 12.15 74.37 3.98
C LEU L 43 10.66 74.64 3.76
N LYS L 44 10.18 74.40 2.55
CA LYS L 44 8.75 74.58 2.28
C LYS L 44 7.91 73.65 3.15
N ALA L 45 8.34 72.40 3.30
CA ALA L 45 7.62 71.47 4.16
C ALA L 45 7.79 71.80 5.63
N GLY L 46 8.85 72.54 5.99
CA GLY L 46 9.10 72.92 7.37
C GLY L 46 9.89 71.90 8.18
N GLU L 47 10.19 70.74 7.60
CA GLU L 47 10.93 69.71 8.31
C GLU L 47 12.40 70.04 8.37
N PRO L 48 13.15 69.42 9.29
CA PRO L 48 14.57 69.72 9.41
C PRO L 48 15.30 69.35 8.13
N PRO L 49 16.38 70.06 7.79
CA PRO L 49 17.08 69.76 6.53
C PRO L 49 17.98 68.54 6.63
N VAL L 50 18.55 68.31 7.82
CA VAL L 50 19.49 67.20 7.98
C VAL L 50 18.79 65.87 7.78
N GLU L 51 17.51 65.78 8.15
CA GLU L 51 16.76 64.53 8.05
C GLU L 51 16.28 64.25 6.62
N LYS L 52 16.51 65.16 5.68
CA LYS L 52 16.05 64.96 4.31
C LYS L 52 17.16 65.17 3.30
N CYS L 53 18.14 66.01 3.63
CA CYS L 53 19.14 66.48 2.67
C CYS L 53 20.52 65.87 2.92
N ALA L 54 20.60 64.73 3.58
CA ALA L 54 21.89 64.12 3.87
C ALA L 54 22.53 63.53 2.61
N LEU L 55 21.74 62.79 1.83
CA LEU L 55 22.29 62.11 0.66
C LEU L 55 22.75 63.11 -0.40
N THR L 56 21.97 64.17 -0.63
CA THR L 56 22.38 65.18 -1.60
C THR L 56 23.64 65.89 -1.14
N TRP L 57 23.75 66.16 0.16
CA TRP L 57 24.98 66.74 0.69
C TRP L 57 26.17 65.83 0.47
N GLY L 58 25.98 64.51 0.67
CA GLY L 58 27.06 63.58 0.42
C GLY L 58 27.47 63.54 -1.04
N GLU L 59 26.49 63.65 -1.94
CA GLU L 59 26.80 63.71 -3.36
C GLU L 59 27.62 64.95 -3.68
N VAL L 60 27.24 66.10 -3.10
CA VAL L 60 28.04 67.31 -3.29
C VAL L 60 29.45 67.09 -2.77
N LEU L 61 29.56 66.43 -1.62
CA LEU L 61 30.87 66.19 -1.02
C LEU L 61 31.75 65.35 -1.93
N ILE L 62 31.21 64.26 -2.47
CA ILE L 62 32.01 63.36 -3.29
C ILE L 62 32.39 64.04 -4.60
N ARG L 63 31.48 64.82 -5.17
CA ARG L 63 31.81 65.55 -6.39
C ARG L 63 32.87 66.61 -6.12
N TYR L 64 32.81 67.25 -4.96
CA TYR L 64 33.87 68.18 -4.57
C TYR L 64 35.21 67.47 -4.48
N GLN L 65 35.23 66.28 -3.87
CA GLN L 65 36.47 65.54 -3.71
C GLN L 65 37.06 65.17 -5.06
N ALA L 66 36.22 64.74 -6.01
CA ALA L 66 36.72 64.42 -7.34
C ALA L 66 37.13 65.67 -8.11
N TRP L 67 36.46 66.79 -7.86
CA TRP L 67 36.73 68.01 -8.61
C TRP L 67 38.03 68.68 -8.16
N SER L 68 38.28 68.69 -6.85
CA SER L 68 39.45 69.37 -6.32
C SER L 68 40.74 68.58 -6.50
N GLU L 69 40.65 67.28 -6.76
CA GLU L 69 41.85 66.46 -6.90
C GLU L 69 42.55 66.68 -8.24
N TYR L 70 41.80 67.02 -9.28
CA TYR L 70 42.34 67.10 -10.63
C TYR L 70 42.94 68.47 -10.89
N ARG L 71 44.20 68.48 -11.30
CA ARG L 71 44.90 69.70 -11.70
C ARG L 71 45.31 69.55 -13.16
N PRO L 72 44.75 70.31 -14.09
CA PRO L 72 45.13 70.17 -15.49
C PRO L 72 46.62 70.40 -15.68
N PRO L 73 47.27 69.64 -16.56
CA PRO L 73 48.72 69.74 -16.70
C PRO L 73 49.14 71.11 -17.22
N PHE L 74 50.27 71.60 -16.71
CA PHE L 74 50.84 72.83 -17.20
C PHE L 74 51.49 72.60 -18.56
N GLN L 75 51.32 73.57 -19.46
CA GLN L 75 51.92 73.49 -20.79
C GLN L 75 53.33 74.06 -20.71
N ASP L 76 54.32 73.17 -20.75
CA ASP L 76 55.71 73.55 -20.61
C ASP L 76 56.52 72.80 -21.67
N SER L 77 57.85 72.89 -21.56
CA SER L 77 58.71 72.32 -22.60
C SER L 77 58.54 70.81 -22.69
N VAL L 78 58.63 70.11 -21.56
CA VAL L 78 58.59 68.65 -21.59
C VAL L 78 57.20 68.15 -21.95
N ALA L 79 56.16 68.80 -21.42
CA ALA L 79 54.79 68.38 -21.73
C ALA L 79 54.48 68.59 -23.21
N GLN L 80 54.86 69.75 -23.75
CA GLN L 80 54.66 70.00 -25.17
C GLN L 80 55.45 69.02 -26.01
N ALA L 81 56.68 68.70 -25.57
CA ALA L 81 57.49 67.74 -26.30
C ALA L 81 56.82 66.38 -26.34
N LYS L 82 56.28 65.92 -25.21
CA LYS L 82 55.58 64.64 -25.20
C LYS L 82 54.36 64.66 -26.11
N TYR L 83 53.57 65.73 -26.04
CA TYR L 83 52.36 65.79 -26.84
C TYR L 83 52.68 65.79 -28.33
N LYS L 84 53.69 66.57 -28.74
CA LYS L 84 54.07 66.61 -30.14
C LYS L 84 54.69 65.28 -30.58
N LYS L 85 55.45 64.64 -29.69
CA LYS L 85 56.07 63.36 -30.04
C LYS L 85 55.02 62.30 -30.31
N TYR L 86 53.99 62.22 -29.45
CA TYR L 86 52.97 61.20 -29.65
C TYR L 86 52.07 61.53 -30.83
N TRP L 87 51.61 62.78 -30.91
CA TRP L 87 50.67 63.19 -31.95
C TRP L 87 51.45 63.74 -33.15
N SER L 88 51.99 62.83 -33.93
CA SER L 88 52.63 63.18 -35.19
C SER L 88 51.57 63.37 -36.27
N LYS L 89 52.01 63.85 -37.43
CA LYS L 89 51.10 64.06 -38.55
C LYS L 89 50.49 62.73 -39.00
N LYS L 90 51.31 61.67 -39.03
CA LYS L 90 50.80 60.37 -39.42
C LYS L 90 49.70 59.90 -38.46
N ARG L 91 49.92 60.05 -37.17
CA ARG L 91 48.93 59.62 -36.19
C ARG L 91 47.67 60.46 -36.28
N GLN L 92 47.81 61.77 -36.51
CA GLN L 92 46.64 62.62 -36.68
C GLN L 92 45.83 62.20 -37.89
N GLU L 93 46.50 61.90 -39.01
CA GLU L 93 45.78 61.43 -40.19
C GLU L 93 45.08 60.12 -39.93
N GLU L 94 45.76 59.19 -39.24
CA GLU L 94 45.14 57.91 -38.93
C GLU L 94 43.92 58.09 -38.04
N ASP L 95 44.01 58.98 -37.05
CA ASP L 95 42.86 59.24 -36.18
C ASP L 95 41.70 59.82 -36.98
N ASP L 96 41.99 60.74 -37.90
CA ASP L 96 40.93 61.31 -38.73
C ASP L 96 40.28 60.25 -39.59
N LYS L 97 41.08 59.34 -40.16
CA LYS L 97 40.53 58.32 -41.04
C LYS L 97 39.62 57.35 -40.29
N ASN L 98 39.98 56.99 -39.07
CA ASN L 98 39.23 55.98 -38.34
C ASN L 98 37.81 56.47 -38.09
N PRO L 99 36.78 55.67 -38.39
CA PRO L 99 35.40 56.10 -38.10
C PRO L 99 34.97 55.85 -36.67
N PHE L 100 35.64 54.96 -35.95
CA PHE L 100 35.25 54.63 -34.59
C PHE L 100 35.59 55.78 -33.64
N TYR M 26 39.01 -9.63 1.89
CA TYR M 26 37.83 -9.10 1.22
C TYR M 26 37.79 -7.58 1.28
N ASN M 27 36.82 -6.98 0.60
CA ASN M 27 36.70 -5.54 0.51
C ASN M 27 35.27 -5.11 0.83
N MET M 28 35.16 -3.91 1.39
CA MET M 28 33.89 -3.20 1.53
C MET M 28 34.12 -1.82 0.91
N LEU M 29 33.77 -1.68 -0.36
CA LEU M 29 34.09 -0.49 -1.16
C LEU M 29 35.61 -0.43 -1.28
N VAL M 30 36.27 0.63 -0.80
CA VAL M 30 37.73 0.74 -0.89
C VAL M 30 38.43 0.25 0.36
N PHE M 31 37.68 -0.22 1.36
CA PHE M 31 38.27 -0.67 2.62
C PHE M 31 38.55 -2.16 2.53
N ARG M 32 39.82 -2.53 2.58
CA ARG M 32 40.24 -3.92 2.45
C ARG M 32 40.61 -4.48 3.82
N ASP M 33 40.19 -5.71 4.07
CA ASP M 33 40.46 -6.36 5.34
C ASP M 33 41.92 -6.78 5.41
N PRO M 34 42.67 -6.35 6.42
CA PRO M 34 44.08 -6.77 6.52
C PRO M 34 44.18 -8.26 6.82
N LYS M 35 45.24 -8.86 6.29
CA LYS M 35 45.52 -10.28 6.46
C LYS M 35 46.91 -10.46 7.05
N ARG M 36 46.99 -11.28 8.10
CA ARG M 36 48.27 -11.54 8.75
C ARG M 36 49.13 -12.46 7.87
N ARG M 37 50.39 -12.10 7.71
CA ARG M 37 51.31 -12.93 6.96
C ARG M 37 51.69 -14.16 7.77
N PRO M 38 51.72 -15.35 7.15
CA PRO M 38 52.24 -16.52 7.87
C PRO M 38 53.69 -16.32 8.26
N GLN M 39 54.03 -16.82 9.45
CA GLN M 39 55.40 -16.76 9.97
C GLN M 39 56.05 -18.13 10.10
N LEU M 40 55.27 -19.20 10.22
CA LEU M 40 55.80 -20.54 10.38
C LEU M 40 56.00 -21.19 9.02
N SER M 41 57.03 -22.02 8.94
CA SER M 41 57.24 -22.84 7.76
C SER M 41 56.28 -24.03 7.76
N GLU M 42 56.17 -24.69 6.61
CA GLU M 42 55.25 -25.81 6.49
C GLU M 42 55.61 -26.93 7.47
N GLU M 43 56.90 -27.22 7.61
CA GLU M 43 57.32 -28.28 8.52
C GLU M 43 56.94 -27.97 9.95
N GLU M 44 57.27 -26.77 10.42
CA GLU M 44 56.91 -26.37 11.77
C GLU M 44 55.40 -26.28 11.93
N ARG M 45 54.71 -25.77 10.91
CA ARG M 45 53.27 -25.59 10.98
C ARG M 45 52.55 -26.93 11.12
N ALA M 46 53.03 -27.95 10.39
CA ALA M 46 52.35 -29.24 10.42
C ALA M 46 52.41 -29.87 11.80
N LYS M 47 53.40 -29.51 12.62
CA LYS M 47 53.54 -30.06 13.96
C LYS M 47 52.70 -29.34 15.00
N VAL M 48 51.96 -28.31 14.61
CA VAL M 48 51.15 -27.55 15.55
C VAL M 48 49.83 -28.29 15.76
N VAL M 49 49.43 -28.44 17.03
CA VAL M 49 48.18 -29.10 17.40
C VAL M 49 47.15 -28.03 17.72
N VAL M 50 46.06 -28.02 16.96
CA VAL M 50 45.00 -27.04 17.13
C VAL M 50 44.02 -27.55 18.17
N ASN M 51 43.72 -26.70 19.16
CA ASN M 51 42.78 -27.02 20.24
C ASN M 51 41.84 -25.83 20.38
N GLN M 52 40.69 -25.88 19.69
CA GLN M 52 39.75 -24.77 19.73
C GLN M 52 39.04 -24.63 21.06
N ALA M 53 39.20 -25.59 21.97
CA ALA M 53 38.59 -25.46 23.29
C ALA M 53 39.19 -24.30 24.07
N GLU M 54 40.45 -23.97 23.80
CA GLU M 54 41.09 -22.84 24.44
C GLU M 54 40.73 -21.50 23.80
N TRP M 55 40.16 -21.52 22.60
CA TRP M 55 39.86 -20.29 21.90
C TRP M 55 38.67 -19.57 22.55
N PRO M 56 38.60 -18.25 22.43
CA PRO M 56 37.40 -17.54 22.90
C PRO M 56 36.18 -17.90 22.08
N GLU M 57 35.01 -17.79 22.73
CA GLU M 57 33.77 -18.14 22.05
C GLU M 57 33.52 -17.25 20.85
N GLU M 58 34.04 -16.02 20.87
CA GLU M 58 33.85 -15.12 19.75
C GLU M 58 34.50 -15.67 18.48
N PHE M 59 35.66 -16.32 18.63
CA PHE M 59 36.42 -16.84 17.49
C PHE M 59 36.53 -18.35 17.65
N LYS M 60 35.52 -19.05 17.14
CA LYS M 60 35.53 -20.51 17.01
C LYS M 60 35.04 -20.85 15.63
N ASP M 61 35.66 -21.87 15.01
CA ASP M 61 35.50 -22.10 13.59
C ASP M 61 35.91 -20.86 12.80
N PHE M 62 37.00 -20.24 13.25
CA PHE M 62 37.43 -18.96 12.70
C PHE M 62 37.64 -19.04 11.20
N ASP M 63 37.10 -18.07 10.47
CA ASP M 63 37.19 -18.02 9.03
C ASP M 63 37.84 -16.71 8.61
N PRO M 64 38.96 -16.71 7.90
CA PRO M 64 39.55 -15.44 7.45
C PRO M 64 38.61 -14.62 6.58
N ASP M 65 37.74 -15.28 5.81
CA ASP M 65 36.83 -14.59 4.92
C ASP M 65 35.61 -14.01 5.66
N ASP M 66 35.44 -14.32 6.94
CA ASP M 66 34.33 -13.81 7.71
C ASP M 66 34.69 -13.88 9.20
N PRO M 67 35.67 -13.10 9.65
CA PRO M 67 36.14 -13.24 11.04
C PRO M 67 35.15 -12.73 12.07
N TYR M 68 34.19 -11.89 11.69
CA TYR M 68 33.28 -11.26 12.64
C TYR M 68 31.86 -11.82 12.57
N LYS M 69 31.72 -13.06 12.06
CA LYS M 69 30.38 -13.64 11.94
C LYS M 69 29.75 -13.85 13.31
N ASN M 70 30.54 -14.27 14.30
CA ASN M 70 30.05 -14.53 15.64
C ASN M 70 30.32 -13.37 16.59
N SER M 71 30.75 -12.23 16.09
CA SER M 71 31.05 -11.10 16.95
C SER M 71 29.76 -10.52 17.54
N PRO M 72 29.77 -10.14 18.80
CA PRO M 72 28.53 -9.63 19.41
C PRO M 72 28.10 -8.29 18.85
N GLU M 73 26.80 -8.05 18.91
CA GLU M 73 26.24 -6.76 18.51
C GLU M 73 26.52 -5.72 19.59
N ILE M 74 26.72 -4.48 19.14
CA ILE M 74 26.95 -3.39 20.08
C ILE M 74 25.73 -3.15 20.94
N ILE M 75 24.56 -3.14 20.32
CA ILE M 75 23.28 -3.01 21.01
C ILE M 75 22.44 -4.22 20.67
N LYS M 76 21.99 -4.94 21.70
CA LYS M 76 21.23 -6.16 21.47
C LYS M 76 19.91 -5.83 20.79
N GLY M 77 19.65 -6.51 19.67
CA GLY M 77 18.43 -6.31 18.92
C GLY M 77 18.48 -5.19 17.90
N MET M 78 19.58 -4.45 17.83
CA MET M 78 19.73 -3.37 16.86
C MET M 78 20.42 -3.94 15.62
N SER M 79 19.65 -4.16 14.57
CA SER M 79 20.17 -4.68 13.32
C SER M 79 20.71 -3.56 12.43
N SER M 80 21.55 -3.94 11.47
CA SER M 80 22.04 -2.98 10.49
C SER M 80 20.90 -2.41 9.67
N TRP M 81 19.94 -3.26 9.29
CA TRP M 81 18.79 -2.78 8.55
C TRP M 81 18.00 -1.76 9.36
N ASN M 82 17.91 -1.96 10.68
CA ASN M 82 17.20 -1.01 11.52
C ASN M 82 17.86 0.36 11.48
N LEU M 83 19.19 0.40 11.53
CA LEU M 83 19.90 1.68 11.46
C LEU M 83 19.73 2.32 10.09
N PHE M 84 19.85 1.53 9.03
CA PHE M 84 19.62 2.03 7.68
C PHE M 84 18.23 2.64 7.56
N LEU M 85 17.22 1.95 8.09
CA LEU M 85 15.85 2.45 8.06
C LEU M 85 15.70 3.71 8.91
N TRP M 86 16.42 3.78 10.03
CA TRP M 86 16.41 4.98 10.85
C TRP M 86 16.89 6.18 10.04
N GLY M 87 17.97 6.00 9.29
CA GLY M 87 18.44 7.08 8.44
C GLY M 87 17.45 7.45 7.35
N VAL M 88 16.83 6.43 6.75
CA VAL M 88 15.83 6.69 5.71
C VAL M 88 14.67 7.52 6.28
N GLU M 89 14.22 7.16 7.49
CA GLU M 89 13.14 7.90 8.12
C GLU M 89 13.56 9.33 8.44
N CYS M 90 14.79 9.52 8.90
CA CYS M 90 15.28 10.88 9.15
C CYS M 90 15.27 11.70 7.87
N ALA M 91 15.69 11.10 6.75
CA ALA M 91 15.64 11.81 5.48
C ALA M 91 14.22 12.18 5.09
N PHE M 92 13.28 11.24 5.27
CA PHE M 92 11.89 11.53 4.95
C PHE M 92 11.35 12.66 5.81
N ILE M 93 11.70 12.66 7.10
CA ILE M 93 11.30 13.77 7.96
C ILE M 93 11.89 15.07 7.47
N TYR M 94 13.17 15.05 7.11
CA TYR M 94 13.84 16.27 6.66
C TYR M 94 13.15 16.86 5.43
N GLN M 95 12.65 16.00 4.54
CA GLN M 95 12.02 16.46 3.32
C GLN M 95 10.53 16.73 3.45
N PHE M 96 9.85 16.13 4.43
CA PHE M 96 8.39 16.19 4.52
C PHE M 96 7.86 16.96 5.71
N TYR M 97 8.71 17.39 6.64
CA TYR M 97 8.20 18.11 7.81
C TYR M 97 7.54 19.43 7.41
N GLU M 98 8.14 20.15 6.45
CA GLU M 98 7.59 21.42 6.03
C GLU M 98 6.27 21.26 5.28
N LEU M 99 5.97 20.06 4.79
CA LEU M 99 4.71 19.81 4.12
C LEU M 99 3.55 19.74 5.10
N VAL M 100 3.81 19.40 6.35
CA VAL M 100 2.76 19.23 7.35
C VAL M 100 2.73 20.41 8.30
N PHE M 101 3.89 21.01 8.55
CA PHE M 101 4.02 22.16 9.45
C PHE M 101 4.77 23.28 8.75
N PRO M 102 4.20 23.84 7.70
CA PRO M 102 4.85 24.97 7.02
C PRO M 102 4.90 26.21 7.90
N LYS M 103 5.92 27.03 7.66
CA LYS M 103 6.12 28.26 8.40
C LYS M 103 6.27 29.41 7.43
N SER M 104 5.88 30.60 7.88
CA SER M 104 5.92 31.78 7.03
C SER M 104 7.32 32.38 7.03
N ILE M 105 7.61 33.14 5.98
CA ILE M 105 8.89 33.80 5.82
C ILE M 105 9.09 34.81 6.94
N SER N 14 26.80 30.08 -14.89
CA SER N 14 26.50 31.09 -13.90
C SER N 14 26.24 30.46 -12.53
N ASN N 15 25.18 29.65 -12.46
CA ASN N 15 24.87 28.97 -11.21
C ASN N 15 26.01 28.09 -10.73
N PRO N 16 26.62 27.25 -11.58
CA PRO N 16 27.81 26.50 -11.12
C PRO N 16 28.94 27.41 -10.65
N ALA N 17 29.13 28.54 -11.33
CA ALA N 17 30.20 29.46 -10.95
C ALA N 17 29.95 30.04 -9.56
N ASP N 18 28.70 30.11 -9.14
CA ASP N 18 28.33 30.74 -7.88
C ASP N 18 28.63 29.85 -6.68
N HIS N 19 29.01 28.60 -6.92
CA HIS N 19 29.38 27.67 -5.85
C HIS N 19 30.74 28.01 -5.27
N PHE N 20 31.53 28.77 -6.02
CA PHE N 20 32.94 29.02 -5.70
C PHE N 20 33.04 30.37 -4.99
N ARG N 21 32.44 30.46 -3.81
CA ARG N 21 32.46 31.68 -3.00
C ARG N 21 32.67 31.28 -1.55
N PRO N 22 33.35 32.10 -0.75
CA PRO N 22 33.45 31.80 0.68
C PRO N 22 32.08 31.73 1.32
N ASN N 23 31.92 30.77 2.23
CA ASN N 23 30.63 30.41 2.80
C ASN N 23 30.43 30.91 4.22
N LEU N 24 31.37 31.67 4.77
CA LEU N 24 31.31 32.10 6.16
C LEU N 24 31.61 33.59 6.28
N LYS N 25 30.98 34.39 5.44
CA LYS N 25 31.10 35.85 5.54
C LYS N 25 30.22 36.34 6.68
N ALA N 26 30.80 37.14 7.57
CA ALA N 26 30.14 37.57 8.80
C ALA N 26 29.82 39.05 8.84
N LEU N 27 30.75 39.91 8.43
CA LEU N 27 30.58 41.34 8.57
C LEU N 27 31.49 42.06 7.60
N THR N 28 31.01 43.20 7.11
CA THR N 28 31.78 44.06 6.22
C THR N 28 31.78 45.48 6.78
N LEU N 29 32.96 46.06 6.90
CA LEU N 29 33.14 47.41 7.41
C LEU N 29 33.73 48.29 6.32
N TYR N 30 33.29 49.54 6.28
CA TYR N 30 33.73 50.50 5.28
C TYR N 30 34.41 51.68 5.96
N ALA N 31 35.43 52.22 5.31
CA ALA N 31 36.16 53.36 5.83
C ALA N 31 36.81 54.09 4.67
N GLU N 32 36.70 55.42 4.68
CA GLU N 32 37.32 56.23 3.65
C GLU N 32 38.83 56.26 3.82
N ARG N 33 39.53 56.30 2.68
CA ARG N 33 40.99 56.36 2.71
C ARG N 33 41.46 57.61 3.43
N GLN N 34 40.80 58.74 3.17
CA GLN N 34 41.15 59.99 3.83
C GLN N 34 41.10 59.84 5.35
N HIS N 35 40.01 59.25 5.86
CA HIS N 35 39.79 59.22 7.29
C HIS N 35 40.86 58.41 8.01
N TYR N 36 41.09 57.17 7.57
CA TYR N 36 42.03 56.33 8.30
C TYR N 36 43.48 56.72 8.01
N VAL N 37 43.74 57.31 6.84
CA VAL N 37 45.07 57.88 6.61
C VAL N 37 45.33 59.03 7.58
N ASP N 38 44.34 59.90 7.79
CA ASP N 38 44.51 60.99 8.73
C ASP N 38 44.70 60.47 10.15
N ARG N 39 43.92 59.47 10.53
CA ARG N 39 44.06 58.90 11.87
C ARG N 39 45.43 58.27 12.06
N TRP N 40 45.93 57.57 11.04
CA TRP N 40 47.27 57.00 11.12
C TRP N 40 48.32 58.08 11.24
N LEU N 41 48.16 59.18 10.49
CA LEU N 41 49.11 60.28 10.60
C LEU N 41 49.10 60.87 12.00
N HIS N 42 47.91 61.00 12.60
CA HIS N 42 47.83 61.51 13.95
C HIS N 42 48.54 60.59 14.94
N VAL N 43 48.35 59.28 14.79
CA VAL N 43 49.05 58.33 15.65
C VAL N 43 50.55 58.47 15.48
N LYS N 44 51.01 58.55 14.23
CA LYS N 44 52.44 58.66 13.97
C LYS N 44 53.01 59.94 14.55
N GLU N 45 52.28 61.06 14.42
CA GLU N 45 52.74 62.31 15.00
C GLU N 45 52.77 62.23 16.52
N ARG N 46 51.78 61.56 17.12
CA ARG N 46 51.74 61.42 18.57
C ARG N 46 52.95 60.65 19.07
N TRP N 47 53.34 59.59 18.36
CA TRP N 47 54.44 58.75 18.81
C TRP N 47 55.81 59.28 18.42
N LEU N 48 55.90 60.11 17.38
CA LEU N 48 57.17 60.68 16.94
C LEU N 48 57.39 62.11 17.43
N ALA N 49 56.47 62.65 18.22
CA ALA N 49 56.54 64.03 18.69
C ALA N 49 57.50 64.20 19.86
N PRO N 50 57.51 63.28 20.84
CA PRO N 50 58.25 63.54 22.07
C PRO N 50 59.70 63.94 21.83
N TRP N 51 60.22 64.76 22.76
CA TRP N 51 61.57 65.27 22.64
C TRP N 51 62.62 64.17 22.67
N TYR N 52 62.36 63.09 23.42
CA TYR N 52 63.35 62.04 23.57
C TYR N 52 63.51 61.18 22.32
N LEU N 53 62.90 61.55 21.19
CA LEU N 53 63.11 60.91 19.90
C LEU N 53 63.61 61.97 18.94
N PRO N 54 64.92 62.17 18.82
CA PRO N 54 65.42 63.24 17.95
C PRO N 54 65.11 62.97 16.48
N TRP N 55 65.03 64.07 15.73
CA TRP N 55 64.67 63.97 14.31
C TRP N 55 65.70 63.18 13.52
N TRP N 56 66.94 63.15 13.98
CA TRP N 56 68.00 62.45 13.26
C TRP N 56 68.06 60.96 13.60
N SER N 57 67.20 60.48 14.49
CA SER N 57 67.19 59.06 14.81
C SER N 57 66.68 58.26 13.62
N PRO N 58 67.19 57.03 13.43
CA PRO N 58 66.69 56.20 12.32
C PRO N 58 65.20 55.93 12.41
N LEU N 59 64.65 55.81 13.62
CA LEU N 59 63.22 55.54 13.76
C LEU N 59 62.38 56.67 13.17
N PHE N 60 62.73 57.91 13.51
CA PHE N 60 61.98 59.05 13.01
C PHE N 60 62.05 59.14 11.48
N GLN N 61 63.25 58.97 10.93
CA GLN N 61 63.42 59.03 9.49
C GLN N 61 62.66 57.89 8.81
N LEU N 62 62.72 56.69 9.38
CA LEU N 62 61.94 55.58 8.85
C LEU N 62 60.46 55.93 8.82
N GLY N 63 59.97 56.60 9.86
CA GLY N 63 58.57 56.97 9.90
C GLY N 63 58.19 58.01 8.86
N THR N 64 59.08 58.98 8.60
CA THR N 64 58.70 60.19 7.87
C THR N 64 59.23 60.27 6.44
N TRP N 65 60.45 59.83 6.18
CA TRP N 65 61.12 60.19 4.93
C TRP N 65 60.42 59.57 3.72
N TYR N 66 60.10 58.29 3.80
CA TYR N 66 59.50 57.63 2.65
C TYR N 66 58.13 58.22 2.33
N SER N 67 57.34 58.52 3.35
CA SER N 67 56.04 59.14 3.14
C SER N 67 56.20 60.51 2.50
N GLN N 68 57.14 61.31 3.00
CA GLN N 68 57.41 62.61 2.40
C GLN N 68 57.81 62.48 0.94
N ARG N 69 58.68 61.52 0.64
CA ARG N 69 59.14 61.33 -0.73
C ARG N 69 58.00 60.94 -1.65
N SER N 70 57.14 60.02 -1.21
CA SER N 70 56.02 59.59 -2.04
C SER N 70 55.04 60.73 -2.29
N ARG N 71 54.73 61.51 -1.24
CA ARG N 71 53.82 62.63 -1.41
C ARG N 71 54.41 63.68 -2.35
N ASN N 72 55.72 63.93 -2.24
CA ASN N 72 56.37 64.84 -3.15
C ASN N 72 56.27 64.35 -4.59
N LEU N 73 56.48 63.05 -4.80
CA LEU N 73 56.34 62.49 -6.14
C LEU N 73 54.94 62.69 -6.68
N PHE N 74 53.92 62.53 -5.84
CA PHE N 74 52.55 62.80 -6.27
C PHE N 74 52.37 64.25 -6.65
N LEU N 75 52.91 65.17 -5.85
CA LEU N 75 52.72 66.59 -6.12
C LEU N 75 53.42 67.02 -7.41
N VAL N 76 54.63 66.49 -7.65
CA VAL N 76 55.39 66.86 -8.84
C VAL N 76 54.77 66.30 -10.12
N GLU N 77 53.84 65.38 -10.01
CA GLU N 77 53.31 64.69 -11.19
C GLU N 77 52.63 65.68 -12.12
N ASN N 78 52.97 65.60 -13.41
CA ASN N 78 52.35 66.40 -14.47
C ASN N 78 52.04 65.46 -15.62
N HIS N 79 50.84 64.86 -15.58
CA HIS N 79 50.44 63.86 -16.56
C HIS N 79 49.52 64.46 -17.60
N LEU N 80 49.72 64.08 -18.86
CA LEU N 80 48.88 64.56 -19.94
C LEU N 80 47.53 63.85 -20.01
N SER N 81 47.42 62.69 -19.39
CA SER N 81 46.17 61.94 -19.34
C SER N 81 45.44 62.22 -18.04
N TYR N 82 44.19 61.77 -17.98
CA TYR N 82 43.34 61.97 -16.82
C TYR N 82 43.23 60.68 -16.02
N ARG N 83 43.48 60.76 -14.72
CA ARG N 83 43.33 59.61 -13.84
C ARG N 83 42.02 59.74 -13.09
N PRO N 84 41.04 58.87 -13.32
CA PRO N 84 39.75 59.02 -12.65
C PRO N 84 39.88 58.88 -11.14
N TYR N 85 38.96 59.53 -10.43
CA TYR N 85 38.99 59.53 -8.97
C TYR N 85 38.96 58.10 -8.46
N LYS N 86 39.84 57.83 -7.49
CA LYS N 86 40.00 56.46 -7.00
C LYS N 86 38.72 55.93 -6.37
N PHE N 87 37.91 56.80 -5.77
CA PHE N 87 36.78 56.37 -4.96
C PHE N 87 35.46 56.89 -5.52
N ARG N 88 35.29 56.78 -6.83
CA ARG N 88 34.02 57.12 -7.45
C ARG N 88 32.90 56.22 -6.96
N ARG N 89 31.67 56.66 -7.19
CA ARG N 89 30.52 55.81 -6.88
C ARG N 89 30.39 54.68 -7.90
N ASN N 90 30.76 54.92 -9.15
CA ASN N 90 30.65 53.94 -10.22
C ASN N 90 31.95 53.94 -11.01
N ASP N 91 32.70 52.85 -10.92
CA ASP N 91 33.92 52.66 -11.70
C ASP N 91 33.81 51.46 -12.64
N GLU N 92 32.60 50.99 -12.90
CA GLU N 92 32.39 49.84 -13.77
C GLU N 92 32.12 50.23 -15.22
N ASP N 93 31.77 51.48 -15.49
CA ASP N 93 31.48 51.94 -16.84
C ASP N 93 32.77 52.42 -17.48
N ARG N 94 33.17 51.77 -18.58
CA ARG N 94 34.42 52.12 -19.24
C ARG N 94 34.33 53.46 -19.94
N ASN N 95 33.16 53.83 -20.44
CA ASN N 95 32.96 55.05 -21.20
C ASN N 95 32.52 56.23 -20.33
N ASN N 96 32.84 56.21 -19.04
CA ASN N 96 32.46 57.28 -18.13
C ASN N 96 33.47 57.35 -17.00
N PRO N 97 34.56 58.10 -17.19
CA PRO N 97 35.57 58.23 -16.12
C PRO N 97 35.12 59.06 -14.94
N TYR N 98 33.91 59.61 -14.97
CA TYR N 98 33.44 60.51 -13.91
C TYR N 98 32.24 59.92 -13.19
N MET O 1 45.46 6.81 4.63
CA MET O 1 46.42 5.90 3.95
C MET O 1 45.78 4.52 3.72
N LEU O 2 44.64 4.28 4.38
CA LEU O 2 43.86 3.06 4.19
C LEU O 2 44.70 1.81 4.45
N LEU O 3 45.13 1.68 5.71
CA LEU O 3 45.98 0.58 6.11
C LEU O 3 45.24 -0.54 6.82
N GLY O 4 44.27 -0.23 7.68
CA GLY O 4 43.60 -1.27 8.43
C GLY O 4 42.48 -0.71 9.27
N GLY O 5 41.84 -1.61 9.99
CA GLY O 5 40.69 -1.33 10.81
C GLY O 5 39.60 -2.34 10.61
N PHE O 6 38.52 -2.19 11.38
CA PHE O 6 37.38 -3.07 11.25
C PHE O 6 36.74 -2.90 9.87
N VAL O 7 36.50 -4.02 9.20
CA VAL O 7 35.86 -4.02 7.89
C VAL O 7 34.73 -5.02 7.89
N PRO O 8 33.46 -4.58 7.92
CA PRO O 8 32.36 -5.55 7.90
C PRO O 8 32.38 -6.38 6.63
N ARG O 9 32.10 -7.67 6.78
CA ARG O 9 32.09 -8.56 5.63
C ARG O 9 30.87 -8.35 4.76
N ARG O 10 29.73 -8.03 5.37
CA ARG O 10 28.49 -7.82 4.64
C ARG O 10 27.63 -6.83 5.42
N PHE O 11 26.44 -6.57 4.87
CA PHE O 11 25.54 -5.59 5.47
C PHE O 11 25.24 -5.93 6.93
N SER O 12 24.94 -7.19 7.20
CA SER O 12 24.50 -7.60 8.52
C SER O 12 25.54 -7.33 9.60
N GLN O 13 26.80 -7.16 9.23
CA GLN O 13 27.86 -6.94 10.21
C GLN O 13 28.10 -5.47 10.52
N PHE O 14 27.42 -4.55 9.84
CA PHE O 14 27.63 -3.13 10.12
C PHE O 14 27.27 -2.77 11.56
N ASN O 15 26.48 -3.60 12.23
CA ASN O 15 26.08 -3.36 13.60
C ASN O 15 27.06 -3.90 14.62
N ARG O 16 28.22 -4.36 14.19
CA ARG O 16 29.23 -4.90 15.10
C ARG O 16 30.25 -3.86 15.52
N ASP O 17 30.10 -2.60 15.10
CA ASP O 17 31.03 -1.54 15.44
C ASP O 17 30.28 -0.22 15.45
N PRO O 18 30.41 0.59 16.50
CA PRO O 18 29.62 1.85 16.54
C PRO O 18 29.87 2.77 15.36
N CYS O 19 31.12 2.87 14.91
CA CYS O 19 31.43 3.76 13.80
C CYS O 19 30.71 3.33 12.53
N TRP O 20 30.69 2.02 12.26
CA TRP O 20 29.98 1.53 11.09
C TRP O 20 28.47 1.60 11.28
N MET O 21 27.99 1.56 12.52
CA MET O 21 26.58 1.82 12.77
C MET O 21 26.21 3.23 12.34
N PHE O 22 27.03 4.20 12.72
CA PHE O 22 26.81 5.58 12.27
C PHE O 22 26.92 5.68 10.75
N PHE O 23 27.87 4.95 10.17
CA PHE O 23 28.05 4.99 8.72
C PHE O 23 26.81 4.45 8.01
N ILE O 24 26.26 3.34 8.48
CA ILE O 24 25.10 2.75 7.80
C ILE O 24 23.87 3.62 8.01
N PHE O 25 23.76 4.27 9.17
CA PHE O 25 22.70 5.26 9.37
C PHE O 25 22.82 6.39 8.34
N SER O 26 24.03 6.90 8.15
CA SER O 26 24.23 7.98 7.18
C SER O 26 23.94 7.52 5.77
N VAL O 27 24.33 6.29 5.43
CA VAL O 27 24.03 5.75 4.10
C VAL O 27 22.53 5.63 3.91
N GLY O 28 21.81 5.22 4.96
CA GLY O 28 20.36 5.20 4.88
C GLY O 28 19.79 6.57 4.58
N PHE O 29 20.27 7.59 5.29
CA PHE O 29 19.85 8.95 5.01
C PHE O 29 20.12 9.32 3.55
N TRP O 30 21.37 9.09 3.11
CA TRP O 30 21.77 9.47 1.76
C TRP O 30 20.87 8.84 0.71
N LEU O 31 20.69 7.52 0.79
CA LEU O 31 19.94 6.82 -0.25
C LEU O 31 18.44 7.02 -0.12
N GLY O 32 17.94 7.19 1.11
CA GLY O 32 16.51 7.37 1.31
C GLY O 32 16.01 8.77 1.06
N GLU O 33 16.90 9.75 0.98
CA GLU O 33 16.45 11.10 0.65
C GLU O 33 16.06 11.23 -0.82
N TYR O 34 16.48 10.31 -1.67
CA TYR O 34 16.17 10.38 -3.09
C TYR O 34 14.74 9.91 -3.35
N PRO O 35 14.32 8.77 -2.80
CA PRO O 35 12.89 8.40 -2.92
C PRO O 35 11.95 9.46 -2.40
N ALA O 36 12.32 10.12 -1.30
CA ALA O 36 11.49 11.19 -0.76
C ALA O 36 11.35 12.33 -1.75
N MET O 37 12.45 12.69 -2.42
CA MET O 37 12.38 13.74 -3.44
C MET O 37 11.56 13.29 -4.64
N MET O 38 11.65 12.00 -5.01
CA MET O 38 10.81 11.49 -6.08
C MET O 38 9.34 11.68 -5.75
N ILE O 39 8.95 11.30 -4.54
CA ILE O 39 7.55 11.41 -4.14
C ILE O 39 7.12 12.86 -4.04
N LYS O 40 7.98 13.72 -3.48
CA LYS O 40 7.60 15.09 -3.22
C LYS O 40 7.54 15.93 -4.49
N TYR O 41 8.53 15.79 -5.37
CA TYR O 41 8.68 16.66 -6.52
C TYR O 41 8.08 16.09 -7.79
N ASN O 42 7.52 14.89 -7.75
CA ASN O 42 6.74 14.33 -8.84
C ASN O 42 5.29 14.12 -8.41
N ALA O 43 4.84 14.91 -7.43
CA ALA O 43 3.51 14.75 -6.88
C ALA O 43 2.46 15.26 -7.86
N ARG O 44 1.26 14.67 -7.76
CA ARG O 44 0.16 15.09 -8.60
C ARG O 44 -0.27 16.52 -8.29
N ASP O 45 -0.31 16.89 -7.01
CA ASP O 45 -0.81 18.18 -6.59
C ASP O 45 0.26 19.26 -6.59
N LEU O 46 1.50 18.94 -6.95
CA LEU O 46 2.51 19.97 -7.10
C LEU O 46 2.17 20.84 -8.31
N VAL O 47 2.17 22.15 -8.10
CA VAL O 47 1.79 23.12 -9.11
C VAL O 47 2.92 24.11 -9.29
N TYR O 48 3.25 24.41 -10.54
CA TYR O 48 4.23 25.44 -10.83
C TYR O 48 3.71 26.80 -10.39
N ASP O 49 4.65 27.67 -10.03
CA ASP O 49 4.27 29.01 -9.58
C ASP O 49 3.61 29.77 -10.72
N PRO O 50 2.42 30.34 -10.53
CA PRO O 50 1.82 31.14 -11.61
C PRO O 50 2.68 32.30 -12.03
N HIS O 51 3.46 32.87 -11.11
CA HIS O 51 4.29 34.03 -11.39
C HIS O 51 5.72 33.63 -11.73
N ARG O 52 5.93 32.40 -12.21
CA ARG O 52 7.27 31.95 -12.56
C ARG O 52 7.85 32.75 -13.72
N TYR O 53 7.01 33.35 -14.55
CA TYR O 53 7.47 34.18 -15.65
C TYR O 53 7.62 35.64 -15.27
N VAL O 54 7.25 36.01 -14.04
CA VAL O 54 7.46 37.37 -13.59
C VAL O 54 8.94 37.66 -13.40
N TRP O 55 9.69 36.69 -12.89
CA TRP O 55 11.11 36.86 -12.66
C TRP O 55 11.79 35.50 -12.70
N SER O 56 13.04 35.49 -13.16
CA SER O 56 13.87 34.30 -13.13
C SER O 56 15.31 34.71 -12.93
N HIS O 57 16.11 33.79 -12.39
CA HIS O 57 17.53 34.03 -12.23
C HIS O 57 18.22 34.32 -13.55
N HIS O 58 17.67 33.81 -14.65
CA HIS O 58 18.22 34.07 -15.97
C HIS O 58 18.22 35.56 -16.28
N ASP O 59 17.16 36.27 -15.88
CA ASP O 59 17.16 37.72 -16.04
C ASP O 59 18.34 38.33 -15.29
N ASP O 60 18.48 37.95 -14.03
CA ASP O 60 19.38 38.66 -13.13
C ASP O 60 20.82 38.48 -13.54
N HIS O 61 21.22 37.26 -13.88
CA HIS O 61 22.63 37.03 -14.22
C HIS O 61 22.97 37.58 -15.59
N HIS O 62 22.00 37.71 -16.48
CA HIS O 62 22.24 38.28 -17.80
C HIS O 62 22.56 39.76 -17.69
N MET P 1 -54.73 -7.77 -27.26
CA MET P 1 -53.35 -7.79 -26.70
C MET P 1 -53.06 -9.11 -26.00
N PHE P 2 -51.98 -9.77 -26.42
CA PHE P 2 -51.56 -11.05 -25.87
C PHE P 2 -50.08 -10.96 -25.49
N LEU P 3 -49.80 -10.94 -24.19
CA LEU P 3 -48.44 -10.89 -23.68
C LEU P 3 -47.97 -12.28 -23.32
N PHE P 4 -46.81 -12.67 -23.83
CA PHE P 4 -46.19 -13.95 -23.52
C PHE P 4 -45.07 -13.75 -22.53
N PHE P 5 -45.21 -14.37 -21.36
CA PHE P 5 -44.23 -14.24 -20.29
C PHE P 5 -44.14 -15.58 -19.57
N PHE P 6 -43.24 -15.67 -18.60
CA PHE P 6 -42.99 -16.89 -17.86
C PHE P 6 -42.92 -16.59 -16.37
N CYS P 7 -43.29 -17.59 -15.56
CA CYS P 7 -43.17 -17.44 -14.13
C CYS P 7 -41.70 -17.54 -13.71
N ASP P 8 -41.44 -17.16 -12.46
CA ASP P 8 -40.10 -17.14 -11.90
C ASP P 8 -39.81 -18.39 -11.08
N LEU P 9 -40.37 -19.53 -11.46
CA LEU P 9 -40.27 -20.78 -10.72
C LEU P 9 -39.51 -21.86 -11.46
N PHE P 10 -38.88 -21.54 -12.59
CA PHE P 10 -38.30 -22.57 -13.44
C PHE P 10 -37.20 -23.34 -12.72
N TRP P 11 -36.32 -22.64 -12.01
CA TRP P 11 -35.30 -23.33 -11.23
C TRP P 11 -35.93 -24.16 -10.13
N LEU P 12 -36.97 -23.63 -9.48
CA LEU P 12 -37.65 -24.39 -8.45
C LEU P 12 -38.38 -25.60 -9.03
N ARG P 13 -38.92 -25.47 -10.24
CA ARG P 13 -39.50 -26.63 -10.91
C ARG P 13 -38.43 -27.68 -11.18
N LEU P 14 -37.24 -27.25 -11.60
CA LEU P 14 -36.14 -28.18 -11.80
C LEU P 14 -35.77 -28.90 -10.50
N LEU P 15 -35.71 -28.15 -9.40
CA LEU P 15 -35.40 -28.76 -8.12
C LEU P 15 -36.49 -29.72 -7.67
N LEU P 16 -37.75 -29.36 -7.90
CA LEU P 16 -38.85 -30.27 -7.56
C LEU P 16 -38.74 -31.57 -8.33
N CYS P 17 -38.45 -31.49 -9.63
CA CYS P 17 -38.27 -32.70 -10.43
C CYS P 17 -37.09 -33.53 -9.93
N MET P 18 -35.99 -32.87 -9.58
CA MET P 18 -34.81 -33.60 -9.14
C MET P 18 -35.03 -34.27 -7.78
N TYR P 19 -35.65 -33.57 -6.84
CA TYR P 19 -35.75 -34.03 -5.46
C TYR P 19 -37.03 -34.79 -5.16
N TYR P 20 -37.98 -34.88 -6.08
CA TYR P 20 -39.23 -35.57 -5.84
C TYR P 20 -39.53 -36.60 -6.92
N CYS P 21 -38.50 -37.09 -7.60
CA CYS P 21 -38.67 -38.28 -8.42
C CYS P 21 -38.87 -39.52 -7.58
N VAL P 22 -38.47 -39.47 -6.30
CA VAL P 22 -38.67 -40.55 -5.36
C VAL P 22 -39.56 -40.03 -4.24
N TRP P 23 -40.26 -40.96 -3.58
CA TRP P 23 -41.24 -40.58 -2.58
C TRP P 23 -40.57 -40.10 -1.30
N SER P 24 -41.28 -39.22 -0.59
CA SER P 24 -40.85 -38.75 0.71
C SER P 24 -42.07 -38.48 1.56
N ARG P 25 -41.94 -38.72 2.87
CA ARG P 25 -43.01 -38.43 3.80
C ARG P 25 -43.12 -36.93 4.06
N LEU P 26 -44.35 -36.45 4.23
CA LEU P 26 -44.61 -35.08 4.64
C LEU P 26 -45.26 -35.10 6.01
N CYS P 27 -44.65 -34.41 6.97
CA CYS P 27 -45.15 -34.39 8.33
C CYS P 27 -45.38 -32.99 8.87
N PHE P 28 -45.02 -31.95 8.11
CA PHE P 28 -45.22 -30.56 8.53
C PHE P 28 -46.00 -29.84 7.46
N ILE P 29 -47.19 -29.34 7.82
CA ILE P 29 -48.10 -28.70 6.89
C ILE P 29 -48.47 -27.34 7.46
N VAL P 30 -48.43 -26.32 6.60
CA VAL P 30 -48.68 -24.96 7.06
C VAL P 30 -50.07 -24.83 7.64
N TYR P 31 -51.07 -25.36 6.94
CA TYR P 31 -52.46 -25.35 7.39
C TYR P 31 -52.89 -26.80 7.59
N PHE P 32 -52.67 -27.31 8.80
CA PHE P 32 -53.03 -28.69 9.13
C PHE P 32 -54.52 -28.85 9.41
N ASN P 33 -55.23 -27.76 9.70
CA ASN P 33 -56.62 -27.86 10.11
C ASN P 33 -57.54 -28.35 9.00
N CYS P 34 -57.11 -28.28 7.74
CA CYS P 34 -57.92 -28.80 6.65
C CYS P 34 -58.05 -30.32 6.74
N LEU P 35 -57.15 -30.99 7.45
CA LEU P 35 -57.18 -32.43 7.59
C LEU P 35 -57.99 -32.91 8.77
N MET P 36 -58.19 -32.08 9.80
CA MET P 36 -58.90 -32.45 11.00
C MET P 36 -60.01 -31.42 11.25
N LEU P 37 -61.17 -31.66 10.65
CA LEU P 37 -62.34 -30.81 10.85
C LEU P 37 -63.18 -31.24 12.04
N ILE P 38 -63.27 -32.54 12.30
CA ILE P 38 -64.09 -33.09 13.37
C ILE P 38 -63.19 -33.47 14.53
N PHE P 39 -63.54 -32.98 15.72
CA PHE P 39 -62.77 -33.25 16.92
C PHE P 39 -63.47 -34.16 17.92
N ASP P 40 -64.80 -34.23 17.88
CA ASP P 40 -65.56 -35.14 18.72
C ASP P 40 -65.86 -36.41 17.94
N PHE P 41 -65.51 -37.55 18.51
CA PHE P 41 -65.71 -38.81 17.83
C PHE P 41 -67.20 -39.15 17.74
N LEU P 42 -67.52 -40.03 16.80
CA LEU P 42 -68.88 -40.48 16.46
C LEU P 42 -69.62 -39.44 15.64
N LEU P 43 -69.03 -38.28 15.39
CA LEU P 43 -69.62 -37.29 14.48
C LEU P 43 -69.11 -37.54 13.07
N PHE P 44 -70.01 -37.50 12.09
CA PHE P 44 -69.65 -37.68 10.70
C PHE P 44 -70.51 -36.76 9.84
N CYS P 45 -70.00 -36.45 8.66
CA CYS P 45 -70.64 -35.52 7.73
C CYS P 45 -70.87 -36.22 6.40
N LEU P 46 -72.08 -36.06 5.86
CA LEU P 46 -72.39 -36.61 4.55
C LEU P 46 -71.89 -35.73 3.42
N PHE P 47 -71.55 -34.48 3.71
CA PHE P 47 -70.97 -33.58 2.72
C PHE P 47 -69.48 -33.89 2.54
N ASP P 48 -68.99 -33.63 1.34
CA ASP P 48 -67.58 -33.88 1.02
C ASP P 48 -66.74 -32.78 1.68
N LEU P 49 -66.48 -32.98 2.97
CA LEU P 49 -65.80 -31.97 3.77
C LEU P 49 -64.28 -32.02 3.63
N TYR P 50 -63.74 -33.07 3.02
CA TYR P 50 -62.30 -33.19 2.80
C TYR P 50 -61.91 -32.87 1.37
N LEU P 51 -62.82 -32.28 0.59
CA LEU P 51 -62.54 -31.91 -0.79
C LEU P 51 -61.50 -30.80 -0.89
N PHE P 52 -61.34 -30.00 0.17
CA PHE P 52 -60.46 -28.85 0.15
C PHE P 52 -59.00 -29.19 0.42
N VAL P 53 -58.71 -30.42 0.83
CA VAL P 53 -57.35 -30.78 1.23
C VAL P 53 -56.39 -30.63 0.06
N GLY P 54 -56.76 -31.18 -1.10
CA GLY P 54 -55.86 -31.14 -2.24
C GLY P 54 -55.59 -29.73 -2.73
N LEU P 55 -56.64 -28.93 -2.87
CA LEU P 55 -56.47 -27.54 -3.28
C LEU P 55 -55.67 -26.77 -2.24
N CYS P 56 -55.92 -27.02 -0.97
CA CYS P 56 -55.18 -26.36 0.10
C CYS P 56 -53.70 -26.66 0.00
N LEU P 57 -53.35 -27.93 -0.18
CA LEU P 57 -51.95 -28.32 -0.26
C LEU P 57 -51.27 -27.68 -1.46
N PHE P 58 -51.92 -27.74 -2.63
CA PHE P 58 -51.32 -27.15 -3.82
C PHE P 58 -51.17 -25.64 -3.68
N LEU P 59 -52.19 -24.97 -3.13
CA LEU P 59 -52.12 -23.53 -2.95
C LEU P 59 -50.98 -23.16 -2.00
N LEU P 60 -50.83 -23.91 -0.92
CA LEU P 60 -49.74 -23.64 0.02
C LEU P 60 -48.39 -23.79 -0.69
N LEU P 61 -48.22 -24.86 -1.46
CA LEU P 61 -46.95 -25.08 -2.15
C LEU P 61 -46.67 -23.95 -3.13
N TRP P 62 -47.66 -23.57 -3.93
CA TRP P 62 -47.48 -22.52 -4.93
C TRP P 62 -47.14 -21.19 -4.26
N PHE P 63 -47.96 -20.77 -3.29
CA PHE P 63 -47.73 -19.50 -2.64
C PHE P 63 -46.43 -19.49 -1.85
N MET P 64 -45.99 -20.65 -1.34
CA MET P 64 -44.72 -20.70 -0.63
C MET P 64 -43.55 -20.59 -1.60
N LEU P 65 -43.63 -21.30 -2.73
CA LEU P 65 -42.57 -21.20 -3.73
C LEU P 65 -42.41 -19.77 -4.21
N PHE P 66 -43.49 -18.98 -4.19
CA PHE P 66 -43.38 -17.58 -4.60
C PHE P 66 -42.97 -16.66 -3.44
N ASN P 67 -43.76 -16.66 -2.36
CA ASN P 67 -43.62 -15.63 -1.34
C ASN P 67 -42.36 -15.81 -0.50
N LEU P 68 -42.07 -17.04 -0.07
CA LEU P 68 -40.92 -17.26 0.80
C LEU P 68 -39.61 -16.97 0.07
N TYR P 69 -39.51 -17.41 -1.19
CA TYR P 69 -38.30 -17.19 -1.97
C TYR P 69 -38.17 -15.76 -2.46
N SER P 70 -39.23 -14.95 -2.36
CA SER P 70 -39.16 -13.55 -2.76
C SER P 70 -38.27 -12.73 -1.83
N LEU P 71 -37.91 -13.26 -0.66
CA LEU P 71 -37.00 -12.54 0.23
C LEU P 71 -35.60 -12.45 -0.37
N ILE P 72 -35.24 -13.41 -1.23
CA ILE P 72 -33.98 -13.31 -1.96
C ILE P 72 -34.04 -12.14 -2.93
N LEU P 73 -33.00 -11.32 -2.94
CA LEU P 73 -33.02 -10.10 -3.72
C LEU P 73 -33.18 -10.41 -5.21
N TYR P 74 -33.98 -9.60 -5.87
CA TYR P 74 -34.28 -9.67 -7.30
C TYR P 74 -35.19 -10.84 -7.67
N TYR P 75 -35.66 -11.61 -6.71
CA TYR P 75 -36.66 -12.63 -6.98
C TYR P 75 -38.02 -11.97 -7.13
N CYS P 76 -38.76 -12.39 -8.15
CA CYS P 76 -40.00 -11.73 -8.55
C CYS P 76 -41.21 -12.57 -8.15
N ILE P 77 -42.21 -11.91 -7.57
CA ILE P 77 -43.52 -12.51 -7.34
C ILE P 77 -44.35 -12.22 -8.59
N THR P 78 -44.45 -13.22 -9.46
CA THR P 78 -45.01 -13.00 -10.80
C THR P 78 -46.50 -12.70 -10.76
N TYR P 79 -47.21 -13.21 -9.76
CA TYR P 79 -48.66 -13.07 -9.69
C TYR P 79 -49.11 -11.86 -8.88
N LEU P 80 -48.18 -11.00 -8.45
CA LEU P 80 -48.52 -9.95 -7.50
C LEU P 80 -49.32 -8.87 -8.22
N ASN P 81 -50.62 -9.12 -8.34
CA ASN P 81 -51.56 -8.15 -8.88
C ASN P 81 -52.87 -8.27 -8.12
N LEU P 82 -53.49 -7.13 -7.85
CA LEU P 82 -54.69 -7.11 -7.02
C LEU P 82 -55.80 -7.95 -7.65
N TYR P 83 -56.06 -7.74 -8.95
CA TYR P 83 -57.19 -8.39 -9.59
C TYR P 83 -56.92 -9.86 -9.85
N LEU P 84 -55.65 -10.24 -10.05
CA LEU P 84 -55.32 -11.66 -10.19
C LEU P 84 -55.60 -12.42 -8.90
N LEU P 85 -55.23 -11.84 -7.76
CA LEU P 85 -55.57 -12.44 -6.48
C LEU P 85 -57.08 -12.47 -6.29
N PHE P 86 -57.77 -11.43 -6.75
CA PHE P 86 -59.23 -11.45 -6.73
C PHE P 86 -59.77 -12.63 -7.52
N CYS P 87 -59.19 -12.90 -8.69
CA CYS P 87 -59.62 -14.05 -9.48
C CYS P 87 -59.40 -15.35 -8.74
N ILE P 88 -58.24 -15.49 -8.08
CA ILE P 88 -57.94 -16.73 -7.36
C ILE P 88 -58.95 -16.95 -6.24
N VAL P 89 -59.15 -15.93 -5.41
CA VAL P 89 -60.06 -16.06 -4.28
C VAL P 89 -61.49 -16.22 -4.78
N PHE P 90 -61.85 -15.53 -5.86
CA PHE P 90 -63.16 -15.72 -6.46
C PHE P 90 -63.38 -17.17 -6.84
N LEU P 91 -62.41 -17.76 -7.55
CA LEU P 91 -62.52 -19.16 -7.92
C LEU P 91 -62.81 -20.02 -6.70
N LEU P 92 -61.92 -20.00 -5.71
CA LEU P 92 -62.07 -20.89 -4.57
C LEU P 92 -63.37 -20.60 -3.81
N TYR P 93 -63.56 -19.35 -3.41
CA TYR P 93 -64.69 -19.04 -2.55
C TYR P 93 -66.03 -19.26 -3.23
N ILE P 94 -66.18 -18.73 -4.45
CA ILE P 94 -67.43 -18.86 -5.16
C ILE P 94 -67.69 -20.31 -5.56
N ALA P 95 -66.64 -21.08 -5.85
CA ALA P 95 -66.83 -22.49 -6.16
C ALA P 95 -67.42 -23.23 -4.98
N PHE P 96 -66.87 -23.02 -3.78
CA PHE P 96 -67.42 -23.70 -2.61
C PHE P 96 -68.83 -23.18 -2.29
N LEU P 97 -69.06 -21.88 -2.42
CA LEU P 97 -70.38 -21.33 -2.18
C LEU P 97 -71.41 -21.92 -3.15
N PHE P 98 -71.05 -22.03 -4.43
CA PHE P 98 -71.95 -22.63 -5.41
C PHE P 98 -72.12 -24.12 -5.16
N LEU P 99 -71.11 -24.78 -4.59
CA LEU P 99 -71.29 -26.17 -4.20
C LEU P 99 -72.37 -26.30 -3.14
N PHE P 100 -72.38 -25.38 -2.17
CA PHE P 100 -73.42 -25.42 -1.16
C PHE P 100 -74.78 -25.00 -1.70
N CYS P 101 -74.80 -24.07 -2.67
CA CYS P 101 -76.06 -23.59 -3.21
C CYS P 101 -76.69 -24.59 -4.19
N PHE P 102 -75.86 -25.30 -4.96
CA PHE P 102 -76.37 -26.33 -5.87
C PHE P 102 -77.01 -27.47 -5.12
N LEU P 103 -76.73 -27.59 -3.82
CA LEU P 103 -77.37 -28.62 -3.00
C LEU P 103 -78.88 -28.45 -2.95
N CYS P 104 -79.38 -27.24 -3.25
CA CYS P 104 -80.82 -26.97 -3.32
C CYS P 104 -81.50 -27.25 -1.97
N ASP P 105 -80.78 -27.03 -0.88
CA ASP P 105 -81.33 -27.10 0.47
C ASP P 105 -81.44 -25.69 0.99
N PHE P 106 -82.65 -25.14 0.98
CA PHE P 106 -82.84 -23.76 1.43
C PHE P 106 -82.77 -23.64 2.95
N PHE P 107 -83.13 -24.70 3.67
CA PHE P 107 -83.02 -24.68 5.12
C PHE P 107 -81.59 -24.41 5.57
N LEU P 108 -80.60 -24.72 4.73
CA LEU P 108 -79.21 -24.47 5.08
C LEU P 108 -78.98 -22.99 5.38
N PHE P 109 -79.79 -22.11 4.81
CA PHE P 109 -79.64 -20.68 5.00
C PHE P 109 -80.48 -20.13 6.14
N ASN P 110 -81.17 -21.00 6.90
CA ASN P 110 -82.00 -20.53 8.00
C ASN P 110 -81.19 -19.71 9.00
N ASN P 111 -79.94 -20.10 9.24
CA ASN P 111 -79.11 -19.41 10.20
C ASN P 111 -78.74 -18.00 9.76
N LEU P 112 -78.98 -17.64 8.50
CA LEU P 112 -78.68 -16.28 8.07
C LEU P 112 -79.57 -15.27 8.76
N LEU P 113 -80.82 -15.63 9.02
CA LEU P 113 -81.74 -14.76 9.75
C LEU P 113 -81.33 -14.77 11.22
N VAL P 114 -80.54 -13.77 11.62
CA VAL P 114 -79.94 -13.76 12.95
C VAL P 114 -81.00 -13.44 14.00
N GLY P 115 -80.80 -13.98 15.19
CA GLY P 115 -81.66 -13.69 16.32
C GLY P 115 -82.70 -14.75 16.56
N ASP P 116 -83.59 -14.45 17.50
CA ASP P 116 -84.70 -15.31 17.88
C ASP P 116 -86.01 -14.65 17.51
N SER P 117 -87.11 -15.37 17.74
CA SER P 117 -88.43 -14.86 17.40
C SER P 117 -88.80 -13.62 18.22
N PHE P 118 -88.17 -13.42 19.37
CA PHE P 118 -88.48 -12.24 20.18
C PHE P 118 -88.13 -10.96 19.44
N MET P 119 -87.03 -10.97 18.69
CA MET P 119 -86.60 -9.78 17.97
C MET P 119 -87.52 -9.49 16.80
N ASP P 120 -87.79 -8.21 16.56
CA ASP P 120 -88.65 -7.81 15.45
C ASP P 120 -88.05 -8.29 14.14
N VAL P 121 -88.88 -8.89 13.29
CA VAL P 121 -88.38 -9.55 12.10
C VAL P 121 -87.95 -8.53 11.05
N PHE P 122 -88.80 -7.53 10.79
CA PHE P 122 -88.51 -6.62 9.68
C PHE P 122 -87.40 -5.63 10.03
N PHE P 123 -87.43 -5.06 11.24
CA PHE P 123 -86.54 -3.96 11.58
C PHE P 123 -85.24 -4.41 12.25
N ILE P 124 -85.14 -5.66 12.70
CA ILE P 124 -83.92 -6.14 13.32
C ILE P 124 -83.39 -7.37 12.57
N ARG P 125 -84.18 -8.44 12.56
CA ARG P 125 -83.68 -9.71 12.03
C ARG P 125 -83.36 -9.60 10.53
N PHE P 126 -84.23 -8.95 9.77
CA PHE P 126 -84.01 -8.85 8.33
C PHE P 126 -82.78 -8.01 8.01
N LEU P 127 -82.56 -6.93 8.78
CA LEU P 127 -81.38 -6.11 8.58
C LEU P 127 -80.11 -6.88 8.92
N LEU P 128 -80.16 -7.70 9.97
CA LEU P 128 -79.02 -8.55 10.29
C LEU P 128 -78.76 -9.57 9.19
N CYS P 129 -79.82 -10.13 8.60
CA CYS P 129 -79.64 -11.05 7.48
C CYS P 129 -78.99 -10.34 6.30
N PHE P 130 -79.42 -9.11 6.01
CA PHE P 130 -78.80 -8.32 4.96
C PHE P 130 -77.31 -8.12 5.23
N LEU P 131 -76.98 -7.77 6.47
CA LEU P 131 -75.58 -7.53 6.82
C LEU P 131 -74.76 -8.81 6.73
N GLU P 132 -75.33 -9.95 7.11
CA GLU P 132 -74.57 -11.20 7.06
C GLU P 132 -74.32 -11.64 5.62
N CYS P 133 -75.34 -11.53 4.76
CA CYS P 133 -75.13 -11.83 3.35
C CYS P 133 -74.09 -10.91 2.75
N PHE P 134 -74.08 -9.63 3.16
CA PHE P 134 -73.02 -8.72 2.74
C PHE P 134 -71.66 -9.17 3.28
N SER P 135 -71.65 -9.69 4.51
CA SER P 135 -70.39 -10.04 5.16
C SER P 135 -69.71 -11.23 4.49
N LEU P 136 -70.48 -12.15 3.92
CA LEU P 136 -69.85 -13.25 3.19
C LEU P 136 -68.98 -12.73 2.05
N LEU P 137 -69.55 -11.88 1.20
CA LEU P 137 -68.79 -11.31 0.09
C LEU P 137 -67.65 -10.45 0.60
N CYS P 138 -67.89 -9.69 1.67
CA CYS P 138 -66.83 -8.88 2.26
C CYS P 138 -65.70 -9.76 2.79
N ARG P 139 -66.01 -10.95 3.28
CA ARG P 139 -64.96 -11.86 3.73
C ARG P 139 -64.10 -12.30 2.55
N CYS P 140 -64.73 -12.61 1.41
CA CYS P 140 -63.94 -12.91 0.21
C CYS P 140 -63.02 -11.74 -0.15
N LEU P 141 -63.59 -10.54 -0.22
CA LEU P 141 -62.80 -9.37 -0.61
C LEU P 141 -61.67 -9.12 0.38
N SER P 142 -61.97 -9.22 1.68
CA SER P 142 -60.96 -8.97 2.69
C SER P 142 -59.84 -9.99 2.63
N THR P 143 -60.18 -11.26 2.36
CA THR P 143 -59.16 -12.28 2.22
C THR P 143 -58.15 -11.90 1.15
N PHE P 144 -58.63 -11.60 -0.05
CA PHE P 144 -57.70 -11.30 -1.14
C PHE P 144 -56.98 -9.98 -0.90
N LEU P 145 -57.68 -8.98 -0.35
CA LEU P 145 -57.04 -7.71 -0.06
C LEU P 145 -55.93 -7.85 0.98
N ARG P 146 -56.18 -8.63 2.03
CA ARG P 146 -55.16 -8.83 3.05
C ARG P 146 -53.92 -9.48 2.47
N LEU P 147 -54.12 -10.52 1.66
CA LEU P 147 -52.98 -11.21 1.07
C LEU P 147 -52.17 -10.25 0.18
N PHE P 148 -52.85 -9.43 -0.62
CA PHE P 148 -52.13 -8.50 -1.48
C PHE P 148 -51.38 -7.44 -0.68
N CYS P 149 -52.08 -6.79 0.26
CA CYS P 149 -51.50 -5.66 0.97
C CYS P 149 -50.30 -6.08 1.81
N ASN P 150 -50.36 -7.24 2.46
CA ASN P 150 -49.25 -7.66 3.32
C ASN P 150 -47.97 -7.79 2.50
N LEU P 151 -48.04 -8.51 1.38
CA LEU P 151 -46.86 -8.68 0.54
C LEU P 151 -46.34 -7.34 0.03
N LEU P 152 -47.25 -6.49 -0.47
CA LEU P 152 -46.82 -5.23 -1.05
C LEU P 152 -46.11 -4.37 -0.01
N SER P 153 -46.71 -4.22 1.18
CA SER P 153 -46.11 -3.38 2.21
C SER P 153 -44.78 -3.94 2.68
N SER P 154 -44.71 -5.26 2.90
CA SER P 154 -43.47 -5.84 3.40
C SER P 154 -42.33 -5.61 2.41
N HIS P 155 -42.58 -5.81 1.11
CA HIS P 155 -41.51 -5.67 0.15
C HIS P 155 -41.14 -4.21 -0.09
N PHE P 156 -42.12 -3.30 -0.01
CA PHE P 156 -41.78 -1.88 -0.08
C PHE P 156 -40.85 -1.49 1.06
N LEU P 157 -41.17 -1.92 2.28
CA LEU P 157 -40.32 -1.59 3.43
C LEU P 157 -38.93 -2.17 3.26
N LEU P 158 -38.84 -3.43 2.81
CA LEU P 158 -37.54 -4.05 2.60
C LEU P 158 -36.72 -3.29 1.57
N LEU P 159 -37.34 -2.91 0.45
CA LEU P 159 -36.61 -2.20 -0.60
C LEU P 159 -36.08 -0.87 -0.08
N MET P 160 -36.91 -0.12 0.64
CA MET P 160 -36.47 1.18 1.11
C MET P 160 -35.32 1.04 2.12
N PHE P 161 -35.44 0.09 3.05
CA PHE P 161 -34.37 -0.09 4.02
C PHE P 161 -33.08 -0.55 3.35
N PHE P 162 -33.18 -1.45 2.37
CA PHE P 162 -31.99 -1.89 1.66
C PHE P 162 -31.32 -0.74 0.94
N ASP P 163 -32.12 0.14 0.33
CA ASP P 163 -31.54 1.30 -0.34
C ASP P 163 -30.80 2.19 0.65
N PHE P 164 -31.39 2.44 1.82
CA PHE P 164 -30.71 3.24 2.83
C PHE P 164 -29.41 2.59 3.28
N PHE P 165 -29.44 1.28 3.51
CA PHE P 165 -28.24 0.58 3.96
C PHE P 165 -27.14 0.64 2.90
N TYR P 166 -27.51 0.43 1.63
CA TYR P 166 -26.51 0.56 0.56
C TYR P 166 -25.91 1.95 0.55
N PHE P 167 -26.75 2.98 0.70
CA PHE P 167 -26.26 4.35 0.65
C PHE P 167 -25.24 4.60 1.76
N ILE P 168 -25.59 4.29 3.00
CA ILE P 168 -24.71 4.60 4.12
C ILE P 168 -23.46 3.72 4.08
N PHE P 169 -23.62 2.45 3.70
CA PHE P 169 -22.49 1.55 3.65
C PHE P 169 -21.47 1.98 2.60
N VAL P 170 -21.95 2.39 1.42
CA VAL P 170 -21.03 2.72 0.34
C VAL P 170 -20.42 4.11 0.54
N PHE P 171 -21.23 5.09 0.92
CA PHE P 171 -20.80 6.49 0.89
C PHE P 171 -20.40 7.03 2.26
N PHE P 172 -20.41 6.21 3.31
CA PHE P 172 -20.02 6.69 4.63
C PHE P 172 -19.17 5.69 5.41
N PHE P 173 -18.68 4.63 4.78
CA PHE P 173 -17.80 3.70 5.48
C PHE P 173 -16.43 4.30 5.76
N TYR P 174 -16.02 5.32 5.01
CA TYR P 174 -14.72 5.93 5.23
C TYR P 174 -14.60 6.48 6.64
N GLY P 175 -15.71 6.76 7.31
CA GLY P 175 -15.67 7.23 8.68
C GLY P 175 -15.03 6.25 9.64
N VAL P 176 -14.87 5.00 9.23
CA VAL P 176 -14.16 4.03 10.06
C VAL P 176 -12.73 4.47 10.28
N PHE P 177 -12.13 5.13 9.29
CA PHE P 177 -10.77 5.63 9.40
C PHE P 177 -10.70 7.04 10.00
N CYS P 178 -11.84 7.63 10.34
CA CYS P 178 -11.91 8.99 10.83
C CYS P 178 -12.20 9.00 12.32
N TYR P 179 -12.30 10.20 12.88
CA TYR P 179 -12.48 10.36 14.33
C TYR P 179 -13.92 10.16 14.76
N TRP P 180 -14.87 10.18 13.84
CA TRP P 180 -16.27 9.90 14.14
C TRP P 180 -16.63 8.45 13.84
N PHE P 181 -15.67 7.53 13.98
CA PHE P 181 -15.91 6.14 13.65
C PHE P 181 -16.97 5.51 14.54
N ILE P 182 -17.08 5.97 15.79
CA ILE P 182 -18.00 5.34 16.72
C ILE P 182 -19.44 5.56 16.26
N LEU P 183 -19.74 6.74 15.72
CA LEU P 183 -21.08 7.00 15.22
C LEU P 183 -21.42 6.06 14.06
N PHE P 184 -20.48 5.88 13.13
CA PHE P 184 -20.75 4.99 12.00
C PHE P 184 -20.91 3.55 12.47
N ILE P 185 -20.11 3.13 13.45
CA ILE P 185 -20.22 1.76 13.93
C ILE P 185 -21.57 1.55 14.62
N PHE P 186 -22.02 2.54 15.39
CA PHE P 186 -23.34 2.46 16.01
C PHE P 186 -24.42 2.35 14.94
N VAL P 187 -24.36 3.20 13.91
CA VAL P 187 -25.37 3.18 12.86
C VAL P 187 -25.33 1.84 12.12
N PHE P 188 -24.13 1.35 11.81
CA PHE P 188 -24.00 0.10 11.08
C PHE P 188 -24.56 -1.07 11.90
N CYS P 189 -24.27 -1.11 13.19
CA CYS P 189 -24.83 -2.17 14.04
C CYS P 189 -26.36 -2.07 14.09
N PHE P 190 -26.89 -0.86 14.19
CA PHE P 190 -28.34 -0.69 14.17
C PHE P 190 -28.93 -1.19 12.85
N CYS P 191 -28.26 -0.89 11.74
CA CYS P 191 -28.75 -1.35 10.44
C CYS P 191 -28.73 -2.86 10.35
N LEU P 192 -27.68 -3.50 10.85
CA LEU P 192 -27.63 -4.96 10.86
C LEU P 192 -28.77 -5.54 11.69
N LEU P 193 -29.01 -4.95 12.86
CA LEU P 193 -30.09 -5.44 13.72
C LEU P 193 -31.43 -5.31 13.02
N PHE P 194 -31.67 -4.16 12.37
CA PHE P 194 -32.94 -3.96 11.66
C PHE P 194 -33.05 -4.89 10.47
N TYR P 195 -31.93 -5.16 9.79
CA TYR P 195 -31.91 -6.10 8.68
C TYR P 195 -32.37 -7.48 9.13
N VAL P 196 -31.77 -8.00 10.20
CA VAL P 196 -32.13 -9.32 10.70
C VAL P 196 -33.57 -9.33 11.16
N PHE P 197 -34.00 -8.28 11.87
CA PHE P 197 -35.36 -8.22 12.38
C PHE P 197 -36.37 -8.22 11.24
N LEU P 198 -36.11 -7.44 10.19
CA LEU P 198 -37.02 -7.39 9.06
C LEU P 198 -37.11 -8.73 8.36
N TYR P 199 -35.98 -9.40 8.17
CA TYR P 199 -36.02 -10.70 7.50
C TYR P 199 -36.80 -11.73 8.32
N LEU P 200 -36.56 -11.76 9.63
CA LEU P 200 -37.31 -12.69 10.48
C LEU P 200 -38.81 -12.37 10.44
N LEU P 201 -39.15 -11.08 10.52
CA LEU P 201 -40.55 -10.69 10.51
C LEU P 201 -41.23 -11.10 9.21
N ASP P 202 -40.56 -10.88 8.08
CA ASP P 202 -41.13 -11.26 6.80
C ASP P 202 -41.29 -12.78 6.68
N LEU P 203 -40.29 -13.53 7.14
CA LEU P 203 -40.39 -14.99 7.10
C LEU P 203 -41.60 -15.47 7.89
N PHE P 204 -41.79 -14.93 9.10
CA PHE P 204 -42.94 -15.34 9.91
C PHE P 204 -44.25 -14.88 9.27
N ALA P 205 -44.28 -13.65 8.73
CA ALA P 205 -45.52 -13.08 8.25
C ALA P 205 -46.01 -13.80 6.99
N ALA P 206 -45.10 -14.25 6.13
CA ALA P 206 -45.51 -14.95 4.93
C ALA P 206 -46.27 -16.22 5.27
N ILE P 207 -45.71 -17.03 6.16
CA ILE P 207 -46.34 -18.28 6.55
C ILE P 207 -47.66 -18.00 7.27
N LEU P 208 -47.67 -16.99 8.14
CA LEU P 208 -48.89 -16.64 8.85
C LEU P 208 -49.99 -16.21 7.88
N GLN P 209 -49.63 -15.43 6.86
CA GLN P 209 -50.61 -14.98 5.88
C GLN P 209 -51.18 -16.14 5.09
N LEU P 210 -50.33 -17.10 4.70
CA LEU P 210 -50.86 -18.27 4.01
C LEU P 210 -51.80 -19.06 4.90
N PHE P 211 -51.44 -19.20 6.19
CA PHE P 211 -52.31 -19.88 7.13
C PHE P 211 -53.67 -19.20 7.21
N ILE P 212 -53.68 -17.88 7.31
CA ILE P 212 -54.94 -17.14 7.40
C ILE P 212 -55.72 -17.26 6.10
N PHE P 213 -55.02 -17.25 4.96
CA PHE P 213 -55.68 -17.36 3.67
C PHE P 213 -56.45 -18.67 3.56
N CYS P 214 -55.82 -19.78 3.96
CA CYS P 214 -56.51 -21.06 3.94
C CYS P 214 -57.58 -21.14 5.02
N ASN P 215 -57.36 -20.50 6.16
CA ASN P 215 -58.35 -20.54 7.24
C ASN P 215 -59.64 -19.87 6.84
N MET P 216 -59.56 -18.79 6.06
CA MET P 216 -60.79 -18.13 5.60
C MET P 216 -61.64 -19.06 4.75
N ILE P 217 -61.01 -19.77 3.82
CA ILE P 217 -61.74 -20.69 2.96
C ILE P 217 -62.36 -21.81 3.78
N LEU P 218 -61.58 -22.40 4.70
CA LEU P 218 -62.11 -23.46 5.52
C LEU P 218 -63.24 -22.96 6.42
N GLN P 219 -63.17 -21.70 6.85
CA GLN P 219 -64.26 -21.14 7.65
C GLN P 219 -65.53 -21.02 6.82
N LEU P 220 -65.41 -20.59 5.57
CA LEU P 220 -66.56 -20.60 4.68
C LEU P 220 -67.18 -21.99 4.61
N ILE P 221 -66.34 -23.01 4.43
CA ILE P 221 -66.86 -24.37 4.34
C ILE P 221 -67.53 -24.78 5.64
N MET P 222 -66.88 -24.48 6.78
CA MET P 222 -67.37 -24.94 8.07
C MET P 222 -68.68 -24.26 8.46
N ASP P 223 -68.92 -23.04 7.97
CA ASP P 223 -70.13 -22.33 8.34
C ASP P 223 -71.39 -23.05 7.88
N PHE P 224 -71.28 -23.95 6.89
CA PHE P 224 -72.45 -24.62 6.31
C PHE P 224 -72.41 -26.13 6.49
N LEU P 225 -71.48 -26.66 7.28
CA LEU P 225 -71.41 -28.09 7.51
C LEU P 225 -72.29 -28.50 8.67
N LEU P 226 -72.98 -29.62 8.51
CA LEU P 226 -73.84 -30.20 9.54
C LEU P 226 -73.39 -31.63 9.80
N PHE P 227 -73.21 -31.96 11.07
CA PHE P 227 -72.64 -33.24 11.48
C PHE P 227 -73.71 -34.10 12.12
N LEU P 228 -73.78 -35.36 11.67
CA LEU P 228 -74.66 -36.35 12.28
C LEU P 228 -73.89 -37.13 13.34
N LEU P 229 -74.65 -37.67 14.29
CA LEU P 229 -74.09 -38.46 15.38
C LEU P 229 -74.37 -39.93 15.15
N PHE P 230 -73.33 -40.75 15.24
CA PHE P 230 -73.46 -42.18 15.00
C PHE P 230 -74.19 -42.85 16.16
N VAL P 231 -75.14 -43.71 15.81
CA VAL P 231 -75.92 -44.44 16.81
C VAL P 231 -76.02 -45.91 16.40
N LEU Q 29 -48.24 1.85 -10.43
CA LEU Q 29 -48.16 0.48 -9.96
C LEU Q 29 -48.80 -0.50 -10.93
N GLU Q 30 -48.01 -1.45 -11.42
CA GLU Q 30 -48.54 -2.53 -12.23
C GLU Q 30 -49.41 -3.48 -11.39
N PRO Q 31 -49.11 -3.65 -10.10
CA PRO Q 31 -50.00 -4.47 -9.26
C PRO Q 31 -51.43 -3.94 -9.20
N MET Q 32 -51.64 -2.66 -9.50
CA MET Q 32 -52.97 -2.06 -9.53
C MET Q 32 -53.52 -1.91 -10.94
N SER Q 33 -52.84 -2.49 -11.93
CA SER Q 33 -53.16 -2.26 -13.34
C SER Q 33 -54.07 -3.36 -13.88
N THR Q 34 -54.65 -3.07 -15.05
CA THR Q 34 -55.53 -4.02 -15.72
C THR Q 34 -55.30 -4.10 -17.23
N TRP Q 35 -54.30 -3.41 -17.77
CA TRP Q 35 -54.17 -3.32 -19.23
C TRP Q 35 -53.67 -4.62 -19.84
N TYR Q 36 -53.11 -5.54 -19.06
CA TYR Q 36 -52.81 -6.88 -19.55
C TYR Q 36 -53.18 -7.92 -18.49
N LEU Q 37 -54.35 -7.77 -17.89
CA LEU Q 37 -54.74 -8.61 -16.76
C LEU Q 37 -55.02 -10.05 -17.20
N ALA Q 38 -55.59 -10.23 -18.39
CA ALA Q 38 -55.95 -11.58 -18.83
C ALA Q 38 -54.71 -12.45 -19.04
N SER Q 39 -53.75 -11.93 -19.81
CA SER Q 39 -52.51 -12.67 -20.03
C SER Q 39 -51.80 -12.90 -18.71
N TRP Q 40 -51.86 -11.92 -17.80
CA TRP Q 40 -51.22 -12.07 -16.50
C TRP Q 40 -51.87 -13.21 -15.70
N ALA Q 41 -53.20 -13.29 -15.71
CA ALA Q 41 -53.91 -14.33 -14.97
C ALA Q 41 -53.76 -15.70 -15.60
N MET Q 42 -53.37 -15.74 -16.88
CA MET Q 42 -53.13 -17.04 -17.51
C MET Q 42 -52.08 -17.85 -16.75
N VAL Q 43 -51.17 -17.18 -16.03
CA VAL Q 43 -50.16 -17.92 -15.28
C VAL Q 43 -50.81 -18.73 -14.17
N TRP Q 44 -51.71 -18.09 -13.41
CA TRP Q 44 -52.43 -18.81 -12.37
C TRP Q 44 -53.30 -19.89 -12.95
N TYR Q 45 -53.97 -19.61 -14.07
CA TYR Q 45 -54.88 -20.61 -14.61
C TYR Q 45 -54.14 -21.81 -15.17
N TYR Q 46 -52.96 -21.59 -15.75
CA TYR Q 46 -52.13 -22.72 -16.18
C TYR Q 46 -51.63 -23.51 -14.97
N ALA Q 47 -51.22 -22.82 -13.90
CA ALA Q 47 -50.80 -23.54 -12.71
C ALA Q 47 -51.93 -24.40 -12.16
N PHE Q 48 -53.15 -23.87 -12.15
CA PHE Q 48 -54.27 -24.59 -11.57
C PHE Q 48 -54.68 -25.78 -12.44
N PHE Q 49 -54.79 -25.57 -13.75
CA PHE Q 49 -55.39 -26.59 -14.61
C PHE Q 49 -54.39 -27.60 -15.16
N PHE Q 50 -53.11 -27.27 -15.23
CA PHE Q 50 -52.14 -28.14 -15.87
C PHE Q 50 -51.01 -28.60 -14.96
N TRP Q 51 -50.55 -27.76 -14.04
CA TRP Q 51 -49.45 -28.13 -13.16
C TRP Q 51 -49.93 -28.81 -11.89
N MET Q 52 -51.10 -28.42 -11.38
CA MET Q 52 -51.64 -29.06 -10.19
C MET Q 52 -51.83 -30.56 -10.36
N PRO Q 53 -52.36 -31.06 -11.48
CA PRO Q 53 -52.44 -32.52 -11.64
C PRO Q 53 -51.08 -33.21 -11.58
N MET Q 54 -50.06 -32.62 -12.20
CA MET Q 54 -48.72 -33.22 -12.14
C MET Q 54 -48.19 -33.25 -10.71
N VAL Q 55 -48.35 -32.14 -9.98
CA VAL Q 55 -47.90 -32.12 -8.60
C VAL Q 55 -48.70 -33.11 -7.76
N TRP Q 56 -49.99 -33.25 -8.08
CA TRP Q 56 -50.86 -34.18 -7.39
C TRP Q 56 -50.37 -35.61 -7.54
N THR Q 57 -50.09 -36.02 -8.77
CA THR Q 57 -49.71 -37.42 -9.02
C THR Q 57 -48.25 -37.69 -8.65
N ASP Q 58 -47.38 -36.69 -8.73
CA ASP Q 58 -45.95 -36.92 -8.59
C ASP Q 58 -45.41 -36.63 -7.19
N ILE Q 59 -46.08 -35.77 -6.41
CA ILE Q 59 -45.50 -35.30 -5.17
C ILE Q 59 -46.44 -35.55 -3.98
N MET Q 60 -47.68 -35.10 -4.09
CA MET Q 60 -48.57 -35.04 -2.93
C MET Q 60 -49.12 -36.41 -2.55
N VAL Q 61 -49.83 -37.05 -3.46
CA VAL Q 61 -50.39 -38.38 -3.17
C VAL Q 61 -49.29 -39.35 -2.78
N PRO Q 62 -48.14 -39.38 -3.44
CA PRO Q 62 -47.04 -40.24 -2.96
C PRO Q 62 -46.65 -39.98 -1.51
N SER Q 63 -46.53 -38.71 -1.12
CA SER Q 63 -46.15 -38.39 0.24
C SER Q 63 -47.20 -38.88 1.24
N PHE Q 64 -48.48 -38.72 0.90
CA PHE Q 64 -49.52 -39.13 1.83
C PHE Q 64 -49.64 -40.65 1.91
N VAL Q 65 -49.41 -41.36 0.80
CA VAL Q 65 -49.34 -42.82 0.85
C VAL Q 65 -48.18 -43.26 1.74
N TYR Q 66 -47.03 -42.63 1.59
CA TYR Q 66 -45.89 -42.93 2.43
C TYR Q 66 -46.23 -42.71 3.90
N ASN Q 67 -46.93 -41.61 4.20
CA ASN Q 67 -47.37 -41.38 5.57
C ASN Q 67 -48.31 -42.46 6.06
N LYS Q 68 -49.16 -42.97 5.17
CA LYS Q 68 -50.13 -44.00 5.56
C LYS Q 68 -49.47 -45.33 5.88
N LEU Q 69 -48.39 -45.67 5.18
CA LEU Q 69 -47.86 -47.03 5.25
C LEU Q 69 -47.68 -47.58 6.66
N PRO Q 70 -47.06 -46.87 7.61
CA PRO Q 70 -46.75 -47.51 8.90
C PRO Q 70 -47.98 -47.92 9.69
N VAL Q 71 -48.99 -47.07 9.78
CA VAL Q 71 -50.17 -47.39 10.57
C VAL Q 71 -50.90 -48.58 9.97
N ILE Q 72 -51.00 -48.64 8.64
CA ILE Q 72 -51.65 -49.77 7.99
C ILE Q 72 -50.88 -51.05 8.25
N HIS Q 73 -49.55 -50.98 8.18
CA HIS Q 73 -48.74 -52.15 8.47
C HIS Q 73 -48.99 -52.64 9.90
N PHE Q 74 -49.01 -51.71 10.86
CA PHE Q 74 -49.24 -52.08 12.25
C PHE Q 74 -50.62 -52.71 12.45
N LEU Q 75 -51.64 -52.09 11.86
CA LEU Q 75 -53.00 -52.60 12.03
C LEU Q 75 -53.15 -53.98 11.39
N GLN Q 76 -52.52 -54.21 10.24
CA GLN Q 76 -52.64 -55.50 9.59
C GLN Q 76 -51.86 -56.58 10.35
N GLU Q 77 -50.72 -56.23 10.93
CA GLU Q 77 -50.04 -57.16 11.82
C GLU Q 77 -50.94 -57.54 12.99
N LYS Q 78 -51.59 -56.55 13.59
CA LYS Q 78 -52.50 -56.84 14.71
C LYS Q 78 -53.66 -57.72 14.25
N ARG Q 79 -54.20 -57.48 13.06
CA ARG Q 79 -55.29 -58.30 12.55
C ARG Q 79 -54.85 -59.74 12.35
N ALA Q 80 -53.65 -59.94 11.79
CA ALA Q 80 -53.14 -61.31 11.62
C ALA Q 80 -52.94 -61.99 12.97
N GLU Q 81 -52.39 -61.28 13.95
CA GLU Q 81 -52.26 -61.85 15.28
C GLU Q 81 -53.62 -62.20 15.86
N GLN Q 82 -54.63 -61.36 15.61
CA GLN Q 82 -55.97 -61.65 16.08
C GLN Q 82 -56.52 -62.92 15.45
N LYS Q 83 -56.27 -63.11 14.16
CA LYS Q 83 -56.73 -64.33 13.49
C LYS Q 83 -56.06 -65.55 14.10
N LEU Q 84 -54.74 -65.48 14.33
CA LEU Q 84 -54.04 -66.61 14.93
C LEU Q 84 -54.56 -66.89 16.34
N ARG Q 85 -54.81 -65.84 17.11
CA ARG Q 85 -55.32 -66.01 18.46
C ARG Q 85 -56.69 -66.67 18.46
N ARG Q 86 -57.57 -66.25 17.54
CA ARG Q 86 -58.88 -66.88 17.43
C ARG Q 86 -58.75 -68.35 17.01
N VAL Q 87 -57.80 -68.64 16.12
CA VAL Q 87 -57.57 -70.03 15.72
C VAL Q 87 -57.19 -70.86 16.93
N LEU Q 88 -56.28 -70.35 17.76
CA LEU Q 88 -55.86 -71.09 18.93
C LEU Q 88 -56.98 -71.23 19.95
N ASP Q 89 -57.79 -70.19 20.12
CA ASP Q 89 -58.80 -70.19 21.17
C ASP Q 89 -59.92 -71.20 20.90
N GLU Q 90 -60.14 -71.58 19.65
CA GLU Q 90 -61.21 -72.51 19.32
C GLU Q 90 -60.82 -73.97 19.50
N THR Q 91 -59.57 -74.24 19.88
CA THR Q 91 -59.10 -75.61 20.06
C THR Q 91 -59.36 -76.08 21.49
N TYR Q 92 -59.72 -77.34 21.64
CA TYR Q 92 -59.96 -77.93 22.95
C TYR Q 92 -59.92 -79.45 22.89
N PRO R 59 -72.80 -93.61 12.43
CA PRO R 59 -72.99 -92.24 11.95
C PRO R 59 -72.96 -92.13 10.43
N PRO R 60 -73.43 -91.01 9.88
CA PRO R 60 -73.44 -90.86 8.42
C PRO R 60 -72.04 -90.85 7.85
N HIS R 61 -71.91 -91.37 6.63
CA HIS R 61 -70.62 -91.42 5.97
C HIS R 61 -70.17 -90.05 5.51
N TYR R 62 -68.86 -89.81 5.58
CA TYR R 62 -68.25 -88.55 5.17
C TYR R 62 -67.18 -88.83 4.14
N THR R 63 -67.19 -88.04 3.05
CA THR R 63 -66.21 -88.17 1.98
C THR R 63 -65.11 -87.14 2.18
N ARG R 64 -63.87 -87.60 2.15
CA ARG R 64 -62.74 -86.71 2.36
C ARG R 64 -62.61 -85.72 1.21
N LYS R 65 -62.32 -84.46 1.56
CA LYS R 65 -62.08 -83.44 0.54
C LYS R 65 -60.72 -83.61 -0.10
N SER R 66 -59.72 -84.07 0.66
CA SER R 66 -58.38 -84.28 0.15
C SER R 66 -57.85 -85.61 0.66
N SER R 67 -56.90 -86.17 -0.08
CA SER R 67 -56.31 -87.47 0.24
C SER R 67 -54.93 -87.27 0.84
N ALA R 68 -54.71 -87.82 2.02
CA ALA R 68 -53.42 -87.74 2.69
C ALA R 68 -53.41 -88.69 3.88
N THR R 69 -52.28 -89.33 4.11
CA THR R 69 -52.14 -90.26 5.21
C THR R 69 -51.69 -89.54 6.48
N ILE R 70 -51.99 -90.14 7.62
CA ILE R 70 -51.60 -89.55 8.90
C ILE R 70 -50.09 -89.46 9.01
N GLU R 71 -49.38 -90.49 8.52
CA GLU R 71 -47.92 -90.44 8.52
C GLU R 71 -47.41 -89.29 7.67
N GLN R 72 -48.01 -89.09 6.49
CA GLN R 72 -47.62 -87.99 5.63
C GLN R 72 -47.87 -86.65 6.32
N VAL R 73 -49.01 -86.52 7.00
CA VAL R 73 -49.33 -85.28 7.70
C VAL R 73 -48.31 -85.02 8.81
N GLU R 74 -47.96 -86.05 9.57
CA GLU R 74 -47.00 -85.89 10.65
C GLU R 74 -45.63 -85.51 10.10
N LYS R 75 -45.22 -86.13 9.00
CA LYS R 75 -43.95 -85.77 8.38
C LYS R 75 -43.96 -84.32 7.90
N GLU R 76 -45.08 -83.89 7.30
CA GLU R 76 -45.19 -82.51 6.85
C GLU R 76 -45.12 -81.54 8.02
N ILE R 77 -45.78 -81.88 9.14
CA ILE R 77 -45.71 -81.03 10.32
C ILE R 77 -44.29 -80.95 10.84
N ASP R 78 -43.59 -82.08 10.88
CA ASP R 78 -42.21 -82.08 11.35
C ASP R 78 -41.33 -81.22 10.46
N ALA R 79 -41.52 -81.31 9.14
CA ALA R 79 -40.75 -80.49 8.22
C ALA R 79 -41.05 -79.00 8.42
N LEU R 80 -42.34 -78.67 8.61
CA LEU R 80 -42.71 -77.27 8.79
C LEU R 80 -42.10 -76.69 10.06
N LEU R 81 -42.13 -77.46 11.15
CA LEU R 81 -41.60 -76.97 12.42
C LEU R 81 -40.07 -77.09 12.51
N GLY R 82 -39.45 -77.88 11.63
CA GLY R 82 -38.02 -78.07 11.71
C GLY R 82 -37.21 -76.91 11.17
N GLY R 83 -37.74 -76.19 10.17
CA GLY R 83 -37.02 -75.08 9.59
C GLY R 83 -36.97 -73.85 10.47
N ALA R 84 -37.89 -73.74 11.43
CA ALA R 84 -37.97 -72.59 12.31
C ALA R 84 -37.37 -72.85 13.68
N GLU R 85 -36.62 -73.94 13.84
CA GLU R 85 -36.06 -74.27 15.16
C GLU R 85 -35.12 -73.17 15.63
N LYS R 86 -34.26 -72.67 14.75
CA LYS R 86 -33.34 -71.60 15.13
C LYS R 86 -34.11 -70.34 15.52
N LEU R 87 -35.15 -70.00 14.77
CA LEU R 87 -35.93 -68.82 15.09
C LEU R 87 -36.76 -69.01 16.36
N ARG R 88 -37.22 -70.24 16.60
CA ARG R 88 -38.06 -70.50 17.77
C ARG R 88 -37.29 -70.24 19.05
N LYS R 89 -37.91 -69.51 19.97
CA LYS R 89 -37.30 -69.16 21.25
C LYS R 89 -38.24 -69.56 22.38
N THR R 90 -37.70 -70.25 23.38
CA THR R 90 -38.48 -70.64 24.53
C THR R 90 -38.70 -69.46 25.46
N SER R 91 -39.72 -69.57 26.31
CA SER R 91 -40.06 -68.51 27.24
C SER R 91 -40.82 -69.10 28.41
N THR R 92 -41.04 -68.27 29.43
CA THR R 92 -41.76 -68.72 30.60
C THR R 92 -43.20 -69.04 30.25
N ASP R 93 -43.80 -69.95 31.02
CA ASP R 93 -45.16 -70.39 30.73
C ASP R 93 -46.16 -69.25 30.84
N ASP R 94 -45.90 -68.29 31.73
CA ASP R 94 -46.81 -67.17 31.91
C ASP R 94 -46.58 -66.05 30.89
N GLN R 95 -45.46 -66.07 30.18
CA GLN R 95 -45.18 -65.05 29.19
C GLN R 95 -45.98 -65.30 27.91
N PRO R 96 -46.20 -64.26 27.11
CA PRO R 96 -46.92 -64.45 25.85
C PRO R 96 -46.15 -65.37 24.91
N MET R 97 -46.90 -66.14 24.12
CA MET R 97 -46.33 -67.10 23.21
C MET R 97 -46.02 -66.47 21.86
N ASP R 98 -45.22 -67.17 21.07
CA ASP R 98 -44.84 -66.72 19.74
C ASP R 98 -45.68 -67.43 18.67
N LYS R 99 -45.52 -66.97 17.43
CA LYS R 99 -46.24 -67.60 16.33
C LYS R 99 -45.83 -69.05 16.15
N LEU R 100 -44.53 -69.33 16.22
CA LEU R 100 -44.06 -70.71 16.08
C LEU R 100 -44.62 -71.59 17.18
N THR R 101 -44.61 -71.09 18.42
CA THR R 101 -45.15 -71.86 19.54
C THR R 101 -46.63 -72.15 19.34
N LEU R 102 -47.39 -71.14 18.90
CA LEU R 102 -48.83 -71.33 18.68
C LEU R 102 -49.08 -72.37 17.60
N MET R 103 -48.35 -72.26 16.48
CA MET R 103 -48.53 -73.21 15.40
C MET R 103 -48.17 -74.62 15.86
N GLU R 104 -47.06 -74.76 16.58
CA GLU R 104 -46.66 -76.08 17.06
C GLU R 104 -47.70 -76.67 17.99
N ARG R 105 -48.21 -75.86 18.93
CA ARG R 105 -49.20 -76.36 19.87
C ARG R 105 -50.46 -76.81 19.15
N CYS R 106 -50.95 -75.99 18.21
CA CYS R 106 -52.17 -76.37 17.49
C CYS R 106 -51.98 -77.64 16.69
N LEU R 107 -50.90 -77.71 15.91
CA LEU R 107 -50.67 -78.87 15.06
C LEU R 107 -50.49 -80.13 15.89
N ARG R 108 -49.67 -80.05 16.95
CA ARG R 108 -49.42 -81.23 17.77
C ARG R 108 -50.67 -81.65 18.52
N HIS R 109 -51.46 -80.68 18.99
CA HIS R 109 -52.71 -81.00 19.68
C HIS R 109 -53.65 -81.78 18.76
N ALA R 110 -53.83 -81.29 17.53
CA ALA R 110 -54.69 -82.00 16.59
C ALA R 110 -54.13 -83.38 16.26
N LEU R 111 -52.82 -83.45 16.03
CA LEU R 111 -52.20 -84.72 15.65
C LEU R 111 -52.38 -85.76 16.75
N TRP R 112 -52.10 -85.38 17.99
CA TRP R 112 -52.16 -86.35 19.09
C TRP R 112 -53.59 -86.65 19.50
N SER R 113 -54.53 -85.72 19.32
CA SER R 113 -55.93 -86.05 19.51
C SER R 113 -56.35 -87.11 18.50
N TYR R 114 -55.94 -86.95 17.23
CA TYR R 114 -56.24 -87.97 16.23
C TYR R 114 -55.60 -89.30 16.60
N HIS R 115 -54.35 -89.27 17.07
CA HIS R 115 -53.68 -90.51 17.42
C HIS R 115 -54.37 -91.20 18.59
N LYS R 116 -54.75 -90.44 19.61
CA LYS R 116 -55.41 -91.06 20.77
C LYS R 116 -56.77 -91.63 20.38
N GLU R 117 -57.49 -90.94 19.49
CA GLU R 117 -58.73 -91.52 18.98
C GLU R 117 -58.47 -92.79 18.19
N GLU R 118 -57.39 -92.81 17.40
CA GLU R 118 -57.09 -93.98 16.58
C GLU R 118 -56.74 -95.18 17.46
N GLY R 119 -55.88 -94.99 18.45
CA GLY R 119 -55.49 -96.08 19.32
C GLY R 119 -54.02 -96.05 19.72
N ARG R 120 -53.24 -95.16 19.11
CA ARG R 120 -51.82 -95.03 19.43
C ARG R 120 -51.70 -94.26 20.75
N TYR R 121 -51.91 -95.00 21.85
CA TYR R 121 -51.91 -94.40 23.18
C TYR R 121 -50.47 -94.22 23.66
N ASP R 122 -49.84 -93.17 23.15
CA ASP R 122 -48.52 -92.74 23.61
C ASP R 122 -48.74 -91.62 24.62
N PHE R 123 -48.79 -92.00 25.90
CA PHE R 123 -49.15 -91.03 26.94
C PHE R 123 -48.07 -89.98 27.14
N ASP R 124 -46.82 -90.30 26.80
CA ASP R 124 -45.73 -89.35 27.03
C ASP R 124 -45.94 -88.06 26.25
N GLN R 125 -46.35 -88.17 25.00
CA GLN R 125 -46.62 -86.99 24.17
C GLN R 125 -48.03 -86.46 24.34
N ILE R 126 -48.99 -87.34 24.63
CA ILE R 126 -50.37 -86.88 24.84
C ILE R 126 -50.46 -86.00 26.06
N GLY R 127 -49.69 -86.31 27.11
CA GLY R 127 -49.67 -85.48 28.29
C GLY R 127 -49.05 -84.11 28.08
N ARG R 128 -48.28 -83.96 27.01
CA ARG R 128 -47.61 -82.69 26.71
C ARG R 128 -48.41 -81.84 25.73
N TRP R 129 -48.94 -82.44 24.67
CA TRP R 129 -49.56 -81.69 23.58
C TRP R 129 -51.07 -81.66 23.66
N VAL R 130 -51.67 -82.28 24.68
CA VAL R 130 -53.13 -82.29 24.80
C VAL R 130 -53.63 -81.85 26.17
N VAL R 131 -52.80 -81.85 27.21
CA VAL R 131 -53.25 -81.51 28.56
C VAL R 131 -53.20 -79.99 28.71
N TYR R 132 -54.37 -79.38 28.88
CA TYR R 132 -54.46 -77.95 29.16
C TYR R 132 -55.49 -77.61 30.21
N THR R 133 -56.15 -78.59 30.81
CA THR R 133 -57.20 -78.37 31.80
C THR R 133 -57.06 -79.40 32.90
N PRO R 134 -57.39 -79.04 34.15
CA PRO R 134 -57.41 -80.06 35.20
C PRO R 134 -58.34 -81.21 34.89
N GLU R 135 -59.49 -80.93 34.27
CA GLU R 135 -60.37 -82.00 33.83
C GLU R 135 -59.68 -82.89 32.79
N ASP R 136 -58.94 -82.28 31.87
CA ASP R 136 -58.18 -83.05 30.90
C ASP R 136 -57.13 -83.92 31.58
N GLU R 137 -56.46 -83.37 32.59
CA GLU R 137 -55.47 -84.15 33.33
C GLU R 137 -56.12 -85.34 34.04
N VAL R 138 -57.29 -85.13 34.64
CA VAL R 138 -57.99 -86.22 35.30
C VAL R 138 -58.39 -87.28 34.29
N LYS R 139 -58.89 -86.86 33.13
CA LYS R 139 -59.24 -87.82 32.09
C LYS R 139 -58.03 -88.61 31.63
N LEU R 140 -56.89 -87.94 31.47
CA LEU R 140 -55.68 -88.64 31.07
C LEU R 140 -55.25 -89.66 32.12
N ALA R 141 -55.31 -89.27 33.40
CA ALA R 141 -54.96 -90.21 34.46
C ALA R 141 -55.89 -91.41 34.47
N GLN R 142 -57.19 -91.17 34.27
CA GLN R 142 -58.14 -92.27 34.21
C GLN R 142 -57.84 -93.18 33.03
N LEU R 143 -57.50 -92.61 31.88
CA LEU R 143 -57.16 -93.41 30.71
C LEU R 143 -55.91 -94.23 30.97
N LYS R 144 -54.91 -93.63 31.63
CA LYS R 144 -53.66 -94.32 31.91
C LYS R 144 -53.81 -95.25 33.12
N ARG R 219 -65.29 -93.04 12.44
CA ARG R 219 -64.52 -93.04 11.21
C ARG R 219 -64.67 -91.72 10.48
N ALA R 220 -65.92 -91.28 10.32
CA ALA R 220 -66.18 -90.00 9.68
C ALA R 220 -65.55 -88.86 10.46
N SER R 221 -65.64 -88.91 11.79
CA SER R 221 -65.01 -87.88 12.62
C SER R 221 -63.51 -87.85 12.40
N GLN R 222 -62.88 -89.02 12.31
CA GLN R 222 -61.45 -89.07 12.06
C GLN R 222 -61.09 -88.47 10.71
N ASP R 223 -61.87 -88.78 9.68
CA ASP R 223 -61.61 -88.20 8.35
C ASP R 223 -61.75 -86.69 8.38
N LYS R 224 -62.80 -86.18 9.03
CA LYS R 224 -62.97 -84.73 9.13
C LYS R 224 -61.82 -84.10 9.89
N ARG R 225 -61.38 -84.74 10.97
CA ARG R 225 -60.28 -84.20 11.75
C ARG R 225 -58.99 -84.16 10.93
N LEU R 226 -58.74 -85.21 10.14
CA LEU R 226 -57.54 -85.23 9.30
C LEU R 226 -57.60 -84.14 8.25
N ASP R 227 -58.76 -83.96 7.61
CA ASP R 227 -58.91 -82.89 6.62
C ASP R 227 -58.72 -81.52 7.27
N ASP R 228 -59.27 -81.34 8.47
CA ASP R 228 -59.11 -80.07 9.17
C ASP R 228 -57.64 -79.82 9.50
N LEU R 229 -56.91 -80.86 9.90
CA LEU R 229 -55.49 -80.70 10.18
C LEU R 229 -54.72 -80.29 8.93
N VAL R 230 -55.04 -80.92 7.79
CA VAL R 230 -54.38 -80.56 6.55
C VAL R 230 -54.68 -79.11 6.18
N ASP R 231 -55.94 -78.69 6.33
CA ASP R 231 -56.30 -77.32 6.04
C ASP R 231 -55.58 -76.36 6.98
N LEU R 232 -55.45 -76.73 8.25
CA LEU R 232 -54.73 -75.88 9.20
C LEU R 232 -53.27 -75.73 8.80
N LEU R 233 -52.64 -76.82 8.35
CA LEU R 233 -51.25 -76.73 7.90
C LEU R 233 -51.12 -75.81 6.70
N GLU R 234 -52.03 -75.96 5.73
CA GLU R 234 -52.00 -75.09 4.56
C GLU R 234 -52.29 -73.64 4.93
N ARG R 235 -53.01 -73.42 6.03
CA ARG R 235 -53.30 -72.07 6.49
C ARG R 235 -52.08 -71.46 7.18
N PHE R 236 -51.32 -72.27 7.91
CA PHE R 236 -50.15 -71.77 8.63
C PHE R 236 -48.97 -71.49 7.69
N LYS R 237 -48.85 -72.25 6.61
CA LYS R 237 -47.70 -72.07 5.73
C LYS R 237 -47.58 -70.65 5.18
N PRO R 238 -48.64 -70.02 4.68
CA PRO R 238 -48.52 -68.63 4.23
C PRO R 238 -48.05 -67.68 5.31
N VAL R 239 -48.45 -67.90 6.56
CA VAL R 239 -48.01 -67.04 7.65
C VAL R 239 -46.50 -67.11 7.80
N LEU R 240 -45.94 -68.32 7.76
CA LEU R 240 -44.49 -68.46 7.84
C LEU R 240 -43.81 -67.83 6.63
N ALA R 241 -44.43 -67.95 5.46
CA ALA R 241 -43.86 -67.30 4.27
C ALA R 241 -43.80 -65.78 4.46
N ARG R 242 -44.87 -65.18 4.97
CA ARG R 242 -44.86 -63.75 5.23
C ARG R 242 -43.80 -63.39 6.27
N GLU R 243 -43.64 -64.22 7.29
CA GLU R 243 -42.62 -63.97 8.30
C GLU R 243 -41.23 -63.98 7.69
N ALA R 244 -40.96 -64.94 6.81
CA ALA R 244 -39.67 -64.99 6.14
C ALA R 244 -39.44 -63.75 5.27
N ILE R 245 -40.48 -63.34 4.54
CA ILE R 245 -40.37 -62.16 3.70
C ILE R 245 -40.06 -60.94 4.56
N MET R 246 -40.74 -60.80 5.70
CA MET R 246 -40.47 -59.68 6.58
C MET R 246 -39.06 -59.74 7.15
N GLN R 247 -38.55 -60.94 7.44
CA GLN R 247 -37.18 -61.07 7.91
C GLN R 247 -36.20 -60.55 6.87
N ARG R 248 -36.39 -60.95 5.62
CA ARG R 248 -35.49 -60.48 4.56
C ARG R 248 -35.61 -58.97 4.35
N LEU R 249 -36.83 -58.45 4.39
CA LEU R 249 -37.02 -57.00 4.27
C LEU R 249 -36.32 -56.26 5.40
N THR R 250 -36.44 -56.76 6.63
CA THR R 250 -35.75 -56.14 7.76
C THR R 250 -34.24 -56.20 7.58
N ILE R 251 -33.73 -57.33 7.09
CA ILE R 251 -32.30 -57.47 6.86
C ILE R 251 -31.82 -56.40 5.90
N LYS R 252 -32.54 -56.20 4.80
CA LYS R 252 -32.13 -55.19 3.83
C LYS R 252 -32.33 -53.77 4.37
N HIS R 253 -33.32 -53.58 5.23
CA HIS R 253 -33.52 -52.27 5.84
C HIS R 253 -32.35 -51.90 6.75
N LEU R 254 -31.90 -52.85 7.57
CA LEU R 254 -30.80 -52.56 8.48
C LEU R 254 -29.50 -52.25 7.73
N GLU R 255 -29.36 -52.77 6.52
CA GLU R 255 -28.19 -52.48 5.68
C GLU R 255 -28.31 -51.13 4.97
N GLY R 256 -29.49 -50.53 4.95
CA GLY R 256 -29.68 -49.31 4.18
C GLY R 256 -29.82 -49.55 2.69
N GLN R 257 -30.37 -50.69 2.30
CA GLN R 257 -30.48 -51.08 0.90
C GLN R 257 -31.91 -51.49 0.56
N LEU R 258 -32.89 -50.81 1.15
CA LEU R 258 -34.30 -51.11 0.94
C LEU R 258 -35.03 -49.83 0.54
N GLY R 259 -35.52 -49.79 -0.69
CA GLY R 259 -36.39 -48.72 -1.12
C GLY R 259 -37.84 -48.97 -0.76
N VAL R 260 -38.60 -47.88 -0.64
CA VAL R 260 -40.01 -48.00 -0.27
C VAL R 260 -40.79 -48.72 -1.36
N TRP R 261 -40.37 -48.58 -2.62
CA TRP R 261 -41.05 -49.26 -3.70
C TRP R 261 -40.95 -50.78 -3.55
N ARG R 262 -39.76 -51.27 -3.19
CA ARG R 262 -39.58 -52.70 -2.97
C ARG R 262 -40.42 -53.18 -1.79
N TYR R 263 -40.44 -52.40 -0.71
CA TYR R 263 -41.24 -52.77 0.46
C TYR R 263 -42.72 -52.84 0.12
N MET R 264 -43.22 -51.88 -0.65
CA MET R 264 -44.64 -51.91 -1.03
C MET R 264 -44.92 -53.07 -1.97
N ASP R 265 -43.98 -53.41 -2.86
CA ASP R 265 -44.18 -54.54 -3.75
C ASP R 265 -44.24 -55.85 -2.96
N TRP R 266 -43.42 -55.98 -1.93
CA TRP R 266 -43.36 -57.20 -1.15
C TRP R 266 -44.24 -57.16 0.10
N CYS R 267 -44.99 -56.08 0.30
CA CYS R 267 -46.08 -56.03 1.27
C CYS R 267 -47.30 -55.49 0.56
N PRO R 268 -47.86 -56.26 -0.36
CA PRO R 268 -48.88 -55.71 -1.28
C PRO R 268 -50.12 -55.17 -0.59
N GLU R 269 -50.56 -55.81 0.50
CA GLU R 269 -51.82 -55.41 1.12
C GLU R 269 -51.74 -53.98 1.65
N VAL R 270 -50.63 -53.64 2.32
CA VAL R 270 -50.44 -52.29 2.83
C VAL R 270 -50.44 -51.29 1.69
N ARG R 271 -49.71 -51.61 0.62
CA ARG R 271 -49.65 -50.74 -0.55
C ARG R 271 -51.04 -50.48 -1.11
N ASP R 272 -51.80 -51.55 -1.36
CA ASP R 272 -53.11 -51.39 -1.98
C ASP R 272 -54.04 -50.58 -1.09
N ARG R 273 -54.05 -50.86 0.21
CA ARG R 273 -54.94 -50.12 1.10
C ARG R 273 -54.59 -48.64 1.13
N ALA R 274 -53.30 -48.32 1.22
CA ALA R 274 -52.90 -46.92 1.27
C ALA R 274 -53.27 -46.19 -0.01
N GLU R 275 -52.96 -46.80 -1.16
CA GLU R 275 -53.27 -46.16 -2.44
C GLU R 275 -54.76 -45.95 -2.60
N LEU R 276 -55.57 -46.97 -2.27
CA LEU R 276 -57.01 -46.84 -2.39
C LEU R 276 -57.56 -45.77 -1.46
N GLU R 277 -57.08 -45.74 -0.22
CA GLU R 277 -57.58 -44.75 0.72
C GLU R 277 -57.30 -43.33 0.25
N VAL R 278 -56.10 -43.08 -0.27
CA VAL R 278 -55.79 -41.74 -0.77
C VAL R 278 -56.62 -41.44 -2.02
N ASP R 279 -56.84 -42.44 -2.88
CA ASP R 279 -57.57 -42.20 -4.12
C ASP R 279 -59.04 -41.88 -3.89
N ILE R 280 -59.61 -42.29 -2.76
CA ILE R 280 -61.00 -42.01 -2.44
C ILE R 280 -61.13 -40.83 -1.47
N THR R 281 -60.11 -39.97 -1.41
CA THR R 281 -60.11 -38.76 -0.61
C THR R 281 -59.90 -39.02 0.86
N GLY R 282 -59.30 -40.16 1.22
CA GLY R 282 -58.91 -40.44 2.58
C GLY R 282 -57.48 -40.02 2.86
N TRP R 283 -57.22 -38.72 2.92
CA TRP R 283 -55.85 -38.23 3.01
C TRP R 283 -55.20 -38.58 4.35
N GLN R 284 -55.99 -38.62 5.43
CA GLN R 284 -55.42 -38.73 6.77
C GLN R 284 -54.67 -40.05 6.94
N TRP R 285 -53.57 -39.98 7.68
CA TRP R 285 -52.70 -41.13 7.93
C TRP R 285 -52.86 -41.70 9.33
N TRP R 286 -53.79 -41.20 10.13
CA TRP R 286 -54.02 -41.68 11.48
C TRP R 286 -55.41 -42.30 11.57
N SER R 287 -55.50 -43.43 12.26
CA SER R 287 -56.75 -44.16 12.45
C SER R 287 -56.91 -44.50 13.93
N PRO R 288 -57.22 -43.50 14.76
CA PRO R 288 -57.28 -43.76 16.21
C PRO R 288 -58.30 -44.81 16.61
N LEU R 289 -59.44 -44.87 15.93
CA LEU R 289 -60.51 -45.78 16.35
C LEU R 289 -60.15 -47.23 16.05
N GLU R 290 -59.65 -47.51 14.85
CA GLU R 290 -59.25 -48.87 14.52
C GLU R 290 -58.10 -49.32 15.40
N GLU R 291 -57.15 -48.42 15.67
CA GLU R 291 -56.06 -48.74 16.60
C GLU R 291 -56.61 -49.05 17.98
N ARG R 292 -57.57 -48.25 18.46
CA ARG R 292 -58.19 -48.52 19.75
C ARG R 292 -58.84 -49.89 19.76
N ARG R 293 -59.39 -50.33 18.63
CA ARG R 293 -59.98 -51.66 18.56
C ARG R 293 -58.91 -52.74 18.57
N LEU R 294 -57.76 -52.49 17.93
CA LEU R 294 -56.75 -53.51 17.72
C LEU R 294 -55.49 -53.33 18.56
N LEU R 295 -55.33 -52.20 19.26
CA LEU R 295 -54.09 -51.97 19.99
C LEU R 295 -53.80 -53.04 21.02
N PRO R 296 -54.73 -53.45 21.89
CA PRO R 296 -54.42 -54.44 22.92
C PRO R 296 -54.36 -55.88 22.44
N VAL R 297 -54.36 -56.12 21.14
CA VAL R 297 -54.31 -57.49 20.62
C VAL R 297 -52.89 -58.04 20.78
N ARG R 298 -52.79 -59.27 21.23
CA ARG R 298 -51.51 -59.95 21.41
C ARG R 298 -51.78 -61.43 21.62
N LEU R 299 -50.78 -62.24 21.26
CA LEU R 299 -50.88 -63.68 21.50
C LEU R 299 -50.94 -63.96 22.99
N ARG R 300 -51.77 -64.92 23.37
CA ARG R 300 -52.03 -65.18 24.77
C ARG R 300 -50.93 -66.05 25.37
N SER R 301 -50.88 -66.04 26.70
CA SER R 301 -49.97 -66.90 27.43
C SER R 301 -50.55 -68.30 27.55
N VAL R 302 -49.71 -69.24 27.97
CA VAL R 302 -50.14 -70.63 28.10
C VAL R 302 -51.24 -70.73 29.16
N ASN R 303 -51.08 -70.04 30.29
CA ASN R 303 -52.09 -70.10 31.34
C ASN R 303 -53.42 -69.54 30.86
N GLU R 304 -53.38 -68.45 30.09
CA GLU R 304 -54.61 -67.91 29.53
C GLU R 304 -55.26 -68.90 28.57
N VAL R 305 -54.45 -69.62 27.80
CA VAL R 305 -54.98 -70.65 26.92
C VAL R 305 -55.65 -71.75 27.73
N ARG R 306 -55.04 -72.14 28.85
CA ARG R 306 -55.64 -73.16 29.70
C ARG R 306 -56.98 -72.69 30.23
N GLU R 307 -57.06 -71.44 30.69
CA GLU R 307 -58.33 -70.93 31.20
C GLU R 307 -59.39 -70.89 30.11
N ILE R 308 -59.02 -70.45 28.91
CA ILE R 308 -59.99 -70.37 27.83
C ILE R 308 -60.46 -71.77 27.42
N MET R 309 -59.54 -72.73 27.38
CA MET R 309 -59.92 -74.09 27.06
C MET R 309 -60.86 -74.67 28.12
N SER R 310 -60.60 -74.37 29.39
CA SER R 310 -61.49 -74.82 30.45
C SER R 310 -62.87 -74.21 30.28
N LYS R 311 -62.93 -72.92 29.96
CA LYS R 311 -64.23 -72.27 29.73
C LYS R 311 -64.97 -72.93 28.58
N THR R 312 -64.27 -73.20 27.47
CA THR R 312 -64.92 -73.82 26.33
C THR R 312 -65.39 -75.23 26.66
N GLN R 313 -64.59 -76.00 27.40
CA GLN R 313 -65.01 -77.33 27.79
C GLN R 313 -66.25 -77.29 28.68
N ALA R 314 -66.29 -76.34 29.62
CA ALA R 314 -67.47 -76.20 30.47
C ALA R 314 -68.69 -75.83 29.65
N LYS R 315 -68.52 -74.93 28.67
CA LYS R 315 -69.65 -74.55 27.82
C LYS R 315 -70.15 -75.74 27.02
N LYS R 316 -69.24 -76.53 26.46
CA LYS R 316 -69.64 -77.71 25.69
C LYS R 316 -70.37 -78.72 26.57
N SER R 317 -69.87 -78.94 27.79
CA SER R 317 -70.54 -79.85 28.71
C SER R 317 -71.94 -79.37 29.05
N ALA R 318 -72.08 -78.07 29.33
CA ALA R 318 -73.40 -77.53 29.62
C ALA R 318 -74.33 -77.70 28.42
N GLU R 319 -73.78 -77.53 27.21
CA GLU R 319 -74.58 -77.71 26.00
C GLU R 319 -75.09 -79.15 25.90
N ALA R 320 -74.23 -80.13 26.20
CA ALA R 320 -74.65 -81.52 26.12
C ALA R 320 -75.67 -81.86 27.19
N ALA R 321 -75.65 -81.13 28.31
CA ALA R 321 -76.65 -81.38 29.36
C ALA R 321 -78.05 -81.01 28.89
N GLU R 322 -78.22 -79.88 28.23
CA GLU R 322 -79.55 -79.30 27.93
C GLU R 322 -80.54 -80.19 27.18
N ARG R 323 -78.47 -81.04 25.79
CA ARG R 323 -79.00 -81.97 24.82
C ARG R 323 -79.70 -83.15 25.47
N ASN R 324 -79.24 -83.54 26.68
CA ASN R 324 -79.74 -84.77 27.29
C ASN R 324 -81.16 -84.65 27.81
N PRO R 325 -81.48 -83.81 28.82
CA PRO R 325 -82.91 -83.66 29.09
C PRO R 325 -83.50 -82.34 28.59
CT2 AME S 1 -61.48 -52.04 -17.40
CT1 AME S 1 -60.57 -52.67 -18.42
OT AME S 1 -59.36 -52.45 -18.43
CB AME S 1 -61.24 -55.09 -21.15
CG AME S 1 -60.37 -56.17 -21.77
SD AME S 1 -61.27 -57.72 -22.00
CE AME S 1 -59.92 -58.84 -22.34
C AME S 1 -60.11 -52.86 -21.44
O AME S 1 -60.83 -51.90 -21.56
N AME S 1 -61.15 -53.46 -19.31
CA AME S 1 -60.43 -53.98 -20.46
HT23 AME S 1 -61.19 -51.01 -17.20
HT22 AME S 1 -61.43 -52.57 -16.46
HT21 AME S 1 -62.53 -52.05 -17.70
HB2 AME S 1 -61.90 -54.66 -21.90
HB1 AME S 1 -61.91 -55.53 -20.41
HG2 AME S 1 -59.50 -56.37 -21.15
HG1 AME S 1 -59.99 -55.87 -22.74
HE3 AME S 1 -59.09 -58.70 -21.63
HE2 AME S 1 -59.53 -58.73 -23.34
HE1 AME S 1 -60.29 -59.84 -22.22
HN1 AME S 1 -62.13 -53.73 -19.22
HA AME S 1 -59.49 -54.40 -20.12
N GLN S 2 -59.00 -53.03 -22.15
CA GLN S 2 -58.59 -52.05 -23.15
C GLN S 2 -59.15 -52.40 -24.52
N GLY S 3 -59.29 -51.40 -25.37
CA GLY S 3 -59.80 -51.63 -26.70
C GLY S 3 -58.83 -52.43 -27.56
N SER S 4 -59.40 -53.15 -28.52
CA SER S 4 -58.61 -53.99 -29.41
C SER S 4 -59.29 -54.01 -30.79
N TRP S 5 -58.49 -54.35 -31.80
CA TRP S 5 -59.00 -54.39 -33.17
C TRP S 5 -59.86 -55.63 -33.40
N SER S 6 -59.51 -56.75 -32.77
CA SER S 6 -60.32 -57.95 -32.94
C SER S 6 -61.74 -57.75 -32.41
N VAL S 7 -61.86 -57.12 -31.25
CA VAL S 7 -63.19 -56.85 -30.69
C VAL S 7 -63.92 -55.84 -31.57
N LEU S 8 -63.20 -54.88 -32.13
CA LEU S 8 -63.82 -53.92 -33.04
C LEU S 8 -64.42 -54.64 -34.24
N LYS S 9 -63.67 -55.57 -34.83
CA LYS S 9 -64.19 -56.35 -35.95
C LYS S 9 -65.40 -57.17 -35.52
N LYS S 10 -65.31 -57.80 -34.35
CA LYS S 10 -66.42 -58.60 -33.85
C LYS S 10 -67.70 -57.78 -33.73
N ASN S 11 -67.59 -56.59 -33.13
CA ASN S 11 -68.78 -55.78 -32.88
C ASN S 11 -69.29 -55.11 -34.15
N CYS S 12 -68.40 -54.77 -35.09
CA CYS S 12 -68.85 -54.22 -36.36
C CYS S 12 -69.58 -55.28 -37.17
N SER S 13 -69.10 -56.53 -37.15
CA SER S 13 -69.76 -57.59 -37.89
C SER S 13 -71.14 -57.87 -37.33
N ASN S 14 -71.29 -57.87 -36.00
CA ASN S 14 -72.53 -58.23 -35.33
C ASN S 14 -73.35 -57.01 -34.93
N PHE S 15 -73.12 -55.86 -35.56
CA PHE S 15 -73.78 -54.64 -35.14
C PHE S 15 -75.28 -54.70 -35.41
N PHE S 16 -75.67 -55.05 -36.63
CA PHE S 16 -77.07 -54.99 -37.04
C PHE S 16 -77.85 -56.19 -36.49
N PRO S 17 -77.30 -57.41 -36.55
CA PRO S 17 -77.96 -58.51 -35.82
C PRO S 17 -78.12 -58.21 -34.35
N GLY S 18 -77.12 -57.57 -33.75
CA GLY S 18 -77.24 -57.19 -32.35
C GLY S 18 -78.36 -56.20 -32.11
N LEU S 19 -78.49 -55.20 -32.99
CA LEU S 19 -79.57 -54.23 -32.85
C LEU S 19 -80.93 -54.90 -32.98
N LEU S 20 -81.07 -55.81 -33.94
CA LEU S 20 -82.34 -56.52 -34.12
C LEU S 20 -82.68 -57.35 -32.89
N ALA S 21 -81.69 -58.06 -32.36
CA ALA S 21 -81.90 -58.84 -31.14
C ALA S 21 -82.27 -57.93 -29.98
N PHE S 22 -81.63 -56.76 -29.89
CA PHE S 22 -81.95 -55.83 -28.81
C PHE S 22 -83.38 -55.33 -28.93
N ALA S 23 -83.85 -55.08 -30.15
CA ALA S 23 -85.24 -54.65 -30.33
C ALA S 23 -86.21 -55.73 -29.90
N GLN S 24 -85.96 -56.98 -30.30
CA GLN S 24 -86.83 -58.07 -29.87
C GLN S 24 -86.83 -58.22 -28.35
N GLN S 25 -85.65 -58.16 -27.74
CA GLN S 25 -85.56 -58.20 -26.29
C GLN S 25 -86.29 -57.02 -25.66
N THR S 26 -86.28 -55.87 -26.33
CA THR S 26 -86.99 -54.70 -25.82
C THR S 26 -88.48 -54.96 -25.75
N GLN S 27 -89.03 -55.56 -26.81
CA GLN S 27 -90.46 -55.89 -26.81
C GLN S 27 -90.79 -56.87 -25.67
N GLU S 28 -90.00 -57.94 -25.57
CA GLU S 28 -90.25 -58.94 -24.54
C GLU S 28 -90.13 -58.32 -23.14
N ALA S 29 -89.09 -57.52 -22.92
CA ALA S 29 -88.88 -56.92 -21.61
C ALA S 29 -89.95 -55.90 -21.28
N TYR S 30 -90.46 -55.19 -22.28
CA TYR S 30 -91.57 -54.28 -22.01
C TYR S 30 -92.79 -55.04 -21.55
N GLY S 31 -93.07 -56.19 -22.17
CA GLY S 31 -94.19 -57.01 -21.69
C GLY S 31 -93.99 -57.44 -20.25
N ILE S 32 -92.79 -57.94 -19.93
CA ILE S 32 -92.52 -58.40 -18.56
C ILE S 32 -92.65 -57.23 -17.59
N TRP S 33 -92.06 -56.09 -17.92
CA TRP S 33 -92.14 -54.94 -17.04
C TRP S 33 -93.56 -54.46 -16.87
N LEU S 34 -94.37 -54.53 -17.93
CA LEU S 34 -95.76 -54.11 -17.82
C LEU S 34 -96.51 -54.98 -16.82
N ARG S 35 -96.29 -56.30 -16.89
CA ARG S 35 -96.91 -57.18 -15.91
C ARG S 35 -96.47 -56.82 -14.50
N ILE S 36 -95.16 -56.65 -14.29
CA ILE S 36 -94.65 -56.37 -12.96
C ILE S 36 -95.17 -55.03 -12.46
N TYR S 37 -95.20 -54.03 -13.32
CA TYR S 37 -95.64 -52.69 -12.92
C TYR S 37 -97.12 -52.68 -12.55
N ASN S 38 -97.94 -53.35 -13.35
CA ASN S 38 -99.36 -53.45 -13.00
C ASN S 38 -99.54 -54.13 -11.65
N ARG S 39 -98.80 -55.21 -11.41
CA ARG S 39 -98.92 -55.89 -10.13
C ARG S 39 -98.47 -55.01 -8.98
N GLN S 40 -97.37 -54.26 -9.18
CA GLN S 40 -96.89 -53.36 -8.13
C GLN S 40 -97.92 -52.29 -7.81
N GLN S 41 -98.50 -51.68 -8.85
CA GLN S 41 -99.47 -50.62 -8.62
C GLN S 41 -100.73 -51.14 -7.96
N LYS S 42 -101.13 -52.38 -8.27
CA LYS S 42 -102.37 -52.89 -7.74
C LYS S 42 -102.21 -53.42 -6.31
N TYR S 43 -101.19 -54.25 -6.07
CA TYR S 43 -101.04 -54.93 -4.80
C TYR S 43 -99.96 -54.34 -3.92
N GLY S 44 -99.28 -53.29 -4.35
CA GLY S 44 -98.21 -52.70 -3.58
C GLY S 44 -98.72 -51.92 -2.38
N PRO S 45 -97.86 -51.73 -1.37
CA PRO S 45 -98.26 -50.91 -0.23
C PRO S 45 -98.50 -49.46 -0.63
N THR S 46 -99.25 -48.76 0.22
CA THR S 46 -99.61 -47.38 -0.07
C THR S 46 -98.37 -46.50 -0.16
N ASP S 47 -97.41 -46.69 0.75
CA ASP S 47 -96.18 -45.90 0.70
C ASP S 47 -95.40 -46.18 -0.57
N PHE S 48 -95.29 -47.45 -0.95
CA PHE S 48 -94.53 -47.80 -2.15
C PHE S 48 -95.17 -47.23 -3.40
N VAL S 49 -96.50 -47.35 -3.52
CA VAL S 49 -97.19 -46.87 -4.70
C VAL S 49 -97.19 -45.34 -4.75
N GLU S 50 -97.48 -44.70 -3.63
CA GLU S 50 -97.51 -43.25 -3.57
C GLU S 50 -96.13 -42.62 -3.56
N GLN S 51 -95.07 -43.41 -3.46
CA GLN S 51 -93.70 -42.91 -3.46
C GLN S 51 -93.48 -41.93 -2.31
N SER S 52 -93.59 -42.46 -1.10
CA SER S 52 -93.42 -41.65 0.09
C SER S 52 -92.03 -41.02 0.12
N GLU S 53 -91.96 -39.81 0.66
CA GLU S 53 -90.74 -39.03 0.68
C GLU S 53 -89.96 -39.28 1.96
N THR S 54 -88.67 -39.56 1.81
CA THR S 54 -87.76 -39.73 2.93
C THR S 54 -86.59 -38.78 2.74
N PHE S 55 -86.45 -37.82 3.65
CA PHE S 55 -85.44 -36.77 3.54
C PHE S 55 -84.32 -37.03 4.53
N SER S 56 -83.11 -36.61 4.15
CA SER S 56 -81.97 -36.75 5.03
C SER S 56 -82.09 -35.78 6.20
N PRO S 57 -81.50 -36.11 7.36
CA PRO S 57 -81.66 -35.26 8.54
C PRO S 57 -80.76 -34.03 8.55
N ASP S 58 -79.78 -33.95 7.65
CA ASP S 58 -78.84 -32.83 7.63
C ASP S 58 -79.20 -31.78 6.59
N TYR S 59 -79.41 -32.19 5.34
CA TYR S 59 -79.73 -31.27 4.26
C TYR S 59 -81.10 -31.51 3.65
N HIS S 60 -81.89 -32.42 4.20
CA HIS S 60 -83.28 -32.62 3.79
C HIS S 60 -83.38 -32.88 2.29
N LYS S 61 -82.55 -33.80 1.80
CA LYS S 61 -82.55 -34.21 0.42
C LYS S 61 -83.24 -35.57 0.29
N ARG S 62 -84.19 -35.67 -0.63
CA ARG S 62 -84.96 -36.90 -0.77
C ARG S 62 -84.13 -37.99 -1.42
N PHE S 63 -84.34 -39.22 -0.96
CA PHE S 63 -83.73 -40.38 -1.58
C PHE S 63 -84.57 -41.60 -1.23
N HIS S 64 -84.37 -42.67 -1.98
CA HIS S 64 -85.15 -43.88 -1.79
C HIS S 64 -84.89 -44.49 -0.42
N SER S 65 -85.97 -44.84 0.27
CA SER S 65 -85.90 -45.53 1.54
C SER S 65 -86.08 -47.03 1.31
N GLN S 66 -85.17 -47.83 1.86
CA GLN S 66 -85.20 -49.27 1.63
C GLN S 66 -86.48 -49.88 2.20
N ASP S 67 -86.93 -49.39 3.34
CA ASP S 67 -88.13 -49.96 3.97
C ASP S 67 -89.39 -49.57 3.21
N LYS S 68 -89.52 -48.31 2.82
CA LYS S 68 -90.76 -47.80 2.26
C LYS S 68 -90.80 -47.81 0.73
N ASN S 69 -89.71 -47.48 0.07
CA ASN S 69 -89.69 -47.34 -1.38
C ASN S 69 -89.23 -48.61 -2.09
N MET S 70 -89.04 -49.70 -1.35
CA MET S 70 -88.73 -50.99 -1.94
C MET S 70 -89.69 -52.03 -1.37
N TRP S 71 -90.20 -52.88 -2.25
CA TRP S 71 -91.22 -53.85 -1.88
C TRP S 71 -90.98 -55.15 -2.61
N VAL S 72 -90.94 -56.25 -1.85
CA VAL S 72 -90.74 -57.58 -2.42
C VAL S 72 -92.11 -58.20 -2.67
N ASP S 73 -92.42 -58.45 -3.93
CA ASP S 73 -93.69 -59.06 -4.31
C ASP S 73 -93.60 -60.55 -4.09
N LYS S 74 -94.16 -61.03 -2.98
CA LYS S 74 -94.06 -62.45 -2.64
C LYS S 74 -94.86 -63.32 -3.59
N GLU S 75 -95.92 -62.78 -4.20
CA GLU S 75 -96.82 -63.54 -5.06
C GLU S 75 -96.61 -63.20 -6.53
N LEU S 76 -95.39 -62.80 -6.90
CA LEU S 76 -95.09 -62.49 -8.30
C LEU S 76 -94.93 -63.74 -9.15
N CYS S 77 -94.72 -64.91 -8.53
CA CYS S 77 -94.53 -66.13 -9.30
C CYS S 77 -95.76 -66.48 -10.12
N THR S 78 -96.95 -66.07 -9.66
CA THR S 78 -98.16 -66.38 -10.40
C THR S 78 -98.17 -65.72 -11.77
N GLU S 79 -97.73 -64.47 -11.85
CA GLU S 79 -97.76 -63.70 -13.08
C GLU S 79 -96.46 -63.76 -13.87
N VAL S 80 -95.31 -63.70 -13.19
CA VAL S 80 -94.01 -63.63 -13.84
C VAL S 80 -93.12 -64.72 -13.27
N SER S 81 -92.40 -65.42 -14.15
CA SER S 81 -91.52 -66.49 -13.75
C SER S 81 -90.13 -65.95 -13.42
N GLN S 82 -89.29 -66.82 -12.83
CA GLN S 82 -87.93 -66.42 -12.47
C GLN S 82 -87.11 -66.07 -13.70
N LYS S 83 -87.24 -66.86 -14.76
CA LYS S 83 -86.47 -66.59 -15.98
C LYS S 83 -86.84 -65.25 -16.58
N GLU S 84 -88.12 -64.89 -16.53
CA GLU S 84 -88.54 -63.59 -17.05
C GLU S 84 -87.92 -62.45 -16.25
N VAL S 85 -87.84 -62.60 -14.93
CA VAL S 85 -87.21 -61.56 -14.11
C VAL S 85 -85.73 -61.43 -14.45
N ALA S 86 -85.05 -62.56 -14.62
CA ALA S 86 -83.64 -62.51 -15.03
C ALA S 86 -83.48 -61.82 -16.38
N ARG S 87 -84.38 -62.14 -17.32
CA ARG S 87 -84.35 -61.50 -18.63
C ARG S 87 -84.52 -59.99 -18.50
N LEU S 88 -85.45 -59.57 -17.64
CA LEU S 88 -85.69 -58.14 -17.47
C LEU S 88 -84.47 -57.44 -16.88
N MET S 89 -83.80 -58.08 -15.91
CA MET S 89 -82.62 -57.48 -15.32
C MET S 89 -81.50 -57.32 -16.35
N THR S 90 -81.23 -58.39 -17.10
CA THR S 90 -80.21 -58.31 -18.14
C THR S 90 -80.55 -57.23 -19.15
N TYR S 91 -81.81 -57.16 -19.57
CA TYR S 91 -82.21 -56.14 -20.52
C TYR S 91 -82.09 -54.75 -19.92
N LYS S 92 -82.34 -54.59 -18.63
CA LYS S 92 -82.19 -53.27 -18.02
C LYS S 92 -80.76 -52.79 -18.13
N LEU S 93 -79.80 -53.66 -17.85
CA LEU S 93 -78.39 -53.28 -18.01
C LEU S 93 -78.09 -52.89 -19.46
N ASP S 94 -78.47 -53.75 -20.40
CA ASP S 94 -78.20 -53.47 -21.81
C ASP S 94 -78.88 -52.18 -22.25
N MET S 95 -80.11 -51.96 -21.79
CA MET S 95 -80.87 -50.78 -22.19
C MET S 95 -80.26 -49.51 -21.63
N TRP S 96 -79.74 -49.57 -20.40
CA TRP S 96 -79.08 -48.39 -19.83
C TRP S 96 -77.89 -47.98 -20.68
N ARG S 97 -77.02 -48.94 -21.01
CA ARG S 97 -75.85 -48.58 -21.82
C ARG S 97 -76.26 -48.10 -23.21
N MET S 98 -77.24 -48.78 -23.83
CA MET S 98 -77.71 -48.35 -25.14
C MET S 98 -78.33 -46.96 -25.07
N ALA S 99 -79.06 -46.67 -23.99
CA ALA S 99 -79.70 -45.36 -23.86
C ALA S 99 -78.65 -44.25 -23.75
N HIS S 100 -77.59 -44.48 -22.99
CA HIS S 100 -76.53 -43.48 -22.90
C HIS S 100 -75.88 -43.25 -24.27
N CYS S 101 -75.61 -44.33 -25.00
CA CYS S 101 -75.01 -44.17 -26.33
C CYS S 101 -75.95 -43.43 -27.27
N ALA S 102 -77.23 -43.76 -27.24
CA ALA S 102 -78.20 -43.07 -28.09
C ALA S 102 -78.29 -41.59 -27.72
N GLY S 103 -78.26 -41.30 -26.42
CA GLY S 103 -78.26 -39.90 -26.00
C GLY S 103 -77.05 -39.15 -26.51
N ALA S 104 -75.88 -39.78 -26.46
CA ALA S 104 -74.68 -39.14 -27.01
C ALA S 104 -74.85 -38.89 -28.49
N LEU S 105 -75.39 -39.87 -29.23
CA LEU S 105 -75.59 -39.70 -30.67
C LEU S 105 -76.53 -38.53 -30.94
N LEU S 106 -77.66 -38.49 -30.24
CA LEU S 106 -78.61 -37.40 -30.46
C LEU S 106 -78.01 -36.06 -30.09
N ALA S 107 -77.22 -36.02 -29.02
CA ALA S 107 -76.67 -34.75 -28.55
C ALA S 107 -75.64 -34.20 -29.53
N THR S 108 -74.73 -35.06 -30.01
CA THR S 108 -73.60 -34.61 -30.80
C THR S 108 -73.78 -34.85 -32.31
N GLY S 109 -74.96 -35.28 -32.73
CA GLY S 109 -75.17 -35.49 -34.16
C GLY S 109 -74.21 -36.53 -34.69
N GLY S 110 -73.59 -36.21 -35.82
CA GLY S 110 -72.67 -37.11 -36.49
C GLY S 110 -71.26 -37.09 -35.96
N TYR S 111 -70.96 -36.27 -34.96
CA TYR S 111 -69.61 -36.20 -34.40
C TYR S 111 -69.33 -37.31 -33.40
N ALA S 112 -70.32 -38.16 -33.09
CA ALA S 112 -70.15 -39.27 -32.18
C ALA S 112 -69.60 -40.51 -32.88
N ILE S 113 -69.44 -40.48 -34.20
CA ILE S 113 -69.00 -41.68 -34.93
C ILE S 113 -67.63 -42.15 -34.47
N PRO S 114 -66.59 -41.32 -34.41
CA PRO S 114 -65.29 -41.81 -33.90
C PRO S 114 -65.39 -42.33 -32.48
N PHE S 115 -66.18 -41.68 -31.63
CA PHE S 115 -66.41 -42.22 -30.30
C PHE S 115 -67.16 -43.54 -30.36
N GLY S 116 -67.99 -43.74 -31.38
CA GLY S 116 -68.58 -45.04 -31.61
C GLY S 116 -67.54 -46.08 -31.98
N LEU S 117 -66.51 -45.66 -32.72
CA LEU S 117 -65.41 -46.58 -33.03
C LEU S 117 -64.68 -46.98 -31.76
N PHE S 118 -64.44 -46.03 -30.85
CA PHE S 118 -63.89 -46.37 -29.55
C PHE S 118 -64.84 -47.27 -28.77
N TRP S 119 -66.15 -47.11 -28.97
CA TRP S 119 -67.14 -47.87 -28.22
C TRP S 119 -67.19 -49.33 -28.67
N LEU S 120 -67.19 -49.56 -29.98
CA LEU S 120 -67.28 -50.92 -30.51
C LEU S 120 -65.97 -51.68 -30.36
N ALA S 121 -64.87 -50.99 -30.08
CA ALA S 121 -63.59 -51.65 -29.89
C ALA S 121 -63.44 -52.26 -28.52
N ASN S 122 -64.41 -52.06 -27.63
CA ASN S 122 -64.37 -52.59 -26.27
C ASN S 122 -65.72 -53.20 -25.95
N ASP S 123 -65.70 -54.33 -25.23
CA ASP S 123 -66.92 -55.02 -24.83
C ASP S 123 -67.47 -54.52 -23.51
N THR S 124 -66.85 -53.50 -22.91
CA THR S 124 -67.29 -53.03 -21.60
C THR S 124 -68.70 -52.46 -21.66
N TRP S 125 -69.01 -51.70 -22.70
CA TRP S 125 -70.28 -50.97 -22.78
C TRP S 125 -71.14 -51.38 -23.95
N VAL S 126 -70.85 -52.49 -24.61
CA VAL S 126 -71.72 -52.99 -25.67
C VAL S 126 -72.75 -53.92 -25.07
N PRO S 127 -73.93 -54.07 -25.65
CA PRO S 127 -74.93 -54.97 -25.09
C PRO S 127 -74.53 -56.43 -25.28
N SER S 128 -75.12 -57.28 -24.44
CA SER S 128 -74.88 -58.71 -24.54
C SER S 128 -75.37 -59.28 -25.86
N SER S 129 -76.33 -58.62 -26.51
CA SER S 129 -76.90 -59.14 -27.75
C SER S 129 -75.90 -59.09 -28.91
N PHE S 130 -74.83 -58.31 -28.79
CA PHE S 130 -73.86 -58.22 -29.87
C PHE S 130 -73.02 -59.46 -30.01
N ASN S 131 -73.09 -60.41 -29.07
CA ASN S 131 -72.33 -61.64 -29.13
C ASN S 131 -73.23 -62.75 -29.67
N LEU S 132 -72.83 -63.34 -30.79
CA LEU S 132 -73.63 -64.35 -31.47
C LEU S 132 -73.07 -65.76 -31.29
N THR S 133 -71.98 -65.93 -30.54
CA THR S 133 -71.39 -67.24 -30.33
C THR S 133 -70.89 -67.33 -28.89
N GLY S 134 -70.59 -68.57 -28.48
CA GLY S 134 -70.18 -68.79 -27.11
C GLY S 134 -68.88 -68.09 -26.75
N GLU S 135 -67.89 -68.15 -27.65
CA GLU S 135 -66.60 -67.53 -27.36
C GLU S 135 -66.74 -66.02 -27.24
N GLU S 136 -67.54 -65.40 -28.11
CA GLU S 136 -67.76 -63.96 -28.01
C GLU S 136 -68.44 -63.61 -26.70
N LEU S 137 -69.43 -64.40 -26.29
CA LEU S 137 -70.09 -64.15 -25.01
C LEU S 137 -69.11 -64.31 -23.85
N ARG S 138 -68.22 -65.29 -23.93
CA ARG S 138 -67.23 -65.48 -22.87
C ARG S 138 -66.32 -64.27 -22.76
N ALA S 139 -65.85 -63.75 -23.90
CA ALA S 139 -65.00 -62.56 -23.88
C ALA S 139 -65.76 -61.36 -23.33
N TRP S 140 -67.02 -61.21 -23.71
CA TRP S 140 -67.83 -60.12 -23.19
C TRP S 140 -67.96 -60.20 -21.67
N ARG S 141 -68.24 -61.41 -21.15
CA ARG S 141 -68.32 -61.60 -19.71
C ARG S 141 -66.99 -61.32 -19.04
N GLU S 142 -65.89 -61.67 -19.70
CA GLU S 142 -64.57 -61.35 -19.15
C GLU S 142 -64.39 -59.85 -19.02
N ALA S 143 -64.83 -59.10 -20.03
CA ALA S 143 -64.74 -57.64 -19.96
C ALA S 143 -65.57 -57.09 -18.81
N GLN S 144 -66.79 -57.61 -18.64
CA GLN S 144 -67.62 -57.16 -17.52
C GLN S 144 -66.95 -57.46 -16.18
N ASP S 145 -66.39 -58.67 -16.05
CA ASP S 145 -65.71 -59.03 -14.81
C ASP S 145 -64.51 -58.12 -14.56
N LEU S 146 -63.78 -57.78 -15.61
CA LEU S 146 -62.64 -56.89 -15.45
C LEU S 146 -63.07 -55.52 -14.94
N TYR S 147 -64.17 -54.98 -15.48
CA TYR S 147 -64.65 -53.71 -15.00
C TYR S 147 -65.08 -53.80 -13.53
N ARG S 148 -65.73 -54.91 -13.16
CA ARG S 148 -66.10 -55.11 -11.77
C ARG S 148 -64.87 -55.15 -10.87
N TYR S 149 -63.83 -55.87 -11.29
CA TYR S 149 -62.60 -55.92 -10.52
C TYR S 149 -61.99 -54.53 -10.37
N ARG S 150 -62.02 -53.75 -11.45
CA ARG S 150 -61.44 -52.42 -11.44
C ARG S 150 -62.17 -51.50 -10.45
N SER S 151 -63.50 -51.63 -10.37
CA SER S 151 -64.30 -50.66 -9.63
C SER S 151 -64.58 -51.05 -8.19
N ALA S 152 -64.73 -52.34 -7.90
CA ALA S 152 -65.20 -52.76 -6.56
C ALA S 152 -64.26 -52.33 -5.44
N PRO S 153 -62.95 -52.52 -5.53
CA PRO S 153 -62.09 -52.19 -4.38
C PRO S 153 -62.22 -50.75 -3.92
N SER S 154 -62.42 -49.81 -4.84
CA SER S 154 -62.60 -48.42 -4.44
C SER S 154 -63.87 -48.24 -3.61
N TYR S 155 -64.96 -48.90 -4.02
CA TYR S 155 -66.20 -48.82 -3.25
C TYR S 155 -66.00 -49.38 -1.84
N LEU S 156 -65.37 -50.55 -1.75
CA LEU S 156 -65.16 -51.18 -0.45
C LEU S 156 -64.28 -50.31 0.44
N THR S 157 -63.20 -49.77 -0.12
CA THR S 157 -62.30 -48.93 0.66
C THR S 157 -62.97 -47.64 1.10
N ASP S 158 -63.78 -47.04 0.23
CA ASP S 158 -64.51 -45.84 0.60
C ASP S 158 -65.38 -46.09 1.82
N THR S 159 -66.21 -47.14 1.76
CA THR S 159 -67.08 -47.45 2.88
C THR S 159 -66.29 -47.71 4.15
N LYS S 160 -65.30 -48.60 4.07
CA LYS S 160 -64.56 -48.99 5.26
C LYS S 160 -63.81 -47.81 5.86
N TRP S 161 -63.12 -47.03 5.03
CA TRP S 161 -62.32 -45.93 5.55
C TRP S 161 -63.19 -44.88 6.21
N HIS S 162 -64.30 -44.50 5.57
CA HIS S 162 -65.13 -43.46 6.16
C HIS S 162 -65.68 -43.89 7.51
N PHE S 163 -66.18 -45.13 7.60
CA PHE S 163 -66.69 -45.60 8.88
C PHE S 163 -65.58 -45.68 9.93
N ASP S 164 -64.48 -46.34 9.59
CA ASP S 164 -63.41 -46.55 10.57
C ASP S 164 -62.81 -45.22 11.02
N PHE S 165 -62.77 -44.22 10.15
CA PHE S 165 -62.21 -42.93 10.51
C PHE S 165 -63.17 -42.09 11.36
N HIS S 166 -64.48 -42.28 11.19
CA HIS S 166 -65.45 -41.45 11.89
C HIS S 166 -66.28 -42.20 12.92
N ALA S 167 -66.15 -43.52 13.03
CA ALA S 167 -66.93 -44.27 14.00
C ALA S 167 -66.24 -45.60 14.27
N TYR S 168 -66.70 -46.25 15.34
CA TYR S 168 -66.20 -47.56 15.74
C TYR S 168 -67.38 -48.43 16.13
N PRO S 169 -67.22 -49.75 16.08
CA PRO S 169 -68.31 -50.65 16.49
C PRO S 169 -68.61 -50.54 17.97
N TRP S 170 -69.83 -50.96 18.33
CA TRP S 170 -70.27 -50.83 19.71
C TRP S 170 -69.81 -52.01 20.57
N ASN S 171 -69.85 -53.23 20.03
CA ASN S 171 -69.57 -54.42 20.82
C ASN S 171 -68.67 -55.35 20.02
N GLU S 172 -68.20 -56.40 20.71
CA GLU S 172 -67.21 -57.30 20.12
C GLU S 172 -67.76 -58.02 18.89
N THR S 173 -69.02 -58.46 18.94
CA THR S 173 -69.59 -59.16 17.80
C THR S 173 -69.65 -58.27 16.57
N GLN S 174 -70.02 -57.00 16.76
CA GLN S 174 -70.00 -56.06 15.65
C GLN S 174 -68.58 -55.83 15.14
N GLU S 175 -67.60 -55.78 16.05
CA GLU S 175 -66.21 -55.65 15.63
C GLU S 175 -65.80 -56.80 14.73
N ARG S 176 -66.12 -58.03 15.13
CA ARG S 176 -65.76 -59.19 14.33
C ARG S 176 -66.47 -59.16 12.98
N ALA S 177 -67.76 -58.81 12.98
CA ALA S 177 -68.50 -58.75 11.72
C ALA S 177 -67.89 -57.72 10.78
N TRP S 178 -67.59 -56.53 11.29
CA TRP S 178 -67.02 -55.47 10.46
C TRP S 178 -65.66 -55.88 9.92
N ASP S 179 -64.82 -56.48 10.75
CA ASP S 179 -63.49 -56.89 10.30
C ASP S 179 -63.57 -57.98 9.25
N ASP S 180 -64.47 -58.96 9.44
CA ASP S 180 -64.57 -60.07 8.51
C ASP S 180 -65.34 -59.73 7.25
N LEU S 181 -66.09 -58.62 7.24
CA LEU S 181 -66.83 -58.25 6.05
C LEU S 181 -65.91 -57.94 4.88
N PHE S 182 -64.79 -57.26 5.15
CA PHE S 182 -63.90 -56.76 4.12
C PHE S 182 -62.67 -57.65 3.93
N GLU S 183 -62.81 -58.96 4.12
CA GLU S 183 -61.74 -59.89 3.82
C GLU S 183 -61.70 -60.19 2.32
N LYS S 184 -60.52 -60.54 1.84
CA LYS S 184 -60.36 -60.83 0.43
C LYS S 184 -61.08 -62.13 0.08
N ASN S 185 -61.35 -62.29 -1.23
CA ASN S 185 -62.16 -63.40 -1.69
C ASN S 185 -61.47 -64.75 -1.57
N ASP S 186 -60.17 -64.78 -1.25
CA ASP S 186 -59.48 -66.06 -1.08
C ASP S 186 -59.88 -66.76 0.21
N VAL S 187 -60.57 -66.08 1.11
CA VAL S 187 -61.07 -66.69 2.35
C VAL S 187 -62.59 -66.61 2.34
N ARG S 188 -63.21 -67.57 3.01
CA ARG S 188 -64.66 -67.67 3.04
C ARG S 188 -65.21 -66.96 4.27
N ARG S 189 -66.12 -66.02 4.05
CA ARG S 189 -66.74 -65.26 5.13
C ARG S 189 -68.02 -65.96 5.57
N ASP S 190 -68.19 -66.10 6.88
CA ASP S 190 -69.40 -66.72 7.41
C ASP S 190 -70.51 -65.67 7.47
N PRO S 191 -71.61 -65.85 6.74
CA PRO S 191 -72.65 -64.81 6.74
C PRO S 191 -73.24 -64.55 8.11
N LYS S 192 -73.34 -65.58 8.97
CA LYS S 192 -73.88 -65.36 10.31
C LYS S 192 -72.96 -64.45 11.12
N VAL S 193 -71.65 -64.59 10.94
CA VAL S 193 -70.71 -63.71 11.63
C VAL S 193 -70.80 -62.29 11.10
N VAL S 194 -71.01 -62.14 9.79
CA VAL S 194 -70.93 -60.83 9.15
C VAL S 194 -72.25 -60.06 9.19
N ARG S 195 -73.37 -60.73 9.44
CA ARG S 195 -74.66 -60.06 9.37
C ARG S 195 -74.78 -58.86 10.30
N PRO S 196 -74.35 -58.91 11.56
CA PRO S 196 -74.53 -57.77 12.46
C PRO S 196 -73.99 -56.45 11.92
N ALA S 197 -73.03 -56.51 11.00
CA ALA S 197 -72.52 -55.29 10.39
C ALA S 197 -73.64 -54.51 9.69
N ALA S 198 -74.67 -55.21 9.21
CA ALA S 198 -75.78 -54.54 8.55
C ALA S 198 -76.48 -53.57 9.51
N GLU S 199 -76.82 -54.05 10.70
CA GLU S 199 -77.45 -53.16 11.69
C GLU S 199 -76.49 -52.10 12.17
N MET S 200 -75.22 -52.47 12.39
CA MET S 200 -74.24 -51.48 12.83
C MET S 200 -74.15 -50.33 11.84
N TYR S 201 -74.15 -50.63 10.54
CA TYR S 201 -74.06 -49.59 9.52
C TYR S 201 -75.39 -48.88 9.33
N ASP S 202 -76.52 -49.58 9.53
CA ASP S 202 -77.80 -48.91 9.55
C ASP S 202 -77.79 -47.75 10.55
N GLY S 203 -77.08 -47.94 11.66
CA GLY S 203 -76.90 -46.84 12.59
C GLY S 203 -76.08 -45.70 12.02
N PHE S 204 -75.21 -46.00 11.05
CA PHE S 204 -74.29 -45.01 10.49
C PHE S 204 -74.84 -44.38 9.21
N ILE S 205 -75.07 -45.19 8.17
CA ILE S 205 -75.54 -44.70 6.87
C ILE S 205 -76.49 -45.73 6.30
N LYS S 206 -77.77 -45.39 6.23
CA LYS S 206 -78.73 -46.18 5.50
C LYS S 206 -78.61 -45.88 4.00
N PHE S 207 -79.31 -46.69 3.20
CA PHE S 207 -79.28 -46.49 1.75
C PHE S 207 -79.82 -45.13 1.37
N GLU S 208 -80.71 -44.56 2.19
CA GLU S 208 -81.27 -43.25 1.92
C GLU S 208 -80.26 -42.13 2.06
N LEU S 209 -79.14 -42.38 2.77
CA LEU S 209 -78.14 -41.36 3.01
C LEU S 209 -76.85 -41.59 2.23
N ILE S 210 -76.87 -42.50 1.25
CA ILE S 210 -75.64 -42.85 0.54
C ILE S 210 -75.13 -41.63 -0.23
N ARG S 211 -73.82 -41.39 -0.13
CA ARG S 211 -73.22 -40.24 -0.77
C ARG S 211 -73.06 -40.47 -2.28
N ARG S 212 -72.90 -39.35 -3.00
CA ARG S 212 -72.86 -39.41 -4.45
C ARG S 212 -71.60 -40.10 -4.96
N LYS S 213 -70.47 -39.86 -4.32
CA LYS S 213 -69.23 -40.52 -4.73
C LYS S 213 -69.30 -42.02 -4.47
N SER S 214 -69.81 -42.42 -3.30
CA SER S 214 -69.99 -43.83 -3.03
C SER S 214 -70.96 -44.46 -4.02
N LEU S 215 -72.00 -43.73 -4.38
CA LEU S 215 -72.95 -44.23 -5.39
C LEU S 215 -72.26 -44.40 -6.74
N ARG S 216 -71.40 -43.46 -7.11
CA ARG S 216 -70.67 -43.60 -8.37
C ARG S 216 -69.80 -44.85 -8.37
N HIS S 217 -69.09 -45.08 -7.26
CA HIS S 217 -68.28 -46.30 -7.17
C HIS S 217 -69.15 -47.55 -7.28
N LEU S 218 -70.30 -47.55 -6.59
CA LEU S 218 -71.18 -48.71 -6.61
C LEU S 218 -71.71 -48.97 -8.02
N CYS S 219 -72.13 -47.92 -8.72
CA CYS S 219 -72.65 -48.09 -10.07
C CYS S 219 -71.56 -48.54 -11.03
N ARG S 220 -70.34 -48.06 -10.86
CA ARG S 220 -69.22 -48.59 -11.63
C ARG S 220 -69.07 -50.09 -11.39
N SER S 221 -69.15 -50.52 -10.13
CA SER S 221 -69.00 -51.92 -9.81
C SER S 221 -70.14 -52.77 -10.34
N MET S 222 -71.30 -52.17 -10.60
CA MET S 222 -72.47 -52.89 -11.08
C MET S 222 -72.63 -52.80 -12.59
N ASN S 223 -71.63 -52.28 -13.30
CA ASN S 223 -71.66 -52.16 -14.76
C ASN S 223 -72.79 -51.23 -15.22
N ILE S 224 -73.12 -50.24 -14.40
CA ILE S 224 -74.13 -49.24 -14.73
C ILE S 224 -73.42 -48.00 -15.25
N PRO S 225 -73.76 -47.50 -16.45
CA PRO S 225 -73.09 -46.30 -16.94
C PRO S 225 -73.28 -45.12 -16.00
N THR S 226 -72.21 -44.35 -15.83
CA THR S 226 -72.18 -43.26 -14.85
C THR S 226 -71.99 -41.89 -15.46
N PHE S 227 -71.88 -41.78 -16.78
CA PHE S 227 -71.71 -40.49 -17.44
C PHE S 227 -72.86 -40.27 -18.41
N PRO S 228 -73.66 -39.19 -18.27
CA PRO S 228 -73.61 -38.20 -17.19
C PRO S 228 -74.24 -38.71 -15.89
N MET S 229 -73.52 -38.52 -14.77
CA MET S 229 -74.04 -38.98 -13.49
C MET S 229 -75.28 -38.20 -13.09
N LEU S 230 -75.18 -36.86 -13.07
CA LEU S 230 -76.30 -35.99 -12.74
C LEU S 230 -76.58 -36.08 -11.26
N ALA S 231 -77.83 -35.85 -10.86
CA ALA S 231 -78.20 -35.99 -9.46
C ALA S 231 -78.12 -37.45 -9.03
N ARG S 232 -77.84 -37.65 -7.74
CA ARG S 232 -77.64 -38.99 -7.21
C ARG S 232 -78.92 -39.81 -7.18
N LEU S 233 -80.07 -39.19 -7.42
CA LEU S 233 -81.35 -39.89 -7.37
C LEU S 233 -81.74 -40.51 -8.69
N CYS S 234 -80.86 -40.46 -9.69
CA CYS S 234 -81.09 -41.12 -10.97
C CYS S 234 -80.44 -42.51 -10.98
N ASN S 235 -79.13 -42.56 -10.80
CA ASN S 235 -78.46 -43.84 -10.66
C ASN S 235 -78.90 -44.55 -9.38
N GLY S 236 -79.27 -43.81 -8.35
CA GLY S 236 -79.88 -44.42 -7.18
C GLY S 236 -81.18 -45.12 -7.53
N THR S 237 -81.99 -44.50 -8.38
CA THR S 237 -83.22 -45.15 -8.85
C THR S 237 -82.89 -46.43 -9.61
N ARG S 238 -81.86 -46.38 -10.45
CA ARG S 238 -81.45 -47.58 -11.18
C ARG S 238 -81.03 -48.69 -10.23
N VAL S 239 -80.21 -48.36 -9.24
CA VAL S 239 -79.76 -49.36 -8.27
C VAL S 239 -80.95 -49.94 -7.51
N ARG S 240 -81.87 -49.08 -7.08
CA ARG S 240 -83.04 -49.57 -6.35
C ARG S 240 -83.87 -50.52 -7.20
N ASP S 241 -84.10 -50.16 -8.46
CA ASP S 241 -84.90 -51.03 -9.32
C ASP S 241 -84.23 -52.37 -9.53
N TYR S 242 -82.92 -52.35 -9.81
CA TYR S 242 -82.21 -53.61 -10.06
C TYR S 242 -82.28 -54.53 -8.86
N TRP S 243 -82.02 -54.00 -7.66
CA TRP S 243 -81.99 -54.84 -6.48
C TRP S 243 -83.39 -55.23 -6.02
N ASN S 244 -84.40 -54.42 -6.32
CA ASN S 244 -85.77 -54.83 -6.04
C ASN S 244 -86.15 -56.04 -6.89
N LEU S 245 -85.80 -56.01 -8.18
CA LEU S 245 -86.03 -57.17 -9.02
C LEU S 245 -85.24 -58.37 -8.53
N ALA S 246 -83.99 -58.15 -8.13
CA ALA S 246 -83.17 -59.24 -7.63
C ALA S 246 -83.77 -59.86 -6.38
N TRP S 247 -84.31 -59.03 -5.49
CA TRP S 247 -84.90 -59.56 -4.26
C TRP S 247 -86.19 -60.32 -4.55
N CYS S 248 -86.99 -59.85 -5.52
CA CYS S 248 -88.17 -60.61 -5.91
C CYS S 248 -87.79 -61.99 -6.42
N GLU S 249 -86.80 -62.04 -7.31
CA GLU S 249 -86.33 -63.32 -7.82
C GLU S 249 -85.76 -64.19 -6.71
N ASP S 250 -85.05 -63.55 -5.76
CA ASP S 250 -84.46 -64.30 -4.65
C ASP S 250 -85.54 -64.92 -3.78
N TYR S 251 -86.62 -64.17 -3.49
CA TYR S 251 -87.72 -64.74 -2.73
C TYR S 251 -88.34 -65.91 -3.47
N MET S 252 -88.53 -65.76 -4.78
CA MET S 252 -89.10 -66.86 -5.57
C MET S 252 -88.22 -68.10 -5.48
N VAL S 253 -86.90 -67.92 -5.65
CA VAL S 253 -85.99 -69.06 -5.65
C VAL S 253 -85.93 -69.71 -4.26
N ILE S 254 -85.83 -68.90 -3.22
CA ILE S 254 -85.74 -69.44 -1.86
C ILE S 254 -87.01 -70.23 -1.52
N THR S 255 -88.17 -69.64 -1.81
CA THR S 255 -89.43 -70.29 -1.47
C THR S 255 -89.61 -71.58 -2.27
N GLN S 256 -89.32 -71.55 -3.56
CA GLN S 256 -89.55 -72.70 -4.43
C GLN S 256 -88.31 -73.57 -4.62
N ARG S 257 -87.18 -73.21 -4.00
CA ARG S 257 -85.96 -74.01 -4.09
C ARG S 257 -85.56 -74.24 -5.55
N LEU S 258 -85.69 -73.18 -6.36
CA LEU S 258 -85.41 -73.33 -7.79
C LEU S 258 -83.93 -73.54 -8.05
N HIS S 259 -83.05 -73.03 -7.18
CA HIS S 259 -81.63 -73.11 -7.46
C HIS S 259 -81.13 -74.55 -7.45
N GLU S 260 -81.73 -75.42 -6.63
CA GLU S 260 -81.34 -76.83 -6.64
C GLU S 260 -81.64 -77.47 -7.98
N SER S 261 -82.80 -77.17 -8.55
CA SER S 261 -83.15 -77.67 -9.88
C SER S 261 -82.53 -76.85 -11.00
N MET S 262 -81.96 -75.69 -10.68
CA MET S 262 -81.36 -74.85 -11.71
C MET S 262 -80.12 -75.53 -12.28
N THR S 263 -79.94 -75.41 -13.59
CA THR S 263 -78.82 -76.06 -14.26
C THR S 263 -77.54 -75.28 -13.97
N ASP S 264 -76.41 -75.82 -14.45
CA ASP S 264 -75.11 -75.27 -14.10
C ASP S 264 -74.92 -73.87 -14.67
N GLU S 265 -75.17 -73.71 -15.97
CA GLU S 265 -74.98 -72.41 -16.60
C GLU S 265 -75.95 -71.38 -16.04
N GLU S 266 -77.21 -71.77 -15.86
CA GLU S 266 -78.20 -70.85 -15.32
C GLU S 266 -77.86 -70.48 -13.87
N LEU S 267 -77.35 -71.44 -13.09
CA LEU S 267 -76.92 -71.14 -11.74
C LEU S 267 -75.75 -70.16 -11.73
N TYR S 268 -74.80 -70.36 -12.64
CA TYR S 268 -73.67 -69.44 -12.74
C TYR S 268 -74.14 -68.04 -13.09
N ASP S 269 -75.09 -67.94 -14.03
CA ASP S 269 -75.64 -66.63 -14.37
C ASP S 269 -76.36 -66.01 -13.18
N TYR S 270 -77.12 -66.81 -12.43
CA TYR S 270 -77.83 -66.29 -11.28
C TYR S 270 -76.86 -65.72 -10.24
N ALA S 271 -75.77 -66.44 -9.97
CA ALA S 271 -74.76 -65.92 -9.04
C ALA S 271 -74.10 -64.67 -9.60
N TRP S 272 -73.80 -64.67 -10.90
CA TRP S 272 -73.12 -63.53 -11.51
C TRP S 272 -73.95 -62.26 -11.42
N ARG S 273 -75.26 -62.37 -11.66
CA ARG S 273 -76.12 -61.20 -11.54
C ARG S 273 -76.19 -60.67 -10.12
N ARG S 274 -75.86 -61.50 -9.13
CA ARG S 274 -75.75 -61.06 -7.75
C ARG S 274 -74.35 -60.60 -7.39
N TYR S 275 -73.42 -60.60 -8.36
CA TYR S 275 -72.05 -60.18 -8.13
C TYR S 275 -71.35 -61.11 -7.12
N LEU S 276 -71.65 -62.40 -7.23
CA LEU S 276 -71.10 -63.40 -6.32
C LEU S 276 -70.06 -64.32 -6.97
N ALA S 277 -70.14 -64.53 -8.28
CA ALA S 277 -69.34 -65.54 -8.95
C ALA S 277 -68.73 -65.00 -10.23
N PRO S 278 -67.47 -64.57 -10.18
CA PRO S 278 -66.78 -64.20 -11.43
C PRO S 278 -66.60 -65.43 -12.33
N TYR S 279 -66.65 -65.18 -13.64
CA TYR S 279 -66.46 -66.25 -14.60
C TYR S 279 -65.01 -66.69 -14.71
N ASP S 280 -64.05 -65.79 -14.44
CA ASP S 280 -62.65 -66.13 -14.54
C ASP S 280 -62.19 -67.05 -13.41
N LYS S 281 -63.02 -67.25 -12.38
CA LYS S 281 -62.68 -68.16 -11.30
C LYS S 281 -62.95 -69.61 -11.64
N ASN S 282 -63.70 -69.88 -12.70
CA ASN S 282 -63.96 -71.23 -13.16
C ASN S 282 -64.55 -72.08 -12.03
N LEU S 283 -65.58 -71.54 -11.39
CA LEU S 283 -66.21 -72.22 -10.27
C LEU S 283 -67.04 -73.41 -10.75
N ASN S 284 -67.09 -74.44 -9.91
CA ASN S 284 -67.93 -75.60 -10.16
C ASN S 284 -69.26 -75.43 -9.43
N ARG S 285 -70.14 -76.41 -9.58
CA ARG S 285 -71.47 -76.30 -9.00
C ARG S 285 -71.42 -76.25 -7.47
N GLU S 286 -70.46 -76.96 -6.87
CA GLU S 286 -70.35 -76.95 -5.41
C GLU S 286 -70.07 -75.54 -4.91
N GLN S 287 -69.09 -74.86 -5.51
CA GLN S 287 -68.73 -73.52 -5.09
C GLN S 287 -69.87 -72.54 -5.34
N LEU S 288 -70.52 -72.65 -6.50
CA LEU S 288 -71.65 -71.77 -6.79
C LEU S 288 -72.76 -71.96 -5.78
N MET S 289 -73.09 -73.20 -5.45
CA MET S 289 -74.14 -73.46 -4.47
C MET S 289 -73.73 -72.91 -3.10
N GLU S 290 -72.46 -73.06 -2.74
CA GLU S 290 -72.01 -72.54 -1.46
C GLU S 290 -72.18 -71.02 -1.40
N ARG S 291 -71.79 -70.33 -2.46
CA ARG S 291 -71.91 -68.87 -2.47
C ARG S 291 -73.36 -68.43 -2.47
N VAL S 292 -74.21 -69.10 -3.25
CA VAL S 292 -75.63 -68.74 -3.29
C VAL S 292 -76.28 -68.98 -1.93
N GLU S 293 -75.96 -70.11 -1.30
CA GLU S 293 -76.51 -70.39 0.02
C GLU S 293 -76.03 -69.36 1.05
N ASP S 294 -74.77 -68.95 0.95
CA ASP S 294 -74.28 -67.90 1.84
C ASP S 294 -75.02 -66.59 1.60
N TYR S 295 -75.32 -66.27 0.34
CA TYR S 295 -76.10 -65.07 0.05
C TYR S 295 -77.49 -65.15 0.66
N PHE S 296 -78.15 -66.29 0.51
CA PHE S 296 -79.48 -66.46 1.10
C PHE S 296 -79.41 -66.36 2.62
N GLU S 297 -78.38 -66.95 3.23
CA GLU S 297 -78.23 -66.87 4.67
C GLU S 297 -77.98 -65.44 5.12
N PHE S 298 -77.22 -64.67 4.33
CA PHE S 298 -76.99 -63.27 4.65
C PHE S 298 -78.29 -62.48 4.59
N LEU S 299 -79.14 -62.77 3.61
CA LEU S 299 -80.46 -62.15 3.58
C LEU S 299 -81.21 -62.39 4.88
N GLY S 300 -81.16 -63.62 5.39
CA GLY S 300 -81.66 -63.92 6.70
C GLY S 300 -83.11 -64.39 6.72
N PRO S 301 -83.55 -64.92 7.86
CA PRO S 301 -84.96 -65.35 7.96
C PRO S 301 -85.94 -64.23 7.76
N ASP S 302 -85.59 -63.01 8.18
CA ASP S 302 -86.52 -61.89 8.07
C ASP S 302 -86.86 -61.59 6.63
N PHE S 303 -85.98 -61.93 5.69
CA PHE S 303 -86.26 -61.69 4.28
C PHE S 303 -87.47 -62.51 3.82
N VAL S 304 -87.49 -63.81 4.16
CA VAL S 304 -88.63 -64.64 3.81
C VAL S 304 -89.84 -64.26 4.66
N ALA S 305 -89.62 -64.01 5.95
CA ALA S 305 -90.74 -63.76 6.85
C ALA S 305 -91.49 -62.49 6.47
N HIS S 306 -90.78 -61.42 6.13
CA HIS S 306 -91.39 -60.12 5.90
C HIS S 306 -90.93 -59.42 4.62
N GLY S 307 -90.04 -60.04 3.85
CA GLY S 307 -89.55 -59.39 2.65
C GLY S 307 -88.61 -58.24 2.90
N LYS S 308 -87.96 -58.20 4.06
CA LYS S 308 -87.05 -57.12 4.42
C LYS S 308 -85.63 -57.63 4.35
N ALA S 309 -84.85 -57.08 3.44
CA ALA S 309 -83.46 -57.43 3.27
C ALA S 309 -82.57 -56.58 4.17
N PRO S 310 -81.34 -57.02 4.43
CA PRO S 310 -80.43 -56.19 5.24
C PRO S 310 -80.07 -54.89 4.55
N ASN S 311 -79.28 -54.05 5.21
CA ASN S 311 -78.92 -52.77 4.64
C ASN S 311 -78.27 -52.96 3.27
N LEU S 312 -78.72 -52.16 2.31
CA LEU S 312 -78.29 -52.37 0.92
C LEU S 312 -76.82 -52.01 0.73
N VAL S 313 -76.32 -51.01 1.46
CA VAL S 313 -74.91 -50.66 1.35
C VAL S 313 -74.04 -51.83 1.80
N ILE S 314 -74.35 -52.41 2.95
CA ILE S 314 -73.57 -53.52 3.46
C ILE S 314 -73.76 -54.75 2.58
N LEU S 315 -74.96 -54.97 2.06
CA LEU S 315 -75.19 -56.08 1.15
C LEU S 315 -74.35 -55.96 -0.11
N THR S 316 -74.30 -54.76 -0.69
CA THR S 316 -73.48 -54.54 -1.88
C THR S 316 -72.00 -54.75 -1.57
N ASN S 317 -71.54 -54.26 -0.42
CA ASN S 317 -70.16 -54.50 -0.03
C ASN S 317 -69.87 -55.98 0.12
N TYR S 318 -70.79 -56.71 0.75
CA TYR S 318 -70.61 -58.14 0.95
C TYR S 318 -70.48 -58.87 -0.37
N VAL S 319 -71.40 -58.62 -1.30
CA VAL S 319 -71.38 -59.35 -2.57
C VAL S 319 -70.18 -58.93 -3.41
N LEU S 320 -69.87 -57.63 -3.45
CA LEU S 320 -68.72 -57.16 -4.20
C LEU S 320 -67.40 -57.56 -3.58
N GLY S 321 -67.40 -58.05 -2.34
CA GLY S 321 -66.18 -58.58 -1.76
C GLY S 321 -65.64 -59.79 -2.48
N TYR S 322 -66.45 -60.44 -3.32
CA TYR S 322 -65.97 -61.55 -4.11
C TYR S 322 -65.09 -61.10 -5.27
N TYR S 323 -65.13 -59.82 -5.62
CA TYR S 323 -64.26 -59.25 -6.63
C TYR S 323 -63.06 -58.53 -6.03
N ASN S 324 -62.84 -58.68 -4.73
CA ASN S 324 -61.71 -58.06 -4.04
C ASN S 324 -60.60 -59.11 -3.93
N ASP S 325 -59.86 -59.27 -5.02
CA ASP S 325 -58.82 -60.28 -5.08
C ASP S 325 -57.66 -59.93 -4.17
N PRO S 326 -56.89 -60.92 -3.74
CA PRO S 326 -55.67 -60.63 -2.97
C PRO S 326 -54.71 -59.78 -3.78
N ALA S 327 -54.01 -58.90 -3.08
CA ALA S 327 -53.04 -58.03 -3.74
C ALA S 327 -51.96 -58.87 -4.39
N TYR S 328 -51.64 -58.54 -5.65
CA TYR S 328 -50.75 -59.37 -6.44
C TYR S 328 -49.32 -59.28 -5.90
N LEU S 329 -48.63 -60.42 -5.96
CA LEU S 329 -47.22 -60.50 -5.55
C LEU S 329 -46.54 -61.44 -6.52
N GLU S 330 -45.69 -60.88 -7.39
CA GLU S 330 -44.98 -61.65 -8.41
C GLU S 330 -43.48 -61.44 -8.23
N GLY S 331 -42.73 -62.53 -8.38
CA GLY S 331 -41.29 -62.48 -8.24
C GLY S 331 -40.77 -63.44 -7.18
N ASP S 332 -39.67 -64.11 -7.47
CA ASP S 332 -39.10 -65.05 -6.52
C ASP S 332 -38.50 -64.31 -5.32
N ILE S 333 -38.49 -64.99 -4.18
CA ILE S 333 -37.99 -64.39 -2.95
C ILE S 333 -36.51 -64.06 -3.05
N SER S 334 -35.78 -64.74 -3.95
CA SER S 334 -34.37 -64.44 -4.14
C SER S 334 -34.14 -62.99 -4.56
N GLU S 335 -35.15 -62.35 -5.16
CA GLU S 335 -35.03 -60.95 -5.53
C GLU S 335 -34.79 -60.06 -4.32
N LEU S 336 -35.10 -60.55 -3.12
CA LEU S 336 -34.86 -59.79 -1.90
C LEU S 336 -33.39 -59.82 -1.48
N ASP S 337 -32.53 -60.54 -2.20
CA ASP S 337 -31.11 -60.55 -1.93
C ASP S 337 -30.36 -59.40 -2.59
N LYS S 338 -31.02 -58.64 -3.46
CA LYS S 338 -30.38 -57.55 -4.17
C LYS S 338 -30.29 -56.31 -3.29
N ASN S 339 -29.73 -55.24 -3.85
CA ASN S 339 -29.62 -53.95 -3.17
C ASN S 339 -30.24 -52.88 -4.04
N ASP S 340 -30.82 -51.87 -3.38
CA ASP S 340 -31.54 -50.80 -4.05
C ASP S 340 -30.72 -49.53 -4.24
N TYR S 341 -29.70 -49.30 -3.41
CA TYR S 341 -28.95 -48.05 -3.42
C TYR S 341 -27.48 -48.29 -3.73
N ASP S 342 -27.20 -49.14 -4.72
CA ASP S 342 -25.83 -49.32 -5.17
C ASP S 342 -25.34 -48.10 -5.95
N HIS S 343 -26.25 -47.41 -6.64
CA HIS S 343 -25.86 -46.25 -7.43
C HIS S 343 -25.34 -45.11 -6.56
N LEU S 344 -25.59 -45.15 -5.25
CA LEU S 344 -25.06 -44.15 -4.34
C LEU S 344 -23.72 -44.55 -3.75
N ALA S 345 -23.26 -45.78 -3.98
CA ALA S 345 -22.05 -46.26 -3.32
C ALA S 345 -20.85 -45.38 -3.66
N SER S 346 -20.78 -44.90 -4.89
CA SER S 346 -19.64 -44.09 -5.31
C SER S 346 -19.53 -42.79 -4.53
N TRP S 347 -20.63 -42.31 -3.94
CA TRP S 347 -20.61 -41.02 -3.27
C TRP S 347 -19.91 -41.08 -1.92
N GLY S 348 -19.87 -42.24 -1.28
CA GLY S 348 -19.25 -42.33 0.02
C GLY S 348 -20.05 -41.61 1.09
N LYS S 349 -19.38 -41.34 2.20
CA LYS S 349 -19.98 -40.67 3.35
C LYS S 349 -19.28 -39.35 3.58
N ASP S 350 -20.06 -38.29 3.78
CA ASP S 350 -19.52 -36.98 4.11
C ASP S 350 -19.25 -36.90 5.61
N ALA S 351 -18.83 -35.71 6.05
CA ALA S 351 -18.44 -35.55 7.45
C ALA S 351 -19.62 -35.80 8.38
N PHE S 352 -20.79 -35.29 8.04
CA PHE S 352 -21.95 -35.47 8.91
C PHE S 352 -22.39 -36.93 8.95
N LEU S 353 -22.36 -37.61 7.81
CA LEU S 353 -22.70 -39.03 7.80
C LEU S 353 -21.70 -39.85 8.61
N ARG S 354 -20.41 -39.53 8.48
CA ARG S 354 -19.40 -40.21 9.27
C ARG S 354 -19.62 -39.98 10.76
N ARG S 355 -19.96 -38.74 11.14
CA ARG S 355 -20.25 -38.46 12.54
C ARG S 355 -21.45 -39.27 13.03
N LEU S 356 -22.50 -39.35 12.21
CA LEU S 356 -23.68 -40.10 12.61
C LEU S 356 -23.36 -41.59 12.77
N GLU S 357 -22.57 -42.13 11.84
CA GLU S 357 -22.17 -43.53 11.96
C GLU S 357 -21.34 -43.76 13.21
N PHE S 358 -20.43 -42.83 13.51
CA PHE S 358 -19.58 -42.97 14.69
C PHE S 358 -20.39 -42.91 15.97
N GLU S 359 -21.33 -41.98 16.07
CA GLU S 359 -22.10 -41.81 17.30
C GLU S 359 -23.16 -42.87 17.47
N ASN S 360 -23.77 -43.36 16.39
CA ASN S 360 -24.86 -44.30 16.45
C ASN S 360 -24.45 -45.70 16.00
N GLY S 361 -23.16 -45.95 15.83
CA GLY S 361 -22.67 -47.25 15.42
C GLY S 361 -22.48 -48.18 16.60
N PRO S 362 -21.71 -49.25 16.39
CA PRO S 362 -21.46 -50.19 17.50
C PRO S 362 -20.74 -49.56 18.68
N LEU S 363 -20.02 -48.46 18.46
CA LEU S 363 -19.32 -47.76 19.52
C LEU S 363 -20.17 -46.67 20.16
N ARG S 364 -21.49 -46.72 19.99
CA ARG S 364 -22.34 -45.63 20.45
C ARG S 364 -22.29 -45.48 21.97
N ASP S 365 -22.25 -46.60 22.70
CA ASP S 365 -22.22 -46.52 24.15
C ASP S 365 -20.94 -45.83 24.64
N GLN S 366 -19.79 -46.18 24.04
CA GLN S 366 -18.53 -45.56 24.45
C GLN S 366 -18.55 -44.06 24.17
N VAL S 367 -19.04 -43.67 23.00
CA VAL S 367 -19.09 -42.25 22.65
C VAL S 367 -20.03 -41.50 23.59
N GLU S 368 -21.19 -42.09 23.89
CA GLU S 368 -22.12 -41.46 24.81
C GLU S 368 -21.50 -41.26 26.18
N ALA S 369 -20.82 -42.29 26.70
CA ALA S 369 -20.19 -42.18 28.01
C ALA S 369 -19.13 -41.10 28.00
N HIS S 370 -18.26 -41.08 26.99
CA HIS S 370 -17.21 -40.08 26.92
C HIS S 370 -17.79 -38.67 26.84
N THR S 371 -18.80 -38.50 25.99
CA THR S 371 -19.40 -37.17 25.83
C THR S 371 -20.04 -36.70 27.11
N GLN S 372 -20.80 -37.57 27.79
CA GLN S 372 -21.45 -37.15 29.02
C GLN S 372 -20.44 -36.85 30.12
N ARG S 373 -19.37 -37.65 30.22
CA ARG S 373 -18.35 -37.37 31.21
C ARG S 373 -17.67 -36.03 30.94
N LEU S 374 -17.36 -35.75 29.67
CA LEU S 374 -16.73 -34.48 29.32
C LEU S 374 -17.66 -33.31 29.64
N LEU S 375 -18.94 -33.44 29.31
CA LEU S 375 -19.88 -32.37 29.60
C LEU S 375 -20.03 -32.16 31.11
N ALA S 376 -20.06 -33.25 31.88
CA ALA S 376 -20.16 -33.11 33.33
C ALA S 376 -18.92 -32.41 33.89
N GLU S 377 -17.74 -32.78 33.40
CA GLU S 377 -16.52 -32.11 33.86
C GLU S 377 -16.56 -30.62 33.54
N ARG S 378 -16.98 -30.26 32.32
CA ARG S 378 -17.05 -28.86 31.96
C ARG S 378 -18.06 -28.11 32.81
N ALA S 379 -19.21 -28.73 33.08
CA ALA S 379 -20.21 -28.08 33.93
C ALA S 379 -19.67 -27.88 35.34
N ALA S 380 -18.97 -28.87 35.88
CA ALA S 380 -18.39 -28.72 37.22
C ALA S 380 -17.35 -27.61 37.23
N ILE S 381 -16.51 -27.54 36.21
CA ILE S 381 -15.51 -26.48 36.13
C ILE S 381 -16.17 -25.12 36.04
N ALA S 382 -17.27 -25.03 35.28
CA ALA S 382 -17.96 -23.75 35.14
C ALA S 382 -18.50 -23.26 36.48
N LYS S 383 -19.06 -24.17 37.28
CA LYS S 383 -19.59 -23.81 38.59
C LYS S 383 -18.46 -23.58 39.59
N VAL T 2 -58.64 -47.52 -28.30
CA VAL T 2 -58.04 -48.48 -29.21
C VAL T 2 -56.82 -47.87 -29.89
N LEU T 3 -56.86 -46.55 -30.07
CA LEU T 3 -55.73 -45.86 -30.66
C LEU T 3 -54.63 -45.61 -29.63
N PHE T 4 -54.99 -45.00 -28.51
CA PHE T 4 -54.07 -44.72 -27.41
C PHE T 4 -54.61 -45.33 -26.13
N SER T 5 -53.71 -45.86 -25.31
CA SER T 5 -54.09 -46.45 -24.03
C SER T 5 -54.26 -45.36 -22.97
N THR T 6 -55.27 -45.53 -22.13
CA THR T 6 -55.50 -44.65 -21.00
C THR T 6 -54.71 -45.07 -19.76
N TYR T 7 -54.02 -46.19 -19.82
CA TYR T 7 -53.30 -46.73 -18.67
C TYR T 7 -51.81 -46.41 -18.78
N ARG T 8 -51.21 -46.03 -17.66
CA ARG T 8 -49.78 -45.76 -17.62
C ARG T 8 -48.96 -47.03 -17.83
N SER T 9 -49.57 -48.21 -17.71
CA SER T 9 -48.84 -49.46 -17.83
C SER T 9 -48.45 -49.77 -19.27
N SER T 10 -49.05 -49.10 -20.25
CA SER T 10 -48.69 -49.30 -21.65
C SER T 10 -47.35 -48.62 -21.90
N ARG T 11 -46.28 -49.39 -21.84
CA ARG T 11 -44.93 -48.84 -21.93
C ARG T 11 -44.57 -48.49 -23.36
N LEU T 12 -43.83 -47.40 -23.53
CA LEU T 12 -43.36 -46.95 -24.82
C LEU T 12 -41.88 -47.26 -25.04
N VAL T 13 -41.13 -47.59 -23.99
CA VAL T 13 -39.71 -47.89 -24.07
C VAL T 13 -39.43 -49.11 -23.20
N SER T 14 -38.20 -49.61 -23.30
CA SER T 14 -37.78 -50.72 -22.49
C SER T 14 -37.42 -50.26 -21.07
N LYS T 15 -37.40 -51.22 -20.14
CA LYS T 15 -37.09 -50.90 -18.75
C LYS T 15 -35.66 -50.42 -18.59
N GLU T 16 -34.76 -50.83 -19.47
CA GLU T 16 -33.33 -50.53 -19.34
C GLU T 16 -32.91 -49.35 -20.20
N PHE T 17 -33.86 -48.59 -20.75
CA PHE T 17 -33.52 -47.46 -21.60
C PHE T 17 -32.94 -46.32 -20.77
N LEU T 18 -31.70 -45.95 -21.06
CA LEU T 18 -31.01 -44.86 -20.35
C LEU T 18 -30.96 -45.14 -18.85
N HIS T 19 -30.69 -46.39 -18.48
CA HIS T 19 -30.64 -46.75 -17.07
C HIS T 19 -29.51 -46.03 -16.35
N GLY T 20 -28.32 -45.97 -16.96
CA GLY T 20 -27.15 -45.42 -16.32
C GLY T 20 -27.27 -43.95 -16.00
N PRO T 21 -27.55 -43.13 -17.03
CA PRO T 21 -27.74 -41.69 -16.77
C PRO T 21 -28.85 -41.41 -15.79
N VAL T 22 -29.94 -42.16 -15.85
CA VAL T 22 -31.05 -41.96 -14.93
C VAL T 22 -30.62 -42.29 -13.51
N MET T 23 -29.83 -43.36 -13.34
CA MET T 23 -29.37 -43.73 -12.01
C MET T 23 -28.42 -42.68 -11.45
N ARG T 24 -27.56 -42.11 -12.31
CA ARG T 24 -26.70 -41.03 -11.85
C ARG T 24 -27.52 -39.81 -11.42
N PHE T 25 -28.55 -39.49 -12.19
CA PHE T 25 -29.44 -38.37 -11.84
C PHE T 25 -30.14 -38.63 -10.51
N ARG T 26 -30.63 -39.85 -10.31
CA ARG T 26 -31.30 -40.19 -9.05
C ARG T 26 -30.32 -40.19 -7.88
N ALA T 27 -29.07 -40.62 -8.12
CA ALA T 27 -28.06 -40.53 -7.07
C ALA T 27 -27.82 -39.10 -6.66
N LEU T 28 -27.74 -38.20 -7.64
CA LEU T 28 -27.59 -36.78 -7.32
C LEU T 28 -28.77 -36.27 -6.50
N GLY T 29 -29.99 -36.67 -6.88
CA GLY T 29 -31.16 -36.22 -6.14
C GLY T 29 -31.24 -36.77 -4.74
N GLU T 30 -30.91 -38.05 -4.56
CA GLU T 30 -31.22 -38.74 -3.30
C GLU T 30 -30.18 -38.53 -2.21
N TYR T 31 -28.94 -38.19 -2.56
CA TYR T 31 -27.86 -38.24 -1.57
C TYR T 31 -28.11 -37.29 -0.41
N TYR T 32 -28.56 -36.07 -0.70
CA TYR T 32 -28.77 -35.06 0.33
C TYR T 32 -30.23 -34.95 0.77
N PHE T 33 -31.18 -35.35 -0.08
CA PHE T 33 -32.58 -35.09 0.20
C PHE T 33 -33.25 -36.23 0.97
N GLN T 34 -32.92 -37.48 0.65
CA GLN T 34 -33.55 -38.63 1.30
C GLN T 34 -32.81 -38.92 2.61
N ARG T 35 -33.07 -38.07 3.60
CA ARG T 35 -32.46 -38.19 4.91
C ARG T 35 -33.48 -37.83 5.97
N ALA T 36 -33.27 -38.37 7.18
CA ALA T 36 -34.21 -38.15 8.26
C ALA T 36 -34.34 -36.67 8.60
N TRP T 37 -33.21 -35.96 8.63
CA TRP T 37 -33.21 -34.55 8.99
C TRP T 37 -33.66 -33.65 7.85
N ASN T 38 -33.93 -34.20 6.67
CA ASN T 38 -34.45 -33.42 5.55
C ASN T 38 -35.97 -33.48 5.50
N GLY T 39 -36.58 -33.05 6.59
CA GLY T 39 -38.03 -32.96 6.67
C GLY T 39 -38.52 -31.61 6.19
N THR T 40 -39.29 -31.60 5.11
CA THR T 40 -39.70 -30.36 4.48
C THR T 40 -40.97 -29.81 5.14
N LEU T 41 -41.15 -28.50 4.99
CA LEU T 41 -42.38 -27.82 5.38
C LEU T 41 -43.20 -27.59 4.12
N ASN T 42 -44.22 -28.44 3.92
CA ASN T 42 -45.12 -28.33 2.78
C ASN T 42 -44.35 -28.42 1.45
N TRP T 43 -43.31 -29.23 1.42
CA TRP T 43 -42.50 -29.56 0.25
C TRP T 43 -41.62 -28.40 -0.22
N ALA T 44 -41.68 -27.24 0.41
CA ALA T 44 -40.98 -26.05 -0.09
C ALA T 44 -39.74 -25.71 0.71
N LEU T 45 -39.73 -25.94 2.01
CA LEU T 45 -38.58 -25.59 2.86
C LEU T 45 -37.96 -26.85 3.42
N PRO T 46 -36.80 -27.29 2.93
CA PRO T 46 -36.20 -28.52 3.45
C PRO T 46 -35.53 -28.30 4.80
N GLY T 47 -35.18 -29.41 5.44
CA GLY T 47 -34.54 -29.38 6.73
C GLY T 47 -33.03 -29.36 6.65
N GLU T 48 -32.47 -29.82 5.54
CA GLU T 48 -31.02 -29.83 5.37
C GLU T 48 -30.50 -28.40 5.23
N TYR T 49 -29.53 -28.06 6.06
CA TYR T 49 -28.94 -26.72 6.02
C TYR T 49 -28.21 -26.47 4.71
N ARG T 50 -27.48 -27.47 4.22
CA ARG T 50 -26.62 -27.27 3.06
C ARG T 50 -27.44 -26.93 1.81
N LEU T 51 -28.69 -27.38 1.75
CA LEU T 51 -29.54 -26.99 0.63
C LEU T 51 -29.74 -25.48 0.59
N TYR T 52 -30.02 -24.88 1.75
CA TYR T 52 -30.07 -23.42 1.82
C TYR T 52 -28.73 -22.83 1.42
N ALA T 53 -27.65 -23.32 2.03
CA ALA T 53 -26.33 -22.76 1.81
C ALA T 53 -25.94 -22.76 0.34
N VAL T 54 -26.42 -23.73 -0.42
CA VAL T 54 -26.08 -23.80 -1.84
C VAL T 54 -27.08 -23.03 -2.70
N MET T 55 -28.37 -23.12 -2.40
CA MET T 55 -29.39 -22.63 -3.33
C MET T 55 -29.64 -21.13 -3.20
N ILE T 56 -29.54 -20.57 -2.00
CA ILE T 56 -29.73 -19.13 -1.85
C ILE T 56 -28.69 -18.36 -2.67
N PRO T 57 -27.39 -18.63 -2.57
CA PRO T 57 -26.43 -17.92 -3.44
C PRO T 57 -26.68 -18.13 -4.91
N PHE T 58 -26.99 -19.36 -5.34
CA PHE T 58 -27.18 -19.61 -6.76
C PHE T 58 -28.38 -18.83 -7.31
N ILE T 59 -29.49 -18.84 -6.57
CA ILE T 59 -30.67 -18.11 -7.00
C ILE T 59 -30.38 -16.62 -7.09
N TYR T 60 -29.72 -16.08 -6.07
CA TYR T 60 -29.35 -14.67 -6.10
C TYR T 60 -28.44 -14.36 -7.28
N PHE T 61 -27.46 -15.24 -7.54
CA PHE T 61 -26.49 -14.97 -8.59
C PHE T 61 -27.17 -14.88 -9.96
N TYR T 62 -27.98 -15.87 -10.31
CA TYR T 62 -28.56 -15.83 -11.64
C TYR T 62 -29.62 -14.74 -11.76
N HIS T 63 -30.36 -14.46 -10.69
CA HIS T 63 -31.30 -13.34 -10.73
C HIS T 63 -30.57 -12.03 -10.89
N ARG T 64 -29.44 -11.85 -10.19
CA ARG T 64 -28.69 -10.60 -10.31
C ARG T 64 -28.11 -10.44 -11.70
N TRP T 65 -27.57 -11.52 -12.28
CA TRP T 65 -27.06 -11.43 -13.63
C TRP T 65 -28.16 -11.00 -14.60
N HIS T 66 -29.33 -11.62 -14.48
CA HIS T 66 -30.43 -11.25 -15.35
C HIS T 66 -30.82 -9.78 -15.15
N ASN T 67 -30.90 -9.33 -13.90
CA ASN T 67 -31.29 -7.95 -13.63
C ASN T 67 -30.28 -6.96 -14.19
N ASP T 68 -28.99 -7.24 -14.00
CA ASP T 68 -27.95 -6.31 -14.42
C ASP T 68 -27.83 -6.25 -15.93
N HIS T 69 -27.97 -7.39 -16.61
CA HIS T 69 -27.70 -7.45 -18.04
C HIS T 69 -28.95 -7.37 -18.91
N THR T 70 -30.13 -7.40 -18.33
CA THR T 70 -31.35 -7.38 -19.14
C THR T 70 -32.35 -6.33 -18.71
N LEU T 71 -32.47 -6.05 -17.41
CA LEU T 71 -33.51 -5.17 -16.89
C LEU T 71 -33.00 -3.76 -16.63
N ASP T 72 -31.95 -3.62 -15.82
CA ASP T 72 -31.42 -2.29 -15.53
C ASP T 72 -30.73 -1.70 -16.76
N ARG T 73 -30.24 -2.54 -17.66
CA ARG T 73 -29.61 -2.05 -18.88
C ARG T 73 -30.54 -1.15 -19.67
N ASP T 74 -31.85 -1.42 -19.63
CA ASP T 74 -32.80 -0.60 -20.35
C ASP T 74 -32.84 0.81 -19.79
N HIS T 75 -32.90 0.95 -18.47
CA HIS T 75 -32.86 2.28 -17.86
C HIS T 75 -31.55 2.99 -18.15
N VAL T 76 -30.44 2.26 -18.08
CA VAL T 76 -29.14 2.87 -18.34
C VAL T 76 -29.09 3.41 -19.76
N GLU T 77 -29.54 2.62 -20.73
CA GLU T 77 -29.54 3.06 -22.12
C GLU T 77 -30.46 4.24 -22.33
N LYS T 78 -31.61 4.25 -21.66
CA LYS T 78 -32.51 5.38 -21.77
C LYS T 78 -31.84 6.66 -21.27
N ALA T 79 -31.17 6.59 -20.13
CA ALA T 79 -30.48 7.77 -19.61
C ALA T 79 -29.41 8.25 -20.59
N MET T 80 -28.63 7.31 -21.13
CA MET T 80 -27.59 7.69 -22.08
C MET T 80 -28.18 8.36 -23.31
N ILE T 81 -29.27 7.82 -23.85
CA ILE T 81 -29.87 8.38 -25.06
C ILE T 81 -30.47 9.74 -24.77
N MET T 82 -31.17 9.89 -23.65
CA MET T 82 -31.88 11.12 -23.38
C MET T 82 -30.94 12.26 -23.04
N ARG T 83 -29.85 11.96 -22.33
CA ARG T 83 -28.93 13.00 -21.88
C ARG T 83 -27.89 13.40 -22.91
N TRP T 84 -27.74 12.63 -24.00
CA TRP T 84 -26.66 12.85 -24.95
C TRP T 84 -27.16 12.80 -26.38
N GLY T 85 -28.26 13.50 -26.65
CA GLY T 85 -28.70 13.70 -28.03
C GLY T 85 -30.12 13.28 -28.30
N GLY T 86 -30.65 12.33 -27.53
CA GLY T 86 -31.97 11.80 -27.79
C GLY T 86 -32.03 10.78 -28.89
N THR T 87 -30.89 10.26 -29.34
CA THR T 87 -30.85 9.25 -30.39
C THR T 87 -29.69 8.31 -30.13
N LEU T 88 -29.84 7.08 -30.59
CA LEU T 88 -28.81 6.06 -30.37
C LEU T 88 -27.52 6.42 -31.10
N GLU T 89 -27.62 6.94 -32.31
CA GLU T 89 -26.43 7.33 -33.06
C GLU T 89 -25.65 8.41 -32.32
N ASP T 90 -26.36 9.35 -31.68
CA ASP T 90 -25.67 10.38 -30.92
C ASP T 90 -24.85 9.78 -29.78
N VAL T 91 -25.40 8.78 -29.09
CA VAL T 91 -24.66 8.11 -28.04
C VAL T 91 -23.46 7.38 -28.62
N ARG T 92 -23.66 6.68 -29.73
CA ARG T 92 -22.57 5.95 -30.36
C ARG T 92 -21.48 6.87 -30.87
N LYS T 93 -21.78 8.16 -31.03
CA LYS T 93 -20.75 9.12 -31.40
C LYS T 93 -19.74 9.33 -30.28
N LEU T 94 -20.13 9.03 -29.03
CA LEU T 94 -19.21 9.07 -27.91
C LEU T 94 -18.28 7.88 -27.94
N SER T 95 -17.19 7.99 -27.18
CA SER T 95 -16.25 6.90 -27.02
C SER T 95 -16.70 5.98 -25.87
N ALA T 96 -16.07 4.80 -25.82
CA ALA T 96 -16.42 3.84 -24.77
C ALA T 96 -16.15 4.41 -23.38
N LYS T 97 -15.06 5.16 -23.24
CA LYS T 97 -14.73 5.76 -21.95
C LYS T 97 -15.82 6.75 -21.51
N ASP T 98 -16.30 7.58 -22.44
CA ASP T 98 -17.36 8.52 -22.10
C ASP T 98 -18.64 7.78 -21.69
N GLN T 99 -19.00 6.73 -22.42
CA GLN T 99 -20.16 5.95 -22.06
C GLN T 99 -19.98 5.32 -20.67
N LEU T 100 -18.78 4.85 -20.38
CA LEU T 100 -18.49 4.32 -19.05
C LEU T 100 -18.75 5.36 -17.98
N ARG T 101 -18.29 6.60 -18.21
CA ARG T 101 -18.52 7.66 -17.24
C ARG T 101 -20.01 7.89 -17.03
N VAL T 102 -20.76 7.96 -18.12
CA VAL T 102 -22.20 8.24 -18.02
C VAL T 102 -22.90 7.12 -17.26
N ARG T 103 -22.59 5.87 -17.60
CA ARG T 103 -23.23 4.74 -16.94
C ARG T 103 -22.91 4.70 -15.46
N CYS T 104 -21.66 5.00 -15.09
CA CYS T 104 -21.31 5.02 -13.68
C CYS T 104 -21.99 6.15 -12.93
N PHE T 105 -22.23 7.29 -13.59
CA PHE T 105 -23.03 8.33 -12.96
C PHE T 105 -24.45 7.85 -12.71
N THR T 106 -25.02 7.11 -13.67
CA THR T 106 -26.34 6.52 -13.45
C THR T 106 -26.33 5.60 -12.23
N ASP T 107 -25.25 4.81 -12.08
CA ASP T 107 -25.11 3.97 -10.89
C ASP T 107 -25.08 4.81 -9.62
N ILE T 108 -24.36 5.93 -9.65
CA ILE T 108 -24.31 6.83 -8.49
C ILE T 108 -25.73 7.27 -8.12
N GLU T 109 -26.49 7.73 -9.11
CA GLU T 109 -27.85 8.16 -8.86
C GLU T 109 -28.67 7.04 -8.23
N LYS T 110 -28.48 5.81 -8.69
CA LYS T 110 -29.20 4.69 -8.11
C LYS T 110 -28.84 4.48 -6.64
N LEU T 111 -27.56 4.64 -6.29
CA LEU T 111 -27.12 4.33 -4.93
C LEU T 111 -27.58 5.38 -3.91
N TYR T 112 -27.61 6.65 -4.30
CA TYR T 112 -28.20 7.71 -3.47
C TYR T 112 -29.72 7.50 -3.35
N SER T 113 -30.35 7.49 -4.49
CA SER T 113 -31.79 7.29 -4.69
C SER T 113 -32.66 8.29 -3.91
N ALA T 114 -33.18 7.92 -2.71
CA ALA T 114 -33.85 8.93 -1.86
C ALA T 114 -32.96 9.66 -0.84
N TYR T 115 -31.72 9.23 -0.63
CA TYR T 115 -30.89 9.93 0.35
C TYR T 115 -29.78 10.79 -0.22
N GLY T 116 -29.37 10.62 -1.45
CA GLY T 116 -28.30 11.45 -1.95
C GLY T 116 -28.69 12.90 -2.10
N PRO T 117 -27.66 13.69 -2.38
CA PRO T 117 -27.88 15.10 -2.73
C PRO T 117 -28.81 15.24 -3.91
N LYS T 118 -29.64 16.27 -3.86
CA LYS T 118 -30.63 16.53 -4.90
C LYS T 118 -30.10 17.43 -6.00
N ASP T 119 -28.83 17.85 -5.94
CA ASP T 119 -28.22 18.60 -7.02
C ASP T 119 -27.80 17.71 -8.18
N THR T 120 -27.90 16.39 -8.02
CA THR T 120 -27.61 15.48 -9.13
C THR T 120 -28.67 15.55 -10.21
N TYR T 121 -29.88 16.02 -9.88
CA TYR T 121 -30.95 16.16 -10.86
C TYR T 121 -31.67 17.49 -10.80
N LEU T 122 -31.47 18.29 -9.75
CA LEU T 122 -32.02 19.63 -9.67
C LEU T 122 -30.90 20.62 -9.94
N GLN T 123 -31.07 21.42 -10.99
CA GLN T 123 -30.05 22.39 -11.36
C GLN T 123 -30.13 23.60 -10.43
N PRO T 124 -29.08 23.91 -9.67
CA PRO T 124 -29.12 25.10 -8.83
C PRO T 124 -29.20 26.35 -9.67
N PRO T 125 -29.83 27.42 -9.18
CA PRO T 125 -29.84 28.67 -9.94
C PRO T 125 -28.44 29.19 -10.16
N GLY T 126 -28.19 29.69 -11.36
CA GLY T 126 -26.88 30.20 -11.73
C GLY T 126 -25.92 29.17 -12.28
N ASP T 127 -26.30 27.88 -12.28
CA ASP T 127 -25.42 26.86 -12.80
C ASP T 127 -25.25 27.03 -14.31
N THR T 128 -24.02 26.81 -14.78
CA THR T 128 -23.67 27.04 -16.17
C THR T 128 -23.85 25.81 -17.04
N LEU T 129 -24.19 24.66 -16.47
CA LEU T 129 -24.31 23.44 -17.23
C LEU T 129 -25.57 23.46 -18.09
N PRO T 130 -25.63 22.62 -19.13
CA PRO T 130 -26.80 22.62 -20.01
C PRO T 130 -28.07 22.26 -19.26
N GLY T 131 -29.18 22.82 -19.73
CA GLY T 131 -30.49 22.58 -19.15
C GLY T 131 -31.30 21.58 -19.95
N LYS T 132 -32.61 21.58 -19.69
CA LYS T 132 -33.50 20.62 -20.33
C LYS T 132 -33.77 20.96 -21.79
N ASP T 133 -33.73 22.25 -22.15
CA ASP T 133 -33.95 22.68 -23.52
C ASP T 133 -32.66 22.77 -24.33
N PHE T 134 -31.64 22.01 -23.95
CA PHE T 134 -30.35 22.08 -24.62
C PHE T 134 -30.44 21.54 -26.04
N TYR T 135 -31.06 20.39 -26.22
CA TYR T 135 -31.16 19.75 -27.53
C TYR T 135 -32.44 20.13 -28.28
N ARG T 136 -33.36 20.85 -27.65
CA ARG T 136 -34.60 21.25 -28.31
C ARG T 136 -34.39 22.49 -29.16
N VAL U 2 -53.89 -53.05 -7.54
CA VAL U 2 -55.26 -52.59 -7.60
C VAL U 2 -55.31 -51.27 -8.34
N TYR U 3 -56.51 -50.88 -8.79
CA TYR U 3 -56.66 -49.72 -9.67
C TYR U 3 -56.84 -48.44 -8.86
N THR U 4 -56.04 -47.43 -9.18
CA THR U 4 -56.21 -46.09 -8.67
C THR U 4 -56.03 -45.11 -9.82
N ARG U 5 -56.80 -44.02 -9.79
CA ARG U 5 -56.72 -43.04 -10.88
C ARG U 5 -55.34 -42.41 -10.94
N TRP U 6 -54.77 -42.05 -9.80
CA TRP U 6 -53.52 -41.29 -9.79
C TRP U 6 -52.34 -42.15 -10.23
N LYS U 7 -52.40 -43.46 -10.00
CA LYS U 7 -51.28 -44.34 -10.29
C LYS U 7 -51.40 -45.05 -11.62
N CYS U 8 -52.62 -45.34 -12.08
CA CYS U 8 -52.82 -46.16 -13.25
C CYS U 8 -53.14 -45.37 -14.51
N ASP U 9 -53.83 -44.24 -14.38
CA ASP U 9 -54.20 -43.44 -15.54
C ASP U 9 -53.06 -42.55 -15.97
N ARG U 10 -53.01 -42.27 -17.27
CA ARG U 10 -52.05 -41.32 -17.80
C ARG U 10 -52.46 -39.89 -17.44
N LEU U 11 -51.52 -38.97 -17.58
CA LEU U 11 -51.72 -37.62 -17.05
C LEU U 11 -52.92 -36.92 -17.66
N PRO U 12 -53.13 -36.90 -18.98
CA PRO U 12 -54.33 -36.24 -19.51
C PRO U 12 -55.63 -36.84 -18.98
N VAL U 13 -55.69 -38.17 -18.88
CA VAL U 13 -56.88 -38.83 -18.37
C VAL U 13 -57.13 -38.43 -16.93
N PHE U 14 -56.07 -38.44 -16.11
CA PHE U 14 -56.23 -38.05 -14.72
C PHE U 14 -56.63 -36.58 -14.60
N GLN U 15 -56.11 -35.73 -15.47
CA GLN U 15 -56.50 -34.32 -15.45
C GLN U 15 -57.98 -34.17 -15.69
N LEU U 16 -58.51 -34.85 -16.72
CA LEU U 16 -59.93 -34.78 -17.00
C LEU U 16 -60.74 -35.31 -15.83
N LYS U 17 -60.32 -36.45 -15.27
CA LYS U 17 -61.04 -37.01 -14.13
C LYS U 17 -61.01 -36.08 -12.93
N LEU U 18 -59.85 -35.47 -12.67
CA LEU U 18 -59.70 -34.58 -11.53
C LEU U 18 -60.64 -33.39 -11.64
N PHE U 19 -60.73 -32.80 -12.82
CA PHE U 19 -61.54 -31.60 -13.00
C PHE U 19 -62.97 -31.89 -13.45
N THR U 20 -63.37 -33.16 -13.54
CA THR U 20 -64.74 -33.51 -13.88
C THR U 20 -65.48 -34.27 -12.80
N GLN U 21 -64.79 -35.12 -12.02
CA GLN U 21 -65.43 -35.85 -10.94
C GLN U 21 -64.84 -35.54 -9.57
N GLU U 22 -63.88 -34.62 -9.48
CA GLU U 22 -63.34 -34.18 -8.20
C GLU U 22 -63.56 -32.70 -7.96
N TYR U 23 -63.23 -31.85 -8.93
CA TYR U 23 -63.41 -30.40 -8.81
C TYR U 23 -64.09 -29.86 -10.06
N PRO U 24 -65.32 -30.27 -10.34
CA PRO U 24 -66.01 -29.75 -11.54
C PRO U 24 -66.49 -28.32 -11.36
N MET U 25 -67.00 -27.97 -10.19
CA MET U 25 -67.48 -26.60 -9.96
C MET U 25 -66.33 -25.60 -10.03
N HIS U 26 -65.18 -25.94 -9.47
CA HIS U 26 -64.03 -25.06 -9.53
C HIS U 26 -63.57 -24.84 -10.96
N ALA U 27 -63.56 -25.92 -11.76
CA ALA U 27 -63.21 -25.77 -13.17
C ALA U 27 -64.21 -24.88 -13.90
N ALA U 28 -65.50 -25.06 -13.62
CA ALA U 28 -66.52 -24.25 -14.25
C ALA U 28 -66.34 -22.77 -13.90
N VAL U 29 -66.11 -22.47 -12.64
CA VAL U 29 -65.93 -21.09 -12.22
C VAL U 29 -64.66 -20.50 -12.84
N GLY U 30 -63.59 -21.30 -12.91
CA GLY U 30 -62.38 -20.82 -13.53
C GLY U 30 -62.54 -20.50 -15.00
N ILE U 31 -63.25 -21.36 -15.72
CA ILE U 31 -63.53 -21.11 -17.14
C ILE U 31 -64.39 -19.86 -17.29
N PHE U 32 -65.39 -19.70 -16.42
CA PHE U 32 -66.19 -18.48 -16.42
C PHE U 32 -65.33 -17.24 -16.26
N THR U 33 -64.40 -17.28 -15.30
CA THR U 33 -63.54 -16.12 -15.05
C THR U 33 -62.59 -15.87 -16.21
N ILE U 34 -62.09 -16.94 -16.84
CA ILE U 34 -61.22 -16.78 -18.00
C ILE U 34 -61.96 -16.08 -19.13
N ILE U 35 -63.19 -16.51 -19.39
CA ILE U 35 -63.99 -15.88 -20.43
C ILE U 35 -64.22 -14.42 -20.10
N PHE U 36 -64.54 -14.11 -18.85
CA PHE U 36 -64.75 -12.72 -18.46
C PHE U 36 -63.49 -11.89 -18.69
N LEU U 37 -62.33 -12.43 -18.29
CA LEU U 37 -61.09 -11.67 -18.42
C LEU U 37 -60.78 -11.39 -19.88
N TRP U 38 -60.91 -12.39 -20.75
CA TRP U 38 -60.63 -12.17 -22.17
C TRP U 38 -61.74 -11.43 -22.89
N LYS U 39 -62.89 -11.23 -22.24
CA LYS U 39 -63.96 -10.45 -22.83
C LYS U 39 -63.92 -8.98 -22.41
N HIS U 40 -63.34 -8.67 -21.25
CA HIS U 40 -63.35 -7.32 -20.72
C HIS U 40 -61.99 -6.78 -20.28
N MET U 41 -60.94 -7.60 -20.26
CA MET U 41 -59.64 -7.16 -19.76
C MET U 41 -58.53 -7.62 -20.70
N SER U 42 -58.74 -7.47 -22.01
CA SER U 42 -57.78 -7.93 -23.00
C SER U 42 -57.49 -6.86 -24.04
N HIS U 43 -57.64 -5.58 -23.67
CA HIS U 43 -57.43 -4.48 -24.58
C HIS U 43 -56.54 -3.43 -23.92
N CYS U 44 -55.75 -2.75 -24.74
CA CYS U 44 -54.89 -1.68 -24.26
C CYS U 44 -54.73 -0.65 -25.36
N SER U 45 -55.10 0.60 -25.07
CA SER U 45 -54.97 1.67 -26.04
C SER U 45 -53.51 2.07 -26.22
N GLU U 46 -53.25 2.79 -27.30
CA GLU U 46 -51.90 3.27 -27.57
C GLU U 46 -51.41 4.21 -26.48
N GLU U 47 -52.28 5.10 -26.02
CA GLU U 47 -51.91 6.01 -24.94
C GLU U 47 -51.59 5.25 -23.66
N THR U 48 -52.37 4.21 -23.37
CA THR U 48 -52.09 3.38 -22.19
C THR U 48 -50.74 2.70 -22.32
N GLU U 49 -50.43 2.20 -23.52
CA GLU U 49 -49.13 1.57 -23.74
C GLU U 49 -48.00 2.58 -23.54
N ARG U 50 -48.16 3.79 -24.05
CA ARG U 50 -47.13 4.81 -23.89
C ARG U 50 -46.94 5.17 -22.42
N LYS U 51 -48.05 5.27 -21.66
CA LYS U 51 -47.94 5.63 -20.25
C LYS U 51 -47.32 4.52 -19.42
N TYR U 52 -47.74 3.27 -19.65
CA TYR U 52 -47.37 2.18 -18.77
C TYR U 52 -46.81 0.95 -19.47
N GLY U 53 -46.84 0.89 -20.80
CA GLY U 53 -46.52 -0.34 -21.50
C GLY U 53 -45.06 -0.64 -21.74
N TRP U 54 -44.16 0.26 -21.34
CA TRP U 54 -42.74 0.11 -21.64
C TRP U 54 -41.93 0.17 -20.35
N TRP U 55 -40.92 -0.70 -20.28
CA TRP U 55 -40.17 -0.90 -19.03
C TRP U 55 -39.50 0.38 -18.58
N ALA U 56 -38.73 1.01 -19.46
CA ALA U 56 -38.03 2.24 -19.13
C ALA U 56 -38.76 3.49 -19.58
N GLY U 57 -39.89 3.34 -20.26
CA GLY U 57 -40.60 4.46 -20.83
C GLY U 57 -40.74 4.33 -22.33
N TYR U 58 -41.67 5.09 -22.91
CA TYR U 58 -41.92 4.99 -24.34
C TYR U 58 -40.84 5.71 -25.12
N PRO U 59 -40.15 5.05 -26.06
CA PRO U 59 -39.13 5.74 -26.87
C PRO U 59 -39.73 6.56 -28.01
N TYR U 60 -40.14 7.79 -27.66
CA TYR U 60 -40.71 8.68 -28.67
C TYR U 60 -39.73 8.97 -29.79
N TRP U 61 -38.43 8.88 -29.52
CA TRP U 61 -37.43 9.24 -30.53
C TRP U 61 -37.45 8.29 -31.73
N ARG U 62 -38.10 7.13 -31.61
CA ARG U 62 -38.34 6.26 -32.75
C ARG U 62 -39.79 5.87 -32.95
N ASP U 63 -40.66 6.05 -31.94
CA ASP U 63 -42.10 5.85 -32.05
C ASP U 63 -42.42 4.48 -32.62
N PRO U 64 -42.12 3.40 -31.90
CA PRO U 64 -42.37 2.05 -32.44
C PRO U 64 -43.84 1.77 -32.69
N ILE U 65 -44.76 2.42 -31.98
CA ILE U 65 -46.18 2.19 -32.22
C ILE U 65 -46.56 2.62 -33.62
N ALA U 66 -46.05 3.77 -34.05
CA ALA U 66 -46.34 4.25 -35.40
C ALA U 66 -45.80 3.29 -36.45
N ARG U 67 -44.59 2.76 -36.25
CA ARG U 67 -44.04 1.79 -37.20
C ARG U 67 -44.87 0.53 -37.23
N ARG U 68 -45.31 0.06 -36.06
CA ARG U 68 -46.15 -1.13 -36.00
C ARG U 68 -47.45 -0.93 -36.76
N ASN U 69 -48.11 0.21 -36.53
CA ASN U 69 -49.35 0.50 -37.24
C ASN U 69 -49.11 0.65 -38.74
N GLU U 70 -47.99 1.26 -39.12
CA GLU U 70 -47.68 1.42 -40.53
C GLU U 70 -47.52 0.07 -41.21
N THR U 71 -46.79 -0.85 -40.56
CA THR U 71 -46.66 -2.20 -41.11
C THR U 71 -48.02 -2.88 -41.22
N LYS U 72 -48.84 -2.75 -40.17
CA LYS U 72 -50.17 -3.33 -40.19
C LYS U 72 -50.99 -2.84 -41.37
N TYR U 73 -51.04 -1.52 -41.56
CA TYR U 73 -51.90 -0.95 -42.59
C TYR U 73 -51.35 -1.22 -43.98
N LYS U 74 -50.02 -1.18 -44.15
CA LYS U 74 -49.44 -1.55 -45.44
C LYS U 74 -49.77 -2.99 -45.79
N GLN U 75 -49.65 -3.89 -44.82
CA GLN U 75 -49.97 -5.30 -45.08
C GLN U 75 -51.43 -5.46 -45.47
N MET U 76 -52.34 -4.79 -44.73
CA MET U 76 -53.75 -4.89 -45.06
C MET U 76 -54.05 -4.35 -46.45
N ILE U 77 -53.48 -3.20 -46.79
CA ILE U 77 -53.73 -2.58 -48.09
C ILE U 77 -53.24 -3.48 -49.21
N ILE U 78 -52.01 -4.00 -49.08
CA ILE U 78 -51.42 -4.80 -50.14
C ILE U 78 -52.16 -6.12 -50.30
N ASN U 79 -52.51 -6.77 -49.18
CA ASN U 79 -53.13 -8.08 -49.26
C ASN U 79 -54.57 -8.00 -49.72
N ASN U 80 -55.31 -6.99 -49.28
CA ASN U 80 -56.73 -6.87 -49.58
C ASN U 80 -57.01 -6.03 -50.82
N ASP U 81 -55.97 -5.52 -51.49
CA ASP U 81 -56.13 -4.74 -52.72
C ASP U 81 -57.06 -3.55 -52.49
N VAL U 82 -56.74 -2.74 -51.48
CA VAL U 82 -57.54 -1.59 -51.11
C VAL U 82 -57.07 -0.38 -51.90
N ASP U 83 -58.01 0.32 -52.53
CA ASP U 83 -57.72 1.56 -53.24
C ASP U 83 -57.90 2.71 -52.27
N ILE U 84 -56.80 3.17 -51.67
CA ILE U 84 -56.87 4.22 -50.65
C ILE U 84 -57.16 5.59 -51.25
N THR U 85 -57.17 5.71 -52.57
CA THR U 85 -57.54 6.95 -53.24
C THR U 85 -59.04 7.05 -53.50
N HIS U 86 -59.81 6.07 -53.05
CA HIS U 86 -61.24 6.09 -53.28
C HIS U 86 -61.86 7.29 -52.58
N PRO U 87 -62.93 7.87 -53.15
CA PRO U 87 -63.51 9.07 -52.54
C PRO U 87 -63.95 8.89 -51.09
N LYS U 88 -64.38 7.69 -50.70
CA LYS U 88 -64.81 7.49 -49.32
C LYS U 88 -63.67 7.66 -48.35
N TRP U 89 -62.45 7.27 -48.73
CA TRP U 89 -61.30 7.46 -47.85
C TRP U 89 -60.84 8.91 -47.84
N THR U 90 -60.92 9.59 -48.99
CA THR U 90 -60.44 10.97 -49.09
C THR U 90 -61.53 12.02 -48.93
N GLY U 91 -62.79 11.65 -49.18
CA GLY U 91 -63.86 12.62 -49.11
C GLY U 91 -64.01 13.50 -50.33
N CYS U 92 -63.28 13.22 -51.40
CA CYS U 92 -63.32 14.03 -52.60
C CYS U 92 -63.06 13.13 -53.80
N SER U 93 -63.48 13.62 -54.97
CA SER U 93 -63.30 12.86 -56.20
C SER U 93 -61.82 12.79 -56.58
N VAL U 94 -61.51 11.87 -57.48
CA VAL U 94 -60.13 11.69 -57.92
C VAL U 94 -59.64 12.93 -58.65
N GLU U 95 -60.49 13.52 -59.49
CA GLU U 95 -60.09 14.72 -60.21
C GLU U 95 -59.79 15.87 -59.26
N GLN U 96 -60.61 16.02 -58.21
CA GLN U 96 -60.32 17.03 -57.20
C GLN U 96 -59.00 16.74 -56.50
N LEU U 97 -58.70 15.46 -56.28
CA LEU U 97 -57.42 15.10 -55.67
C LEU U 97 -56.26 15.51 -56.57
N GLU U 98 -56.38 15.29 -57.88
CA GLU U 98 -55.35 15.71 -58.81
C GLU U 98 -55.20 17.23 -58.82
N GLU U 99 -56.33 17.94 -58.78
CA GLU U 99 -56.26 19.40 -58.71
C GLU U 99 -55.54 19.86 -57.45
N LEU U 100 -55.83 19.22 -56.32
CA LEU U 100 -55.14 19.57 -55.08
C LEU U 100 -53.65 19.29 -55.19
N SER U 101 -53.29 18.16 -55.80
CA SER U 101 -51.87 17.82 -55.96
C SER U 101 -51.16 18.87 -56.81
N ARG U 102 -51.80 19.31 -57.90
CA ARG U 102 -51.19 20.35 -58.72
C ARG U 102 -51.12 21.68 -57.97
N VAL U 103 -52.08 21.95 -57.10
CA VAL U 103 -52.08 23.22 -56.36
C VAL U 103 -50.93 23.23 -55.35
N VAL U 104 -50.93 22.28 -54.42
CA VAL U 104 -49.91 22.24 -53.38
C VAL U 104 -48.58 21.83 -53.99
N THR V 2 -82.91 -26.14 -42.74
CA THR V 2 -82.07 -25.00 -43.07
C THR V 2 -81.53 -24.36 -41.79
N LYS V 3 -80.26 -23.95 -41.83
CA LYS V 3 -79.57 -23.36 -40.68
C LYS V 3 -79.42 -21.87 -40.93
N TYR V 4 -80.33 -21.09 -40.36
CA TYR V 4 -80.33 -19.64 -40.54
C TYR V 4 -79.34 -18.93 -39.62
N GLU V 5 -79.00 -19.55 -38.49
CA GLU V 5 -78.12 -18.87 -37.53
C GLU V 5 -76.74 -18.64 -38.11
N LEU V 6 -76.22 -19.61 -38.87
CA LEU V 6 -74.89 -19.46 -39.45
C LEU V 6 -74.84 -18.30 -40.43
N LYS V 7 -75.92 -18.09 -41.19
CA LYS V 7 -75.98 -16.94 -42.09
C LYS V 7 -76.17 -15.66 -41.30
N MET V 8 -76.97 -15.70 -40.25
CA MET V 8 -77.39 -14.49 -39.56
C MET V 8 -76.35 -13.94 -38.58
N GLN V 9 -75.39 -14.77 -38.15
CA GLN V 9 -74.39 -14.27 -37.21
C GLN V 9 -73.54 -13.17 -37.83
N TYR V 10 -73.11 -13.36 -39.07
CA TYR V 10 -72.35 -12.32 -39.76
C TYR V 10 -73.17 -11.05 -39.90
N PHE V 11 -74.44 -11.19 -40.27
CA PHE V 11 -75.30 -10.03 -40.45
C PHE V 11 -75.48 -9.27 -39.15
N ASP V 12 -75.69 -9.99 -38.04
CA ASP V 12 -75.86 -9.34 -36.75
C ASP V 12 -74.59 -8.60 -36.33
N GLU V 13 -73.43 -9.24 -36.51
CA GLU V 13 -72.18 -8.57 -36.17
C GLU V 13 -71.98 -7.31 -37.01
N TRP V 14 -72.28 -7.39 -38.31
CA TRP V 14 -72.16 -6.21 -39.17
C TRP V 14 -73.12 -5.11 -38.72
N MET V 15 -74.35 -5.48 -38.37
CA MET V 15 -75.30 -4.48 -37.92
C MET V 15 -74.81 -3.79 -36.65
N ILE V 16 -74.22 -4.56 -35.73
CA ILE V 16 -73.65 -3.95 -34.54
C ILE V 16 -72.53 -3.01 -34.90
N ARG V 17 -71.67 -3.40 -35.85
CA ARG V 17 -70.58 -2.53 -36.27
C ARG V 17 -71.08 -1.30 -37.01
N TRP V 18 -72.18 -1.43 -37.75
CA TRP V 18 -72.76 -0.34 -38.53
C TRP V 18 -74.15 0.00 -38.02
N ARG V 19 -74.31 0.06 -36.71
CA ARG V 19 -75.61 0.33 -36.10
C ARG V 19 -76.06 1.76 -36.32
N LYS V 20 -75.18 2.65 -36.77
CA LYS V 20 -75.57 4.03 -37.03
C LYS V 20 -76.69 4.09 -38.06
N PHE V 21 -76.67 3.20 -39.05
CA PHE V 21 -77.65 3.18 -40.11
C PHE V 21 -78.85 2.30 -39.78
N GLN V 22 -79.12 2.09 -38.49
CA GLN V 22 -80.25 1.29 -38.06
C GLN V 22 -81.50 2.17 -38.04
N THR V 23 -82.39 1.95 -39.00
CA THR V 23 -83.65 2.68 -39.02
C THR V 23 -84.55 2.21 -37.89
N GLU V 24 -85.60 2.99 -37.63
CA GLU V 24 -86.54 2.63 -36.57
C GLU V 24 -87.27 1.34 -36.90
N SER V 25 -87.43 1.03 -38.19
CA SER V 25 -88.06 -0.22 -38.58
C SER V 25 -87.22 -1.42 -38.15
N ASP V 26 -85.90 -1.36 -38.40
CA ASP V 26 -85.02 -2.43 -37.97
C ASP V 26 -85.01 -2.57 -36.45
N TRP V 27 -85.02 -1.43 -35.75
CA TRP V 27 -85.10 -1.46 -34.29
C TRP V 27 -86.37 -2.14 -33.82
N GLU V 28 -87.49 -1.85 -34.48
CA GLU V 28 -88.75 -2.51 -34.14
C GLU V 28 -88.67 -4.01 -34.41
N ILE V 29 -87.99 -4.40 -35.50
CA ILE V 29 -87.82 -5.82 -35.78
C ILE V 29 -87.07 -6.50 -34.65
N GLU V 30 -85.98 -5.88 -34.19
CA GLU V 30 -85.20 -6.47 -33.11
C GLU V 30 -85.98 -6.52 -31.81
N LYS V 31 -86.75 -5.47 -31.52
CA LYS V 31 -87.58 -5.47 -30.32
C LYS V 31 -88.62 -6.59 -30.39
N GLY V 32 -89.21 -6.81 -31.57
CA GLY V 32 -90.12 -7.93 -31.73
C GLY V 32 -89.45 -9.26 -31.51
N ARG V 33 -88.22 -9.40 -32.00
CA ARG V 33 -87.47 -10.62 -31.75
C ARG V 33 -87.25 -10.84 -30.26
N GLN V 34 -86.91 -9.78 -29.54
CA GLN V 34 -86.73 -9.88 -28.10
C GLN V 34 -88.04 -10.30 -27.41
N TRP V 35 -89.15 -9.68 -27.82
CA TRP V 35 -90.44 -10.02 -27.22
C TRP V 35 -90.79 -11.47 -27.47
N TRP V 36 -90.55 -11.95 -28.69
CA TRP V 36 -90.87 -13.34 -29.00
C TRP V 36 -89.94 -14.31 -28.27
N ARG V 37 -88.68 -13.93 -28.05
CA ARG V 37 -87.81 -14.77 -27.23
C ARG V 37 -88.36 -14.88 -25.81
N ARG V 38 -88.80 -13.77 -25.24
CA ARG V 38 -89.37 -13.82 -23.90
C ARG V 38 -90.64 -14.67 -23.87
N PHE V 39 -91.48 -14.54 -24.90
CA PHE V 39 -92.69 -15.35 -24.98
C PHE V 39 -92.36 -16.84 -25.07
N ASN V 40 -91.36 -17.18 -25.89
CA ASN V 40 -90.96 -18.58 -26.01
C ASN V 40 -90.44 -19.11 -24.68
N MET V 41 -89.64 -18.31 -23.97
CA MET V 41 -89.18 -18.71 -22.64
C MET V 41 -90.37 -18.96 -21.71
N ALA V 42 -91.35 -18.06 -21.74
CA ALA V 42 -92.48 -18.19 -20.83
C ALA V 42 -93.28 -19.46 -21.11
N VAL V 43 -93.57 -19.73 -22.38
CA VAL V 43 -94.38 -20.91 -22.70
C VAL V 43 -93.60 -22.19 -22.43
N SER V 44 -92.31 -22.19 -22.72
CA SER V 44 -91.49 -23.37 -22.42
C SER V 44 -91.43 -23.62 -20.93
N GLY V 45 -91.29 -22.55 -20.14
CA GLY V 45 -91.29 -22.72 -18.69
C GLY V 45 -92.62 -23.23 -18.17
N ALA V 46 -93.72 -22.74 -18.75
CA ALA V 46 -95.04 -23.24 -18.36
C ALA V 46 -95.18 -24.72 -18.67
N LEU V 47 -94.71 -25.14 -19.84
CA LEU V 47 -94.75 -26.56 -20.19
C LEU V 47 -93.90 -27.38 -19.24
N PHE V 48 -92.71 -26.89 -18.90
CA PHE V 48 -91.85 -27.60 -17.97
C PHE V 48 -92.51 -27.74 -16.60
N CYS V 49 -93.12 -26.67 -16.11
CA CYS V 49 -93.81 -26.74 -14.83
C CYS V 49 -94.97 -27.71 -14.87
N GLY V 50 -95.73 -27.70 -15.97
CA GLY V 50 -96.84 -28.64 -16.09
C GLY V 50 -96.38 -30.09 -16.09
N LEU V 51 -95.32 -30.37 -16.84
CA LEU V 51 -94.78 -31.73 -16.88
C LEU V 51 -94.26 -32.15 -15.51
N VAL V 52 -93.58 -31.24 -14.82
CA VAL V 52 -93.09 -31.54 -13.48
C VAL V 52 -94.24 -31.85 -12.54
N LEU V 53 -95.29 -31.03 -12.59
CA LEU V 53 -96.44 -31.24 -11.71
C LEU V 53 -97.14 -32.56 -12.03
N TYR V 54 -97.30 -32.87 -13.32
CA TYR V 54 -98.01 -34.09 -13.70
C TYR V 54 -97.27 -35.34 -13.24
N THR V 55 -95.94 -35.34 -13.36
CA THR V 55 -95.12 -36.50 -13.02
C THR V 55 -94.75 -36.55 -11.55
N SER V 56 -95.19 -35.59 -10.74
CA SER V 56 -94.83 -35.56 -9.33
C SER V 56 -95.51 -36.70 -8.59
N GLY V 57 -94.81 -37.21 -7.57
CA GLY V 57 -95.35 -38.30 -6.79
C GLY V 57 -96.57 -37.88 -5.98
N THR V 58 -97.40 -38.88 -5.68
CA THR V 58 -98.64 -38.61 -4.95
C THR V 58 -98.36 -38.04 -3.57
N ALA V 59 -97.40 -38.62 -2.84
CA ALA V 59 -97.04 -38.09 -1.53
C ALA V 59 -96.48 -36.68 -1.65
N THR V 60 -95.69 -36.44 -2.69
CA THR V 60 -95.15 -35.10 -2.91
C THR V 60 -96.27 -34.09 -3.12
N LEU V 61 -97.27 -34.44 -3.93
CA LEU V 61 -98.39 -33.53 -4.15
C LEU V 61 -99.18 -33.32 -2.87
N LYS V 62 -99.41 -34.38 -2.10
CA LYS V 62 -100.15 -34.25 -0.84
C LYS V 62 -99.43 -33.30 0.10
N ARG V 63 -98.11 -33.43 0.22
CA ARG V 63 -97.36 -32.51 1.06
C ARG V 63 -97.42 -31.09 0.52
N GLN V 64 -97.25 -30.92 -0.79
CA GLN V 64 -97.19 -29.58 -1.37
C GLN V 64 -98.54 -28.88 -1.28
N TYR V 65 -99.62 -29.58 -1.65
CA TYR V 65 -100.95 -29.01 -1.74
C TYR V 65 -101.84 -29.46 -0.59
N GLY V 66 -101.25 -29.64 0.59
CA GLY V 66 -102.00 -29.98 1.77
C GLY V 66 -101.80 -28.96 2.88
N LEU V 67 -102.27 -29.26 4.08
CA LEU V 67 -102.08 -28.37 5.20
C LEU V 67 -100.60 -28.35 5.59
N PRO V 68 -100.14 -27.27 6.23
CA PRO V 68 -100.87 -26.05 6.59
C PRO V 68 -101.00 -25.05 5.45
N HIS V 69 -101.76 -23.99 5.67
CA HIS V 69 -101.90 -22.89 4.72
C HIS V 69 -101.12 -21.69 5.24
N PHE V 70 -100.27 -21.13 4.38
CA PHE V 70 -99.45 -20.00 4.80
C PHE V 70 -100.32 -18.78 5.12
N PHE V 71 -101.25 -18.45 4.22
CA PHE V 71 -102.13 -17.31 4.43
C PHE V 71 -103.42 -17.68 5.15
N ASP V 72 -103.98 -18.85 4.82
CA ASP V 72 -105.21 -19.32 5.45
C ASP V 72 -106.38 -18.38 5.19
N ILE V 73 -106.37 -17.73 4.01
CA ILE V 73 -107.46 -16.83 3.65
C ILE V 73 -108.74 -17.62 3.41
N GLY V 74 -108.63 -18.78 2.78
CA GLY V 74 -109.78 -19.59 2.43
C GLY V 74 -109.81 -19.89 0.95
N VAL V 75 -109.44 -18.91 0.13
CA VAL V 75 -109.27 -19.16 -1.30
C VAL V 75 -108.04 -20.04 -1.53
N ASP V 76 -106.99 -19.81 -0.75
CA ASP V 76 -105.77 -20.61 -0.89
C ASP V 76 -106.07 -22.09 -0.66
N GLY V 77 -106.76 -22.40 0.44
CA GLY V 77 -107.08 -23.79 0.72
C GLY V 77 -107.98 -24.40 -0.34
N GLN V 78 -108.97 -23.64 -0.81
CA GLN V 78 -109.86 -24.14 -1.84
C GLN V 78 -109.09 -24.48 -3.11
N ALA V 79 -108.21 -23.58 -3.54
CA ALA V 79 -107.43 -23.83 -4.74
C ALA V 79 -106.50 -25.02 -4.58
N LYS V 80 -105.83 -25.13 -3.43
CA LYS V 80 -104.92 -26.26 -3.22
C LYS V 80 -105.68 -27.58 -3.20
N GLU V 81 -106.83 -27.61 -2.52
CA GLU V 81 -107.63 -28.84 -2.51
C GLU V 81 -108.12 -29.19 -3.90
N THR V 82 -108.55 -28.20 -4.68
CA THR V 82 -109.02 -28.46 -6.03
C THR V 82 -107.91 -29.07 -6.89
N MET V 83 -106.73 -28.47 -6.85
CA MET V 83 -105.62 -28.98 -7.64
C MET V 83 -105.21 -30.38 -7.18
N LEU V 84 -105.17 -30.59 -5.86
CA LEU V 84 -104.79 -31.90 -5.33
C LEU V 84 -105.78 -32.97 -5.76
N LYS V 85 -107.08 -32.69 -5.66
CA LYS V 85 -108.08 -33.65 -6.09
C LYS V 85 -107.96 -33.93 -7.59
N THR V 86 -107.77 -32.88 -8.38
CA THR V 86 -107.67 -33.06 -9.83
C THR V 86 -106.47 -33.95 -10.18
N LEU V 87 -105.34 -33.74 -9.50
CA LEU V 87 -104.15 -34.53 -9.83
C LEU V 87 -104.25 -35.95 -9.32
N THR V 88 -104.79 -36.15 -8.12
CA THR V 88 -104.82 -37.46 -7.49
C THR V 88 -106.04 -38.29 -7.88
N SER V 89 -106.98 -37.73 -8.64
CA SER V 89 -108.15 -38.49 -9.05
C SER V 89 -107.77 -39.61 -10.02
N ARG V 90 -107.17 -39.25 -11.15
CA ARG V 90 -106.79 -40.22 -12.16
C ARG V 90 -105.42 -40.81 -11.86
N TRP V 91 -105.05 -41.84 -12.61
CA TRP V 91 -103.73 -42.42 -12.53
C TRP V 91 -102.75 -41.59 -13.35
N ARG V 92 -101.56 -41.39 -12.81
CA ARG V 92 -100.52 -40.61 -13.46
C ARG V 92 -99.23 -41.39 -13.48
N TYR V 93 -98.54 -41.38 -14.62
CA TYR V 93 -97.22 -41.98 -14.71
C TYR V 93 -96.21 -41.08 -14.01
N THR V 94 -95.62 -41.58 -12.92
CA THR V 94 -94.77 -40.79 -12.04
C THR V 94 -93.37 -41.41 -12.05
N PRO V 95 -92.58 -41.14 -13.07
CA PRO V 95 -91.20 -41.66 -13.11
C PRO V 95 -90.29 -40.88 -12.19
N GLN V 96 -89.14 -41.49 -11.92
CA GLN V 96 -88.09 -40.87 -11.11
C GLN V 96 -86.75 -41.04 -11.81
N GLY V 97 -85.80 -40.19 -11.45
CA GLY V 97 -84.45 -40.30 -11.96
C GLY V 97 -84.29 -39.82 -13.38
N TYR V 98 -83.53 -40.56 -14.18
CA TYR V 98 -83.30 -40.16 -15.57
C TYR V 98 -84.61 -40.02 -16.33
N GLY V 99 -85.59 -40.88 -16.02
CA GLY V 99 -86.83 -40.86 -16.78
C GLY V 99 -87.59 -39.56 -16.62
N ARG V 100 -87.71 -39.08 -15.38
CA ARG V 100 -88.37 -37.80 -15.15
C ARG V 100 -87.59 -36.68 -15.81
N VAL V 101 -86.25 -36.76 -15.78
CA VAL V 101 -85.43 -35.76 -16.45
C VAL V 101 -85.79 -35.68 -17.92
N LEU V 102 -85.83 -36.82 -18.60
CA LEU V 102 -86.14 -36.83 -20.02
C LEU V 102 -87.54 -36.30 -20.28
N ILE V 103 -88.53 -36.82 -19.55
CA ILE V 103 -89.92 -36.44 -19.81
C ILE V 103 -90.12 -34.95 -19.60
N THR V 104 -89.54 -34.40 -18.53
CA THR V 104 -89.73 -32.98 -18.24
C THR V 104 -88.89 -32.09 -19.15
N GLY V 105 -87.73 -32.54 -19.60
CA GLY V 105 -86.81 -31.67 -20.30
C GLY V 105 -86.88 -31.73 -21.81
N VAL V 106 -86.93 -32.93 -22.38
CA VAL V 106 -86.90 -33.06 -23.83
C VAL V 106 -88.04 -32.31 -24.49
N PRO V 107 -89.30 -32.44 -24.07
CA PRO V 107 -90.35 -31.61 -24.67
C PRO V 107 -90.08 -30.12 -24.54
N THR V 108 -89.59 -29.68 -23.38
CA THR V 108 -89.31 -28.26 -23.19
C THR V 108 -88.22 -27.78 -24.13
N TYR V 109 -87.13 -28.55 -24.22
CA TYR V 109 -86.03 -28.18 -25.12
C TYR V 109 -86.50 -28.14 -26.56
N ILE V 110 -87.28 -29.15 -26.98
CA ILE V 110 -87.75 -29.21 -28.35
C ILE V 110 -88.63 -28.01 -28.67
N LEU V 111 -89.57 -27.71 -27.76
CA LEU V 111 -90.47 -26.58 -28.00
C LEU V 111 -89.69 -25.27 -28.11
N PHE V 112 -88.81 -25.01 -27.14
CA PHE V 112 -88.06 -23.76 -27.14
C PHE V 112 -87.20 -23.63 -28.40
N VAL V 113 -86.48 -24.70 -28.74
CA VAL V 113 -85.59 -24.66 -29.90
C VAL V 113 -86.38 -24.46 -31.18
N THR V 114 -87.49 -25.18 -31.34
CA THR V 114 -88.28 -25.05 -32.55
C THR V 114 -88.83 -23.64 -32.71
N LEU V 115 -89.41 -23.10 -31.63
CA LEU V 115 -89.96 -21.74 -31.69
C LEU V 115 -88.87 -20.73 -32.02
N GLU V 116 -87.72 -20.85 -31.37
CA GLU V 116 -86.63 -19.90 -31.61
C GLU V 116 -86.12 -20.00 -33.04
N HIS V 117 -85.98 -21.22 -33.56
CA HIS V 117 -85.47 -21.40 -34.92
C HIS V 117 -86.42 -20.77 -35.93
N TYR V 118 -87.72 -21.01 -35.78
CA TYR V 118 -88.66 -20.46 -36.75
C TYR V 118 -88.81 -18.95 -36.60
N ARG V 119 -88.62 -18.42 -35.39
CA ARG V 119 -88.58 -16.97 -35.23
C ARG V 119 -87.34 -16.37 -35.88
N GLU V 120 -86.22 -17.10 -35.86
CA GLU V 120 -85.03 -16.64 -36.57
C GLU V 120 -85.30 -16.59 -38.08
N ARG V 121 -85.97 -17.62 -38.61
CA ARG V 121 -86.38 -17.59 -40.01
C ARG V 121 -87.30 -16.39 -40.28
N ARG V 122 -88.23 -16.13 -39.38
CA ARG V 122 -89.12 -14.99 -39.54
C ARG V 122 -88.35 -13.69 -39.59
N ARG V 123 -87.34 -13.54 -38.72
CA ARG V 123 -86.54 -12.32 -38.72
C ARG V 123 -85.75 -12.17 -40.00
N MET V 124 -85.21 -13.28 -40.51
CA MET V 124 -84.50 -13.22 -41.79
C MET V 124 -85.43 -12.75 -42.90
N GLN V 125 -86.66 -13.27 -42.94
CA GLN V 125 -87.62 -12.81 -43.94
C GLN V 125 -87.94 -11.33 -43.75
N GLN V 126 -88.12 -10.89 -42.51
CA GLN V 126 -88.41 -9.49 -42.24
C GLN V 126 -87.31 -8.59 -42.78
N TYR V 127 -86.06 -8.94 -42.50
CA TYR V 127 -84.96 -8.13 -43.00
C TYR V 127 -84.85 -8.20 -44.52
N LEU V 128 -85.23 -9.34 -45.11
CA LEU V 128 -85.26 -9.42 -46.57
C LEU V 128 -86.27 -8.44 -47.15
N GLN V 129 -87.40 -8.25 -46.49
CA GLN V 129 -88.46 -7.39 -47.01
C GLN V 129 -88.21 -5.91 -46.69
N GLN V 130 -87.18 -5.58 -45.94
CA GLN V 130 -86.92 -4.18 -45.59
C GLN V 130 -86.40 -3.41 -46.80
N ASN V 131 -86.76 -2.14 -46.87
CA ASN V 131 -86.30 -1.23 -47.91
C ASN V 131 -85.22 -0.28 -47.40
N THR V 132 -84.40 -0.75 -46.47
CA THR V 132 -83.32 0.02 -45.88
C THR V 132 -81.97 -0.59 -46.29
N VAL V 133 -80.90 0.07 -45.85
CA VAL V 133 -79.56 -0.43 -46.16
C VAL V 133 -79.32 -1.78 -45.50
N PHE V 134 -79.86 -1.99 -44.30
CA PHE V 134 -79.74 -3.30 -43.65
C PHE V 134 -80.40 -4.38 -44.49
N GLY V 135 -81.60 -4.09 -45.04
CA GLY V 135 -82.25 -5.06 -45.90
C GLY V 135 -81.45 -5.35 -47.16
N GLU V 136 -80.87 -4.31 -47.76
CA GLU V 136 -80.03 -4.50 -48.93
C GLU V 136 -78.82 -5.36 -48.59
N GLN V 137 -78.22 -5.14 -47.42
CA GLN V 137 -77.09 -5.96 -47.00
C GLN V 137 -77.52 -7.41 -46.82
N MET V 138 -78.70 -7.62 -46.24
CA MET V 138 -79.21 -8.98 -46.07
C MET V 138 -79.39 -9.67 -47.41
N ARG V 139 -79.99 -8.97 -48.37
CA ARG V 139 -80.20 -9.56 -49.70
C ARG V 139 -78.86 -9.86 -50.37
N ARG V 140 -77.90 -8.93 -50.29
CA ARG V 140 -76.59 -9.17 -50.87
C ARG V 140 -75.90 -10.34 -50.18
N LEU V 141 -76.07 -10.47 -48.87
CA LEU V 141 -75.46 -11.57 -48.14
C LEU V 141 -76.01 -12.91 -48.62
N LEU V 142 -77.33 -13.01 -48.77
CA LEU V 142 -77.93 -14.25 -49.24
C LEU V 142 -77.64 -14.51 -50.71
N SER V 143 -77.33 -13.47 -51.49
CA SER V 143 -77.02 -13.65 -52.90
C SER V 143 -75.57 -14.08 -53.10
N THR V 144 -74.63 -13.24 -52.67
CA THR V 144 -73.21 -13.50 -52.89
C THR V 144 -72.60 -14.37 -51.80
N GLY V 145 -73.25 -14.49 -50.64
CA GLY V 145 -72.72 -15.28 -49.56
C GLY V 145 -71.66 -14.60 -48.72
N LYS V 146 -71.35 -13.35 -48.99
CA LYS V 146 -70.34 -12.60 -48.26
C LYS V 146 -70.92 -11.28 -47.79
N ILE V 147 -70.48 -10.84 -46.61
CA ILE V 147 -70.91 -9.56 -46.06
C ILE V 147 -70.04 -8.47 -46.65
N GLU V 148 -70.68 -7.47 -47.26
CA GLU V 148 -69.98 -6.37 -47.91
C GLU V 148 -69.93 -5.19 -46.95
N GLU V 149 -68.81 -5.04 -46.24
CA GLU V 149 -68.66 -3.95 -45.30
C GLU V 149 -68.43 -2.64 -46.05
N TYR V 150 -68.78 -1.54 -45.39
CA TYR V 150 -68.76 -0.20 -45.97
C TYR V 150 -69.79 -0.05 -47.09
N LEU V 151 -70.77 -0.95 -47.14
CA LEU V 151 -71.85 -0.80 -48.10
C LEU V 151 -72.61 0.51 -47.94
N PRO V 152 -72.97 0.95 -46.72
CA PRO V 152 -73.75 2.19 -46.61
C PRO V 152 -73.08 3.39 -47.26
N VAL V 153 -71.76 3.46 -47.20
CA VAL V 153 -71.04 4.57 -47.82
C VAL V 153 -70.74 4.33 -49.29
N ASN V 154 -70.82 3.08 -49.75
CA ASN V 154 -70.65 2.79 -51.17
C ASN V 154 -71.88 3.24 -51.96
N ILE V 155 -73.05 2.69 -51.61
CA ILE V 155 -74.30 3.08 -52.27
C ILE V 155 -74.85 4.41 -51.78
N LYS V 156 -74.14 5.08 -50.87
CA LYS V 156 -74.55 6.39 -50.37
C LYS V 156 -75.93 6.33 -49.71
N ALA V 157 -76.00 5.56 -48.64
CA ALA V 157 -77.22 5.53 -47.84
C ALA V 157 -77.46 6.89 -47.20
N THR V 158 -78.72 7.17 -46.90
CA THR V 158 -79.10 8.51 -46.44
C THR V 158 -78.40 8.83 -45.13
N LEU V 159 -78.04 10.09 -44.97
CA LEU V 159 -77.41 10.64 -43.78
C LEU V 159 -78.16 11.89 -43.35
N PRO V 160 -77.96 12.34 -42.11
CA PRO V 160 -78.57 13.60 -41.69
C PRO V 160 -78.12 14.75 -42.57
N ALA V 161 -78.94 15.80 -42.61
CA ALA V 161 -78.66 16.92 -43.49
C ALA V 161 -77.32 17.56 -43.19
N SER V 162 -76.83 17.45 -41.95
CA SER V 162 -75.59 18.07 -41.53
C SER V 162 -74.37 17.18 -41.73
N GLN V 163 -74.54 16.00 -42.33
CA GLN V 163 -73.43 15.06 -42.49
C GLN V 163 -73.31 14.54 -43.92
N GLN V 164 -73.85 15.26 -44.89
CA GLN V 164 -73.80 14.84 -46.29
C GLN V 164 -72.55 15.33 -47.02
N ALA V 165 -71.65 16.02 -46.32
CA ALA V 165 -70.46 16.54 -46.98
C ALA V 165 -69.56 15.41 -47.50
N ILE V 166 -69.51 14.29 -46.79
CA ILE V 166 -68.63 13.20 -47.21
C ILE V 166 -69.08 12.63 -48.55
N TYR V 167 -70.39 12.60 -48.80
CA TYR V 167 -70.90 12.13 -50.09
C TYR V 167 -70.67 13.14 -51.20
N ASN V 168 -70.20 14.34 -50.89
CA ASN V 168 -70.09 15.41 -51.88
C ASN V 168 -68.89 15.13 -52.78
N TYR V 169 -69.10 14.19 -53.71
CA TYR V 169 -68.09 13.86 -54.70
C TYR V 169 -68.73 13.21 -55.93
N GLY W 20 -75.63 -24.57 12.32
CA GLY W 20 -75.06 -25.08 13.54
C GLY W 20 -75.54 -26.47 13.88
N GLU W 21 -76.76 -26.56 14.39
CA GLU W 21 -77.38 -27.83 14.77
C GLU W 21 -78.40 -28.25 13.72
N LEU W 22 -78.78 -29.52 13.80
CA LEU W 22 -79.72 -30.08 12.83
C LEU W 22 -81.09 -29.44 12.98
N PHE W 23 -81.76 -29.23 11.85
CA PHE W 23 -83.06 -28.59 11.80
C PHE W 23 -84.13 -29.63 11.54
N VAL W 24 -85.16 -29.64 12.38
CA VAL W 24 -86.28 -30.55 12.27
C VAL W 24 -87.53 -29.73 11.97
N ARG W 25 -88.23 -30.07 10.89
CA ARG W 25 -89.40 -29.32 10.50
C ARG W 25 -90.50 -29.50 11.54
N PRO W 26 -91.28 -28.46 11.82
CA PRO W 26 -92.34 -28.58 12.81
C PRO W 26 -93.45 -29.51 12.34
N LYS W 27 -94.10 -30.16 13.30
CA LYS W 27 -95.25 -30.99 12.99
C LYS W 27 -96.46 -30.12 12.66
N LEU W 28 -97.47 -30.74 12.06
CA LEU W 28 -98.67 -30.00 11.68
C LEU W 28 -99.36 -29.40 12.88
N GLU W 29 -99.25 -30.04 14.05
CA GLU W 29 -99.89 -29.53 15.26
C GLU W 29 -99.08 -28.45 15.96
N GLU W 30 -97.79 -28.34 15.65
CA GLU W 30 -96.92 -27.37 16.30
C GLU W 30 -96.92 -26.01 15.62
N ILE W 31 -97.64 -25.87 14.51
CA ILE W 31 -97.65 -24.62 13.74
C ILE W 31 -98.80 -23.76 14.26
N PRO W 32 -98.53 -22.55 14.75
CA PRO W 32 -99.60 -21.71 15.28
C PRO W 32 -100.60 -21.32 14.20
N PRO W 33 -101.80 -20.90 14.58
CA PRO W 33 -102.79 -20.48 13.59
C PRO W 33 -102.40 -19.16 12.94
N ALA W 34 -102.94 -18.94 11.74
CA ALA W 34 -102.63 -17.73 10.99
C ALA W 34 -103.16 -16.48 11.68
N ASP W 35 -104.27 -16.60 12.39
CA ASP W 35 -104.88 -15.43 13.03
C ASP W 35 -103.97 -14.83 14.11
N GLN W 36 -103.06 -15.62 14.67
CA GLN W 36 -102.19 -15.14 15.72
C GLN W 36 -101.07 -14.25 15.20
N CYS W 37 -100.77 -14.32 13.91
CA CYS W 37 -99.68 -13.53 13.35
C CYS W 37 -100.03 -12.05 13.32
N ARG W 38 -99.02 -11.22 13.46
CA ARG W 38 -99.17 -9.76 13.51
C ARG W 38 -98.53 -9.13 12.27
N GLY W 39 -99.16 -8.05 11.80
CA GLY W 39 -98.65 -7.28 10.69
C GLY W 39 -97.86 -6.07 11.14
N PHE W 40 -97.78 -5.07 10.24
CA PHE W 40 -97.07 -3.85 10.57
C PHE W 40 -97.73 -3.13 11.74
N PHE W 41 -99.05 -2.99 11.71
CA PHE W 41 -99.80 -2.29 12.74
C PHE W 41 -100.46 -3.24 13.72
N GLY W 42 -101.17 -4.25 13.23
CA GLY W 42 -101.83 -5.21 14.07
C GLY W 42 -102.26 -6.44 13.29
N PRO W 43 -102.82 -7.42 13.99
CA PRO W 43 -103.26 -8.65 13.31
C PRO W 43 -104.27 -8.35 12.22
N LEU W 44 -104.12 -9.04 11.09
CA LEU W 44 -105.04 -8.91 9.97
C LEU W 44 -106.05 -10.06 10.01
N ASN W 45 -106.91 -10.00 11.01
CA ASN W 45 -107.90 -11.04 11.25
C ASN W 45 -109.08 -10.84 10.30
N ASP W 46 -110.18 -11.55 10.58
CA ASP W 46 -111.36 -11.51 9.73
C ASP W 46 -111.71 -10.08 9.34
N SER W 47 -112.20 -9.90 8.12
CA SER W 47 -112.49 -8.63 7.47
C SER W 47 -111.21 -7.96 6.99
N LEU W 48 -110.04 -8.53 7.28
CA LEU W 48 -108.78 -8.00 6.81
C LEU W 48 -107.85 -9.10 6.32
N LYS W 49 -108.38 -10.31 6.09
CA LYS W 49 -107.52 -11.43 5.69
C LYS W 49 -106.83 -11.14 4.37
N PHE W 50 -107.56 -10.58 3.40
CA PHE W 50 -106.99 -10.34 2.08
C PHE W 50 -105.86 -9.32 2.10
N LEU W 51 -105.72 -8.55 3.18
CA LEU W 51 -104.58 -7.67 3.33
C LEU W 51 -103.31 -8.42 3.72
N ARG W 52 -103.42 -9.69 4.12
CA ARG W 52 -102.24 -10.48 4.43
C ARG W 52 -101.33 -10.61 3.23
N LEU W 53 -101.90 -10.66 2.02
CA LEU W 53 -101.09 -10.79 0.82
C LEU W 53 -100.19 -9.58 0.60
N LEU W 54 -100.64 -8.39 1.00
CA LEU W 54 -99.92 -7.16 0.73
C LEU W 54 -98.95 -6.77 1.84
N ASP W 55 -99.19 -7.23 3.08
CA ASP W 55 -98.35 -6.85 4.21
C ASP W 55 -97.12 -7.74 4.23
N ILE W 56 -95.95 -7.15 3.95
CA ILE W 56 -94.72 -7.93 3.92
C ILE W 56 -94.32 -8.37 5.32
N LYS W 57 -94.49 -7.50 6.31
CA LYS W 57 -94.10 -7.84 7.68
C LYS W 57 -94.95 -8.99 8.21
N TRP W 58 -96.24 -9.00 7.87
CA TRP W 58 -97.09 -10.10 8.29
C TRP W 58 -96.61 -11.42 7.70
N MET W 59 -96.21 -11.40 6.42
CA MET W 59 -95.70 -12.60 5.79
C MET W 59 -94.38 -13.04 6.44
N MET W 60 -93.53 -12.10 6.80
CA MET W 60 -92.28 -12.44 7.47
C MET W 60 -92.57 -13.09 8.83
N ASN W 61 -93.48 -12.51 9.61
CA ASN W 61 -93.82 -13.08 10.90
C ASN W 61 -94.44 -14.45 10.75
N ARG W 62 -95.30 -14.63 9.74
CA ARG W 62 -95.90 -15.94 9.49
C ARG W 62 -94.84 -16.97 9.12
N ALA W 63 -93.88 -16.58 8.28
CA ALA W 63 -92.82 -17.50 7.89
C ALA W 63 -91.98 -17.90 9.11
N VAL W 64 -91.66 -16.94 9.96
CA VAL W 64 -90.92 -17.25 11.19
C VAL W 64 -91.74 -18.19 12.07
N ALA W 65 -93.04 -17.95 12.16
CA ALA W 65 -93.89 -18.79 13.01
C ALA W 65 -93.94 -20.22 12.50
N MET W 66 -93.99 -20.39 11.18
CA MET W 66 -94.04 -21.72 10.58
C MET W 66 -92.67 -22.35 10.40
N ARG W 67 -91.62 -21.71 10.92
CA ARG W 67 -90.25 -22.19 10.80
C ARG W 67 -89.76 -22.19 9.36
N ARG W 68 -90.46 -21.49 8.47
CA ARG W 68 -90.04 -21.34 7.08
C ARG W 68 -89.21 -20.07 6.90
N GLU W 69 -88.17 -19.92 7.71
CA GLU W 69 -87.34 -18.73 7.67
C GLU W 69 -86.56 -18.62 6.38
N TYR W 70 -86.36 -19.72 5.66
CA TYR W 70 -85.59 -19.67 4.43
C TYR W 70 -86.23 -18.72 3.42
N LEU W 71 -87.56 -18.58 3.44
CA LEU W 71 -88.23 -17.68 2.51
C LEU W 71 -87.72 -16.25 2.66
N ILE W 72 -87.21 -15.90 3.84
CA ILE W 72 -86.63 -14.58 4.06
C ILE W 72 -85.15 -14.57 3.70
N ALA W 73 -84.45 -15.66 3.99
CA ALA W 73 -82.99 -15.69 3.86
C ALA W 73 -82.54 -16.08 2.46
N THR W 74 -83.19 -17.07 1.85
CA THR W 74 -82.75 -17.53 0.53
C THR W 74 -82.81 -16.43 -0.52
N PRO W 75 -83.90 -15.68 -0.67
CA PRO W 75 -83.93 -14.64 -1.70
C PRO W 75 -82.86 -13.58 -1.51
N THR W 76 -82.53 -13.24 -0.26
CA THR W 76 -81.52 -12.22 -0.01
C THR W 76 -80.16 -12.68 -0.49
N LEU W 77 -79.65 -13.77 0.09
CA LEU W 77 -78.31 -14.24 -0.25
C LEU W 77 -78.15 -14.41 -1.76
N PHE W 78 -79.08 -15.15 -2.38
CA PHE W 78 -79.00 -15.36 -3.82
C PHE W 78 -78.90 -14.03 -4.55
N THR W 79 -79.77 -13.08 -4.19
CA THR W 79 -79.72 -11.77 -4.81
C THR W 79 -78.32 -11.19 -4.72
N PHE W 80 -77.75 -11.18 -3.52
CA PHE W 80 -76.37 -10.69 -3.35
C PHE W 80 -75.43 -11.40 -4.31
N ILE W 81 -75.50 -12.73 -4.34
CA ILE W 81 -74.65 -13.49 -5.24
C ILE W 81 -74.87 -13.03 -6.67
N TRP W 82 -76.14 -12.91 -7.07
CA TRP W 82 -76.44 -12.48 -8.42
C TRP W 82 -75.83 -11.11 -8.71
N MET W 83 -75.81 -10.23 -7.71
CA MET W 83 -75.18 -8.93 -7.89
C MET W 83 -73.66 -9.06 -7.86
N PHE W 84 -73.13 -9.88 -6.95
CA PHE W 84 -71.69 -10.01 -6.82
C PHE W 84 -71.06 -10.72 -8.01
N THR W 85 -71.84 -11.51 -8.75
CA THR W 85 -71.31 -12.34 -9.81
C THR W 85 -71.60 -11.80 -11.20
N TRP W 86 -72.86 -11.47 -11.49
CA TRP W 86 -73.28 -11.32 -12.88
C TRP W 86 -73.78 -9.92 -13.17
N LYS W 87 -74.73 -9.40 -12.40
CA LYS W 87 -75.25 -8.05 -12.66
C LYS W 87 -74.27 -6.94 -12.32
N GLY W 88 -73.43 -7.10 -11.31
CA GLY W 88 -72.51 -6.02 -10.98
C GLY W 88 -71.66 -5.60 -12.17
N ALA W 89 -71.03 -6.58 -12.82
CA ALA W 89 -70.19 -6.28 -13.97
C ALA W 89 -71.03 -5.81 -15.15
N VAL W 90 -72.23 -6.36 -15.32
CA VAL W 90 -73.08 -5.97 -16.44
C VAL W 90 -73.44 -4.49 -16.32
N ILE W 91 -73.81 -4.05 -15.12
CA ILE W 91 -74.11 -2.63 -14.91
C ILE W 91 -72.87 -1.79 -15.12
N TYR W 92 -71.71 -2.25 -14.63
CA TYR W 92 -70.50 -1.46 -14.75
C TYR W 92 -70.09 -1.28 -16.21
N PHE W 93 -70.16 -2.33 -17.01
CA PHE W 93 -69.62 -2.30 -18.37
C PHE W 93 -70.64 -1.90 -19.43
N TRP W 94 -71.92 -2.24 -19.23
CA TRP W 94 -72.94 -2.02 -20.25
C TRP W 94 -74.13 -1.22 -19.77
N GLY W 95 -74.10 -0.70 -18.55
CA GLY W 95 -75.23 0.05 -18.05
C GLY W 95 -75.35 1.41 -18.69
N ASP W 96 -76.55 1.96 -18.62
CA ASP W 96 -76.83 3.29 -19.16
C ASP W 96 -76.60 4.33 -18.08
N ARG W 97 -75.63 5.21 -18.30
CA ARG W 97 -75.38 6.29 -17.37
C ARG W 97 -76.47 7.35 -17.46
N ALA W 98 -76.39 8.33 -16.58
CA ALA W 98 -77.40 9.38 -16.55
C ALA W 98 -77.37 10.16 -17.86
N PRO W 99 -78.52 10.58 -18.38
CA PRO W 99 -78.53 11.29 -19.65
C PRO W 99 -77.96 12.69 -19.52
N PRO W 100 -77.44 13.26 -20.59
CA PRO W 100 -76.92 14.63 -20.53
C PRO W 100 -78.04 15.67 -20.58
N ARG W 101 -77.68 16.88 -20.19
CA ARG W 101 -78.64 17.99 -20.25
C ARG W 101 -79.09 18.24 -21.68
N ARG W 102 -78.15 18.59 -22.55
CA ARG W 102 -78.44 18.76 -23.98
C ARG W 102 -78.37 17.39 -24.64
N MET W 103 -79.52 16.89 -25.08
CA MET W 103 -79.66 15.52 -25.52
C MET W 103 -79.56 15.42 -27.05
N ASP W 104 -78.85 14.40 -27.52
CA ASP W 104 -78.63 14.18 -28.95
C ASP W 104 -79.66 13.15 -29.44
N TRP W 105 -80.87 13.64 -29.67
CA TRP W 105 -81.92 12.78 -30.19
C TRP W 105 -81.66 12.41 -31.64
N ASN W 106 -82.30 11.34 -32.09
CA ASN W 106 -82.14 10.84 -33.44
C ASN W 106 -83.13 11.52 -34.37
N THR W 107 -82.62 12.10 -35.46
CA THR W 107 -83.47 12.78 -36.43
C THR W 107 -84.23 11.81 -37.33
N GLU W 108 -83.90 10.53 -37.29
CA GLU W 108 -84.60 9.51 -38.08
C GLU W 108 -84.47 9.79 -39.57
N GLU W 109 -83.28 10.22 -40.00
CA GLU W 109 -82.98 10.44 -41.41
C GLU W 109 -82.02 9.41 -41.99
N THR W 110 -81.27 8.70 -41.15
CA THR W 110 -80.24 7.80 -41.61
C THR W 110 -80.79 6.42 -41.91
N GLY W 111 -80.19 5.76 -42.90
CA GLY W 111 -80.50 4.38 -43.19
C GLY W 111 -81.23 4.15 -44.51
N ARG W 112 -82.13 5.05 -44.85
CA ARG W 112 -82.94 4.86 -46.05
C ARG W 112 -82.08 4.89 -47.30
N LEU W 113 -82.45 4.05 -48.27
CA LEU W 113 -81.72 4.01 -49.52
C LEU W 113 -81.95 5.30 -50.32
N PRO W 114 -80.97 5.69 -51.13
CA PRO W 114 -81.11 6.94 -51.89
C PRO W 114 -82.04 6.78 -53.08
N LEU W 115 -82.50 7.92 -53.59
CA LEU W 115 -83.36 7.93 -54.77
C LEU W 115 -82.59 7.42 -55.98
N GLY W 116 -83.28 6.64 -56.81
CA GLY W 116 -82.69 6.09 -58.01
C GLY W 116 -81.90 4.81 -57.79
N PHE W 117 -81.83 4.31 -56.57
CA PHE W 117 -81.10 3.08 -56.28
C PHE W 117 -81.95 1.87 -56.64
N LYS W 118 -81.32 0.88 -57.27
CA LYS W 118 -82.01 -0.34 -57.69
C LYS W 118 -81.63 -1.49 -56.76
N PRO W 119 -82.42 -1.76 -55.72
CA PRO W 119 -82.06 -2.84 -54.80
C PRO W 119 -82.09 -4.19 -55.48
N THR W 120 -81.24 -5.09 -55.00
CA THR W 120 -81.17 -6.42 -55.57
C THR W 120 -82.45 -7.19 -55.25
N PRO W 121 -82.84 -8.12 -56.12
CA PRO W 121 -84.06 -8.89 -55.86
C PRO W 121 -83.91 -9.82 -54.66
N ALA W 122 -85.03 -10.08 -54.00
CA ALA W 122 -85.03 -11.00 -52.88
C ALA W 122 -84.94 -12.44 -53.39
N PRO W 123 -84.54 -13.38 -52.52
CA PRO W 123 -84.43 -14.77 -52.95
C PRO W 123 -85.76 -15.32 -53.44
N LEU W 124 -85.67 -16.20 -54.44
CA LEU W 124 -86.86 -16.82 -55.01
C LEU W 124 -86.51 -18.17 -55.63
N LYS X 4 14.22 -36.91 -4.95
CA LYS X 4 13.56 -35.65 -5.28
C LYS X 4 12.34 -35.91 -6.15
N ALA X 5 11.19 -36.04 -5.50
CA ALA X 5 9.96 -36.38 -6.20
C ALA X 5 9.45 -35.16 -6.98
N ALA X 6 8.47 -35.42 -7.85
CA ALA X 6 7.87 -34.35 -8.62
C ALA X 6 7.10 -33.41 -7.69
N PRO X 7 7.03 -32.12 -8.02
CA PRO X 7 6.38 -31.16 -7.12
C PRO X 7 4.87 -31.40 -7.07
N LYS X 8 4.34 -31.47 -5.85
CA LYS X 8 2.90 -31.58 -5.65
C LYS X 8 2.18 -30.25 -5.75
N THR X 9 2.92 -29.14 -5.69
CA THR X 9 2.33 -27.81 -5.80
C THR X 9 3.21 -26.95 -6.69
N LEU X 10 2.59 -25.94 -7.30
CA LEU X 10 3.25 -25.03 -8.23
C LEU X 10 3.23 -23.60 -7.70
N HIS X 11 3.51 -23.45 -6.40
CA HIS X 11 3.34 -22.15 -5.76
C HIS X 11 4.25 -21.10 -6.35
N GLN X 12 5.51 -21.44 -6.62
CA GLN X 12 6.48 -20.43 -7.04
C GLN X 12 6.18 -19.93 -8.45
N VAL X 13 5.83 -20.84 -9.36
CA VAL X 13 5.42 -20.42 -10.70
C VAL X 13 4.21 -19.51 -10.62
N ARG X 14 3.24 -19.84 -9.76
CA ARG X 14 2.06 -19.01 -9.60
C ARG X 14 2.42 -17.63 -9.07
N ASN X 15 3.35 -17.57 -8.12
CA ASN X 15 3.77 -16.27 -7.59
C ASN X 15 4.40 -15.42 -8.68
N VAL X 16 5.28 -16.00 -9.49
CA VAL X 16 5.91 -15.25 -10.56
C VAL X 16 4.86 -14.78 -11.56
N ALA X 17 3.88 -15.63 -11.85
CA ALA X 17 2.80 -15.24 -12.75
C ALA X 17 1.98 -14.09 -12.18
N TYR X 18 1.73 -14.12 -10.87
CA TYR X 18 1.02 -13.01 -10.24
C TYR X 18 1.78 -11.71 -10.42
N PHE X 19 3.09 -11.73 -10.17
CA PHE X 19 3.89 -10.54 -10.37
C PHE X 19 3.83 -10.06 -11.81
N PHE X 20 3.94 -10.98 -12.77
CA PHE X 20 3.95 -10.59 -14.17
C PHE X 20 2.60 -10.01 -14.58
N ALA X 21 1.50 -10.56 -14.07
CA ALA X 21 0.18 -10.03 -14.40
C ALA X 21 0.03 -8.60 -13.88
N ALA X 22 0.43 -8.36 -12.63
CA ALA X 22 0.36 -7.01 -12.09
C ALA X 22 1.24 -6.06 -12.88
N TRP X 23 2.44 -6.51 -13.25
CA TRP X 23 3.34 -5.67 -14.01
C TRP X 23 2.75 -5.31 -15.37
N LEU X 24 2.16 -6.28 -16.06
CA LEU X 24 1.57 -6.01 -17.36
C LEU X 24 0.40 -5.03 -17.25
N GLY X 25 -0.42 -5.19 -16.20
CA GLY X 25 -1.47 -4.21 -15.97
C GLY X 25 -0.91 -2.83 -15.75
N VAL X 26 0.16 -2.72 -14.97
CA VAL X 26 0.81 -1.43 -14.74
C VAL X 26 1.26 -0.83 -16.06
N GLN X 27 1.81 -1.65 -16.95
CA GLN X 27 2.26 -1.13 -18.24
C GLN X 27 1.09 -0.64 -19.07
N LYS X 28 -0.02 -1.37 -19.07
CA LYS X 28 -1.21 -0.91 -19.79
C LYS X 28 -1.65 0.46 -19.28
N GLY X 29 -1.75 0.60 -17.96
CA GLY X 29 -2.16 1.88 -17.40
C GLY X 29 -1.18 2.99 -17.71
N TYR X 30 0.12 2.70 -17.62
CA TYR X 30 1.13 3.72 -17.90
C TYR X 30 1.05 4.18 -19.35
N ILE X 31 0.89 3.25 -20.28
CA ILE X 31 0.76 3.62 -21.69
C ILE X 31 -0.46 4.50 -21.89
N GLU X 32 -1.58 4.13 -21.28
CA GLU X 32 -2.80 4.92 -21.39
C GLU X 32 -2.58 6.34 -20.88
N LYS X 33 -1.98 6.46 -19.69
CA LYS X 33 -1.76 7.79 -19.11
C LYS X 33 -0.81 8.62 -19.95
N SER X 34 0.26 8.00 -20.45
CA SER X 34 1.22 8.74 -21.27
C SER X 34 0.57 9.26 -22.54
N ALA X 35 -0.24 8.42 -23.19
CA ALA X 35 -0.95 8.87 -24.39
C ALA X 35 -1.87 10.05 -24.07
N ASN X 36 -2.60 9.96 -22.96
CA ASN X 36 -3.48 11.06 -22.59
C ASN X 36 -2.69 12.34 -22.33
N ASP X 37 -1.55 12.23 -21.66
CA ASP X 37 -0.72 13.40 -21.39
C ASP X 37 -0.23 14.03 -22.68
N ARG X 38 0.21 13.22 -23.64
CA ARG X 38 0.65 13.77 -24.92
C ARG X 38 -0.50 14.48 -25.63
N LEU X 39 -1.69 13.89 -25.61
CA LEU X 39 -2.85 14.54 -26.22
C LEU X 39 -3.11 15.90 -25.60
N TRP X 40 -3.07 15.97 -24.27
CA TRP X 40 -3.35 17.25 -23.60
C TRP X 40 -2.26 18.28 -23.85
N VAL X 41 -1.00 17.83 -23.95
CA VAL X 41 0.08 18.76 -24.28
C VAL X 41 -0.17 19.37 -25.65
N GLU X 42 -0.52 18.54 -26.63
CA GLU X 42 -0.82 19.05 -27.96
C GLU X 42 -2.00 20.01 -27.93
N HIS X 43 -3.03 19.67 -27.14
CA HIS X 43 -4.20 20.55 -27.05
C HIS X 43 -3.83 21.91 -26.49
N GLN X 44 -3.03 21.93 -25.43
CA GLN X 44 -2.62 23.21 -24.84
C GLN X 44 -1.78 24.02 -25.83
N ARG X 45 -0.92 23.35 -26.58
CA ARG X 45 -0.14 24.04 -27.59
C ARG X 45 -1.04 24.67 -28.65
N LYS X 46 -2.06 23.93 -29.09
CA LYS X 46 -3.01 24.48 -30.06
C LYS X 46 -3.75 25.67 -29.47
N VAL X 47 -4.16 25.58 -28.21
CA VAL X 47 -4.85 26.69 -27.57
C VAL X 47 -3.98 27.93 -27.54
N ARG X 48 -2.72 27.78 -27.17
CA ARG X 48 -1.81 28.93 -27.15
C ARG X 48 -1.63 29.51 -28.55
N GLN X 49 -1.52 28.65 -29.56
CA GLN X 49 -1.39 29.14 -30.93
C GLN X 49 -2.62 29.93 -31.35
N GLN X 50 -3.80 29.42 -31.01
CA GLN X 50 -5.03 30.14 -31.34
C GLN X 50 -5.09 31.48 -30.62
N ASN X 51 -4.65 31.53 -29.36
CA ASN X 51 -4.62 32.78 -28.64
C ASN X 51 -3.67 33.77 -29.30
N VAL X 52 -2.51 33.29 -29.75
CA VAL X 52 -1.57 34.16 -30.45
C VAL X 52 -2.18 34.71 -31.73
N GLU X 53 -2.86 33.85 -32.50
CA GLU X 53 -3.48 34.31 -33.73
C GLU X 53 -4.57 35.34 -33.44
N ARG X 54 -5.38 35.11 -32.40
CA ARG X 54 -6.40 36.07 -32.03
C ARG X 54 -5.79 37.41 -31.64
N GLN X 55 -4.71 37.38 -30.86
CA GLN X 55 -4.04 38.63 -30.48
C GLN X 55 -3.49 39.34 -31.70
N GLN X 56 -2.91 38.60 -32.64
CA GLN X 56 -2.38 39.21 -33.85
C GLN X 56 -3.50 39.84 -34.67
N ALA X 57 -4.65 39.17 -34.78
CA ALA X 57 -5.77 39.75 -35.50
C ALA X 57 -6.26 41.02 -34.83
N LEU X 58 -6.37 41.01 -33.50
CA LEU X 58 -6.78 42.20 -32.77
C LEU X 58 -5.79 43.34 -33.01
N ASP X 59 -4.49 43.03 -32.97
CA ASP X 59 -3.48 44.06 -33.21
C ASP X 59 -3.57 44.59 -34.64
N SER X 60 -3.87 43.72 -35.60
CA SER X 60 -4.02 44.17 -36.99
C SER X 60 -5.19 45.12 -37.13
N ILE X 61 -6.33 44.79 -36.50
CA ILE X 61 -7.48 45.67 -36.56
C ILE X 61 -7.18 47.00 -35.89
N LYS X 62 -6.50 46.96 -34.75
CA LYS X 62 -6.11 48.20 -34.09
C LYS X 62 -5.14 49.01 -34.95
N LEU X 63 -4.25 48.33 -35.67
CA LEU X 63 -3.34 49.01 -36.59
C LEU X 63 -4.12 49.71 -37.70
N MET X 64 -5.12 49.04 -38.26
CA MET X 64 -5.93 49.66 -39.30
C MET X 64 -6.70 50.87 -38.74
N GLN X 65 -7.21 50.74 -37.51
CA GLN X 65 -7.86 51.89 -36.88
C GLN X 65 -6.88 53.04 -36.68
N GLN X 66 -5.63 52.72 -36.36
CA GLN X 66 -4.60 53.75 -36.23
C GLN X 66 -4.43 54.50 -37.56
N GLY X 67 -4.47 53.77 -38.67
CA GLY X 67 -4.49 54.39 -39.98
C GLY X 67 -3.26 55.18 -40.34
N VAL X 68 -2.08 54.61 -40.10
CA VAL X 68 -0.83 55.25 -40.52
C VAL X 68 -0.52 54.87 -41.96
N LEU Y 16 -12.13 2.63 32.16
CA LEU Y 16 -10.83 3.03 31.65
C LEU Y 16 -9.72 2.18 32.26
N CYS Y 17 -9.95 1.73 33.49
CA CYS Y 17 -9.11 0.73 34.13
C CYS Y 17 -9.82 -0.60 34.31
N ASN Y 18 -11.11 -0.58 34.64
CA ASN Y 18 -11.89 -1.81 34.70
C ASN Y 18 -11.95 -2.49 33.34
N ALA Y 19 -12.15 -1.71 32.27
CA ALA Y 19 -12.17 -2.27 30.94
C ALA Y 19 -10.83 -2.90 30.57
N ALA Y 20 -9.74 -2.22 30.90
CA ALA Y 20 -8.42 -2.77 30.63
C ALA Y 20 -8.20 -4.07 31.38
N SER Y 21 -8.59 -4.10 32.66
CA SER Y 21 -8.43 -5.33 33.44
C SER Y 21 -9.28 -6.45 32.85
N LYS Y 22 -10.50 -6.14 32.43
CA LYS Y 22 -11.37 -7.16 31.84
C LYS Y 22 -10.77 -7.72 30.55
N VAL Y 23 -10.25 -6.84 29.70
CA VAL Y 23 -9.64 -7.30 28.44
C VAL Y 23 -8.43 -8.18 28.74
N GLN Y 24 -7.58 -7.75 29.68
CA GLN Y 24 -6.42 -8.55 30.03
C GLN Y 24 -6.82 -9.91 30.57
N ALA Y 25 -7.84 -9.95 31.43
CA ALA Y 25 -8.29 -11.22 31.99
C ALA Y 25 -8.83 -12.14 30.89
N ARG Y 26 -9.62 -11.60 29.98
CA ARG Y 26 -10.16 -12.41 28.90
C ARG Y 26 -9.04 -13.01 28.05
N SER Y 27 -8.08 -12.17 27.66
CA SER Y 27 -6.98 -12.67 26.84
C SER Y 27 -6.14 -13.68 27.60
N ALA Y 28 -5.96 -13.48 28.91
CA ALA Y 28 -5.23 -14.46 29.70
C ALA Y 28 -5.96 -15.79 29.74
N LYS Y 29 -7.28 -15.77 29.90
CA LYS Y 29 -8.05 -17.00 29.89
C LYS Y 29 -7.90 -17.72 28.56
N LYS Y 30 -8.02 -16.99 27.46
CA LYS Y 30 -7.89 -17.61 26.14
C LYS Y 30 -6.49 -18.18 25.94
N LEU Y 31 -5.47 -17.46 26.42
CA LEU Y 31 -4.10 -17.96 26.30
C LEU Y 31 -3.92 -19.25 27.08
N ALA Y 32 -4.49 -19.31 28.29
CA ALA Y 32 -4.41 -20.54 29.08
C ALA Y 32 -5.20 -21.67 28.44
N ALA Y 33 -6.27 -21.34 27.70
CA ALA Y 33 -7.16 -22.37 27.17
C ALA Y 33 -6.47 -23.24 26.13
N LEU Y 34 -5.67 -22.63 25.24
CA LEU Y 34 -5.10 -23.38 24.13
C LEU Y 34 -4.25 -24.54 24.65
N THR Y 35 -4.39 -25.68 23.97
CA THR Y 35 -3.77 -26.93 24.40
C THR Y 35 -2.66 -27.36 23.44
N ASP Y 36 -1.89 -26.41 22.94
CA ASP Y 36 -0.76 -26.68 22.06
C ASP Y 36 0.51 -26.72 22.90
N ALA Y 37 1.19 -27.86 22.89
CA ALA Y 37 2.36 -28.03 23.73
C ALA Y 37 3.47 -27.05 23.34
N GLY Y 38 3.73 -26.90 22.05
CA GLY Y 38 4.79 -26.00 21.61
C GLY Y 38 4.52 -24.56 21.98
N ILE Y 39 3.30 -24.10 21.75
CA ILE Y 39 2.96 -22.71 22.04
C ILE Y 39 3.09 -22.44 23.53
N GLN Y 40 2.57 -23.34 24.37
CA GLN Y 40 2.67 -23.15 25.81
C GLN Y 40 4.12 -23.18 26.27
N LYS Y 41 4.93 -24.09 25.70
CA LYS Y 41 6.33 -24.16 26.07
C LYS Y 41 7.06 -22.87 25.72
N THR Y 42 6.83 -22.35 24.52
CA THR Y 42 7.47 -21.10 24.13
C THR Y 42 7.02 -19.95 25.02
N ILE Y 43 5.73 -19.88 25.32
CA ILE Y 43 5.22 -18.81 26.17
C ILE Y 43 5.89 -18.88 27.55
N SER Y 44 5.97 -20.08 28.12
CA SER Y 44 6.59 -20.22 29.43
C SER Y 44 8.06 -19.83 29.40
N GLU Y 45 8.79 -20.26 28.38
CA GLU Y 45 10.20 -19.92 28.29
C GLU Y 45 10.41 -18.42 28.17
N HIS Y 46 9.61 -17.76 27.34
CA HIS Y 46 9.78 -16.32 27.15
C HIS Y 46 9.34 -15.55 28.38
N ASN Y 47 8.30 -16.01 29.07
CA ASN Y 47 7.90 -15.38 30.32
C ASN Y 47 9.00 -15.50 31.36
N ALA Y 48 9.64 -16.67 31.44
CA ALA Y 48 10.76 -16.84 32.36
C ALA Y 48 11.91 -15.91 32.01
N ASN Y 49 12.25 -15.81 30.72
CA ASN Y 49 13.35 -14.97 30.28
C ASN Y 49 12.95 -13.51 30.14
N GLY Y 50 11.66 -13.20 30.12
CA GLY Y 50 11.22 -11.82 29.98
C GLY Y 50 11.26 -11.28 28.57
N THR Y 51 11.37 -12.15 27.56
CA THR Y 51 11.42 -11.74 26.17
C THR Y 51 10.04 -11.87 25.53
N ASP Y 52 9.95 -11.47 24.27
CA ASP Y 52 8.70 -11.48 23.52
C ASP Y 52 8.68 -12.67 22.57
N ALA Y 53 7.65 -13.51 22.70
CA ALA Y 53 7.54 -14.69 21.86
C ALA Y 53 7.13 -14.33 20.43
N ALA Y 54 6.19 -13.39 20.29
CA ALA Y 54 5.69 -13.05 18.96
C ALA Y 54 6.78 -12.44 18.10
N VAL Y 55 7.57 -11.52 18.66
CA VAL Y 55 8.64 -10.90 17.91
C VAL Y 55 9.70 -11.94 17.54
N SER Y 56 9.97 -12.88 18.46
CA SER Y 56 10.92 -13.94 18.16
C SER Y 56 10.43 -14.79 17.01
N SER Y 57 9.12 -15.09 16.98
CA SER Y 57 8.55 -15.84 15.86
C SER Y 57 8.74 -15.09 14.56
N THR Y 58 8.49 -13.78 14.56
CA THR Y 58 8.67 -12.99 13.35
C THR Y 58 10.12 -13.02 12.88
N LYS Y 59 11.07 -12.88 13.80
CA LYS Y 59 12.48 -12.90 13.41
C LYS Y 59 12.90 -14.27 12.88
N ARG Y 60 12.43 -15.34 13.51
CA ARG Y 60 12.73 -16.67 12.98
C ARG Y 60 12.17 -16.83 11.58
N TYR Y 61 10.94 -16.37 11.35
CA TYR Y 61 10.34 -16.50 10.03
C TYR Y 61 11.13 -15.75 8.98
N LEU Y 62 11.51 -14.51 9.28
CA LEU Y 62 12.26 -13.72 8.31
C LEU Y 62 13.62 -14.32 8.04
N ALA Y 63 14.27 -14.85 9.08
CA ALA Y 63 15.55 -15.52 8.88
C ALA Y 63 15.40 -16.72 7.95
N GLU Y 64 14.38 -17.56 8.21
CA GLU Y 64 14.16 -18.72 7.35
C GLU Y 64 13.89 -18.31 5.91
N GLN Y 65 13.05 -17.30 5.71
CA GLN Y 65 12.76 -16.85 4.36
C GLN Y 65 13.99 -16.27 3.68
N ARG Y 66 14.86 -15.62 4.45
CA ARG Y 66 16.12 -15.13 3.88
C ARG Y 66 17.01 -16.27 3.45
N GLN Y 67 17.00 -17.38 4.20
CA GLN Y 67 17.81 -18.53 3.87
C GLN Y 67 17.18 -19.46 2.84
N LEU Y 68 15.90 -19.26 2.51
CA LEU Y 68 15.19 -20.11 1.57
C LEU Y 68 14.95 -19.44 0.23
N PHE Y 69 15.54 -18.27 -0.02
CA PHE Y 69 15.32 -17.56 -1.26
C PHE Y 69 15.80 -18.39 -2.46
N HIS Y 70 17.02 -18.91 -2.38
CA HIS Y 70 17.54 -19.69 -3.49
C HIS Y 70 16.85 -21.05 -3.59
N TYR Y 71 16.33 -21.56 -2.47
CA TYR Y 71 15.44 -22.71 -2.56
C TYR Y 71 14.21 -22.39 -3.38
N ARG Y 72 13.65 -21.19 -3.18
CA ARG Y 72 12.50 -20.79 -3.99
C ARG Y 72 12.86 -20.73 -5.47
N VAL Y 73 14.05 -20.21 -5.78
CA VAL Y 73 14.47 -20.12 -7.18
C VAL Y 73 14.59 -21.52 -7.78
N VAL Y 74 15.24 -22.43 -7.06
CA VAL Y 74 15.40 -23.79 -7.54
C VAL Y 74 14.04 -24.45 -7.73
N ARG Y 75 13.13 -24.26 -6.77
CA ARG Y 75 11.79 -24.82 -6.90
C ARG Y 75 11.06 -24.25 -8.11
N PHE Y 76 11.23 -22.96 -8.37
CA PHE Y 76 10.60 -22.35 -9.53
C PHE Y 76 11.07 -23.02 -10.81
N PHE Y 77 12.38 -23.24 -10.94
CA PHE Y 77 12.88 -23.88 -12.15
C PHE Y 77 12.44 -25.33 -12.25
N ASP Y 78 12.39 -26.04 -11.12
CA ASP Y 78 11.92 -27.42 -11.13
C ASP Y 78 10.46 -27.48 -11.56
N GLU Y 79 9.63 -26.58 -11.04
CA GLU Y 79 8.22 -26.54 -11.41
C GLU Y 79 8.04 -26.17 -12.88
N CYS Y 80 8.86 -25.25 -13.38
CA CYS Y 80 8.80 -24.89 -14.79
C CYS Y 80 9.13 -26.10 -15.67
N HIS Y 81 10.17 -26.86 -15.29
CA HIS Y 81 10.49 -28.07 -16.04
C HIS Y 81 9.35 -29.08 -15.97
N TYR Y 82 8.75 -29.22 -14.79
CA TYR Y 82 7.65 -30.16 -14.62
C TYR Y 82 6.47 -29.80 -15.51
N ILE Y 83 6.13 -28.51 -15.59
CA ILE Y 83 5.02 -28.07 -16.43
C ILE Y 83 5.36 -28.21 -17.90
N ILE Y 84 6.57 -27.76 -18.29
CA ILE Y 84 6.94 -27.73 -19.70
C ILE Y 84 7.06 -29.15 -20.25
N SER Y 85 7.55 -30.09 -19.42
CA SER Y 85 7.74 -31.46 -19.88
C SER Y 85 6.43 -32.17 -20.18
N GLY Y 86 5.29 -31.60 -19.78
CA GLY Y 86 4.02 -32.23 -19.98
C GLY Y 86 3.61 -33.22 -18.92
N GLU Y 87 4.49 -33.48 -17.94
CA GLU Y 87 4.15 -34.43 -16.88
C GLU Y 87 3.01 -33.90 -16.00
N TYR Y 88 2.91 -32.57 -15.86
CA TYR Y 88 1.85 -32.00 -15.04
C TYR Y 88 0.47 -32.29 -15.63
N PHE Y 89 0.33 -32.16 -16.94
CA PHE Y 89 -0.96 -32.40 -17.58
C PHE Y 89 -1.28 -33.88 -17.74
N ALA Y 90 -0.28 -34.75 -17.62
CA ALA Y 90 -0.55 -36.18 -17.75
C ALA Y 90 -1.44 -36.67 -16.61
N GLN Y 91 -1.22 -36.18 -15.40
CA GLN Y 91 -1.98 -36.58 -14.22
C GLN Y 91 -3.02 -35.54 -13.84
N TYR Y 92 -3.51 -34.77 -14.80
CA TYR Y 92 -4.44 -33.70 -14.51
C TYR Y 92 -5.75 -34.26 -13.96
N THR Y 93 -6.26 -33.63 -12.91
CA THR Y 93 -7.50 -34.03 -12.26
C THR Y 93 -8.39 -32.82 -12.07
N LYS Y 94 -9.57 -33.04 -11.49
CA LYS Y 94 -10.50 -31.94 -11.24
C LYS Y 94 -9.97 -30.96 -10.21
N VAL Y 95 -9.23 -31.46 -9.21
CA VAL Y 95 -8.66 -30.57 -8.20
C VAL Y 95 -7.71 -29.58 -8.84
N ASN Y 96 -6.88 -30.06 -9.76
CA ASN Y 96 -5.97 -29.16 -10.48
C ASN Y 96 -6.76 -28.14 -11.29
N LEU Y 97 -7.91 -28.54 -11.85
CA LEU Y 97 -8.75 -27.59 -12.57
C LEU Y 97 -9.25 -26.50 -11.63
N ILE Y 98 -9.67 -26.88 -10.43
CA ILE Y 98 -10.14 -25.89 -9.46
C ILE Y 98 -9.01 -24.92 -9.12
N TRP Y 99 -7.81 -25.45 -8.87
CA TRP Y 99 -6.68 -24.60 -8.55
C TRP Y 99 -6.35 -23.66 -9.71
N ASP Y 100 -6.41 -24.15 -10.94
CA ASP Y 100 -6.09 -23.31 -12.10
C ASP Y 100 -7.14 -22.23 -12.28
N LEU Y 101 -8.41 -22.52 -11.99
CA LEU Y 101 -9.44 -21.48 -12.06
C LEU Y 101 -9.19 -20.40 -11.02
N ARG Y 102 -8.83 -20.80 -9.80
CA ARG Y 102 -8.43 -19.83 -8.79
C ARG Y 102 -7.26 -18.98 -9.28
N PHE Y 103 -6.27 -19.62 -9.88
CA PHE Y 103 -5.09 -18.93 -10.39
C PHE Y 103 -5.47 -17.90 -11.46
N LEU Y 104 -6.35 -18.30 -12.39
CA LEU Y 104 -6.78 -17.39 -13.45
C LEU Y 104 -7.53 -16.19 -12.87
N THR Y 105 -8.39 -16.43 -11.89
CA THR Y 105 -9.13 -15.33 -11.27
C THR Y 105 -8.18 -14.32 -10.63
N LYS Y 106 -7.19 -14.82 -9.89
CA LYS Y 106 -6.22 -13.91 -9.28
C LYS Y 106 -5.45 -13.14 -10.34
N LEU Y 107 -5.09 -13.80 -11.44
CA LEU Y 107 -4.36 -13.09 -12.50
C LEU Y 107 -5.20 -11.95 -13.07
N VAL Y 108 -6.48 -12.19 -13.32
CA VAL Y 108 -7.33 -11.15 -13.88
C VAL Y 108 -7.45 -9.97 -12.92
N VAL Y 109 -7.69 -10.27 -11.64
CA VAL Y 109 -7.86 -9.19 -10.67
C VAL Y 109 -6.57 -8.39 -10.53
N LEU Y 110 -5.43 -9.08 -10.55
CA LEU Y 110 -4.15 -8.38 -10.45
C LEU Y 110 -3.88 -7.52 -11.66
N PHE Y 111 -4.24 -8.00 -12.85
CA PHE Y 111 -4.07 -7.19 -14.05
C PHE Y 111 -4.91 -5.91 -13.96
N LEU Y 112 -6.15 -6.04 -13.51
CA LEU Y 112 -7.01 -4.85 -13.40
C LEU Y 112 -6.47 -3.87 -12.37
N ILE Y 113 -6.04 -4.37 -11.20
CA ILE Y 113 -5.49 -3.49 -10.19
C ILE Y 113 -4.22 -2.82 -10.70
N GLY Y 114 -3.40 -3.57 -11.43
CA GLY Y 114 -2.20 -2.99 -12.00
C GLY Y 114 -2.50 -1.89 -12.98
N THR Y 115 -3.53 -2.07 -13.81
CA THR Y 115 -3.91 -1.01 -14.74
C THR Y 115 -4.35 0.23 -13.99
N VAL Y 116 -5.17 0.06 -12.96
CA VAL Y 116 -5.64 1.20 -12.19
C VAL Y 116 -4.48 1.95 -11.54
N LEU Y 117 -3.54 1.20 -10.97
CA LEU Y 117 -2.37 1.85 -10.36
C LEU Y 117 -1.48 2.50 -11.41
N GLY Y 118 -1.34 1.86 -12.58
CA GLY Y 118 -0.48 2.40 -13.61
C GLY Y 118 -0.96 3.74 -14.13
N ARG Y 119 -2.26 3.85 -14.39
CA ARG Y 119 -2.82 5.14 -14.79
C ARG Y 119 -3.16 6.02 -13.59
N GLN Y 120 -3.00 5.50 -12.37
CA GLN Y 120 -3.20 6.28 -11.16
C GLN Y 120 -4.60 6.90 -11.13
N SER Y 121 -5.58 6.13 -11.60
CA SER Y 121 -6.96 6.59 -11.63
C SER Y 121 -7.88 5.38 -11.80
N ILE Y 122 -9.01 5.41 -11.09
CA ILE Y 122 -9.97 4.33 -11.21
C ILE Y 122 -10.59 4.31 -12.60
N PHE Y 123 -10.91 5.49 -13.14
CA PHE Y 123 -11.52 5.61 -14.45
C PHE Y 123 -10.49 6.08 -15.47
N PRO Y 124 -10.70 5.77 -16.75
CA PRO Y 124 -9.77 6.24 -17.77
C PRO Y 124 -9.77 7.75 -17.85
N PRO Y 125 -8.64 8.37 -18.15
CA PRO Y 125 -8.60 9.83 -18.27
C PRO Y 125 -9.37 10.31 -19.48
N ILE Y 126 -9.89 11.53 -19.36
CA ILE Y 126 -10.72 12.14 -20.40
C ILE Y 126 -9.82 12.85 -21.40
N ASP Y 127 -10.09 12.63 -22.68
CA ASP Y 127 -9.33 13.27 -23.74
C ASP Y 127 -9.79 14.72 -23.94
N PRO Y 128 -8.90 15.58 -24.42
CA PRO Y 128 -9.29 17.00 -24.58
C PRO Y 128 -10.42 17.22 -25.56
N ASP Y 129 -10.59 16.34 -26.54
CA ASP Y 129 -11.65 16.48 -27.54
C ASP Y 129 -12.97 15.86 -27.08
N SER Y 130 -13.01 15.26 -25.91
CA SER Y 130 -14.24 14.66 -25.41
C SER Y 130 -15.20 15.73 -24.91
N PRO Y 131 -16.51 15.48 -24.99
CA PRO Y 131 -17.48 16.45 -24.44
C PRO Y 131 -17.54 16.43 -22.93
N LEU Y 132 -16.88 15.50 -22.26
CA LEU Y 132 -16.87 15.44 -20.80
C LEU Y 132 -15.84 16.39 -20.18
N VAL Y 133 -15.07 17.11 -21.00
CA VAL Y 133 -14.10 18.04 -20.45
C VAL Y 133 -14.78 19.09 -19.58
N GLU Y 134 -16.01 19.48 -19.94
CA GLU Y 134 -16.76 20.41 -19.11
C GLU Y 134 -16.83 19.92 -17.67
N ALA Y 135 -17.03 18.61 -17.48
CA ALA Y 135 -17.07 18.06 -16.13
C ALA Y 135 -15.80 18.37 -15.37
N LEU Y 136 -14.64 18.24 -16.03
CA LEU Y 136 -13.38 18.58 -15.38
C LEU Y 136 -13.32 20.06 -15.04
N VAL Y 137 -13.82 20.91 -15.94
CA VAL Y 137 -13.75 22.35 -15.72
C VAL Y 137 -14.62 22.77 -14.54
N THR Y 138 -15.76 22.10 -14.36
CA THR Y 138 -16.74 22.47 -13.34
C THR Y 138 -16.54 21.69 -12.04
N LYS Y 139 -15.31 21.26 -11.76
CA LYS Y 139 -15.05 20.59 -10.49
C LYS Y 139 -15.31 21.53 -9.32
N VAL Y 140 -15.96 20.99 -8.29
CA VAL Y 140 -16.21 21.78 -7.09
C VAL Y 140 -14.89 22.16 -6.42
N ASN Y 141 -14.00 21.20 -6.27
CA ASN Y 141 -12.69 21.41 -5.67
C ASN Y 141 -11.61 21.08 -6.69
N PRO Y 142 -10.99 22.07 -7.32
CA PRO Y 142 -9.94 21.76 -8.31
C PRO Y 142 -8.73 21.06 -7.72
N ASN Y 143 -8.51 21.17 -6.40
CA ASN Y 143 -7.38 20.48 -5.79
C ASN Y 143 -7.53 18.97 -5.86
N TYR Y 144 -8.76 18.47 -5.94
CA TYR Y 144 -9.02 17.05 -5.93
C TYR Y 144 -9.86 16.63 -7.13
N VAL Z 18 -20.57 -50.43 6.49
CA VAL Z 18 -21.95 -50.32 6.02
C VAL Z 18 -22.05 -49.23 4.96
N GLY Z 19 -23.09 -49.31 4.14
CA GLY Z 19 -23.27 -48.38 3.05
C GLY Z 19 -23.81 -47.03 3.52
N ASN Z 20 -24.00 -46.15 2.54
CA ASN Z 20 -24.47 -44.79 2.78
C ASN Z 20 -25.90 -44.57 2.33
N GLY Z 21 -26.64 -45.65 2.06
CA GLY Z 21 -27.97 -45.55 1.50
C GLY Z 21 -28.98 -45.01 2.47
N PRO Z 22 -30.07 -44.43 1.96
CA PRO Z 22 -31.14 -43.94 2.84
C PRO Z 22 -31.95 -45.09 3.41
N THR Z 23 -32.85 -44.74 4.34
CA THR Z 23 -33.76 -45.70 4.94
C THR Z 23 -35.19 -45.20 4.83
N PHE Z 24 -36.11 -45.91 5.49
CA PHE Z 24 -37.52 -45.51 5.49
C PHE Z 24 -37.65 -44.05 5.89
N SER Z 25 -38.34 -43.28 5.06
CA SER Z 25 -38.45 -41.84 5.29
C SER Z 25 -39.22 -41.55 6.57
N THR Z 26 -38.81 -40.48 7.25
CA THR Z 26 -39.41 -40.08 8.51
C THR Z 26 -40.13 -38.73 8.45
N GLY Z 27 -39.80 -37.89 7.47
CA GLY Z 27 -40.41 -36.58 7.40
C GLY Z 27 -39.91 -35.61 8.44
N GLY Z 28 -38.79 -35.90 9.08
CA GLY Z 28 -38.27 -35.03 10.12
C GLY Z 28 -39.05 -35.09 11.42
N GLU Z 29 -39.76 -36.17 11.67
CA GLU Z 29 -40.63 -36.31 12.82
C GLU Z 29 -39.97 -37.15 13.90
N CYS Z 30 -40.32 -36.88 15.15
CA CYS Z 30 -39.92 -37.68 16.29
C CYS Z 30 -41.04 -38.66 16.61
N MET Z 31 -40.72 -39.96 16.54
CA MET Z 31 -41.74 -40.99 16.68
C MET Z 31 -42.12 -41.25 18.13
N ASN Z 32 -41.36 -40.75 19.09
CA ASN Z 32 -41.71 -40.90 20.49
C ASN Z 32 -42.79 -39.92 20.93
N THR Z 33 -43.14 -38.95 20.09
CA THR Z 33 -44.15 -37.96 20.43
C THR Z 33 -45.14 -37.71 19.30
N CYS Z 34 -45.11 -38.51 18.24
CA CYS Z 34 -46.02 -38.30 17.12
C CYS Z 34 -47.39 -38.88 17.42
N ASP Z 35 -48.36 -38.52 16.58
CA ASP Z 35 -49.74 -38.97 16.75
C ASP Z 35 -49.93 -40.43 16.40
N ILE Z 36 -48.96 -41.06 15.72
CA ILE Z 36 -49.07 -42.46 15.32
C ILE Z 36 -47.91 -43.24 15.94
N GLN Z 37 -47.47 -42.82 17.13
CA GLN Z 37 -46.29 -43.41 17.74
C GLN Z 37 -46.46 -44.90 17.99
N ASN Z 38 -47.67 -45.35 18.30
CA ASN Z 38 -47.88 -46.77 18.58
C ASN Z 38 -47.56 -47.65 17.38
N ALA Z 39 -47.58 -47.09 16.17
CA ALA Z 39 -47.26 -47.85 14.97
C ALA Z 39 -45.77 -48.12 14.82
N PHE Z 40 -44.93 -47.50 15.64
CA PHE Z 40 -43.49 -47.65 15.54
C PHE Z 40 -42.97 -48.47 16.71
N PRO Z 41 -42.34 -49.63 16.47
CA PRO Z 41 -41.90 -50.47 17.60
C PRO Z 41 -40.90 -49.75 18.49
N MET Z 42 -40.94 -50.08 19.77
CA MET Z 42 -40.02 -49.54 20.76
C MET Z 42 -38.97 -50.58 21.11
N ASN Z 43 -37.72 -50.15 21.17
CA ASN Z 43 -36.61 -51.04 21.46
C ASN Z 43 -36.32 -51.06 22.97
N ASP Z 44 -35.26 -51.78 23.34
CA ASP Z 44 -34.92 -51.92 24.75
C ASP Z 44 -34.58 -50.56 25.37
N ARG Z 45 -33.87 -49.71 24.63
CA ARG Z 45 -33.46 -48.41 25.15
C ARG Z 45 -34.63 -47.45 25.29
N GLY Z 46 -35.80 -47.79 24.78
CA GLY Z 46 -36.97 -46.93 24.90
C GLY Z 46 -37.14 -45.93 23.79
N VAL Z 47 -36.49 -46.13 22.64
CA VAL Z 47 -36.58 -45.22 21.51
C VAL Z 47 -37.40 -45.91 20.42
N ARG Z 48 -38.52 -45.29 20.06
CA ARG Z 48 -39.38 -45.87 19.04
C ARG Z 48 -38.71 -45.82 17.67
N SER Z 49 -38.95 -46.86 16.88
CA SER Z 49 -38.30 -46.99 15.59
C SER Z 49 -38.72 -45.87 14.64
N SER Z 50 -37.88 -45.61 13.65
CA SER Z 50 -38.19 -44.69 12.58
C SER Z 50 -38.99 -45.34 11.46
N SER Z 51 -39.29 -46.62 11.58
CA SER Z 51 -39.92 -47.38 10.51
C SER Z 51 -40.78 -48.45 11.15
N PRO Z 52 -41.60 -49.14 10.35
CA PRO Z 52 -42.32 -50.31 10.89
C PRO Z 52 -41.40 -51.43 11.34
N PHE Z 53 -40.15 -51.43 10.91
CA PHE Z 53 -39.24 -52.51 11.24
C PHE Z 53 -38.68 -52.34 12.66
N GLN Z 54 -38.05 -53.41 13.15
CA GLN Z 54 -37.39 -53.39 14.45
C GLN Z 54 -35.97 -52.88 14.30
N GLU Z 55 -35.63 -51.84 15.05
CA GLU Z 55 -34.34 -51.19 14.97
C GLU Z 55 -33.65 -51.21 16.34
N PRO Z 56 -32.42 -51.70 16.44
CA PRO Z 56 -31.79 -51.79 17.76
C PRO Z 56 -31.08 -50.51 18.19
N ASN Z 57 -30.67 -49.68 17.23
CA ASN Z 57 -29.81 -48.53 17.51
C ASN Z 57 -30.46 -47.21 17.11
N THR Z 58 -31.77 -47.11 17.25
CA THR Z 58 -32.45 -45.85 16.95
C THR Z 58 -32.09 -44.80 17.97
N ALA Z 59 -31.99 -43.55 17.52
CA ALA Z 59 -31.60 -42.44 18.37
C ALA Z 59 -32.48 -41.24 18.09
N ILE Z 60 -32.38 -40.24 18.95
CA ILE Z 60 -33.09 -38.98 18.81
C ILE Z 60 -32.09 -37.84 18.88
N TYR Z 61 -32.18 -36.91 17.94
CA TYR Z 61 -31.32 -35.74 17.90
C TYR Z 61 -32.16 -34.49 18.15
N ASP Z 62 -31.56 -33.54 18.87
CA ASP Z 62 -32.26 -32.34 19.34
C ASP Z 62 -31.67 -31.11 18.68
N SER Z 63 -32.26 -30.72 17.55
CA SER Z 63 -32.13 -29.38 17.01
C SER Z 63 -33.28 -28.54 17.57
N TYR Z 64 -33.55 -27.38 16.97
CA TYR Z 64 -34.73 -26.61 17.34
C TYR Z 64 -35.91 -27.54 17.58
N LEU Z 65 -36.07 -28.53 16.72
CA LEU Z 65 -37.05 -29.59 16.89
C LEU Z 65 -36.32 -30.94 16.97
N ALA Z 66 -36.89 -31.85 17.73
CA ALA Z 66 -36.34 -33.19 17.87
C ALA Z 66 -36.72 -34.05 16.68
N TRP Z 67 -35.82 -34.94 16.28
CA TRP Z 67 -36.08 -35.84 15.18
C TRP Z 67 -35.39 -37.18 15.42
N THR Z 68 -36.05 -38.25 15.01
CA THR Z 68 -35.54 -39.61 15.17
C THR Z 68 -34.65 -39.97 14.00
N TYR Z 69 -33.58 -40.70 14.29
CA TYR Z 69 -32.62 -41.14 13.29
C TYR Z 69 -32.24 -42.58 13.52
N PHE Z 70 -32.13 -43.35 12.44
CA PHE Z 70 -31.69 -44.73 12.47
C PHE Z 70 -30.43 -44.87 11.63
N GLN Z 71 -29.37 -45.42 12.24
CA GLN Z 71 -28.11 -45.60 11.56
C GLN Z 71 -28.00 -47.05 11.09
N PRO Z 72 -27.95 -47.31 9.78
CA PRO Z 72 -27.74 -48.68 9.32
C PRO Z 72 -26.43 -49.25 9.83
N MET Z 73 -26.43 -50.56 10.09
CA MET Z 73 -25.25 -51.24 10.61
C MET Z 73 -25.28 -52.70 10.17
N ASP Z 74 -24.14 -53.35 10.30
CA ASP Z 74 -24.01 -54.76 9.95
C ASP Z 74 -24.52 -55.60 11.11
N VAL Z 75 -25.66 -56.25 10.91
CA VAL Z 75 -26.29 -57.08 11.93
C VAL Z 75 -26.78 -58.36 11.27
N HIS Z 76 -26.54 -59.49 11.94
CA HIS Z 76 -26.94 -60.80 11.44
C HIS Z 76 -28.26 -61.20 12.07
N ILE Z 77 -29.20 -61.64 11.24
CA ILE Z 77 -30.53 -62.08 11.67
C ILE Z 77 -30.75 -63.50 11.18
N GLU Z 78 -31.23 -64.36 12.07
CA GLU Z 78 -31.52 -65.74 11.70
C GLU Z 78 -32.53 -65.77 10.57
N LYS Z 79 -32.11 -66.24 9.40
CA LYS Z 79 -32.92 -66.18 8.19
C LYS Z 79 -33.71 -67.47 8.04
N LEU Z 80 -35.03 -67.35 8.16
CA LEU Z 80 -35.89 -68.50 7.93
C LEU Z 80 -35.76 -68.95 6.47
N PRO Z 81 -35.73 -70.26 6.20
CA PRO Z 81 -35.44 -70.72 4.84
C PRO Z 81 -36.50 -70.26 3.85
N ALA Z 82 -36.11 -70.22 2.58
CA ALA Z 82 -36.99 -69.71 1.54
C ALA Z 82 -38.25 -70.56 1.43
N PRO Z 83 -39.44 -69.96 1.49
CA PRO Z 83 -40.66 -70.74 1.26
C PRO Z 83 -40.86 -71.05 -0.21
N GLU Z 84 -41.89 -71.87 -0.47
CA GLU Z 84 -42.27 -72.18 -1.84
C GLU Z 84 -43.04 -71.00 -2.44
N ALA Z 85 -42.95 -70.89 -3.77
CA ALA Z 85 -43.64 -69.81 -4.46
C ALA Z 85 -45.14 -69.89 -4.31
N LYS Z 86 -45.68 -71.07 -4.04
CA LYS Z 86 -47.13 -71.23 -3.94
C LYS Z 86 -47.71 -70.43 -2.79
N TYR Z 87 -46.96 -70.26 -1.71
CA TYR Z 87 -47.50 -69.76 -0.46
C TYR Z 87 -47.29 -68.26 -0.26
N TYR Z 88 -46.63 -67.57 -1.20
CA TYR Z 88 -46.51 -66.12 -1.12
C TYR Z 88 -46.76 -65.40 -2.43
N GLN Z 89 -46.81 -66.08 -3.56
CA GLN Z 89 -47.08 -65.44 -4.84
C GLN Z 89 -48.57 -65.42 -5.10
N ARG Z 90 -49.08 -64.25 -5.48
CA ARG Z 90 -50.49 -64.06 -5.83
C ARG Z 90 -50.55 -63.54 -7.26
N HIS Z 91 -51.04 -64.37 -8.18
CA HIS Z 91 -51.09 -64.02 -9.59
C HIS Z 91 -52.45 -63.40 -9.93
N THR Z 92 -52.68 -62.23 -9.34
CA THR Z 92 -53.89 -61.45 -9.57
C THR Z 92 -53.60 -60.16 -10.33
N LYS Z 93 -52.49 -60.11 -11.06
CA LYS Z 93 -52.12 -58.91 -11.80
C LYS Z 93 -53.15 -58.63 -12.88
N LYS Z 94 -53.40 -57.34 -13.10
CA LYS Z 94 -54.39 -56.86 -14.05
C LYS Z 94 -53.74 -55.91 -15.05
N PRO Z 95 -54.34 -55.73 -16.23
CA PRO Z 95 -53.68 -54.88 -17.25
C PRO Z 95 -53.40 -53.47 -16.77
N TRP Z 96 -54.27 -52.90 -15.93
CA TRP Z 96 -54.06 -51.55 -15.43
C TRP Z 96 -52.98 -51.50 -14.36
N ASP Z 97 -52.62 -52.63 -13.77
CA ASP Z 97 -51.72 -52.62 -12.62
C ASP Z 97 -50.31 -52.23 -13.03
N VAL Z 98 -49.70 -51.34 -12.25
CA VAL Z 98 -48.31 -50.96 -12.41
C VAL Z 98 -47.66 -51.05 -11.02
N SER Z 99 -46.58 -51.83 -10.92
CA SER Z 99 -45.95 -52.02 -9.63
C SER Z 99 -45.18 -50.77 -9.21
N SER Z 100 -44.85 -50.72 -7.92
CA SER Z 100 -44.14 -49.56 -7.39
C SER Z 100 -42.74 -49.45 -7.99
N THR Z 101 -42.08 -50.59 -8.23
CA THR Z 101 -40.78 -50.57 -8.87
C THR Z 101 -40.87 -50.02 -10.29
N GLU Z 102 -41.86 -50.48 -11.05
CA GLU Z 102 -42.06 -49.98 -12.41
C GLU Z 102 -42.42 -48.51 -12.40
N LEU Z 103 -43.27 -48.09 -11.46
CA LEU Z 103 -43.64 -46.68 -11.36
C LEU Z 103 -42.41 -45.83 -11.05
N THR Z 104 -41.55 -46.32 -10.15
CA THR Z 104 -40.32 -45.60 -9.84
C THR Z 104 -39.44 -45.46 -11.07
N GLU Z 105 -39.32 -46.53 -11.86
CA GLU Z 105 -38.53 -46.46 -13.09
C GLU Z 105 -39.11 -45.43 -14.05
N ILE Z 106 -40.43 -45.48 -14.27
CA ILE Z 106 -41.08 -44.56 -15.20
C ILE Z 106 -40.88 -43.13 -14.75
N GLN Z 107 -41.14 -42.86 -13.47
CA GLN Z 107 -41.03 -41.50 -12.95
C GLN Z 107 -39.59 -41.02 -12.98
N SER Z 108 -38.63 -41.90 -12.72
CA SER Z 108 -37.22 -41.51 -12.78
C SER Z 108 -36.86 -41.03 -14.18
N ARG Z 109 -37.25 -41.80 -15.21
CA ARG Z 109 -36.93 -41.39 -16.57
C ARG Z 109 -37.65 -40.09 -16.94
N LYS Z 110 -38.93 -39.98 -16.59
CA LYS Z 110 -39.68 -38.78 -16.91
C LYS Z 110 -39.07 -37.56 -16.25
N LYS Z 111 -38.72 -37.67 -14.97
CA LYS Z 111 -38.15 -36.53 -14.26
C LYS Z 111 -36.75 -36.19 -14.75
N TYR Z 112 -35.99 -37.19 -15.19
CA TYR Z 112 -34.70 -36.91 -15.81
C TYR Z 112 -34.87 -36.04 -17.05
N PHE Z 113 -35.79 -36.42 -17.94
CA PHE Z 113 -36.00 -35.62 -19.14
C PHE Z 113 -36.58 -34.24 -18.80
N GLN Z 114 -37.50 -34.20 -17.84
CA GLN Z 114 -38.05 -32.90 -17.43
C GLN Z 114 -36.97 -32.01 -16.85
N THR Z 115 -36.06 -32.58 -16.06
CA THR Z 115 -34.98 -31.79 -15.49
C THR Z 115 -34.08 -31.22 -16.58
N LEU Z 116 -33.74 -32.03 -17.58
CA LEU Z 116 -32.94 -31.52 -18.68
C LEU Z 116 -33.66 -30.39 -19.41
N GLY Z 117 -34.95 -30.57 -19.70
CA GLY Z 117 -35.70 -29.54 -20.38
C GLY Z 117 -35.80 -28.25 -19.58
N TYR Z 118 -36.07 -28.38 -18.27
CA TYR Z 118 -36.13 -27.20 -17.42
C TYR Z 118 -34.77 -26.51 -17.34
N LEU Z 119 -33.69 -27.28 -17.35
CA LEU Z 119 -32.36 -26.69 -17.33
C LEU Z 119 -32.12 -25.85 -18.58
N VAL Z 120 -32.47 -26.39 -19.75
CA VAL Z 120 -32.33 -25.63 -20.99
C VAL Z 120 -33.21 -24.39 -20.96
N ALA Z 121 -34.44 -24.52 -20.49
CA ALA Z 121 -35.35 -23.39 -20.39
C ALA Z 121 -34.79 -22.32 -19.48
N PHE Z 122 -34.27 -22.72 -18.32
CA PHE Z 122 -33.72 -21.77 -17.36
C PHE Z 122 -32.53 -21.02 -17.95
N ILE Z 123 -31.63 -21.73 -18.62
CA ILE Z 123 -30.47 -21.08 -19.22
C ILE Z 123 -30.92 -20.06 -20.27
N TYR Z 124 -31.83 -20.47 -21.15
CA TYR Z 124 -32.29 -19.55 -22.18
C TYR Z 124 -33.00 -18.34 -21.57
N LEU Z 125 -33.87 -18.57 -20.59
CA LEU Z 125 -34.67 -17.48 -20.04
C LEU Z 125 -33.79 -16.44 -19.36
N TYR Z 126 -32.84 -16.88 -18.54
CA TYR Z 126 -32.07 -15.97 -17.70
C TYR Z 126 -30.74 -15.55 -18.30
N PHE Z 127 -30.34 -16.10 -19.45
CA PHE Z 127 -29.06 -15.75 -20.03
C PHE Z 127 -29.10 -15.47 -21.53
N LEU Z 128 -30.17 -15.82 -22.23
CA LEU Z 128 -30.22 -15.63 -23.68
C LEU Z 128 -31.45 -14.87 -24.14
N MET Z 129 -32.58 -15.06 -23.49
CA MET Z 129 -33.82 -14.44 -23.96
C MET Z 129 -33.77 -12.93 -23.72
N PRO Z 130 -33.94 -12.11 -24.75
CA PRO Z 130 -34.03 -10.66 -24.52
C PRO Z 130 -35.40 -10.25 -24.04
N LYS Z 131 -35.43 -9.14 -23.31
CA LYS Z 131 -36.69 -8.56 -22.86
C LYS Z 131 -37.33 -7.77 -24.00
N GLU Z 132 -38.63 -7.90 -24.13
CA GLU Z 132 -39.35 -7.22 -25.20
C GLU Z 132 -39.43 -5.73 -24.93
N LYS Z 133 -39.61 -4.97 -26.01
CA LYS Z 133 -39.88 -3.54 -25.94
C LYS Z 133 -38.76 -2.79 -25.21
N SER Z 134 -37.58 -2.83 -25.83
CA SER Z 134 -36.44 -2.09 -25.33
C SER Z 134 -36.51 -0.63 -25.77
N PHE Z 135 -35.99 0.25 -24.91
CA PHE Z 135 -35.99 1.67 -25.23
C PHE Z 135 -35.11 1.97 -26.44
N SER Z 136 -33.93 1.36 -26.49
CA SER Z 136 -33.00 1.58 -27.58
C SER Z 136 -33.40 0.83 -28.85
N GLY Z 137 -34.15 -0.26 -28.73
CA GLY Z 137 -34.49 -1.06 -29.88
C GLY Z 137 -33.42 -2.04 -30.31
N LEU Z 138 -32.38 -2.22 -29.50
CA LEU Z 138 -31.30 -3.13 -29.84
C LEU Z 138 -31.59 -4.58 -29.49
N SER Z 139 -32.59 -4.83 -28.65
CA SER Z 139 -32.85 -6.19 -28.18
C SER Z 139 -34.34 -6.35 -27.93
N GLY Z 140 -34.88 -7.48 -28.37
CA GLY Z 140 -36.25 -7.82 -28.11
C GLY Z 140 -37.21 -7.23 -29.14
N PRO Z 141 -38.38 -7.84 -29.30
CA PRO Z 141 -39.36 -7.33 -30.25
C PRO Z 141 -40.23 -6.24 -29.66
N ASP Z 142 -40.72 -5.38 -30.55
CA ASP Z 142 -41.62 -4.30 -30.17
C ASP Z 142 -43.08 -4.68 -30.31
N GLY Z 143 -43.38 -5.90 -30.72
CA GLY Z 143 -44.75 -6.33 -30.93
C GLY Z 143 -45.23 -6.08 -32.34
N HIS Z 144 -46.20 -6.88 -32.76
CA HIS Z 144 -46.78 -6.74 -34.09
C HIS Z 144 -48.17 -7.33 -34.10
N TRP Z 145 -48.94 -6.96 -35.12
CA TRP Z 145 -50.32 -7.38 -35.26
C TRP Z 145 -50.42 -8.73 -35.97
N ILE Z 146 -51.42 -9.50 -35.59
CA ILE Z 146 -51.67 -10.82 -36.15
C ILE Z 146 -53.14 -10.94 -36.53
N MET Z 147 -53.46 -12.02 -37.24
CA MET Z 147 -54.83 -12.32 -37.66
C MET Z 147 -55.40 -11.24 -38.56
N LEU Z 148 -54.53 -10.56 -39.32
CA LEU Z 148 -55.00 -9.54 -40.23
C LEU Z 148 -55.69 -10.21 -41.43
N PRO Z 149 -56.71 -9.56 -41.99
CA PRO Z 149 -57.40 -10.16 -43.13
C PRO Z 149 -56.51 -10.23 -44.36
N LYS Z 150 -56.77 -11.23 -45.19
CA LYS Z 150 -56.02 -11.45 -46.41
C LYS Z 150 -56.95 -11.97 -47.49
N GLY Z 151 -56.87 -11.36 -48.67
CA GLY Z 151 -57.70 -11.77 -49.79
C GLY Z 151 -59.18 -11.54 -49.57
N ARG Z 152 -59.55 -10.44 -48.93
CA ARG Z 152 -60.93 -10.09 -48.66
C ARG Z 152 -61.17 -8.63 -49.04
N PRO Z 153 -61.18 -8.33 -50.35
CA PRO Z 153 -61.39 -6.94 -50.76
C PRO Z 153 -62.72 -6.37 -50.31
N GLU Z 154 -63.78 -7.19 -50.25
CA GLU Z 154 -65.08 -6.68 -49.83
C GLU Z 154 -65.07 -6.22 -48.39
N LEU Z 155 -64.08 -6.63 -47.60
CA LEU Z 155 -64.01 -6.22 -46.20
C LEU Z 155 -63.74 -4.73 -46.05
N PHE Z 156 -63.19 -4.08 -47.08
CA PHE Z 156 -62.91 -2.65 -47.04
C PHE Z 156 -63.65 -1.92 -48.14
N PHE AA 5 -58.81 24.53 -47.65
CA PHE AA 5 -59.35 23.56 -46.71
C PHE AA 5 -59.26 24.08 -45.28
N HIS AA 6 -60.03 23.47 -44.38
CA HIS AA 6 -60.11 23.93 -43.00
C HIS AA 6 -60.42 22.75 -42.09
N PHE AA 7 -59.57 22.56 -41.08
CA PHE AA 7 -59.79 21.51 -40.09
C PHE AA 7 -60.76 22.00 -39.02
N HIS AA 8 -61.64 21.10 -38.60
CA HIS AA 8 -62.57 21.43 -37.52
C HIS AA 8 -61.86 21.44 -36.18
N ASP AA 9 -62.45 22.17 -35.23
CA ASP AA 9 -61.91 22.26 -33.88
C ASP AA 9 -62.51 21.14 -33.04
N VAL AA 10 -61.65 20.19 -32.63
CA VAL AA 10 -62.10 19.04 -31.86
C VAL AA 10 -61.35 19.00 -30.53
N SER AA 11 -60.98 20.18 -30.03
CA SER AA 11 -60.31 20.26 -28.74
C SER AA 11 -61.31 19.95 -27.63
N ASN AA 12 -60.77 19.73 -26.42
CA ASN AA 12 -61.62 19.38 -25.29
C ASN AA 12 -62.62 20.48 -24.99
N ASP AA 13 -62.17 21.74 -25.02
CA ASP AA 13 -63.09 22.84 -24.75
C ASP AA 13 -64.21 22.90 -25.78
N ALA AA 14 -63.86 22.74 -27.07
CA ALA AA 14 -64.88 22.72 -28.11
C ALA AA 14 -65.74 21.47 -28.02
N ILE AA 15 -65.11 20.33 -27.72
CA ILE AA 15 -65.84 19.07 -27.65
C ILE AA 15 -66.81 19.02 -26.47
N LYS AA 16 -66.58 19.82 -25.44
CA LYS AA 16 -67.40 19.73 -24.24
C LYS AA 16 -68.86 20.05 -24.53
N GLY AA 17 -69.10 21.07 -25.34
CA GLY AA 17 -70.46 21.49 -25.65
C GLY AA 17 -70.94 21.00 -27.01
N MET AA 18 -70.63 19.76 -27.35
CA MET AA 18 -70.97 19.22 -28.66
C MET AA 18 -71.64 17.87 -28.52
N PRO AA 19 -72.58 17.54 -29.41
CA PRO AA 19 -73.19 16.21 -29.38
C PRO AA 19 -72.20 15.16 -29.85
N PRO AA 20 -72.37 13.90 -29.43
CA PRO AA 20 -71.44 12.86 -29.87
C PRO AA 20 -71.38 12.69 -31.38
N SER AA 21 -72.53 12.74 -32.06
CA SER AA 21 -72.55 12.53 -33.50
C SER AA 21 -71.75 13.60 -34.23
N GLU AA 22 -71.92 14.86 -33.83
CA GLU AA 22 -71.19 15.94 -34.46
C GLU AA 22 -69.69 15.77 -34.27
N ALA AA 23 -69.26 15.42 -33.06
CA ALA AA 23 -67.84 15.24 -32.79
C ALA AA 23 -67.27 14.10 -33.60
N LEU AA 24 -67.98 12.97 -33.67
CA LEU AA 24 -67.50 11.84 -34.45
C LEU AA 24 -67.38 12.20 -35.92
N HIS AA 25 -68.39 12.88 -36.47
CA HIS AA 25 -68.34 13.25 -37.88
C HIS AA 25 -67.20 14.23 -38.15
N LYS AA 26 -66.97 15.18 -37.23
CA LYS AA 26 -65.89 16.13 -37.42
C LYS AA 26 -64.53 15.43 -37.38
N HIS AA 27 -64.36 14.48 -36.46
CA HIS AA 27 -63.13 13.71 -36.44
C HIS AA 27 -62.92 12.95 -37.74
N LEU AA 28 -64.00 12.34 -38.26
CA LEU AA 28 -63.89 11.62 -39.53
C LEU AA 28 -63.52 12.56 -40.66
N GLU AA 29 -64.14 13.74 -40.71
CA GLU AA 29 -63.84 14.70 -41.78
C GLU AA 29 -62.40 15.18 -41.69
N ASN AA 30 -61.91 15.43 -40.47
CA ASN AA 30 -60.51 15.83 -40.31
C ASN AA 30 -59.57 14.74 -40.79
N ALA AA 31 -59.87 13.48 -40.46
CA ALA AA 31 -59.04 12.38 -40.92
C ALA AA 31 -59.05 12.28 -42.44
N GLN AA 32 -60.22 12.43 -43.06
CA GLN AA 32 -60.29 12.40 -44.51
C GLN AA 32 -59.49 13.53 -45.14
N LEU AA 33 -59.59 14.73 -44.57
CA LEU AA 33 -58.86 15.87 -45.10
C LEU AA 33 -57.35 15.64 -45.00
N ALA AA 34 -56.89 15.15 -43.85
CA ALA AA 34 -55.47 14.86 -43.71
C ALA AA 34 -55.03 13.80 -44.71
N HIS AA 35 -55.84 12.77 -44.90
CA HIS AA 35 -55.50 11.72 -45.84
C HIS AA 35 -55.39 12.25 -47.27
N ARG AA 36 -56.34 13.11 -47.67
CA ARG AA 36 -56.29 13.62 -49.03
C ARG AA 36 -55.11 14.57 -49.21
N ILE AA 37 -54.77 15.35 -48.18
CA ILE AA 37 -53.59 16.20 -48.27
C ILE AA 37 -52.33 15.36 -48.44
N CYS AA 38 -52.21 14.29 -47.67
CA CYS AA 38 -51.04 13.42 -47.79
C CYS AA 38 -50.99 12.77 -49.17
N LEU AA 39 -52.14 12.33 -49.68
CA LEU AA 39 -52.17 11.75 -51.01
C LEU AA 39 -51.80 12.77 -52.07
N ALA AA 40 -52.25 14.01 -51.91
CA ALA AA 40 -51.89 15.05 -52.87
C ALA AA 40 -50.39 15.30 -52.87
N LYS AA 41 -49.78 15.38 -51.69
CA LYS AA 41 -48.34 15.55 -51.61
C LYS AA 41 -47.62 14.37 -52.27
N ALA AA 42 -48.10 13.15 -52.02
CA ALA AA 42 -47.48 11.98 -52.63
C ALA AA 42 -47.58 12.02 -54.14
N LEU AA 43 -48.74 12.39 -54.68
CA LEU AA 43 -48.90 12.48 -56.12
C LEU AA 43 -47.99 13.55 -56.70
N LYS AA 44 -47.87 14.70 -56.03
CA LYS AA 44 -46.98 15.74 -56.49
C LYS AA 44 -45.54 15.26 -56.52
N ALA AA 45 -45.12 14.53 -55.48
CA ALA AA 45 -43.78 13.97 -55.45
C ALA AA 45 -43.60 12.82 -56.42
N GLY AA 46 -44.70 12.19 -56.85
CA GLY AA 46 -44.64 11.09 -57.79
C GLY AA 46 -44.44 9.72 -57.17
N GLU AA 47 -44.20 9.65 -55.86
CA GLU AA 47 -43.97 8.39 -55.19
C GLU AA 47 -45.27 7.63 -54.99
N PRO AA 48 -45.19 6.31 -54.75
CA PRO AA 48 -46.42 5.54 -54.58
C PRO AA 48 -47.19 6.01 -53.36
N PRO AA 49 -48.51 5.90 -53.38
CA PRO AA 49 -49.31 6.41 -52.25
C PRO AA 49 -49.29 5.47 -51.06
N VAL AA 50 -49.22 4.15 -51.31
CA VAL AA 50 -49.27 3.18 -50.23
C VAL AA 50 -48.06 3.33 -49.32
N GLU AA 51 -46.92 3.71 -49.87
CA GLU AA 51 -45.69 3.84 -49.09
C GLU AA 51 -45.64 5.12 -48.26
N LYS AA 52 -46.62 6.01 -48.40
CA LYS AA 52 -46.61 7.28 -47.68
C LYS AA 52 -47.92 7.52 -46.93
N CYS AA 53 -49.02 6.96 -47.43
CA CYS AA 53 -50.36 7.31 -46.95
C CYS AA 53 -51.01 6.18 -46.16
N ALA AA 54 -50.22 5.27 -45.59
CA ALA AA 54 -50.79 4.15 -44.85
C ALA AA 54 -51.35 4.61 -43.51
N LEU AA 55 -50.61 5.43 -42.78
CA LEU AA 55 -51.04 5.83 -41.44
C LEU AA 55 -52.29 6.70 -41.51
N THR AA 56 -52.36 7.63 -42.47
CA THR AA 56 -53.54 8.47 -42.61
C THR AA 56 -54.76 7.63 -42.99
N TRP AA 57 -54.55 6.63 -43.85
CA TRP AA 57 -55.64 5.72 -44.18
C TRP AA 57 -56.13 4.96 -42.95
N GLY AA 58 -55.20 4.52 -42.11
CA GLY AA 58 -55.59 3.84 -40.89
C GLY AA 58 -56.36 4.74 -39.95
N GLU AA 59 -55.96 6.01 -39.87
CA GLU AA 59 -56.71 6.96 -39.06
C GLU AA 59 -58.13 7.14 -39.60
N VAL AA 60 -58.27 7.24 -40.91
CA VAL AA 60 -59.61 7.31 -41.50
C VAL AA 60 -60.40 6.07 -41.15
N LEU AA 61 -59.75 4.91 -41.20
CA LEU AA 61 -60.42 3.64 -40.90
C LEU AA 61 -60.94 3.62 -39.46
N ILE AA 62 -60.09 4.01 -38.51
CA ILE AA 62 -60.50 3.94 -37.11
C ILE AA 62 -61.59 4.96 -36.81
N ARG AA 63 -61.51 6.14 -37.42
CA ARG AA 63 -62.57 7.12 -37.23
C ARG AA 63 -63.88 6.65 -37.85
N TYR AA 64 -63.80 5.97 -39.00
CA TYR AA 64 -65.00 5.36 -39.58
C TYR AA 64 -65.59 4.34 -38.63
N GLN AA 65 -64.75 3.50 -38.02
CA GLN AA 65 -65.26 2.48 -37.12
C GLN AA 65 -65.95 3.09 -35.91
N ALA AA 66 -65.37 4.16 -35.35
CA ALA AA 66 -66.03 4.83 -34.23
C ALA AA 66 -67.28 5.57 -34.65
N TRP AA 67 -67.31 6.09 -35.88
CA TRP AA 67 -68.43 6.89 -36.35
C TRP AA 67 -69.63 6.02 -36.69
N SER AA 68 -69.41 4.86 -37.30
CA SER AA 68 -70.51 4.01 -37.72
C SER AA 68 -71.12 3.20 -36.59
N GLU AA 69 -70.43 3.08 -35.47
CA GLU AA 69 -70.95 2.28 -34.36
C GLU AA 69 -72.03 3.01 -33.59
N TYR AA 70 -72.00 4.33 -33.55
CA TYR AA 70 -72.90 5.11 -32.71
C TYR AA 70 -74.20 5.39 -33.44
N ARG AA 71 -75.31 5.01 -32.82
CA ARG AA 71 -76.65 5.32 -33.33
C ARG AA 71 -77.36 6.17 -32.29
N PRO AA 72 -77.66 7.43 -32.58
CA PRO AA 72 -78.33 8.28 -31.59
C PRO AA 72 -79.66 7.67 -31.18
N PRO AA 73 -80.04 7.78 -29.91
CA PRO AA 73 -81.26 7.12 -29.45
C PRO AA 73 -82.49 7.70 -30.09
N PHE AA 74 -83.45 6.83 -30.37
CA PHE AA 74 -84.74 7.28 -30.89
C PHE AA 74 -85.56 7.91 -29.77
N GLN AA 75 -86.26 8.98 -30.10
CA GLN AA 75 -87.12 9.68 -29.14
C GLN AA 75 -88.48 9.01 -29.15
N ASP AA 76 -88.77 8.22 -28.12
CA ASP AA 76 -90.00 7.47 -28.02
C ASP AA 76 -90.55 7.62 -26.61
N SER AA 77 -91.59 6.84 -26.29
CA SER AA 77 -92.27 7.00 -25.03
C SER AA 77 -91.34 6.72 -23.85
N VAL AA 78 -90.65 5.57 -23.87
CA VAL AA 78 -89.84 5.19 -22.73
C VAL AA 78 -88.61 6.09 -22.62
N ALA AA 79 -87.99 6.43 -23.74
CA ALA AA 79 -86.81 7.30 -23.70
C ALA AA 79 -87.18 8.69 -23.18
N GLN AA 80 -88.28 9.25 -23.68
CA GLN AA 80 -88.75 10.54 -23.18
C GLN AA 80 -89.09 10.47 -21.70
N ALA AA 81 -89.71 9.36 -21.29
CA ALA AA 81 -90.05 9.18 -19.88
C ALA AA 81 -88.80 9.19 -19.02
N LYS AA 82 -87.76 8.47 -19.44
CA LYS AA 82 -86.50 8.45 -18.68
C LYS AA 82 -85.89 9.83 -18.61
N TYR AA 83 -85.84 10.54 -19.74
CA TYR AA 83 -85.22 11.85 -19.76
C TYR AA 83 -85.96 12.82 -18.86
N LYS AA 84 -87.29 12.82 -18.92
CA LYS AA 84 -88.07 13.72 -18.07
C LYS AA 84 -87.96 13.33 -16.61
N LYS AA 85 -87.90 12.02 -16.33
CA LYS AA 85 -87.78 11.57 -14.95
C LYS AA 85 -86.47 12.04 -14.32
N TYR AA 86 -85.37 11.91 -15.05
CA TYR AA 86 -84.08 12.33 -14.49
C TYR AA 86 -83.97 13.84 -14.42
N TRP AA 87 -84.34 14.54 -15.50
CA TRP AA 87 -84.18 15.99 -15.57
C TRP AA 87 -85.47 16.65 -15.12
N SER AA 88 -85.64 16.70 -13.80
CA SER AA 88 -86.75 17.43 -13.21
C SER AA 88 -86.40 18.92 -13.12
N LYS AA 89 -87.38 19.72 -12.74
CA LYS AA 89 -87.15 21.15 -12.60
C LYS AA 89 -86.12 21.44 -11.53
N LYS AA 90 -86.16 20.70 -10.42
CA LYS AA 90 -85.19 20.89 -9.36
C LYS AA 90 -83.78 20.62 -9.86
N ARG AA 91 -83.60 19.52 -10.59
CA ARG AA 91 -82.28 19.17 -11.11
C ARG AA 91 -81.81 20.20 -12.14
N GLN AA 92 -82.71 20.68 -12.98
CA GLN AA 92 -82.33 21.72 -13.94
C GLN AA 92 -81.87 22.98 -13.24
N GLU AA 93 -82.59 23.40 -12.20
CA GLU AA 93 -82.18 24.58 -11.43
C GLU AA 93 -80.83 24.35 -10.78
N GLU AA 94 -80.62 23.18 -10.20
CA GLU AA 94 -79.33 22.88 -9.57
C GLU AA 94 -78.20 22.92 -10.59
N ASP AA 95 -78.42 22.37 -11.77
CA ASP AA 95 -77.41 22.40 -12.82
C ASP AA 95 -77.10 23.84 -13.23
N ASP AA 96 -78.14 24.67 -13.37
CA ASP AA 96 -77.91 26.06 -13.72
C ASP AA 96 -77.10 26.77 -12.64
N LYS AA 97 -77.41 26.51 -11.38
CA LYS AA 97 -76.72 27.19 -10.28
C LYS AA 97 -75.24 26.82 -10.24
N ASN AA 98 -74.91 25.55 -10.47
CA ASN AA 98 -73.54 25.09 -10.32
C ASN AA 98 -72.64 25.83 -11.31
N PRO AA 99 -71.51 26.39 -10.86
CA PRO AA 99 -70.60 27.06 -11.81
C PRO AA 99 -69.65 26.10 -12.52
N PHE AA 100 -69.44 24.91 -11.99
CA PHE AA 100 -68.52 23.96 -12.59
C PHE AA 100 -69.09 23.38 -13.87
N TYR BA 26 -24.03 -25.78 19.37
CA TYR BA 26 -23.63 -24.45 18.93
C TYR BA 26 -24.42 -24.03 17.70
N ASN BA 27 -24.22 -22.79 17.27
CA ASN BA 27 -24.95 -22.22 16.14
C ASN BA 27 -23.99 -21.55 15.18
N MET BA 28 -24.37 -21.57 13.90
CA MET BA 28 -23.75 -20.77 12.86
C MET BA 28 -24.89 -20.00 12.19
N LEU BA 29 -25.12 -18.76 12.64
CA LEU BA 29 -26.28 -17.97 12.24
C LEU BA 29 -27.52 -18.70 12.75
N VAL BA 30 -28.45 -19.11 11.90
CA VAL BA 30 -29.65 -19.81 12.34
C VAL BA 30 -29.52 -21.32 12.29
N PHE BA 31 -28.36 -21.83 11.88
CA PHE BA 31 -28.15 -23.27 11.75
C PHE BA 31 -27.56 -23.79 13.05
N ARG BA 32 -28.32 -24.65 13.74
CA ARG BA 32 -27.92 -25.19 15.02
C ARG BA 32 -27.44 -26.63 14.85
N ASP BA 33 -26.36 -26.96 15.54
CA ASP BA 33 -25.79 -28.30 15.46
C ASP BA 33 -26.66 -29.28 16.23
N PRO BA 34 -27.15 -30.35 15.61
CA PRO BA 34 -27.95 -31.33 16.35
C PRO BA 34 -27.12 -32.07 17.39
N LYS BA 35 -27.78 -32.42 18.49
CA LYS BA 35 -27.15 -33.12 19.60
C LYS BA 35 -27.93 -34.40 19.88
N ARG BA 36 -27.20 -35.50 19.99
CA ARG BA 36 -27.81 -36.79 20.28
C ARG BA 36 -28.26 -36.86 21.73
N ARG BA 37 -29.49 -37.31 21.95
CA ARG BA 37 -29.98 -37.48 23.31
C ARG BA 37 -29.32 -38.69 23.96
N PRO BA 38 -28.90 -38.59 25.22
CA PRO BA 38 -28.42 -39.79 25.93
C PRO BA 38 -29.50 -40.83 26.05
N GLN BA 39 -29.10 -42.09 25.91
CA GLN BA 39 -30.01 -43.23 26.05
C GLN BA 39 -29.71 -44.10 27.26
N LEU BA 40 -28.49 -44.09 27.76
CA LEU BA 40 -28.11 -44.90 28.91
C LEU BA 40 -28.35 -44.15 30.21
N SER BA 41 -28.71 -44.90 31.24
CA SER BA 41 -28.81 -44.34 32.57
C SER BA 41 -27.42 -44.17 33.18
N GLU BA 42 -27.36 -43.41 34.27
CA GLU BA 42 -26.07 -43.15 34.90
C GLU BA 42 -25.41 -44.45 35.37
N GLU BA 43 -26.20 -45.35 35.95
CA GLU BA 43 -25.63 -46.60 36.44
C GLU BA 43 -25.04 -47.42 35.30
N GLU BA 44 -25.80 -47.60 34.23
CA GLU BA 44 -25.29 -48.34 33.08
C GLU BA 44 -24.13 -47.61 32.42
N ARG BA 45 -24.23 -46.29 32.34
CA ARG BA 45 -23.19 -45.50 31.68
C ARG BA 45 -21.86 -45.61 32.42
N ALA BA 46 -21.91 -45.59 33.76
CA ALA BA 46 -20.67 -45.64 34.54
C ALA BA 46 -19.91 -46.94 34.30
N LYS BA 47 -20.60 -48.01 33.92
CA LYS BA 47 -19.96 -49.30 33.69
C LYS BA 47 -19.37 -49.43 32.29
N VAL BA 48 -19.50 -48.41 31.45
CA VAL BA 48 -18.97 -48.48 30.09
C VAL BA 48 -17.49 -48.13 30.11
N VAL BA 49 -16.69 -48.95 29.43
CA VAL BA 49 -15.24 -48.75 29.34
C VAL BA 49 -14.94 -48.11 27.99
N VAL BA 50 -14.35 -46.92 28.03
CA VAL BA 50 -14.02 -46.17 26.82
C VAL BA 50 -12.64 -46.60 26.34
N ASN BA 51 -12.55 -46.96 25.06
CA ASN BA 51 -11.30 -47.37 24.42
C ASN BA 51 -11.19 -46.61 23.10
N GLN BA 52 -10.51 -45.46 23.13
CA GLN BA 52 -10.39 -44.64 21.94
C GLN BA 52 -9.48 -45.24 20.88
N ALA BA 53 -8.76 -46.33 21.20
CA ALA BA 53 -7.93 -46.98 20.20
C ALA BA 53 -8.78 -47.56 19.07
N GLU BA 54 -10.02 -47.96 19.38
CA GLU BA 54 -10.92 -48.48 18.36
C GLU BA 54 -11.59 -47.38 17.54
N TRP BA 55 -11.53 -46.13 18.01
CA TRP BA 55 -12.21 -45.06 17.32
C TRP BA 55 -11.48 -44.69 16.02
N PRO BA 56 -12.19 -44.16 15.04
CA PRO BA 56 -11.50 -43.66 13.84
C PRO BA 56 -10.64 -42.45 14.14
N GLU BA 57 -9.59 -42.28 13.34
CA GLU BA 57 -8.67 -41.17 13.56
C GLU BA 57 -9.36 -39.83 13.41
N GLU BA 58 -10.43 -39.77 12.62
CA GLU BA 58 -11.16 -38.51 12.45
C GLU BA 58 -11.77 -38.05 13.77
N PHE BA 59 -12.25 -39.00 14.58
CA PHE BA 59 -12.93 -38.69 15.84
C PHE BA 59 -12.12 -39.32 16.97
N LYS BA 60 -11.13 -38.58 17.46
CA LYS BA 60 -10.39 -38.93 18.66
C LYS BA 60 -10.27 -37.67 19.51
N ASP BA 61 -10.39 -37.84 20.83
CA ASP BA 61 -10.61 -36.71 21.73
C ASP BA 61 -11.87 -35.95 21.31
N PHE BA 62 -12.90 -36.71 20.94
CA PHE BA 62 -14.12 -36.14 20.37
C PHE BA 62 -14.73 -35.11 21.31
N ASP BA 63 -15.08 -33.96 20.76
CA ASP BA 63 -15.66 -32.86 21.52
C ASP BA 63 -17.01 -32.50 20.93
N PRO BA 64 -18.11 -32.56 21.68
CA PRO BA 64 -19.41 -32.16 21.12
C PRO BA 64 -19.43 -30.72 20.64
N ASP BA 65 -18.65 -29.84 21.27
CA ASP BA 65 -18.62 -28.43 20.90
C ASP BA 65 -17.76 -28.17 19.67
N ASP BA 66 -17.04 -29.16 19.17
CA ASP BA 66 -16.21 -29.00 17.99
C ASP BA 66 -15.96 -30.38 17.37
N PRO BA 67 -16.99 -31.04 16.86
CA PRO BA 67 -16.81 -32.42 16.37
C PRO BA 67 -16.00 -32.53 15.10
N TYR BA 68 -15.84 -31.45 14.33
CA TYR BA 68 -15.18 -31.50 13.03
C TYR BA 68 -13.81 -30.85 13.05
N LYS BA 69 -13.19 -30.74 14.23
CA LYS BA 69 -11.88 -30.09 14.31
C LYS BA 69 -10.83 -30.86 13.53
N ASN BA 70 -10.88 -32.20 13.60
CA ASN BA 70 -9.91 -33.05 12.92
C ASN BA 70 -10.45 -33.60 11.60
N SER BA 71 -11.57 -33.09 11.12
CA SER BA 71 -12.14 -33.60 9.88
C SER BA 71 -11.27 -33.17 8.70
N PRO BA 72 -11.06 -34.04 7.72
CA PRO BA 72 -10.19 -33.69 6.60
C PRO BA 72 -10.80 -32.62 5.71
N GLU BA 73 -9.91 -31.87 5.06
CA GLU BA 73 -10.31 -30.88 4.08
C GLU BA 73 -10.75 -31.55 2.78
N ILE BA 74 -11.73 -30.95 2.12
CA ILE BA 74 -12.20 -31.47 0.85
C ILE BA 74 -11.11 -31.40 -0.20
N ILE BA 75 -10.41 -30.27 -0.27
CA ILE BA 75 -9.28 -30.07 -1.16
C ILE BA 75 -8.09 -29.71 -0.30
N LYS BA 76 -7.00 -30.48 -0.43
CA LYS BA 76 -5.83 -30.25 0.39
C LYS BA 76 -5.21 -28.88 0.06
N GLY BA 77 -5.01 -28.07 1.09
CA GLY BA 77 -4.44 -26.76 0.94
C GLY BA 77 -5.42 -25.66 0.62
N MET BA 78 -6.70 -25.98 0.44
CA MET BA 78 -7.73 -24.98 0.16
C MET BA 78 -8.35 -24.57 1.49
N SER BA 79 -7.99 -23.39 1.97
CA SER BA 79 -8.52 -22.86 3.22
C SER BA 79 -9.84 -22.13 2.99
N SER BA 80 -10.58 -21.96 4.08
CA SER BA 80 -11.81 -21.18 4.01
C SER BA 80 -11.53 -19.74 3.62
N TRP BA 81 -10.45 -19.17 4.18
CA TRP BA 81 -10.06 -17.81 3.82
C TRP BA 81 -9.76 -17.71 2.33
N ASN BA 82 -9.15 -18.75 1.76
CA ASN BA 82 -8.85 -18.73 0.33
C ASN BA 82 -10.12 -18.65 -0.50
N LEU BA 83 -11.15 -19.40 -0.12
CA LEU BA 83 -12.42 -19.36 -0.85
C LEU BA 83 -13.10 -18.00 -0.67
N PHE BA 84 -13.10 -17.48 0.55
CA PHE BA 84 -13.65 -16.15 0.80
C PHE BA 84 -12.94 -15.11 -0.07
N LEU BA 85 -11.63 -15.18 -0.15
CA LEU BA 85 -10.86 -14.25 -0.98
C LEU BA 85 -11.15 -14.46 -2.46
N TRP BA 86 -11.37 -15.70 -2.87
CA TRP BA 86 -11.75 -15.98 -4.24
C TRP BA 86 -13.05 -15.25 -4.60
N GLY BA 87 -14.03 -15.31 -3.69
CA GLY BA 87 -15.27 -14.59 -3.93
C GLY BA 87 -15.07 -13.08 -3.96
N VAL BA 88 -14.23 -12.57 -3.06
CA VAL BA 88 -13.95 -11.14 -3.04
C VAL BA 88 -13.33 -10.70 -4.37
N GLU BA 89 -12.39 -11.50 -4.88
CA GLU BA 89 -11.76 -11.17 -6.15
C GLU BA 89 -12.75 -11.23 -7.30
N CYS BA 90 -13.66 -12.21 -7.28
CA CYS BA 90 -14.68 -12.26 -8.32
C CYS BA 90 -15.56 -11.02 -8.28
N ALA BA 91 -15.92 -10.55 -7.08
CA ALA BA 91 -16.70 -9.33 -6.97
C ALA BA 91 -15.93 -8.12 -7.52
N PHE BA 92 -14.64 -8.03 -7.20
CA PHE BA 92 -13.84 -6.93 -7.70
C PHE BA 92 -13.76 -6.97 -9.22
N ILE BA 93 -13.60 -8.16 -9.80
CA ILE BA 93 -13.61 -8.28 -11.26
C ILE BA 93 -14.95 -7.83 -11.81
N TYR BA 94 -16.05 -8.26 -11.18
CA TYR BA 94 -17.37 -7.92 -11.66
C TYR BA 94 -17.57 -6.41 -11.70
N GLN BA 95 -17.01 -5.69 -10.73
CA GLN BA 95 -17.19 -4.25 -10.65
C GLN BA 95 -16.14 -3.46 -11.42
N PHE BA 96 -14.97 -4.02 -11.70
CA PHE BA 96 -13.86 -3.27 -12.27
C PHE BA 96 -13.48 -3.68 -13.68
N TYR BA 97 -14.06 -4.75 -14.22
CA TYR BA 97 -13.68 -5.16 -15.57
C TYR BA 97 -14.03 -4.09 -16.60
N GLU BA 98 -15.20 -3.47 -16.46
CA GLU BA 98 -15.61 -2.44 -17.42
C GLU BA 98 -14.75 -1.20 -17.33
N LEU BA 99 -14.04 -1.00 -16.23
CA LEU BA 99 -13.15 0.15 -16.09
C LEU BA 99 -11.89 0.00 -16.94
N VAL BA 100 -11.50 -1.23 -17.26
CA VAL BA 100 -10.27 -1.48 -18.00
C VAL BA 100 -10.59 -1.85 -19.44
N PHE BA 101 -11.73 -2.51 -19.66
CA PHE BA 101 -12.14 -2.94 -20.99
C PHE BA 101 -13.57 -2.47 -21.25
N PRO BA 102 -13.79 -1.16 -21.32
CA PRO BA 102 -15.13 -0.65 -21.61
C PRO BA 102 -15.57 -0.99 -23.03
N LYS BA 103 -16.87 -1.13 -23.21
CA LYS BA 103 -17.47 -1.45 -24.49
C LYS BA 103 -18.53 -0.42 -24.83
N SER BA 104 -18.74 -0.21 -26.12
CA SER BA 104 -19.70 0.78 -26.58
C SER BA 104 -21.11 0.20 -26.59
N ILE BA 105 -22.09 1.09 -26.52
CA ILE BA 105 -23.49 0.69 -26.52
C ILE BA 105 -23.83 0.03 -27.85
N SER CA 14 -42.03 5.90 -6.69
CA SER CA 14 -42.03 5.59 -8.12
C SER CA 14 -41.02 4.48 -8.43
N ASN CA 15 -39.75 4.76 -8.20
CA ASN CA 15 -38.72 3.75 -8.44
C ASN CA 15 -38.96 2.49 -7.62
N PRO CA 16 -39.25 2.56 -6.30
CA PRO CA 16 -39.58 1.33 -5.58
C PRO CA 16 -40.80 0.62 -6.16
N ALA CA 17 -41.80 1.38 -6.62
CA ALA CA 17 -42.99 0.77 -7.19
C ALA CA 17 -42.68 0.00 -8.46
N ASP CA 18 -41.61 0.37 -9.15
CA ASP CA 18 -41.26 -0.22 -10.43
C ASP CA 18 -40.60 -1.59 -10.28
N HIS CA 19 -40.28 -1.98 -9.05
CA HIS CA 19 -39.71 -3.29 -8.77
C HIS CA 19 -40.74 -4.39 -8.90
N PHE CA 20 -42.01 -4.02 -8.83
CA PHE CA 20 -43.12 -4.96 -8.74
C PHE CA 20 -43.72 -5.16 -10.13
N ARG CA 21 -42.90 -5.73 -11.02
CA ARG CA 21 -43.33 -6.01 -12.39
C ARG CA 21 -42.78 -7.37 -12.79
N PRO CA 22 -43.49 -8.12 -13.63
CA PRO CA 22 -42.94 -9.39 -14.12
C PRO CA 22 -41.63 -9.16 -14.86
N ASN CA 23 -40.69 -10.06 -14.64
CA ASN CA 23 -39.32 -9.89 -15.10
C ASN CA 23 -38.96 -10.75 -16.31
N LEU CA 24 -39.92 -11.47 -16.89
CA LEU CA 24 -39.64 -12.40 -17.99
C LEU CA 24 -40.67 -12.21 -19.11
N LYS CA 25 -40.91 -10.97 -19.49
CA LYS CA 25 -41.75 -10.67 -20.64
C LYS CA 25 -40.97 -10.93 -21.92
N ALA CA 26 -41.56 -11.70 -22.83
CA ALA CA 26 -40.88 -12.17 -24.03
C ALA CA 26 -41.45 -11.59 -25.32
N LEU CA 27 -42.77 -11.51 -25.45
CA LEU CA 27 -43.37 -11.11 -26.72
C LEU CA 27 -44.79 -10.64 -26.45
N THR CA 28 -45.21 -9.65 -27.24
CA THR CA 28 -46.57 -9.12 -27.19
C THR CA 28 -47.16 -9.13 -28.59
N LEU CA 29 -48.35 -9.71 -28.72
CA LEU CA 29 -49.05 -9.80 -29.98
C LEU CA 29 -50.35 -9.00 -29.90
N TYR CA 30 -50.72 -8.36 -31.00
CA TYR CA 30 -51.91 -7.54 -31.07
C TYR CA 30 -52.85 -8.08 -32.12
N ALA CA 31 -54.15 -7.98 -31.86
CA ALA CA 31 -55.17 -8.45 -32.78
C ALA CA 31 -56.45 -7.68 -32.53
N GLU CA 32 -57.10 -7.23 -33.60
CA GLU CA 32 -58.35 -6.52 -33.47
C GLU CA 32 -59.47 -7.47 -33.11
N ARG CA 33 -60.41 -6.96 -32.30
CA ARG CA 33 -61.55 -7.77 -31.88
C ARG CA 33 -62.37 -8.21 -33.08
N GLN CA 34 -62.56 -7.31 -34.04
CA GLN CA 34 -63.31 -7.65 -35.25
C GLN CA 34 -62.67 -8.84 -35.97
N HIS CA 35 -61.35 -8.82 -36.13
CA HIS CA 35 -60.68 -9.83 -36.94
C HIS CA 35 -60.83 -11.22 -36.34
N TYR CA 36 -60.46 -11.37 -35.07
CA TYR CA 36 -60.50 -12.71 -34.48
C TYR CA 36 -61.92 -13.15 -34.16
N VAL CA 37 -62.83 -12.22 -33.91
CA VAL CA 37 -64.24 -12.60 -33.79
C VAL CA 37 -64.74 -13.16 -35.11
N ASP CA 38 -64.40 -12.51 -36.23
CA ASP CA 38 -64.82 -13.01 -37.53
C ASP CA 38 -64.20 -14.37 -37.82
N ARG CA 39 -62.93 -14.55 -37.48
CA ARG CA 39 -62.28 -15.84 -37.71
C ARG CA 39 -62.93 -16.93 -36.87
N TRP CA 40 -63.25 -16.62 -35.61
CA TRP CA 40 -63.95 -17.58 -34.77
C TRP CA 40 -65.31 -17.94 -35.33
N LEU CA 41 -66.04 -16.94 -35.84
CA LEU CA 41 -67.34 -17.22 -36.45
C LEU CA 41 -67.19 -18.11 -37.67
N HIS CA 42 -66.15 -17.89 -38.47
CA HIS CA 42 -65.91 -18.76 -39.62
C HIS CA 42 -65.62 -20.19 -39.19
N VAL CA 43 -64.82 -20.36 -38.14
CA VAL CA 43 -64.55 -21.70 -37.63
C VAL CA 43 -65.84 -22.36 -37.15
N LYS CA 44 -66.65 -21.61 -36.41
CA LYS CA 44 -67.89 -22.15 -35.88
C LYS CA 44 -68.84 -22.54 -37.00
N GLU CA 45 -68.93 -21.71 -38.04
CA GLU CA 45 -69.78 -22.03 -39.18
C GLU CA 45 -69.25 -23.26 -39.91
N ARG CA 46 -67.93 -23.38 -40.03
CA ARG CA 46 -67.36 -24.54 -40.71
C ARG CA 46 -67.69 -25.83 -39.98
N TRP CA 47 -67.64 -25.80 -38.64
CA TRP CA 47 -67.88 -27.01 -37.86
C TRP CA 47 -69.35 -27.29 -37.62
N LEU CA 48 -70.22 -26.28 -37.69
CA LEU CA 48 -71.64 -26.46 -37.48
C LEU CA 48 -72.43 -26.54 -38.78
N ALA CA 49 -71.76 -26.48 -39.93
CA ALA CA 49 -72.43 -26.48 -41.22
C ALA CA 49 -72.86 -27.88 -41.67
N PRO CA 50 -72.06 -28.91 -41.46
CA PRO CA 50 -72.36 -30.22 -42.07
C PRO CA 50 -73.77 -30.69 -41.79
N TRP CA 51 -74.30 -31.47 -42.74
CA TRP CA 51 -75.68 -31.96 -42.64
C TRP CA 51 -75.85 -32.89 -41.44
N TYR CA 52 -74.82 -33.65 -41.09
CA TYR CA 52 -74.95 -34.63 -40.02
C TYR CA 52 -75.01 -34.00 -38.64
N LEU CA 53 -75.12 -32.67 -38.54
CA LEU CA 53 -75.35 -31.98 -37.26
C LEU CA 53 -76.64 -31.17 -37.43
N PRO CA 54 -77.79 -31.75 -37.08
CA PRO CA 54 -79.04 -31.03 -37.28
C PRO CA 54 -79.15 -29.79 -36.41
N TRP CA 55 -79.94 -28.83 -36.88
CA TRP CA 55 -80.07 -27.56 -36.18
C TRP CA 55 -80.69 -27.73 -34.79
N TRP CA 56 -81.48 -28.79 -34.60
CA TRP CA 56 -82.14 -29.03 -33.32
C TRP CA 56 -81.26 -29.76 -32.33
N SER CA 57 -80.05 -30.13 -32.71
CA SER CA 57 -79.16 -30.80 -31.78
C SER CA 57 -78.71 -29.83 -30.68
N PRO CA 58 -78.50 -30.33 -29.46
CA PRO CA 58 -78.01 -29.44 -28.40
C PRO CA 58 -76.69 -28.78 -28.71
N LEU CA 59 -75.81 -29.44 -29.45
CA LEU CA 59 -74.51 -28.85 -29.77
C LEU CA 59 -74.68 -27.60 -30.62
N PHE CA 60 -75.52 -27.67 -31.66
CA PHE CA 60 -75.74 -26.53 -32.53
C PHE CA 60 -76.35 -25.35 -31.76
N GLN CA 61 -77.36 -25.63 -30.94
CA GLN CA 61 -77.99 -24.58 -30.16
C GLN CA 61 -77.02 -23.98 -29.16
N LEU CA 62 -76.21 -24.81 -28.51
CA LEU CA 62 -75.18 -24.30 -27.63
C LEU CA 62 -74.24 -23.36 -28.37
N GLY CA 63 -73.89 -23.71 -29.61
CA GLY CA 63 -73.01 -22.85 -30.38
C GLY CA 63 -73.63 -21.52 -30.76
N THR CA 64 -74.93 -21.52 -31.08
CA THR CA 64 -75.55 -20.39 -31.76
C THR CA 64 -76.46 -19.53 -30.90
N TRP CA 65 -77.26 -20.13 -30.01
CA TRP CA 65 -78.38 -19.42 -29.41
C TRP CA 65 -77.90 -18.28 -28.51
N TYR CA 66 -76.92 -18.55 -27.65
CA TYR CA 66 -76.48 -17.51 -26.72
C TYR CA 66 -75.86 -16.33 -27.47
N SER CA 67 -75.06 -16.62 -28.50
CA SER CA 67 -74.50 -15.55 -29.31
C SER CA 67 -75.58 -14.72 -29.99
N GLN CA 68 -76.58 -15.39 -30.57
CA GLN CA 68 -77.70 -14.68 -31.17
C GLN CA 68 -78.41 -13.80 -30.16
N ARG CA 69 -78.65 -14.34 -28.96
CA ARG CA 69 -79.35 -13.57 -27.93
C ARG CA 69 -78.55 -12.34 -27.52
N SER CA 70 -77.24 -12.50 -27.32
CA SER CA 70 -76.43 -11.36 -26.91
C SER CA 70 -76.38 -10.29 -27.99
N ARG CA 71 -76.23 -10.70 -29.26
CA ARG CA 71 -76.20 -9.73 -30.34
C ARG CA 71 -77.54 -9.01 -30.46
N ASN CA 72 -78.65 -9.75 -30.29
CA ASN CA 72 -79.96 -9.11 -30.30
C ASN CA 72 -80.08 -8.08 -29.19
N LEU CA 73 -79.60 -8.43 -27.99
CA LEU CA 73 -79.63 -7.47 -26.89
C LEU CA 73 -78.85 -6.22 -27.23
N PHE CA 74 -77.69 -6.37 -27.88
CA PHE CA 74 -76.93 -5.20 -28.30
C PHE CA 74 -77.72 -4.36 -29.30
N LEU CA 75 -78.37 -5.00 -30.27
CA LEU CA 75 -79.10 -4.27 -31.30
C LEU CA 75 -80.29 -3.52 -30.71
N VAL CA 76 -81.01 -4.15 -29.78
CA VAL CA 76 -82.19 -3.53 -29.17
C VAL CA 76 -81.84 -2.37 -28.27
N GLU CA 77 -80.56 -2.21 -27.91
CA GLU CA 77 -80.17 -1.21 -26.93
C GLU CA 77 -80.51 0.19 -27.43
N ASN CA 78 -81.14 0.99 -26.56
CA ASN CA 78 -81.45 2.39 -26.84
C ASN CA 78 -81.07 3.18 -25.58
N HIS CA 79 -79.83 3.63 -25.52
CA HIS CA 79 -79.29 4.31 -24.36
C HIS CA 79 -79.25 5.82 -24.59
N LEU CA 80 -79.61 6.56 -23.54
CA LEU CA 80 -79.59 8.02 -23.62
C LEU CA 80 -78.19 8.59 -23.48
N SER CA 81 -77.26 7.82 -22.93
CA SER CA 81 -75.88 8.26 -22.79
C SER CA 81 -75.05 7.73 -23.95
N TYR CA 82 -73.81 8.22 -24.04
CA TYR CA 82 -72.89 7.84 -25.09
C TYR CA 82 -71.83 6.90 -24.54
N ARG CA 83 -71.63 5.77 -25.21
CA ARG CA 83 -70.60 4.82 -24.84
C ARG CA 83 -69.41 5.00 -25.77
N PRO CA 84 -68.26 5.46 -25.29
CA PRO CA 84 -67.14 5.68 -26.19
C PRO CA 84 -66.66 4.40 -26.84
N TYR CA 85 -66.09 4.55 -28.04
CA TYR CA 85 -65.62 3.39 -28.80
C TYR CA 85 -64.63 2.58 -27.97
N LYS CA 86 -64.83 1.26 -27.98
CA LYS CA 86 -64.05 0.38 -27.12
C LYS CA 86 -62.57 0.43 -27.46
N PHE CA 87 -62.24 0.67 -28.72
CA PHE CA 87 -60.87 0.54 -29.18
C PHE CA 87 -60.32 1.85 -29.74
N ARG CA 88 -60.56 2.93 -29.01
CA ARG CA 88 -59.98 4.22 -29.36
C ARG CA 88 -58.46 4.17 -29.29
N ARG CA 89 -57.83 5.16 -29.92
CA ARG CA 89 -56.38 5.32 -29.80
C ARG CA 89 -56.00 5.83 -28.42
N ASN CA 90 -56.83 6.68 -27.83
CA ASN CA 90 -56.56 7.28 -26.52
C ASN CA 90 -57.81 7.19 -25.67
N ASP CA 91 -57.75 6.37 -24.62
CA ASP CA 91 -58.85 6.25 -23.66
C ASP CA 91 -58.42 6.68 -22.26
N GLU CA 92 -57.31 7.41 -22.15
CA GLU CA 92 -56.81 7.87 -20.87
C GLU CA 92 -57.30 9.25 -20.48
N ASP CA 93 -57.81 10.03 -21.43
CA ASP CA 93 -58.27 11.39 -21.16
C ASP CA 93 -59.75 11.32 -20.77
N ARG CA 94 -60.06 11.76 -19.55
CA ARG CA 94 -61.43 11.69 -19.06
C ARG CA 94 -62.33 12.69 -19.77
N ASN CA 95 -61.79 13.84 -20.18
CA ASN CA 95 -62.57 14.90 -20.79
C ASN CA 95 -62.59 14.81 -22.31
N ASN CA 96 -62.40 13.62 -22.88
CA ASN CA 96 -62.39 13.45 -24.33
C ASN CA 96 -62.84 12.03 -24.65
N PRO CA 97 -64.14 11.80 -24.77
CA PRO CA 97 -64.63 10.46 -25.11
C PRO CA 97 -64.36 10.04 -26.54
N TYR CA 98 -63.74 10.89 -27.35
CA TYR CA 98 -63.53 10.59 -28.76
C TYR CA 98 -62.04 10.51 -29.09
N MET DA 1 -37.10 -26.55 7.22
CA MET DA 1 -37.55 -26.81 8.62
C MET DA 1 -36.40 -26.70 9.60
N LEU DA 2 -35.17 -26.66 9.06
CA LEU DA 2 -33.96 -26.43 9.86
C LEU DA 2 -33.83 -27.49 10.96
N LEU DA 3 -33.67 -28.73 10.54
CA LEU DA 3 -33.59 -29.86 11.47
C LEU DA 3 -32.16 -30.34 11.72
N GLY DA 4 -31.32 -30.37 10.69
CA GLY DA 4 -29.99 -30.90 10.90
C GLY DA 4 -29.16 -30.77 9.64
N GLY DA 5 -27.92 -31.26 9.75
CA GLY DA 5 -26.93 -31.18 8.70
C GLY DA 5 -25.60 -30.72 9.25
N PHE DA 6 -24.61 -30.68 8.36
CA PHE DA 6 -23.29 -30.22 8.73
C PHE DA 6 -23.34 -28.75 9.13
N VAL DA 7 -22.76 -28.42 10.28
CA VAL DA 7 -22.72 -27.04 10.77
C VAL DA 7 -21.28 -26.72 11.17
N PRO DA 8 -20.55 -25.92 10.39
CA PRO DA 8 -19.18 -25.59 10.79
C PRO DA 8 -19.15 -24.85 12.12
N ARG DA 9 -18.18 -25.20 12.96
CA ARG DA 9 -18.06 -24.56 14.26
C ARG DA 9 -17.53 -23.15 14.15
N ARG DA 10 -16.63 -22.91 13.20
CA ARG DA 10 -16.03 -21.60 13.02
C ARG DA 10 -15.66 -21.43 11.55
N PHE DA 11 -15.07 -20.27 11.24
CA PHE DA 11 -14.73 -19.95 9.87
C PHE DA 11 -13.83 -21.03 9.25
N SER DA 12 -12.81 -21.45 10.00
CA SER DA 12 -11.81 -22.36 9.46
C SER DA 12 -12.40 -23.69 9.02
N GLN DA 13 -13.59 -24.05 9.49
CA GLN DA 13 -14.20 -25.32 9.16
C GLN DA 13 -15.09 -25.26 7.93
N PHE DA 14 -15.30 -24.08 7.35
CA PHE DA 14 -16.15 -24.01 6.16
C PHE DA 14 -15.59 -24.81 5.00
N ASN DA 15 -14.31 -25.15 5.02
CA ASN DA 15 -13.68 -25.92 3.96
C ASN DA 15 -13.79 -27.42 4.18
N ARG DA 16 -14.59 -27.86 5.16
CA ARG DA 16 -14.76 -29.28 5.42
C ARG DA 16 -15.97 -29.87 4.72
N ASP DA 17 -16.70 -29.08 3.92
CA ASP DA 17 -17.88 -29.54 3.22
C ASP DA 17 -18.02 -28.74 1.93
N PRO DA 18 -18.23 -29.39 0.78
CA PRO DA 18 -18.30 -28.61 -0.48
C PRO DA 18 -19.37 -27.55 -0.48
N CYS DA 19 -20.54 -27.85 0.09
CA CYS DA 19 -21.64 -26.90 0.09
C CYS DA 19 -21.27 -25.64 0.86
N TRP DA 20 -20.62 -25.81 2.02
CA TRP DA 20 -20.20 -24.65 2.79
C TRP DA 20 -19.01 -23.94 2.14
N MET DA 21 -18.22 -24.66 1.35
CA MET DA 21 -17.20 -24.01 0.55
C MET DA 21 -17.82 -23.05 -0.45
N PHE DA 22 -18.87 -23.51 -1.14
CA PHE DA 22 -19.60 -22.62 -2.04
C PHE DA 22 -20.24 -21.46 -1.28
N PHE DA 23 -20.77 -21.75 -0.09
CA PHE DA 23 -21.39 -20.70 0.71
C PHE DA 23 -20.39 -19.63 1.10
N ILE DA 24 -19.20 -20.03 1.54
CA ILE DA 24 -18.21 -19.04 1.97
C ILE DA 24 -17.67 -18.26 0.78
N PHE DA 25 -17.57 -18.91 -0.38
CA PHE DA 25 -17.23 -18.19 -1.60
C PHE DA 25 -18.28 -17.11 -1.90
N SER DA 26 -19.56 -17.48 -1.80
CA SER DA 26 -20.63 -16.52 -2.07
C SER DA 26 -20.62 -15.39 -1.04
N VAL DA 27 -20.34 -15.70 0.23
CA VAL DA 27 -20.26 -14.67 1.25
C VAL DA 27 -19.10 -13.73 0.95
N GLY DA 28 -17.98 -14.27 0.47
CA GLY DA 28 -16.89 -13.42 0.04
C GLY DA 28 -17.30 -12.47 -1.05
N PHE DA 29 -18.00 -12.98 -2.06
CA PHE DA 29 -18.51 -12.11 -3.12
C PHE DA 29 -19.41 -11.02 -2.53
N TRP DA 30 -20.38 -11.42 -1.71
CA TRP DA 30 -21.34 -10.49 -1.15
C TRP DA 30 -20.65 -9.36 -0.40
N LEU DA 31 -19.76 -9.72 0.53
CA LEU DA 31 -19.15 -8.71 1.38
C LEU DA 31 -18.05 -7.93 0.65
N GLY DA 32 -17.36 -8.55 -0.29
CA GLY DA 32 -16.30 -7.88 -1.02
C GLY DA 32 -16.77 -6.99 -2.14
N GLU DA 33 -18.02 -7.10 -2.57
CA GLU DA 33 -18.52 -6.20 -3.59
C GLU DA 33 -18.78 -4.81 -3.04
N TYR DA 34 -18.88 -4.65 -1.72
CA TYR DA 34 -19.15 -3.35 -1.12
C TYR DA 34 -17.88 -2.51 -1.10
N PRO DA 35 -16.75 -3.04 -0.64
CA PRO DA 35 -15.49 -2.27 -0.76
C PRO DA 35 -15.19 -1.85 -2.18
N ALA DA 36 -15.47 -2.71 -3.16
CA ALA DA 36 -15.23 -2.35 -4.55
C ALA DA 36 -16.08 -1.16 -4.96
N MET DA 37 -17.35 -1.14 -4.52
CA MET DA 37 -18.21 0.00 -4.82
C MET DA 37 -17.72 1.26 -4.10
N MET DA 38 -17.21 1.12 -2.88
CA MET DA 38 -16.63 2.26 -2.18
C MET DA 38 -15.50 2.87 -2.99
N ILE DA 39 -14.59 2.03 -3.47
CA ILE DA 39 -13.44 2.51 -4.22
C ILE DA 39 -13.88 3.11 -5.55
N LYS DA 40 -14.83 2.46 -6.24
CA LYS DA 40 -15.21 2.87 -7.59
C LYS DA 40 -16.05 4.15 -7.58
N TYR DA 41 -17.01 4.24 -6.66
CA TYR DA 41 -18.00 5.31 -6.68
C TYR DA 41 -17.65 6.47 -5.76
N ASN DA 42 -16.53 6.38 -5.03
CA ASN DA 42 -15.99 7.51 -4.28
C ASN DA 42 -14.62 7.89 -4.82
N ALA DA 43 -14.39 7.61 -6.09
CA ALA DA 43 -13.09 7.87 -6.71
C ALA DA 43 -12.88 9.36 -6.93
N ARG DA 44 -11.61 9.76 -6.93
CA ARG DA 44 -11.28 11.16 -7.17
C ARG DA 44 -11.64 11.58 -8.59
N ASP DA 45 -11.39 10.72 -9.57
CA ASP DA 45 -11.58 11.05 -10.97
C ASP DA 45 -12.99 10.78 -11.46
N LEU DA 46 -13.88 10.28 -10.60
CA LEU DA 46 -15.28 10.16 -10.99
C LEU DA 46 -15.89 11.54 -11.15
N VAL DA 47 -16.55 11.77 -12.28
CA VAL DA 47 -17.12 13.06 -12.63
C VAL DA 47 -18.59 12.88 -12.92
N TYR DA 48 -19.42 13.76 -12.38
CA TYR DA 48 -20.83 13.74 -12.71
C TYR DA 48 -21.04 14.09 -14.17
N ASP DA 49 -22.12 13.57 -14.75
CA ASP DA 49 -22.42 13.82 -16.14
C ASP DA 49 -22.71 15.31 -16.35
N PRO DA 50 -22.04 15.97 -17.28
CA PRO DA 50 -22.37 17.39 -17.53
C PRO DA 50 -23.82 17.59 -17.93
N HIS DA 51 -24.42 16.63 -18.61
CA HIS DA 51 -25.79 16.72 -19.09
C HIS DA 51 -26.79 16.09 -18.12
N ARG DA 52 -26.42 15.97 -16.84
CA ARG DA 52 -27.32 15.38 -15.86
C ARG DA 52 -28.59 16.20 -15.67
N TYR DA 53 -28.54 17.49 -15.98
CA TYR DA 53 -29.72 18.35 -15.89
C TYR DA 53 -30.51 18.40 -17.18
N VAL DA 54 -30.03 17.75 -18.24
CA VAL DA 54 -30.78 17.69 -19.48
C VAL DA 54 -32.02 16.82 -19.31
N TRP DA 55 -31.89 15.72 -18.57
CA TRP DA 55 -32.99 14.81 -18.36
C TRP DA 55 -32.78 14.06 -17.06
N SER DA 56 -33.88 13.73 -16.39
CA SER DA 56 -33.85 12.89 -15.20
C SER DA 56 -35.13 12.07 -15.15
N HIS DA 57 -35.06 10.94 -14.45
CA HIS DA 57 -36.23 10.09 -14.26
C HIS DA 57 -37.34 10.84 -13.56
N HIS DA 58 -37.01 11.84 -12.76
CA HIS DA 58 -38.01 12.64 -12.08
C HIS DA 58 -38.93 13.34 -13.07
N ASP DA 59 -38.38 13.82 -14.19
CA ASP DA 59 -39.23 14.38 -15.24
C ASP DA 59 -40.22 13.33 -15.72
N ASP DA 60 -39.70 12.15 -16.05
CA ASP DA 60 -40.48 11.17 -16.79
C ASP DA 60 -41.63 10.64 -15.95
N HIS DA 61 -41.37 10.32 -14.68
CA HIS DA 61 -42.43 9.74 -13.86
C HIS DA 61 -43.46 10.79 -13.44
N HIS DA 62 -43.08 12.06 -13.40
CA HIS DA 62 -44.01 13.12 -13.05
C HIS DA 62 -45.03 13.30 -14.16
C1 CDL EA . 40.31 32.45 13.48
O1 CDL EA . 40.22 33.42 14.52
CA2 CDL EA . 40.75 31.13 14.07
OA2 CDL EA . 42.19 31.04 13.98
PA1 CDL EA . 42.99 30.24 15.11
OA3 CDL EA . 42.10 29.21 15.67
OA4 CDL EA . 44.31 29.83 14.55
OA5 CDL EA . 43.22 31.33 16.24
CA3 CDL EA . 43.93 30.99 17.45
CA4 CDL EA . 42.95 30.41 18.43
OA6 CDL EA . 42.99 31.23 19.63
CA5 CDL EA . 42.27 32.37 19.62
OA7 CDL EA . 41.44 32.64 18.79
C11 CDL EA . 42.66 33.25 20.77
C12 CDL EA . 41.47 33.97 21.39
C13 CDL EA . 40.68 33.08 22.36
C14 CDL EA . 39.57 33.82 23.08
C15 CDL EA . 38.98 33.04 24.25
C16 CDL EA . 38.01 33.85 25.08
C17 CDL EA . 37.53 33.15 26.34
C18 CDL EA . 36.68 34.03 27.24
C19 CDL EA . 36.16 33.36 28.49
C20 CDL EA . 35.37 34.29 29.39
C21 CDL EA . 34.80 33.63 30.63
C22 CDL EA . 34.06 34.59 31.54
C23 CDL EA . 33.44 33.95 32.77
C24 CDL EA . 32.74 34.95 33.68
C25 CDL EA . 32.07 34.31 34.89
C26 CDL EA . 31.37 35.31 35.79
C27 CDL EA . 30.65 34.67 36.95
CA6 CDL EA . 43.31 29.01 18.84
OA8 CDL EA . 42.09 28.30 19.19
CA7 CDL EA . 41.43 28.74 20.25
OA9 CDL EA . 41.91 29.43 21.11
C31 CDL EA . 40.01 28.25 20.25
C32 CDL EA . 38.99 29.38 20.25
C33 CDL EA . 38.89 30.08 18.91
C34 CDL EA . 38.28 31.47 18.99
C35 CDL EA . 38.43 32.28 17.70
C36 CDL EA . 37.49 31.84 16.60
C37 CDL EA . 36.21 32.65 16.52
C38 CDL EA . 35.03 31.87 15.97
C39 CDL EA . 33.80 32.71 15.68
C40 CDL EA . 33.26 33.48 16.88
C41 CDL EA . 33.05 32.65 18.13
C42 CDL EA . 31.78 33.00 18.91
C43 CDL EA . 31.63 34.49 19.21
C44 CDL EA . 30.30 34.82 19.88
C45 CDL EA . 29.82 36.24 19.60
C46 CDL EA . 28.46 36.56 20.19
C47 CDL EA . 27.92 37.90 19.73
CB2 CDL EA . 41.21 32.97 12.39
OB2 CDL EA . 41.45 31.92 11.43
PB2 CDL EA . 40.86 32.04 9.95
OB3 CDL EA . 39.38 31.95 10.06
OB4 CDL EA . 41.57 31.10 9.06
OB5 CDL EA . 41.21 33.53 9.52
CB3 CDL EA . 40.31 34.27 8.65
CB4 CDL EA . 40.88 35.64 8.41
OB6 CDL EA . 40.83 36.37 9.67
CB5 CDL EA . 41.97 36.53 10.35
OB7 CDL EA . 43.02 36.04 10.03
C51 CDL EA . 41.77 37.41 11.56
C52 CDL EA . 41.25 38.79 11.20
C53 CDL EA . 41.26 39.74 12.38
C54 CDL EA . 41.74 41.15 12.02
C55 CDL EA . 41.77 42.11 13.18
C56 CDL EA . 40.41 42.66 13.58
C57 CDL EA . 40.46 43.61 14.77
C58 CDL EA . 40.03 42.96 16.08
C59 CDL EA . 38.53 42.90 16.27
C60 CDL EA . 38.12 42.41 17.65
C61 CDL EA . 36.67 42.70 18.02
C62 CDL EA . 36.36 42.44 19.48
C63 CDL EA . 35.00 42.95 19.95
C64 CDL EA . 33.81 42.11 19.50
C65 CDL EA . 32.67 42.13 20.48
C66 CDL EA . 31.41 41.40 20.03
C67 CDL EA . 30.64 42.16 18.98
CB6 CDL EA . 40.08 36.39 7.40
OB8 CDL EA . 40.60 37.74 7.29
CB7 CDL EA . 39.89 38.72 7.85
OB9 CDL EA . 38.90 38.55 8.51
C71 CDL EA . 40.49 40.07 7.54
C72 CDL EA . 39.89 41.20 8.35
C73 CDL EA . 40.67 42.50 8.22
C74 CDL EA . 40.12 43.63 9.05
C75 CDL EA . 40.99 44.88 9.02
C76 CDL EA . 40.31 46.12 9.61
C77 CDL EA . 40.00 46.01 11.10
C78 CDL EA . 39.25 47.21 11.66
C79 CDL EA . 38.67 47.00 13.04
C80 CDL EA . 37.64 45.87 13.11
C81 CDL EA . 36.72 45.93 14.31
C82 CDL EA . 35.70 44.80 14.32
C83 CDL EA . 34.52 45.02 15.25
C84 CDL EA . 33.42 43.99 15.07
C85 CDL EA . 32.22 44.17 15.98
C86 CDL EA . 31.14 45.11 15.47
C87 CDL EA . 31.57 46.55 15.36
H1 CDL EA . 39.28 32.40 13.14
H1O1 CDL EA . 40.79 33.13 15.27
HA22 CDL EA . 40.46 31.02 15.11
HA21 CDL EA . 40.36 30.28 13.53
HA32 CDL EA . 44.74 30.30 17.23
HA31 CDL EA . 44.39 31.89 17.85
HA4 CDL EA . 41.96 30.40 17.98
H112 CDL EA . 43.40 33.99 20.47
H111 CDL EA . 43.16 32.63 21.51
H122 CDL EA . 40.82 34.33 20.60
H121 CDL EA . 41.81 34.86 21.90
H132 CDL EA . 41.36 32.65 23.08
H131 CDL EA . 40.28 32.24 21.81
H142 CDL EA . 38.78 34.07 22.38
H141 CDL EA . 39.93 34.77 23.43
H152 CDL EA . 39.79 32.67 24.89
H151 CDL EA . 38.50 32.14 23.89
H162 CDL EA . 37.15 34.11 24.47
H161 CDL EA . 38.46 34.80 25.34
H172 CDL EA . 36.98 32.25 26.08
H171 CDL EA . 38.38 32.78 26.91
H182 CDL EA . 37.26 34.92 27.52
H181 CDL EA . 35.84 34.43 26.66
H192 CDL EA . 36.99 32.93 29.05
H191 CDL EA . 35.55 32.49 28.22
H202 CDL EA . 35.99 35.12 29.68
H201 CDL EA . 34.56 34.75 28.81
H212 CDL EA . 34.12 32.82 30.34
H211 CDL EA . 35.59 33.13 31.19
H222 CDL EA . 34.75 35.38 31.86
H221 CDL EA . 33.29 35.12 30.98
H232 CDL EA . 32.75 33.18 32.47
H231 CDL EA . 34.21 33.42 33.33
H242 CDL EA . 33.46 35.70 34.02
H241 CDL EA . 32.01 35.51 33.11
H252 CDL EA . 32.80 33.75 35.47
H251 CDL EA . 31.36 33.56 34.55
H262 CDL EA . 32.09 36.05 36.16
H261 CDL EA . 30.65 35.89 35.20
H273 CDL EA . 30.13 35.40 37.57
H272 CDL EA . 31.34 34.13 37.62
H271 CDL EA . 29.91 33.94 36.62
HA62 CDL EA . 43.83 28.49 18.04
HA61 CDL EA . 43.96 29.01 19.71
H312 CDL EA . 39.85 27.60 19.40
H311 CDL EA . 39.86 27.62 21.13
H322 CDL EA . 38.01 28.98 20.53
H321 CDL EA . 39.22 30.09 21.03
H332 CDL EA . 38.32 29.47 18.22
H331 CDL EA . 39.88 30.14 18.45
H342 CDL EA . 38.72 32.02 19.82
H341 CDL EA . 37.22 31.39 19.24
H352 CDL EA . 39.46 32.22 17.35
H351 CDL EA . 38.28 33.33 17.91
H362 CDL EA . 38.01 31.89 15.64
H361 CDL EA . 37.26 30.79 16.71
H372 CDL EA . 36.38 33.53 15.91
H371 CDL EA . 35.96 33.04 17.51
H382 CDL EA . 34.78 31.09 16.69
H381 CDL EA . 35.33 31.34 15.08
H392 CDL EA . 34.01 33.39 14.86
H391 CDL EA . 33.01 32.06 15.29
H402 CDL EA . 33.94 34.32 17.10
H401 CDL EA . 32.33 33.95 16.58
H412 CDL EA . 33.91 32.73 18.78
H411 CDL EA . 33.02 31.59 17.87
H422 CDL EA . 30.92 32.65 18.37
H421 CDL EA . 31.77 32.44 19.84
H432 CDL EA . 31.72 35.07 18.30
H431 CDL EA . 32.44 34.82 19.84
H442 CDL EA . 30.38 34.67 20.96
H441 CDL EA . 29.54 34.10 19.57
H452 CDL EA . 30.55 36.95 19.97
H451 CDL EA . 29.80 36.40 18.53
H462 CDL EA . 27.75 35.76 19.94
H461 CDL EA . 28.52 36.54 21.28
H473 CDL EA . 28.55 38.73 20.05
H472 CDL EA . 26.92 38.09 20.12
H471 CDL EA . 27.86 37.95 18.65
HB22 CDL EA . 42.16 33.32 12.79
HB21 CDL EA . 40.75 33.80 11.86
HB32 CDL EA . 39.35 34.33 9.16
HB31 CDL EA . 40.15 33.71 7.74
HB4 CDL EA . 41.92 35.52 8.09
H512 CDL EA . 42.72 37.48 12.09
H511 CDL EA . 41.10 36.93 12.26
H522 CDL EA . 40.24 38.70 10.80
H521 CDL EA . 41.83 39.21 10.38
H532 CDL EA . 40.27 39.79 12.82
H531 CDL EA . 41.89 39.34 13.16
H542 CDL EA . 41.10 41.54 11.23
H541 CDL EA . 42.71 41.08 11.56
H552 CDL EA . 42.45 42.92 12.97
H551 CDL EA . 42.22 41.61 14.05
H562 CDL EA . 39.71 41.85 13.77
H561 CDL EA . 39.97 43.18 12.73
H572 CDL EA . 41.47 44.00 14.88
H571 CDL EA . 39.85 44.48 14.57
H582 CDL EA . 40.50 43.49 16.91
H581 CDL EA . 40.45 41.96 16.14
H592 CDL EA . 38.10 43.89 16.10
H591 CDL EA . 38.08 42.28 15.50
H602 CDL EA . 38.29 41.33 17.71
H601 CDL EA . 38.77 42.83 18.40
H612 CDL EA . 36.00 42.10 17.39
H611 CDL EA . 36.42 43.73 17.76
H622 CDL EA . 37.14 42.87 20.10
H621 CDL EA . 36.42 41.37 19.68
H632 CDL EA . 34.87 43.98 19.59
H631 CDL EA . 35.00 43.04 21.02
H642 CDL EA . 34.14 41.09 19.31
H641 CDL EA . 33.46 42.47 18.53
H652 CDL EA . 32.41 43.14 20.74
H651 CDL EA . 32.99 41.69 21.43
H662 CDL EA . 31.67 40.41 19.64
H661 CDL EA . 30.76 41.20 20.88
H673 CDL EA . 30.45 43.20 19.28
H672 CDL EA . 31.17 42.21 18.03
H671 CDL EA . 29.67 41.72 18.78
HB62 CDL EA . 40.14 35.90 6.43
HB61 CDL EA . 39.02 36.44 7.66
H712 CDL EA . 40.36 40.25 6.47
H711 CDL EA . 41.56 40.03 7.68
H722 CDL EA . 38.86 41.36 8.03
H721 CDL EA . 39.82 40.91 9.39
H732 CDL EA . 40.69 42.79 7.17
H731 CDL EA . 41.71 42.32 8.47
H742 CDL EA . 39.11 43.87 8.71
H741 CDL EA . 40.00 43.31 10.08
H752 CDL EA . 41.29 45.09 8.00
H751 CDL EA . 41.92 44.70 9.54
H762 CDL EA . 40.94 46.99 9.44
H761 CDL EA . 39.39 46.33 9.07
H772 CDL EA . 39.44 45.10 11.29
H771 CDL EA . 40.93 45.87 11.66
H782 CDL EA . 38.44 47.48 10.98
H781 CDL EA . 39.90 48.08 11.66
H792 CDL EA . 39.47 46.81 13.76
H791 CDL EA . 38.20 47.93 13.39
H802 CDL EA . 38.17 44.92 13.11
H801 CDL EA . 37.06 45.86 12.20
H812 CDL EA . 37.29 45.91 15.23
H811 CDL EA . 36.21 46.88 14.33
H822 CDL EA . 35.34 44.62 13.32
H821 CDL EA . 36.20 43.87 14.59
H832 CDL EA . 34.13 46.02 15.11
H831 CDL EA . 34.86 45.01 16.29
H842 CDL EA . 33.83 43.00 15.22
H841 CDL EA . 33.09 43.99 14.03
H852 CDL EA . 31.78 43.20 16.19
H851 CDL EA . 32.56 44.51 16.96
H862 CDL EA . 30.78 44.76 14.50
H861 CDL EA . 30.26 45.05 16.11
H873 CDL EA . 30.71 47.22 15.30
H872 CDL EA . 32.16 46.87 16.21
H871 CDL EA . 32.17 46.73 14.47
C1 CDL FA . 67.39 36.92 15.94
O1 CDL FA . 66.11 36.93 16.58
CA2 CDL FA . 68.45 37.20 16.96
OA2 CDL FA . 68.47 36.13 17.92
PA1 CDL FA . 69.83 35.71 18.64
OA3 CDL FA . 69.57 34.50 19.45
OA4 CDL FA . 70.92 35.68 17.63
OA5 CDL FA . 70.09 36.90 19.66
CA3 CDL FA . 69.50 36.87 20.97
CA4 CDL FA . 69.77 38.17 21.66
OA6 CDL FA . 68.98 39.21 20.99
CA5 CDL FA . 67.86 39.62 21.60
OA7 CDL FA . 67.46 39.19 22.65
C11 CDL FA . 67.17 40.69 20.79
C12 CDL FA . 66.22 41.53 21.63
C13 CDL FA . 65.24 42.33 20.80
C14 CDL FA . 63.94 42.64 21.53
C15 CDL FA . 62.87 43.26 20.65
C16 CDL FA . 62.00 42.24 19.93
C17 CDL FA . 60.67 42.80 19.45
C18 CDL FA . 59.64 42.98 20.56
C19 CDL FA . 58.63 44.09 20.28
C20 CDL FA . 59.15 45.48 20.60
C21 CDL FA . 58.79 46.54 19.58
C22 CDL FA . 57.29 46.81 19.46
C23 CDL FA . 56.97 47.91 18.45
C24 CDL FA . 55.52 47.92 17.99
C25 CDL FA . 54.54 48.51 19.00
C26 CDL FA . 54.66 50.02 19.18
C27 CDL FA . 53.62 50.59 20.10
CA6 CDL FA . 71.21 38.57 21.56
OA8 CDL FA . 71.45 39.72 22.41
CA7 CDL FA . 72.08 40.76 21.87
OA9 CDL FA . 72.46 40.80 20.73
C31 CDL FA . 72.29 41.85 22.87
C32 CDL FA . 71.15 42.86 22.93
C33 CDL FA . 70.91 43.59 21.62
C34 CDL FA . 69.93 44.74 21.76
C35 CDL FA . 69.50 45.40 20.46
C36 CDL FA . 70.63 46.04 19.67
C37 CDL FA . 70.14 46.85 18.48
C38 CDL FA . 71.25 47.59 17.74
C39 CDL FA . 70.75 48.47 16.60
C40 CDL FA . 69.82 47.75 15.63
C41 CDL FA . 69.63 48.48 14.31
C42 CDL FA . 68.73 49.69 14.38
C43 CDL FA . 68.25 50.21 13.03
C44 CDL FA . 67.59 51.58 13.07
C45 CDL FA . 66.30 51.64 13.87
C46 CDL FA . 65.04 51.31 13.09
C47 CDL FA . 63.80 51.57 13.88
CB2 CDL FA . 67.38 37.90 14.78
OB2 CDL FA . 68.71 38.03 14.25
PB2 CDL FA . 68.95 38.98 13.00
OB3 CDL FA . 69.54 38.14 11.93
OB4 CDL FA . 69.69 40.18 13.45
OB5 CDL FA . 67.48 39.41 12.55
CB3 CDL FA . 66.95 39.04 11.26
CB4 CDL FA . 66.98 40.24 10.37
OB6 CDL FA . 66.85 41.43 11.21
CB5 CDL FA . 67.88 42.28 11.26
OB7 CDL FA . 68.74 42.35 10.41
C51 CDL FA . 67.82 43.13 12.49
C52 CDL FA . 67.68 44.61 12.16
C53 CDL FA . 67.14 45.42 13.32
C54 CDL FA . 66.64 46.78 12.92
C55 CDL FA . 65.83 47.49 14.00
C56 CDL FA . 64.36 47.09 14.03
C57 CDL FA . 63.61 47.42 12.75
C58 CDL FA . 62.10 47.26 12.84
C59 CDL FA . 61.36 48.51 13.33
C60 CDL FA . 61.49 48.77 14.81
C61 CDL FA . 60.40 49.68 15.35
C62 CDL FA . 60.62 50.14 16.79
C63 CDL FA . 59.41 50.84 17.38
C64 CDL FA . 59.69 51.54 18.70
C65 CDL FA . 58.43 52.05 19.39
C66 CDL FA . 57.62 53.04 18.57
C67 CDL FA . 56.36 53.47 19.27
CB6 CDL FA . 65.86 40.26 9.37
OB8 CDL FA . 64.59 40.15 10.06
CB7 CDL FA . 63.50 40.26 9.31
OB9 CDL FA . 63.51 40.47 8.12
C71 CDL FA . 62.25 40.13 10.13
C72 CDL FA . 60.98 40.29 9.31
C73 CDL FA . 59.73 40.47 10.15
C74 CDL FA . 59.37 39.24 10.99
C75 CDL FA . 58.04 39.35 11.71
C76 CDL FA . 57.61 38.06 12.37
C77 CDL FA . 56.42 38.20 13.31
C78 CDL FA . 55.14 38.65 12.61
C79 CDL FA . 53.90 38.66 13.50
C80 CDL FA . 54.16 38.70 15.00
C81 CDL FA . 52.95 39.12 15.81
C82 CDL FA . 53.06 38.84 17.31
C83 CDL FA . 52.72 37.42 17.71
C84 CDL FA . 51.92 37.34 19.00
C85 CDL FA . 51.70 35.93 19.51
C86 CDL FA . 50.78 35.06 18.67
C87 CDL FA . 50.87 33.60 19.01
H1 CDL FA . 67.45 35.89 15.57
H1O1 CDL FA . 66.23 36.58 17.50
HA22 CDL FA . 68.28 38.15 17.49
HA21 CDL FA . 69.45 37.26 16.54
HA32 CDL FA . 69.87 36.02 21.54
HA31 CDL FA . 68.42 36.72 20.85
HA4 CDL FA . 69.50 38.09 22.71
H112 CDL FA . 66.63 40.27 19.96
H111 CDL FA . 67.94 41.31 20.34
H122 CDL FA . 66.80 42.21 22.26
H121 CDL FA . 65.69 40.90 22.33
H132 CDL FA . 65.01 41.80 19.88
H131 CDL FA . 65.70 43.26 20.47
H142 CDL FA . 64.15 43.31 22.37
H141 CDL FA . 63.56 41.74 21.99
H152 CDL FA . 63.34 43.92 19.92
H151 CDL FA . 62.24 43.92 21.25
H162 CDL FA . 62.55 41.85 19.08
H161 CDL FA . 61.83 41.38 20.57
H172 CDL FA . 60.26 42.15 18.68
H171 CDL FA . 60.83 43.75 18.95
H182 CDL FA . 60.15 43.19 21.50
H181 CDL FA . 59.12 42.04 20.74
H192 CDL FA . 57.72 43.90 20.85
H191 CDL FA . 58.32 44.04 19.24
H202 CDL FA . 60.24 45.44 20.70
H201 CDL FA . 58.80 45.77 21.59
H212 CDL FA . 59.18 46.25 18.61
H211 CDL FA . 59.31 47.47 19.82
H222 CDL FA . 56.90 47.07 20.43
H221 CDL FA . 56.78 45.89 19.18
H232 CDL FA . 57.63 47.81 17.58
H231 CDL FA . 57.23 48.87 18.88
H242 CDL FA . 55.44 48.46 17.05
H241 CDL FA . 55.22 46.91 17.74
H252 CDL FA . 54.67 48.03 19.96
H251 CDL FA . 53.53 48.26 18.71
H262 CDL FA . 54.59 50.50 18.20
H261 CDL FA . 55.65 50.28 19.53
H273 CDL FA . 52.61 50.53 19.68
H272 CDL FA . 53.80 51.64 20.33
H271 CDL FA . 53.58 50.06 21.05
HA62 CDL FA . 71.50 38.76 20.54
HA61 CDL FA . 71.84 37.76 21.93
H312 CDL FA . 73.23 42.36 22.68
H311 CDL FA . 72.42 41.39 23.85
H322 CDL FA . 71.34 43.57 23.73
H321 CDL FA . 70.23 42.34 23.23
H332 CDL FA . 70.55 42.89 20.87
H331 CDL FA . 71.85 43.96 21.24
H342 CDL FA . 70.34 45.49 22.43
H341 CDL FA . 69.04 44.37 22.27
H352 CDL FA . 68.73 46.13 20.67
H351 CDL FA . 68.99 44.66 19.83
H362 CDL FA . 71.33 45.28 19.34
H361 CDL FA . 71.21 46.68 20.34
H372 CDL FA . 69.38 47.56 18.80
H371 CDL FA . 69.63 46.19 17.79
H382 CDL FA . 71.97 46.87 17.36
H381 CDL FA . 71.82 48.19 18.44
H392 CDL FA . 71.60 48.89 16.07
H391 CDL FA . 70.23 49.34 17.02
H402 CDL FA . 68.85 47.60 16.10
H401 CDL FA . 70.19 46.74 15.45
H412 CDL FA . 69.25 47.77 13.57
H411 CDL FA . 70.60 48.76 13.92
H422 CDL FA . 69.25 50.49 14.92
H421 CDL FA . 67.87 49.46 15.02
H432 CDL FA . 67.56 49.50 12.59
H431 CDL FA . 69.09 50.23 12.33
H442 CDL FA . 68.30 52.32 13.45
H441 CDL FA . 67.39 51.91 12.05
H452 CDL FA . 66.19 52.63 14.32
H451 CDL FA . 66.36 50.98 14.74
H462 CDL FA . 65.07 50.28 12.76
H461 CDL FA . 65.03 51.88 12.17
H473 CDL FA . 63.76 51.00 14.81
H472 CDL FA . 62.89 51.32 13.33
H471 CDL FA . 63.70 52.62 14.16
HB22 CDL FA . 67.01 38.87 15.10
HB21 CDL FA . 66.73 37.55 13.98
HB32 CDL FA . 65.92 38.72 11.41
HB31 CDL FA . 67.48 38.19 10.85
HB4 CDL FA . 67.95 40.26 9.85
H512 CDL FA . 68.71 42.95 13.07
H511 CDL FA . 67.00 42.81 13.12
H522 CDL FA . 67.06 44.74 11.28
H521 CDL FA . 68.65 45.01 11.86
H532 CDL FA . 67.92 45.54 14.08
H531 CDL FA . 66.36 44.87 13.82
H542 CDL FA . 67.47 47.40 12.59
H541 CDL FA . 66.05 46.68 12.01
H552 CDL FA . 65.93 48.57 13.88
H551 CDL FA . 66.28 47.29 14.97
H562 CDL FA . 64.27 46.03 14.26
H561 CDL FA . 63.88 47.57 14.88
H572 CDL FA . 63.96 46.78 11.94
H571 CDL FA . 63.86 48.43 12.42
H582 CDL FA . 61.85 46.42 13.47
H581 CDL FA . 61.71 46.99 11.86
H592 CDL FA . 60.31 48.44 13.06
H591 CDL FA . 61.72 49.38 12.77
H602 CDL FA . 62.46 49.22 15.03
H601 CDL FA . 61.50 47.84 15.36
H612 CDL FA . 59.44 49.16 15.29
H611 CDL FA . 60.28 50.54 14.70
H622 CDL FA . 61.49 50.79 16.83
H621 CDL FA . 60.90 49.29 17.41
H632 CDL FA . 58.61 50.12 17.51
H631 CDL FA . 59.02 51.56 16.66
H642 CDL FA . 60.22 50.86 19.37
H641 CDL FA . 60.38 52.36 18.54
H652 CDL FA . 58.71 52.52 20.34
H651 CDL FA . 57.80 51.22 19.67
H662 CDL FA . 58.22 53.92 18.34
H661 CDL FA . 57.36 52.61 17.60
H673 CDL FA . 55.85 54.28 18.75
H672 CDL FA . 56.54 53.83 20.28
H671 CDL FA . 55.64 52.66 19.35
HB62 CDL FA . 65.88 41.17 8.78
HB61 CDL FA . 65.94 39.44 8.65
H712 CDL FA . 62.26 39.15 10.62
H711 CDL FA . 62.26 40.85 10.95
H722 CDL FA . 60.87 39.43 8.67
H721 CDL FA . 61.09 41.13 8.63
H732 CDL FA . 58.89 40.73 9.51
H731 CDL FA . 59.85 41.32 10.81
H742 CDL FA . 59.38 38.36 10.35
H741 CDL FA . 60.16 39.07 11.71
H752 CDL FA . 58.09 40.14 12.44
H751 CDL FA . 57.27 39.68 11.00
H762 CDL FA . 57.37 37.33 11.61
H761 CDL FA . 58.44 37.63 12.91
H772 CDL FA . 56.68 38.91 14.09
H771 CDL FA . 56.24 37.26 13.82
H782 CDL FA . 55.28 39.64 12.19
H781 CDL FA . 54.96 38.02 11.75
H792 CDL FA . 53.29 37.79 13.27
H791 CDL FA . 53.26 39.50 13.22
H802 CDL FA . 54.52 37.73 15.33
H801 CDL FA . 54.98 39.39 15.22
H812 CDL FA . 52.06 38.64 15.42
H811 CDL FA . 52.77 40.18 15.66
H822 CDL FA . 52.45 39.55 17.86
H821 CDL FA . 54.09 39.06 17.63
H832 CDL FA . 53.62 36.83 17.81
H831 CDL FA . 52.16 36.94 16.91
H842 CDL FA . 50.94 37.82 18.85
H841 CDL FA . 52.39 37.94 19.77
H852 CDL FA . 51.32 35.97 20.53
H851 CDL FA . 52.66 35.42 19.61
H862 CDL FA . 49.75 35.39 18.80
H861 CDL FA . 50.97 35.21 17.61
H873 CDL FA . 51.90 33.25 19.00
H872 CDL FA . 50.33 32.97 18.31
H871 CDL FA . 50.49 33.38 20.00
C1 CDL GA . 83.60 42.20 2.14
O1 CDL GA . 84.32 42.85 1.08
CA2 CDL GA . 82.69 41.14 1.56
OA2 CDL GA . 83.42 40.39 0.57
PA1 CDL GA . 82.63 39.63 -0.59
OA3 CDL GA . 83.46 38.51 -1.07
OA4 CDL GA . 81.26 39.34 -0.10
OA5 CDL GA . 82.56 40.71 -1.76
CA3 CDL GA . 81.31 41.06 -2.38
CA4 CDL GA . 80.86 42.38 -1.84
OA6 CDL GA . 79.43 42.55 -2.17
CA5 CDL GA . 79.09 42.81 -3.43
OA7 CDL GA . 79.75 42.51 -4.39
C11 CDL GA . 77.77 43.52 -3.49
C12 CDL GA . 77.81 44.82 -4.29
C13 CDL GA . 76.48 45.56 -4.25
C14 CDL GA . 75.53 45.22 -5.39
C15 CDL GA . 74.30 46.11 -5.44
C16 CDL GA . 73.26 45.66 -6.46
C17 CDL GA . 72.00 46.51 -6.46
C18 CDL GA . 71.08 46.27 -7.64
C19 CDL GA . 70.01 47.33 -7.80
C20 CDL GA . 68.72 46.81 -8.41
C21 CDL GA . 67.72 47.90 -8.77
C22 CDL GA . 67.30 48.76 -7.58
C23 CDL GA . 66.05 49.60 -7.85
C24 CDL GA . 66.15 50.53 -9.03
C25 CDL GA . 67.09 51.71 -8.83
C26 CDL GA . 67.24 52.64 -10.02
C27 CDL GA . 65.95 53.21 -10.59
CA6 CDL GA . 81.64 43.52 -2.44
OA8 CDL GA . 81.07 44.77 -1.98
CA7 CDL GA . 81.41 45.17 -0.76
OA9 CDL GA . 81.33 44.48 0.22
C31 CDL GA . 81.91 46.58 -0.76
C32 CDL GA . 80.92 47.55 -0.10
C33 CDL GA . 79.70 47.83 -0.97
C34 CDL GA . 79.99 48.66 -2.21
C35 CDL GA . 78.74 49.12 -2.94
C36 CDL GA . 79.00 50.13 -4.03
C37 CDL GA . 79.34 49.53 -5.38
C38 CDL GA . 79.53 50.56 -6.49
C39 CDL GA . 78.29 51.38 -6.79
C40 CDL GA . 78.38 52.16 -8.09
C41 CDL GA . 77.10 52.92 -8.46
C42 CDL GA . 77.24 53.79 -9.69
C43 CDL GA . 75.94 54.47 -10.11
C44 CDL GA . 76.16 55.71 -10.95
C45 CDL GA . 74.88 56.43 -11.35
C46 CDL GA . 75.11 57.62 -12.26
C47 CDL GA . 73.82 58.26 -12.74
CB2 CDL GA . 82.86 43.24 2.94
OB2 CDL GA . 83.79 44.02 3.70
PB2 CDL GA . 84.09 43.66 5.21
OB3 CDL GA . 84.67 44.86 5.85
OB4 CDL GA . 84.86 42.38 5.26
OB5 CDL GA . 82.64 43.42 5.84
CB3 CDL GA . 81.85 44.54 6.28
CB4 CDL GA . 80.60 44.62 5.46
OB6 CDL GA . 80.25 46.03 5.32
CB5 CDL GA . 80.69 46.67 4.22
OB7 CDL GA . 81.50 46.23 3.46
C51 CDL GA . 79.99 47.99 4.06
C52 CDL GA . 78.62 47.96 4.71
C53 CDL GA . 77.75 49.16 4.40
C54 CDL GA . 76.40 49.09 5.08
C55 CDL GA . 75.38 50.07 4.55
C56 CDL GA . 75.45 51.46 5.18
C57 CDL GA . 74.11 52.15 5.17
C58 CDL GA . 74.17 53.66 5.08
C59 CDL GA . 72.81 54.28 4.83
C60 CDL GA . 72.85 55.66 4.24
C61 CDL GA . 71.52 56.10 3.66
C62 CDL GA . 70.38 56.10 4.65
C63 CDL GA . 69.04 56.46 4.04
C64 CDL GA . 67.92 56.61 5.05
C65 CDL GA . 66.61 57.04 4.44
C66 CDL GA . 65.60 57.53 5.46
C67 CDL GA . 65.30 56.52 6.53
CB6 CDL GA . 79.45 43.93 6.13
OB8 CDL GA . 78.23 44.23 5.42
CB7 CDL GA . 77.10 43.79 5.97
OB9 CDL GA . 77.05 43.09 6.93
C71 CDL GA . 75.89 44.31 5.24
C72 CDL GA . 74.99 45.14 6.14
C73 CDL GA . 73.75 45.64 5.45
C74 CDL GA . 73.14 46.87 6.11
C75 CDL GA . 72.82 46.69 7.58
C76 CDL GA . 72.25 47.93 8.26
C77 CDL GA . 71.24 48.72 7.44
C78 CDL GA . 71.89 49.75 6.53
C79 CDL GA . 70.93 50.67 5.80
C80 CDL GA . 69.82 49.94 5.05
C81 CDL GA . 69.45 50.54 3.71
C82 CDL GA . 69.21 52.06 3.72
C83 CDL GA . 67.93 52.48 4.43
C84 CDL GA . 68.09 52.70 5.93
C85 CDL GA . 66.80 53.10 6.62
C86 CDL GA . 67.00 53.77 7.96
C87 CDL GA . 65.72 53.88 8.75
H1 CDL GA . 84.40 41.76 2.72
H1O1 CDL GA . 85.18 43.18 1.46
HA22 CDL GA . 81.81 41.57 1.09
HA21 CDL GA . 82.36 40.43 2.31
HA32 CDL GA . 81.42 41.07 -3.47
HA31 CDL GA . 80.58 40.29 -2.16
HA4 CDL GA . 81.00 42.39 -0.78
H112 CDL GA . 77.00 42.88 -3.90
H111 CDL GA . 77.45 43.72 -2.47
H122 CDL GA . 78.60 45.46 -3.91
H121 CDL GA . 78.07 44.61 -5.32
H132 CDL GA . 76.66 46.64 -4.24
H131 CDL GA . 75.98 45.36 -3.30
H142 CDL GA . 75.23 44.17 -5.31
H141 CDL GA . 76.07 45.28 -6.34
H152 CDL GA . 74.59 47.13 -5.66
H151 CDL GA . 73.84 46.16 -4.46
H162 CDL GA . 73.00 44.62 -6.28
H161 CDL GA . 73.70 45.66 -7.46
H172 CDL GA . 71.45 46.32 -5.53
H171 CDL GA . 72.26 47.56 -6.39
H182 CDL GA . 70.62 45.28 -7.55
H181 CDL GA . 71.67 46.20 -8.55
H192 CDL GA . 69.80 47.78 -6.84
H191 CDL GA . 70.40 48.15 -8.40
H202 CDL GA . 68.25 46.11 -7.73
H201 CDL GA . 68.94 46.22 -9.30
H212 CDL GA . 66.84 47.45 -9.23
H211 CDL GA . 68.14 48.54 -9.55
H222 CDL GA . 67.12 48.12 -6.72
H221 CDL GA . 68.12 49.41 -7.28
H232 CDL GA . 65.82 50.17 -6.96
H231 CDL GA . 65.19 48.93 -7.96
H242 CDL GA . 66.45 49.97 -9.93
H241 CDL GA . 65.15 50.89 -9.28
H252 CDL GA . 68.07 51.33 -8.56
H251 CDL GA . 66.77 52.27 -7.95
H262 CDL GA . 67.88 53.48 -9.73
H261 CDL GA . 67.80 52.15 -10.80
H273 CDL GA . 66.06 53.51 -11.62
H272 CDL GA . 65.61 54.10 -10.04
H271 CDL GA . 65.13 52.50 -10.57
HA62 CDL GA . 81.68 43.47 -3.52
HA61 CDL GA . 82.67 43.49 -2.08
H312 CDL GA . 82.13 46.90 -1.77
H311 CDL GA . 82.85 46.61 -0.24
H322 CDL GA . 80.61 47.13 0.85
H321 CDL GA . 81.42 48.47 0.15
H332 CDL GA . 79.24 46.89 -1.26
H331 CDL GA . 78.95 48.33 -0.37
H342 CDL GA . 80.62 48.08 -2.89
H341 CDL GA . 80.59 49.52 -1.94
H352 CDL GA . 78.23 48.25 -3.37
H351 CDL GA . 78.02 49.50 -2.22
H362 CDL GA . 78.12 50.78 -4.13
H361 CDL GA . 79.79 50.80 -3.72
H372 CDL GA . 80.23 48.92 -5.29
H371 CDL GA . 78.56 48.83 -5.67
H382 CDL GA . 79.86 50.05 -7.40
H381 CDL GA . 80.35 51.22 -6.24
H392 CDL GA . 77.41 50.74 -6.80
H391 CDL GA . 78.11 52.07 -5.97
H402 CDL GA . 79.21 52.87 -8.04
H401 CDL GA . 78.65 51.50 -8.90
H412 CDL GA . 76.29 52.20 -8.61
H411 CDL GA . 76.77 53.51 -7.61
H422 CDL GA . 77.63 53.21 -10.51
H421 CDL GA . 78.00 54.55 -9.51
H432 CDL GA . 75.34 53.75 -10.68
H431 CDL GA . 75.34 54.70 -9.24
H442 CDL GA . 76.80 56.40 -10.42
H441 CDL GA . 76.73 55.47 -11.85
H452 CDL GA . 74.20 55.72 -11.85
H451 CDL GA . 74.34 56.74 -10.46
H462 CDL GA . 75.72 57.33 -13.12
H461 CDL GA . 75.71 58.36 -11.74
H473 CDL GA . 73.99 59.22 -13.22
H472 CDL GA . 73.12 58.44 -11.93
H471 CDL GA . 73.31 57.63 -13.47
HB22 CDL GA . 82.26 43.89 2.30
HB21 CDL GA . 82.18 42.76 3.64
HB32 CDL GA . 81.61 44.40 7.33
HB31 CDL GA . 82.43 45.46 6.23
HB4 CDL GA . 80.79 44.20 4.47
H512 CDL GA . 79.93 48.24 3.01
H511 CDL GA . 80.59 48.79 4.51
H522 CDL GA . 78.10 47.05 4.40
H521 CDL GA . 78.72 47.85 5.78
H532 CDL GA . 78.27 50.07 4.70
H531 CDL GA . 77.63 49.27 3.32
H542 CDL GA . 76.53 49.22 6.15
H541 CDL GA . 76.01 48.08 4.98
H552 CDL GA . 75.48 50.16 3.48
H551 CDL GA . 74.39 49.67 4.69
H562 CDL GA . 75.83 51.38 6.20
H561 CDL GA . 76.19 52.06 4.65
H572 CDL GA . 73.57 51.88 6.07
H571 CDL GA . 73.51 51.77 4.35
H582 CDL GA . 74.60 54.06 6.01
H581 CDL GA . 74.87 53.96 4.31
H592 CDL GA . 72.23 53.62 4.18
H591 CDL GA . 72.24 54.28 5.76
H602 CDL GA . 73.63 55.72 3.48
H601 CDL GA . 73.16 56.38 5.00
H612 CDL GA . 71.63 57.09 3.23
H611 CDL GA . 71.27 55.46 2.81
H622 CDL GA . 70.30 55.13 5.14
H621 CDL GA . 70.60 56.79 5.46
H632 CDL GA . 69.14 57.37 3.47
H631 CDL GA . 68.77 55.70 3.30
H642 CDL GA . 68.22 57.31 5.83
H641 CDL GA . 67.78 55.66 5.57
H652 CDL GA . 66.18 56.21 3.87
H651 CDL GA . 66.79 57.82 3.70
H662 CDL GA . 64.67 57.80 4.96
H661 CDL GA . 65.95 58.45 5.92
H673 CDL GA . 66.16 56.36 7.17
H672 CDL GA . 64.48 56.83 7.17
H671 CDL GA . 65.03 55.55 6.12
HB62 CDL GA . 79.61 42.86 6.17
HB61 CDL GA . 79.33 44.25 7.17
H712 CDL GA . 76.23 44.92 4.40
H711 CDL GA . 75.33 43.50 4.80
H722 CDL GA . 74.71 44.53 7.00
H721 CDL GA . 75.56 45.97 6.57
H732 CDL GA . 73.99 45.87 4.41
H731 CDL GA . 73.01 44.85 5.39
H742 CDL GA . 73.84 47.70 5.99
H741 CDL GA . 72.25 47.15 5.56
H752 CDL GA . 73.72 46.39 8.11
H751 CDL GA . 72.14 45.85 7.72
H762 CDL GA . 71.77 47.64 9.20
H761 CDL GA . 73.06 48.58 8.58
H772 CDL GA . 70.63 48.04 6.86
H771 CDL GA . 70.55 49.23 8.10
H782 CDL GA . 72.52 49.28 5.77
H781 CDL GA . 72.59 50.35 7.12
H792 CDL GA . 70.50 51.38 6.50
H791 CDL GA . 71.48 51.28 5.09
H802 CDL GA . 68.93 49.86 5.68
H801 CDL GA . 70.12 48.90 4.90
H812 CDL GA . 68.58 50.04 3.31
H811 CDL GA . 70.24 50.31 2.98
H822 CDL GA . 69.18 52.42 2.69
H821 CDL GA . 70.06 52.57 4.15
H832 CDL GA . 67.15 51.75 4.25
H831 CDL GA . 67.56 53.40 3.97
H842 CDL GA . 68.86 53.44 6.12
H841 CDL GA . 68.46 51.80 6.40
H852 CDL GA . 66.16 52.23 6.73
H851 CDL GA . 66.23 53.76 5.95
H862 CDL GA . 67.72 53.21 8.55
H861 CDL GA . 67.45 54.74 7.84
H873 CDL GA . 65.25 52.92 8.91
H872 CDL GA . 64.98 54.51 8.24
H871 CDL GA . 65.88 54.33 9.72
C1 CDL HA . 86.69 46.10 13.63
O1 CDL HA . 87.73 45.38 12.96
CA2 CDL HA . 87.27 46.87 14.78
OA2 CDL HA . 88.53 47.45 14.37
PA1 CDL HA . 89.89 46.94 15.03
OA3 CDL HA . 89.81 45.48 15.21
OA4 CDL HA . 91.03 47.50 14.28
OA5 CDL HA . 89.86 47.59 16.49
CA3 CDL HA . 89.59 49.00 16.65
CA4 CDL HA . 89.05 49.24 18.03
OA6 CDL HA . 88.27 50.48 18.00
CA5 CDL HA . 87.03 50.42 17.50
OA7 CDL HA . 86.16 49.73 17.96
C11 CDL HA . 86.88 51.31 16.30
C12 CDL HA . 85.85 50.81 15.31
C13 CDL HA . 85.66 51.72 14.11
C14 CDL HA . 84.92 53.01 14.42
C15 CDL HA . 83.41 52.90 14.28
C16 CDL HA . 82.68 54.21 14.48
C17 CDL HA . 82.28 54.90 13.19
C18 CDL HA . 81.12 55.88 13.36
C19 CDL HA . 81.46 57.13 14.14
C20 CDL HA . 81.91 58.31 13.27
C21 CDL HA . 80.77 59.09 12.65
C22 CDL HA . 81.18 60.42 12.07
C23 CDL HA . 80.05 61.18 11.38
C24 CDL HA . 80.53 62.25 10.41
C25 CDL HA . 79.42 62.91 9.62
C26 CDL HA . 79.86 63.46 8.28
C27 CDL HA . 78.72 64.01 7.45
CA6 CDL HA . 90.15 49.42 19.04
OA8 CDL HA . 89.64 50.24 20.12
CA7 CDL HA . 89.61 49.69 21.34
OA9 CDL HA . 89.91 48.55 21.58
C31 CDL HA . 89.15 50.68 22.37
C32 CDL HA . 87.64 50.81 22.43
C33 CDL HA . 87.05 51.59 21.26
C34 CDL HA . 85.56 51.40 21.09
C35 CDL HA . 84.74 51.69 22.33
C36 CDL HA . 83.25 51.52 22.13
C37 CDL HA . 82.42 51.65 23.38
C38 CDL HA . 80.96 51.31 23.17
C39 CDL HA . 80.06 51.67 24.34
C40 CDL HA . 79.86 53.16 24.52
C41 CDL HA . 79.22 53.53 25.84
C42 CDL HA . 77.74 53.25 25.92
C43 CDL HA . 77.10 53.76 27.20
C44 CDL HA . 75.62 53.42 27.35
C45 CDL HA . 74.93 54.16 28.49
C46 CDL HA . 74.87 55.68 28.32
C47 CDL HA . 74.20 56.37 29.48
CB2 CDL HA . 85.63 45.12 14.06
OB2 CDL HA . 84.68 45.82 14.90
PB2 CDL HA . 83.99 45.08 16.13
OB3 CDL HA . 85.05 44.83 17.14
OB4 CDL HA . 83.19 43.94 15.64
OB5 CDL HA . 83.03 46.20 16.71
CB3 CDL HA . 83.57 47.52 16.99
CB4 CDL HA . 82.72 48.18 18.05
OB6 CDL HA . 81.41 48.45 17.46
CB5 CDL HA . 80.46 47.51 17.59
OB7 CDL HA . 80.38 46.76 18.52
C51 CDL HA . 79.54 47.52 16.41
C52 CDL HA . 78.15 48.08 16.72
C53 CDL HA . 77.18 47.01 17.16
C54 CDL HA . 75.73 47.31 16.80
C55 CDL HA . 75.45 47.29 15.31
C56 CDL HA . 74.06 47.79 14.95
C57 CDL HA . 73.81 47.89 13.45
C58 CDL HA . 74.68 48.92 12.76
C59 CDL HA . 74.20 49.33 11.39
C60 CDL HA . 74.75 50.68 10.94
C61 CDL HA . 74.50 51.01 9.48
C62 CDL HA . 74.86 52.45 9.08
C63 CDL HA . 74.09 53.54 9.83
C64 CDL HA . 72.66 53.75 9.37
C65 CDL HA . 71.65 52.82 10.03
C66 CDL HA . 70.28 52.88 9.39
C67 CDL HA . 69.47 51.61 9.61
CB6 CDL HA . 83.30 49.49 18.48
OB8 CDL HA . 82.23 50.33 18.96
CB7 CDL HA . 81.82 51.31 18.17
OB9 CDL HA . 81.97 51.32 16.97
C71 CDL HA . 81.16 52.41 18.95
C72 CDL HA . 79.94 51.93 19.70
C73 CDL HA . 78.74 51.71 18.81
C74 CDL HA . 77.70 52.81 18.95
C75 CDL HA . 76.51 52.64 18.03
C76 CDL HA . 76.84 52.86 16.57
C77 CDL HA . 75.64 53.20 15.72
C78 CDL HA . 74.73 52.02 15.45
C79 CDL HA . 73.48 52.39 14.67
C80 CDL HA . 72.50 53.24 15.45
C81 CDL HA . 71.98 54.44 14.68
C82 CDL HA . 73.01 55.55 14.48
C83 CDL HA . 72.42 56.79 13.84
C84 CDL HA . 73.40 57.94 13.66
C85 CDL HA . 73.70 58.71 14.94
C86 CDL HA . 73.88 60.21 14.73
C87 CDL HA . 74.22 60.97 15.98
H1 CDL HA . 86.33 46.75 12.83
H1O1 CDL HA . 88.28 46.03 12.44
HA22 CDL HA . 87.44 46.25 15.66
HA21 CDL HA . 86.63 47.69 15.08
HA32 CDL HA . 88.89 49.34 15.88
HA31 CDL HA . 90.51 49.55 16.48
HA4 CDL HA . 88.43 48.40 18.33
H112 CDL HA . 87.84 51.44 15.79
H111 CDL HA . 86.62 52.31 16.66
H122 CDL HA . 86.13 49.81 14.98
H121 CDL HA . 84.90 50.66 15.82
H132 CDL HA . 85.13 51.18 13.33
H131 CDL HA . 86.63 51.95 13.67
H142 CDL HA . 85.17 53.33 15.43
H141 CDL HA . 85.30 53.80 13.78
H152 CDL HA . 83.04 52.16 14.99
H151 CDL HA . 83.18 52.48 13.31
H162 CDL HA . 83.29 54.88 15.09
H161 CDL HA . 81.79 54.04 15.10
H172 CDL HA . 83.14 55.43 12.78
H171 CDL HA . 82.03 54.16 12.43
H182 CDL HA . 80.30 55.36 13.85
H181 CDL HA . 80.73 56.15 12.38
H192 CDL HA . 80.60 57.44 14.73
H191 CDL HA . 82.22 56.91 14.88
H202 CDL HA . 82.53 58.98 13.87
H201 CDL HA . 82.58 57.95 12.50
H212 CDL HA . 79.98 59.24 13.38
H211 CDL HA . 80.30 58.48 11.87
H222 CDL HA . 82.01 60.29 11.36
H221 CDL HA . 81.61 61.04 12.85
H232 CDL HA . 79.43 61.65 12.14
H231 CDL HA . 79.40 60.48 10.88
H242 CDL HA . 81.26 61.81 9.72
H241 CDL HA . 81.11 63.01 10.95
H252 CDL HA . 78.59 62.22 9.49
H251 CDL HA . 78.99 63.72 10.22
H262 CDL HA . 80.38 62.69 7.72
H261 CDL HA . 80.61 64.24 8.43
H273 CDL HA . 78.97 64.04 6.39
H272 CDL HA . 77.82 63.40 7.55
H271 CDL HA . 78.45 65.02 7.74
HA62 CDL HA . 90.51 48.46 19.39
HA61 CDL HA . 91.00 49.94 18.61
H312 CDL HA . 89.54 50.41 23.35
H311 CDL HA . 89.60 51.65 22.15
H322 CDL HA . 87.19 49.82 22.48
H321 CDL HA . 87.34 51.29 23.37
H332 CDL HA . 87.57 51.32 20.34
H331 CDL HA . 87.27 52.66 21.39
H342 CDL HA . 85.37 50.39 20.76
H341 CDL HA . 85.21 52.03 20.27
H352 CDL HA . 85.07 51.05 23.15
H351 CDL HA . 84.94 52.70 22.68
H362 CDL HA . 82.91 52.25 21.40
H361 CDL HA . 83.06 50.56 21.64
H372 CDL HA . 82.83 51.01 24.15
H371 CDL HA . 82.52 52.66 23.78
H382 CDL HA . 80.85 50.26 22.93
H381 CDL HA . 80.60 51.83 22.28
H392 CDL HA . 80.45 51.23 25.25
H391 CDL HA . 79.09 51.19 24.20
H402 CDL HA . 79.25 53.54 23.70
H401 CDL HA . 80.81 53.68 24.42
H412 CDL HA . 79.74 53.01 26.65
H411 CDL HA . 79.40 54.59 26.06
H422 CDL HA . 77.56 52.18 25.82
H421 CDL HA . 77.24 53.70 25.08
H432 CDL HA . 77.25 54.83 27.25
H431 CDL HA . 77.64 53.37 28.06
H442 CDL HA . 75.51 52.35 27.49
H441 CDL HA . 75.11 53.62 26.41
H452 CDL HA . 75.42 53.91 29.42
H451 CDL HA . 73.92 53.77 28.60
H462 CDL HA . 74.36 55.93 27.39
H461 CDL HA . 75.87 56.08 28.21
H473 CDL HA . 74.36 57.45 29.47
H472 CDL HA . 73.12 56.22 29.48
H471 CDL HA . 74.57 56.01 30.44
HB22 CDL HA . 86.04 44.28 14.61
HB21 CDL HA . 85.07 44.73 13.21
HB32 CDL HA . 83.56 48.10 16.07
HB31 CDL HA . 84.61 47.43 17.29
HB4 CDL HA . 82.60 47.49 18.89
H512 CDL HA . 80.01 48.10 15.62
H511 CDL HA . 79.45 46.52 16.00
H522 CDL HA . 77.78 48.63 15.86
H521 CDL HA . 78.24 48.82 17.51
H532 CDL HA . 77.27 46.86 18.23
H531 CDL HA . 77.46 46.04 16.73
H542 CDL HA . 75.07 46.62 17.31
H541 CDL HA . 75.46 48.28 17.20
H552 CDL HA . 76.19 47.85 14.76
H551 CDL HA . 75.57 46.27 14.94
H562 CDL HA . 73.90 48.76 15.42
H561 CDL HA . 73.31 47.14 15.40
H572 CDL HA . 73.98 46.92 13.00
H571 CDL HA . 72.76 48.10 13.26
H582 CDL HA . 75.71 48.56 12.69
H581 CDL HA . 74.76 49.81 13.39
H592 CDL HA . 74.46 48.57 10.66
H591 CDL HA . 73.12 49.35 11.36
H602 CDL HA . 74.34 51.45 11.58
H601 CDL HA . 75.82 50.71 11.15
H612 CDL HA . 75.10 50.34 8.87
H611 CDL HA . 73.49 50.76 9.19
H622 CDL HA . 75.93 52.59 9.21
H621 CDL HA . 74.71 52.56 8.02
H632 CDL HA . 74.64 54.48 9.70
H631 CDL HA . 74.12 53.38 10.90
H642 CDL HA . 72.60 53.64 8.29
H641 CDL HA . 72.37 54.78 9.56
H652 CDL HA . 71.56 53.08 11.08
H651 CDL HA . 72.00 51.80 10.05
H662 CDL HA . 70.36 53.09 8.33
H661 CDL HA . 69.72 53.72 9.79
H673 CDL HA . 68.60 51.78 10.23
H672 CDL HA . 69.10 51.22 8.66
H671 CDL HA . 70.05 50.82 10.08
HB62 CDL HA . 84.04 49.34 19.26
HB61 CDL HA . 83.80 50.01 17.67
H712 CDL HA . 81.89 52.84 19.62
H711 CDL HA . 80.88 53.23 18.28
H722 CDL HA . 80.18 51.00 20.23
H721 CDL HA . 79.69 52.64 20.49
H732 CDL HA . 78.29 50.75 19.03
H731 CDL HA . 79.06 51.65 17.78
H742 CDL HA . 78.17 53.77 18.77
H741 CDL HA . 77.36 52.86 19.98
H752 CDL HA . 75.72 53.32 18.33
H751 CDL HA . 76.08 51.65 18.16
H762 CDL HA . 77.32 51.97 16.17
H761 CDL HA . 77.60 53.65 16.48
H772 CDL HA . 75.08 53.99 16.20
H771 CDL HA . 75.97 53.64 14.77
H782 CDL HA . 75.28 51.25 14.91
H781 CDL HA . 74.45 51.54 16.38
H792 CDL HA . 72.97 51.47 14.33
H791 CDL HA . 73.75 52.89 13.74
H802 CDL HA . 71.66 52.63 15.75
H801 CDL HA . 72.95 53.56 16.38
H812 CDL HA . 71.10 54.85 15.18
H811 CDL HA . 71.61 54.12 13.71
H822 CDL HA . 73.47 55.80 15.43
H821 CDL HA . 73.82 55.18 13.87
H832 CDL HA . 71.58 57.13 14.43
H831 CDL HA . 71.99 56.54 12.88
H842 CDL HA . 73.02 58.63 12.91
H841 CDL HA . 74.33 57.56 13.25
H852 CDL HA . 72.91 58.53 15.67
H851 CDL HA . 74.59 58.30 15.41
H862 CDL HA . 72.98 60.62 14.28
H861 CDL HA . 74.65 60.38 13.97
H873 CDL HA . 75.29 61.14 16.07
H872 CDL HA . 73.92 60.44 16.88
H871 CDL HA . 73.74 61.95 16.00
C1 CDL IA . 66.43 35.06 28.06
O1 CDL IA . 67.85 35.04 27.92
CA2 CDL IA . 65.79 34.63 26.77
OA2 CDL IA . 66.56 35.16 25.67
PA1 CDL IA . 66.15 34.78 24.17
OA3 CDL IA . 67.34 34.97 23.30
OA4 CDL IA . 65.47 33.47 24.19
OA5 CDL IA . 65.09 35.90 23.78
CA3 CDL IA . 65.17 36.53 22.47
CA4 CDL IA . 63.78 36.89 22.03
OA6 CDL IA . 63.71 36.77 20.57
CA5 CDL IA . 64.40 37.64 19.82
OA7 CDL IA . 65.48 38.07 20.11
C11 CDL IA . 63.65 38.00 18.57
C12 CDL IA . 64.07 39.32 17.95
C13 CDL IA . 63.10 39.79 16.88
C14 CDL IA . 63.56 41.04 16.13
C15 CDL IA . 62.49 41.63 15.23
C16 CDL IA . 63.02 42.51 14.11
C17 CDL IA . 61.95 42.96 13.12
C18 CDL IA . 62.49 43.71 11.92
C19 CDL IA . 61.41 44.03 10.88
C20 CDL IA . 61.80 43.68 9.45
C21 CDL IA . 62.69 44.70 8.77
C22 CDL IA . 63.26 44.20 7.45
C23 CDL IA . 63.94 45.27 6.62
C24 CDL IA . 62.98 46.19 5.88
C25 CDL IA . 63.67 47.32 5.13
C26 CDL IA . 62.72 48.18 4.32
C27 CDL IA . 63.41 49.33 3.64
CA6 CDL IA . 63.42 38.30 22.42
OA8 CDL IA . 62.02 38.51 22.13
CA7 CDL IA . 61.15 38.23 23.09
OA9 CDL IA . 61.44 37.63 24.10
C31 CDL IA . 59.78 38.74 22.77
C32 CDL IA . 59.27 39.74 23.79
C33 CDL IA . 57.79 40.06 23.64
C34 CDL IA . 56.87 38.93 24.08
C35 CDL IA . 55.44 39.37 24.32
C36 CDL IA . 54.58 38.32 25.00
C37 CDL IA . 53.29 38.85 25.59
C38 CDL IA . 52.30 39.37 24.57
C39 CDL IA . 51.09 40.07 25.17
C40 CDL IA . 50.09 40.57 24.15
C41 CDL IA . 48.99 41.45 24.73
C42 CDL IA . 48.15 40.79 25.81
C43 CDL IA . 46.92 41.58 26.22
C44 CDL IA . 47.21 42.95 26.81
C45 CDL IA . 45.97 43.72 27.21
C46 CDL IA . 46.25 45.13 27.73
C47 CDL IA . 44.99 45.87 28.10
CB2 CDL IA . 65.98 36.43 28.51
OB2 CDL IA . 64.83 36.31 29.36
PB2 CDL IA . 64.32 37.56 30.19
OB3 CDL IA . 65.50 38.20 30.80
OB4 CDL IA . 63.20 37.13 31.07
OB5 CDL IA . 63.76 38.56 29.09
CB3 CDL IA . 62.36 38.93 29.09
CB4 CDL IA . 62.07 39.80 27.90
OB6 CDL IA . 60.64 39.74 27.65
CB5 CDL IA . 59.82 40.41 28.48
OB7 CDL IA . 60.18 40.86 29.54
C51 CDL IA . 58.44 40.51 27.92
C52 CDL IA . 57.83 41.89 28.13
C53 CDL IA . 56.36 41.96 27.73
C54 CDL IA . 55.72 43.32 28.00
C55 CDL IA . 54.20 43.29 27.97
C56 CDL IA . 53.59 42.97 26.61
C57 CDL IA . 53.81 44.06 25.56
C58 CDL IA . 53.26 45.43 25.97
C59 CDL IA . 53.18 46.43 24.83
C60 CDL IA . 52.65 47.79 25.25
C61 CDL IA . 52.37 48.73 24.10
C62 CDL IA . 51.85 50.10 24.53
C63 CDL IA . 51.49 51.02 23.39
C64 CDL IA . 50.30 50.58 22.56
C65 CDL IA . 49.81 51.62 21.57
C66 CDL IA . 48.63 51.17 20.72
C67 CDL IA . 48.15 52.26 19.78
CB6 CDL IA . 62.77 39.31 26.66
OB8 CDL IA . 63.99 40.05 26.48
CB7 CDL IA . 63.91 41.22 25.86
OB9 CDL IA . 62.88 41.74 25.53
C71 CDL IA . 65.28 41.79 25.58
C72 CDL IA . 66.07 42.04 26.85
C73 CDL IA . 67.52 42.41 26.60
C74 CDL IA . 67.73 43.80 26.02
C75 CDL IA . 69.20 44.17 25.84
C76 CDL IA . 69.43 45.45 25.06
C77 CDL IA . 69.02 46.72 25.78
C78 CDL IA . 69.29 47.98 24.97
C79 CDL IA . 68.47 49.17 25.38
C80 CDL IA . 68.87 49.80 26.70
C81 CDL IA . 70.03 50.76 26.59
C82 CDL IA . 70.40 51.45 27.90
C83 CDL IA . 69.33 52.41 28.40
C84 CDL IA . 69.75 53.19 29.64
C85 CDL IA . 69.82 52.36 30.91
C86 CDL IA . 68.46 52.01 31.51
C87 CDL IA . 67.75 53.19 32.10
H1 CDL IA . 66.26 34.32 28.85
H1O1 CDL IA . 68.17 34.13 28.14
HA22 CDL IA . 65.72 33.55 26.68
HA21 CDL IA . 64.78 35.02 26.65
HA32 CDL IA . 65.82 37.40 22.51
HA31 CDL IA . 65.62 35.83 21.77
HA4 CDL IA . 63.07 36.22 22.51
H112 CDL IA . 63.75 37.21 17.83
H111 CDL IA . 62.59 38.02 18.82
H122 CDL IA . 65.07 39.23 17.55
H121 CDL IA . 64.16 40.07 18.73
H132 CDL IA . 62.13 39.98 17.32
H131 CDL IA . 62.93 39.00 16.17
H142 CDL IA . 63.90 41.79 16.84
H141 CDL IA . 64.44 40.81 15.54
H152 CDL IA . 61.79 42.22 15.83
H151 CDL IA . 61.89 40.84 14.82
H162 CDL IA . 63.52 43.38 14.52
H161 CDL IA . 63.81 41.98 13.57
H172 CDL IA . 61.22 43.58 13.64
H171 CDL IA . 61.38 42.10 12.79
H182 CDL IA . 62.95 44.64 12.25
H181 CDL IA . 63.29 43.15 11.45
H192 CDL IA . 61.16 45.09 10.93
H191 CDL IA . 60.49 43.52 11.14
H202 CDL IA . 62.30 42.71 9.45
H201 CDL IA . 60.91 43.50 8.86
H212 CDL IA . 62.13 45.62 8.60
H211 CDL IA . 63.50 44.98 9.43
H222 CDL IA . 62.46 43.75 6.85
H221 CDL IA . 63.95 43.38 7.63
H232 CDL IA . 64.60 45.86 7.25
H231 CDL IA . 64.61 44.80 5.90
H242 CDL IA . 62.25 46.59 6.56
H241 CDL IA . 62.39 45.59 5.18
H252 CDL IA . 64.44 46.92 4.48
H251 CDL IA . 64.20 47.95 5.84
H262 CDL IA . 62.20 47.57 3.58
H261 CDL IA . 61.92 48.57 4.96
H273 CDL IA . 62.71 50.00 3.13
H272 CDL IA . 63.98 49.94 4.34
H271 CDL IA . 64.13 48.99 2.89
HA62 CDL IA . 64.05 39.05 21.93
HA61 CDL IA . 63.57 38.44 23.50
H312 CDL IA . 59.09 37.90 22.68
H311 CDL IA . 59.80 39.19 21.78
H322 CDL IA . 59.86 40.66 23.71
H321 CDL IA . 59.47 39.37 24.79
H332 CDL IA . 57.55 40.96 24.19
H331 CDL IA . 57.58 40.30 22.60
H342 CDL IA . 57.27 38.47 24.99
H341 CDL IA . 56.90 38.14 23.34
H352 CDL IA . 54.99 39.66 23.38
H351 CDL IA . 55.43 40.28 24.92
H362 CDL IA . 54.34 37.52 24.29
H361 CDL IA . 55.16 37.81 25.78
H372 CDL IA . 52.82 38.09 26.21
H371 CDL IA . 53.53 39.66 26.30
H382 CDL IA . 52.80 40.03 23.86
H381 CDL IA . 51.96 38.54 23.95
H392 CDL IA . 51.44 40.91 25.79
H391 CDL IA . 50.60 39.41 25.88
H402 CDL IA . 50.60 41.10 23.37
H401 CDL IA . 49.63 39.71 23.65
H412 CDL IA . 48.34 41.80 23.93
H411 CDL IA . 49.44 42.37 25.12
H422 CDL IA . 47.87 39.79 25.49
H421 CDL IA . 48.77 40.61 26.70
H432 CDL IA . 46.34 41.00 26.94
H431 CDL IA . 46.26 41.68 25.37
H442 CDL IA . 47.79 43.54 26.09
H441 CDL IA . 47.88 42.85 27.66
H452 CDL IA . 45.43 43.16 27.97
H451 CDL IA . 45.29 43.77 26.37
H462 CDL IA . 46.92 45.08 28.58
H461 CDL IA . 46.80 45.69 26.98
H473 CDL IA . 44.36 45.32 28.80
H472 CDL IA . 44.37 46.10 27.24
H471 CDL IA . 45.21 46.82 28.58
HB22 CDL IA . 66.78 36.96 29.04
HB21 CDL IA . 65.70 37.04 27.65
HB32 CDL IA . 61.77 38.03 29.06
HB31 CDL IA . 62.11 39.43 30.03
HB4 CDL IA . 62.35 40.82 28.13
H512 CDL IA . 58.47 40.26 26.87
H511 CDL IA . 57.80 39.76 28.38
H522 CDL IA . 57.96 42.21 29.16
H521 CDL IA . 58.40 42.62 27.55
H532 CDL IA . 56.25 41.71 26.68
H531 CDL IA . 55.81 41.19 28.25
H542 CDL IA . 56.10 44.04 27.29
H541 CDL IA . 56.06 43.69 28.96
H552 CDL IA . 53.84 42.57 28.71
H551 CDL IA . 53.82 44.24 28.34
H562 CDL IA . 53.98 42.03 26.25
H561 CDL IA . 52.53 42.81 26.73
H572 CDL IA . 53.34 43.75 24.63
H571 CDL IA . 54.86 44.14 25.32
H582 CDL IA . 53.87 45.85 26.77
H581 CDL IA . 52.28 45.31 26.42
H592 CDL IA . 52.55 46.02 24.04
H591 CDL IA . 54.15 46.53 24.36
H602 CDL IA . 51.75 47.66 25.86
H601 CDL IA . 53.36 48.25 25.93
H612 CDL IA . 53.27 48.86 23.50
H611 CDL IA . 51.66 48.27 23.41
H622 CDL IA . 52.59 50.57 25.17
H621 CDL IA . 50.99 49.96 25.19
H632 CDL IA . 52.36 51.14 22.73
H631 CDL IA . 51.32 52.04 23.78
H642 CDL IA . 50.54 49.65 22.03
H641 CDL IA . 49.48 50.30 23.23
H652 CDL IA . 49.55 52.53 22.11
H651 CDL IA . 50.63 51.92 20.92
H662 CDL IA . 48.90 50.29 20.15
H661 CDL IA . 47.81 50.86 21.36
H673 CDL IA . 47.23 51.98 19.26
H672 CDL IA . 47.95 53.20 20.29
H671 CDL IA . 48.88 52.48 18.99
HB62 CDL IA . 62.98 38.25 26.75
HB61 CDL IA . 62.15 39.43 25.77
H712 CDL IA . 65.15 42.71 25.01
H711 CDL IA . 65.83 41.12 24.92
H722 CDL IA . 65.59 42.84 27.41
H721 CDL IA . 66.02 41.17 27.50
H732 CDL IA . 67.96 41.67 25.92
H731 CDL IA . 68.09 42.31 27.51
H742 CDL IA . 67.22 43.87 25.05
H741 CDL IA . 67.24 44.53 26.64
H752 CDL IA . 69.71 43.34 25.36
H751 CDL IA . 69.68 44.24 26.82
H762 CDL IA . 68.88 45.40 24.13
H761 CDL IA . 70.48 45.51 24.76
H772 CDL IA . 69.53 46.79 26.73
H771 CDL IA . 67.97 46.68 26.03
H782 CDL IA . 69.13 47.77 23.92
H781 CDL IA . 70.35 48.23 25.04
H792 CDL IA . 68.51 49.93 24.60
H791 CDL IA . 67.41 48.89 25.42
H802 CDL IA . 68.01 50.31 27.14
H801 CDL IA . 69.12 49.02 27.41
H812 CDL IA . 69.81 51.51 25.82
H811 CDL IA . 70.90 50.24 26.20
H822 CDL IA . 71.34 51.99 27.77
H821 CDL IA . 70.61 50.70 28.65
H832 CDL IA . 68.42 51.87 28.61
H831 CDL IA . 69.06 53.11 27.61
H842 CDL IA . 69.07 54.03 29.78
H841 CDL IA . 70.72 53.66 29.46
H852 CDL IA . 70.41 52.89 31.66
H851 CDL IA . 70.37 51.45 30.72
H862 CDL IA . 68.59 51.24 32.26
H861 CDL IA . 67.83 51.54 30.74
H873 CDL IA . 66.83 52.90 32.61
H872 CDL IA . 67.47 53.93 31.35
H871 CDL IA . 68.37 53.71 32.84
C1 CDL JA . 74.68 33.53 3.20
O1 CDL JA . 75.72 32.64 3.64
CA2 CDL JA . 74.82 34.84 3.93
OA2 CDL JA . 76.20 35.24 3.92
PA1 CDL JA . 76.59 36.79 3.95
OA3 CDL JA . 75.84 37.42 5.05
OA4 CDL JA . 78.06 36.91 3.91
OA5 CDL JA . 75.98 37.32 2.56
CA3 CDL JA . 75.06 38.42 2.53
CA4 CDL JA . 75.81 39.69 2.28
OA6 CDL JA . 74.94 40.58 1.49
CA5 CDL JA . 73.80 40.99 2.04
OA7 CDL JA . 72.98 40.26 2.53
C11 CDL JA . 73.66 42.49 1.93
C12 CDL JA . 73.05 42.92 0.60
C13 CDL JA . 72.75 44.40 0.51
C14 CDL JA . 72.06 44.98 1.74
C15 CDL JA . 71.41 46.34 1.50
C16 CDL JA . 70.71 46.90 2.72
C17 CDL JA . 69.36 46.26 3.01
C18 CDL JA . 68.27 46.63 2.03
C19 CDL JA . 66.87 46.25 2.50
C20 CDL JA . 65.75 46.86 1.68
C21 CDL JA . 65.55 46.22 0.32
C22 CDL JA . 64.31 46.72 -0.44
C23 CDL JA . 63.00 46.51 0.30
C24 CDL JA . 61.76 46.79 -0.52
C25 CDL JA . 61.46 45.78 -1.61
C26 CDL JA . 61.06 44.40 -1.12
C27 CDL JA . 60.63 43.47 -2.25
CA6 CDL JA . 77.06 39.44 1.49
OA8 CDL JA . 77.60 40.72 1.07
CA7 CDL JA . 78.50 41.29 1.87
OA9 CDL JA . 78.94 40.77 2.86
C31 CDL JA . 78.84 42.66 1.39
C32 CDL JA . 77.82 43.70 1.82
C33 CDL JA . 77.50 44.69 0.72
C34 CDL JA . 76.58 45.81 1.16
C35 CDL JA . 76.12 46.72 0.02
C36 CDL JA . 75.29 47.89 0.50
C37 CDL JA . 75.06 48.96 -0.55
C38 CDL JA . 74.40 50.21 0.00
C39 CDL JA . 74.49 51.41 -0.92
C40 CDL JA . 74.15 52.72 -0.24
C41 CDL JA . 74.66 53.94 -0.97
C42 CDL JA . 74.39 55.25 -0.26
C43 CDL JA . 73.14 55.96 -0.74
C44 CDL JA . 72.72 57.14 0.13
C45 CDL JA . 71.64 58.00 -0.48
C46 CDL JA . 70.32 57.28 -0.72
C47 CDL JA . 69.58 56.98 0.57
CB2 CDL JA . 73.34 32.87 3.40
OB2 CDL JA . 73.19 32.53 4.80
PB2 CDL JA . 71.75 32.61 5.47
OB3 CDL JA . 71.91 32.33 6.92
OB4 CDL JA . 70.81 31.78 4.68
OB5 CDL JA . 71.35 34.15 5.33
CB3 CDL JA . 70.02 34.50 4.89
CB4 CDL JA . 69.87 36.00 4.95
OB6 CDL JA . 71.09 36.55 5.55
CB5 CDL JA . 71.54 37.72 5.10
OB7 CDL JA . 71.29 38.17 4.03
C51 CDL JA . 72.43 38.38 6.13
C52 CDL JA . 72.53 39.88 5.96
C53 CDL JA . 71.26 40.63 6.32
C54 CDL JA . 71.39 42.14 6.18
C55 CDL JA . 70.12 42.84 5.72
C56 CDL JA . 69.21 43.32 6.84
C57 CDL JA . 69.78 44.49 7.62
C58 CDL JA . 68.82 45.11 8.63
C59 CDL JA . 68.05 46.31 8.09
C60 CDL JA . 68.00 47.48 9.07
C61 CDL JA . 66.92 48.49 8.78
C62 CDL JA . 65.58 48.16 9.44
C63 CDL JA . 64.42 48.93 8.88
C64 CDL JA . 63.07 48.49 9.44
C65 CDL JA . 61.88 48.96 8.62
C66 CDL JA . 60.53 48.57 9.22
C67 CDL JA . 59.37 49.14 8.45
CB6 CDL JA . 68.70 36.44 5.79
OB8 CDL JA . 67.89 37.36 5.02
CB7 CDL JA . 67.49 38.47 5.65
OB9 CDL JA . 67.71 38.71 6.81
C71 CDL JA . 66.73 39.37 4.71
C72 CDL JA . 66.11 40.57 5.43
C73 CDL JA . 65.94 41.78 4.53
C74 CDL JA . 64.58 41.90 3.87
C75 CDL JA . 64.56 42.87 2.71
C76 CDL JA . 63.19 43.06 2.06
C77 CDL JA . 62.26 43.97 2.85
C78 CDL JA . 60.88 44.13 2.21
C79 CDL JA . 59.73 44.12 3.21
C80 CDL JA . 59.52 45.42 3.95
C81 CDL JA . 59.07 45.20 5.38
C82 CDL JA . 58.27 46.35 5.98
C83 CDL JA . 57.96 46.16 7.45
C84 CDL JA . 56.73 46.91 7.94
C85 CDL JA . 56.42 46.69 9.42
C86 CDL JA . 56.27 45.24 9.83
C87 CDL JA . 55.77 45.04 11.24
H1 CDL JA . 74.92 33.63 2.14
H1O1 CDL JA . 76.20 33.08 4.39
HA22 CDL JA . 74.46 34.79 4.95
HA21 CDL JA . 74.27 35.64 3.44
HA32 CDL JA . 74.31 38.25 1.76
HA31 CDL JA . 74.51 38.47 3.47
HA4 CDL JA . 76.06 40.16 3.22
H112 CDL JA . 74.61 42.99 2.08
H111 CDL JA . 73.04 42.81 2.76
H122 CDL JA . 73.73 42.63 -0.19
H121 CDL JA . 72.14 42.35 0.42
H132 CDL JA . 73.67 44.95 0.33
H131 CDL JA . 72.14 44.59 -0.36
H142 CDL JA . 71.32 44.27 2.09
H141 CDL JA . 72.77 45.05 2.55
H152 CDL JA . 72.17 47.04 1.17
H151 CDL JA . 70.72 46.27 0.66
H162 CDL JA . 71.36 46.80 3.59
H161 CDL JA . 70.59 47.98 2.61
H172 CDL JA . 69.05 46.54 4.02
H171 CDL JA . 69.47 45.18 3.06
H182 CDL JA . 68.32 47.69 1.81
H181 CDL JA . 68.47 46.16 1.06
H192 CDL JA . 66.78 45.17 2.50
H191 CDL JA . 66.77 46.54 3.54
H202 CDL JA . 65.93 47.93 1.55
H201 CDL JA . 64.82 46.82 2.26
H212 CDL JA . 65.49 45.14 0.42
H211 CDL JA . 66.43 46.38 -0.30
H222 CDL JA . 64.27 46.23 -1.41
H221 CDL JA . 64.44 47.77 -0.68
H232 CDL JA . 62.96 45.51 0.70
H231 CDL JA . 62.99 47.15 1.19
H242 CDL JA . 60.90 46.86 0.14
H241 CDL JA . 61.82 47.79 -0.95
H252 CDL JA . 62.33 45.68 -2.27
H251 CDL JA . 60.68 46.17 -2.26
H262 CDL JA . 61.87 43.94 -0.56
H261 CDL JA . 60.24 44.49 -0.41
H273 CDL JA . 60.57 42.43 -1.92
H272 CDL JA . 59.67 43.73 -2.65
H271 CDL JA . 61.34 43.50 -3.09
HA62 CDL JA . 77.78 38.88 2.08
HA61 CDL JA . 76.85 38.86 0.61
H312 CDL JA . 79.83 42.94 1.75
H311 CDL JA . 78.93 42.65 0.31
H322 CDL JA . 78.18 44.23 2.69
H321 CDL JA . 76.91 43.20 2.15
H332 CDL JA . 78.41 45.11 0.31
H331 CDL JA . 77.04 44.17 -0.12
H342 CDL JA . 77.07 46.40 1.92
H341 CDL JA . 75.71 45.39 1.65
H352 CDL JA . 76.98 47.08 -0.53
H351 CDL JA . 75.56 46.14 -0.70
H362 CDL JA . 74.33 47.53 0.87
H361 CDL JA . 75.75 48.34 1.38
H372 CDL JA . 76.01 49.22 -1.01
H371 CDL JA . 74.46 48.55 -1.36
H382 CDL JA . 73.36 50.00 0.22
H381 CDL JA . 74.83 50.46 0.97
H392 CDL JA . 73.85 51.26 -1.78
H391 CDL JA . 75.50 51.47 -1.35
H402 CDL JA . 74.55 52.73 0.78
H401 CDL JA . 73.08 52.80 -0.11
H412 CDL JA . 74.22 53.98 -1.97
H411 CDL JA . 75.73 53.84 -1.17
H422 CDL JA . 75.25 55.90 -0.35
H421 CDL JA . 74.30 55.06 0.81
H432 CDL JA . 73.29 56.30 -1.76
H431 CDL JA . 72.31 55.24 -0.81
H442 CDL JA . 73.59 57.75 0.36
H441 CDL JA . 72.40 56.77 1.10
H452 CDL JA . 71.48 58.87 0.14
H451 CDL JA . 72.00 58.41 -1.43
H462 CDL JA . 70.48 56.36 -1.27
H461 CDL JA . 69.69 57.88 -1.37
H473 CDL JA . 69.86 56.02 1.00
H472 CDL JA . 69.78 57.74 1.33
H471 CDL JA . 68.51 56.96 0.41
HB22 CDL JA . 72.53 33.50 3.09
HB21 CDL JA . 73.27 31.94 2.84
HB32 CDL JA . 69.31 34.02 5.55
HB31 CDL JA . 69.84 34.11 3.89
HB4 CDL JA . 69.78 36.38 3.92
H512 CDL JA . 73.41 37.93 6.07
H511 CDL JA . 72.08 38.15 7.13
H522 CDL JA . 73.37 40.27 6.55
H521 CDL JA . 72.80 40.11 4.93
H532 CDL JA . 70.98 40.39 7.34
H531 CDL JA . 70.43 40.26 5.71
H542 CDL JA . 72.21 42.37 5.51
H541 CDL JA . 71.70 42.56 7.14
H552 CDL JA . 69.55 42.18 5.05
H551 CDL JA . 70.38 43.69 5.09
H562 CDL JA . 68.97 42.50 7.51
H561 CDL JA . 68.24 43.61 6.43
H572 CDL JA . 70.68 44.17 8.15
H571 CDL JA . 70.14 45.25 6.93
H582 CDL JA . 69.35 45.39 9.53
H581 CDL JA . 68.11 44.35 8.95
H592 CDL JA . 67.04 46.02 7.84
H591 CDL JA . 68.48 46.65 7.15
H602 CDL JA . 68.97 47.98 9.09
H601 CDL JA . 67.89 47.11 10.08
H612 CDL JA . 66.77 48.58 7.70
H611 CDL JA . 67.24 49.49 9.08
H622 CDL JA . 65.40 47.09 9.37
H621 CDL JA . 65.66 48.35 10.51
H632 CDL JA . 64.55 50.00 9.09
H631 CDL JA . 64.40 48.87 7.80
H642 CDL JA . 63.05 47.41 9.56
H641 CDL JA . 62.97 48.87 10.46
H652 CDL JA . 61.96 48.55 7.62
H651 CDL JA . 61.92 50.03 8.48
H662 CDL JA . 60.45 47.49 9.26
H661 CDL JA . 60.49 48.89 10.26
H673 CDL JA . 58.43 48.96 8.96
H672 CDL JA . 59.29 48.72 7.45
H671 CDL JA . 59.46 50.23 8.33
HB62 CDL JA . 69.07 36.89 6.71
HB61 CDL JA . 68.08 35.60 6.09
H712 CDL JA . 65.97 38.78 4.23
H711 CDL JA . 67.38 39.70 3.91
H722 CDL JA . 66.70 40.82 6.30
H721 CDL JA . 65.13 40.27 5.83
H732 CDL JA . 66.72 41.78 3.77
H731 CDL JA . 66.13 42.68 5.11
H742 CDL JA . 63.85 42.20 4.61
H741 CDL JA . 64.25 40.91 3.54
H752 CDL JA . 64.94 43.84 3.04
H751 CDL JA . 65.27 42.55 1.95
H762 CDL JA . 63.32 43.44 1.05
H761 CDL JA . 62.72 42.09 1.92
H772 CDL JA . 62.71 44.95 2.96
H771 CDL JA . 62.15 43.60 3.86
H782 CDL JA . 60.73 43.34 1.47
H781 CDL JA . 60.85 45.05 1.64
H792 CDL JA . 59.88 43.31 3.93
H791 CDL JA . 58.81 43.84 2.70
H802 CDL JA . 58.79 46.02 3.42
H801 CDL JA . 60.44 46.00 3.93
H812 CDL JA . 59.93 45.00 6.02
H811 CDL JA . 58.47 44.29 5.44
H822 CDL JA . 58.80 47.29 5.83
H821 CDL JA . 57.34 46.48 5.42
H832 CDL JA . 57.85 45.10 7.65
H831 CDL JA . 58.82 46.45 8.05
H842 CDL JA . 55.87 46.63 7.35
H841 CDL JA . 56.85 47.98 7.74
H852 CDL JA . 55.52 47.24 9.68
H851 CDL JA . 57.19 47.16 10.02
H862 CDL JA . 55.58 44.73 9.14
H861 CDL JA . 57.21 44.71 9.70
H873 CDL JA . 56.43 45.51 11.97
H872 CDL JA . 55.71 44.00 11.51
H871 CDL JA . 54.79 45.47 11.39
C1B LMT KA . 103.49 53.34 10.02
C2B LMT KA . 103.68 53.84 8.60
C3B LMT KA . 103.26 52.79 7.59
C4B LMT KA . 103.98 51.48 7.87
C5B LMT KA . 103.71 51.07 9.32
C6B LMT KA . 104.42 49.78 9.70
O1B LMT KA . 102.11 53.17 10.23
O2B LMT KA . 102.90 55.02 8.41
O3B LMT KA . 103.56 53.23 6.27
O4' LMT KA . 103.52 50.46 7.00
O5B LMT KA . 104.17 52.09 10.20
O6B LMT KA . 105.83 49.93 9.62
C1' LMT KA . 99.16 54.55 12.74
C2' LMT KA . 100.19 55.60 12.34
C3' LMT KA . 101.04 55.10 11.17
C4' LMT KA . 101.56 53.68 11.44
C5' LMT KA . 100.39 52.78 11.83
C6' LMT KA . 100.79 51.36 12.14
O1' LMT KA . 98.52 54.97 13.89
O2' LMT KA . 99.54 56.80 11.98
O3' LMT KA . 102.11 55.98 10.92
O5' LMT KA . 99.78 53.31 13.01
O6' LMT KA . 101.66 51.28 13.26
C1 LMT KA . 97.52 54.06 14.33
C2 LMT KA . 96.27 54.86 14.56
C3 LMT KA . 95.06 54.05 14.89
C4 LMT KA . 93.84 54.89 14.91
C5 LMT KA . 92.58 54.10 15.05
C6 LMT KA . 91.35 54.94 14.98
C7 LMT KA . 90.12 54.12 15.17
C8 LMT KA . 88.91 54.95 15.34
C9 LMT KA . 88.49 55.69 14.10
C10 LMT KA . 87.26 56.49 14.34
C11 LMT KA . 86.75 57.21 13.12
C12 LMT KA . 85.54 58.00 13.45
H1B LMT KA . 103.98 53.96 10.75
H2B LMT KA . 104.72 54.12 8.45
H3B LMT KA . 102.19 52.61 7.66
H4B LMT KA . 105.05 51.61 7.74
H5B LMT KA . 102.64 50.91 9.44
H6'2 LMT KA . 104.23 49.52 10.74
H6'1 LMT KA . 104.08 48.95 9.10
H1' LMT KA . 98.44 54.42 11.93
H2' LMT KA . 100.85 55.80 13.18
H3' LMT KA . 100.40 55.05 10.28
H4' LMT KA . 102.29 53.73 12.24
H5' LMT KA . 99.66 52.77 11.03
H6D LMT KA . 99.90 50.79 12.44
H6E LMT KA . 101.20 50.86 11.27
H12 LMT KA . 97.82 53.54 15.24
H11 LMT KA . 97.36 53.29 13.58
H22 LMT KA . 96.06 55.46 13.69
H21 LMT KA . 96.45 55.58 15.36
H32 LMT KA . 95.18 53.54 15.85
H31 LMT KA . 94.93 53.22 14.17
H42 LMT KA . 93.80 55.50 14.00
H41 LMT KA . 93.91 55.62 15.72
H52 LMT KA . 92.60 53.55 15.99
H51 LMT KA . 92.55 53.33 14.28
H62 LMT KA . 91.32 55.47 14.03
H61 LMT KA . 91.40 55.73 15.73
H72 LMT KA . 90.25 53.47 16.04
H71 LMT KA . 90.01 53.44 14.33
H82 LMT KA . 89.07 55.68 16.14
H81 LMT KA . 88.07 54.34 15.69
H92 LMT KA . 88.35 55.00 13.27
H91 LMT KA . 89.30 56.35 13.76
H102 LMT KA . 87.44 57.21 15.13
H101 LMT KA . 86.49 55.83 14.72
H112 LMT KA . 86.53 56.48 12.34
H111 LMT KA . 87.53 57.85 12.71
H123 LMT KA . 85.14 58.51 12.58
H122 LMT KA . 85.75 58.75 14.21
H121 LMT KA . 84.74 57.37 13.85
C13 Q7G LA . 61.12 59.79 29.26
C15 Q7G LA . 61.10 57.78 27.76
C16 Q7G LA . 61.77 61.08 29.70
C17 Q7G LA . 61.90 61.16 31.21
C01 Q7G LA . 56.75 56.56 27.57
C03 Q7G LA . 57.79 54.24 28.00
C04 Q7G LA . 58.63 54.16 26.70
C06 Q7G LA . 59.24 56.11 27.93
C07 Q7G LA . 59.64 57.57 28.16
C08 Q7G LA . 59.45 57.93 29.64
C10 Q7G LA . 57.69 56.08 29.86
C18 Q7G LA . 60.57 60.92 31.89
C19 Q7G LA . 60.01 59.55 31.49
CG1 Q7G LA . 63.22 62.55 32.69
C02 Q7G LA . 57.80 55.76 28.36
C05 Q7G LA . 59.36 55.49 26.54
C09 Q7G LA . 58.06 57.53 30.16
C11 Q7G LA . 59.82 59.41 29.97
C12 Q7G LA . 58.72 60.39 29.50
C14 Q7G LA . 61.67 59.06 28.31
C1B Q7G LA . 62.46 67.33 30.22
C22 Q7G LA . 62.99 63.84 33.42
C23 Q7G LA . 63.35 65.13 32.66
C24 Q7G LA . 62.15 65.78 32.02
C2B Q7G LA . 61.27 68.23 29.91
C3B Q7G LA . 61.27 68.57 28.41
C48 Q7G LA . 64.47 64.94 31.66
C4B Q7G LA . 62.61 69.15 28.01
C5B Q7G LA . 63.74 68.21 28.41
C6B Q7G LA . 65.12 68.77 28.13
C73 Q7G LA . 56.72 53.01 26.22
C74 Q7G LA . 56.46 53.54 27.64
C75 Q7G LA . 56.02 52.48 28.64
C76 Q7G LA . 55.51 52.98 25.31
C77 Q7G LA . 55.83 52.31 23.97
C78 Q7G LA . 56.52 50.97 24.16
C79 Q7G LA . 57.69 51.15 25.09
C81 Q7G LA . 56.96 50.37 22.83
O1 Q7G LA . 62.61 69.31 26.59
O1B Q7G LA . 62.47 67.11 31.60
O1C Q7G LA . 65.64 64.39 32.30
O20 Q7G LA . 62.35 62.48 31.56
O2B Q7G LA . 60.06 67.58 30.26
O3B Q7G LA . 60.22 69.50 28.14
O5B Q7G LA . 63.67 67.95 29.83
O6B Q7G LA . 66.13 67.86 28.53
O72 Q7G LA . 57.67 53.91 25.68
O80 Q7G LA . 57.30 51.73 26.34
H1 Q7G LA . 61.18 57.78 26.68
H2 Q7G LA . 61.72 56.96 28.11
H3 Q7G LA . 61.18 61.92 29.32
H4 Q7G LA . 62.75 61.21 29.25
H5 Q7G LA . 62.62 60.41 31.51
H6 Q7G LA . 55.75 56.41 27.96
H7 Q7G LA . 56.92 57.63 27.60
H8 Q7G LA . 56.73 56.28 26.51
H9 Q7G LA . 58.27 53.69 28.81
H10 Q7G LA . 59.33 53.32 26.72
H11 Q7G LA . 59.91 55.53 28.56
H12 Q7G LA . 59.02 58.22 27.55
H13 Q7G LA . 60.16 57.32 30.19
H14 Q7G LA . 58.33 55.40 30.44
H15 Q7G LA . 56.69 55.86 30.21
H16 Q7G LA . 59.87 61.72 31.67
H17 Q7G LA . 60.66 60.92 32.97
H18 Q7G LA . 59.07 59.39 32.01
H19 Q7G LA . 60.68 58.78 31.85
H20 Q7G LA . 62.89 61.69 33.27
H21 Q7G LA . 64.26 62.38 32.40
H22 Q7G LA . 60.39 55.36 26.23
H23 Q7G LA . 58.91 56.12 25.77
H24 Q7G LA . 57.28 58.17 29.76
H25 Q7G LA . 58.00 57.67 31.24
H27 Q7G LA . 57.80 60.28 30.07
H28 Q7G LA . 58.47 60.25 28.45
H29 Q7G LA . 59.01 61.43 29.61
H30 Q7G LA . 62.60 59.34 27.85
H31 Q7G LA . 62.49 66.43 29.61
H35 Q7G LA . 61.94 63.90 33.75
H36 Q7G LA . 63.56 63.86 34.35
H37 Q7G LA . 63.70 65.82 33.42
H38 Q7G LA . 61.81 65.20 31.17
H39 Q7G LA . 61.32 65.80 32.73
H40 Q7G LA . 61.27 69.12 30.53
H44 Q7G LA . 60.99 67.72 27.80
H48 Q7G LA . 64.69 65.86 31.12
H49 Q7G LA . 64.25 64.17 30.93
H50 Q7G LA . 62.78 70.12 28.48
H54 Q7G LA . 63.64 67.24 27.92
H60 Q7G LA . 65.27 68.87 27.07
H61 Q7G LA . 65.22 69.77 28.56
H64 Q7G LA . 55.64 54.24 27.58
H65 Q7G LA . 56.76 51.69 28.78
H66 Q7G LA . 55.84 52.92 29.62
H67 Q7G LA . 55.10 51.99 28.33
H68 Q7G LA . 55.12 53.98 25.14
H69 Q7G LA . 54.71 52.44 25.82
H70 Q7G LA . 56.46 52.97 23.39
H71 Q7G LA . 54.92 52.20 23.39
H72 Q7G LA . 55.81 50.29 24.62
H73 Q7G LA . 58.13 50.20 25.39
H74 Q7G LA . 58.47 51.74 24.63
H75 Q7G LA . 57.66 51.00 22.30
H76 Q7G LA . 56.12 50.19 22.16
H77 Q7G LA . 57.45 49.41 22.97
H81 Q7G LA . 59.74 67.04 29.48
H85 Q7G LA . 60.18 69.60 27.15
H91 Q7G LA . 65.67 67.10 28.97
C1 CDL MA . 53.30 27.56 29.67
O1 CDL MA . 54.17 28.06 30.68
CA2 CDL MA . 53.44 28.41 28.44
OA2 CDL MA . 52.41 28.06 27.49
PA1 CDL MA . 52.72 28.15 25.93
OA3 CDL MA . 53.55 29.33 25.67
OA4 CDL MA . 53.18 26.81 25.46
OA5 CDL MA . 51.28 28.44 25.28
CA3 CDL MA . 50.55 29.61 25.70
CA4 CDL MA . 49.68 30.08 24.57
OA6 CDL MA . 49.23 28.91 23.84
CA5 CDL MA . 48.08 29.01 23.15
OA7 CDL MA . 47.69 30.03 22.65
C11 CDL MA . 47.38 27.68 23.07
C12 CDL MA . 46.40 27.47 24.22
C13 CDL MA . 45.15 28.29 24.10
C14 CDL MA . 44.04 27.87 25.05
C15 CDL MA . 42.64 27.98 24.47
C16 CDL MA . 41.99 29.34 24.67
C17 CDL MA . 40.51 29.37 24.36
C18 CDL MA . 39.65 28.53 25.30
C19 CDL MA . 38.17 28.83 25.21
C20 CDL MA . 37.30 27.94 26.09
C21 CDL MA . 35.89 28.45 26.29
C22 CDL MA . 35.07 28.57 25.02
C23 CDL MA . 33.79 29.38 25.18
C24 CDL MA . 32.77 28.75 26.11
C25 CDL MA . 31.40 29.39 26.04
C26 CDL MA . 30.31 28.64 26.77
C27 CDL MA . 28.93 29.18 26.47
CA6 CDL MA . 50.46 30.95 23.61
OA8 CDL MA . 50.66 32.25 24.21
CA7 CDL MA . 49.65 33.12 24.11
OA9 CDL MA . 48.67 32.94 23.45
C31 CDL MA . 49.92 34.34 24.95
C32 CDL MA . 49.83 35.64 24.16
C33 CDL MA . 48.50 35.83 23.47
C34 CDL MA . 48.18 37.27 23.09
C35 CDL MA . 46.84 37.44 22.39
C36 CDL MA . 46.32 38.86 22.33
C37 CDL MA . 47.15 39.81 21.47
C38 CDL MA . 46.43 41.08 21.08
C39 CDL MA . 47.23 42.03 20.22
C40 CDL MA . 48.21 42.90 20.99
C41 CDL MA . 47.55 43.97 21.86
C42 CDL MA . 48.52 44.99 22.41
C43 CDL MA . 47.87 46.06 23.28
C44 CDL MA . 48.84 47.10 23.81
C45 CDL MA . 48.22 48.15 24.71
C46 CDL MA . 47.15 49.00 24.06
C47 CDL MA . 46.78 50.21 24.88
CB2 CDL MA . 51.89 27.51 30.21
OB2 CDL MA . 51.93 26.98 31.54
PB2 CDL MA . 50.73 26.06 32.07
OB3 CDL MA . 50.98 25.79 33.50
OB4 CDL MA . 50.55 24.92 31.15
OB5 CDL MA . 49.45 26.99 31.97
CB3 CDL MA . 48.16 26.41 31.68
CB4 CDL MA . 47.90 26.57 30.21
OB6 CDL MA . 47.73 27.99 29.94
CB5 CDL MA . 48.20 28.47 28.77
OB7 CDL MA . 48.65 27.77 27.91
C51 CDL MA . 48.08 29.96 28.71
C52 CDL MA . 47.17 30.42 27.59
C53 CDL MA . 47.03 31.92 27.52
C54 CDL MA . 46.19 32.39 26.35
C55 CDL MA . 45.84 33.87 26.39
C56 CDL MA . 44.90 34.29 25.28
C57 CDL MA . 44.21 35.62 25.52
C58 CDL MA . 43.11 35.93 24.53
C59 CDL MA . 42.13 36.98 25.00
C60 CDL MA . 42.74 38.37 25.16
C61 CDL MA . 41.73 39.41 25.61
C62 CDL MA . 42.23 40.85 25.52
C63 CDL MA . 41.16 41.87 25.79
C64 CDL MA . 41.56 43.31 25.47
C65 CDL MA . 40.40 44.28 25.47
C66 CDL MA . 40.76 45.67 24.98
C67 CDL MA . 39.53 46.53 24.73
CB6 CDL MA . 46.65 25.85 29.77
OB8 CDL MA . 45.55 26.81 29.80
CB7 CDL MA . 44.83 26.86 30.91
OB9 CDL MA . 45.04 26.18 31.89
C71 CDL MA . 43.71 27.87 30.79
C72 CDL MA . 44.00 29.16 31.53
C73 CDL MA . 44.20 28.98 33.03
C74 CDL MA . 44.46 30.28 33.77
C75 CDL MA . 44.59 30.12 35.28
C76 CDL MA . 43.36 29.58 35.96
C77 CDL MA . 43.31 29.81 37.46
C78 CDL MA . 44.37 29.05 38.26
C79 CDL MA . 44.11 27.55 38.31
C80 CDL MA . 44.35 26.92 39.69
C81 CDL MA . 45.79 26.57 39.99
C82 CDL MA . 46.72 27.77 40.15
C83 CDL MA . 48.12 27.39 40.58
C84 CDL MA . 49.14 28.51 40.44
C85 CDL MA . 50.58 28.04 40.52
C86 CDL MA . 51.61 29.11 40.19
C87 CDL MA . 53.02 28.57 40.14
H1 CDL MA . 53.69 26.56 29.51
H1O1 CDL MA . 54.71 27.32 31.04
HA22 CDL MA . 54.40 28.29 27.96
HA21 CDL MA . 53.32 29.47 28.65
HA32 CDL MA . 51.23 30.39 26.04
HA31 CDL MA . 49.94 29.35 26.57
HA4 CDL MA . 48.85 30.65 24.95
H112 CDL MA . 48.09 26.86 23.03
H111 CDL MA . 46.85 27.65 22.12
H122 CDL MA . 46.16 26.41 24.28
H121 CDL MA . 46.90 27.69 25.17
H132 CDL MA . 44.78 28.25 23.07
H131 CDL MA . 45.39 29.34 24.26
H142 CDL MA . 44.22 26.86 25.39
H141 CDL MA . 44.11 28.47 25.96
H152 CDL MA . 42.01 27.21 24.90
H151 CDL MA . 42.66 27.74 23.41
H162 CDL MA . 42.51 30.07 24.05
H161 CDL MA . 42.17 29.68 25.68
H172 CDL MA . 40.34 29.06 23.34
H171 CDL MA . 40.15 30.41 24.39
H182 CDL MA . 39.82 27.48 25.08
H181 CDL MA . 40.00 28.66 26.32
H192 CDL MA . 37.99 29.87 25.47
H191 CDL MA . 37.85 28.74 24.18
H202 CDL MA . 37.25 26.94 25.65
H201 CDL MA . 37.79 27.78 27.05
H212 CDL MA . 35.93 29.42 26.79
H211 CDL MA . 35.36 27.80 27.01
H222 CDL MA . 35.68 29.03 24.23
H221 CDL MA . 34.84 27.58 24.65
H232 CDL MA . 34.03 30.38 25.50
H231 CDL MA . 33.35 29.52 24.20
H242 CDL MA . 33.14 28.82 27.14
H241 CDL MA . 32.70 27.68 25.93
H252 CDL MA . 31.11 29.53 24.99
H251 CDL MA . 31.45 30.41 26.42
H262 CDL MA . 30.49 28.68 27.84
H261 CDL MA . 30.35 27.59 26.52
H273 CDL MA . 28.15 28.63 27.01
H272 CDL MA . 28.83 30.23 26.76
H271 CDL MA . 28.68 29.11 25.42
HA62 CDL MA . 51.41 30.48 23.37
HA61 CDL MA . 49.92 31.08 22.67
H312 CDL MA . 49.22 34.37 25.78
H311 CDL MA . 50.90 34.24 25.41
H322 CDL MA . 50.64 35.67 23.43
H321 CDL MA . 50.04 36.48 24.81
H332 CDL MA . 48.45 35.20 22.58
H331 CDL MA . 47.70 35.45 24.11
H342 CDL MA . 48.21 37.90 23.97
H341 CDL MA . 48.98 37.66 22.45
H352 CDL MA . 46.90 37.03 21.38
H351 CDL MA . 46.10 36.80 22.88
H362 CDL MA . 45.30 38.86 21.97
H361 CDL MA . 46.26 39.26 23.34
H372 CDL MA . 47.49 39.29 20.57
H371 CDL MA . 48.08 40.07 22.00
H382 CDL MA . 46.09 41.59 21.99
H381 CDL MA . 45.50 40.83 20.57
H392 CDL MA . 46.55 42.67 19.65
H391 CDL MA . 47.77 41.47 19.47
H402 CDL MA . 48.90 43.38 20.29
H401 CDL MA . 48.85 42.27 21.60
H412 CDL MA . 46.77 44.46 21.29
H411 CDL MA . 47.03 43.49 22.69
H422 CDL MA . 49.30 44.50 22.98
H421 CDL MA . 49.05 45.47 21.59
H432 CDL MA . 47.35 45.58 24.11
H431 CDL MA . 47.08 46.55 22.72
H442 CDL MA . 49.33 47.61 22.97
H441 CDL MA . 49.66 46.60 24.33
H452 CDL MA . 49.00 48.79 25.11
H451 CDL MA . 47.79 47.65 25.59
H462 CDL MA . 47.47 49.29 23.06
H461 CDL MA . 46.25 48.39 23.88
H473 CDL MA . 46.32 49.96 25.82
H472 CDL MA . 47.65 50.82 25.11
H471 CDL MA . 46.08 50.86 24.35
HB22 CDL MA . 51.44 28.50 30.22
HB21 CDL MA . 51.26 26.86 29.61
HB32 CDL MA . 47.40 26.94 32.26
HB31 CDL MA . 48.13 25.37 32.00
HB4 CDL MA . 48.77 26.19 29.67
H512 CDL MA . 49.08 30.37 28.58
H511 CDL MA . 47.73 30.36 29.67
H522 CDL MA . 46.20 29.95 27.70
H521 CDL MA . 47.54 30.02 26.64
H532 CDL MA . 46.62 32.29 28.45
H531 CDL MA . 48.02 32.38 27.47
H542 CDL MA . 45.28 31.80 26.30
H541 CDL MA . 46.70 32.17 25.41
H552 CDL MA . 46.75 34.46 26.35
H551 CDL MA . 45.40 34.12 27.35
H562 CDL MA . 44.15 33.51 25.11
H561 CDL MA . 45.44 34.34 24.33
H572 CDL MA . 43.82 35.64 26.54
H571 CDL MA . 44.96 36.43 25.51
H582 CDL MA . 43.54 36.22 23.58
H581 CDL MA . 42.57 35.00 24.31
H592 CDL MA . 41.70 36.67 25.94
H591 CDL MA . 41.29 37.03 24.32
H602 CDL MA . 43.20 38.68 24.22
H601 CDL MA . 43.57 38.33 25.86
H612 CDL MA . 40.82 39.30 25.03
H611 CDL MA . 41.42 39.20 26.63
H622 CDL MA . 43.07 40.99 26.19
H621 CDL MA . 42.65 41.01 24.53
H632 CDL MA . 40.87 41.81 26.84
H631 CDL MA . 40.25 41.62 25.24
H642 CDL MA . 42.32 43.63 26.18
H641 CDL MA . 42.06 43.32 24.51
H652 CDL MA . 39.98 44.35 26.47
H651 CDL MA . 39.58 43.88 24.87
H662 CDL MA . 41.35 45.60 24.07
H661 CDL MA . 41.41 46.16 25.69
H673 CDL MA . 39.79 47.49 24.31
H672 CDL MA . 38.97 46.71 25.64
H671 CDL MA . 38.84 46.06 24.03
HB62 CDL MA . 46.44 25.01 30.42
HB61 CDL MA . 46.74 25.46 28.76
H712 CDL MA . 42.80 27.41 31.17
H711 CDL MA . 43.51 28.07 29.74
H722 CDL MA . 43.18 29.85 31.34
H721 CDL MA . 44.87 29.65 31.09
H732 CDL MA . 43.33 28.47 33.44
H731 CDL MA . 45.03 28.30 33.20
H742 CDL MA . 45.35 30.76 33.37
H741 CDL MA . 43.65 30.98 33.54
H752 CDL MA . 45.45 29.49 35.50
H751 CDL MA . 44.86 31.09 35.71
H762 CDL MA . 43.28 28.51 35.76
H761 CDL MA . 42.46 29.99 35.50
H772 CDL MA . 43.42 30.88 37.66
H771 CDL MA . 42.33 29.57 37.83
H782 CDL MA . 44.42 29.44 39.27
H781 CDL MA . 45.35 29.23 37.83
H792 CDL MA . 44.73 27.05 37.58
H791 CDL MA . 43.09 27.35 37.99
H802 CDL MA . 43.96 27.59 40.45
H801 CDL MA . 43.73 26.04 39.78
H812 CDL MA . 46.18 25.92 39.22
H811 CDL MA . 45.84 25.97 40.90
H822 CDL MA . 46.29 28.48 40.84
H821 CDL MA . 46.78 28.32 39.20
H832 CDL MA . 48.45 26.52 40.02
H831 CDL MA . 48.10 27.06 41.61
H842 CDL MA . 48.98 29.03 39.50
H841 CDL MA . 48.95 29.27 41.20
H852 CDL MA . 50.73 27.19 39.86
H851 CDL MA . 50.78 27.65 41.52
H862 CDL MA . 51.36 29.57 39.24
H861 CDL MA . 51.55 29.92 40.91
H873 CDL MA . 53.11 27.73 39.46
H872 CDL MA . 53.74 29.32 39.81
H871 CDL MA . 53.35 28.23 41.12
C27 PEE NA . 46.94 50.93 43.54
C26 PEE NA . 48.04 51.36 42.61
C25 PEE NA . 48.22 50.42 41.43
C24 PEE NA . 49.28 50.85 40.42
C23 PEE NA . 49.39 49.92 39.23
C22 PEE NA . 50.51 50.27 38.27
C21 PEE NA . 50.52 49.45 36.98
C20 PEE NA . 50.92 47.99 37.15
C19 PEE NA . 49.77 47.05 37.52
C18 PEE NA . 50.13 45.58 37.47
C17 PEE NA . 49.00 44.68 37.92
C16 PEE NA . 49.34 43.20 37.94
C15 PEE NA . 48.22 42.32 38.45
C14 PEE NA . 48.54 40.83 38.41
C13 PEE NA . 48.55 40.25 37.01
C12 PEE NA . 49.06 38.83 36.94
C11 PEE NA . 49.13 38.29 35.51
C10 PEE NA . 50.02 37.10 35.40
O4 PEE NA . 49.68 35.96 35.56
O2 PEE NA . 51.28 37.47 35.09
C2 PEE NA . 52.38 36.68 35.64
C1 PEE NA . 52.99 35.92 34.50
O3P PEE NA . 53.88 34.92 35.04
P PEE NA . 55.02 34.22 34.17
O2P PEE NA . 55.07 34.95 32.84
O1P PEE NA . 54.83 32.76 34.08
O4P PEE NA . 56.38 34.61 34.97
C4 PEE NA . 56.33 35.06 36.35
C5 PEE NA . 57.63 34.76 37.04
N PEE NA . 58.77 35.23 36.23
C3 PEE NA . 53.35 37.62 36.28
O3 PEE NA . 53.34 37.44 37.71
C30 PEE NA . 53.39 38.54 38.46
O5 PEE NA . 53.81 39.60 38.07
C31 PEE NA . 52.88 38.30 39.85
C32 PEE NA . 51.64 39.12 40.17
C33 PEE NA . 50.98 38.74 41.48
C34 PEE NA . 49.67 39.45 41.75
C35 PEE NA . 49.81 40.94 42.04
C36 PEE NA . 48.50 41.62 42.36
C37 PEE NA . 48.64 43.04 42.90
C38 PEE NA . 49.39 43.99 41.99
C39 PEE NA . 49.29 45.45 42.40
C40 PEE NA . 49.96 46.41 41.45
C41 PEE NA . 51.42 46.69 41.77
C42 PEE NA . 52.12 47.55 40.73
C43 PEE NA . 53.44 48.14 41.20
C44 PEE NA . 54.19 48.90 40.11
C45 PEE NA . 55.22 48.06 39.37
C46 PEE NA . 54.69 46.80 38.72
C47 PEE NA . 55.73 46.06 37.93
H7 PEE NA . 46.60 51.74 44.18
H8 PEE NA . 47.25 50.12 44.20
H82 PEE NA . 46.07 50.57 42.99
H5 PEE NA . 47.86 52.37 42.26
H6 PEE NA . 48.98 51.43 43.17
H12 PEE NA . 48.45 49.43 41.79
H4 PEE NA . 47.26 50.31 40.92
H10 PEE NA . 49.08 51.87 40.08
H11 PEE NA . 50.24 50.92 40.93
H83 PEE NA . 49.52 48.92 39.61
H9 PEE NA . 48.43 49.89 38.70
H2 PEE NA . 50.46 51.33 38.03
H3 PEE NA . 51.47 50.16 38.78
H14 PEE NA . 51.19 49.92 36.26
H1 PEE NA . 49.54 49.50 36.52
H16 PEE NA . 51.71 47.91 37.90
H13 PEE NA . 51.40 47.64 36.24
H18 PEE NA . 49.40 47.28 38.51
H20 PEE NA . 50.44 45.31 36.46
H22 PEE NA . 48.13 44.84 37.28
H19 PEE NA . 48.66 44.98 38.91
H21 PEE NA . 49.63 42.89 36.93
H28 PEE NA . 50.25 43.04 38.53
H23 PEE NA . 47.97 42.61 39.48
H24 PEE NA . 47.31 42.52 37.90
H25 PEE NA . 49.49 40.66 38.89
H26 PEE NA . 47.82 40.29 39.03
H17 PEE NA . 47.55 40.31 36.58
H27 PEE NA . 49.15 40.88 36.36
H15 PEE NA . 50.05 38.77 37.39
H29 PEE NA . 48.43 38.18 37.54
H30 PEE NA . 48.12 38.06 35.15
H31 PEE NA . 49.49 39.07 34.84
H32 PEE NA . 51.99 36.00 36.40
H33 PEE NA . 53.56 36.57 33.84
H34 PEE NA . 52.25 35.40 33.89
H35 PEE NA . 51.02 45.39 38.08
H36 PEE NA . 55.48 34.57 36.83
H37 PEE NA . 56.14 36.13 36.35
H38 PEE NA . 57.66 35.27 38.01
H39 PEE NA . 57.70 33.70 37.24
H40 PEE NA . 59.64 34.83 36.58
H41 PEE NA . 58.87 36.23 36.26
H43 PEE NA . 53.13 38.65 35.99
H44 PEE NA . 54.37 37.43 35.92
H45 PEE NA . 53.67 38.50 40.56
H46 PEE NA . 52.67 37.23 39.95
H47 PEE NA . 50.92 39.03 39.37
H48 PEE NA . 51.89 40.18 40.17
H49 PEE NA . 51.68 38.88 42.31
H50 PEE NA . 50.80 37.66 41.49
H51 PEE NA . 49.17 38.97 42.58
H52 PEE NA . 48.98 39.29 40.92
H53 PEE NA . 50.28 41.44 41.21
H54 PEE NA . 50.51 41.08 42.87
H55 PEE NA . 47.95 41.02 43.08
H56 PEE NA . 47.86 41.62 41.48
H57 PEE NA . 49.12 43.01 43.88
H58 PEE NA . 47.64 43.44 43.10
H59 PEE NA . 49.04 43.87 40.96
H60 PEE NA . 49.69 45.57 43.40
H81 PEE NA . 49.89 46.03 40.44
H61 PEE NA . 49.41 47.36 41.43
H80 PEE NA . 51.49 47.17 42.75
H62 PEE NA . 51.96 45.76 41.89
H63 PEE NA . 51.45 48.37 40.43
H64 PEE NA . 52.27 46.97 39.83
H65 PEE NA . 54.07 47.35 41.60
H66 PEE NA . 53.27 48.80 42.04
H67 PEE NA . 54.67 49.78 40.54
H68 PEE NA . 53.48 49.31 39.40
H69 PEE NA . 56.04 47.81 40.05
H70 PEE NA . 55.70 48.67 38.60
H71 PEE NA . 53.83 47.03 38.09
H72 PEE NA . 54.29 46.14 39.49
H73 PEE NA . 55.36 45.11 37.53
H74 PEE NA . 56.61 45.82 38.53
H75 PEE NA . 56.08 46.64 37.07
H76 PEE NA . 58.67 34.95 35.26
H42 PEE NA . 48.92 47.24 36.86
H77 PEE NA . 50.44 43.70 41.94
H78 PEE NA . 48.23 45.72 42.51
O12 PC1 OA . 14.07 23.72 8.05
P PC1 OA . 13.56 22.34 7.87
O14 PC1 OA . 12.12 22.15 7.55
O13 PC1 OA . 14.40 21.61 6.73
C11 PC1 OA . 13.88 21.54 5.38
C12 PC1 OA . 15.05 21.77 4.48
N PC1 OA . 14.77 21.72 3.00
C13 PC1 OA . 14.35 20.35 2.59
C14 PC1 OA . 15.99 22.11 2.22
C15 PC1 OA . 13.66 22.68 2.66
O11 PC1 OA . 13.86 21.49 9.17
C1 PC1 OA . 14.16 20.08 9.05
C2 PC1 OA . 13.91 19.40 10.38
O21 PC1 OA . 14.11 17.97 10.18
C21 PC1 OA . 15.32 17.47 10.48
O22 PC1 OA . 16.33 18.11 10.49
C22 PC1 OA . 15.22 16.02 10.84
C23 PC1 OA . 16.53 15.45 11.36
C24 PC1 OA . 16.40 14.09 12.00
C25 PC1 OA . 15.63 14.10 13.31
C26 PC1 OA . 15.75 12.81 14.12
C27 PC1 OA . 17.13 12.59 14.72
C28 PC1 OA . 17.32 11.21 15.35
C29 PC1 OA . 18.75 10.91 15.74
C2A PC1 OA . 19.67 10.65 14.56
C2B PC1 OA . 21.15 10.85 14.86
C2C PC1 OA . 21.78 9.76 15.70
C2D PC1 OA . 22.00 8.46 14.94
C2E PC1 OA . 22.94 7.49 15.65
C2F PC1 OA . 23.22 6.22 14.87
C2G PC1 OA . 24.43 5.45 15.37
C2H PC1 OA . 24.34 4.99 16.82
C2I PC1 OA . 25.61 4.34 17.29
C3 PC1 OA . 12.49 19.59 10.84
O31 PC1 OA . 12.14 18.42 11.63
C31 PC1 OA . 11.69 18.62 12.86
O32 PC1 OA . 11.64 19.69 13.41
C32 PC1 OA . 11.24 17.32 13.49
C33 PC1 OA . 11.57 17.23 14.97
C34 PC1 OA . 11.34 15.83 15.52
C35 PC1 OA . 11.74 15.67 16.98
C36 PC1 OA . 10.79 16.33 17.97
C37 PC1 OA . 9.46 15.61 18.12
C38 PC1 OA . 8.58 16.16 19.25
C39 PC1 OA . 7.28 15.40 19.43
C3A PC1 OA . 6.35 15.99 20.48
C3B PC1 OA . 6.94 16.06 21.87
C3C PC1 OA . 5.96 16.56 22.93
C3D PC1 OA . 6.53 16.62 24.33
C3E PC1 OA . 5.53 17.04 25.39
C3F PC1 OA . 6.12 17.17 26.78
C3G PC1 OA . 5.15 17.75 27.80
C3H PC1 OA . 5.72 17.90 29.19
C3I PC1 OA . 4.76 18.54 30.17
H111 PC1 OA . 13.08 22.27 5.28
H112 PC1 OA . 13.42 20.56 5.23
H121 PC1 OA . 15.51 22.72 4.71
H122 PC1 OA . 15.83 21.03 4.67
H131 PC1 OA . 13.38 20.09 2.99
H132 PC1 OA . 15.05 19.59 2.94
H133 PC1 OA . 14.27 20.24 1.52
H141 PC1 OA . 15.82 22.09 1.14
H142 PC1 OA . 16.32 23.12 2.47
H143 PC1 OA . 16.82 21.44 2.41
H151 PC1 OA . 12.71 22.33 3.04
H152 PC1 OA . 13.83 23.66 3.09
H153 PC1 OA . 13.55 22.82 1.59
H11 PC1 OA . 13.54 19.67 8.25
H12 PC1 OA . 15.19 19.94 8.74
H2 PC1 OA . 14.60 19.78 11.13
H221 PC1 OA . 14.43 15.88 11.56
H222 PC1 OA . 14.90 15.47 9.95
H231 PC1 OA . 17.26 15.40 10.53
H232 PC1 OA . 16.97 16.15 12.06
H241 PC1 OA . 17.38 13.65 12.14
H242 PC1 OA . 15.90 13.40 11.30
H251 PC1 OA . 15.95 14.94 13.92
H252 PC1 OA . 14.57 14.29 13.12
H261 PC1 OA . 15.48 11.96 13.50
H262 PC1 OA . 15.00 12.81 14.92
H271 PC1 OA . 17.90 12.75 13.98
H272 PC1 OA . 17.32 13.36 15.47
H281 PC1 OA . 16.95 10.45 14.68
H282 PC1 OA . 16.67 11.13 16.23
H291 PC1 OA . 18.77 10.06 16.41
H292 PC1 OA . 19.16 11.73 16.34
H2A1 PC1 OA . 19.39 11.27 13.72
H2A2 PC1 OA . 19.51 9.63 14.20
H2B1 PC1 OA . 21.69 10.96 13.93
H2B2 PC1 OA . 21.28 11.81 15.37
H2C1 PC1 OA . 21.16 9.56 16.57
H2C2 PC1 OA . 22.72 10.10 16.10
H2D1 PC1 OA . 22.41 8.68 13.95
H2D2 PC1 OA . 21.06 7.97 14.75
H2E1 PC1 OA . 22.54 7.25 16.63
H2E2 PC1 OA . 23.88 8.00 15.86
H2F1 PC1 OA . 23.35 6.45 13.82
H2F2 PC1 OA . 22.34 5.58 14.89
H2G1 PC1 OA . 25.32 6.04 15.23
H2G2 PC1 OA . 24.58 4.58 14.74
H2H1 PC1 OA . 24.10 5.83 17.46
H2H2 PC1 OA . 23.51 4.30 16.93
H2I1 PC1 OA . 26.45 5.04 17.28
H2I2 PC1 OA . 25.53 3.97 18.31
H2I3 PC1 OA . 25.90 3.50 16.67
H31 PC1 OA . 11.79 19.67 10.02
H32 PC1 OA . 12.43 20.51 11.43
H321 PC1 OA . 10.18 17.20 13.32
H322 PC1 OA . 11.71 16.50 12.96
H331 PC1 OA . 10.96 17.95 15.52
H332 PC1 OA . 12.60 17.54 15.14
H341 PC1 OA . 10.29 15.56 15.39
H342 PC1 OA . 11.89 15.12 14.92
H351 PC1 OA . 12.74 16.06 17.13
H352 PC1 OA . 11.82 14.61 17.22
H361 PC1 OA . 11.27 16.42 18.94
H362 PC1 OA . 10.61 17.37 17.67
H371 PC1 OA . 9.62 14.56 18.27
H372 PC1 OA . 8.91 15.67 17.18
H381 PC1 OA . 9.15 16.16 20.17
H382 PC1 OA . 8.37 17.22 19.06
H391 PC1 OA . 6.76 15.32 18.48
H392 PC1 OA . 7.50 14.36 19.69
H3A1 PC1 OA . 5.42 15.43 20.49
H3A2 PC1 OA . 6.06 16.99 20.17
H3B1 PC1 OA . 7.31 15.07 22.17
H3B2 PC1 OA . 7.83 16.68 21.88
H3C1 PC1 OA . 5.61 17.56 22.64
H3C2 PC1 OA . 5.07 15.95 22.92
H3D1 PC1 OA . 6.94 15.64 24.59
H3D2 PC1 OA . 7.40 17.28 24.36
H3E1 PC1 OA . 5.07 17.98 25.09
H3E2 PC1 OA . 4.69 16.34 25.41
H3F1 PC1 OA . 7.01 17.78 26.74
H3F2 PC1 OA . 6.47 16.20 27.13
H3G1 PC1 OA . 4.78 18.71 27.45
H3G2 PC1 OA . 4.26 17.12 27.86
H3H1 PC1 OA . 6.64 18.50 29.15
H3H2 PC1 OA . 6.05 16.94 29.58
H3I1 PC1 OA . 3.87 17.94 30.30
H3I2 PC1 OA . 5.20 18.67 31.15
H3I3 PC1 OA . 4.44 19.53 29.83
O12 PC1 PA . 25.78 14.41 -3.90
P PC1 PA . 25.08 13.42 -3.05
O14 PC1 PA . 24.38 12.29 -3.69
O13 PC1 PA . 24.02 14.18 -2.13
C11 PC1 PA . 22.65 14.34 -2.59
C12 PC1 PA . 22.12 15.51 -1.81
N PC1 PA . 21.34 16.52 -2.61
C13 PC1 PA . 20.38 15.84 -3.53
C14 PC1 PA . 20.57 17.41 -1.69
C15 PC1 PA . 22.27 17.37 -3.42
O11 PC1 PA . 26.10 12.82 -1.99
C1 PC1 PA . 26.88 13.73 -1.17
C2 PC1 PA . 27.31 13.01 0.08
O21 PC1 PA . 28.37 12.08 -0.28
C21 PC1 PA . 29.61 12.58 -0.40
O22 PC1 PA . 29.85 13.72 -0.67
C22 PC1 PA . 30.65 11.53 -0.14
C23 PC1 PA . 31.91 11.73 -0.96
C24 PC1 PA . 33.15 11.13 -0.33
C25 PC1 PA . 34.40 11.28 -1.15
C26 PC1 PA . 35.67 10.89 -0.43
C27 PC1 PA . 36.23 11.98 0.47
C28 PC1 PA . 37.63 11.70 0.99
C29 PC1 PA . 38.30 12.88 1.66
C2A PC1 PA . 37.82 13.16 3.07
C2B PC1 PA . 38.39 12.22 4.12
C2C PC1 PA . 37.97 12.55 5.54
C2D PC1 PA . 38.74 11.80 6.60
C2E PC1 PA . 38.77 12.49 7.95
C2F PC1 PA . 39.46 11.68 9.03
C2G PC1 PA . 39.96 12.51 10.21
C2H PC1 PA . 41.13 13.43 9.88
C2I PC1 PA . 41.85 13.93 11.10
C3 PC1 PA . 26.18 12.23 0.70
O31 PC1 PA . 26.48 12.01 2.09
C31 PC1 PA . 25.45 11.64 2.87
O32 PC1 PA . 24.30 11.85 2.60
C32 PC1 PA . 25.94 10.93 4.10
C33 PC1 PA . 27.37 10.45 4.01
C34 PC1 PA . 27.57 9.34 2.99
C35 PC1 PA . 29.00 8.85 2.91
C36 PC1 PA . 29.26 7.91 1.75
C37 PC1 PA . 30.68 7.37 1.70
C38 PC1 PA . 31.02 6.63 0.43
C39 PC1 PA . 32.37 5.92 0.46
C3A PC1 PA . 33.50 6.79 1.00
C3B PC1 PA . 34.88 6.29 0.63
C3C PC1 PA . 36.02 7.08 1.26
C3D PC1 PA . 37.33 6.97 0.52
C3E PC1 PA . 38.52 7.54 1.25
C3F PC1 PA . 39.78 7.60 0.41
C3G PC1 PA . 41.00 8.09 1.16
C3H PC1 PA . 42.31 7.88 0.42
C3I PC1 PA . 43.52 8.05 1.29
H111 PC1 PA . 22.12 13.41 -2.41
H112 PC1 PA . 22.67 14.50 -3.66
H121 PC1 PA . 21.49 15.16 -1.00
H122 PC1 PA . 22.94 16.04 -1.32
H131 PC1 PA . 19.95 14.95 -3.07
H132 PC1 PA . 20.85 15.52 -4.45
H133 PC1 PA . 19.55 16.47 -3.80
H141 PC1 PA . 21.20 17.82 -0.89
H142 PC1 PA . 20.13 18.25 -2.20
H143 PC1 PA . 19.76 16.87 -1.19
H151 PC1 PA . 21.83 17.65 -4.37
H152 PC1 PA . 23.20 16.87 -3.64
H153 PC1 PA . 22.53 18.30 -2.91
H11 PC1 PA . 27.72 14.08 -1.76
H12 PC1 PA . 26.28 14.60 -0.93
H2 PC1 PA . 27.68 13.74 0.80
H221 PC1 PA . 30.22 10.55 -0.34
H222 PC1 PA . 30.88 11.53 0.92
H231 PC1 PA . 32.06 12.80 -1.14
H232 PC1 PA . 31.76 11.31 -1.95
H241 PC1 PA . 32.97 10.08 -0.12
H242 PC1 PA . 33.30 11.58 0.66
H251 PC1 PA . 34.48 12.30 -1.51
H252 PC1 PA . 34.31 10.69 -2.07
H261 PC1 PA . 36.43 10.60 -1.16
H262 PC1 PA . 35.50 9.99 0.15
H271 PC1 PA . 35.55 12.14 1.32
H272 PC1 PA . 36.23 12.93 -0.05
H281 PC1 PA . 38.25 11.34 0.18
H282 PC1 PA . 37.60 10.86 1.69
H291 PC1 PA . 38.16 13.76 1.04
H292 PC1 PA . 39.37 12.73 1.67
H2A1 PC1 PA . 38.07 14.18 3.33
H2A2 PC1 PA . 36.74 13.13 3.10
H2B1 PC1 PA . 38.12 11.20 3.87
H2B2 PC1 PA . 39.48 12.23 4.05
H2C1 PC1 PA . 38.04 13.62 5.70
H2C2 PC1 PA . 36.91 12.34 5.65
H2D1 PC1 PA . 39.77 11.64 6.26
H2D2 PC1 PA . 38.35 10.80 6.72
H2E1 PC1 PA . 37.75 12.72 8.26
H2E2 PC1 PA . 39.25 13.46 7.86
H2F1 PC1 PA . 38.78 10.92 9.39
H2F2 PC1 PA . 40.29 11.13 8.60
H2G1 PC1 PA . 40.24 11.85 11.02
H2G2 PC1 PA . 39.14 13.10 10.61
H2H1 PC1 PA . 41.83 12.90 9.22
H2H2 PC1 PA . 40.78 14.26 9.29
H2I1 PC1 PA . 42.66 14.60 10.85
H2I2 PC1 PA . 42.28 13.13 11.70
H2I3 PC1 PA . 41.20 14.49 11.77
H31 PC1 PA . 25.25 12.78 0.64
H32 PC1 PA . 26.05 11.30 0.16
H321 PC1 PA . 25.81 11.59 4.96
H322 PC1 PA . 25.28 10.09 4.30
H331 PC1 PA . 28.03 11.28 3.78
H332 PC1 PA . 27.70 10.09 4.99
H341 PC1 PA . 26.91 8.51 3.22
H342 PC1 PA . 27.25 9.69 2.01
H351 PC1 PA . 29.27 8.35 3.84
H352 PC1 PA . 29.68 9.70 2.85
H361 PC1 PA . 29.04 8.42 0.81
H362 PC1 PA . 28.56 7.08 1.78
H371 PC1 PA . 30.86 6.74 2.56
H372 PC1 PA . 31.38 8.21 1.83
H381 PC1 PA . 30.98 7.30 -0.42
H382 PC1 PA . 30.24 5.89 0.22
H391 PC1 PA . 32.30 5.02 1.04
H392 PC1 PA . 32.63 5.60 -0.54
H3A1 PC1 PA . 33.42 6.84 2.10
H3A2 PC1 PA . 33.36 7.81 0.68
H3B1 PC1 PA . 34.98 5.25 0.88
H3B2 PC1 PA . 34.99 6.33 -0.45
H3C1 PC1 PA . 35.73 8.13 1.35
H3C2 PC1 PA . 36.15 6.75 2.29
H3D1 PC1 PA . 37.52 5.92 0.28
H3D2 PC1 PA . 37.23 7.44 -0.46
H3E1 PC1 PA . 38.28 8.53 1.63
H3E2 PC1 PA . 38.71 6.96 2.15
H3F1 PC1 PA . 39.98 6.63 -0.02
H3F2 PC1 PA . 39.61 8.24 -0.45
H3G1 PC1 PA . 40.89 9.15 1.39
H3G2 PC1 PA . 41.06 7.60 2.13
H3H1 PC1 PA . 42.32 6.90 -0.05
H3H2 PC1 PA . 42.36 8.58 -0.43
H3I1 PC1 PA . 43.60 7.25 2.02
H3I2 PC1 PA . 43.51 8.99 1.84
H3I3 PC1 PA . 44.45 8.04 0.71
O12 PC1 QA . 53.19 52.78 -3.65
P PC1 QA . 53.58 52.07 -4.88
O14 PC1 QA . 52.53 51.71 -5.86
O13 PC1 QA . 54.69 52.91 -5.65
C11 PC1 QA . 54.97 54.27 -5.26
C12 PC1 QA . 55.44 54.94 -6.52
N PC1 QA . 54.92 56.33 -6.76
C13 PC1 QA . 55.07 57.15 -5.52
C14 PC1 QA . 55.72 56.98 -7.86
C15 PC1 QA . 53.49 56.28 -7.16
O11 PC1 QA . 54.35 50.72 -4.48
C1 PC1 QA . 54.76 49.79 -5.50
C2 PC1 QA . 54.23 48.42 -5.13
O21 PC1 QA . 54.67 48.13 -3.77
C21 PC1 QA . 53.81 48.39 -2.77
O22 PC1 QA . 52.64 48.62 -2.94
C22 PC1 QA . 54.49 48.35 -1.44
C23 PC1 QA . 55.25 49.63 -1.12
C24 PC1 QA . 55.74 49.68 0.31
C25 PC1 QA . 56.80 48.65 0.64
C26 PC1 QA . 58.16 48.94 0.04
C27 PC1 QA . 58.84 50.16 0.64
C28 PC1 QA . 60.31 50.27 0.28
C29 PC1 QA . 60.59 50.78 -1.12
C2A PC1 QA . 62.07 50.84 -1.47
C2B PC1 QA . 62.42 51.72 -2.65
C2C PC1 QA . 62.02 53.18 -2.50
C2D PC1 QA . 62.45 53.85 -1.20
C2E PC1 QA . 63.95 54.06 -1.06
C2F PC1 QA . 64.72 52.90 -0.44
C2G PC1 QA . 64.35 52.58 1.01
C2H PC1 QA . 64.63 53.70 2.00
C2I PC1 QA . 64.28 53.32 3.42
C3 PC1 QA . 54.78 47.34 -6.02
O31 PC1 QA . 54.09 46.11 -5.68
C31 PC1 QA . 54.16 45.10 -6.56
O32 PC1 QA . 54.21 45.25 -7.75
C32 PC1 QA . 54.16 43.78 -5.86
C33 PC1 QA . 53.14 42.79 -6.40
C34 PC1 QA . 52.96 41.59 -5.49
C35 PC1 QA . 52.04 40.51 -6.05
C36 PC1 QA . 50.57 40.87 -6.07
C37 PC1 QA . 49.70 39.79 -6.66
C38 PC1 QA . 48.21 39.99 -6.47
C39 PC1 QA . 47.63 41.17 -7.23
C3A PC1 QA . 47.72 41.05 -8.74
C3B PC1 QA . 46.86 42.04 -9.49
C3C PC1 QA . 46.89 41.89 -11.00
C3D PC1 QA . 45.97 42.85 -11.74
C3E PC1 QA . 44.51 42.40 -11.76
C3F PC1 QA . 43.55 43.46 -12.27
C3G PC1 QA . 42.09 43.08 -12.15
C3H PC1 QA . 41.12 44.20 -12.44
C3I PC1 QA . 39.68 43.82 -12.22
H111 PC1 QA . 55.70 54.25 -4.45
H112 PC1 QA . 54.06 54.71 -4.85
H121 PC1 QA . 55.19 54.32 -7.38
H122 PC1 QA . 56.53 54.98 -6.53
H131 PC1 QA . 55.10 58.22 -5.74
H132 PC1 QA . 55.96 56.90 -4.94
H133 PC1 QA . 54.22 57.02 -4.85
H141 PC1 QA . 55.34 57.96 -8.12
H142 PC1 QA . 55.69 56.38 -8.78
H143 PC1 QA . 56.76 57.10 -7.59
H151 PC1 QA . 53.03 57.28 -7.12
H152 PC1 QA . 52.90 55.65 -6.51
H153 PC1 QA . 53.36 55.91 -8.16
H11 PC1 QA . 55.83 49.80 -5.56
H12 PC1 QA . 54.38 50.10 -6.47
H2 PC1 QA . 53.14 48.42 -5.20
H221 PC1 QA . 55.16 47.49 -1.42
H222 PC1 QA . 53.75 48.14 -0.68
H231 PC1 QA . 54.61 50.49 -1.33
H232 PC1 QA . 56.08 49.73 -1.81
H241 PC1 QA . 54.90 49.56 0.99
H242 PC1 QA . 56.12 50.68 0.52
H251 PC1 QA . 56.45 47.66 0.34
H252 PC1 QA . 56.90 48.57 1.73
H261 PC1 QA . 58.06 49.07 -1.03
H262 PC1 QA . 58.80 48.07 0.16
H271 PC1 QA . 58.31 51.06 0.31
H272 PC1 QA . 58.72 50.15 1.72
H281 PC1 QA . 60.81 49.32 0.43
H282 PC1 QA . 60.81 50.94 1.00
H291 PC1 QA . 60.12 51.75 -1.26
H292 PC1 QA . 60.08 50.13 -1.84
H2A1 PC1 QA . 62.43 49.83 -1.66
H2A2 PC1 QA . 62.62 51.15 -0.59
H2B1 PC1 QA . 61.94 51.31 -3.54
H2B2 PC1 QA . 63.48 51.65 -2.87
H2C1 PC1 QA . 60.95 53.29 -2.63
H2C2 PC1 QA . 62.43 53.74 -3.34
H2D1 PC1 QA . 62.08 53.28 -0.35
H2D2 PC1 QA . 61.96 54.81 -1.11
H2E1 PC1 QA . 64.14 54.96 -0.48
H2E2 PC1 QA . 64.38 54.29 -2.03
H2F1 PC1 QA . 65.79 53.11 -0.49
H2F2 PC1 QA . 64.59 52.00 -1.04
H2G1 PC1 QA . 64.88 51.68 1.33
H2G2 PC1 QA . 63.30 52.31 1.09
H2H1 PC1 QA . 65.69 53.99 1.95
H2H2 PC1 QA . 64.09 54.59 1.72
H2I1 PC1 QA . 64.53 54.10 4.12
H2I2 PC1 QA . 64.80 52.42 3.75
H2I3 PC1 QA . 63.22 53.11 3.54
H31 PC1 QA . 55.85 47.18 -5.86
H32 PC1 QA . 54.63 47.60 -7.06
H321 PC1 QA . 54.01 43.95 -4.79
H322 PC1 QA . 55.16 43.35 -5.92
H331 PC1 QA . 53.44 42.47 -7.39
H332 PC1 QA . 52.18 43.30 -6.55
H341 PC1 QA . 52.57 41.92 -4.53
H342 PC1 QA . 53.92 41.16 -5.27
H351 PC1 QA . 52.19 39.59 -5.49
H352 PC1 QA . 52.36 40.26 -7.06
H361 PC1 QA . 50.42 41.80 -6.59
H362 PC1 QA . 50.25 41.07 -5.04
H371 PC1 QA . 49.99 38.82 -6.25
H372 PC1 QA . 49.91 39.70 -7.73
H381 PC1 QA . 48.00 40.10 -5.40
H382 PC1 QA . 47.68 39.09 -6.76
H391 PC1 QA . 46.59 41.31 -6.94
H392 PC1 QA . 48.11 42.09 -6.90
H3A1 PC1 QA . 47.46 40.03 -9.04
H3A2 PC1 QA . 48.76 41.16 -9.05
H3B1 PC1 QA . 47.16 43.06 -9.22
H3B2 PC1 QA . 45.83 41.98 -9.14
H3C1 PC1 QA . 46.63 40.86 -11.26
H3C2 PC1 QA . 47.91 42.01 -11.36
H3D1 PC1 QA . 46.32 42.97 -12.75
H3D2 PC1 QA . 46.05 43.84 -11.30
H3E1 PC1 QA . 44.21 42.09 -10.76
H3E2 PC1 QA . 44.41 41.51 -12.37
H3F1 PC1 QA . 43.78 43.69 -13.31
H3F2 PC1 QA . 43.73 44.40 -11.74
H3G1 PC1 QA . 41.90 42.69 -11.15
H3G2 PC1 QA . 41.88 42.24 -12.81
H3H1 PC1 QA . 41.24 44.54 -13.47
H3H2 PC1 QA . 41.36 45.08 -11.84
H3I1 PC1 QA . 39.48 43.60 -11.16
H3I2 PC1 QA . 38.99 44.60 -12.51
H3I3 PC1 QA . 39.40 42.92 -12.78
C1 CDL RA . 89.92 44.25 -12.67
O1 CDL RA . 90.40 43.67 -13.88
CA2 CDL RA . 89.51 43.15 -11.72
OA2 CDL RA . 88.09 42.91 -11.87
PA1 CDL RA . 87.41 41.72 -11.06
OA3 CDL RA . 88.48 40.86 -10.49
OA4 CDL RA . 86.38 41.09 -11.92
OA5 CDL RA . 86.67 42.41 -9.83
CA3 CDL RA . 86.73 43.84 -9.64
CA4 CDL RA . 85.62 44.49 -10.42
OA6 CDL RA . 85.87 45.92 -10.50
CA5 CDL RA . 85.97 46.62 -9.36
OA7 CDL RA . 85.88 46.15 -8.26
C11 CDL RA . 86.22 48.08 -9.63
C12 CDL RA . 87.31 48.33 -10.67
C13 CDL RA . 87.35 49.76 -11.16
C14 CDL RA . 88.43 50.02 -12.19
C15 CDL RA . 88.42 51.44 -12.75
C16 CDL RA . 88.25 51.51 -14.25
C17 CDL RA . 88.52 52.88 -14.83
C18 CDL RA . 88.18 52.99 -16.30
C19 CDL RA . 88.50 54.36 -16.90
C20 CDL RA . 88.10 54.49 -18.36
C21 CDL RA . 88.33 55.87 -18.94
C22 CDL RA . 87.90 56.02 -20.39
C23 CDL RA . 88.20 57.38 -20.99
C24 CDL RA . 87.72 57.52 -22.43
C25 CDL RA . 88.20 58.79 -23.11
C26 CDL RA . 87.63 58.97 -24.51
C27 CDL RA . 88.28 60.12 -25.25
CA6 CDL RA . 84.28 44.26 -9.79
OA8 CDL RA . 83.25 44.72 -10.70
CA7 CDL RA . 82.00 44.36 -10.40
OA9 CDL RA . 81.66 43.94 -9.33
C31 CDL RA . 81.08 44.54 -11.57
C32 CDL RA . 79.88 45.41 -11.24
C33 CDL RA . 78.61 44.97 -11.94
C34 CDL RA . 77.98 43.71 -11.36
C35 CDL RA . 76.65 43.34 -12.00
C36 CDL RA . 75.51 44.29 -11.66
C37 CDL RA . 74.67 44.67 -12.85
C38 CDL RA . 73.60 45.70 -12.57
C39 CDL RA . 72.46 45.20 -11.71
C40 CDL RA . 71.21 46.07 -11.78
C41 CDL RA . 70.43 45.92 -13.08
C42 CDL RA . 69.41 47.02 -13.33
C43 CDL RA . 68.26 47.04 -12.34
C44 CDL RA . 67.18 48.05 -12.67
C45 CDL RA . 67.64 49.50 -12.62
C46 CDL RA . 66.58 50.52 -12.98
C47 CDL RA . 66.22 50.53 -14.45
CB2 CDL RA . 88.81 45.22 -13.00
OB2 CDL RA . 89.31 46.22 -13.89
PB2 CDL RA . 88.96 46.12 -15.45
OB3 CDL RA . 89.20 44.73 -15.87
OB4 CDL RA . 89.62 47.23 -16.18
OB5 CDL RA . 87.37 46.35 -15.48
CB3 CDL RA . 86.85 47.69 -15.49
CB4 CDL RA . 85.39 47.65 -15.84
OB6 CDL RA . 84.64 48.05 -14.65
CB5 CDL RA . 84.52 49.36 -14.40
OB7 CDL RA . 84.96 50.21 -15.12
C51 CDL RA . 83.74 49.59 -13.15
C52 CDL RA . 82.23 49.57 -13.35
C53 CDL RA . 81.72 48.21 -13.79
C54 CDL RA . 80.22 48.16 -14.05
C55 CDL RA . 79.79 46.98 -14.90
C56 CDL RA . 78.35 47.07 -15.38
C57 CDL RA . 77.99 46.00 -16.41
C58 CDL RA . 77.01 46.48 -17.46
C59 CDL RA . 75.65 46.88 -16.92
C60 CDL RA . 74.76 47.55 -17.94
C61 CDL RA . 73.30 47.66 -17.52
C62 CDL RA . 73.08 48.44 -16.24
C63 CDL RA . 71.66 48.38 -15.71
C64 CDL RA . 70.61 48.99 -16.62
C65 CDL RA . 69.94 47.99 -17.55
C66 CDL RA . 68.81 48.57 -18.39
C67 CDL RA . 67.63 49.00 -17.56
CB6 CDL RA . 84.94 46.26 -16.22
OB8 CDL RA . 83.55 46.32 -16.63
CB7 CDL RA . 83.30 46.62 -17.90
OB9 CDL RA . 84.15 46.97 -18.68
C71 CDL RA . 81.85 46.48 -18.23
C72 CDL RA . 81.57 45.70 -19.50
C73 CDL RA . 80.13 45.84 -19.96
C74 CDL RA . 79.63 44.67 -20.77
C75 CDL RA . 78.60 45.05 -21.82
C76 CDL RA . 77.71 43.91 -22.28
C77 CDL RA . 76.60 43.53 -21.30
C78 CDL RA . 75.65 44.67 -20.98
C79 CDL RA . 74.39 44.25 -20.26
C80 CDL RA . 73.26 43.82 -21.17
C81 CDL RA . 71.94 43.57 -20.46
C82 CDL RA . 71.29 44.82 -19.89
C83 CDL RA . 70.08 44.55 -19.02
C84 CDL RA . 68.75 44.66 -19.75
C85 CDL RA . 68.60 43.77 -20.95
C86 CDL RA . 67.21 43.76 -21.55
C87 CDL RA . 67.11 43.03 -22.85
H1 CDL RA . 90.80 44.77 -12.31
H1O1 CDL RA . 91.39 43.80 -13.91
HA22 CDL RA . 89.72 43.38 -10.68
HA21 CDL RA . 90.00 42.20 -11.95
HA32 CDL RA . 86.65 44.05 -8.57
HA31 CDL RA . 87.70 44.19 -9.95
HA4 CDL RA . 85.61 44.05 -11.41
H112 CDL RA . 86.47 48.62 -8.72
H111 CDL RA . 85.28 48.52 -9.97
H122 CDL RA . 88.27 48.04 -10.26
H121 CDL RA . 87.16 47.66 -11.52
H132 CDL RA . 87.49 50.42 -10.30
H131 CDL RA . 86.38 50.03 -11.55
H142 CDL RA . 89.40 49.79 -11.76
H141 CDL RA . 88.32 49.31 -13.01
H152 CDL RA . 89.35 51.94 -12.45
H151 CDL RA . 87.64 52.01 -12.24
H162 CDL RA . 88.89 50.78 -14.72
H161 CDL RA . 87.25 51.19 -14.51
H172 CDL RA . 87.98 53.63 -14.27
H171 CDL RA . 89.57 53.14 -14.67
H182 CDL RA . 88.73 52.23 -16.85
H181 CDL RA . 87.14 52.76 -16.46
H192 CDL RA . 88.01 55.13 -16.32
H191 CDL RA . 89.56 54.57 -16.79
H202 CDL RA . 88.64 53.76 -18.95
H201 CDL RA . 87.05 54.21 -18.48
H212 CDL RA . 87.82 56.61 -18.33
H211 CDL RA . 89.39 56.14 -18.84
H222 CDL RA . 88.36 55.24 -20.98
H221 CDL RA . 86.83 55.81 -20.46
H232 CDL RA . 87.75 58.16 -20.37
H231 CDL RA . 89.27 57.57 -20.94
H242 CDL RA . 86.63 57.49 -22.45
H241 CDL RA . 88.01 56.65 -23.01
H252 CDL RA . 87.94 59.66 -22.50
H251 CDL RA . 89.28 58.79 -23.15
H262 CDL RA . 87.75 58.05 -25.08
H261 CDL RA . 86.56 59.13 -24.45
H273 CDL RA . 87.79 60.32 -26.21
H272 CDL RA . 88.25 61.04 -24.69
H271 CDL RA . 89.33 59.92 -25.48
HA62 CDL RA . 84.19 44.74 -8.82
HA61 CDL RA . 84.11 43.20 -9.63
H312 CDL RA . 80.76 43.58 -11.95
H311 CDL RA . 81.65 45.00 -12.39
H322 CDL RA . 80.10 46.45 -11.49
H321 CDL RA . 79.72 45.42 -10.17
H332 CDL RA . 78.80 44.82 -13.00
H331 CDL RA . 77.88 45.78 -11.91
H342 CDL RA . 77.85 43.84 -10.28
H341 CDL RA . 78.68 42.88 -11.46
H352 CDL RA . 76.38 42.33 -11.70
H351 CDL RA . 76.76 43.29 -13.07
H362 CDL RA . 74.88 43.83 -10.90
H361 CDL RA . 75.90 45.19 -11.18
H372 CDL RA . 75.31 45.02 -13.65
H371 CDL RA . 74.20 43.77 -13.26
H382 CDL RA . 73.21 46.10 -13.51
H381 CDL RA . 74.06 46.56 -12.08
H392 CDL RA . 72.21 44.18 -12.00
H391 CDL RA . 72.78 45.11 -10.68
H402 CDL RA . 70.56 45.84 -10.94
H401 CDL RA . 71.49 47.10 -11.64
H412 CDL RA . 69.93 44.95 -13.09
H411 CDL RA . 71.12 45.86 -13.92
H422 CDL RA . 69.03 46.93 -14.34
H421 CDL RA . 69.92 47.98 -13.31
H432 CDL RA . 68.64 47.22 -11.34
H431 CDL RA . 67.82 46.04 -12.28
H442 CDL RA . 66.33 47.92 -12.00
H441 CDL RA . 66.78 47.83 -13.66
H452 CDL RA . 68.50 49.64 -13.29
H451 CDL RA . 68.04 49.72 -11.63
H462 CDL RA . 66.90 51.51 -12.67
H461 CDL RA . 65.68 50.33 -12.39
H473 CDL RA . 65.95 49.56 -14.84
H472 CDL RA . 65.39 51.19 -14.67
H471 CDL RA . 67.06 50.89 -15.05
HB22 CDL RA . 88.41 45.70 -12.10
HB21 CDL RA . 87.97 44.72 -13.49
HB32 CDL RA . 87.40 48.26 -16.23
HB31 CDL RA . 87.04 48.18 -14.54
HB4 CDL RA . 85.19 48.35 -16.64
H512 CDL RA . 84.05 50.57 -12.74
H511 CDL RA . 84.03 48.88 -12.38
H522 CDL RA . 81.94 50.33 -14.07
H521 CDL RA . 81.73 49.87 -12.43
H532 CDL RA . 82.24 47.89 -14.69
H531 CDL RA . 81.98 47.45 -13.04
H542 CDL RA . 79.69 48.16 -13.10
H541 CDL RA . 79.91 49.09 -14.52
H552 CDL RA . 80.46 46.92 -15.75
H551 CDL RA . 79.95 46.06 -14.36
H562 CDL RA . 78.15 48.05 -15.79
H561 CDL RA . 77.69 46.99 -14.52
H572 CDL RA . 77.57 45.14 -15.89
H571 CDL RA . 78.89 45.62 -16.87
H582 CDL RA . 76.90 45.71 -18.21
H581 CDL RA . 77.44 47.32 -18.00
H592 CDL RA . 75.15 46.00 -16.51
H591 CDL RA . 75.79 47.53 -16.05
H602 CDL RA . 74.84 47.02 -18.89
H601 CDL RA . 75.16 48.55 -18.17
H612 CDL RA . 72.75 48.14 -18.33
H611 CDL RA . 72.87 46.67 -17.44
H622 CDL RA . 73.37 49.49 -16.39
H621 CDL RA . 73.76 48.10 -15.47
H632 CDL RA . 71.40 47.34 -15.51
H631 CDL RA . 71.61 48.85 -14.72
H642 CDL RA . 71.04 49.79 -17.20
H641 CDL RA . 69.84 49.48 -16.01
H652 CDL RA . 70.68 47.54 -18.21
H651 CDL RA . 69.56 47.15 -16.97
H662 CDL RA . 68.50 47.85 -19.14
H661 CDL RA . 69.19 49.42 -18.96
H673 CDL RA . 67.32 48.23 -16.86
H672 CDL RA . 66.75 49.22 -18.17
H671 CDL RA . 67.83 49.89 -16.97
HB62 CDL RA . 85.55 45.88 -17.04
HB61 CDL RA . 85.03 45.56 -15.39
H712 CDL RA . 81.38 45.98 -17.38
H711 CDL RA . 81.37 47.46 -18.28
H722 CDL RA . 82.25 46.04 -20.28
H721 CDL RA . 81.82 44.65 -19.35
H732 CDL RA . 79.49 45.99 -19.10
H731 CDL RA . 80.03 46.75 -20.54
H742 CDL RA . 80.46 44.16 -21.25
H741 CDL RA . 79.21 43.91 -20.11
H752 CDL RA . 79.10 45.48 -22.68
H751 CDL RA . 77.98 45.87 -21.44
H762 CDL RA . 77.28 44.15 -23.25
H761 CDL RA . 78.33 43.03 -22.48
H772 CDL RA . 77.05 43.15 -20.39
H771 CDL RA . 76.04 42.69 -21.70
H782 CDL RA . 75.39 45.19 -21.90
H781 CDL RA . 76.17 45.42 -20.39
H792 CDL RA . 74.07 45.05 -19.60
H791 CDL RA . 74.62 43.43 -19.57
H802 CDL RA . 73.12 44.59 -21.94
H801 CDL RA . 73.56 42.94 -21.73
H812 CDL RA . 71.26 43.06 -21.13
H811 CDL RA . 72.11 42.85 -19.66
H822 CDL RA . 72.01 45.40 -19.31
H821 CDL RA . 71.01 45.48 -20.70
H832 CDL RA . 70.16 43.55 -18.58
H831 CDL RA . 70.09 45.22 -18.17
H842 CDL RA . 68.59 45.70 -20.04
H841 CDL RA . 67.93 44.46 -19.05
H852 CDL RA . 69.32 44.07 -21.72
H851 CDL RA . 68.89 42.75 -20.70
H862 CDL RA . 66.86 44.79 -21.68
H861 CDL RA . 66.51 43.34 -20.83
H873 CDL RA . 67.66 43.52 -23.65
H872 CDL RA . 67.51 42.01 -22.79
H871 CDL RA . 66.08 42.94 -23.20
C1 CDL SA . 60.92 58.29 -9.60
O1 CDL SA . 61.96 58.34 -10.57
CA2 CDL SA . 61.51 58.56 -8.24
OA2 CDL SA . 62.12 59.86 -8.24
PA1 CDL SA . 63.08 60.29 -7.04
OA3 CDL SA . 62.87 61.73 -6.76
OA4 CDL SA . 62.94 59.32 -5.94
OA5 CDL SA . 64.53 60.15 -7.69
CA3 CDL SA . 65.01 58.86 -8.11
CA4 CDL SA . 66.32 59.02 -8.81
OA6 CDL SA . 66.19 58.45 -10.15
CA5 CDL SA . 65.67 59.23 -11.11
OA7 CDL SA . 64.71 59.93 -10.96
C11 CDL SA . 66.44 59.10 -12.39
C12 CDL SA . 67.47 60.20 -12.58
C13 CDL SA . 68.50 59.87 -13.65
C14 CDL SA . 69.30 61.06 -14.15
C15 CDL SA . 70.09 60.80 -15.41
C16 CDL SA . 70.79 62.02 -15.97
C17 CDL SA . 71.64 61.75 -17.21
C18 CDL SA . 73.12 61.57 -16.92
C19 CDL SA . 73.46 60.36 -16.08
C20 CDL SA . 73.11 59.02 -16.72
C21 CDL SA . 73.82 58.76 -18.04
C22 CDL SA . 75.33 58.72 -17.93
C23 CDL SA . 76.02 58.37 -19.24
C24 CDL SA . 77.54 58.26 -19.12
C25 CDL SA . 78.23 57.88 -20.43
C26 CDL SA . 79.74 57.73 -20.30
C27 CDL SA . 80.40 57.37 -21.62
CA6 CDL SA . 67.42 58.28 -8.11
OA8 CDL SA . 68.69 58.88 -8.51
CA7 CDL SA . 69.06 59.99 -7.86
OA9 CDL SA . 68.48 60.42 -6.90
C31 CDL SA . 70.26 60.61 -8.50
C32 CDL SA . 71.42 59.62 -8.68
C33 CDL SA . 71.76 58.87 -7.40
C34 CDL SA . 73.15 58.26 -7.42
C35 CDL SA . 73.46 57.41 -6.19
C36 CDL SA . 74.95 57.21 -5.95
C37 CDL SA . 75.67 56.53 -7.11
C38 CDL SA . 77.20 56.57 -7.01
C39 CDL SA . 77.77 57.98 -6.97
C40 CDL SA . 79.19 58.08 -7.49
C41 CDL SA . 80.18 57.11 -6.83
C42 CDL SA . 81.61 57.29 -7.30
C43 CDL SA . 82.30 58.51 -6.71
C44 CDL SA . 83.74 58.69 -7.18
C45 CDL SA . 83.88 59.05 -8.65
C46 CDL SA . 85.31 59.31 -9.09
C47 CDL SA . 85.41 59.77 -10.52
CB2 CDL SA . 60.21 56.96 -9.70
OB2 CDL SA . 59.68 56.61 -8.40
PB2 CDL SA . 59.78 55.10 -7.91
OB3 CDL SA . 59.18 54.25 -8.96
OB4 CDL SA . 59.26 55.00 -6.52
OB5 CDL SA . 61.35 54.84 -7.90
CB3 CDL SA . 61.87 53.52 -8.15
CB4 CDL SA . 62.24 52.89 -6.83
OB6 CDL SA . 63.24 53.70 -6.16
CB5 CDL SA . 64.25 54.20 -6.88
OB7 CDL SA . 64.80 53.59 -7.77
C51 CDL SA . 64.61 55.59 -6.45
C52 CDL SA . 64.85 55.69 -4.95
C53 CDL SA . 66.07 54.91 -4.49
C54 CDL SA . 67.38 55.41 -5.05
C55 CDL SA . 68.60 54.71 -4.48
C56 CDL SA . 69.91 55.16 -5.10
C57 CDL SA . 71.05 54.17 -4.94
C58 CDL SA . 70.89 52.91 -5.77
C59 CDL SA . 72.02 51.90 -5.63
C60 CDL SA . 73.29 52.31 -6.35
C61 CDL SA . 74.49 51.41 -6.05
C62 CDL SA . 74.22 49.92 -6.30
C63 CDL SA . 74.07 49.55 -7.77
C64 CDL SA . 75.37 49.24 -8.48
C65 CDL SA . 76.05 47.96 -8.01
C66 CDL SA . 77.39 47.68 -8.67
C67 CDL SA . 78.09 46.50 -8.05
CB6 CDL SA . 62.80 51.50 -7.01
OB8 CDL SA . 62.54 50.76 -5.80
CB7 CDL SA . 62.72 49.44 -5.85
OB9 CDL SA . 62.80 48.82 -6.88
C71 CDL SA . 62.80 48.85 -4.47
C72 CDL SA . 63.29 47.40 -4.49
C73 CDL SA . 62.27 46.42 -5.03
C74 CDL SA . 62.87 45.15 -5.59
C75 CDL SA . 63.23 45.26 -7.05
C76 CDL SA . 64.29 44.27 -7.52
C77 CDL SA . 65.64 44.90 -7.77
C78 CDL SA . 66.56 44.06 -8.65
C79 CDL SA . 67.46 43.12 -7.88
C80 CDL SA . 66.72 42.00 -7.15
C81 CDL SA . 66.63 42.19 -5.65
C82 CDL SA . 67.79 41.58 -4.88
C83 CDL SA . 69.13 42.26 -5.11
C84 CDL SA . 70.27 41.59 -4.37
C85 CDL SA . 71.55 42.40 -4.33
C86 CDL SA . 71.47 43.62 -3.43
C87 CDL SA . 72.81 44.12 -3.01
H1 CDL SA . 60.27 59.09 -9.92
H1O1 CDL SA . 62.53 59.13 -10.38
HA22 CDL SA . 60.76 58.51 -7.44
HA21 CDL SA . 62.29 57.84 -7.97
HA32 CDL SA . 64.27 58.39 -8.75
HA31 CDL SA . 65.11 58.23 -7.23
HA4 CDL SA . 66.58 60.08 -8.87
H112 CDL SA . 66.95 58.13 -12.45
H111 CDL SA . 65.74 59.09 -13.21
H122 CDL SA . 66.96 61.13 -12.82
H121 CDL SA . 67.97 60.41 -11.64
H132 CDL SA . 67.99 59.41 -14.50
H131 CDL SA . 69.18 59.11 -13.28
H142 CDL SA . 69.97 61.40 -13.35
H141 CDL SA . 68.62 61.91 -14.30
H152 CDL SA . 69.44 60.38 -16.17
H151 CDL SA . 70.82 60.01 -15.22
H162 CDL SA . 71.42 62.47 -15.19
H161 CDL SA . 70.06 62.80 -16.19
H172 CDL SA . 71.25 60.88 -17.73
H171 CDL SA . 71.50 62.57 -17.92
H182 CDL SA . 73.50 62.47 -16.44
H181 CDL SA . 73.67 61.53 -17.87
H192 CDL SA . 72.96 60.43 -15.11
H191 CDL SA . 74.51 60.37 -15.83
H202 CDL SA . 73.34 58.22 -16.03
H201 CDL SA . 72.03 58.95 -16.86
H212 CDL SA . 73.47 57.81 -18.45
H211 CDL SA . 73.52 59.50 -18.78
H222 CDL SA . 75.64 58.03 -17.16
H221 CDL SA . 75.69 59.69 -17.59
H232 CDL SA . 75.63 57.42 -19.63
H231 CDL SA . 75.77 59.09 -20.00
H242 CDL SA . 77.80 57.54 -18.36
H241 CDL SA . 77.95 59.20 -18.75
H252 CDL SA . 77.80 56.97 -20.82
H251 CDL SA . 78.00 58.63 -21.19
H262 CDL SA . 79.96 56.98 -19.55
H261 CDL SA . 80.17 58.65 -19.92
H273 CDL SA . 81.46 57.16 -21.49
H272 CDL SA . 80.32 58.17 -22.36
H271 CDL SA . 79.95 56.48 -22.06
HA62 CDL SA . 67.30 58.32 -7.03
HA61 CDL SA . 67.44 57.24 -8.39
H312 CDL SA . 70.00 61.05 -9.46
H311 CDL SA . 70.59 61.45 -7.88
H322 CDL SA . 72.29 60.16 -9.04
H321 CDL SA . 71.18 58.92 -9.47
H332 CDL SA . 71.65 59.53 -6.55
H331 CDL SA . 71.03 58.09 -7.23
H342 CDL SA . 73.89 59.04 -7.52
H341 CDL SA . 73.26 57.65 -8.31
H352 CDL SA . 73.01 57.86 -5.31
H351 CDL SA . 72.97 56.44 -6.29
H362 CDL SA . 75.10 56.62 -5.05
H361 CDL SA . 75.42 58.17 -5.74
H372 CDL SA . 75.35 55.50 -7.18
H371 CDL SA . 75.37 56.98 -8.05
H382 CDL SA . 77.51 56.03 -6.12
H381 CDL SA . 77.63 56.02 -7.84
H392 CDL SA . 77.73 58.36 -5.95
H391 CDL SA . 77.13 58.66 -7.53
H402 CDL SA . 79.55 59.10 -7.37
H401 CDL SA . 79.20 57.92 -8.57
H412 CDL SA . 79.86 56.09 -7.01
H411 CDL SA . 80.12 57.23 -5.75
H422 CDL SA . 82.18 56.39 -7.06
H421 CDL SA . 81.63 57.34 -8.39
H432 CDL SA . 82.28 58.45 -5.63
H431 CDL SA . 81.73 59.41 -6.95
H442 CDL SA . 84.23 59.44 -6.56
H441 CDL SA . 84.31 57.78 -6.97
H452 CDL SA . 83.26 59.92 -8.87
H451 CDL SA . 83.46 58.26 -9.27
H462 CDL SA . 85.77 60.06 -8.43
H461 CDL SA . 85.91 58.42 -8.95
H473 CDL SA . 84.96 59.05 -11.22
H472 CDL SA . 84.90 60.72 -10.69
H471 CDL SA . 86.44 59.90 -10.83
HB22 CDL SA . 60.87 56.16 -10.04
HB21 CDL SA . 59.37 57.01 -10.39
HB32 CDL SA . 61.10 52.93 -8.64
HB31 CDL SA . 62.70 53.56 -8.86
HB4 CDL SA . 61.34 52.85 -6.22
H512 CDL SA . 63.79 56.24 -6.74
H511 CDL SA . 65.47 55.95 -7.00
H522 CDL SA . 64.96 56.74 -4.66
H521 CDL SA . 63.98 55.35 -4.42
H532 CDL SA . 65.95 53.86 -4.74
H531 CDL SA . 66.12 54.92 -3.40
H542 CDL SA . 67.38 55.32 -6.13
H541 CDL SA . 67.47 56.48 -4.88
H552 CDL SA . 68.48 53.64 -4.59
H551 CDL SA . 68.64 54.86 -3.41
H562 CDL SA . 70.20 56.12 -4.68
H561 CDL SA . 69.77 55.37 -6.16
H572 CDL SA . 71.99 54.65 -5.19
H571 CDL SA . 71.16 53.90 -3.89
H582 CDL SA . 70.76 53.18 -6.82
H581 CDL SA . 69.95 52.41 -5.51
H592 CDL SA . 71.68 50.94 -6.00
H591 CDL SA . 72.23 51.73 -4.58
H602 CDL SA . 73.55 53.34 -6.09
H601 CDL SA . 73.12 52.33 -7.42
H612 CDL SA . 74.79 51.55 -5.01
H611 CDL SA . 75.34 51.73 -6.62
H622 CDL SA . 73.36 49.59 -5.73
H621 CDL SA . 75.04 49.35 -5.85
H632 CDL SA . 73.41 48.68 -7.85
H631 CDL SA . 73.53 50.34 -8.30
H642 CDL SA . 76.06 50.08 -8.38
H641 CDL SA . 75.19 49.19 -9.55
H652 CDL SA . 76.19 47.98 -6.94
H651 CDL SA . 75.38 47.12 -8.18
H662 CDL SA . 78.02 48.57 -8.62
H661 CDL SA . 77.25 47.50 -9.75
H673 CDL SA . 77.63 45.56 -8.34
H672 CDL SA . 79.14 46.45 -8.35
H671 CDL SA . 78.07 46.54 -6.96
HB62 CDL SA . 63.86 51.53 -7.22
HB61 CDL SA . 62.33 50.97 -7.84
H712 CDL SA . 61.83 48.91 -4.01
H711 CDL SA . 63.46 49.45 -3.85
H722 CDL SA . 63.59 47.12 -3.48
H721 CDL SA . 64.21 47.33 -5.08
H732 CDL SA . 61.67 46.91 -5.80
H731 CDL SA . 61.54 46.18 -4.26
H742 CDL SA . 63.75 44.88 -5.00
H741 CDL SA . 62.17 44.32 -5.44
H752 CDL SA . 62.33 45.15 -7.65
H751 CDL SA . 63.57 46.28 -7.26
H762 CDL SA . 63.93 43.77 -8.42
H761 CDL SA . 64.38 43.48 -6.77
H772 CDL SA . 65.51 45.89 -8.23
H771 CDL SA . 66.12 45.11 -6.83
H782 CDL SA . 67.18 44.72 -9.26
H781 CDL SA . 65.97 43.50 -9.35
H792 CDL SA . 68.05 43.69 -7.15
H791 CDL SA . 68.20 42.68 -8.54
H802 CDL SA . 67.21 41.06 -7.37
H801 CDL SA . 65.73 41.89 -7.58
H812 CDL SA . 65.69 41.77 -5.29
H811 CDL SA . 66.55 43.25 -5.42
H822 CDL SA . 67.87 40.52 -5.11
H821 CDL SA . 67.56 41.60 -3.81
H832 CDL SA . 69.07 43.30 -4.83
H831 CDL SA . 69.36 42.26 -6.17
H842 CDL SA . 70.49 40.62 -4.82
H841 CDL SA . 69.96 41.35 -3.36
H852 CDL SA . 72.38 41.77 -4.01
H851 CDL SA . 71.82 42.71 -5.34
H862 CDL SA . 70.93 44.41 -3.94
H861 CDL SA . 70.85 43.40 -2.56
H873 CDL SA . 73.54 44.06 -3.81
H872 CDL SA . 73.21 43.55 -2.17
H871 CDL SA . 72.77 45.16 -2.68
O12 PC1 TA . 84.36 44.22 -4.42
P PC1 TA . 84.06 43.57 -5.71
O14 PC1 TA . 85.09 43.58 -6.78
O13 PC1 TA . 83.70 42.04 -5.45
C11 PC1 TA . 82.76 41.34 -6.30
C12 PC1 TA . 83.60 40.81 -7.43
N PC1 TA . 82.88 40.00 -8.48
C13 PC1 TA . 81.91 40.86 -9.23
C14 PC1 TA . 83.87 39.43 -9.45
C15 PC1 TA . 82.13 38.88 -7.84
O11 PC1 TA . 82.74 44.22 -6.33
C1 PC1 TA . 82.12 45.37 -5.73
C2 PC1 TA . 82.70 46.62 -6.33
O21 PC1 TA . 82.62 47.69 -5.33
C21 PC1 TA . 83.61 47.76 -4.42
O22 PC1 TA . 84.35 46.84 -4.17
C22 PC1 TA . 83.67 49.12 -3.79
C23 PC1 TA . 83.58 50.25 -4.80
C24 PC1 TA . 83.80 51.61 -4.17
C25 PC1 TA . 83.68 52.78 -5.14
C26 PC1 TA . 84.62 52.70 -6.32
C27 PC1 TA . 84.70 53.99 -7.13
C28 PC1 TA . 85.58 53.89 -8.36
C29 PC1 TA . 85.72 55.20 -9.11
C2A PC1 TA . 86.50 55.09 -10.41
C2B PC1 TA . 86.73 56.41 -11.11
C2C PC1 TA . 87.38 56.29 -12.47
C2D PC1 TA . 87.74 57.63 -13.11
C2E PC1 TA . 88.21 57.52 -14.54
C2F PC1 TA . 88.69 58.84 -15.13
C2G PC1 TA . 89.02 58.79 -16.60
C2H PC1 TA . 89.58 60.08 -17.16
C2I PC1 TA . 89.83 60.01 -18.65
C3 PC1 TA . 81.92 47.07 -7.53
O31 PC1 TA . 82.51 48.29 -8.05
C31 PC1 TA . 82.06 48.72 -9.23
O32 PC1 TA . 81.30 48.09 -9.92
C32 PC1 TA . 82.63 50.06 -9.58
C33 PC1 TA . 81.62 51.20 -9.45
C34 PC1 TA . 82.07 52.47 -10.14
C35 PC1 TA . 81.18 53.67 -9.85
C36 PC1 TA . 81.58 54.94 -10.59
C37 PC1 TA . 81.16 54.96 -12.05
C38 PC1 TA . 81.75 56.12 -12.84
C39 PC1 TA . 81.20 57.49 -12.46
C3A PC1 TA . 79.83 57.80 -13.03
C3B PC1 TA . 79.35 59.21 -12.76
C3C PC1 TA . 78.21 59.68 -13.64
C3D PC1 TA . 77.84 61.14 -13.45
C3E PC1 TA . 76.90 61.69 -14.51
C3F PC1 TA . 77.12 63.16 -14.83
C3G PC1 TA . 76.17 63.71 -15.88
C3H PC1 TA . 76.53 65.10 -16.35
C3I PC1 TA . 75.51 65.69 -17.30
H111 PC1 TA . 82.26 40.57 -5.71
H112 PC1 TA . 81.98 42.03 -6.64
H121 PC1 TA . 84.11 41.64 -7.92
H122 PC1 TA . 84.41 40.19 -7.04
H131 PC1 TA . 81.37 40.30 -9.98
H132 PC1 TA . 81.18 41.34 -8.58
H133 PC1 TA . 82.42 41.66 -9.77
H141 PC1 TA . 83.40 39.05 -10.34
H142 PC1 TA . 84.43 38.61 -9.01
H143 PC1 TA . 84.60 40.18 -9.76
H151 PC1 TA . 82.76 38.32 -7.15
H152 PC1 TA . 81.27 39.22 -7.27
H153 PC1 TA . 81.76 38.17 -8.58
H11 PC1 TA . 81.05 45.31 -5.89
H12 PC1 TA . 82.27 45.37 -4.65
H2 PC1 TA . 83.74 46.45 -6.63
H221 PC1 TA . 84.58 49.19 -3.21
H222 PC1 TA . 82.86 49.19 -3.08
H231 PC1 TA . 84.31 50.07 -5.60
H232 PC1 TA . 82.61 50.22 -5.30
H241 PC1 TA . 83.10 51.74 -3.35
H242 PC1 TA . 84.79 51.63 -3.69
H251 PC1 TA . 83.85 53.71 -4.60
H252 PC1 TA . 82.66 52.85 -5.49
H261 PC1 TA . 84.32 51.89 -6.97
H262 PC1 TA . 85.62 52.42 -5.98
H271 PC1 TA . 85.05 54.79 -6.49
H272 PC1 TA . 83.70 54.30 -7.41
H281 PC1 TA . 85.19 53.13 -9.03
H282 PC1 TA . 86.56 53.52 -8.08
H291 PC1 TA . 86.19 55.94 -8.46
H292 PC1 TA . 84.74 55.62 -9.31
H2A1 PC1 TA . 85.98 54.41 -11.09
H2A2 PC1 TA . 87.46 54.61 -10.22
H2B1 PC1 TA . 87.33 57.07 -10.47
H2B2 PC1 TA . 85.78 56.95 -11.21
H2C1 PC1 TA . 88.29 55.69 -12.39
H2C2 PC1 TA . 86.74 55.73 -13.15
H2D1 PC1 TA . 86.88 58.29 -13.05
H2D2 PC1 TA . 88.50 58.13 -12.50
H2E1 PC1 TA . 87.41 57.12 -15.16
H2E2 PC1 TA . 89.01 56.78 -14.61
H2F1 PC1 TA . 87.94 59.61 -14.94
H2F2 PC1 TA . 89.57 59.19 -14.57
H2G1 PC1 TA . 89.70 57.96 -16.81
H2G2 PC1 TA . 88.11 58.52 -17.16
H2H1 PC1 TA . 90.50 60.33 -16.65
H2H2 PC1 TA . 88.91 60.90 -16.95
H2I1 PC1 TA . 90.48 59.18 -18.91
H2I2 PC1 TA . 88.92 59.89 -19.22
H2I3 PC1 TA . 90.32 60.91 -19.03
H31 PC1 TA . 80.88 47.31 -7.28
H32 PC1 TA . 81.91 46.29 -8.28
H321 PC1 TA . 83.03 50.02 -10.59
H322 PC1 TA . 83.50 50.25 -8.95
H331 PC1 TA . 81.44 51.39 -8.39
H332 PC1 TA . 80.66 50.87 -9.84
H341 PC1 TA . 83.09 52.70 -9.87
H342 PC1 TA . 82.10 52.30 -11.22
H351 PC1 TA . 81.18 53.86 -8.77
H352 PC1 TA . 80.15 53.42 -10.07
H361 PC1 TA . 82.65 55.09 -10.51
H362 PC1 TA . 81.15 55.80 -10.08
H371 PC1 TA . 81.46 54.02 -12.52
H372 PC1 TA . 80.08 54.97 -12.13
H381 PC1 TA . 81.59 55.95 -13.91
H382 PC1 TA . 82.83 56.13 -12.73
H391 PC1 TA . 81.90 58.26 -12.77
H392 PC1 TA . 81.17 57.58 -11.37
H3A1 PC1 TA . 79.10 57.08 -12.66
H3A2 PC1 TA . 79.83 57.61 -14.11
H3B1 PC1 TA . 80.19 59.90 -12.84
H3B2 PC1 TA . 79.05 59.29 -11.71
H3C1 PC1 TA . 77.33 59.04 -13.46
H3C2 PC1 TA . 78.46 59.49 -14.68
H3D1 PC1 TA . 78.75 61.74 -13.43
H3D2 PC1 TA . 77.40 61.28 -12.47
H3E1 PC1 TA . 75.87 61.53 -14.20
H3E2 PC1 TA . 76.99 61.09 -15.43
H3F1 PC1 TA . 77.03 63.74 -13.92
H3F2 PC1 TA . 78.15 63.31 -15.15
H3G1 PC1 TA . 75.15 63.72 -15.47
H3G2 PC1 TA . 76.12 63.03 -16.73
H3H1 PC1 TA . 76.66 65.77 -15.50
H3H2 PC1 TA . 77.51 65.11 -16.83
H3I1 PC1 TA . 74.53 65.81 -16.82
H3I2 PC1 TA . 75.79 66.68 -17.66
H3I3 PC1 TA . 75.35 65.06 -18.17
C1B LMT UA . 66.06 73.78 -11.24
C2B LMT UA . 64.72 73.24 -10.77
C3B LMT UA . 64.60 71.76 -11.06
C4B LMT UA . 64.93 71.46 -12.51
C5B LMT UA . 66.31 72.01 -12.80
C6B LMT UA . 66.75 71.78 -14.24
O1B LMT UA . 67.07 73.26 -10.40
O2B LMT UA . 64.58 73.47 -9.37
O3B LMT UA . 63.27 71.31 -10.77
O4' LMT UA . 64.90 70.06 -12.76
O5B LMT UA . 66.32 73.42 -12.59
O6B LMT UA . 66.77 70.38 -14.55
C1' LMT UA . 70.46 74.55 -8.39
C2' LMT UA . 69.13 75.02 -7.81
C3' LMT UA . 67.96 74.21 -8.39
C4' LMT UA . 68.06 74.16 -9.91
C5' LMT UA . 69.43 73.63 -10.31
C6' LMT UA . 69.65 73.50 -11.80
O1' LMT UA . 71.44 75.42 -7.96
O2' LMT UA . 69.14 74.86 -6.40
O3' LMT UA . 66.73 74.77 -7.99
O5' LMT UA . 70.42 74.54 -9.80
O6' LMT UA . 70.93 72.94 -12.07
C1 LMT UA . 72.02 75.06 -6.71
C2 LMT UA . 73.48 74.74 -6.95
C3 LMT UA . 74.22 74.37 -5.70
C4 LMT UA . 74.19 75.48 -4.67
C5 LMT UA . 75.46 75.58 -3.88
C6 LMT UA . 75.70 74.37 -3.02
C7 LMT UA . 74.71 74.29 -1.88
C8 LMT UA . 75.23 73.49 -0.73
C9 LMT UA . 75.56 72.06 -1.08
C10 LMT UA . 76.05 71.32 0.12
C11 LMT UA . 76.62 69.97 -0.21
C12 LMT UA . 77.27 69.36 0.98
H1B LMT UA . 66.06 74.86 -11.32
H2B LMT UA . 63.92 73.79 -11.27
H3B LMT UA . 65.29 71.20 -10.43
H4B LMT UA . 64.20 71.96 -13.15
H5B LMT UA . 67.03 71.51 -12.15
H6'2 LMT UA . 66.04 72.19 -14.94
H6'1 LMT UA . 67.71 72.23 -14.45
H1' LMT UA . 70.68 73.54 -8.06
H2' LMT UA . 68.98 76.06 -8.05
H3' LMT UA . 68.01 73.19 -8.02
H4' LMT UA . 67.93 75.17 -10.31
H5' LMT UA . 69.59 72.67 -9.84
H6D LMT UA . 69.66 74.46 -12.29
H6E LMT UA . 68.86 72.91 -12.25
H12 LMT UA . 71.53 74.21 -6.24
H11 LMT UA . 71.92 75.88 -6.00
H22 LMT UA . 73.96 75.61 -7.40
H21 LMT UA . 73.58 73.96 -7.70
H32 LMT UA . 75.25 74.13 -5.94
H31 LMT UA . 73.81 73.45 -5.27
H42 LMT UA . 73.99 76.43 -5.16
H41 LMT UA . 73.34 75.33 -4.00
H52 LMT UA . 75.44 76.47 -3.25
H51 LMT UA . 76.31 75.72 -4.55
H62 LMT UA . 76.71 74.37 -2.63
H61 LMT UA . 75.63 73.47 -3.61
H72 LMT UA . 74.45 75.29 -1.54
H71 LMT UA . 73.77 73.85 -2.23
H82 LMT UA . 76.13 73.97 -0.36
H81 LMT UA . 74.54 73.53 0.11
H92 LMT UA . 76.30 72.03 -1.87
H91 LMT UA . 74.68 71.57 -1.49
H102 LMT UA . 75.24 71.22 0.83
H101 LMT UA . 76.80 71.92 0.63
H112 LMT UA . 77.35 70.06 -1.02
H111 LMT UA . 75.85 69.32 -0.60
H123 LMT UA . 77.70 68.39 0.75
H122 LMT UA . 76.56 69.21 1.79
H121 LMT UA . 78.07 69.98 1.37
C1 CDL VA . 9.92 -6.19 15.38
O1 CDL VA . 10.16 -6.51 14.01
CA2 CDL VA . 8.47 -6.42 15.68
OA2 CDL VA . 8.00 -7.57 14.95
PA1 CDL VA . 6.51 -8.09 15.15
OA3 CDL VA . 6.56 -9.55 15.38
OA4 CDL VA . 5.84 -7.23 16.15
OA5 CDL VA . 5.82 -7.86 13.74
CA3 CDL VA . 4.47 -7.37 13.65
CA4 CDL VA . 4.52 -5.86 13.61
OA6 CDL VA . 3.14 -5.38 13.59
CA5 CDL VA . 2.94 -4.08 13.83
OA7 CDL VA . 3.77 -3.23 13.66
C11 CDL VA . 1.55 -3.82 14.35
C12 CDL VA . 1.11 -2.38 14.15
C13 CDL VA . -0.37 -2.17 14.37
C14 CDL VA . -0.81 -2.24 15.83
C15 CDL VA . -2.29 -2.46 16.03
C16 CDL VA . -2.79 -2.15 17.42
C17 CDL VA . -4.13 -1.44 17.46
C18 CDL VA . -4.68 -1.22 18.85
C19 CDL VA . -5.87 -0.29 18.91
C20 CDL VA . -6.52 -0.20 20.28
C21 CDL VA . -7.49 0.95 20.42
C22 CDL VA . -8.19 1.00 21.77
C23 CDL VA . -8.89 2.32 22.05
C24 CDL VA . -9.61 2.37 23.39
C25 CDL VA . -10.13 3.75 23.75
C26 CDL VA . -10.96 3.79 25.02
C27 CDL VA . -11.45 5.18 25.36
CA6 CDL VA . 5.20 -5.37 12.37
OA8 CDL VA . 4.20 -5.19 11.34
CA7 CDL VA . 4.54 -4.42 10.30
OA9 CDL VA . 5.67 -4.31 9.90
C31 CDL VA . 3.35 -3.74 9.71
C32 CDL VA . 3.60 -3.14 8.33
C33 CDL VA . 4.72 -2.12 8.33
C34 CDL VA . 4.48 -0.92 7.43
C35 CDL VA . 3.38 0.01 7.94
C36 CDL VA . 3.37 1.38 7.29
C37 CDL VA . 2.36 2.32 7.89
C38 CDL VA . 2.20 3.63 7.13
C39 CDL VA . 0.81 4.27 7.24
C40 CDL VA . -0.34 3.38 6.79
C41 CDL VA . -0.23 2.84 5.37
C42 CDL VA . -0.94 1.52 5.14
C43 CDL VA . -0.29 0.33 5.84
C44 CDL VA . -1.02 -0.98 5.64
C45 CDL VA . -0.55 -2.09 6.56
C46 CDL VA . -1.35 -3.37 6.46
C47 CDL VA . -0.93 -4.41 7.47
CB2 CDL VA . 10.36 -4.78 15.66
OB2 CDL VA . 9.52 -3.89 14.89
PB2 CDL VA . 9.94 -2.36 14.71
OB3 CDL VA . 11.36 -2.33 14.32
OB4 CDL VA . 9.50 -1.58 15.89
OB5 CDL VA . 9.08 -1.93 13.43
CB3 CDL VA . 7.64 -2.03 13.45
CB4 CDL VA . 7.09 -0.96 12.55
OB6 CDL VA . 5.63 -1.07 12.53
CB5 CDL VA . 4.92 0.06 12.38
OB7 CDL VA . 5.42 1.16 12.33
C51 CDL VA . 3.45 -0.22 12.26
C52 CDL VA . 2.67 0.98 11.73
C53 CDL VA . 1.20 0.68 11.49
C54 CDL VA . 0.39 1.90 11.09
C55 CDL VA . -1.04 1.61 10.69
C56 CDL VA . -1.87 2.86 10.44
C57 CDL VA . -3.17 2.60 9.69
C58 CDL VA . -4.05 3.83 9.55
C59 CDL VA . -4.77 4.25 10.82
C60 CDL VA . -5.88 3.31 11.24
C61 CDL VA . -7.18 3.52 10.48
C62 CDL VA . -8.13 2.32 10.54
C63 CDL VA . -8.44 1.81 11.94
C64 CDL VA . -9.17 2.82 12.83
C65 CDL VA . -9.70 2.21 14.11
C66 CDL VA . -10.29 3.20 15.09
C67 CDL VA . -9.31 3.65 16.15
CB6 CDL VA . 7.58 -1.13 11.14
OB8 CDL VA . 6.88 -0.18 10.30
CB7 CDL VA . 7.60 0.72 9.64
OB9 CDL VA . 8.80 0.68 9.55
C71 CDL VA . 6.72 1.77 9.03
C72 CDL VA . 7.42 3.10 8.84
C73 CDL VA . 8.44 3.08 7.74
C74 CDL VA . 8.86 4.46 7.25
C75 CDL VA . 9.94 4.43 6.19
C76 CDL VA . 10.17 5.75 5.48
C77 CDL VA . 9.05 6.14 4.52
C78 CDL VA . 8.95 5.24 3.29
C79 CDL VA . 7.89 5.67 2.29
C80 CDL VA . 6.46 5.55 2.80
C81 CDL VA . 5.43 6.27 1.95
C82 CDL VA . 5.64 7.78 1.87
C83 CDL VA . 4.38 8.56 1.56
C84 CDL VA . 3.73 8.21 0.23
C85 CDL VA . 2.46 8.99 -0.05
C86 CDL VA . 1.88 8.76 -1.43
C87 CDL VA . 0.56 9.46 -1.64
H1 CDL VA . 10.57 -6.92 15.89
H1O1 CDL VA . 11.02 -6.06 13.73
HA22 CDL VA . 8.28 -6.58 16.75
HA21 CDL VA . 7.84 -5.59 15.38
HA32 CDL VA . 3.89 -7.73 14.50
HA31 CDL VA . 4.00 -7.77 12.75
HA4 CDL VA . 5.04 -5.49 14.48
H112 CDL VA . 0.83 -4.49 13.88
H111 CDL VA . 1.54 -4.09 15.40
H122 CDL VA . 1.68 -1.73 14.81
H121 CDL VA . 1.38 -2.06 13.15
H132 CDL VA . -0.67 -1.22 13.95
H131 CDL VA . -0.94 -2.91 13.79
H142 CDL VA . -0.23 -3.02 16.34
H141 CDL VA . -0.50 -1.31 16.33
H152 CDL VA . -2.53 -3.50 15.79
H151 CDL VA . -2.85 -1.88 15.30
H162 CDL VA . -2.05 -1.53 17.95
H161 CDL VA . -2.83 -3.06 18.02
H172 CDL VA . -4.84 -2.01 16.87
H171 CDL VA . -4.05 -0.48 16.93
H182 CDL VA . -3.88 -0.83 19.49
H181 CDL VA . -4.93 -2.17 19.30
H192 CDL VA . -5.57 0.71 18.59
H191 CDL VA . -6.61 -0.59 18.17
H202 CDL VA . -5.75 -0.12 21.03
H201 CDL VA . -7.02 -1.15 20.50
H212 CDL VA . -6.98 1.89 20.25
H211 CDL VA . -8.24 0.90 19.63
H222 CDL VA . -7.47 0.80 22.57
H221 CDL VA . -8.91 0.19 21.84
H232 CDL VA . -9.59 2.55 21.25
H231 CDL VA . -8.16 3.13 22.01
H242 CDL VA . -10.44 1.66 23.38
H241 CDL VA . -8.95 2.01 24.18
H252 CDL VA . -9.29 4.44 23.85
H251 CDL VA . -10.71 4.14 22.92
H262 CDL VA . -11.79 3.11 24.94
H261 CDL VA . -10.37 3.40 25.86
H273 CDL VA . -12.03 5.61 24.54
H272 CDL VA . -12.10 5.18 26.23
H271 CDL VA . -10.63 5.87 25.55
HA62 CDL VA . 5.96 -6.08 12.03
HA61 CDL VA . 5.69 -4.42 12.53
H312 CDL VA . 2.99 -2.97 10.39
H311 CDL VA . 2.53 -4.46 9.66
H322 CDL VA . 2.69 -2.69 7.96
H321 CDL VA . 3.83 -3.94 7.62
H332 CDL VA . 4.92 -1.79 9.35
H331 CDL VA . 5.66 -2.61 8.03
H342 CDL VA . 4.24 -1.25 6.43
H341 CDL VA . 5.40 -0.36 7.31
H352 CDL VA . 3.45 0.10 9.02
H351 CDL VA . 2.42 -0.47 7.77
H362 CDL VA . 3.21 1.29 6.22
H361 CDL VA . 4.37 1.82 7.37
H372 CDL VA . 2.63 2.54 8.92
H371 CDL VA . 1.40 1.81 7.98
H382 CDL VA . 2.48 3.49 6.08
H381 CDL VA . 2.93 4.33 7.50
H392 CDL VA . 0.80 5.19 6.68
H391 CDL VA . 0.65 4.58 8.27
H402 CDL VA . -1.27 3.94 6.87
H401 CDL VA . -0.47 2.55 7.49
H412 CDL VA . 0.82 2.74 5.07
H411 CDL VA . -0.63 3.59 4.68
H422 CDL VA . -1.00 1.31 4.07
H421 CDL VA . -1.99 1.60 5.45
H432 CDL VA . -0.21 0.53 6.90
H431 CDL VA . 0.73 0.23 5.49
H442 CDL VA . -0.92 -1.30 4.61
H441 CDL VA . -2.10 -0.83 5.77
H452 CDL VA . -0.57 -1.73 7.60
H451 CDL VA . 0.50 -2.30 6.38
H462 CDL VA . -1.27 -3.78 5.45
H461 CDL VA . -2.41 -3.16 6.59
H473 CDL VA . 0.01 -4.90 7.20
H472 CDL VA . -1.67 -5.19 7.59
H471 CDL VA . -0.77 -3.97 8.45
HB22 CDL VA . 11.41 -4.62 15.39
HB21 CDL VA . 10.25 -4.53 16.71
HB32 CDL VA . 7.36 -3.02 13.09
HB31 CDL VA . 7.27 -1.95 14.48
HB4 CDL VA . 7.37 0.00 12.96
H512 CDL VA . 3.31 -1.09 11.62
H511 CDL VA . 3.06 -0.52 13.23
H522 CDL VA . 2.78 1.82 12.41
H521 CDL VA . 3.13 1.33 10.81
H532 CDL VA . 1.10 -0.09 10.72
H531 CDL VA . 0.76 0.23 12.38
H542 CDL VA . 0.90 2.42 10.28
H541 CDL VA . 0.41 2.63 11.90
H552 CDL VA . -1.52 0.99 11.46
H551 CDL VA . -1.06 0.97 9.80
H562 CDL VA . -2.09 3.35 11.39
H561 CDL VA . -1.28 3.59 9.89
H572 CDL VA . -2.94 2.21 8.71
H571 CDL VA . -3.72 1.79 10.18
H582 CDL VA . -3.45 4.66 9.18
H581 CDL VA . -4.79 3.67 8.76
H592 CDL VA . -5.17 5.25 10.69
H591 CDL VA . -4.04 4.36 11.64
H602 CDL VA . -6.07 3.43 12.31
H601 CDL VA . -5.56 2.28 11.14
H612 CDL VA . -6.96 3.76 9.45
H611 CDL VA . -7.68 4.40 10.86
H622 CDL VA . -7.73 1.51 9.94
H621 CDL VA . -9.06 2.57 10.03
H632 CDL VA . -7.51 1.51 12.42
H631 CDL VA . -9.01 0.90 11.87
H642 CDL VA . -9.97 3.27 12.27
H641 CDL VA . -8.50 3.65 13.05
H652 CDL VA . -8.91 1.65 14.61
H651 CDL VA . -10.45 1.45 13.87
H662 CDL VA . -10.66 4.08 14.55
H661 CDL VA . -11.18 2.78 15.55
H673 CDL VA . -8.37 3.98 15.73
H672 CDL VA . -9.08 2.85 16.85
H671 CDL VA . -9.69 4.48 16.74
HB62 CDL VA . 8.66 -0.97 11.11
HB61 CDL VA . 7.41 -2.13 10.77
H712 CDL VA . 6.38 1.40 8.07
H711 CDL VA . 5.82 1.89 9.62
H722 CDL VA . 6.68 3.88 8.65
H721 CDL VA . 7.90 3.41 9.78
H732 CDL VA . 9.32 2.52 8.05
H731 CDL VA . 8.05 2.51 6.90
H742 CDL VA . 9.20 5.05 8.10
H741 CDL VA . 7.99 4.99 6.88
H752 CDL VA . 10.88 4.09 6.63
H751 CDL VA . 9.71 3.65 5.46
H762 CDL VA . 10.29 6.53 6.22
H761 CDL VA . 11.11 5.73 4.95
H772 CDL VA . 9.18 7.17 4.21
H771 CDL VA . 8.11 6.13 5.05
H782 CDL VA . 9.92 5.20 2.79
H781 CDL VA . 8.76 4.21 3.60
H792 CDL VA . 8.08 6.70 1.98
H791 CDL VA . 8.00 5.09 1.38
H802 CDL VA . 6.39 5.92 3.82
H801 CDL VA . 6.19 4.50 2.88
H812 CDL VA . 5.43 5.85 0.94
H811 CDL VA . 4.43 6.07 2.33
H822 CDL VA . 6.40 8.00 1.13
H821 CDL VA . 6.07 8.13 2.81
H832 CDL VA . 3.66 8.44 2.36
H831 CDL VA . 4.61 9.63 1.57
H842 CDL VA . 3.52 7.15 0.20
H841 CDL VA . 4.45 8.37 -0.57
H852 CDL VA . 2.65 10.05 0.09
H851 CDL VA . 1.72 8.75 0.71
H862 CDL VA . 2.58 9.07 -2.20
H861 CDL VA . 1.75 7.68 -1.61
H873 CDL VA . 0.23 9.42 -2.68
H872 CDL VA . -0.24 9.04 -1.03
H871 CDL VA . 0.62 10.53 -1.38
C1 CDL WA . -4.36 -18.55 6.65
O1 CDL WA . -5.04 -17.33 6.33
CA2 CDL WA . -3.59 -19.01 5.45
OA2 CDL WA . -4.46 -19.04 4.30
PA1 CDL WA . -3.88 -19.55 2.91
OA3 CDL WA . -5.00 -19.71 1.96
OA4 CDL WA . -2.98 -20.71 3.15
OA5 CDL WA . -3.01 -18.30 2.41
CA3 CDL WA . -3.37 -17.69 1.16
CA4 CDL WA . -2.53 -16.47 0.90
OA6 CDL WA . -1.84 -16.07 2.13
CA5 CDL WA . -0.60 -15.57 2.01
OA7 CDL WA . 0.11 -15.75 1.05
C11 CDL WA . -0.20 -14.79 3.22
C12 CDL WA . -0.60 -13.31 3.15
C13 CDL WA . 0.59 -12.37 3.15
C14 CDL WA . 0.28 -10.99 2.56
C15 CDL WA . -0.10 -9.93 3.59
C16 CDL WA . -0.06 -8.51 3.06
C17 CDL WA . -1.27 -8.14 2.23
C18 CDL WA . -1.19 -6.81 1.50
C19 CDL WA . -2.45 -6.51 0.70
C20 CDL WA . -2.31 -5.37 -0.29
C21 CDL WA . -3.64 -4.77 -0.71
C22 CDL WA . -4.22 -3.78 0.31
C23 CDL WA . -5.05 -2.65 -0.30
C24 CDL WA . -4.23 -1.48 -0.83
C25 CDL WA . -3.37 -1.81 -2.04
C26 CDL WA . -2.75 -0.60 -2.73
C27 CDL WA . -1.75 -0.82 -3.82
CA6 CDL WA . -3.36 -15.30 0.44
OA8 CDL WA . -3.08 -14.16 1.27
CA7 CDL WA . -3.54 -12.99 0.84
OA9 CDL WA . -3.81 -12.75 -0.31
C31 CDL WA . -3.69 -12.02 1.97
C32 CDL WA . -4.80 -11.01 1.74
C33 CDL WA . -4.29 -9.69 1.20
C34 CDL WA . -5.37 -8.65 0.98
C35 CDL WA . -6.31 -9.00 -0.16
C36 CDL WA . -7.79 -8.70 0.06
C37 CDL WA . -8.29 -8.85 1.49
C38 CDL WA . -9.78 -8.69 1.63
C39 CDL WA . -10.19 -7.30 2.05
C40 CDL WA . -11.63 -6.95 1.74
C41 CDL WA . -12.65 -7.82 2.44
C42 CDL WA . -14.08 -7.38 2.19
C43 CDL WA . -15.14 -8.20 2.90
C44 CDL WA . -14.98 -8.26 4.40
C45 CDL WA . -16.31 -8.34 5.15
C46 CDL WA . -16.18 -8.45 6.65
C47 CDL WA . -17.49 -8.36 7.39
CB2 CDL WA . -5.36 -19.56 7.15
OB2 CDL WA . -6.69 -19.00 7.11
PB2 CDL WA . -7.84 -19.54 8.07
OB3 CDL WA . -7.19 -20.26 9.19
OB4 CDL WA . -8.84 -20.25 7.24
OB5 CDL WA . -8.52 -18.24 8.69
CB3 CDL WA . -7.74 -17.03 8.89
CB4 CDL WA . -8.59 -15.83 8.57
OB6 CDL WA . -7.88 -14.66 9.09
CB5 CDL WA . -7.33 -13.83 8.19
OB7 CDL WA . -6.59 -14.19 7.32
C51 CDL WA . -7.76 -12.41 8.44
C52 CDL WA . -6.97 -11.37 7.67
C53 CDL WA . -7.83 -10.25 7.15
C54 CDL WA . -8.68 -9.58 8.22
C55 CDL WA . -9.68 -8.57 7.69
C56 CDL WA . -10.60 -9.14 6.62
C57 CDL WA . -11.83 -8.30 6.33
C58 CDL WA . -12.71 -8.06 7.54
C59 CDL WA . -13.25 -9.32 8.19
C60 CDL WA . -14.19 -9.06 9.36
C61 CDL WA . -14.94 -10.29 9.85
C62 CDL WA . -15.83 -10.01 11.05
C63 CDL WA . -16.33 -11.25 11.76
C64 CDL WA . -16.86 -10.99 13.15
C65 CDL WA . -17.12 -12.23 13.97
C66 CDL WA . -17.42 -11.92 15.44
C67 CDL WA . -17.96 -13.11 16.21
CB6 CDL WA . -9.94 -15.88 9.24
OB8 CDL WA . -10.83 -14.99 8.53
CB7 CDL WA . -11.93 -14.57 9.17
OB9 CDL WA . -12.42 -15.15 10.10
C71 CDL WA . -12.44 -13.28 8.59
C72 CDL WA . -13.58 -13.46 7.60
C73 CDL WA . -14.92 -13.78 8.27
C74 CDL WA . -16.10 -13.72 7.32
C75 CDL WA . -16.64 -12.32 7.09
C76 CDL WA . -17.79 -11.94 8.02
C77 CDL WA . -19.08 -12.63 7.66
C78 CDL WA . -20.36 -11.91 8.05
C79 CDL WA . -21.63 -12.57 7.51
C80 CDL WA . -21.81 -14.03 7.91
C81 CDL WA . -21.16 -15.04 6.97
C82 CDL WA . -21.21 -16.48 7.45
C83 CDL WA . -20.41 -16.76 8.73
C84 CDL WA . -18.92 -16.53 8.62
C85 CDL WA . -18.10 -17.08 9.76
C86 CDL WA . -18.65 -16.79 11.15
C87 CDL WA . -17.84 -17.43 12.25
H1 CDL WA . -3.70 -18.21 7.45
H1O1 CDL WA . -6.02 -17.52 6.30
HA22 CDL WA . -3.15 -20.00 5.59
HA21 CDL WA . -2.77 -18.34 5.18
HA32 CDL WA . -4.44 -17.46 1.18
HA31 CDL WA . -3.23 -18.42 0.36
HA4 CDL WA . -1.82 -16.72 0.12
H112 CDL WA . -0.62 -15.22 4.14
H111 CDL WA . 0.87 -14.88 3.34
H122 CDL WA . -1.21 -13.16 2.27
H121 CDL WA . -1.26 -13.08 3.99
H132 CDL WA . 0.97 -12.25 4.16
H131 CDL WA . 1.41 -12.82 2.60
H142 CDL WA . 1.14 -10.64 1.99
H141 CDL WA . -0.50 -11.08 1.82
H152 CDL WA . 0.53 -10.02 4.47
H151 CDL WA . -1.11 -10.15 3.95
H162 CDL WA . 0.03 -7.81 3.89
H161 CDL WA . 0.85 -8.35 2.48
H172 CDL WA . -1.47 -8.93 1.50
H171 CDL WA . -2.14 -8.14 2.87
H182 CDL WA . -0.32 -6.78 0.87
H181 CDL WA . -1.03 -6.02 2.23
H192 CDL WA . -3.28 -6.31 1.37
H191 CDL WA . -2.75 -7.41 0.16
H202 CDL WA . -1.68 -4.58 0.14
H201 CDL WA . -1.77 -5.70 -1.16
H212 CDL WA . -4.37 -5.57 -0.84
H211 CDL WA . -3.58 -4.33 -1.70
H222 CDL WA . -4.83 -4.32 1.03
H221 CDL WA . -3.41 -3.36 0.90
H232 CDL WA . -5.67 -3.04 -1.09
H231 CDL WA . -5.75 -2.29 0.45
H242 CDL WA . -3.59 -1.09 -0.04
H241 CDL WA . -4.90 -0.64 -1.05
H252 CDL WA . -3.95 -2.38 -2.75
H251 CDL WA . -2.57 -2.47 -1.74
H262 CDL WA . -1.89 -0.97 -2.18
H261 CDL WA . -3.37 -1.00 -3.55
H273 CDL WA . -1.66 0.03 -4.49
H272 CDL WA . -0.74 -1.01 -3.43
H271 CDL WA . -1.99 -1.69 -4.44
HA62 CDL WA . -3.15 -15.08 -0.61
HA61 CDL WA . -4.43 -15.51 0.52
H312 CDL WA . -3.84 -12.54 2.91
H311 CDL WA . -2.74 -11.49 2.10
H322 CDL WA . -5.34 -10.84 2.67
H321 CDL WA . -5.54 -11.44 1.06
H332 CDL WA . -3.73 -9.86 0.28
H331 CDL WA . -3.57 -9.30 1.90
H342 CDL WA . -4.91 -7.69 0.79
H341 CDL WA . -5.88 -8.52 1.93
H352 CDL WA . -6.18 -10.03 -0.47
H351 CDL WA . -5.99 -8.42 -1.03
H362 CDL WA . -8.37 -9.38 -0.57
H361 CDL WA . -8.04 -7.71 -0.32
H372 CDL WA . -7.94 -9.78 1.93
H371 CDL WA . -7.84 -8.08 2.11
H382 CDL WA . -10.17 -9.42 2.34
H381 CDL WA . -10.27 -8.95 0.69
H392 CDL WA . -10.01 -7.17 3.11
H391 CDL WA . -9.53 -6.57 1.57
H402 CDL WA . -11.79 -7.01 0.65
H401 CDL WA . -11.81 -5.91 1.97
H412 CDL WA . -12.52 -8.86 2.13
H411 CDL WA . -12.44 -7.83 3.51
H422 CDL WA . -14.18 -6.33 2.48
H421 CDL WA . -14.27 -7.39 1.12
H432 CDL WA . -16.12 -7.80 2.65
H431 CDL WA . -15.15 -9.21 2.48
H442 CDL WA . -14.38 -9.12 4.67
H441 CDL WA . -14.41 -7.40 4.75
H452 CDL WA . -16.87 -9.19 4.77
H451 CDL WA . -16.92 -7.47 4.90
H462 CDL WA . -15.69 -9.39 6.91
H461 CDL WA . -15.52 -7.68 7.02
H473 CDL WA . -17.92 -7.36 7.35
H472 CDL WA . -18.24 -9.03 6.98
H471 CDL WA . -17.37 -8.62 8.44
HB22 CDL WA . -5.34 -20.48 6.55
HB21 CDL WA . -5.14 -19.85 8.18
HB32 CDL WA . -7.44 -17.00 9.94
HB31 CDL WA . -6.82 -17.05 8.32
HB4 CDL WA . -8.68 -15.75 7.49
H512 CDL WA . -8.82 -12.35 8.19
H511 CDL WA . -7.72 -12.19 9.50
H522 CDL WA . -6.43 -11.85 6.84
H521 CDL WA . -6.19 -10.97 8.30
H532 CDL WA . -7.22 -9.50 6.65
H531 CDL WA . -8.48 -10.64 6.36
H542 CDL WA . -8.03 -9.09 8.96
H541 CDL WA . -9.22 -10.32 8.82
H552 CDL WA . -9.17 -7.69 7.32
H551 CDL WA . -10.27 -8.20 8.53
H562 CDL WA . -10.89 -10.16 6.87
H561 CDL WA . -10.04 -9.25 5.69
H572 CDL WA . -12.41 -8.79 5.55
H571 CDL WA . -11.53 -7.35 5.89
H582 CDL WA . -13.54 -7.42 7.25
H581 CDL WA . -12.19 -7.46 8.28
H592 CDL WA . -12.42 -9.93 8.53
H591 CDL WA . -13.73 -9.96 7.44
H602 CDL WA . -14.89 -8.27 9.09
H601 CDL WA . -13.61 -8.64 10.18
H612 CDL WA . -14.24 -11.09 10.09
H611 CDL WA . -15.54 -10.69 9.04
H622 CDL WA . -16.68 -9.40 10.73
H621 CDL WA . -15.31 -9.37 11.75
H632 CDL WA . -15.55 -12.00 11.80
H631 CDL WA . -17.12 -11.72 11.16
H642 CDL WA . -17.78 -10.39 13.09
H641 CDL WA . -16.16 -10.34 13.68
H652 CDL WA . -17.93 -12.80 13.55
H651 CDL WA . -16.26 -12.90 13.91
H662 CDL WA . -18.11 -11.09 15.50
H661 CDL WA . -16.52 -11.56 15.93
H673 CDL WA . -18.33 -12.80 17.18
H672 CDL WA . -17.21 -13.86 16.37
H671 CDL WA . -18.79 -13.58 15.70
HB62 CDL WA . -10.34 -16.89 9.25
HB61 CDL WA . -9.89 -15.56 10.28
H712 CDL WA . -12.74 -12.65 9.41
H711 CDL WA . -11.62 -12.74 8.11
H722 CDL WA . -13.67 -12.57 6.99
H721 CDL WA . -13.33 -14.25 6.90
H732 CDL WA . -15.08 -13.08 9.09
H731 CDL WA . -14.87 -14.75 8.74
H742 CDL WA . -16.89 -14.37 7.69
H741 CDL WA . -15.81 -14.16 6.36
H752 CDL WA . -15.83 -11.60 7.17
H751 CDL WA . -16.97 -12.23 6.06
H762 CDL WA . -17.93 -10.87 8.05
H761 CDL WA . -17.52 -12.20 9.04
H772 CDL WA . -19.09 -13.60 8.16
H771 CDL WA . -19.10 -12.88 6.60
H782 CDL WA . -20.32 -10.88 7.71
H781 CDL WA . -20.42 -11.84 9.13
H792 CDL WA . -21.65 -12.49 6.42
H791 CDL WA . -22.50 -11.99 7.83
H802 CDL WA . -22.87 -14.24 7.97
H801 CDL WA . -21.45 -14.18 8.93
H812 CDL WA . -21.64 -14.98 6.00
H811 CDL WA . -20.12 -14.78 6.76
H822 CDL WA . -20.83 -17.13 6.66
H821 CDL WA . -22.24 -16.78 7.59
H832 CDL WA . -20.59 -17.78 9.05
H831 CDL WA . -20.81 -16.15 9.54
H842 CDL WA . -18.71 -15.47 8.54
H841 CDL WA . -18.55 -16.93 7.67
H852 CDL WA . -17.09 -16.70 9.70
H851 CDL WA . -17.98 -18.16 9.64
H862 CDL WA . -18.71 -15.72 11.31
H861 CDL WA . -19.68 -17.14 11.23
H873 CDL WA . -17.38 -18.36 11.93
H872 CDL WA . -17.02 -16.78 12.58
H871 CDL WA . -18.44 -17.65 13.12
C13 Q7G XA . 32.02 39.19 13.92
C15 Q7G XA . 34.51 39.27 13.66
C16 Q7G XA . 30.64 39.49 13.38
C17 Q7G XA . 29.79 40.20 14.42
C01 Q7G XA . 36.16 36.16 16.48
C03 Q7G XA . 37.62 38.14 17.19
C04 Q7G XA . 38.35 38.30 15.84
C06 Q7G XA . 35.99 38.52 15.53
C07 Q7G XA . 34.62 38.33 14.85
C08 Q7G XA . 33.52 38.63 15.87
C10 Q7G XA . 35.09 38.04 17.79
C18 Q7G XA . 29.69 39.37 15.67
C19 Q7G XA . 31.09 39.14 16.25
CG1 Q7G XA . 28.01 41.80 14.21
C02 Q7G XA . 36.20 37.66 16.80
C05 Q7G XA . 37.28 38.32 14.74
C09 Q7G XA . 33.70 37.86 17.18
C11 Q7G XA . 32.08 38.49 15.27
C12 Q7G XA . 31.70 37.02 15.07
C14 Q7G XA . 33.09 39.52 13.23
C1B Q7G XA . 22.40 42.74 13.34
C1C Q7G XA . 26.04 46.67 13.77
C22 Q7G XA . 26.51 41.84 14.06
C23 Q7G XA . 25.87 43.15 14.52
C24 Q7G XA . 24.37 43.02 14.63
C2B Q7G XA . 21.97 43.83 12.38
C2C Q7G XA . 25.01 47.70 13.33
C3B Q7G XA . 20.60 43.51 11.80
C3C Q7G XA . 25.63 49.09 13.33
C48 Q7G XA . 26.27 44.30 13.63
C4B Q7G XA . 19.78 42.73 12.81
C4C Q7G XA . 26.26 49.37 14.68
C5B Q7G XA . 20.45 41.39 13.16
C5C Q7G XA . 27.24 48.27 15.05
C6B Q7G XA . 19.96 40.25 12.31
C6C Q7G XA . 27.85 48.43 16.43
C73 Q7G XA . 39.74 36.97 17.07
C74 Q7G XA . 38.56 37.22 18.02
C75 Q7G XA . 38.94 37.79 19.38
C76 Q7G XA . 40.34 35.58 17.14
C77 Q7G XA . 41.59 35.45 16.28
C78 Q7G XA . 42.57 36.58 16.54
C79 Q7G XA . 41.84 37.89 16.45
C81 Q7G XA . 43.76 36.54 15.59
O1 Q7G XA . 19.67 43.52 14.01
O11 Q7G XA . 26.96 50.62 14.59
O1B Q7G XA . 23.80 42.69 13.36
O1C Q7G XA . 25.40 45.43 13.84
O20 Q7G XA . 28.49 40.48 13.90
O2B Q7G XA . 21.94 45.09 13.04
O2C Q7G XA . 24.52 47.38 12.03
O3B Q7G XA . 20.75 42.76 10.59
O3C Q7G XA . 24.63 50.07 13.04
O5B Q7G XA . 21.86 41.49 12.94
O5C Q7G XA . 26.57 47.00 15.04
O6B Q7G XA . 20.60 39.03 12.67
O6C Q7G XA . 28.59 49.64 16.53
O72 Q7G XA . 39.20 37.15 15.76
O80 Q7G XA . 40.72 37.95 17.33
H1 Q7G XA . 35.08 38.87 12.82
H2 Q7G XA . 34.96 40.23 13.87
H3 Q7G XA . 30.17 38.56 13.06
H4 Q7G XA . 30.68 40.09 12.47
H5 Q7G XA . 30.31 41.14 14.65
H6 Q7G XA . 36.20 35.56 17.38
H7 Q7G XA . 35.25 35.87 15.97
H8 Q7G XA . 36.98 35.84 15.84
H9 Q7G XA . 37.54 39.10 17.69
H10 Q7G XA . 38.97 39.18 15.80
H11 Q7G XA . 36.00 39.56 15.85
H12 Q7G XA . 34.53 37.31 14.50
H13 Q7G XA . 33.62 39.68 16.13
H14 Q7G XA . 35.21 39.06 18.12
H15 Q7G XA . 35.18 37.44 18.69
H16 Q7G XA . 29.17 38.43 15.49
H17 Q7G XA . 29.09 39.86 16.44
H18 Q7G XA . 30.99 38.53 17.15
H19 Q7G XA . 31.47 40.10 16.60
H20 Q7G XA . 28.52 42.39 13.45
H21 Q7G XA . 28.36 42.12 15.19
H22 Q7G XA . 37.46 39.11 14.02
H23 Q7G XA . 37.27 37.41 14.15
H24 Q7G XA . 33.51 36.79 17.04
H25 Q7G XA . 32.97 38.18 17.92
H27 Q7G XA . 31.60 36.47 16.00
H28 Q7G XA . 32.41 36.49 14.45
H29 Q7G XA . 30.73 36.90 14.57
H30 Q7G XA . 33.01 40.02 12.26
H31 Q7G XA . 21.95 42.86 14.33
H32 Q7G XA . 26.85 46.64 13.04
H35 Q7G XA . 26.05 41.00 14.59
H36 Q7G XA . 26.23 41.69 13.02
H37 Q7G XA . 26.24 43.34 15.52
H38 Q7G XA . 23.92 43.94 14.99
H39 Q7G XA . 24.13 42.25 15.37
H40 Q7G XA . 22.72 43.99 11.60
H41 Q7G XA . 24.17 47.69 14.04
H44 Q7G XA . 20.08 44.40 11.46
H45 Q7G XA . 26.39 49.15 12.56
H48 Q7G XA . 27.33 44.56 13.73
H49 Q7G XA . 26.09 44.10 12.58
H50 Q7G XA . 18.78 42.52 12.43
H51 Q7G XA . 25.49 49.41 15.44
H54 Q7G XA . 20.31 41.15 14.20
H55 Q7G XA . 28.06 48.25 14.32
H60 Q7G XA . 18.91 40.04 12.51
H61 Q7G XA . 20.02 40.49 11.24
H62 Q7G XA . 28.59 47.65 16.61
H63 Q7G XA . 27.09 48.33 17.20
H64 Q7G XA . 38.09 36.27 18.22
H65 Q7G XA . 39.44 38.77 19.31
H66 Q7G XA . 38.07 37.93 20.01
H67 Q7G XA . 39.63 37.13 19.90
H68 Q7G XA . 39.60 34.83 16.85
H69 Q7G XA . 40.58 35.36 18.19
H70 Q7G XA . 41.30 35.46 15.23
H71 Q7G XA . 42.06 34.48 16.44
H72 Q7G XA . 42.95 36.47 17.56
H73 Q7G XA . 42.45 38.73 16.78
H74 Q7G XA . 41.54 38.10 15.42
H75 Q7G XA . 43.45 36.52 14.55
H76 Q7G XA . 44.38 35.65 15.75
H77 Q7G XA . 44.40 37.41 15.71
H81 Q7G XA . 21.54 44.96 13.94
H82 Q7G XA . 25.33 47.18 11.48
H85 Q7G XA . 20.00 43.01 10.00
H86 Q7G XA . 24.89 50.50 12.19
H91 Q7G XA . 21.56 39.23 12.76
H92 Q7G XA . 29.43 49.52 16.02
C1 CDL YA . 50.39 57.62 3.43
O1 CDL YA . 49.73 58.87 3.23
CA2 CDL YA . 49.46 56.50 3.08
OA2 CDL YA . 49.52 56.25 1.66
PA1 CDL YA . 49.10 54.81 1.13
OA3 CDL YA . 48.47 54.94 -0.20
OA4 CDL YA . 50.23 53.87 1.31
OA5 CDL YA . 47.94 54.44 2.17
CA3 CDL YA . 47.23 53.19 2.05
CA4 CDL YA . 47.34 52.45 3.36
OA6 CDL YA . 48.12 53.27 4.26
CA5 CDL YA . 47.61 53.50 5.48
OA7 CDL YA . 46.48 53.86 5.68
C11 CDL YA . 48.63 53.28 6.55
C12 CDL YA . 48.03 52.71 7.83
C13 CDL YA . 48.98 51.80 8.58
C14 CDL YA . 48.38 51.19 9.83
C15 CDL YA . 49.20 50.08 10.43
C16 CDL YA . 48.40 49.15 11.34
C17 CDL YA . 49.05 47.81 11.60
C18 CDL YA . 48.09 46.80 12.20
C19 CDL YA . 48.67 45.42 12.43
C20 CDL YA . 47.64 44.40 12.89
C21 CDL YA . 48.21 43.05 13.28
C22 CDL YA . 47.18 42.14 13.91
C23 CDL YA . 47.75 40.86 14.49
C24 CDL YA . 46.83 40.18 15.47
C25 CDL YA . 47.39 38.90 16.07
C26 CDL YA . 46.71 38.46 17.35
C27 CDL YA . 47.15 37.10 17.83
CA6 CDL YA . 48.04 51.14 3.18
OA8 CDL YA . 48.06 50.43 4.45
CA7 CDL YA . 48.48 49.17 4.41
OA9 CDL YA . 48.79 48.60 3.39
C31 CDL YA . 48.53 48.56 5.77
C32 CDL YA . 49.46 47.36 5.82
C33 CDL YA . 49.72 46.84 7.21
C34 CDL YA . 50.97 45.98 7.32
C35 CDL YA . 51.18 45.34 8.67
C36 CDL YA . 52.58 44.77 8.86
C37 CDL YA . 52.68 43.68 9.92
C38 CDL YA . 52.06 42.37 9.51
C39 CDL YA . 52.26 41.24 10.49
C40 CDL YA . 51.75 39.90 10.01
C41 CDL YA . 50.24 39.83 9.85
C42 CDL YA . 49.74 38.57 9.18
C43 CDL YA . 48.27 38.60 8.83
C44 CDL YA . 47.35 38.58 10.03
C45 CDL YA . 45.89 38.69 9.68
C46 CDL YA . 44.95 38.64 10.87
C47 CDL YA . 45.19 39.76 11.86
CB2 CDL YA . 50.89 57.53 4.86
OB2 CDL YA . 52.32 57.43 4.85
PB2 CDL YA . 53.05 56.07 5.28
OB3 CDL YA . 54.01 55.75 4.19
OB4 CDL YA . 53.58 56.25 6.65
OB5 CDL YA . 51.96 54.91 5.29
CB3 CDL YA . 52.34 53.61 5.80
CB4 CDL YA . 51.93 52.55 4.82
OB6 CDL YA . 51.69 51.28 5.52
CB5 CDL YA . 52.60 50.86 6.43
OB7 CDL YA . 53.64 51.41 6.65
C51 CDL YA . 52.14 49.60 7.10
C52 CDL YA . 53.08 49.12 8.20
C53 CDL YA . 53.05 50.00 9.43
C54 CDL YA . 53.87 49.46 10.59
C55 CDL YA . 53.80 50.30 11.86
C56 CDL YA . 54.69 49.80 12.98
C57 CDL YA . 54.38 48.38 13.44
C58 CDL YA . 52.94 48.17 13.89
C59 CDL YA . 52.55 48.97 15.12
C60 CDL YA . 51.06 48.93 15.44
C61 CDL YA . 50.54 47.56 15.84
C62 CDL YA . 49.04 47.55 16.09
C63 CDL YA . 48.50 46.18 16.49
C64 CDL YA . 46.98 46.14 16.61
C65 CDL YA . 46.43 44.81 17.09
C66 CDL YA . 44.92 44.75 17.10
C67 CDL YA . 44.38 43.44 17.64
CB6 CDL YA . 52.94 52.34 3.73
OB8 CDL YA . 54.22 51.94 4.30
CB7 CDL YA . 55.24 51.85 3.44
OB9 CDL YA . 55.19 52.20 2.30
C71 CDL YA . 56.45 51.25 4.10
C72 CDL YA . 57.56 52.26 4.37
C73 CDL YA . 57.55 52.81 5.80
C74 CDL YA . 56.25 53.48 6.18
C75 CDL YA . 56.26 54.10 7.57
C76 CDL YA . 56.66 53.14 8.67
C77 CDL YA . 56.34 53.65 10.08
C78 CDL YA . 57.25 53.09 11.16
C79 CDL YA . 56.85 53.49 12.58
C80 CDL YA . 56.58 54.97 12.74
C81 CDL YA . 56.54 55.43 14.19
C82 CDL YA . 55.56 54.67 15.07
C83 CDL YA . 54.12 54.73 14.57
C84 CDL YA . 53.10 54.17 15.55
C85 CDL YA . 53.40 52.74 16.01
C86 CDL YA . 52.25 52.07 16.74
C87 CDL YA . 51.80 52.83 17.96
H1 CDL YA . 51.22 57.70 2.73
H1O1 CDL YA . 49.00 58.94 3.91
HA22 CDL YA . 49.68 55.57 3.61
HA21 CDL YA . 48.42 56.74 3.30
HA32 CDL YA . 47.64 52.61 1.22
HA31 CDL YA . 46.19 53.40 1.81
HA4 CDL YA . 46.34 52.26 3.76
H112 CDL YA . 49.17 54.18 6.78
H111 CDL YA . 49.38 52.59 6.16
H122 CDL YA . 47.11 52.18 7.59
H121 CDL YA . 47.70 53.52 8.47
H132 CDL YA . 49.88 52.35 8.84
H131 CDL YA . 49.32 51.01 7.91
H142 CDL YA . 48.22 51.98 10.57
H141 CDL YA . 47.38 50.83 9.60
H152 CDL YA . 49.68 49.50 9.65
H151 CDL YA . 50.03 50.50 10.99
H162 CDL YA . 47.41 49.00 10.90
H161 CDL YA . 48.19 49.66 12.28
H172 CDL YA . 49.90 47.93 12.26
H171 CDL YA . 49.47 47.41 10.68
H182 CDL YA . 47.70 47.19 13.13
H181 CDL YA . 47.20 46.72 11.56
H192 CDL YA . 49.48 45.48 13.16
H191 CDL YA . 49.17 45.06 11.52
H202 CDL YA . 46.90 44.27 12.09
H201 CDL YA . 47.06 44.82 13.72
H212 CDL YA . 48.63 42.57 12.40
H211 CDL YA . 49.05 43.19 13.95
H222 CDL YA . 46.42 41.89 13.18
H221 CDL YA . 46.63 42.67 14.69
H232 CDL YA . 47.99 40.17 13.67
H231 CDL YA . 48.71 41.07 14.95
H242 CDL YA . 45.88 39.96 15.00
H241 CDL YA . 46.58 40.87 16.28
H252 CDL YA . 47.33 38.09 15.33
H251 CDL YA . 48.46 39.02 16.24
H262 CDL YA . 46.89 39.19 18.13
H261 CDL YA . 45.63 38.47 17.22
H273 CDL YA . 48.23 37.08 18.05
H272 CDL YA . 46.64 36.80 18.74
H271 CDL YA . 46.97 36.33 17.09
HA62 CDL YA . 49.06 51.28 2.80
HA61 CDL YA . 47.52 50.51 2.46
H312 CDL YA . 48.83 49.30 6.51
H311 CDL YA . 47.52 48.25 6.05
H322 CDL YA . 49.06 46.57 5.20
H321 CDL YA . 50.41 47.62 5.34
H332 CDL YA . 48.85 46.26 7.55
H331 CDL YA . 49.78 47.67 7.91
H342 CDL YA . 50.94 45.21 6.55
H341 CDL YA . 51.83 46.58 7.05
H352 CDL YA . 50.98 46.06 9.46
H351 CDL YA . 50.44 44.57 8.83
H362 CDL YA . 53.27 45.57 9.09
H361 CDL YA . 52.94 44.38 7.90
H372 CDL YA . 52.22 44.04 10.83
H371 CDL YA . 53.73 43.52 10.17
H382 CDL YA . 51.00 42.52 9.32
H381 CDL YA . 52.45 42.07 8.53
H392 CDL YA . 51.78 41.50 11.44
H391 CDL YA . 53.31 41.16 10.74
H402 CDL YA . 52.23 39.66 9.07
H401 CDL YA . 52.09 39.12 10.69
H412 CDL YA . 49.88 40.70 9.29
H411 CDL YA . 49.77 39.93 10.82
H422 CDL YA . 50.33 38.38 8.28
H421 CDL YA . 49.95 37.72 9.82
H432 CDL YA . 48.04 37.76 8.17
H431 CDL YA . 48.06 39.49 8.23
H442 CDL YA . 47.63 39.38 10.72
H441 CDL YA . 47.52 37.66 10.59
H452 CDL YA . 45.63 37.91 8.97
H451 CDL YA . 45.72 39.61 9.12
H462 CDL YA . 45.04 37.67 11.36
H461 CDL YA . 43.93 38.67 10.52
H473 CDL YA . 44.39 39.83 12.60
H472 CDL YA . 45.25 40.73 11.37
H471 CDL YA . 46.11 39.61 12.41
HB22 CDL YA . 50.45 56.69 5.40
HB21 CDL YA . 50.63 58.43 5.42
HB32 CDL YA . 53.43 53.62 5.93
HB31 CDL YA . 51.92 53.46 6.79
HB4 CDL YA . 50.98 52.87 4.38
H512 CDL YA . 52.02 48.83 6.33
H511 CDL YA . 51.14 49.73 7.50
H522 CDL YA . 54.09 49.06 7.81
H521 CDL YA . 52.83 48.10 8.47
H532 CDL YA . 53.41 51.00 9.17
H531 CDL YA . 52.02 50.15 9.75
H542 CDL YA . 53.55 48.43 10.81
H541 CDL YA . 54.91 49.35 10.28
H552 CDL YA . 54.06 51.33 11.62
H551 CDL YA . 52.77 50.36 12.20
H562 CDL YA . 54.64 50.49 13.82
H561 CDL YA . 55.73 49.85 12.66
H572 CDL YA . 54.62 47.68 12.65
H571 CDL YA . 55.06 48.11 14.25
H582 CDL YA . 52.26 48.38 13.07
H581 CDL YA . 52.79 47.10 14.09
H592 CDL YA . 53.11 48.63 15.98
H591 CDL YA . 52.86 50.01 15.00
H602 CDL YA . 50.84 49.65 16.23
H601 CDL YA . 50.49 49.31 14.58
H612 CDL YA . 50.79 46.83 15.07
H611 CDL YA . 51.07 47.21 16.72
H622 CDL YA . 48.52 47.90 15.20
H621 CDL YA . 48.79 48.27 16.85
H632 CDL YA . 48.82 45.44 15.76
H631 CDL YA . 48.95 45.87 17.43
H642 CDL YA . 46.64 46.95 17.26
H641 CDL YA . 46.55 46.38 15.63
H652 CDL YA . 46.81 44.60 18.08
H651 CDL YA . 46.82 44.01 16.47
H662 CDL YA . 44.53 44.91 16.09
H661 CDL YA . 44.51 45.58 17.67
H673 CDL YA . 44.87 42.58 17.19
H672 CDL YA . 44.52 43.36 18.72
H671 CDL YA . 43.32 43.33 17.46
HB62 CDL YA . 52.60 51.58 3.04
HB61 CDL YA . 53.10 53.24 3.14
H712 CDL YA . 56.81 50.45 3.45
H711 CDL YA . 56.17 50.75 5.02
H722 CDL YA . 57.47 53.07 3.66
H721 CDL YA . 58.53 51.81 4.15
H732 CDL YA . 58.37 53.51 5.92
H731 CDL YA . 57.77 52.00 6.49
H742 CDL YA . 56.00 54.25 5.45
H741 CDL YA . 55.44 52.77 6.12
H752 CDL YA . 55.27 54.51 7.78
H751 CDL YA . 56.91 54.96 7.59
H762 CDL YA . 57.72 52.92 8.60
H761 CDL YA . 56.17 52.18 8.52
H772 CDL YA . 55.30 53.41 10.32
H771 CDL YA . 56.37 54.73 10.08
H782 CDL YA . 58.27 53.41 10.98
H781 CDL YA . 57.29 52.00 11.08
H792 CDL YA . 57.63 53.18 13.28
H791 CDL YA . 55.98 52.92 12.88
H802 CDL YA . 55.64 55.23 12.26
H801 CDL YA . 57.33 55.54 12.21
H812 CDL YA . 56.32 56.49 14.23
H811 CDL YA . 57.54 55.34 14.63
H822 CDL YA . 55.60 55.05 16.09
H821 CDL YA . 55.87 53.64 15.16
H832 CDL YA . 54.04 54.20 13.62
H831 CDL YA . 53.86 55.76 14.34
H842 CDL YA . 52.11 54.20 15.11
H841 CDL YA . 53.04 54.81 16.42
H852 CDL YA . 54.29 52.74 16.63
H851 CDL YA . 53.68 52.14 15.14
H862 CDL YA . 51.41 51.93 16.07
H861 CDL YA . 52.55 51.07 17.04
H873 CDL YA . 51.12 52.25 18.58
H872 CDL YA . 51.27 53.74 17.71
H871 CDL YA . 52.64 53.12 18.60
C27 PEE ZA . -0.51 5.61 -1.23
C26 PEE ZA . 0.64 5.00 -2.00
C25 PEE ZA . 0.31 3.63 -2.57
C24 PEE ZA . 1.50 2.97 -3.24
C23 PEE ZA . 1.15 2.11 -4.44
C22 PEE ZA . 2.08 2.32 -5.62
C21 PEE ZA . 1.69 1.56 -6.86
C20 PEE ZA . 2.32 2.13 -8.12
C19 PEE ZA . 2.37 1.15 -9.28
C18 PEE ZA . 2.81 1.79 -10.59
C17 PEE ZA . 4.07 2.62 -10.47
C16 PEE ZA . 4.64 3.08 -11.80
C15 PEE ZA . 3.82 4.14 -12.50
C14 PEE ZA . 4.49 4.69 -13.75
C13 PEE ZA . 4.15 6.14 -14.04
C12 PEE ZA . 4.56 7.11 -12.96
C11 PEE ZA . 4.56 8.57 -13.40
C10 PEE ZA . 4.78 9.51 -12.26
O4 PEE ZA . 5.82 10.08 -12.03
O2 PEE ZA . 3.69 9.61 -11.50
C2 PEE ZA . 3.64 10.69 -10.51
C1 PEE ZA . 2.34 11.43 -10.69
O3P PEE ZA . 2.23 11.82 -12.07
P PEE ZA . 1.43 13.11 -12.53
O2P PEE ZA . 0.58 13.52 -11.33
O1P PEE ZA . 0.67 12.87 -13.76
O4P PEE ZA . 2.58 14.24 -12.73
C4 PEE ZA . 2.84 15.24 -11.71
C5 PEE ZA . 3.49 16.45 -12.31
N PEE ZA . 2.62 17.64 -12.24
C3 PEE ZA . 3.74 10.07 -9.15
O3 PEE ZA . 5.14 9.90 -8.83
C30 PEE ZA . 5.48 9.97 -7.55
O5 PEE ZA . 5.11 10.84 -6.81
C31 PEE ZA . 6.37 8.83 -7.17
C32 PEE ZA . 7.59 8.66 -8.07
C33 PEE ZA . 8.41 7.43 -7.74
C34 PEE ZA . 8.40 7.05 -6.27
C35 PEE ZA . 9.38 5.96 -5.88
C36 PEE ZA . 8.92 5.16 -4.68
C37 PEE ZA . 10.05 4.65 -3.81
C38 PEE ZA . 11.17 3.95 -4.56
C39 PEE ZA . 12.31 3.49 -3.68
C40 PEE ZA . 13.61 3.27 -4.44
C41 PEE ZA . 14.73 2.70 -3.58
C42 PEE ZA . 15.56 1.65 -4.30
C43 PEE ZA . 14.79 0.38 -4.62
C44 PEE ZA . 15.28 -0.33 -5.87
C45 PEE ZA . 14.28 -1.34 -6.42
C46 PEE ZA . 14.03 -1.20 -7.91
C47 PEE ZA . 15.29 -1.32 -8.74
H7 PEE ZA . -0.81 4.98 -0.38
H8 PEE ZA . -0.26 6.58 -0.82
H82 PEE ZA . -1.40 5.73 -1.85
H5 PEE ZA . 0.89 5.67 -2.82
H6 PEE ZA . 1.53 4.96 -1.39
H12 PEE ZA . -0.52 3.70 -3.26
H4 PEE ZA . -0.06 2.99 -1.76
H10 PEE ZA . 2.04 2.36 -2.51
H11 PEE ZA . 2.22 3.72 -3.53
H83 PEE ZA . 0.12 2.29 -4.75
H9 PEE ZA . 1.15 1.06 -4.16
H2 PEE ZA . 2.13 3.39 -5.84
H3 PEE ZA . 3.09 2.06 -5.32
H14 PEE ZA . 1.96 0.52 -6.75
H1 PEE ZA . 0.61 1.55 -6.96
H16 PEE ZA . 3.32 2.47 -7.90
H13 PEE ZA . 1.78 3.02 -8.42
H18 PEE ZA . 1.40 0.68 -9.41
H20 PEE ZA . 2.94 1.03 -11.34
H22 PEE ZA . 4.82 2.06 -9.92
H19 PEE ZA . 3.88 3.49 -9.86
H21 PEE ZA . 5.65 3.45 -11.65
H28 PEE ZA . 4.76 2.22 -12.46
H23 PEE ZA . 3.59 4.93 -11.79
H24 PEE ZA . 2.84 3.73 -12.77
H25 PEE ZA . 4.23 4.07 -14.60
H26 PEE ZA . 5.57 4.59 -13.65
H17 PEE ZA . 3.09 6.24 -14.24
H27 PEE ZA . 4.61 6.43 -14.99
H15 PEE ZA . 3.90 7.02 -12.10
H29 PEE ZA . 5.54 6.85 -12.57
H30 PEE ZA . 3.63 8.81 -13.91
H31 PEE ZA . 5.33 8.73 -14.14
H32 PEE ZA . 4.48 11.36 -10.65
H33 PEE ZA . 1.47 10.84 -10.42
H34 PEE ZA . 2.30 12.33 -10.10
H35 PEE ZA . 2.00 2.42 -10.98
H36 PEE ZA . 1.89 15.49 -11.23
H37 PEE ZA . 3.49 14.81 -10.95
H38 PEE ZA . 3.75 16.26 -13.36
H39 PEE ZA . 4.44 16.64 -11.81
H40 PEE ZA . 3.04 18.42 -12.72
H41 PEE ZA . 2.46 17.92 -11.27
H43 PEE ZA . 3.23 10.68 -8.42
H44 PEE ZA . 3.26 9.08 -9.12
H45 PEE ZA . 5.79 7.91 -7.13
H46 PEE ZA . 6.69 9.00 -6.14
H47 PEE ZA . 7.26 8.61 -9.11
H48 PEE ZA . 8.22 9.55 -8.03
H49 PEE ZA . 8.08 6.59 -8.35
H50 PEE ZA . 9.44 7.58 -8.06
H51 PEE ZA . 8.62 7.94 -5.68
H52 PEE ZA . 7.40 6.78 -5.95
H53 PEE ZA . 10.35 6.39 -5.70
H54 PEE ZA . 9.53 5.30 -6.74
H55 PEE ZA . 8.32 4.32 -5.01
H56 PEE ZA . 8.24 5.76 -4.08
H57 PEE ZA . 9.65 3.98 -3.05
H58 PEE ZA . 10.46 5.48 -3.24
H59 PEE ZA . 10.76 3.09 -5.10
H60 PEE ZA . 12.02 2.57 -3.17
H81 PEE ZA . 13.43 2.64 -5.29
H61 PEE ZA . 13.94 4.21 -4.86
H80 PEE ZA . 14.32 2.28 -2.67
H62 PEE ZA . 15.38 3.50 -3.25
H63 PEE ZA . 16.43 1.41 -3.70
H64 PEE ZA . 15.96 2.08 -5.21
H65 PEE ZA . 13.73 0.60 -4.72
H66 PEE ZA . 14.84 -0.30 -3.78
H67 PEE ZA . 16.22 -0.83 -5.66
H68 PEE ZA . 15.51 0.40 -6.64
H69 PEE ZA . 13.34 -1.27 -5.89
H70 PEE ZA . 14.63 -2.35 -6.20
H71 PEE ZA . 13.55 -0.25 -8.10
H72 PEE ZA . 13.30 -1.94 -8.24
H73 PEE ZA . 15.11 -1.77 -9.71
H74 PEE ZA . 16.05 -1.90 -8.24
H75 PEE ZA . 15.72 -0.34 -8.94
H76 PEE ZA . 1.71 17.45 -12.66
H42 PEE ZA . 3.04 0.33 -9.03
H77 PEE ZA . 11.57 4.59 -5.34
H78 PEE ZA . 12.47 4.20 -2.87
C1 CDL AB . -44.33 -22.95 -19.20
O1 CDL AB . -44.45 -23.42 -20.54
CA2 CDL AB . -43.76 -24.05 -18.34
OA2 CDL AB . -44.84 -24.79 -17.74
PA1 CDL AB . -44.65 -26.35 -17.45
OA3 CDL AB . -43.20 -26.61 -17.24
OA4 CDL AB . -45.60 -26.77 -16.40
OA5 CDL AB . -45.05 -27.04 -18.83
CA3 CDL AB . -44.99 -28.47 -18.97
CA4 CDL AB . -43.60 -28.87 -19.36
OA6 CDL AB . -43.68 -29.58 -20.64
CA5 CDL AB . -43.77 -28.85 -21.76
OA7 CDL AB . -43.55 -27.66 -21.80
C11 CDL AB . -44.17 -29.69 -22.92
C12 CDL AB . -43.44 -29.30 -24.21
C13 CDL AB . -42.04 -29.89 -24.29
C14 CDL AB . -41.35 -29.63 -25.61
C15 CDL AB . -40.09 -30.45 -25.81
C16 CDL AB . -39.51 -30.33 -27.22
C17 CDL AB . -38.34 -31.26 -27.50
C18 CDL AB . -37.88 -31.21 -28.94
C19 CDL AB . -36.69 -32.11 -29.25
C20 CDL AB . -36.30 -32.10 -30.72
C21 CDL AB . -35.09 -32.95 -31.05
C22 CDL AB . -34.76 -32.97 -32.53
C23 CDL AB . -33.52 -33.78 -32.89
C24 CDL AB . -33.23 -33.82 -34.38
C25 CDL AB . -31.97 -34.57 -34.75
C26 CDL AB . -31.68 -34.59 -36.24
C27 CDL AB . -30.40 -35.30 -36.59
CA6 CDL AB . -42.97 -29.80 -18.37
OA8 CDL AB . -41.54 -29.63 -18.40
CA7 CDL AB . -40.91 -29.95 -19.53
OA9 CDL AB . -41.39 -30.68 -20.37
C31 CDL AB . -39.56 -29.32 -19.62
C32 CDL AB . -39.39 -28.42 -20.84
C33 CDL AB . -40.15 -27.11 -20.70
C34 CDL AB . -40.42 -26.42 -22.03
C35 CDL AB . -41.40 -25.26 -21.92
C36 CDL AB . -40.81 -24.01 -21.30
C37 CDL AB . -40.30 -23.01 -22.33
C38 CDL AB . -39.14 -22.17 -21.82
C39 CDL AB . -38.75 -21.02 -22.72
C40 CDL AB . -38.37 -21.42 -24.14
C41 CDL AB . -37.34 -22.52 -24.23
C42 CDL AB . -36.31 -22.33 -25.33
C43 CDL AB . -36.89 -22.04 -26.71
C44 CDL AB . -35.85 -21.73 -27.76
C45 CDL AB . -36.35 -20.82 -28.87
C46 CDL AB . -35.29 -20.45 -29.88
C47 CDL AB . -35.76 -19.40 -30.86
CB2 CDL AB . -45.67 -22.44 -18.73
OB2 CDL AB . -45.59 -22.13 -17.32
PB2 CDL AB . -45.69 -20.63 -16.83
OB3 CDL AB . -44.48 -19.92 -17.30
OB4 CDL AB . -46.02 -20.61 -15.38
OB5 CDL AB . -46.92 -20.02 -17.64
CB3 CDL AB . -46.93 -18.65 -18.05
CB4 CDL AB . -48.20 -18.36 -18.80
OB6 CDL AB . -48.14 -19.09 -20.07
CB5 CDL AB . -48.88 -20.20 -20.18
OB7 CDL AB . -49.52 -20.67 -19.27
C51 CDL AB . -48.82 -20.77 -21.56
C52 CDL AB . -49.28 -19.80 -22.63
C53 CDL AB . -49.44 -20.43 -23.99
C54 CDL AB . -50.68 -19.99 -24.73
C55 CDL AB . -50.86 -20.63 -26.09
C56 CDL AB . -49.99 -20.03 -27.18
C57 CDL AB . -50.16 -20.71 -28.53
C58 CDL AB . -49.05 -21.69 -28.88
C59 CDL AB . -47.79 -21.03 -29.43
C60 CDL AB . -46.74 -22.03 -29.91
C61 CDL AB . -45.68 -21.43 -30.81
C62 CDL AB . -44.81 -22.48 -31.48
C63 CDL AB . -43.90 -21.94 -32.58
C64 CDL AB . -42.68 -21.19 -32.08
C65 CDL AB . -41.47 -21.32 -32.99
C66 CDL AB . -40.27 -20.49 -32.61
C67 CDL AB . -40.44 -19.02 -32.89
CB6 CDL AB . -48.33 -16.90 -19.12
OB8 CDL AB . -49.50 -16.70 -19.94
CB7 CDL AB . -49.31 -16.45 -21.24
OB9 CDL AB . -48.25 -16.48 -21.78
C71 CDL AB . -50.62 -16.14 -21.92
C72 CDL AB . -50.51 -16.10 -23.44
C73 CDL AB . -51.88 -16.04 -24.12
C74 CDL AB . -51.80 -16.05 -25.63
C75 CDL AB . -53.16 -16.13 -26.31
C76 CDL AB . -53.13 -15.86 -27.80
C77 CDL AB . -52.34 -16.88 -28.61
C78 CDL AB . -52.24 -16.53 -30.09
C79 CDL AB . -51.22 -17.36 -30.86
C80 CDL AB . -49.79 -17.19 -30.36
C81 CDL AB . -48.72 -17.60 -31.34
C82 CDL AB . -47.31 -17.39 -30.80
C83 CDL AB . -46.22 -17.40 -31.85
C84 CDL AB . -44.86 -16.96 -31.32
C85 CDL AB . -43.75 -16.96 -32.35
C86 CDL AB . -43.60 -15.68 -33.17
C87 CDL AB . -44.76 -15.40 -34.08
H1 CDL AB . -43.62 -22.13 -19.33
H1O1 CDL AB . -44.49 -24.40 -20.52
HA22 CDL AB . -43.12 -24.73 -18.90
HA21 CDL AB . -43.16 -23.66 -17.51
HA32 CDL AB . -45.31 -28.95 -18.05
HA31 CDL AB . -45.70 -28.77 -19.73
HA4 CDL AB . -42.99 -27.98 -19.45
H112 CDL AB . -45.24 -29.64 -23.09
H111 CDL AB . -43.97 -30.73 -22.66
H122 CDL AB . -43.40 -28.22 -24.29
H121 CDL AB . -44.02 -29.63 -25.07
H132 CDL AB . -42.08 -30.96 -24.10
H131 CDL AB . -41.43 -29.50 -23.47
H142 CDL AB . -41.10 -28.57 -25.69
H141 CDL AB . -42.04 -29.80 -26.42
H152 CDL AB . -40.29 -31.50 -25.60
H151 CDL AB . -39.34 -30.16 -25.08
H162 CDL AB . -39.20 -29.30 -27.38
H161 CDL AB . -40.29 -30.49 -27.95
H172 CDL AB . -37.50 -31.01 -26.84
H171 CDL AB . -38.61 -32.28 -27.23
H182 CDL AB . -38.71 -31.49 -29.59
H181 CDL AB . -37.65 -30.19 -29.23
H192 CDL AB . -36.92 -33.13 -28.94
H191 CDL AB . -35.84 -31.82 -28.64
H202 CDL AB . -37.14 -32.42 -31.32
H201 CDL AB . -36.13 -31.07 -31.04
H212 CDL AB . -34.22 -32.60 -30.49
H211 CDL AB . -35.24 -33.97 -30.69
H222 CDL AB . -35.61 -33.35 -33.09
H221 CDL AB . -34.64 -31.95 -32.90
H232 CDL AB . -32.66 -33.39 -32.35
H231 CDL AB . -33.63 -34.80 -32.51
H242 CDL AB . -34.08 -34.25 -34.91
H241 CDL AB . -33.17 -32.79 -34.76
H252 CDL AB . -32.04 -35.60 -34.38
H251 CDL AB . -31.12 -34.15 -34.22
H262 CDL AB . -32.52 -35.05 -36.77
H261 CDL AB . -31.66 -33.57 -36.62
H273 CDL AB . -30.19 -35.27 -37.66
H272 CDL AB . -30.42 -36.35 -36.30
H271 CDL AB . -29.54 -34.86 -36.09
HA62 CDL AB . -43.36 -29.63 -17.37
HA61 CDL AB . -43.18 -30.85 -18.61
H312 CDL AB . -39.35 -28.77 -18.71
H311 CDL AB . -38.81 -30.11 -19.64
H322 CDL AB . -38.34 -28.22 -21.00
H321 CDL AB . -39.71 -28.95 -21.72
H332 CDL AB . -39.59 -26.44 -20.05
H331 CDL AB . -41.09 -27.29 -20.19
H342 CDL AB . -40.78 -27.14 -22.75
H341 CDL AB . -39.48 -26.06 -22.45
H352 CDL AB . -42.27 -25.58 -21.35
H351 CDL AB . -41.80 -25.03 -22.91
H362 CDL AB . -41.54 -23.53 -20.67
H361 CDL AB . -40.01 -24.29 -20.63
H372 CDL AB . -41.11 -22.36 -22.64
H371 CDL AB . -40.00 -23.52 -23.23
H382 CDL AB . -38.29 -22.81 -21.66
H381 CDL AB . -39.38 -21.79 -20.82
H392 CDL AB . -39.56 -20.28 -22.75
H391 CDL AB . -37.92 -20.47 -22.27
H402 CDL AB . -39.27 -21.71 -24.67
H401 CDL AB . -38.01 -20.54 -24.66
H412 CDL AB . -37.84 -23.48 -24.35
H411 CDL AB . -36.81 -22.62 -23.27
H422 CDL AB . -35.62 -21.54 -25.06
H421 CDL AB . -35.68 -23.22 -25.40
H432 CDL AB . -37.60 -21.21 -26.65
H431 CDL AB . -37.51 -22.88 -27.03
H442 CDL AB . -35.48 -22.66 -28.19
H441 CDL AB . -34.97 -21.29 -27.29
H452 CDL AB . -37.18 -21.30 -29.38
H451 CDL AB . -36.78 -19.93 -28.44
H462 CDL AB . -34.39 -20.10 -29.37
H461 CDL AB . -34.96 -21.33 -30.43
H473 CDL AB . -36.59 -19.74 -31.47
H472 CDL AB . -34.97 -19.08 -31.55
H471 CDL AB . -36.10 -18.50 -30.35
HB22 CDL AB . -46.46 -23.16 -18.90
HB21 CDL AB . -45.94 -21.53 -19.25
HB32 CDL AB . -46.06 -18.48 -18.68
HB31 CDL AB . -46.80 -18.00 -17.18
HB4 CDL AB . -49.04 -18.70 -18.21
H512 CDL AB . -49.41 -21.68 -21.58
H511 CDL AB . -47.80 -21.10 -21.77
H522 CDL AB . -48.59 -18.95 -22.68
H521 CDL AB . -50.23 -19.34 -22.32
H532 CDL AB . -48.56 -20.22 -24.59
H531 CDL AB . -49.44 -21.52 -23.88
H542 CDL AB . -50.69 -18.91 -24.84
H541 CDL AB . -51.56 -20.19 -24.12
H552 CDL AB . -51.91 -20.60 -26.39
H551 CDL AB . -50.65 -21.70 -26.02
H562 CDL AB . -48.95 -20.05 -26.88
H561 CDL AB . -50.23 -18.97 -27.28
H572 CDL AB . -51.11 -21.23 -28.57
H571 CDL AB . -50.25 -19.95 -29.32
H582 CDL AB . -49.42 -22.43 -29.57
H581 CDL AB . -48.79 -22.26 -27.98
H592 CDL AB . -48.06 -20.37 -30.25
H591 CDL AB . -47.36 -20.37 -28.68
H602 CDL AB . -46.27 -22.50 -29.04
H601 CDL AB . -47.24 -22.85 -30.42
H612 CDL AB . -45.05 -20.75 -30.22
H611 CDL AB . -46.14 -20.79 -31.56
H622 CDL AB . -45.45 -23.26 -31.89
H621 CDL AB . -44.21 -22.99 -30.73
H632 CDL AB . -44.48 -21.29 -33.23
H631 CDL AB . -43.59 -22.76 -33.22
H642 CDL AB . -42.43 -21.52 -31.08
H641 CDL AB . -42.92 -20.14 -31.96
H652 CDL AB . -41.76 -21.08 -34.02
H651 CDL AB . -41.18 -22.38 -33.05
H662 CDL AB . -40.05 -20.64 -31.55
H661 CDL AB . -39.38 -20.87 -33.11
H673 CDL AB . -40.76 -18.85 -33.91
H672 CDL AB . -41.19 -18.56 -32.25
H671 CDL AB . -39.52 -18.47 -32.75
HB62 CDL AB . -48.42 -16.33 -18.20
HB61 CDL AB . -47.46 -16.51 -19.64
H712 CDL AB . -50.97 -15.18 -21.54
H711 CDL AB . -51.38 -16.86 -21.61
H722 CDL AB . -49.92 -15.24 -23.73
H721 CDL AB . -49.95 -16.97 -23.79
H732 CDL AB . -52.39 -15.14 -23.79
H731 CDL AB . -52.49 -16.87 -23.77
H742 CDL AB . -51.27 -15.17 -25.98
H741 CDL AB . -51.18 -16.88 -25.96
H752 CDL AB . -53.85 -15.43 -25.83
H751 CDL AB . -53.60 -17.11 -26.13
H762 CDL AB . -54.14 -15.80 -28.19
H761 CDL AB . -52.72 -14.87 -27.99
H772 CDL AB . -51.35 -16.99 -28.19
H771 CDL AB . -52.79 -17.86 -28.50
H782 CDL AB . -52.00 -15.48 -30.20
H781 CDL AB . -53.22 -16.64 -30.56
H792 CDL AB . -51.49 -18.41 -30.83
H791 CDL AB . -51.26 -17.10 -31.92
H802 CDL AB . -49.67 -17.76 -29.44
H801 CDL AB . -49.64 -16.16 -30.06
H812 CDL AB . -48.84 -18.65 -31.63
H811 CDL AB . -48.84 -17.05 -32.27
H822 CDL AB . -47.27 -16.45 -30.25
H821 CDL AB . -47.10 -18.15 -30.05
H832 CDL AB . -46.52 -16.78 -32.69
H831 CDL AB . -46.13 -18.40 -32.28
H842 CDL AB . -44.59 -17.60 -30.48
H841 CDL AB . -44.96 -15.97 -30.88
H852 CDL AB . -42.81 -17.16 -31.84
H851 CDL AB . -43.87 -17.80 -33.02
H862 CDL AB . -43.46 -14.83 -32.50
H861 CDL AB . -42.68 -15.72 -33.75
H873 CDL AB . -44.49 -14.68 -34.86
H872 CDL AB . -45.11 -16.30 -34.60
H871 CDL AB . -45.61 -14.97 -33.56
C1 CDL BB . -66.76 -38.42 -15.04
O1 CDL BB . -65.57 -38.21 -15.80
CA2 CDL BB . -67.39 -39.72 -15.45
OA2 CDL BB . -66.48 -40.79 -15.11
PA1 CDL BB . -67.07 -42.23 -14.71
OA3 CDL BB . -65.94 -43.08 -14.29
OA4 CDL BB . -68.21 -42.04 -13.80
OA5 CDL BB . -67.59 -42.81 -16.10
CA3 CDL BB . -66.69 -43.51 -16.97
CA4 CDL BB . -67.38 -43.81 -18.27
OA6 CDL BB . -67.56 -42.55 -18.98
CA5 CDL BB . -66.74 -42.28 -20.00
OA7 CDL BB . -65.86 -43.01 -20.35
C11 CDL BB . -67.06 -40.96 -20.63
C12 CDL BB . -66.53 -40.84 -22.05
C13 CDL BB . -66.48 -39.41 -22.55
C14 CDL BB . -65.41 -39.17 -23.61
C15 CDL BB . -65.22 -37.72 -23.99
C16 CDL BB . -64.24 -36.98 -23.09
C17 CDL BB . -63.67 -35.71 -23.72
C18 CDL BB . -62.62 -35.95 -24.78
C19 CDL BB . -62.55 -34.85 -25.83
C20 CDL BB . -63.61 -34.98 -26.91
C21 CDL BB . -64.24 -33.66 -27.32
C22 CDL BB . -63.29 -32.67 -27.95
C23 CDL BB . -63.97 -31.38 -28.38
C24 CDL BB . -63.02 -30.22 -28.63
C25 CDL BB . -62.27 -30.29 -29.96
C26 CDL BB . -63.12 -30.03 -31.18
C27 CDL BB . -62.33 -30.01 -32.47
CA6 CDL BB . -68.74 -44.42 -18.04
OA8 CDL BB . -69.27 -44.85 -19.32
CA7 CDL BB . -70.51 -44.48 -19.64
OA9 CDL BB . -71.20 -43.79 -18.93
C31 CDL BB . -70.93 -45.05 -20.95
C32 CDL BB . -70.59 -44.17 -22.14
C33 CDL BB . -71.25 -42.79 -22.10
C34 CDL BB . -71.08 -42.02 -23.39
C35 CDL BB . -71.55 -40.57 -23.35
C36 CDL BB . -73.02 -40.38 -23.07
C37 CDL BB . -73.49 -38.95 -23.23
C38 CDL BB . -74.99 -38.75 -23.04
C39 CDL BB . -75.46 -37.34 -23.29
C40 CDL BB . -74.68 -36.28 -22.51
C41 CDL BB . -75.36 -34.93 -22.44
C42 CDL BB . -75.32 -34.13 -23.73
C43 CDL BB . -75.68 -32.65 -23.57
C44 CDL BB . -75.92 -31.91 -24.88
C45 CDL BB . -74.70 -31.81 -25.78
C46 CDL BB . -73.81 -30.61 -25.53
C47 CDL BB . -72.73 -30.47 -26.56
CB2 CDL BB . -67.67 -37.22 -15.19
OB2 CDL BB . -68.94 -37.49 -14.57
PB2 CDL BB . -70.06 -36.36 -14.56
OB3 CDL BB . -70.40 -36.11 -13.15
OB4 CDL BB . -71.14 -36.76 -15.49
OB5 CDL BB . -69.31 -35.08 -15.15
CB3 CDL BB . -69.12 -33.88 -14.36
CB4 CDL BB . -70.12 -32.85 -14.80
OB6 CDL BB . -70.38 -33.09 -16.22
CB5 CDL BB . -71.63 -33.43 -16.57
OB7 CDL BB . -72.60 -33.22 -15.90
C51 CDL BB . -71.64 -34.10 -17.91
C52 CDL BB . -72.46 -33.34 -18.93
C53 CDL BB . -72.11 -33.70 -20.36
C54 CDL BB . -72.60 -32.71 -21.37
C55 CDL BB . -72.02 -32.89 -22.76
C56 CDL BB . -70.66 -32.23 -22.96
C57 CDL BB . -70.68 -30.72 -22.79
C58 CDL BB . -69.41 -30.00 -23.21
C59 CDL BB . -69.37 -29.60 -24.68
C60 CDL BB . -69.12 -30.76 -25.64
C61 CDL BB . -68.60 -30.31 -26.99
C62 CDL BB . -68.56 -31.41 -28.03
C63 CDL BB . -67.82 -31.00 -29.30
C64 CDL BB . -67.97 -31.98 -30.45
C65 CDL BB . -67.07 -31.66 -31.63
C66 CDL BB . -67.26 -30.28 -32.24
C67 CDL BB . -66.29 -30.01 -33.37
CB6 CDL BB . -69.58 -31.45 -14.65
OB8 CDL BB . -68.33 -31.33 -15.35
CB7 CDL BB . -67.80 -30.11 -15.41
OB9 CDL BB . -68.31 -29.13 -14.93
C71 CDL BB . -66.50 -30.10 -16.15
C72 CDL BB . -65.88 -28.71 -16.27
C73 CDL BB . -64.74 -28.64 -17.27
C74 CDL BB . -63.52 -29.45 -16.87
C75 CDL BB . -62.32 -29.25 -17.78
C76 CDL BB . -61.05 -29.92 -17.26
C77 CDL BB . -59.91 -29.95 -18.26
C78 CDL BB . -59.41 -28.57 -18.68
C79 CDL BB . -58.16 -28.57 -19.56
C80 CDL BB . -57.90 -29.88 -20.30
C81 CDL BB . -56.93 -29.72 -21.46
C82 CDL BB . -56.37 -31.03 -22.00
C83 CDL BB . -55.19 -31.58 -21.22
C84 CDL BB . -54.10 -32.18 -22.11
C85 CDL BB . -52.99 -32.88 -21.35
C86 CDL BB . -52.09 -31.97 -20.53
C87 CDL BB . -51.24 -32.73 -19.54
H1 CDL BB . -66.35 -38.47 -14.03
H1O1 CDL BB . -65.18 -39.10 -15.99
HA22 CDL BB . -67.60 -39.75 -16.52
HA21 CDL BB . -68.32 -39.91 -14.94
HA32 CDL BB . -66.32 -44.42 -16.50
HA31 CDL BB . -65.81 -42.88 -17.15
HA4 CDL BB . -66.79 -44.51 -18.85
H112 CDL BB . -66.68 -40.14 -20.02
H111 CDL BB . -68.14 -40.84 -20.62
H122 CDL BB . -67.13 -41.46 -22.71
H121 CDL BB . -65.53 -41.29 -22.10
H132 CDL BB . -66.31 -38.73 -21.72
H131 CDL BB . -67.45 -39.14 -22.95
H142 CDL BB . -65.66 -39.75 -24.50
H141 CDL BB . -64.47 -39.60 -23.28
H152 CDL BB . -66.18 -37.21 -23.95
H151 CDL BB . -64.91 -37.65 -25.02
H162 CDL BB . -64.72 -36.73 -22.14
H161 CDL BB . -63.42 -37.64 -22.81
H172 CDL BB . -63.26 -35.07 -22.93
H171 CDL BB . -64.49 -35.12 -24.14
H182 CDL BB . -62.81 -36.91 -25.27
H181 CDL BB . -61.65 -36.09 -24.32
H192 CDL BB . -61.55 -34.85 -26.28
H191 CDL BB . -62.62 -33.88 -25.34
H202 CDL BB . -64.38 -35.66 -26.57
H201 CDL BB . -63.18 -35.46 -27.79
H212 CDL BB . -64.72 -33.20 -26.44
H211 CDL BB . -65.07 -33.86 -28.00
H222 CDL BB . -62.81 -33.12 -28.81
H221 CDL BB . -62.48 -32.44 -27.27
H232 CDL BB . -64.71 -31.08 -27.64
H231 CDL BB . -64.56 -31.57 -29.27
H242 CDL BB . -63.58 -29.28 -28.58
H241 CDL BB . -62.31 -30.14 -27.81
H252 CDL BB . -61.78 -31.26 -30.05
H251 CDL BB . -61.44 -29.58 -29.93
H262 CDL BB . -63.66 -29.08 -31.07
H261 CDL BB . -63.91 -30.78 -31.25
H273 CDL BB . -61.68 -29.14 -32.53
H272 CDL BB . -62.98 -30.00 -33.35
H271 CDL BB . -61.69 -30.88 -32.56
HA62 CDL BB . -69.40 -43.72 -17.54
HA61 CDL BB . -68.66 -45.29 -17.40
H312 CDL BB . -72.01 -45.26 -20.94
H311 CDL BB . -70.47 -46.02 -21.06
H322 CDL BB . -70.87 -44.68 -23.05
H321 CDL BB . -69.52 -44.06 -22.20
H332 CDL BB . -70.84 -42.21 -21.27
H331 CDL BB . -72.30 -42.89 -21.87
H342 CDL BB . -71.59 -42.54 -24.20
H341 CDL BB . -70.03 -42.03 -23.67
H352 CDL BB . -71.30 -40.09 -24.30
H351 CDL BB . -70.96 -40.02 -22.62
H362 CDL BB . -73.25 -40.74 -22.06
H361 CDL BB . -73.61 -41.04 -23.72
H372 CDL BB . -73.19 -38.56 -24.20
H371 CDL BB . -72.96 -38.32 -22.52
H382 CDL BB . -75.27 -39.07 -22.04
H381 CDL BB . -75.53 -39.43 -23.69
H392 CDL BB . -76.52 -37.26 -23.05
H391 CDL BB . -75.41 -37.11 -24.36
H402 CDL BB . -73.70 -36.16 -22.98
H401 CDL BB . -74.47 -36.64 -21.51
H412 CDL BB . -74.93 -34.35 -21.62
H411 CDL BB . -76.41 -35.06 -22.14
H422 CDL BB . -75.99 -34.59 -24.46
H421 CDL BB . -74.33 -34.22 -24.18
H432 CDL BB . -74.91 -32.14 -23.01
H431 CDL BB . -76.57 -32.57 -22.95
H442 CDL BB . -76.74 -32.37 -25.42
H441 CDL BB . -76.28 -30.91 -24.66
H452 CDL BB . -75.01 -31.80 -26.83
H451 CDL BB . -74.09 -32.71 -25.70
H462 CDL BB . -73.37 -30.67 -24.53
H461 CDL BB . -74.42 -29.71 -25.49
H473 CDL BB . -72.07 -31.33 -26.60
H472 CDL BB . -72.10 -29.59 -26.38
H471 CDL BB . -73.15 -30.35 -27.56
HB22 CDL BB . -67.82 -36.97 -16.24
HB21 CDL BB . -67.24 -36.34 -14.71
HB32 CDL BB . -68.11 -33.54 -14.51
HB31 CDL BB . -69.20 -34.11 -13.29
HB4 CDL BB . -71.02 -32.98 -14.22
H512 CDL BB . -72.03 -35.11 -17.78
H511 CDL BB . -70.63 -34.25 -18.27
H522 CDL BB . -72.34 -32.26 -18.77
H521 CDL BB . -73.51 -33.51 -18.76
H532 CDL BB . -72.52 -34.68 -20.59
H531 CDL BB . -71.03 -33.83 -20.46
H542 CDL BB . -73.69 -32.72 -21.40
H541 CDL BB . -72.39 -31.71 -21.01
H552 CDL BB . -72.72 -32.54 -23.52
H551 CDL BB . -71.93 -33.95 -22.97
H562 CDL BB . -69.93 -32.67 -22.29
H561 CDL BB . -70.27 -32.49 -23.95
H572 CDL BB . -70.87 -30.47 -21.74
H571 CDL BB . -71.53 -30.31 -23.31
H582 CDL BB . -68.55 -30.61 -22.97
H581 CDL BB . -69.28 -29.10 -22.61
H592 CDL BB . -68.61 -28.84 -24.83
H591 CDL BB . -70.30 -29.10 -24.95
H602 CDL BB . -70.04 -31.32 -25.78
H601 CDL BB . -68.43 -31.47 -25.19
H612 CDL BB . -67.61 -29.88 -26.87
H611 CDL BB . -69.20 -29.47 -27.35
H622 CDL BB . -69.57 -31.73 -28.28
H621 CDL BB . -68.09 -32.30 -27.62
H632 CDL BB . -66.76 -30.87 -29.07
H631 CDL BB . -68.15 -30.01 -29.61
H642 CDL BB . -67.79 -33.00 -30.10
H641 CDL BB . -69.01 -31.98 -30.78
H652 CDL BB . -67.21 -32.42 -32.41
H651 CDL BB . -66.03 -31.79 -31.35
H662 CDL BB . -68.28 -30.17 -32.60
H661 CDL BB . -67.14 -29.52 -31.49
H673 CDL BB . -66.54 -29.10 -33.90
H672 CDL BB . -66.28 -30.81 -34.11
H671 CDL BB . -65.27 -29.89 -33.01
HB62 CDL BB . -70.30 -30.73 -15.05
HB61 CDL BB . -69.42 -31.18 -13.61
H712 CDL BB . -65.81 -30.78 -15.65
H711 CDL BB . -66.63 -30.53 -17.14
H722 CDL BB . -65.53 -28.40 -15.28
H721 CDL BB . -66.65 -27.98 -16.52
H732 CDL BB . -64.45 -27.60 -17.40
H731 CDL BB . -65.08 -28.96 -18.24
H742 CDL BB . -63.24 -29.22 -15.84
H741 CDL BB . -63.78 -30.51 -16.86
H752 CDL BB . -62.55 -29.61 -18.78
H751 CDL BB . -62.14 -28.19 -17.91
H762 CDL BB . -60.73 -29.40 -16.36
H761 CDL BB . -61.29 -30.92 -16.93
H772 CDL BB . -60.25 -30.50 -19.14
H771 CDL BB . -59.09 -30.54 -17.87
H782 CDL BB . -60.20 -28.02 -19.17
H781 CDL BB . -59.21 -27.99 -17.78
H792 CDL BB . -57.29 -28.32 -18.95
H791 CDL BB . -58.23 -27.76 -20.27
H802 CDL BB . -57.53 -30.63 -19.60
H801 CDL BB . -58.83 -30.29 -20.68
H812 CDL BB . -56.11 -29.07 -21.17
H811 CDL BB . -57.42 -29.19 -22.27
H822 CDL BB . -56.11 -30.92 -23.05
H821 CDL BB . -57.17 -31.78 -22.01
H832 CDL BB . -55.53 -32.34 -20.52
H831 CDL BB . -54.76 -30.80 -20.59
H842 CDL BB . -53.67 -31.39 -22.72
H841 CDL BB . -54.55 -32.86 -22.83
H852 CDL BB . -52.38 -33.45 -22.04
H851 CDL BB . -53.42 -33.63 -20.69
H862 CDL BB . -51.44 -31.41 -21.19
H861 CDL BB . -52.67 -31.21 -20.02
H873 CDL BB . -51.85 -33.37 -18.90
H872 CDL BB . -50.69 -32.07 -18.88
H871 CDL BB . -50.51 -33.37 -20.02
C1 CDL CB . -86.66 -34.98 -6.46
O1 CDL CB . -87.90 -34.36 -6.17
CA2 CDL CB . -85.57 -34.34 -5.63
OA2 CDL CB . -86.04 -34.21 -4.27
PA1 CDL CB . -85.38 -33.08 -3.33
OA3 CDL CB . -85.57 -33.50 -1.93
OA4 CDL CB . -84.02 -32.80 -3.82
OA5 CDL CB . -86.32 -31.81 -3.57
CA3 CDL CB . -85.76 -30.53 -3.92
CA4 CDL CB . -85.96 -30.31 -5.39
OA6 CDL CB . -85.07 -29.23 -5.83
CA5 CDL CB . -85.37 -27.97 -5.48
OA7 CDL CB . -86.02 -27.68 -4.50
C11 CDL CB . -84.77 -26.99 -6.43
C12 CDL CB . -85.76 -26.00 -7.01
C13 CDL CB . -85.14 -25.08 -8.05
C14 CDL CB . -84.60 -23.77 -7.49
C15 CDL CB . -84.17 -22.79 -8.55
C16 CDL CB . -83.46 -21.55 -8.01
C17 CDL CB . -82.96 -20.61 -9.09
C18 CDL CB . -82.51 -19.26 -8.58
C19 CDL CB . -82.32 -18.22 -9.68
C20 CDL CB . -81.26 -17.20 -9.38
C21 CDL CB . -81.20 -16.04 -10.37
C22 CDL CB . -80.96 -16.47 -11.81
C23 CDL CB . -80.55 -15.34 -12.73
C24 CDL CB . -81.53 -14.19 -12.79
C25 CDL CB . -82.82 -14.51 -13.51
C26 CDL CB . -83.86 -13.39 -13.56
C27 CDL CB . -83.36 -12.07 -14.13
CA6 CDL CB . -87.39 -29.95 -5.71
OA8 CDL CB . -87.48 -29.61 -7.11
CA7 CDL CB . -87.56 -30.63 -7.97
OA9 CDL CB . -86.79 -31.56 -7.97
C31 CDL CB . -88.71 -30.48 -8.91
C32 CDL CB . -88.27 -30.15 -10.33
C33 CDL CB . -87.78 -28.74 -10.49
C34 CDL CB . -88.86 -27.68 -10.38
C35 CDL CB . -88.40 -26.29 -10.76
C36 CDL CB . -89.51 -25.26 -10.90
C37 CDL CB . -89.89 -24.58 -9.60
C38 CDL CB . -90.97 -23.52 -9.74
C39 CDL CB . -90.57 -22.35 -10.63
C40 CDL CB . -91.50 -21.15 -10.53
C41 CDL CB . -91.06 -19.95 -11.33
C42 CDL CB . -92.05 -18.80 -11.32
C43 CDL CB . -91.57 -17.56 -12.05
C44 CDL CB . -92.70 -16.64 -12.50
C45 CDL CB . -92.23 -15.41 -13.26
C46 CDL CB . -93.37 -14.48 -13.65
C47 CDL CB . -92.89 -13.21 -14.32
CB2 CDL CB . -86.38 -34.88 -7.94
OB2 CDL CB . -87.29 -35.76 -8.64
PB2 CDL CB . -86.82 -37.22 -9.07
OB3 CDL CB . -87.71 -37.68 -10.15
OB4 CDL CB . -86.69 -38.05 -7.85
OB5 CDL CB . -85.37 -36.99 -9.70
CB3 CDL CB . -85.23 -36.56 -11.07
CB4 CDL CB . -84.59 -35.20 -11.10
OB6 CDL CB . -85.14 -34.48 -12.24
CB5 CDL CB . -86.19 -33.66 -12.03
OB7 CDL CB . -86.82 -33.66 -11.01
C51 CDL CB . -86.43 -32.77 -13.20
C52 CDL CB . -85.14 -32.52 -13.96
C53 CDL CB . -85.25 -31.46 -15.02
C54 CDL CB . -83.95 -31.26 -15.78
C55 CDL CB . -83.88 -30.00 -16.60
C56 CDL CB . -84.49 -30.11 -17.99
C57 CDL CB . -83.85 -29.17 -18.97
C58 CDL CB . -84.74 -28.67 -20.08
C59 CDL CB . -84.13 -27.55 -20.88
C60 CDL CB . -85.11 -26.70 -21.64
C61 CDL CB . -84.53 -25.38 -22.11
C62 CDL CB . -83.32 -25.52 -23.01
C63 CDL CB . -82.69 -24.20 -23.41
C64 CDL CB . -81.58 -24.34 -24.43
C65 CDL CB . -81.01 -23.01 -24.88
C66 CDL CB . -80.18 -23.10 -26.13
C67 CDL CB . -79.05 -24.08 -26.01
CB6 CDL CB . -83.10 -35.30 -11.31
OB8 CDL CB . -82.56 -33.98 -11.56
CB7 CDL CB . -81.28 -33.92 -11.90
OB9 CDL CB . -80.53 -34.86 -11.86
C71 CDL CB . -80.88 -32.53 -12.31
C72 CDL CB . -80.34 -32.50 -13.73
C73 CDL CB . -79.90 -31.12 -14.16
C74 CDL CB . -79.89 -30.94 -15.67
C75 CDL CB . -79.05 -31.97 -16.42
C76 CDL CB . -79.07 -31.82 -17.93
C77 CDL CB . -79.01 -30.38 -18.46
C78 CDL CB . -80.38 -29.72 -18.56
C79 CDL CB . -80.37 -28.34 -19.21
C80 CDL CB . -79.37 -27.37 -18.60
C81 CDL CB . -79.87 -25.94 -18.49
C82 CDL CB . -80.51 -25.36 -19.75
C83 CDL CB . -79.53 -25.09 -20.88
C84 CDL CB . -79.27 -26.28 -21.79
C85 CDL CB . -78.28 -25.99 -22.90
C86 CDL CB . -78.35 -26.95 -24.07
C87 CDL CB . -77.17 -26.82 -25.00
H1 CDL CB . -86.84 -36.01 -6.16
H1O1 CDL CB . -88.63 -34.98 -6.45
HA22 CDL CB . -85.27 -33.37 -6.01
HA21 CDL CB . -84.67 -34.95 -5.59
HA32 CDL CB . -86.21 -29.74 -3.33
HA31 CDL CB . -84.70 -30.54 -3.69
HA4 CDL CB . -85.72 -31.23 -5.92
H112 CDL CB . -83.95 -26.43 -5.96
H111 CDL CB . -84.29 -27.55 -7.23
H122 CDL CB . -86.60 -26.54 -7.44
H121 CDL CB . -86.20 -25.41 -6.20
H132 CDL CB . -85.87 -24.86 -8.83
H131 CDL CB . -84.34 -25.61 -8.56
H142 CDL CB . -83.78 -23.98 -6.81
H141 CDL CB . -85.36 -23.32 -6.85
H152 CDL CB . -85.03 -22.47 -9.14
H151 CDL CB . -83.52 -23.29 -9.27
H162 CDL CB . -82.63 -21.86 -7.38
H161 CDL CB . -84.12 -21.01 -7.33
H172 CDL CB . -82.13 -21.08 -9.62
H171 CDL CB . -83.71 -20.49 -9.86
H182 CDL CB . -81.58 -19.37 -8.02
H181 CDL CB . -83.22 -18.88 -7.85
H192 CDL CB . -82.09 -18.73 -10.61
H191 CDL CB . -83.27 -17.72 -9.87
H202 CDL CB . -80.29 -17.69 -9.35
H201 CDL CB . -81.38 -16.81 -8.37
H212 CDL CB . -80.43 -15.33 -10.06
H211 CDL CB . -82.13 -15.47 -10.31
H222 CDL CB . -80.19 -17.25 -11.83
H221 CDL CB . -81.84 -16.97 -12.20
H232 CDL CB . -80.39 -15.73 -13.73
H231 CDL CB . -79.56 -14.97 -12.43
H242 CDL CB . -81.75 -13.83 -11.78
H241 CDL CB . -81.04 -13.34 -13.27
H252 CDL CB . -83.28 -15.38 -13.04
H251 CDL CB . -82.61 -14.85 -14.52
H262 CDL CB . -84.71 -13.72 -14.15
H261 CDL CB . -84.28 -13.23 -12.57
H273 CDL CB . -83.96 -11.22 -13.78
H272 CDL CB . -83.40 -12.04 -15.22
H271 CDL CB . -82.33 -11.84 -13.85
HA62 CDL CB . -87.74 -29.13 -5.09
HA61 CDL CB . -88.04 -30.79 -5.53
H312 CDL CB . -89.40 -29.73 -8.53
H311 CDL CB . -89.29 -31.41 -8.89
H322 CDL CB . -87.49 -30.85 -10.62
H321 CDL CB . -89.09 -30.36 -11.02
H332 CDL CB . -87.00 -28.54 -9.75
H331 CDL CB . -87.28 -28.64 -11.45
H342 CDL CB . -89.25 -27.66 -9.37
H341 CDL CB . -89.71 -27.96 -10.99
H352 CDL CB . -87.68 -25.94 -10.02
H351 CDL CB . -87.83 -26.33 -11.69
H362 CDL CB . -89.23 -24.52 -11.64
H361 CDL CB . -90.39 -25.75 -11.32
H372 CDL CB . -90.21 -25.33 -8.87
H371 CDL CB . -89.01 -24.14 -9.15
H382 CDL CB . -91.24 -23.15 -8.76
H381 CDL CB . -91.88 -23.97 -10.12
H392 CDL CB . -89.55 -22.06 -10.41
H391 CDL CB . -90.54 -22.69 -11.67
H402 CDL CB . -92.51 -21.45 -10.84
H401 CDL CB . -91.61 -20.87 -9.48
H412 CDL CB . -90.09 -19.59 -10.96
H411 CDL CB . -90.85 -20.25 -12.36
H422 CDL CB . -92.30 -18.55 -10.29
H421 CDL CB . -93.00 -19.14 -11.75
H432 CDL CB . -90.90 -17.00 -11.39
H431 CDL CB . -90.95 -17.83 -12.90
H442 CDL CB . -93.39 -17.21 -13.12
H441 CDL CB . -93.28 -16.34 -11.64
H452 CDL CB . -91.49 -14.87 -12.68
H451 CDL CB . -91.70 -15.72 -14.17
H462 CDL CB . -93.95 -14.23 -12.76
H461 CDL CB . -94.07 -15.00 -14.30
H473 CDL CB . -93.70 -12.66 -14.79
H472 CDL CB . -92.15 -13.40 -15.09
H471 CDL CB . -92.43 -12.52 -13.60
HB22 CDL CB . -86.49 -33.87 -8.31
HB21 CDL CB . -85.37 -35.20 -8.16
HB32 CDL CB . -84.62 -37.28 -11.59
HB31 CDL CB . -86.20 -36.56 -11.57
HB4 CDL CB . -84.82 -34.67 -10.19
H512 CDL CB . -86.87 -31.84 -12.85
H511 CDL CB . -87.18 -33.21 -13.86
H522 CDL CB . -84.34 -32.28 -13.27
H521 CDL CB . -84.82 -33.46 -14.42
H532 CDL CB . -86.04 -31.70 -15.72
H531 CDL CB . -85.55 -30.51 -14.58
H542 CDL CB . -83.77 -32.13 -16.41
H541 CDL CB . -83.12 -31.28 -15.07
H552 CDL CB . -84.35 -29.18 -16.06
H551 CDL CB . -82.84 -29.68 -16.70
H562 CDL CB . -84.41 -31.14 -18.35
H561 CDL CB . -85.56 -29.93 -17.94
H572 CDL CB . -82.98 -29.65 -19.42
H571 CDL CB . -83.44 -28.31 -18.43
H582 CDL CB . -84.99 -29.51 -20.74
H581 CDL CB . -85.71 -28.36 -19.67
H592 CDL CB . -83.54 -26.92 -20.21
H591 CDL CB . -83.39 -27.96 -21.57
H602 CDL CB . -85.99 -26.51 -21.02
H601 CDL CB . -85.50 -27.25 -22.50
H612 CDL CB . -85.30 -24.80 -22.61
H611 CDL CB . -84.26 -24.77 -21.24
H622 CDL CB . -82.57 -26.15 -22.54
H621 CDL CB . -83.60 -26.07 -23.91
H632 CDL CB . -83.46 -23.54 -23.79
H631 CDL CB . -82.32 -23.71 -22.52
H642 CDL CB . -81.94 -24.89 -25.29
H641 CDL CB . -80.78 -24.95 -24.02
H652 CDL CB . -80.42 -22.57 -24.07
H651 CDL CB . -81.82 -22.29 -25.04
H662 CDL CB . -79.78 -22.12 -26.39
H661 CDL CB . -80.80 -23.38 -26.98
H673 CDL CB . -79.39 -25.10 -26.06
H672 CDL CB . -78.31 -23.96 -26.81
H671 CDL CB . -78.51 -23.96 -25.08
HB62 CDL CB . -82.62 -35.74 -10.43
HB61 CDL CB . -82.84 -35.94 -12.14
H712 CDL CB . -81.75 -31.89 -12.22
H711 CDL CB . -80.15 -32.12 -11.62
H722 CDL CB . -79.51 -33.20 -13.80
H721 CDL CB . -81.09 -32.89 -14.41
H732 CDL CB . -80.55 -30.38 -13.71
H731 CDL CB . -78.90 -30.91 -13.76
H742 CDL CB . -80.91 -30.98 -16.03
H741 CDL CB . -79.54 -29.94 -15.90
H752 CDL CB . -79.41 -32.96 -16.17
H751 CDL CB . -78.03 -31.95 -16.06
H762 CDL CB . -78.23 -32.38 -18.36
H761 CDL CB . -79.95 -32.31 -18.34
H772 CDL CB . -78.35 -29.79 -17.82
H771 CDL CB . -78.53 -30.36 -19.43
H782 CDL CB . -80.84 -29.61 -17.58
H781 CDL CB . -81.04 -30.38 -19.10
H792 CDL CB . -80.21 -28.45 -20.28
H791 CDL CB . -81.37 -27.92 -19.12
H802 CDL CB . -78.44 -27.40 -19.16
H801 CDL CB . -79.09 -27.72 -17.62
H812 CDL CB . -79.05 -25.30 -18.17
H811 CDL CB . -80.59 -25.88 -17.66
H822 CDL CB . -81.03 -24.43 -19.49
H821 CDL CB . -81.30 -26.01 -20.10
H832 CDL CB . -78.59 -24.73 -20.48
H831 CDL CB . -79.90 -24.26 -21.47
H842 CDL CB . -80.21 -26.63 -22.22
H841 CDL CB . -78.90 -27.12 -21.22
H852 CDL CB . -77.27 -25.99 -22.49
H851 CDL CB . -78.42 -24.97 -23.25
H862 CDL CB . -78.41 -27.97 -23.71
H861 CDL CB . -79.27 -26.80 -24.62
H873 CDL CB . -76.23 -26.87 -24.47
H872 CDL CB . -77.18 -25.87 -25.55
H871 CDL CB . -77.17 -27.61 -25.75
C1 CDL DB . -87.37 -44.48 -14.58
O1 CDL DB . -87.99 -44.75 -13.32
CA2 CDL DB . -87.87 -45.47 -15.60
OA2 CDL DB . -89.29 -45.66 -15.42
PA1 CDL DB . -89.82 -47.09 -14.93
OA3 CDL DB . -88.90 -47.62 -13.91
OA4 CDL DB . -91.26 -46.95 -14.60
OA5 CDL DB . -89.68 -48.01 -16.23
CA3 CDL DB . -90.19 -47.56 -17.49
CA4 CDL DB . -89.46 -48.28 -18.60
OA6 CDL DB . -89.56 -47.45 -19.80
CA5 CDL DB . -88.74 -46.40 -19.90
OA7 CDL DB . -87.54 -46.49 -19.89
C11 CDL DB . -89.51 -45.12 -20.00
C12 CDL DB . -88.76 -43.92 -19.42
C13 CDL DB . -89.52 -42.62 -19.57
C14 CDL DB . -89.55 -42.06 -20.98
C15 CDL DB . -88.39 -41.17 -21.32
C16 CDL DB . -88.47 -40.53 -22.69
C17 CDL DB . -88.97 -39.09 -22.68
C18 CDL DB . -88.57 -38.30 -23.91
C19 CDL DB . -89.27 -38.72 -25.19
C20 CDL DB . -90.54 -37.93 -25.50
C21 CDL DB . -90.30 -36.59 -26.15
C22 CDL DB . -91.54 -35.96 -26.75
C23 CDL DB . -91.32 -34.58 -27.36
C24 CDL DB . -92.59 -33.77 -27.51
C25 CDL DB . -92.36 -32.34 -27.98
C26 CDL DB . -93.45 -31.38 -27.55
C27 CDL DB . -93.15 -29.94 -27.91
CA6 CDL DB . -90.07 -49.61 -18.91
OA8 CDL DB . -89.76 -49.94 -20.29
CA7 CDL DB . -89.05 -51.03 -20.52
OA9 CDL DB . -88.57 -51.73 -19.66
C31 CDL DB . -88.90 -51.29 -21.99
C32 CDL DB . -87.79 -50.46 -22.63
C33 CDL DB . -88.16 -49.00 -22.81
C34 CDL DB . -86.96 -48.10 -23.06
C35 CDL DB . -86.08 -48.53 -24.22
C36 CDL DB . -84.92 -47.60 -24.46
C37 CDL DB . -83.93 -48.08 -25.50
C38 CDL DB . -82.69 -47.22 -25.62
C39 CDL DB . -81.81 -47.52 -26.81
C40 CDL DB . -82.43 -47.12 -28.14
C41 CDL DB . -81.71 -47.69 -29.35
C42 CDL DB . -80.38 -47.03 -29.66
C43 CDL DB . -79.75 -47.52 -30.94
C44 CDL DB . -78.39 -46.91 -31.24
C45 CDL DB . -77.88 -47.21 -32.65
C46 CDL DB . -78.73 -46.60 -33.77
C47 CDL DB . -78.21 -46.91 -35.16
CB2 CDL DB . -85.88 -44.53 -14.40
OB2 CDL DB . -85.26 -44.44 -15.71
PB2 CDL DB . -83.92 -45.26 -16.01
OB3 CDL DB . -84.26 -46.69 -16.01
OB4 CDL DB . -82.83 -44.77 -15.13
OB5 CDL DB . -83.60 -44.84 -17.52
CB3 CDL DB . -84.64 -44.97 -18.52
CB4 CDL DB . -84.01 -45.13 -19.86
OB6 CDL DB . -83.35 -43.87 -20.21
CB5 CDL DB . -82.07 -43.73 -19.85
OB7 CDL DB . -81.28 -44.63 -19.80
C51 CDL DB . -81.75 -42.29 -19.54
C52 CDL DB . -80.90 -41.61 -20.59
C53 CDL DB . -79.41 -41.73 -20.31
C54 CDL DB . -78.59 -40.57 -20.83
C55 CDL DB . -78.84 -39.26 -20.12
C56 CDL DB . -78.18 -38.06 -20.78
C57 CDL DB . -78.54 -36.73 -20.15
C58 CDL DB . -80.00 -36.36 -20.30
C59 CDL DB . -80.32 -34.90 -20.04
C60 CDL DB . -81.62 -34.46 -20.68
C61 CDL DB . -82.09 -33.08 -20.24
C62 CDL DB . -83.28 -32.54 -21.03
C63 CDL DB . -83.06 -32.37 -22.53
C64 CDL DB . -82.22 -31.16 -22.93
C65 CDL DB . -80.72 -31.40 -22.90
C66 CDL DB . -79.91 -30.13 -23.06
C67 CDL DB . -78.52 -30.23 -22.44
CB6 CDL DB . -85.04 -45.40 -20.93
OB8 CDL DB . -84.52 -44.93 -22.20
CB7 CDL DB . -85.01 -43.79 -22.68
OB9 CDL DB . -85.51 -42.93 -21.99
C71 CDL DB . -84.84 -43.71 -24.16
C72 CDL DB . -83.39 -43.77 -24.60
C73 CDL DB . -82.64 -42.48 -24.35
C74 CDL DB . -82.41 -41.69 -25.62
C75 CDL DB . -81.71 -40.36 -25.39
C76 CDL DB . -82.56 -39.34 -24.68
C77 CDL DB . -82.11 -37.91 -24.89
C78 CDL DB . -80.85 -37.55 -24.12
C79 CDL DB . -80.35 -36.16 -24.41
C80 CDL DB . -79.81 -35.97 -25.81
C81 CDL DB . -80.33 -34.73 -26.52
C82 CDL DB . -81.79 -34.80 -26.94
C83 CDL DB . -82.24 -33.61 -27.76
C84 CDL DB . -83.68 -33.67 -28.24
C85 CDL DB . -83.91 -34.60 -29.41
C86 CDL DB . -84.94 -34.08 -30.40
C87 CDL DB . -85.21 -35.03 -31.56
H1 CDL DB . -87.72 -43.47 -14.79
H1O1 CDL DB . -88.95 -44.47 -13.39
HA22 CDL DB . -87.36 -46.43 -15.54
HA21 CDL DB . -87.73 -45.11 -16.62
HA32 CDL DB . -90.10 -46.48 -17.58
HA31 CDL DB . -91.26 -47.78 -17.53
HA4 CDL DB . -88.43 -48.42 -18.30
H112 CDL DB . -90.48 -45.20 -19.52
H111 CDL DB . -89.74 -44.96 -21.06
H122 CDL DB . -88.54 -44.12 -18.38
H121 CDL DB . -87.79 -43.85 -19.90
H132 CDL DB . -89.07 -41.88 -18.91
H131 CDL DB . -90.54 -42.74 -19.18
H142 CDL DB . -89.60 -42.90 -21.69
H141 CDL DB . -90.49 -41.53 -21.14
H152 CDL DB . -87.46 -41.73 -21.24
H151 CDL DB . -88.29 -40.39 -20.55
H162 CDL DB . -89.11 -41.13 -23.33
H161 CDL DB . -87.50 -40.57 -23.18
H172 CDL DB . -90.06 -39.09 -22.59
H171 CDL DB . -88.63 -38.58 -21.78
H182 CDL DB . -87.49 -38.37 -24.05
H181 CDL DB . -88.74 -37.23 -23.73
H192 CDL DB . -88.57 -38.61 -26.02
H191 CDL DB . -89.48 -39.78 -25.15
H202 CDL DB . -91.18 -38.54 -26.14
H201 CDL DB . -91.12 -37.81 -24.58
H212 CDL DB . -89.53 -36.68 -26.92
H211 CDL DB . -89.86 -35.90 -25.42
H222 CDL DB . -92.33 -35.90 -25.99
H221 CDL DB . -91.95 -36.63 -27.50
H232 CDL DB . -90.84 -34.69 -28.33
H231 CDL DB . -90.59 -34.04 -26.76
H242 CDL DB . -93.13 -33.75 -26.56
H241 CDL DB . -93.27 -34.27 -28.20
H252 CDL DB . -91.39 -31.98 -27.63
H251 CDL DB . -92.29 -32.33 -29.07
H262 CDL DB . -93.61 -31.45 -26.46
H261 CDL DB . -94.40 -31.67 -27.98
H273 CDL DB . -93.68 -29.24 -27.27
H272 CDL DB . -92.09 -29.71 -27.81
H271 CDL DB . -93.43 -29.71 -28.93
HA62 CDL DB . -89.70 -50.38 -18.23
HA61 CDL DB . -91.15 -49.59 -18.81
H312 CDL DB . -88.73 -52.34 -22.17
H311 CDL DB . -89.85 -51.07 -22.49
H322 CDL DB . -86.88 -50.55 -22.03
H321 CDL DB . -87.52 -50.90 -23.59
H332 CDL DB . -88.70 -48.64 -21.94
H331 CDL DB . -88.86 -48.90 -23.63
H342 CDL DB . -86.36 -48.03 -22.16
H341 CDL DB . -87.31 -47.08 -23.23
H352 CDL DB . -85.72 -49.54 -24.05
H351 CDL DB . -86.68 -48.61 -25.12
H362 CDL DB . -85.30 -46.63 -24.77
H361 CDL DB . -84.40 -47.41 -23.53
H372 CDL DB . -83.64 -49.12 -25.28
H371 CDL DB . -84.44 -48.15 -26.46
H382 CDL DB . -82.11 -47.29 -24.70
H381 CDL DB . -83.01 -46.18 -25.67
H392 CDL DB . -81.58 -48.58 -26.82
H391 CDL DB . -80.85 -47.03 -26.69
H402 CDL DB . -82.43 -46.03 -28.21
H401 CDL DB . -83.48 -47.40 -28.17
H412 CDL DB . -81.55 -48.75 -29.19
H411 CDL DB . -82.35 -47.64 -30.21
H422 CDL DB . -79.70 -47.16 -28.83
H421 CDL DB . -80.53 -45.95 -29.71
H432 CDL DB . -80.44 -47.32 -31.76
H431 CDL DB . -79.67 -48.60 -30.92
H442 CDL DB . -77.66 -47.29 -30.52
H441 CDL DB . -78.41 -45.84 -31.08
H452 CDL DB . -77.81 -48.28 -32.80
H451 CDL DB . -76.85 -46.86 -32.74
H462 CDL DB . -78.78 -45.51 -33.64
H461 CDL DB . -79.75 -46.93 -33.70
H473 CDL DB . -78.93 -46.68 -35.93
H472 CDL DB . -77.30 -46.37 -35.39
H471 CDL DB . -77.99 -47.98 -35.26
HB22 CDL DB . -85.55 -45.43 -13.90
HB21 CDL DB . -85.51 -43.68 -13.83
HB32 CDL DB . -85.26 -44.07 -18.48
HB31 CDL DB . -85.30 -45.79 -18.26
HB4 CDL DB . -83.28 -45.92 -19.82
H512 CDL DB . -82.70 -41.76 -19.41
H511 CDL DB . -81.27 -42.23 -18.56
H522 CDL DB . -81.19 -40.58 -20.70
H521 CDL DB . -81.12 -42.05 -21.56
H532 CDL DB . -79.04 -42.67 -20.73
H531 CDL DB . -79.24 -41.84 -19.24
H542 CDL DB . -77.53 -40.82 -20.79
H541 CDL DB . -78.77 -40.44 -21.90
H552 CDL DB . -79.90 -39.08 -20.02
H551 CDL DB . -78.50 -39.34 -19.09
H562 CDL DB . -78.43 -38.05 -21.84
H561 CDL DB . -77.10 -38.19 -20.77
H572 CDL DB . -78.28 -36.76 -19.09
H571 CDL DB . -77.91 -35.94 -20.56
H582 CDL DB . -80.61 -36.98 -19.64
H581 CDL DB . -80.34 -36.63 -21.30
H592 CDL DB . -80.33 -34.71 -18.97
H591 CDL DB . -79.50 -34.27 -20.40
H602 CDL DB . -81.51 -34.50 -21.76
H601 CDL DB . -82.39 -35.19 -20.46
H612 CDL DB . -82.38 -33.13 -19.19
H611 CDL DB . -81.27 -32.37 -20.23
H622 CDL DB . -84.14 -33.18 -20.87
H621 CDL DB . -83.59 -31.59 -20.61
H632 CDL DB . -84.03 -32.28 -23.02
H631 CDL DB . -82.63 -33.27 -22.97
H642 CDL DB . -82.48 -30.32 -22.30
H641 CDL DB . -82.50 -30.84 -23.93
H652 CDL DB . -80.45 -32.10 -23.69
H651 CDL DB . -80.43 -31.91 -21.99
H662 CDL DB . -80.44 -29.29 -22.62
H661 CDL DB . -79.81 -29.88 -24.11
H673 CDL DB . -77.74 -30.14 -23.19
H672 CDL DB . -78.36 -29.45 -21.71
H671 CDL DB . -78.36 -31.18 -21.94
HB62 CDL DB . -85.26 -46.45 -20.98
HB61 CDL DB . -85.97 -44.88 -20.73
H712 CDL DB . -85.42 -44.51 -24.62
H711 CDL DB . -85.30 -42.79 -24.55
H722 CDL DB . -82.90 -44.59 -24.07
H721 CDL DB . -83.33 -44.04 -25.65
H732 CDL DB . -81.70 -42.69 -23.86
H731 CDL DB . -83.20 -41.87 -23.64
H742 CDL DB . -83.36 -41.51 -26.13
H741 CDL DB . -81.84 -42.29 -26.32
H752 CDL DB . -81.37 -39.97 -26.35
H751 CDL DB . -80.80 -40.53 -24.83
H762 CDL DB . -82.58 -39.57 -23.62
H761 CDL DB . -83.61 -39.45 -25.00
H772 CDL DB . -81.96 -37.74 -25.96
H771 CDL DB . -82.91 -37.23 -24.62
H782 CDL DB . -81.04 -37.67 -23.06
H781 CDL DB . -80.06 -38.28 -24.34
H792 CDL DB . -79.57 -35.90 -23.69
H791 CDL DB . -81.14 -35.43 -24.21
H802 CDL DB . -78.72 -35.93 -25.77
H801 CDL DB . -80.02 -36.85 -26.41
H812 CDL DB . -79.71 -34.52 -27.39
H811 CDL DB . -80.19 -33.87 -25.87
H822 CDL DB . -81.98 -35.73 -27.48
H821 CDL DB . -82.41 -34.89 -26.05
H832 CDL DB . -81.58 -33.51 -28.62
H831 CDL DB . -82.08 -32.70 -27.19
H842 CDL DB . -84.02 -32.67 -28.50
H841 CDL DB . -84.32 -33.97 -27.40
H852 CDL DB . -82.97 -34.79 -29.93
H851 CDL DB . -84.22 -35.58 -29.05
H862 CDL DB . -84.62 -33.13 -30.80
H861 CDL DB . -85.87 -33.87 -29.88
H873 CDL DB . -86.13 -35.60 -31.41
H872 CDL DB . -84.41 -35.75 -31.69
H871 CDL DB . -85.32 -34.50 -32.50
C1 CDL EB . -60.99 -47.91 -20.35
O1 CDL EB . -62.12 -48.59 -19.79
CA2 CDL EB . -60.70 -46.67 -19.54
OA2 CDL EB . -61.93 -46.08 -19.11
PA1 CDL EB . -61.91 -44.80 -18.15
OA3 CDL EB . -63.21 -44.73 -17.44
OA4 CDL EB . -60.66 -44.82 -17.36
OA5 CDL EB . -61.86 -43.57 -19.16
CA3 CDL EB . -62.69 -42.41 -18.94
CA4 CDL EB . -61.96 -41.19 -19.45
OA6 CDL EB . -62.32 -40.05 -18.60
CA5 CDL EB . -63.58 -39.59 -18.65
OA7 CDL EB . -64.55 -40.29 -18.78
C11 CDL EB . -63.60 -38.09 -18.52
C12 CDL EB . -64.86 -37.45 -19.07
C13 CDL EB . -64.74 -35.94 -19.19
C14 CDL EB . -66.02 -35.23 -19.62
C15 CDL EB . -65.82 -33.77 -19.96
C16 CDL EB . -67.09 -32.92 -19.86
C17 CDL EB . -66.83 -31.43 -20.05
C18 CDL EB . -68.06 -30.55 -19.82
C19 CDL EB . -67.75 -29.06 -19.88
C20 CDL EB . -68.32 -28.27 -18.70
C21 CDL EB . -69.80 -27.91 -18.84
C22 CDL EB . -70.40 -27.35 -17.57
C23 CDL EB . -71.78 -26.75 -17.74
C24 CDL EB . -71.79 -25.37 -18.37
C25 CDL EB . -73.18 -24.83 -18.64
C26 CDL EB . -73.20 -23.43 -19.19
C27 CDL EB . -74.59 -22.93 -19.49
CA6 CDL EB . -62.33 -40.89 -20.87
OA8 CDL EB . -61.47 -39.82 -21.34
CA7 CDL EB . -60.32 -40.18 -21.92
OA9 CDL EB . -59.88 -41.30 -21.89
C31 CDL EB . -59.67 -39.02 -22.60
C32 CDL EB . -59.49 -39.24 -24.09
C33 CDL EB . -58.57 -38.21 -24.75
C34 CDL EB . -57.11 -38.40 -24.41
C35 CDL EB . -56.16 -37.66 -25.36
C36 CDL EB . -54.70 -38.03 -25.17
C37 CDL EB . -53.82 -37.63 -26.34
C38 CDL EB . -53.67 -36.13 -26.52
C39 CDL EB . -52.94 -35.72 -27.79
C40 CDL EB . -52.78 -34.23 -27.97
C41 CDL EB . -52.23 -33.82 -29.33
C42 CDL EB . -50.86 -34.41 -29.67
C43 CDL EB . -50.22 -33.81 -30.90
C44 CDL EB . -51.01 -34.01 -32.18
C45 CDL EB . -50.34 -33.41 -33.42
C46 CDL EB . -51.15 -33.55 -34.69
C47 CDL EB . -50.48 -32.92 -35.89
CB2 CDL EB . -61.26 -47.59 -21.80
OB2 CDL EB . -60.02 -47.67 -22.53
PB2 CDL EB . -60.04 -47.66 -24.12
OB3 CDL EB . -61.11 -48.59 -24.56
OB4 CDL EB . -58.66 -47.86 -24.63
OB5 CDL EB . -60.54 -46.19 -24.49
CB3 CDL EB . -59.67 -45.31 -25.26
CB4 CDL EB . -60.32 -43.97 -25.39
OB6 CDL EB . -59.26 -43.00 -25.69
CB5 CDL EB . -58.73 -43.01 -26.92
OB7 CDL EB . -58.90 -43.89 -27.72
C51 CDL EB . -57.91 -41.78 -27.17
C52 CDL EB . -58.14 -41.18 -28.55
C53 CDL EB . -57.17 -40.05 -28.88
C54 CDL EB . -57.34 -39.50 -30.28
C55 CDL EB . -56.17 -38.66 -30.76
C56 CDL EB . -55.99 -37.35 -29.99
C57 CDL EB . -57.08 -36.33 -30.22
C58 CDL EB . -57.28 -35.94 -31.67
C59 CDL EB . -58.14 -34.71 -31.88
C60 CDL EB . -58.36 -34.34 -33.33
C61 CDL EB . -59.03 -33.00 -33.55
C62 CDL EB . -59.25 -32.65 -35.01
C63 CDL EB . -59.86 -31.28 -35.25
C64 CDL EB . -58.96 -30.12 -34.85
C65 CDL EB . -59.50 -28.76 -35.31
C66 CDL EB . -58.63 -27.58 -34.90
C67 CDL EB . -59.17 -26.26 -35.40
CB6 CDL EB . -60.98 -43.53 -24.12
OB8 CDL EB . -62.39 -43.85 -24.21
CB7 CDL EB . -63.19 -42.96 -24.81
OB9 CDL EB . -62.78 -41.99 -25.38
C71 CDL EB . -64.63 -43.33 -24.65
C72 CDL EB . -64.96 -44.68 -25.26
C73 CDL EB . -66.36 -45.17 -24.93
C74 CDL EB . -67.47 -44.42 -25.64
C75 CDL EB . -68.86 -44.98 -25.36
C76 CDL EB . -70.00 -44.12 -25.86
C77 CDL EB . -70.15 -44.07 -27.37
C78 CDL EB . -71.32 -43.21 -27.83
C79 CDL EB . -71.20 -42.72 -29.26
C80 CDL EB . -71.42 -43.78 -30.31
C81 CDL EB . -72.89 -44.05 -30.62
C82 CDL EB . -73.12 -45.06 -31.73
C83 CDL EB . -72.66 -44.59 -33.10
C84 CDL EB . -73.00 -45.55 -34.22
C85 CDL EB . -72.17 -46.82 -34.24
C86 CDL EB . -70.74 -46.65 -34.72
C87 CDL EB . -70.65 -46.37 -36.20
H1 CDL EB . -60.21 -48.66 -20.24
H1O1 CDL EB . -61.80 -49.20 -19.08
HA22 CDL EB . -60.08 -46.87 -18.67
HA21 CDL EB . -60.17 -45.91 -20.11
HA32 CDL EB . -63.65 -42.54 -19.42
HA31 CDL EB . -62.87 -42.32 -17.87
HA4 CDL EB . -60.89 -41.38 -19.41
H112 CDL EB . -63.49 -37.80 -17.47
H111 CDL EB . -62.73 -37.69 -19.01
H122 CDL EB . -65.72 -37.71 -18.45
H121 CDL EB . -65.09 -37.88 -20.05
H132 CDL EB . -63.95 -35.70 -19.91
H131 CDL EB . -64.40 -35.53 -18.25
H142 CDL EB . -66.46 -35.75 -20.46
H141 CDL EB . -66.76 -35.34 -18.83
H152 CDL EB . -65.41 -33.68 -20.97
H151 CDL EB . -65.05 -33.34 -19.32
H162 CDL EB . -67.81 -33.26 -20.59
H161 CDL EB . -67.58 -33.09 -18.90
H172 CDL EB . -66.44 -31.25 -21.05
H171 CDL EB . -66.03 -31.11 -19.39
H182 CDL EB . -68.81 -30.79 -20.57
H181 CDL EB . -68.52 -30.81 -18.87
H192 CDL EB . -68.11 -28.65 -20.81
H191 CDL EB . -66.68 -28.91 -19.92
H202 CDL EB . -68.18 -28.84 -17.79
H201 CDL EB . -67.74 -27.36 -18.55
H212 CDL EB . -69.92 -27.20 -19.65
H211 CDL EB . -70.36 -28.79 -19.16
H222 CDL EB . -69.73 -26.58 -17.16
H221 CDL EB . -70.41 -28.12 -16.80
H232 CDL EB . -72.40 -27.44 -18.32
H231 CDL EB . -72.27 -26.71 -16.77
H242 CDL EB . -71.22 -25.39 -19.30
H241 CDL EB . -71.24 -24.68 -17.73
H252 CDL EB . -73.78 -24.87 -17.72
H251 CDL EB . -73.71 -25.49 -19.32
H262 CDL EB . -72.71 -22.74 -18.50
H261 CDL EB . -72.59 -23.37 -20.09
H273 CDL EB . -74.59 -21.95 -19.97
H272 CDL EB . -75.12 -23.60 -20.16
H271 CDL EB . -75.19 -22.84 -18.60
HA62 CDL EB . -63.38 -40.62 -20.99
HA61 CDL EB . -62.17 -41.76 -21.51
H312 CDL EB . -58.70 -38.82 -22.13
H311 CDL EB . -60.25 -38.13 -22.41
H322 CDL EB . -60.47 -39.23 -24.57
H321 CDL EB . -59.11 -40.24 -24.27
H332 CDL EB . -58.71 -38.24 -25.83
H331 CDL EB . -58.89 -37.21 -24.45
H342 CDL EB . -56.87 -39.45 -24.40
H341 CDL EB . -56.93 -38.06 -23.39
H352 CDL EB . -56.29 -36.59 -25.22
H351 CDL EB . -56.47 -37.85 -26.38
H362 CDL EB . -54.32 -37.59 -24.26
H361 CDL EB . -54.62 -39.10 -25.00
H372 CDL EB . -52.83 -38.07 -26.22
H371 CDL EB . -54.20 -38.06 -27.26
H382 CDL EB . -54.66 -35.66 -26.50
H381 CDL EB . -53.16 -35.70 -25.66
H392 CDL EB . -53.46 -36.14 -28.66
H391 CDL EB . -51.96 -36.21 -27.81
H402 CDL EB . -53.73 -33.74 -27.79
H401 CDL EB . -52.12 -33.84 -27.18
H412 CDL EB . -52.19 -32.72 -29.39
H411 CDL EB . -52.94 -34.09 -30.10
H422 CDL EB . -50.20 -34.28 -28.81
H421 CDL EB . -50.96 -35.48 -29.78
H432 CDL EB . -49.22 -34.22 -31.02
H431 CDL EB . -50.05 -32.74 -30.74
H442 CDL EB . -52.01 -33.59 -32.07
H441 CDL EB . -51.19 -35.07 -32.35
H452 CDL EB . -49.37 -33.87 -33.55
H451 CDL EB . -50.13 -32.36 -33.24
H462 CDL EB . -51.36 -34.60 -34.89
H461 CDL EB . -52.14 -33.10 -34.55
H473 CDL EB . -49.46 -33.29 -36.03
H472 CDL EB . -50.41 -31.84 -35.80
H471 CDL EB . -51.01 -33.12 -36.81
HB22 CDL EB . -61.98 -48.28 -22.23
HB21 CDL EB . -61.66 -46.59 -21.91
HB32 CDL EB . -58.72 -45.24 -24.73
HB31 CDL EB . -59.43 -45.77 -26.22
HB4 CDL EB . -61.02 -44.00 -26.22
H512 CDL EB . -58.15 -41.05 -26.40
H511 CDL EB . -56.85 -41.99 -27.03
H522 CDL EB . -58.06 -41.97 -29.30
H521 CDL EB . -59.16 -40.83 -28.64
H532 CDL EB . -57.30 -39.25 -28.16
H531 CDL EB . -56.15 -40.39 -28.74
H542 CDL EB . -58.27 -38.93 -30.35
H541 CDL EB . -57.49 -40.33 -30.98
H552 CDL EB . -55.26 -39.24 -30.70
H551 CDL EB . -56.28 -38.45 -31.82
H562 CDL EB . -55.87 -37.56 -28.93
H561 CDL EB . -55.02 -36.92 -30.28
H572 CDL EB . -56.87 -35.44 -29.64
H571 CDL EB . -58.02 -36.70 -29.79
H582 CDL EB . -57.73 -36.78 -32.22
H581 CDL EB . -56.32 -35.79 -32.14
H592 CDL EB . -57.70 -33.86 -31.35
H591 CDL EB . -59.11 -34.84 -31.38
H602 CDL EB . -57.40 -34.35 -33.86
H601 CDL EB . -58.94 -35.12 -33.83
H612 CDL EB . -59.99 -32.99 -33.04
H611 CDL EB . -58.47 -32.21 -33.06
H622 CDL EB . -59.86 -33.42 -35.49
H621 CDL EB . -58.30 -32.72 -35.55
H632 CDL EB . -60.80 -31.21 -34.71
H631 CDL EB . -60.14 -31.19 -36.30
H642 CDL EB . -58.83 -30.12 -33.78
H641 CDL EB . -57.97 -30.27 -35.26
H652 CDL EB . -59.62 -28.77 -36.38
H651 CDL EB . -60.50 -28.62 -34.92
H662 CDL EB . -58.53 -27.55 -33.82
H661 CDL EB . -57.61 -27.73 -35.26
H673 CDL EB . -58.47 -25.44 -35.21
H672 CDL EB . -59.36 -26.26 -36.47
H671 CDL EB . -60.10 -25.98 -34.92
HB62 CDL EB . -60.53 -44.04 -23.27
HB61 CDL EB . -60.88 -42.47 -23.95
H712 CDL EB . -65.24 -42.54 -25.11
H711 CDL EB . -64.91 -43.31 -23.61
H722 CDL EB . -64.84 -44.62 -26.34
H721 CDL EB . -64.22 -45.42 -24.95
H732 CDL EB . -66.51 -45.11 -23.86
H731 CDL EB . -66.44 -46.23 -25.15
H742 CDL EB . -67.45 -43.36 -25.36
H741 CDL EB . -67.29 -44.41 -26.71
H752 CDL EB . -68.97 -45.12 -24.28
H751 CDL EB . -68.94 -45.98 -25.76
H762 CDL EB . -69.86 -43.10 -25.50
H761 CDL EB . -70.93 -44.44 -25.41
H772 CDL EB . -70.27 -45.07 -27.76
H771 CDL EB . -69.23 -43.70 -27.82
H782 CDL EB . -71.43 -42.36 -27.16
H781 CDL EB . -72.25 -43.77 -27.72
H792 CDL EB . -71.91 -41.91 -29.42
H791 CDL EB . -70.23 -42.26 -29.41
H802 CDL EB . -70.89 -43.51 -31.22
H801 CDL EB . -70.95 -44.70 -30.00
H812 CDL EB . -73.38 -43.11 -30.86
H811 CDL EB . -73.39 -44.38 -29.71
H822 CDL EB . -74.17 -45.32 -31.77
H821 CDL EB . -72.62 -45.99 -31.48
H832 CDL EB . -71.58 -44.41 -33.09
H831 CDL EB . -73.10 -43.61 -33.31
H842 CDL EB . -72.89 -45.04 -35.19
H841 CDL EB . -74.05 -45.81 -34.17
H852 CDL EB . -72.67 -47.57 -34.84
H851 CDL EB . -72.16 -47.26 -33.23
H862 CDL EB . -70.15 -47.54 -34.48
H861 CDL EB . -70.26 -45.86 -34.16
H873 CDL EB . -69.61 -46.35 -36.54
H872 CDL EB . -71.08 -45.41 -36.46
H871 CDL EB . -71.16 -47.13 -36.78
C1 CDL FB . -74.70 -33.50 -3.21
O1 CDL FB . -74.86 -34.67 -2.41
CA2 CDL FB . -75.27 -33.74 -4.57
OA2 CDL FB . -76.56 -34.39 -4.42
PA1 CDL FB . -77.69 -34.15 -5.52
OA3 CDL FB . -77.11 -34.42 -6.84
OA4 CDL FB . -78.91 -34.90 -5.11
OA5 CDL FB . -77.98 -32.59 -5.40
CA3 CDL FB . -77.89 -31.72 -6.55
CA4 CDL FB . -79.25 -31.56 -7.16
OA6 CDL FB . -79.33 -30.20 -7.70
CA5 CDL FB . -78.51 -29.88 -8.71
OA7 CDL FB . -77.31 -30.04 -8.67
C11 CDL FB . -79.24 -29.27 -9.87
C12 CDL FB . -79.46 -27.78 -9.69
C13 CDL FB . -80.08 -27.09 -10.91
C14 CDL FB . -79.45 -27.49 -12.23
C15 CDL FB . -79.79 -26.55 -13.37
C16 CDL FB . -79.16 -26.95 -14.70
C17 CDL FB . -77.68 -26.63 -14.81
C18 CDL FB . -77.36 -25.14 -14.92
C19 CDL FB . -75.93 -24.86 -15.35
C20 CDL FB . -75.67 -23.42 -15.76
C21 CDL FB . -75.61 -22.43 -14.60
C22 CDL FB . -75.19 -21.02 -15.00
C23 CDL FB . -73.83 -20.94 -15.66
C24 CDL FB . -73.29 -19.53 -15.86
C25 CDL FB . -72.88 -18.82 -14.58
C26 CDL FB . -71.64 -19.39 -13.90
C27 CDL FB . -71.18 -18.56 -12.71
CA6 CDL FB . -80.33 -31.71 -6.14
OA8 CDL FB . -81.58 -31.30 -6.72
CA7 CDL FB . -82.32 -32.25 -7.30
OA9 CDL FB . -82.06 -33.42 -7.27
C31 CDL FB . -83.51 -31.64 -8.00
C32 CDL FB . -83.15 -31.10 -9.37
C33 CDL FB . -83.80 -29.76 -9.67
C34 CDL FB . -83.57 -29.27 -11.08
C35 CDL FB . -84.09 -27.87 -11.34
C36 CDL FB . -83.94 -27.43 -12.78
C37 CDL FB . -84.70 -26.18 -13.13
C38 CDL FB . -84.70 -25.87 -14.62
C39 CDL FB . -85.74 -24.85 -15.03
C40 CDL FB . -85.98 -24.79 -16.53
C41 CDL FB . -87.28 -24.12 -16.92
C42 CDL FB . -87.54 -24.15 -18.42
C43 CDL FB . -87.13 -22.88 -19.13
C44 CDL FB . -87.18 -22.97 -20.63
C45 CDL FB . -87.03 -21.64 -21.33
C46 CDL FB . -85.70 -20.95 -21.10
C47 CDL FB . -84.54 -21.64 -21.79
CB2 CDL FB . -73.23 -33.12 -3.24
OB2 CDL FB . -72.47 -34.22 -3.77
PB2 CDL FB . -71.18 -33.93 -4.68
OB3 CDL FB . -70.68 -35.23 -5.16
OB4 CDL FB . -70.27 -33.04 -3.92
OB5 CDL FB . -71.77 -33.13 -5.93
CB3 CDL FB . -71.10 -31.96 -6.41
CB4 CDL FB . -71.79 -31.47 -7.65
OB6 CDL FB . -72.81 -32.46 -8.00
CB5 CDL FB . -73.96 -32.01 -8.53
OB7 CDL FB . -74.37 -30.89 -8.40
C51 CDL FB . -74.66 -33.09 -9.29
C52 CDL FB . -75.63 -32.57 -10.35
C53 CDL FB . -74.93 -31.93 -11.55
C54 CDL FB . -75.91 -31.44 -12.61
C55 CDL FB . -75.47 -30.17 -13.33
C56 CDL FB . -74.67 -30.40 -14.60
C57 CDL FB . -75.50 -30.98 -15.73
C58 CDL FB . -74.77 -31.05 -17.07
C59 CDL FB . -75.01 -29.86 -17.98
C60 CDL FB . -75.30 -30.25 -19.42
C61 CDL FB . -75.12 -29.12 -20.42
C62 CDL FB . -73.70 -29.00 -20.95
C63 CDL FB . -73.41 -27.69 -21.64
C64 CDL FB . -71.95 -27.52 -22.04
C65 CDL FB . -71.56 -26.08 -22.36
C66 CDL FB . -70.13 -25.93 -22.82
C67 CDL FB . -69.80 -24.52 -23.25
CB6 CDL FB . -70.85 -31.37 -8.83
OB8 CDL FB . -70.97 -30.05 -9.41
CB7 CDL FB . -71.07 -29.98 -10.75
OB9 CDL FB . -70.99 -30.93 -11.47
C71 CDL FB . -71.30 -28.57 -11.21
C72 CDL FB . -71.24 -28.42 -12.72
C73 CDL FB . -72.08 -27.26 -13.25
C74 CDL FB . -71.32 -25.97 -13.44
C75 CDL FB . -72.22 -24.76 -13.59
C76 CDL FB . -71.49 -23.45 -13.85
C77 CDL FB . -71.01 -23.28 -15.28
C78 CDL FB . -70.25 -21.98 -15.52
C79 CDL FB . -69.03 -22.13 -16.42
C80 CDL FB . -69.34 -22.21 -17.90
C81 CDL FB . -68.41 -23.13 -18.64
C82 CDL FB . -68.24 -22.81 -20.12
C83 CDL FB . -67.40 -23.86 -20.86
C84 CDL FB . -66.71 -23.34 -22.11
C85 CDL FB . -65.87 -24.39 -22.82
C86 CDL FB . -64.82 -25.05 -21.95
C87 CDL FB . -63.86 -25.94 -22.71
H1 CDL FB . -75.27 -32.76 -2.65
H1O1 CDL FB . -75.22 -35.39 -2.99
HA22 CDL FB . -74.64 -34.36 -5.20
HA21 CDL FB . -75.46 -32.82 -5.13
HA32 CDL FB . -77.47 -30.75 -6.25
HA31 CDL FB . -77.19 -32.14 -7.26
HA4 CDL FB . -79.39 -32.30 -7.94
H112 CDL FB . -80.20 -29.76 -10.01
H111 CDL FB . -78.68 -29.49 -10.76
H122 CDL FB . -80.09 -27.61 -8.82
H121 CDL FB . -78.51 -27.30 -9.44
H132 CDL FB . -81.14 -27.29 -10.93
H131 CDL FB . -79.99 -26.02 -10.79
H142 CDL FB . -78.38 -27.58 -12.12
H141 CDL FB . -79.78 -28.51 -12.48
H152 CDL FB . -80.87 -26.50 -13.50
H151 CDL FB . -79.49 -25.54 -13.11
H162 CDL FB . -79.31 -28.02 -14.87
H161 CDL FB . -79.70 -26.47 -15.51
H172 CDL FB . -77.24 -27.16 -15.65
H171 CDL FB . -77.15 -27.03 -13.95
H182 CDL FB . -78.05 -24.68 -15.63
H181 CDL FB . -77.56 -24.65 -13.97
H192 CDL FB . -75.25 -25.14 -14.54
H191 CDL FB . -75.65 -25.52 -16.16
H202 CDL FB . -76.44 -23.11 -16.45
H201 CDL FB . -74.75 -23.38 -16.34
H212 CDL FB . -74.95 -22.81 -13.83
H211 CDL FB . -76.59 -22.39 -14.11
H222 CDL FB . -75.21 -20.39 -14.12
H221 CDL FB . -75.95 -20.59 -15.65
H232 CDL FB . -73.11 -21.53 -15.10
H231 CDL FB . -73.87 -21.44 -16.63
H242 CDL FB . -72.45 -19.55 -16.55
H241 CDL FB . -74.04 -18.93 -16.38
H252 CDL FB . -73.69 -18.81 -13.87
H251 CDL FB . -72.70 -17.77 -14.80
H262 CDL FB . -71.83 -20.41 -13.57
H261 CDL FB . -70.82 -19.48 -14.62
H273 CDL FB . -70.46 -19.10 -12.09
H272 CDL FB . -70.69 -17.64 -13.02
H271 CDL FB . -72.01 -18.27 -12.07
HA62 CDL FB . -80.38 -32.74 -5.77
HA61 CDL FB . -80.13 -31.07 -5.27
H312 CDL FB . -84.30 -32.39 -8.09
H311 CDL FB . -83.91 -30.85 -7.38
H322 CDL FB . -83.43 -31.83 -10.13
H321 CDL FB . -82.07 -31.01 -9.47
H332 CDL FB . -84.87 -29.84 -9.47
H331 CDL FB . -83.45 -29.03 -8.96
H342 CDL FB . -84.03 -29.97 -11.79
H341 CDL FB . -82.51 -29.32 -11.30
H352 CDL FB . -85.14 -27.80 -11.04
H351 CDL FB . -83.59 -27.17 -10.69
H362 CDL FB . -82.89 -27.30 -13.01
H361 CDL FB . -84.26 -28.25 -13.44
H372 CDL FB . -85.73 -26.26 -12.76
H371 CDL FB . -84.29 -25.33 -12.59
H382 CDL FB . -83.71 -25.53 -14.91
H381 CDL FB . -84.85 -26.79 -15.18
H392 CDL FB . -85.45 -23.86 -14.67
H391 CDL FB . -86.68 -25.04 -14.53
H402 CDL FB . -85.93 -25.80 -16.94
H401 CDL FB . -85.14 -24.28 -17.01
H412 CDL FB . -87.28 -23.10 -16.56
H411 CDL FB . -88.10 -24.60 -16.39
H422 CDL FB . -88.60 -24.36 -18.59
H421 CDL FB . -87.03 -25.00 -18.86
H432 CDL FB . -87.78 -22.07 -18.80
H431 CDL FB . -86.14 -22.59 -18.80
H442 CDL FB . -88.11 -23.44 -20.95
H441 CDL FB . -86.41 -23.66 -20.98
H452 CDL FB . -87.18 -21.78 -22.41
H451 CDL FB . -87.84 -20.98 -21.04
H462 CDL FB . -85.50 -20.88 -20.03
H461 CDL FB . -85.75 -19.92 -21.43
H473 CDL FB . -84.11 -22.43 -21.19
H472 CDL FB . -84.85 -22.09 -22.73
H471 CDL FB . -83.74 -20.94 -22.03
HB22 CDL FB . -73.06 -32.23 -3.85
HB21 CDL FB . -72.86 -32.91 -2.24
HB32 CDL FB . -70.06 -32.23 -6.61
HB31 CDL FB . -71.07 -31.20 -5.64
HB4 CDL FB . -72.26 -30.51 -7.43
H512 CDL FB . -75.19 -33.72 -8.58
H511 CDL FB . -73.93 -33.75 -9.77
H522 CDL FB . -76.28 -33.38 -10.68
H521 CDL FB . -76.30 -31.86 -9.89
H532 CDL FB . -74.25 -32.64 -11.99
H531 CDL FB . -74.30 -31.11 -11.21
H542 CDL FB . -76.90 -31.30 -12.16
H541 CDL FB . -76.06 -32.24 -13.33
H552 CDL FB . -74.90 -29.53 -12.64
H551 CDL FB . -76.35 -29.57 -13.56
H562 CDL FB . -73.82 -31.04 -14.39
H561 CDL FB . -74.22 -29.47 -14.92
H572 CDL FB . -75.84 -31.98 -15.47
H571 CDL FB . -76.41 -30.41 -15.84
H582 CDL FB . -75.03 -31.97 -17.58
H581 CDL FB . -73.71 -31.15 -16.88
H592 CDL FB . -74.15 -29.18 -17.94
H591 CDL FB . -75.83 -29.25 -17.59
H602 CDL FB . -76.32 -30.64 -19.50
H601 CDL FB . -74.67 -31.08 -19.71
H612 CDL FB . -75.41 -28.17 -19.96
H611 CDL FB . -75.82 -29.23 -21.25
H622 CDL FB . -72.99 -29.17 -20.14
H621 CDL FB . -73.51 -29.83 -21.64
H632 CDL FB . -74.03 -27.61 -22.53
H631 CDL FB . -73.72 -26.85 -21.02
H642 CDL FB . -71.30 -27.92 -21.27
H641 CDL FB . -71.74 -28.14 -22.91
H652 CDL FB . -71.74 -25.46 -21.49
H651 CDL FB . -72.24 -25.68 -23.11
H662 CDL FB . -69.45 -26.24 -22.02
H661 CDL FB . -69.92 -26.62 -23.64
H673 CDL FB . -68.81 -24.44 -23.67
H672 CDL FB . -69.85 -23.81 -22.41
H671 CDL FB . -70.49 -24.15 -24.01
HB62 CDL FB . -71.07 -32.14 -9.56
HB61 CDL FB . -69.81 -31.50 -8.54
H712 CDL FB . -70.55 -27.94 -10.74
H711 CDL FB . -72.25 -28.20 -10.82
H722 CDL FB . -71.55 -29.36 -13.19
H721 CDL FB . -70.21 -28.29 -13.03
H732 CDL FB . -72.92 -27.10 -12.59
H731 CDL FB . -72.54 -27.56 -14.20
H742 CDL FB . -70.67 -26.06 -14.31
H741 CDL FB . -70.63 -25.83 -12.60
H752 CDL FB . -72.93 -24.93 -14.39
H751 CDL FB . -72.84 -24.65 -12.70
H762 CDL FB . -72.13 -22.62 -13.56
H761 CDL FB . -70.64 -23.37 -13.17
H772 CDL FB . -71.87 -23.33 -15.95
H771 CDL FB . -70.39 -24.13 -15.56
H782 CDL FB . -69.95 -21.55 -14.56
H781 CDL FB . -70.93 -21.24 -15.95
H792 CDL FB . -68.47 -23.01 -16.13
H791 CDL FB . -68.35 -21.30 -16.24
H802 CDL FB . -69.29 -21.20 -18.33
H801 CDL FB . -70.37 -22.51 -18.05
H812 CDL FB . -68.74 -24.17 -18.53
H811 CDL FB . -67.43 -23.12 -18.16
H822 CDL FB . -69.21 -22.70 -20.60
H821 CDL FB . -67.77 -21.83 -20.22
H832 CDL FB . -66.67 -24.26 -20.17
H831 CDL FB . -68.03 -24.70 -21.11
H842 CDL FB . -66.08 -22.48 -21.86
H841 CDL FB . -67.45 -22.93 -22.79
H852 CDL FB . -65.39 -23.93 -23.68
H851 CDL FB . -66.52 -25.14 -23.25
H862 CDL FB . -64.24 -24.29 -21.41
H861 CDL FB . -65.29 -25.63 -21.16
H873 CDL FB . -64.38 -26.74 -23.25
H872 CDL FB . -63.14 -26.42 -22.06
H871 CDL FB . -63.30 -25.39 -23.47
C1B LMT GB . -105.43 -48.74 -12.78
C2B LMT GB . -106.34 -47.58 -12.36
C3B LMT GB . -105.77 -46.88 -11.14
C4B LMT GB . -105.50 -47.89 -10.03
C5B LMT GB . -104.59 -48.98 -10.57
C6B LMT GB . -104.30 -50.06 -9.54
O1B LMT GB . -104.21 -48.20 -13.21
O2B LMT GB . -106.43 -46.64 -13.44
O3B LMT GB . -106.67 -45.88 -10.68
O4' LMT GB . -104.87 -47.25 -8.92
O5B LMT GB . -105.22 -49.61 -11.68
O6B LMT GB . -105.50 -50.73 -9.15
C1' LMT GB . -101.88 -48.10 -16.60
C2' LMT GB . -103.39 -48.06 -16.87
C3' LMT GB . -104.14 -47.75 -15.58
C4' LMT GB . -103.67 -48.67 -14.45
C5' LMT GB . -102.16 -48.62 -14.33
C6' LMT GB . -101.58 -49.50 -13.25
O1' LMT GB . -101.24 -48.53 -17.75
O2' LMT GB . -103.66 -47.05 -17.83
O3' LMT GB . -105.54 -47.88 -15.79
O5' LMT GB . -101.59 -49.04 -15.57
O6' LMT GB . -101.82 -50.87 -13.51
C1 LMT GB . -99.83 -48.60 -17.61
C2 LMT GB . -99.24 -47.86 -18.76
C3 LMT GB . -97.76 -47.69 -18.70
C4 LMT GB . -97.27 -46.78 -19.78
C5 LMT GB . -95.83 -46.43 -19.65
C6 LMT GB . -95.37 -45.46 -20.68
C7 LMT GB . -93.91 -45.17 -20.54
C8 LMT GB . -93.37 -44.38 -21.69
C9 LMT GB . -93.88 -42.97 -21.74
C10 LMT GB . -93.29 -42.23 -22.89
C11 LMT GB . -93.69 -40.79 -22.97
C12 LMT GB . -93.09 -40.15 -24.16
H1B LMT GB . -105.92 -49.39 -13.50
H2B LMT GB . -107.33 -47.95 -12.16
H3B LMT GB . -104.82 -46.40 -11.38
H4B LMT GB . -106.44 -48.33 -9.71
H5B LMT GB . -103.64 -48.54 -10.86
H6'2 LMT GB . -103.67 -50.85 -9.95
H6'1 LMT GB . -103.78 -49.64 -8.68
H1' LMT GB . -101.52 -47.13 -16.31
H2' LMT GB . -103.72 -49.01 -17.26
H3' LMT GB . -103.92 -46.73 -15.28
H4' LMT GB . -103.99 -49.69 -14.66
H5' LMT GB . -101.86 -47.59 -14.15
H6D LMT GB . -100.49 -49.41 -13.27
H6E LMT GB . -101.91 -49.20 -12.27
H12 LMT GB . -99.48 -49.62 -17.59
H11 LMT GB . -99.52 -48.15 -16.66
H22 LMT GB . -99.70 -46.87 -18.84
H21 LMT GB . -99.51 -48.35 -19.70
H32 LMT GB . -97.25 -48.65 -18.79
H31 LMT GB . -97.44 -47.30 -17.74
H42 LMT GB . -97.87 -45.87 -19.78
H41 LMT GB . -97.46 -47.23 -20.75
H52 LMT GB . -95.23 -47.34 -19.72
H51 LMT GB . -95.64 -46.04 -18.66
H62 LMT GB . -95.95 -44.54 -20.59
H61 LMT GB . -95.59 -45.83 -21.67
H72 LMT GB . -93.37 -46.11 -20.46
H71 LMT GB . -93.73 -44.66 -19.61
H82 LMT GB . -93.64 -44.88 -22.62
H81 LMT GB . -92.29 -44.39 -21.68
H92 LMT GB . -93.66 -42.45 -20.80
H91 LMT GB . -94.96 -42.95 -21.81
H102 LMT GB . -93.55 -42.74 -23.82
H101 LMT GB . -92.21 -42.31 -22.84
H112 LMT GB . -93.39 -40.27 -22.07
H111 LMT GB . -94.77 -40.71 -23.00
H123 LMT GB . -93.35 -39.10 -24.23
H122 LMT GB . -93.43 -40.62 -25.09
H121 LMT GB . -92.00 -40.22 -24.15
C13 Q7G HB . -70.12 -38.52 -42.03
C15 Q7G HB . -69.49 -37.93 -39.68
C16 Q7G HB . -71.19 -38.83 -43.06
C17 Q7G HB . -70.83 -40.05 -43.89
C01 Q7G HB . -65.55 -35.76 -40.05
C03 Q7G HB . -64.93 -37.35 -38.14
C04 Q7G HB . -65.95 -36.84 -37.11
C06 Q7G HB . -67.10 -37.55 -39.08
C07 Q7G HB . -68.13 -37.51 -40.21
C08 Q7G HB . -67.69 -38.45 -41.33
C10 Q7G HB . -65.26 -38.21 -40.58
C18 Q7G HB . -69.45 -39.93 -44.49
C19 Q7G HB . -68.41 -39.71 -43.40
CG1 Q7G HB . -72.12 -41.52 -45.31
C02 Q7G HB . -65.65 -37.20 -39.50
C05 Q7G HB . -67.31 -36.71 -37.81
C09 Q7G HB . -66.23 -38.21 -41.75
C11 Q7G HB . -68.69 -38.47 -42.54
C12 Q7G HB . -68.53 -37.20 -43.41
C14 Q7G HB . -70.46 -38.29 -40.77
C1B Q7G HB . -74.97 -37.75 -47.98
C22 Q7G HB . -72.40 -41.58 -46.80
C23 Q7G HB . -73.65 -40.80 -47.26
C24 Q7G HB . -73.29 -39.44 -47.83
C2B Q7G HB . -74.67 -36.57 -48.91
C3B Q7G HB . -75.34 -35.30 -48.38
C48 Q7G HB . -74.74 -40.69 -46.22
C4B Q7G HB . -76.83 -35.56 -48.17
C5B Q7G HB . -77.04 -36.78 -47.28
C6B Q7G HB . -78.49 -37.14 -47.12
C73 Q7G HB . -64.02 -35.75 -36.59
C74 Q7G HB . -63.65 -36.56 -37.83
C75 Q7G HB . -62.39 -37.42 -37.68
C76 Q7G HB . -63.37 -34.39 -36.47
C77 Q7G HB . -63.70 -33.71 -35.13
C78 Q7G HB . -63.42 -34.64 -33.96
C79 Q7G HB . -64.11 -35.96 -34.21
C81 Q7G HB . -63.87 -34.04 -32.64
O1 Q7G HB . -77.37 -34.40 -47.54
O1B Q7G HB . -74.41 -38.90 -48.54
O1C Q7G HB . -75.11 -41.98 -45.75
O20 Q7G HB . -71.79 -40.18 -44.94
O2B Q7G HB . -73.25 -36.38 -48.98
O3B Q7G HB . -75.14 -34.23 -49.31
O5B Q7G HB . -76.38 -37.92 -47.85
O6B Q7G HB . -78.65 -38.28 -46.28
O72 Q7G HB . -65.43 -35.58 -36.68
O80 Q7G HB . -63.71 -36.55 -35.45
H1 Q7G HB . -69.92 -37.14 -39.06
H2 Q7G HB . -69.41 -38.79 -39.01
H3 Q7G HB . -71.33 -37.95 -43.70
H4 Q7G HB . -72.15 -38.97 -42.60
H5 Q7G HB . -70.88 -40.91 -43.21
H6 Q7G HB . -64.57 -35.56 -40.48
H7 Q7G HB . -66.27 -35.56 -40.84
H8 Q7G HB . -65.73 -35.01 -39.28
H9 Q7G HB . -64.73 -38.42 -37.98
H10 Q7G HB . -66.03 -37.49 -36.24
H11 Q7G HB . -67.09 -38.58 -38.74
H12 Q7G HB . -68.21 -36.49 -40.59
H13 Q7G HB . -67.72 -39.46 -40.91
H14 Q7G HB . -65.19 -39.21 -40.16
H15 Q7G HB . -64.25 -38.00 -40.94
H16 Q7G HB . -69.43 -39.13 -45.23
H17 Q7G HB . -69.18 -40.82 -45.05
H18 Q7G HB . -67.42 -39.66 -43.85
H19 Q7G HB . -68.38 -40.61 -42.76
H20 Q7G HB . -71.20 -42.05 -45.05
H21 Q7G HB . -72.92 -41.91 -44.69
H22 Q7G HB . -68.12 -37.08 -37.20
H23 Q7G HB . -67.57 -35.68 -38.04
H24 Q7G HB . -66.13 -37.28 -42.30
H25 Q7G HB . -65.91 -38.99 -42.46
H27 Q7G HB . -67.58 -37.18 -43.94
H28 Q7G HB . -68.61 -36.29 -42.83
H29 Q7G HB . -69.29 -37.13 -44.19
H30 Q7G HB . -71.49 -38.36 -40.45
H31 Q7G HB . -74.70 -37.55 -46.95
H35 Q7G HB . -71.53 -41.24 -47.35
H36 Q7G HB . -72.54 -42.61 -47.11
H37 Q7G HB . -74.04 -41.37 -48.10
H38 Q7G HB . -73.00 -38.76 -47.03
H39 Q7G HB . -72.43 -39.53 -48.49
H40 Q7G HB . -74.94 -36.79 -49.93
H44 Q7G HB . -74.86 -34.93 -47.49
H48 Q7G HB . -75.58 -40.11 -46.57
H49 Q7G HB . -74.38 -40.22 -45.31
H50 Q7G HB . -77.33 -35.73 -49.13
H54 Q7G HB . -76.61 -36.62 -46.30
H60 Q7G HB . -79.03 -36.36 -46.58
H61 Q7G HB . -78.99 -37.24 -48.08
H64 Q7G HB . -63.41 -35.85 -38.62
H65 Q7G HB . -62.48 -38.17 -36.90
H66 Q7G HB . -62.17 -37.95 -38.60
H67 Q7G HB . -61.53 -36.82 -37.43
H68 Q7G HB . -63.69 -33.75 -37.29
H69 Q7G HB . -62.30 -34.51 -36.58
H70 Q7G HB . -64.75 -33.41 -35.13
H71 Q7G HB . -63.13 -32.79 -35.03
H72 Q7G HB . -62.35 -34.83 -33.91
H73 Q7G HB . -63.83 -36.72 -33.48
H74 Q7G HB . -65.19 -35.86 -34.16
H75 Q7G HB . -64.94 -33.82 -32.62
H76 Q7G HB . -63.36 -33.10 -32.43
H77 Q7G HB . -63.68 -34.70 -31.79
H81 Q7G HB . -72.98 -35.76 -48.26
H85 Q7G HB . -75.48 -33.41 -48.87
H91 Q7G HB . -77.73 -38.59 -46.06
C1 CDL IB . -46.27 -44.18 -19.69
O1 CDL IB . -46.88 -45.29 -20.33
CA2 CDL IB . -47.25 -43.04 -19.65
OA2 CDL IB . -46.58 -41.84 -19.21
PA1 CDL IB . -47.38 -40.76 -18.35
OA3 CDL IB . -48.75 -40.67 -18.85
OA4 CDL IB . -47.15 -41.05 -16.91
OA5 CDL IB . -46.65 -39.39 -18.72
CA3 CDL IB . -46.60 -38.97 -20.10
CA4 CDL IB . -46.56 -37.47 -20.15
OA6 CDL IB . -45.81 -36.99 -18.98
CA5 CDL IB . -45.21 -35.79 -19.08
OA7 CDL IB . -45.64 -34.89 -19.75
C11 CDL IB . -43.98 -35.74 -18.25
C12 CDL IB . -42.72 -36.17 -19.00
C13 CDL IB . -42.25 -35.13 -20.00
C14 CDL IB . -40.86 -35.40 -20.54
C15 CDL IB . -40.03 -34.14 -20.78
C16 CDL IB . -40.22 -33.53 -22.16
C17 CDL IB . -39.19 -32.47 -22.52
C18 CDL IB . -37.77 -32.98 -22.64
C19 CDL IB . -36.83 -32.01 -23.31
C20 CDL IB . -35.38 -32.48 -23.37
C21 CDL IB . -34.51 -31.72 -24.36
C22 CDL IB . -34.38 -30.23 -24.04
C23 CDL IB . -33.78 -29.41 -25.17
C24 CDL IB . -32.35 -29.78 -25.52
C25 CDL IB . -31.67 -28.76 -26.43
C26 CDL IB . -30.17 -28.97 -26.60
C27 CDL IB . -29.51 -27.81 -27.31
CA6 CDL IB . -47.96 -36.88 -20.05
OA8 CDL IB . -48.62 -37.07 -21.32
CA7 CDL IB . -48.36 -36.18 -22.28
OA9 CDL IB . -47.72 -35.18 -22.11
C31 CDL IB . -48.96 -36.62 -23.59
C32 CDL IB . -49.87 -35.57 -24.22
C33 CDL IB . -49.18 -34.24 -24.43
C34 CDL IB . -49.85 -33.33 -25.46
C35 CDL IB . -49.15 -32.01 -25.66
C36 CDL IB . -49.55 -31.25 -26.92
C37 CDL IB . -51.00 -30.76 -26.92
C38 CDL IB . -51.25 -29.67 -27.95
C39 CDL IB . -52.69 -29.15 -27.96
C40 CDL IB . -53.67 -30.03 -28.73
C41 CDL IB . -53.45 -30.03 -30.23
C42 CDL IB . -54.59 -30.69 -31.02
C43 CDL IB . -54.38 -30.69 -32.52
C44 CDL IB . -55.53 -31.32 -33.29
C45 CDL IB . -55.32 -31.38 -34.79
C46 CDL IB . -55.19 -30.02 -35.46
C47 CDL IB . -55.30 -30.09 -36.96
CB2 CDL IB . -44.98 -43.84 -20.41
OB2 CDL IB . -44.27 -45.07 -20.68
PB2 CDL IB . -42.68 -45.09 -20.65
OB3 CDL IB . -42.25 -46.43 -21.11
OB4 CDL IB . -42.22 -44.61 -19.32
OB5 CDL IB . -42.24 -44.03 -21.75
CB3 CDL IB . -41.03 -43.27 -21.56
CB4 CDL IB . -41.40 -41.93 -20.98
OB6 CDL IB . -42.14 -41.21 -22.02
CB5 CDL IB . -43.15 -40.41 -21.61
OB7 CDL IB . -43.39 -40.19 -20.45
C51 CDL IB . -43.90 -39.85 -22.78
C52 CDL IB . -43.82 -38.34 -22.83
C53 CDL IB . -44.56 -37.75 -24.02
C54 CDL IB . -44.56 -36.24 -24.05
C55 CDL IB . -45.10 -35.64 -25.33
C56 CDL IB . -44.97 -34.13 -25.38
C57 CDL IB . -45.10 -33.55 -26.78
C58 CDL IB . -44.75 -32.08 -26.85
C59 CDL IB . -44.42 -31.59 -28.25
C60 CDL IB . -45.60 -31.63 -29.21
C61 CDL IB . -45.25 -31.13 -30.60
C62 CDL IB . -46.45 -30.90 -31.50
C63 CDL IB . -46.10 -30.21 -32.81
C64 CDL IB . -47.30 -29.76 -33.62
C65 CDL IB . -46.95 -28.82 -34.76
C66 CDL IB . -48.15 -28.22 -35.47
C67 CDL IB . -47.76 -27.10 -36.41
CB6 CDL IB . -40.20 -41.11 -20.62
OB8 CDL IB . -39.87 -40.25 -21.73
CB7 CDL IB . -38.97 -40.70 -22.60
OB9 CDL IB . -38.44 -41.78 -22.52
C71 CDL IB . -38.71 -39.70 -23.69
C72 CDL IB . -39.40 -40.04 -25.00
C73 CDL IB . -38.96 -41.37 -25.59
C74 CDL IB . -39.62 -41.70 -26.91
C75 CDL IB . -39.15 -43.00 -27.55
C76 CDL IB . -37.67 -43.03 -27.89
C77 CDL IB . -37.27 -44.10 -28.90
C78 CDL IB . -37.40 -45.52 -28.37
C79 CDL IB . -36.36 -45.88 -27.32
C80 CDL IB . -35.74 -47.26 -27.47
C81 CDL IB . -36.56 -48.41 -26.88
C82 CDL IB . -37.88 -48.67 -27.60
C83 CDL IB . -38.60 -49.90 -27.06
C84 CDL IB . -40.05 -50.01 -27.53
C85 CDL IB . -40.87 -51.02 -26.72
C86 CDL IB . -42.35 -50.99 -27.05
C87 CDL IB . -43.15 -51.90 -26.14
H1 CDL IB . -46.06 -44.57 -18.70
H1O1 CDL IB . -46.76 -46.09 -19.75
HA22 CDL IB . -48.08 -43.23 -18.99
HA21 CDL IB . -47.67 -42.83 -20.63
HA32 CDL IB . -47.44 -39.37 -20.65
HA31 CDL IB . -45.70 -39.38 -20.55
HA4 CDL IB . -46.11 -37.13 -21.07
H112 CDL IB . -44.08 -36.35 -17.35
H111 CDL IB . -43.86 -34.73 -17.88
H122 CDL IB . -41.93 -36.40 -18.29
H121 CDL IB . -42.91 -37.11 -19.51
H132 CDL IB . -42.28 -34.15 -19.54
H131 CDL IB . -42.95 -35.08 -20.82
H142 CDL IB . -40.32 -36.06 -19.87
H141 CDL IB . -40.94 -35.96 -21.46
H152 CDL IB . -38.98 -34.36 -20.62
H151 CDL IB . -40.27 -33.40 -20.02
H162 CDL IB . -41.22 -33.12 -22.23
H161 CDL IB . -40.21 -34.33 -22.91
H172 CDL IB . -39.23 -31.66 -21.78
H171 CDL IB . -39.49 -31.99 -23.45
H182 CDL IB . -37.40 -33.22 -21.64
H181 CDL IB . -37.77 -33.93 -23.17
H192 CDL IB . -37.18 -31.80 -24.33
H191 CDL IB . -36.88 -31.04 -22.81
H202 CDL IB . -34.94 -32.41 -22.37
H201 CDL IB . -35.35 -33.55 -23.59
H212 CDL IB . -34.91 -31.84 -25.36
H211 CDL IB . -33.52 -32.17 -24.40
H222 CDL IB . -35.34 -29.82 -23.78
H221 CDL IB . -33.78 -30.11 -23.14
H232 CDL IB . -34.40 -29.50 -26.06
H231 CDL IB . -33.84 -28.35 -24.91
H242 CDL IB . -32.33 -30.76 -26.00
H241 CDL IB . -31.77 -29.90 -24.61
H252 CDL IB . -31.86 -27.75 -26.07
H251 CDL IB . -32.15 -28.79 -27.41
H262 CDL IB . -29.98 -29.89 -27.14
H261 CDL IB . -29.72 -29.11 -25.62
H273 CDL IB . -28.44 -27.96 -27.42
H272 CDL IB . -29.92 -27.66 -28.32
H271 CDL IB . -29.64 -26.88 -26.78
HA62 CDL IB . -48.50 -37.36 -19.24
HA61 CDL IB . -47.92 -35.82 -19.83
H312 CDL IB . -48.16 -36.87 -24.29
H311 CDL IB . -49.50 -37.54 -23.43
H322 CDL IB . -50.74 -35.42 -23.58
H321 CDL IB . -50.27 -35.94 -25.15
H332 CDL IB . -49.09 -33.71 -23.49
H331 CDL IB . -48.14 -34.41 -24.74
H342 CDL IB . -49.93 -33.85 -26.41
H341 CDL IB . -50.89 -33.16 -25.16
H352 CDL IB . -49.31 -31.37 -24.79
H351 CDL IB . -48.07 -32.16 -25.67
H362 CDL IB . -48.88 -30.41 -27.07
H361 CDL IB . -49.39 -31.88 -27.78
H372 CDL IB . -51.26 -30.39 -25.92
H371 CDL IB . -51.67 -31.59 -27.10
H382 CDL IB . -50.99 -30.04 -28.94
H381 CDL IB . -50.58 -28.83 -27.78
H392 CDL IB . -52.70 -28.14 -28.38
H391 CDL IB . -53.04 -29.03 -26.94
H402 CDL IB . -54.69 -29.72 -28.50
H401 CDL IB . -53.61 -31.05 -28.35
H412 CDL IB . -53.31 -29.01 -30.59
H411 CDL IB . -52.52 -30.53 -30.47
H422 CDL IB . -54.73 -31.71 -30.66
H421 CDL IB . -55.53 -30.19 -30.77
H432 CDL IB . -53.45 -31.20 -32.75
H431 CDL IB . -54.23 -29.66 -32.87
H442 CDL IB . -56.46 -30.79 -33.07
H441 CDL IB . -55.72 -32.33 -32.91
H452 CDL IB . -56.14 -31.93 -35.25
H451 CDL IB . -54.44 -31.98 -35.01
H462 CDL IB . -55.93 -29.33 -35.06
H461 CDL IB . -54.23 -29.58 -35.19
H473 CDL IB . -54.49 -30.66 -37.42
H472 CDL IB . -56.23 -30.58 -37.28
H471 CDL IB . -55.30 -29.11 -37.42
HB22 CDL IB . -45.16 -43.31 -21.33
HB21 CDL IB . -44.33 -43.22 -19.79
HB32 CDL IB . -40.54 -43.15 -22.53
HB31 CDL IB . -40.33 -43.81 -20.93
HB4 CDL IB . -42.04 -42.10 -20.12
H512 CDL IB . -44.93 -40.18 -22.71
H511 CDL IB . -43.53 -40.28 -23.71
H522 CDL IB . -42.78 -38.03 -22.86
H521 CDL IB . -44.21 -37.91 -21.91
H532 CDL IB . -44.14 -38.15 -24.95
H531 CDL IB . -45.59 -38.12 -24.02
H542 CDL IB . -43.55 -35.88 -23.86
H541 CDL IB . -45.14 -35.86 -23.21
H552 CDL IB . -46.14 -35.93 -25.48
H551 CDL IB . -44.58 -36.07 -26.19
H562 CDL IB . -44.03 -33.82 -24.94
H561 CDL IB . -45.73 -33.68 -24.74
H572 CDL IB . -44.47 -34.11 -27.47
H571 CDL IB . -46.12 -33.70 -27.15
H582 CDL IB . -45.55 -31.48 -26.43
H581 CDL IB . -43.90 -31.87 -26.20
H592 CDL IB . -43.61 -32.18 -28.66
H591 CDL IB . -44.02 -30.57 -28.21
H602 CDL IB . -46.43 -31.06 -28.81
H601 CDL IB . -45.98 -32.65 -29.28
H612 CDL IB . -44.68 -30.20 -30.52
H611 CDL IB . -44.56 -31.82 -31.08
H622 CDL IB . -46.95 -31.83 -31.70
H621 CDL IB . -47.20 -30.30 -30.97
H632 CDL IB . -45.50 -30.89 -33.42
H631 CDL IB . -45.45 -29.36 -32.62
H642 CDL IB . -47.83 -30.63 -34.00
H641 CDL IB . -48.02 -29.27 -32.96
H652 CDL IB . -46.33 -29.35 -35.48
H651 CDL IB . -46.31 -28.03 -34.39
H662 CDL IB . -48.87 -27.86 -34.74
H661 CDL IB . -48.68 -28.99 -36.02
H673 CDL IB . -48.65 -26.63 -36.86
H672 CDL IB . -47.14 -27.44 -37.23
H671 CDL IB . -47.22 -26.31 -35.90
HB62 CDL IB . -39.35 -41.76 -20.37
HB61 CDL IB . -40.37 -40.49 -19.74
H712 CDL IB . -37.63 -39.63 -23.84
H711 CDL IB . -39.01 -38.71 -23.36
H722 CDL IB . -39.21 -39.24 -25.72
H721 CDL IB . -40.48 -40.04 -24.86
H732 CDL IB . -37.87 -41.38 -25.70
H731 CDL IB . -39.16 -42.17 -24.87
H742 CDL IB . -40.70 -41.73 -26.78
H741 CDL IB . -39.47 -40.88 -27.61
H752 CDL IB . -39.38 -43.83 -26.88
H751 CDL IB . -39.73 -43.20 -28.44
H762 CDL IB . -37.09 -43.14 -26.99
H761 CDL IB . -37.36 -42.05 -28.27
H772 CDL IB . -37.88 -44.00 -29.79
H771 CDL IB . -36.26 -43.92 -29.23
H782 CDL IB . -37.33 -46.23 -29.20
H781 CDL IB . -38.39 -45.68 -27.97
H792 CDL IB . -36.80 -45.80 -26.32
H791 CDL IB . -35.56 -45.13 -27.32
H802 CDL IB . -35.56 -47.46 -28.54
H801 CDL IB . -34.75 -47.27 -27.03
H812 CDL IB . -36.75 -48.20 -25.84
H811 CDL IB . -35.96 -49.32 -26.88
H822 CDL IB . -37.71 -48.77 -28.66
H821 CDL IB . -38.53 -47.81 -27.50
H832 CDL IB . -38.56 -49.91 -25.97
H831 CDL IB . -38.06 -50.80 -27.36
H842 CDL IB . -40.52 -49.03 -27.49
H841 CDL IB . -40.07 -50.28 -28.58
H852 CDL IB . -40.72 -50.84 -25.66
H851 CDL IB . -40.47 -52.01 -26.89
H862 CDL IB . -42.74 -49.98 -26.98
H861 CDL IB . -42.51 -51.28 -28.08
H873 CDL IB . -42.98 -51.67 -25.09
H872 CDL IB . -44.22 -51.80 -26.30
H871 CDL IB . -42.90 -52.95 -26.28
C27 PEE JB . -49.73 -44.49 -47.36
C26 PEE JB . -51.12 -44.24 -46.84
C25 PEE JB . -51.13 -43.69 -45.43
C24 PEE JB . -52.50 -43.36 -44.88
C23 PEE JB . -52.47 -42.77 -43.49
C22 PEE JB . -53.84 -42.53 -42.87
C21 PEE JB . -53.82 -41.79 -41.54
C20 PEE JB . -53.27 -42.57 -40.36
C19 PEE JB . -51.75 -42.51 -40.20
C18 PEE JB . -51.23 -43.11 -38.91
C17 PEE JB . -49.72 -43.11 -38.82
C16 PEE JB . -49.17 -43.75 -37.57
C15 PEE JB . -47.65 -43.80 -37.52
C14 PEE JB . -47.08 -44.39 -36.24
C13 PEE JB . -47.25 -43.48 -35.03
C12 PEE JB . -46.87 -44.14 -33.72
C11 PEE JB . -47.10 -43.23 -32.53
C10 PEE JB . -47.17 -43.98 -31.23
O4 PEE JB . -46.23 -44.26 -30.54
O2 PEE JB . -48.44 -44.31 -30.95
C2 PEE JB . -48.66 -45.59 -30.26
C1 PEE JB . -49.09 -45.27 -28.86
O3P PEE JB . -49.05 -46.48 -28.07
P PEE JB . -49.83 -46.63 -26.69
O2P PEE JB . -50.70 -45.40 -26.53
O1P PEE JB . -48.91 -46.88 -25.57
O4P PEE JB . -50.82 -47.89 -26.96
C4 PEE JB . -50.58 -48.79 -28.06
C5 PEE JB . -51.18 -50.13 -27.78
N PEE JB . -52.59 -49.99 -27.33
C3 PEE JB . -49.73 -46.33 -31.01
O3 PEE JB . -49.15 -47.50 -31.63
C30 PEE JB . -49.55 -47.78 -32.87
O5 PEE JB . -50.58 -47.40 -33.35
C31 PEE JB . -48.55 -48.66 -33.59
C32 PEE JB . -47.96 -47.98 -34.81
C33 PEE JB . -46.81 -48.76 -35.43
C34 PEE JB . -46.10 -48.03 -36.57
C35 PEE JB . -46.94 -47.89 -37.83
C36 PEE JB . -46.19 -47.22 -38.97
C37 PEE JB . -46.90 -47.28 -40.32
C38 PEE JB . -48.31 -46.71 -40.32
C39 PEE JB . -48.88 -46.53 -41.72
C40 PEE JB . -50.25 -45.87 -41.74
C41 PEE JB . -51.42 -46.84 -41.64
C42 PEE JB . -52.76 -46.16 -41.54
C43 PEE JB . -53.96 -47.06 -41.80
C44 PEE JB . -55.31 -46.40 -41.56
C45 PEE JB . -55.88 -46.65 -40.18
C46 PEE JB . -54.99 -46.22 -39.03
C47 PEE JB . -55.65 -46.40 -37.67
H7 PEE JB . -49.70 -44.56 -48.45
H8 PEE JB . -49.30 -45.42 -46.98
H82 PEE JB . -49.04 -43.68 -47.09
H5 PEE JB . -51.65 -43.56 -47.51
H6 PEE JB . -51.69 -45.17 -46.89
H12 PEE JB . -50.64 -44.40 -44.77
H4 PEE JB . -50.50 -42.80 -45.38
H10 PEE JB . -53.02 -42.69 -45.56
H11 PEE JB . -53.12 -44.26 -44.87
H83 PEE JB . -51.89 -43.44 -42.86
H9 PEE JB . -51.89 -41.85 -43.49
H2 PEE JB . -54.46 -42.00 -43.58
H3 PEE JB . -54.34 -43.49 -42.74
H14 PEE JB . -54.83 -41.44 -41.31
H1 PEE JB . -53.25 -40.86 -41.65
H16 PEE JB . -53.58 -43.61 -40.44
H13 PEE JB . -53.74 -42.22 -39.44
H18 PEE JB . -51.27 -43.02 -41.02
H20 PEE JB . -51.65 -42.57 -38.06
H22 PEE JB . -49.35 -42.09 -38.90
H19 PEE JB . -49.30 -43.61 -39.70
H21 PEE JB . -49.54 -43.23 -36.69
H28 PEE JB . -49.58 -44.76 -37.47
H23 PEE JB . -47.28 -44.38 -38.38
H24 PEE JB . -47.24 -42.81 -37.69
H25 PEE JB . -47.56 -45.35 -36.04
H26 PEE JB . -46.03 -44.63 -36.38
H17 PEE JB . -46.64 -42.58 -35.18
H27 PEE JB . -48.27 -43.11 -34.98
H15 PEE JB . -47.45 -45.05 -33.58
H29 PEE JB . -45.83 -44.45 -33.74
H30 PEE JB . -46.32 -42.46 -32.48
H31 PEE JB . -48.02 -42.66 -32.65
H32 PEE JB . -47.74 -46.17 -30.26
H33 PEE JB . -50.10 -44.86 -28.82
H34 PEE JB . -48.44 -44.53 -28.38
H35 PEE JB . -51.61 -44.13 -38.80
H36 PEE JB . -49.50 -48.84 -28.22
H37 PEE JB . -51.01 -48.37 -28.97
H38 PEE JB . -51.16 -50.76 -28.67
H39 PEE JB . -50.58 -50.66 -27.03
H40 PEE JB . -52.92 -50.86 -26.92
H41 PEE JB . -53.20 -49.75 -28.10
H43 PEE JB . -50.21 -45.68 -31.73
H44 PEE JB . -50.52 -46.67 -30.34
H45 PEE JB . -49.04 -49.59 -33.87
H46 PEE JB . -47.77 -48.94 -32.90
H47 PEE JB . -47.61 -46.99 -34.55
H48 PEE JB . -48.74 -47.80 -35.56
H49 PEE JB . -47.15 -49.75 -35.75
H50 PEE JB . -46.07 -48.99 -34.65
H51 PEE JB . -45.17 -48.55 -36.80
H52 PEE JB . -45.76 -47.06 -36.23
H53 PEE JB . -47.85 -47.35 -37.62
H54 PEE JB . -47.28 -48.87 -38.15
H55 PEE JB . -45.20 -47.65 -39.07
H56 PEE JB . -46.00 -46.18 -38.72
H57 PEE JB . -46.92 -48.32 -40.66
H58 PEE JB . -46.30 -46.78 -41.07
H59 PEE JB . -48.31 -45.75 -39.80
H60 PEE JB . -48.94 -47.50 -42.21
H81 PEE JB . -50.32 -45.15 -40.93
H61 PEE JB . -50.35 -45.27 -42.64
H80 PEE JB . -51.42 -47.51 -42.51
H62 PEE JB . -51.28 -47.51 -40.80
H63 PEE JB . -52.80 -45.31 -42.21
H64 PEE JB . -52.87 -45.71 -40.55
H65 PEE JB . -53.88 -47.96 -41.19
H66 PEE JB . -53.91 -47.44 -42.82
H67 PEE JB . -56.02 -46.74 -42.32
H68 PEE JB . -55.22 -45.33 -41.73
H69 PEE JB . -56.14 -47.70 -40.06
H70 PEE JB . -56.85 -46.12 -40.09
H71 PEE JB . -54.67 -45.18 -39.15
H72 PEE JB . -54.07 -46.80 -39.04
H73 PEE JB . -54.98 -46.15 -36.85
H74 PEE JB . -55.98 -47.42 -37.51
H75 PEE JB . -56.52 -45.76 -37.58
H76 PEE JB . -52.67 -49.26 -26.62
H42 PEE JB . -51.42 -41.47 -40.28
H77 PEE JB . -48.97 -47.35 -39.73
H78 PEE JB . -48.19 -45.96 -42.33
O12 PC1 KB . -21.19 -6.90 -18.14
P PC1 KB . -20.09 -6.88 -17.15
O14 PC1 KB . -19.00 -5.91 -17.29
O13 PC1 KB . -20.72 -6.68 -15.69
C11 PC1 KB . -20.71 -5.36 -15.08
C12 PC1 KB . -22.05 -5.23 -14.40
N PC1 KB . -22.30 -3.93 -13.67
C13 PC1 KB . -21.35 -3.81 -12.52
C14 PC1 KB . -23.70 -3.89 -13.15
C15 PC1 KB . -22.09 -2.79 -14.60
O11 PC1 KB . -19.43 -8.33 -17.07
C1 PC1 KB . -18.92 -8.81 -15.81
C2 PC1 KB . -17.93 -9.91 -16.06
O21 PC1 KB . -17.36 -10.30 -14.78
C21 PC1 KB . -17.91 -11.36 -14.15
O22 PC1 KB . -19.04 -11.72 -14.33
C22 PC1 KB . -16.92 -12.01 -13.24
C23 PC1 KB . -17.44 -13.31 -12.64
C24 PC1 KB . -16.38 -14.14 -11.97
C25 PC1 KB . -15.36 -14.74 -12.93
C26 PC1 KB . -14.47 -15.82 -12.31
C27 PC1 KB . -15.21 -17.11 -12.00
C28 PC1 KB . -14.39 -18.12 -11.22
C29 PC1 KB . -15.20 -19.30 -10.70
C2A PC1 KB . -16.15 -18.96 -9.57
C2B PC1 KB . -17.30 -19.96 -9.40
C2C PC1 KB . -16.90 -21.28 -8.78
C2D PC1 KB . -16.61 -21.20 -7.28
C2E PC1 KB . -16.57 -22.55 -6.61
C2F PC1 KB . -16.34 -22.48 -5.11
C2G PC1 KB . -16.67 -23.77 -4.38
C2H PC1 KB . -15.88 -24.98 -4.82
C2I PC1 KB . -16.34 -26.25 -4.14
C3 PC1 KB . -16.79 -9.45 -16.93
O31 PC1 KB . -15.62 -10.21 -16.56
C31 PC1 KB . -14.97 -10.87 -17.52
O32 PC1 KB . -15.34 -10.95 -18.65
C32 PC1 KB . -13.71 -11.50 -16.98
C33 PC1 KB . -13.41 -12.86 -17.59
C34 PC1 KB . -12.29 -13.58 -16.88
C35 PC1 KB . -12.02 -14.99 -17.39
C36 PC1 KB . -11.34 -15.04 -18.74
C37 PC1 KB . -9.87 -14.63 -18.70
C38 PC1 KB . -9.13 -14.87 -20.02
C39 PC1 KB . -7.65 -14.54 -19.95
C3A PC1 KB . -6.92 -14.65 -21.28
C3B PC1 KB . -6.94 -16.05 -21.87
C3C PC1 KB . -6.13 -16.18 -23.15
C3D PC1 KB . -6.13 -17.58 -23.75
C3E PC1 KB . -5.24 -17.72 -24.98
C3F PC1 KB . -5.30 -19.09 -25.63
C3G PC1 KB . -4.53 -19.18 -26.94
C3H PC1 KB . -4.61 -20.54 -27.61
C3I PC1 KB . -3.90 -20.57 -28.94
H111 PC1 KB . -20.54 -4.63 -15.87
H112 PC1 KB . -19.88 -5.29 -14.39
H121 PC1 KB . -22.85 -5.39 -15.11
H122 PC1 KB . -22.18 -6.04 -13.67
H131 PC1 KB . -20.32 -3.66 -12.86
H132 PC1 KB . -21.36 -4.69 -11.88
H133 PC1 KB . -21.59 -2.96 -11.89
H141 PC1 KB . -23.91 -2.96 -12.63
H142 PC1 KB . -24.42 -3.96 -13.96
H143 PC1 KB . -23.91 -4.69 -12.46
H151 PC1 KB . -21.03 -2.66 -14.84
H152 PC1 KB . -22.60 -2.91 -15.54
H153 PC1 KB . -22.43 -1.84 -14.17
H11 PC1 KB . -18.49 -7.97 -15.27
H12 PC1 KB . -19.75 -9.18 -15.20
H2 PC1 KB . -18.41 -10.77 -16.54
H221 PC1 KB . -15.99 -12.18 -13.78
H222 PC1 KB . -16.66 -11.31 -12.45
H231 PC1 KB . -18.23 -13.08 -11.93
H232 PC1 KB . -17.93 -13.89 -13.41
H241 PC1 KB . -16.84 -14.92 -11.38
H242 PC1 KB . -15.85 -13.53 -11.23
H251 PC1 KB . -15.87 -15.13 -13.80
H252 PC1 KB . -14.72 -13.95 -13.33
H261 PC1 KB . -14.01 -15.43 -11.41
H262 PC1 KB . -13.64 -16.02 -12.99
H271 PC1 KB . -16.14 -16.90 -11.48
H272 PC1 KB . -15.53 -17.58 -12.94
H281 PC1 KB . -13.91 -17.62 -10.37
H282 PC1 KB . -13.57 -18.48 -11.82
H291 PC1 KB . -14.53 -20.10 -10.39
H292 PC1 KB . -15.75 -19.75 -11.53
H2A1 PC1 KB . -16.55 -17.96 -9.70
H2A2 PC1 KB . -15.59 -18.91 -8.63
H2B1 PC1 KB . -18.08 -19.50 -8.80
H2B2 PC1 KB . -17.76 -20.14 -10.36
H2C1 PC1 KB . -16.03 -21.68 -9.30
H2C2 PC1 KB . -17.68 -22.01 -8.96
H2D1 PC1 KB . -17.37 -20.58 -6.81
H2D2 PC1 KB . -15.68 -20.67 -7.12
H2E1 PC1 KB . -15.80 -23.17 -7.07
H2E2 PC1 KB . -17.50 -23.09 -6.80
H2F1 PC1 KB . -16.92 -21.66 -4.69
H2F2 PC1 KB . -15.31 -22.21 -4.91
H2G1 PC1 KB . -17.73 -23.98 -4.47
H2G2 PC1 KB . -16.53 -23.62 -3.31
H2H1 PC1 KB . -15.94 -25.10 -5.89
H2H2 PC1 KB . -14.82 -24.83 -4.61
H2I1 PC1 KB . -17.37 -26.49 -4.40
H2I2 PC1 KB . -15.74 -27.11 -4.41
H2I3 PC1 KB . -16.31 -26.18 -3.05
H31 PC1 KB . -16.56 -8.39 -16.78
H32 PC1 KB . -17.05 -9.59 -17.98
H321 PC1 KB . -12.88 -10.82 -17.15
H322 PC1 KB . -13.79 -11.58 -15.90
H331 PC1 KB . -13.17 -12.74 -18.65
H332 PC1 KB . -14.32 -13.47 -17.58
H341 PC1 KB . -11.38 -12.99 -16.93
H342 PC1 KB . -12.52 -13.63 -15.81
H351 PC1 KB . -12.96 -15.54 -17.43
H352 PC1 KB . -11.43 -15.53 -16.66
H361 PC1 KB . -11.43 -16.04 -19.17
H362 PC1 KB . -11.87 -14.40 -19.45
H371 PC1 KB . -9.36 -15.16 -17.90
H372 PC1 KB . -9.78 -13.59 -18.43
H381 PC1 KB . -9.26 -15.91 -20.31
H382 PC1 KB . -9.60 -14.29 -20.81
H391 PC1 KB . -7.52 -13.53 -19.55
H392 PC1 KB . -7.16 -15.17 -19.21
H3A1 PC1 KB . -5.89 -14.34 -21.16
H3A2 PC1 KB . -7.35 -13.95 -21.99
H3B1 PC1 KB . -6.59 -16.77 -21.13
H3B2 PC1 KB . -7.96 -16.36 -22.07
H3C1 PC1 KB . -6.50 -15.48 -23.89
H3C2 PC1 KB . -5.11 -15.87 -22.96
H3D1 PC1 KB . -5.81 -18.30 -23.00
H3D2 PC1 KB . -7.14 -17.87 -24.00
H3E1 PC1 KB . -5.50 -16.96 -25.70
H3E2 PC1 KB . -4.21 -17.49 -24.71
H3F1 PC1 KB . -6.33 -19.37 -25.79
H3F2 PC1 KB . -4.93 -19.84 -24.94
H3G1 PC1 KB . -4.90 -18.42 -27.63
H3G2 PC1 KB . -3.49 -18.92 -26.78
H3H1 PC1 KB . -5.65 -20.83 -27.75
H3H2 PC1 KB . -4.21 -21.31 -26.95
H3I1 PC1 KB . -2.83 -20.37 -28.84
H3I2 PC1 KB . -3.99 -21.55 -29.43
H3I3 PC1 KB . -4.30 -19.85 -29.64
O12 PC1 LB . -28.99 -6.80 -0.67
P PC1 LB . -27.64 -7.38 -0.58
O14 PC1 LB . -26.69 -6.84 0.42
O13 PC1 LB . -26.93 -7.29 -2.01
C11 PC1 LB . -26.12 -6.13 -2.33
C12 PC1 LB . -26.12 -6.09 -3.84
N PC1 LB . -26.33 -4.73 -4.47
C13 PC1 LB . -25.52 -3.70 -3.76
C14 PC1 LB . -25.91 -4.77 -5.90
C15 PC1 LB . -27.78 -4.36 -4.39
O11 PC1 LB . -27.74 -8.95 -0.34
C1 PC1 LB . -28.56 -9.74 -1.22
C2 PC1 LB . -28.10 -11.17 -1.18
O21 PC1 LB . -28.51 -11.75 0.09
C21 PC1 LB . -29.78 -12.19 0.17
O22 PC1 LB . -30.68 -11.76 -0.51
C22 PC1 LB . -29.92 -13.27 1.19
C23 PC1 LB . -31.27 -13.27 1.88
C24 PC1 LB . -31.67 -14.63 2.42
C25 PC1 LB . -32.99 -14.62 3.16
C26 PC1 LB . -33.51 -16.00 3.50
C27 PC1 LB . -34.24 -16.69 2.35
C28 PC1 LB . -34.98 -17.95 2.76
C29 PC1 LB . -35.93 -18.48 1.71
C2A PC1 LB . -35.25 -19.23 0.58
C2B PC1 LB . -34.83 -20.65 0.95
C2C PC1 LB . -34.22 -21.42 -0.21
C2D PC1 LB . -34.05 -22.90 0.07
C2E PC1 LB . -34.00 -23.76 -1.18
C2F PC1 LB . -33.73 -25.22 -0.90
C2G PC1 LB . -34.18 -26.17 -2.00
C2H PC1 LB . -35.68 -26.28 -2.16
C2I PC1 LB . -36.12 -27.48 -2.97
C3 PC1 LB . -26.60 -11.25 -1.28
O31 PC1 LB . -26.24 -12.57 -1.75
C31 PC1 LB . -24.99 -12.73 -2.21
O32 PC1 LB . -24.31 -11.83 -2.61
C32 PC1 LB . -24.57 -14.17 -2.15
C33 PC1 LB . -25.43 -15.04 -1.25
C34 PC1 LB . -25.32 -14.68 0.22
C35 PC1 LB . -26.16 -15.55 1.11
C36 PC1 LB . -26.23 -15.07 2.55
C37 PC1 LB . -27.04 -15.97 3.46
C38 PC1 LB . -27.31 -15.39 4.83
C39 PC1 LB . -27.96 -16.36 5.81
C3A PC1 LB . -29.11 -17.15 5.22
C3B PC1 LB . -30.03 -17.76 6.26
C3C PC1 LB . -31.12 -18.64 5.68
C3D PC1 LB . -32.31 -18.83 6.60
C3E PC1 LB . -33.29 -19.88 6.16
C3F PC1 LB . -34.58 -19.90 6.97
C3G PC1 LB . -35.54 -21.01 6.60
C3H PC1 LB . -36.67 -21.20 7.58
C3I PC1 LB . -37.41 -22.51 7.39
H111 PC1 LB . -25.15 -6.25 -1.88
H112 PC1 LB . -26.59 -5.26 -1.88
H121 PC1 LB . -25.17 -6.48 -4.20
H122 PC1 LB . -26.87 -6.77 -4.24
H131 PC1 LB . -24.54 -4.08 -3.46
H132 PC1 LB . -26.01 -3.33 -2.86
H133 PC1 LB . -25.32 -2.83 -4.38
H141 PC1 LB . -26.37 -5.60 -6.44
H142 PC1 LB . -26.21 -3.87 -6.44
H143 PC1 LB . -24.84 -4.87 -6.01
H151 PC1 LB . -27.90 -3.29 -4.25
H152 PC1 LB . -28.29 -4.85 -3.57
H153 PC1 LB . -28.32 -4.63 -5.29
H11 PC1 LB . -29.60 -9.64 -0.90
H12 PC1 LB . -28.51 -9.34 -2.22
H2 PC1 LB . -28.53 -11.72 -2.01
H221 PC1 LB . -29.11 -13.18 1.92
H222 PC1 LB . -29.74 -14.23 0.71
H231 PC1 LB . -32.02 -12.89 1.20
H232 PC1 LB . -31.24 -12.54 2.69
H241 PC1 LB . -30.89 -15.01 3.08
H242 PC1 LB . -31.71 -15.35 1.60
H251 PC1 LB . -33.73 -14.08 2.58
H252 PC1 LB . -32.89 -14.04 4.08
H261 PC1 LB . -34.18 -15.94 4.35
H262 PC1 LB . -32.69 -16.62 3.83
H271 PC1 LB . -33.52 -16.92 1.56
H272 PC1 LB . -34.93 -15.99 1.89
H281 PC1 LB . -35.53 -17.76 3.68
H282 PC1 LB . -34.26 -18.72 3.03
H291 PC1 LB . -36.51 -17.66 1.30
H292 PC1 LB . -36.67 -19.12 2.18
H2A1 PC1 LB . -35.93 -19.26 -0.28
H2A2 PC1 LB . -34.40 -18.67 0.23
H2B1 PC1 LB . -34.14 -20.61 1.78
H2B2 PC1 LB . -35.69 -21.19 1.33
H2C1 PC1 LB . -34.80 -21.27 -1.11
H2C2 PC1 LB . -33.24 -20.99 -0.45
H2D1 PC1 LB . -34.85 -23.24 0.71
H2D2 PC1 LB . -33.16 -23.07 0.65
H2E1 PC1 LB . -33.25 -23.38 -1.86
H2E2 PC1 LB . -34.94 -23.66 -1.74
H2F1 PC1 LB . -32.67 -25.36 -0.72
H2F2 PC1 LB . -34.21 -25.51 0.03
H2G1 PC1 LB . -33.76 -27.16 -1.83
H2G2 PC1 LB . -33.75 -25.85 -2.95
H2H1 PC1 LB . -36.15 -26.32 -1.18
H2H2 PC1 LB . -36.08 -25.37 -2.62
H2I1 PC1 LB . -37.20 -27.53 -3.07
H2I2 PC1 LB . -35.80 -28.42 -2.52
H2I3 PC1 LB . -35.71 -27.47 -3.98
H31 PC1 LB . -26.20 -10.53 -1.98
H32 PC1 LB . -26.16 -11.06 -0.31
H321 PC1 LB . -24.56 -14.56 -3.17
H322 PC1 LB . -23.53 -14.22 -1.83
H331 PC1 LB . -26.47 -14.97 -1.57
H332 PC1 LB . -25.17 -16.08 -1.39
H341 PC1 LB . -24.27 -14.75 0.52
H342 PC1 LB . -25.58 -13.63 0.37
H351 PC1 LB . -25.79 -16.57 1.10
H352 PC1 LB . -27.17 -15.62 0.71
H361 PC1 LB . -26.65 -14.06 2.58
H362 PC1 LB . -25.23 -14.96 2.95
H371 PC1 LB . -26.55 -16.94 3.56
H372 PC1 LB . -27.99 -16.21 2.98
H381 PC1 LB . -27.93 -14.51 4.74
H382 PC1 LB . -26.38 -15.03 5.26
H391 PC1 LB . -27.20 -17.05 6.19
H392 PC1 LB . -28.29 -15.83 6.68
H3A1 PC1 LB . -28.71 -17.94 4.57
H3A2 PC1 LB . -29.68 -16.52 4.55
H3B1 PC1 LB . -29.43 -18.33 6.97
H3B2 PC1 LB . -30.49 -16.97 6.84
H3C1 PC1 LB . -31.45 -18.25 4.73
H3C2 PC1 LB . -30.70 -19.63 5.44
H3D1 PC1 LB . -31.96 -19.06 7.61
H3D2 PC1 LB . -32.83 -17.87 6.71
H3E1 PC1 LB . -33.54 -19.75 5.11
H3E2 PC1 LB . -32.83 -20.86 6.20
H3F1 PC1 LB . -34.33 -19.97 8.03
H3F2 PC1 LB . -35.08 -18.94 6.87
H3G1 PC1 LB . -35.95 -20.82 5.60
H3G2 PC1 LB . -34.99 -21.94 6.48
H3H1 PC1 LB . -36.29 -21.15 8.60
H3H2 PC1 LB . -37.37 -20.37 7.51
H3I1 PC1 LB . -36.79 -23.37 7.65
H3I2 PC1 LB . -37.73 -22.65 6.37
H3I3 PC1 LB . -38.30 -22.57 8.02
O12 PC1 MB . -71.04 -10.58 -21.68
P PC1 MB . -71.35 -10.05 -20.34
O14 PC1 MB . -70.68 -8.82 -19.88
O13 PC1 MB . -72.92 -9.82 -20.21
C11 PC1 MB . -73.75 -9.87 -21.39
C12 PC1 MB . -74.91 -8.95 -21.09
N PC1 MB . -75.36 -8.05 -22.22
C13 PC1 MB . -75.50 -8.86 -23.48
C14 PC1 MB . -76.67 -7.44 -21.87
C15 PC1 MB . -74.36 -6.96 -22.45
O11 PC1 MB . -71.08 -11.19 -19.25
C1 PC1 MB . -71.20 -10.90 -17.84
C2 PC1 MB . -69.93 -11.30 -17.15
O21 PC1 MB . -69.66 -12.69 -17.50
C21 PC1 MB . -68.81 -12.92 -18.52
O22 PC1 MB . -68.10 -12.09 -18.99
C22 PC1 MB . -68.88 -14.35 -18.97
C23 PC1 MB . -70.06 -14.63 -19.89
C24 PC1 MB . -69.99 -16.01 -20.53
C25 PC1 MB . -70.12 -17.15 -19.55
C26 PC1 MB . -71.52 -17.34 -19.01
C27 PC1 MB . -72.53 -17.82 -20.05
C28 PC1 MB . -73.84 -18.31 -19.47
C29 PC1 MB . -74.78 -17.22 -19.02
C2A PC1 MB . -76.07 -17.76 -18.40
C2B PC1 MB . -77.21 -16.76 -18.34
C2C PC1 MB . -77.66 -16.22 -19.68
C2D PC1 MB . -77.93 -17.27 -20.75
C2E PC1 MB . -79.15 -18.15 -20.50
C2F PC1 MB . -78.90 -19.40 -19.67
C2G PC1 MB . -77.96 -20.42 -20.32
C2H PC1 MB . -78.47 -21.01 -21.62
C2I PC1 MB . -77.52 -22.04 -22.19
C3 PC1 MB . -70.05 -11.24 -15.65
O31 PC1 MB . -68.74 -11.49 -15.10
C31 PC1 MB . -68.53 -11.15 -13.83
O32 PC1 MB . -69.04 -10.21 -13.29
C32 PC1 MB . -67.57 -12.09 -13.16
C33 PC1 MB . -66.42 -11.40 -12.45
C34 PC1 MB . -65.32 -12.37 -12.05
C35 PC1 MB . -64.22 -11.75 -11.21
C36 PC1 MB . -63.28 -10.84 -11.97
C37 PC1 MB . -62.21 -10.21 -11.09
C38 PC1 MB . -61.12 -9.47 -11.85
C39 PC1 MB . -61.57 -8.21 -12.56
C3A PC1 MB . -62.08 -7.12 -11.63
C3B PC1 MB . -62.22 -5.76 -12.29
C3C PC1 MB . -62.64 -4.65 -11.35
C3D PC1 MB . -62.71 -3.28 -12.01
C3E PC1 MB . -61.36 -2.59 -12.13
C3F PC1 MB . -61.37 -1.35 -13.01
C3G PC1 MB . -60.00 -0.76 -13.25
C3H PC1 MB . -59.97 0.35 -14.30
C3I PC1 MB . -58.57 0.84 -14.59
H111 PC1 MB . -74.05 -10.90 -21.56
H112 PC1 MB . -73.17 -9.56 -22.25
H121 PC1 MB . -74.65 -8.32 -20.24
H122 PC1 MB . -75.78 -9.52 -20.76
H131 PC1 MB . -76.19 -8.39 -24.17
H132 PC1 MB . -75.87 -9.87 -23.29
H133 PC1 MB . -74.56 -8.95 -24.01
H141 PC1 MB . -77.01 -6.73 -22.63
H142 PC1 MB . -76.63 -6.89 -20.93
H143 PC1 MB . -77.46 -8.19 -21.77
H151 PC1 MB . -74.54 -6.45 -23.39
H152 PC1 MB . -73.34 -7.34 -22.50
H153 PC1 MB . -74.39 -6.23 -21.66
H11 PC1 MB . -72.07 -11.44 -17.47
H12 PC1 MB . -71.42 -9.84 -17.69
H2 PC1 MB . -69.12 -10.66 -17.46
H221 PC1 MB . -68.92 -14.98 -18.09
H222 PC1 MB . -67.95 -14.60 -19.46
H231 PC1 MB . -70.11 -13.87 -20.66
H232 PC1 MB . -70.98 -14.52 -19.33
H241 PC1 MB . -69.06 -16.10 -21.07
H242 PC1 MB . -70.75 -16.09 -21.30
H251 PC1 MB . -69.42 -17.02 -18.73
H252 PC1 MB . -69.80 -18.07 -20.03
H261 PC1 MB . -71.88 -16.42 -18.56
H262 PC1 MB . -71.51 -18.05 -18.17
H271 PC1 MB . -72.72 -17.01 -20.75
H272 PC1 MB . -72.08 -18.59 -20.66
H281 PC1 MB . -73.64 -18.98 -18.63
H282 PC1 MB . -74.35 -18.95 -20.20
H291 PC1 MB . -75.01 -16.57 -19.86
H292 PC1 MB . -74.27 -16.57 -18.30
H2A1 PC1 MB . -75.85 -18.11 -17.39
H2A2 PC1 MB . -76.38 -18.64 -18.93
H2B1 PC1 MB . -76.92 -15.92 -17.70
H2B2 PC1 MB . -78.05 -17.19 -17.81
H2C1 PC1 MB . -76.93 -15.50 -20.05
H2C2 PC1 MB . -78.57 -15.62 -19.54
H2D1 PC1 MB . -77.05 -17.89 -20.89
H2D2 PC1 MB . -78.05 -16.77 -21.72
H2E1 PC1 MB . -79.61 -18.42 -21.45
H2E2 PC1 MB . -79.92 -17.55 -20.02
H2F1 PC1 MB . -79.85 -19.88 -19.45
H2F2 PC1 MB . -78.51 -19.13 -18.69
H2G1 PC1 MB . -77.78 -21.22 -19.61
H2G2 PC1 MB . -76.99 -19.99 -20.49
H2H1 PC1 MB . -79.45 -21.47 -21.47
H2H2 PC1 MB . -78.63 -20.23 -22.36
H2I1 PC1 MB . -77.91 -22.49 -23.11
H2I2 PC1 MB . -77.32 -22.86 -21.50
H2I3 PC1 MB . -76.55 -21.60 -22.45
H31 PC1 MB . -70.73 -11.99 -15.26
H32 PC1 MB . -70.43 -10.27 -15.35
H321 PC1 MB . -67.19 -12.79 -13.91
H322 PC1 MB . -68.11 -12.72 -12.46
H331 PC1 MB . -66.81 -10.88 -11.57
H332 PC1 MB . -66.01 -10.61 -13.07
H341 PC1 MB . -64.89 -12.82 -12.94
H342 PC1 MB . -65.76 -13.21 -11.52
H351 PC1 MB . -63.64 -12.54 -10.74
H352 PC1 MB . -64.66 -11.21 -10.37
H361 PC1 MB . -63.85 -10.05 -12.47
H362 PC1 MB . -62.80 -11.38 -12.78
H371 PC1 MB . -61.77 -10.98 -10.46
H372 PC1 MB . -62.68 -9.52 -10.38
H381 PC1 MB . -60.67 -10.15 -12.57
H382 PC1 MB . -60.32 -9.24 -11.17
H391 PC1 MB . -60.76 -7.83 -13.16
H392 PC1 MB . -62.34 -8.46 -13.28
H3A1 PC1 MB . -61.41 -7.05 -10.76
H3A2 PC1 MB . -63.04 -7.42 -11.21
H3B1 PC1 MB . -62.91 -5.84 -13.12
H3B2 PC1 MB . -61.27 -5.50 -12.76
H3C1 PC1 MB . -61.97 -4.61 -10.50
H3C2 PC1 MB . -63.61 -4.90 -10.92
H3D1 PC1 MB . -63.39 -2.64 -11.45
H3D2 PC1 MB . -63.17 -3.36 -13.00
H3E1 PC1 MB . -60.62 -3.31 -12.52
H3E2 PC1 MB . -60.99 -2.33 -11.14
H3F1 PC1 MB . -62.02 -0.60 -12.55
H3F2 PC1 MB . -61.85 -1.59 -13.96
H3G1 PC1 MB . -59.31 -1.54 -13.55
H3G2 PC1 MB . -59.59 -0.39 -12.31
H3H1 PC1 MB . -60.59 1.17 -13.97
H3H2 PC1 MB . -60.44 -0.01 -15.22
H3I1 PC1 MB . -57.96 0.06 -15.03
H3I2 PC1 MB . -58.57 1.69 -15.28
H3I3 PC1 MB . -58.06 1.18 -13.69
C1 CDL NB . -97.51 -26.29 1.90
O1 CDL NB . -97.96 -25.78 3.14
CA2 CDL NB . -96.28 -27.13 2.12
OA2 CDL NB . -95.10 -26.31 1.91
PA1 CDL NB . -93.66 -26.92 2.19
OA3 CDL NB . -93.82 -28.20 2.90
OA4 CDL NB . -92.81 -25.87 2.80
OA5 CDL NB . -93.06 -27.27 0.75
CA3 CDL NB . -93.83 -27.03 -0.45
CA4 CDL NB . -93.61 -25.61 -0.90
OA6 CDL NB . -94.62 -25.26 -1.90
CA5 CDL NB . -94.70 -26.00 -3.02
OA7 CDL NB . -94.00 -26.94 -3.26
C11 CDL NB . -95.78 -25.48 -3.93
C12 CDL NB . -97.09 -25.19 -3.21
C13 CDL NB . -98.06 -24.41 -4.05
C14 CDL NB . -99.38 -24.11 -3.35
C15 CDL NB . -100.34 -23.26 -4.17
C16 CDL NB . -100.74 -21.97 -3.49
C17 CDL NB . -101.90 -21.26 -4.16
C18 CDL NB . -102.20 -19.89 -3.57
C19 CDL NB . -103.38 -19.19 -4.21
C20 CDL NB . -103.62 -17.79 -3.67
C21 CDL NB . -104.76 -17.06 -4.36
C22 CDL NB . -104.98 -15.65 -3.86
C23 CDL NB . -106.16 -14.94 -4.49
C24 CDL NB . -106.34 -13.51 -4.01
C25 CDL NB . -107.63 -12.85 -4.46
C26 CDL NB . -107.76 -11.40 -4.06
C27 CDL NB . -109.13 -10.83 -4.33
CA6 CDL NB . -92.23 -25.43 -1.50
OA8 CDL NB . -92.00 -24.03 -1.73
CA7 CDL NB . -90.75 -23.67 -2.02
OA9 CDL NB . -89.91 -24.45 -2.37
C31 CDL NB . -90.53 -22.19 -1.84
C32 CDL NB . -89.97 -21.53 -3.09
C33 CDL NB . -88.99 -20.42 -2.80
C34 CDL NB . -87.62 -20.91 -2.33
C35 CDL NB . -86.61 -19.79 -2.14
C36 CDL NB . -86.14 -19.15 -3.44
C37 CDL NB . -86.10 -17.64 -3.37
C38 CDL NB . -85.75 -16.96 -4.69
C39 CDL NB . -84.32 -17.16 -5.13
C40 CDL NB . -83.86 -16.16 -6.18
C41 CDL NB . -83.61 -14.76 -5.63
C42 CDL NB . -83.52 -13.68 -6.69
C43 CDL NB . -82.32 -13.81 -7.61
C44 CDL NB . -82.16 -12.65 -8.59
C45 CDL NB . -83.29 -12.52 -9.59
C46 CDL NB . -83.16 -11.35 -10.55
C47 CDL NB . -83.38 -10.00 -9.89
CB2 CDL NB . -97.30 -25.14 0.94
OB2 CDL NB . -98.53 -24.41 0.81
PB2 CDL NB . -98.72 -23.02 1.60
OB3 CDL NB . -98.27 -23.25 2.99
OB4 CDL NB . -100.07 -22.50 1.34
OB5 CDL NB . -97.64 -22.07 0.91
CB3 CDL NB . -97.98 -21.37 -0.30
CB4 CDL NB . -96.95 -20.31 -0.57
OB6 CDL NB . -96.20 -20.71 -1.76
CB5 CDL NB . -96.75 -20.44 -2.95
OB7 CDL NB . -97.79 -19.88 -3.09
C51 CDL NB . -95.87 -20.93 -4.07
C52 CDL NB . -94.76 -19.94 -4.44
C53 CDL NB . -93.77 -19.72 -3.30
C54 CDL NB . -92.68 -18.72 -3.63
C55 CDL NB . -91.99 -18.16 -2.41
C56 CDL NB . -91.08 -16.98 -2.69
C57 CDL NB . -90.56 -16.30 -1.43
C58 CDL NB . -90.42 -14.80 -1.57
C59 CDL NB . -89.41 -14.36 -2.62
C60 CDL NB . -89.44 -12.85 -2.89
C61 CDL NB . -88.24 -12.35 -3.69
C62 CDL NB . -88.09 -13.00 -5.05
C63 CDL NB . -86.78 -12.65 -5.75
C64 CDL NB . -86.60 -11.18 -6.09
C65 CDL NB . -85.85 -10.39 -5.03
C66 CDL NB . -85.58 -8.94 -5.41
C67 CDL NB . -84.62 -8.80 -6.58
CB6 CDL NB . -95.97 -20.18 0.57
OB8 CDL NB . -95.07 -19.08 0.27
CB7 CDL NB . -95.48 -17.86 0.64
OB9 CDL NB . -96.57 -17.61 1.06
C71 CDL NB . -94.39 -16.85 0.44
C72 CDL NB . -94.15 -15.95 1.63
C73 CDL NB . -93.28 -14.74 1.29
C74 CDL NB . -92.51 -14.18 2.47
C75 CDL NB . -92.28 -12.68 2.38
C76 CDL NB . -91.13 -12.18 3.24
C77 CDL NB . -89.75 -12.45 2.65
C78 CDL NB . -89.54 -11.84 1.26
C79 CDL NB . -88.10 -11.84 0.80
C80 CDL NB . -87.30 -10.63 1.24
C81 CDL NB . -85.92 -10.54 0.62
C82 CDL NB . -85.91 -10.25 -0.87
C83 CDL NB . -84.55 -10.33 -1.52
C84 CDL NB . -83.83 -9.01 -1.67
C85 CDL NB . -83.63 -8.25 -0.37
C86 CDL NB . -82.74 -7.02 -0.52
C87 CDL NB . -82.69 -6.17 0.72
H1 CDL NB . -98.35 -26.90 1.58
H1O1 CDL NB . -98.80 -26.25 3.39
HA22 CDL NB . -96.23 -27.99 1.46
HA21 CDL NB . -96.21 -27.50 3.13
HA32 CDL NB . -93.54 -27.76 -1.21
HA31 CDL NB . -94.89 -27.20 -0.23
HA4 CDL NB . -93.67 -24.96 -0.03
H112 CDL NB . -95.97 -26.17 -4.74
H111 CDL NB . -95.41 -24.57 -4.41
H122 CDL NB . -97.53 -26.14 -2.89
H121 CDL NB . -96.89 -24.66 -2.29
H132 CDL NB . -98.27 -24.95 -4.97
H131 CDL NB . -97.60 -23.49 -4.38
H142 CDL NB . -99.87 -25.05 -3.08
H141 CDL NB . -99.18 -23.63 -2.40
H152 CDL NB . -101.23 -23.84 -4.40
H151 CDL NB . -99.89 -23.04 -5.13
H162 CDL NB . -100.99 -22.17 -2.45
H161 CDL NB . -99.88 -21.31 -3.43
H172 CDL NB . -101.71 -21.17 -5.22
H171 CDL NB . -102.80 -21.88 -4.10
H182 CDL NB . -102.36 -19.99 -2.50
H181 CDL NB . -101.30 -19.26 -3.65
H192 CDL NB . -103.23 -19.14 -5.29
H191 CDL NB . -104.28 -19.79 -4.08
H202 CDL NB . -103.84 -17.85 -2.61
H201 CDL NB . -102.71 -17.20 -3.73
H212 CDL NB . -104.57 -17.03 -5.43
H211 CDL NB . -105.68 -17.63 -4.27
H222 CDL NB . -105.10 -15.67 -2.78
H221 CDL NB . -104.07 -15.06 -4.00
H232 CDL NB . -106.05 -14.93 -5.57
H231 CDL NB . -107.07 -15.50 -4.31
H242 CDL NB . -105.49 -12.90 -4.33
H241 CDL NB . -106.28 -13.48 -2.92
H252 CDL NB . -107.71 -12.93 -5.55
H251 CDL NB . -108.48 -13.42 -4.09
H262 CDL NB . -107.53 -11.30 -3.00
H261 CDL NB . -107.00 -10.80 -4.56
H273 CDL NB . -109.18 -9.76 -4.15
H272 CDL NB . -109.43 -10.98 -5.37
H271 CDL NB . -109.90 -11.29 -3.72
HA62 CDL NB . -92.12 -25.99 -2.42
HA61 CDL NB . -91.47 -25.78 -0.81
H312 CDL NB . -89.88 -22.01 -0.98
H311 CDL NB . -91.49 -21.74 -1.57
H322 CDL NB . -90.80 -21.16 -3.69
H321 CDL NB . -89.50 -22.29 -3.72
H332 CDL NB . -89.40 -19.75 -2.05
H331 CDL NB . -88.87 -19.79 -3.69
H342 CDL NB . -87.24 -21.64 -3.04
H341 CDL NB . -87.74 -21.45 -1.40
H352 CDL NB . -85.75 -20.17 -1.60
H351 CDL NB . -87.02 -19.03 -1.49
H362 CDL NB . -85.16 -19.53 -3.71
H361 CDL NB . -86.78 -19.47 -4.26
H372 CDL NB . -87.06 -17.26 -3.01
H371 CDL NB . -85.38 -17.33 -2.61
H382 CDL NB . -85.99 -15.90 -4.62
H381 CDL NB . -86.42 -17.33 -5.46
H392 CDL NB . -83.66 -17.09 -4.26
H391 CDL NB . -84.19 -18.17 -5.50
H402 CDL NB . -82.96 -16.52 -6.66
H401 CDL NB . -84.60 -16.11 -6.98
H412 CDL NB . -82.70 -14.77 -5.04
H411 CDL NB . -84.39 -14.50 -4.92
H422 CDL NB . -83.51 -12.70 -6.22
H421 CDL NB . -84.44 -13.69 -7.28
H432 CDL NB . -82.38 -14.75 -8.16
H431 CDL NB . -81.41 -13.91 -7.02
H442 CDL NB . -81.22 -12.76 -9.12
H441 CDL NB . -82.05 -11.72 -8.03
H452 CDL NB . -84.24 -12.43 -9.06
H451 CDL NB . -83.38 -13.44 -10.16
H462 CDL NB . -83.84 -11.46 -11.38
H461 CDL NB . -82.18 -11.37 -11.01
H473 CDL NB . -82.75 -9.84 -9.01
H472 CDL NB . -83.17 -9.17 -10.58
H471 CDL NB . -84.41 -9.88 -9.57
HB22 CDL NB . -96.96 -25.47 -0.03
HB21 CDL NB . -96.55 -24.44 1.32
HB32 CDL NB . -98.97 -20.92 -0.17
HB31 CDL NB . -98.08 -22.07 -1.13
HB4 CDL NB . -97.46 -19.37 -0.76
H512 CDL NB . -96.50 -21.12 -4.94
H511 CDL NB . -95.44 -21.89 -3.81
H522 CDL NB . -95.20 -19.00 -4.74
H521 CDL NB . -94.24 -20.29 -5.32
H532 CDL NB . -94.29 -19.41 -2.40
H531 CDL NB . -93.30 -20.68 -3.03
H542 CDL NB . -91.95 -19.16 -4.31
H541 CDL NB . -93.11 -17.89 -4.21
H552 CDL NB . -92.74 -17.88 -1.68
H551 CDL NB . -91.42 -18.95 -1.91
H562 CDL NB . -91.60 -16.26 -3.31
H561 CDL NB . -90.24 -17.30 -3.30
H572 CDL NB . -89.59 -16.73 -1.17
H571 CDL NB . -91.19 -16.54 -0.59
H582 CDL NB . -90.14 -14.36 -0.60
H581 CDL NB . -91.38 -14.36 -1.78
H592 CDL NB . -88.41 -14.65 -2.31
H591 CDL NB . -89.59 -14.90 -3.54
H602 CDL NB . -89.52 -12.32 -1.95
H601 CDL NB . -90.36 -12.60 -3.41
H612 CDL NB . -88.35 -11.27 -3.80
H611 CDL NB . -87.34 -12.47 -3.10
H622 CDL NB . -88.92 -12.73 -5.69
H621 CDL NB . -88.16 -14.08 -4.96
H632 CDL NB . -85.94 -12.97 -5.13
H631 CDL NB . -86.68 -13.26 -6.65
H642 CDL NB . -87.57 -10.73 -6.26
H641 CDL NB . -86.08 -11.09 -7.04
H652 CDL NB . -86.39 -10.41 -4.09
H651 CDL NB . -84.91 -10.88 -4.81
H662 CDL NB . -85.19 -8.40 -4.56
H661 CDL NB . -86.52 -8.44 -5.65
H673 CDL NB . -83.74 -9.42 -6.45
H672 CDL NB . -84.28 -7.78 -6.71
H671 CDL NB . -85.08 -9.10 -7.53
HB62 CDL NB . -96.49 -19.99 1.50
HB61 CDL NB . -95.38 -21.08 0.71
H712 CDL NB . -93.47 -17.40 0.22
H711 CDL NB . -94.57 -16.26 -0.45
H722 CDL NB . -95.12 -15.61 2.01
H721 CDL NB . -93.72 -16.51 2.46
H732 CDL NB . -92.59 -15.02 0.51
H731 CDL NB . -93.90 -13.97 0.85
H742 CDL NB . -93.04 -14.42 3.39
H741 CDL NB . -91.56 -14.69 2.57
H752 CDL NB . -93.19 -12.16 2.68
H751 CDL NB . -92.14 -12.40 1.35
H762 CDL NB . -91.24 -11.11 3.41
H761 CDL NB . -91.18 -12.63 4.22
H772 CDL NB . -89.58 -13.52 2.60
H771 CDL NB . -88.98 -12.07 3.32
H782 CDL NB . -89.92 -10.82 1.25
H781 CDL NB . -90.16 -12.37 0.54
H792 CDL NB . -88.08 -11.92 -0.29
H791 CDL NB . -87.61 -12.74 1.14
H802 CDL NB . -87.87 -9.72 1.00
H801 CDL NB . -87.23 -10.62 2.32
H812 CDL NB . -85.33 -9.79 1.15
H811 CDL NB . -85.39 -11.47 0.81
H822 CDL NB . -86.60 -10.92 -1.39
H821 CDL NB . -86.33 -9.26 -1.05
H832 CDL NB . -83.92 -11.02 -0.95
H831 CDL NB . -84.65 -10.80 -2.50
H842 CDL NB . -84.37 -8.38 -2.37
H841 CDL NB . -82.86 -9.16 -2.15
H852 CDL NB . -84.59 -7.96 0.03
H851 CDL NB . -83.20 -8.91 0.37
H862 CDL NB . -83.08 -6.42 -1.37
H861 CDL NB . -81.73 -7.32 -0.80
H873 CDL NB . -83.66 -5.71 0.94
H872 CDL NB . -82.42 -6.74 1.60
H871 CDL NB . -81.98 -5.36 0.63
C1 CDL OB . -81.97 -8.56 -20.28
O1 CDL OB . -83.12 -8.35 -19.46
CA2 CDL OB . -82.12 -9.87 -21.01
OA2 CDL OB . -83.31 -9.81 -21.83
PA1 CDL OB . -83.89 -11.14 -22.48
OA3 CDL OB . -84.41 -10.82 -23.83
OA4 CDL OB . -82.88 -12.22 -22.35
OA5 CDL OB . -85.14 -11.48 -21.55
CA3 CDL OB . -84.92 -11.79 -20.15
CA4 CDL OB . -86.26 -11.92 -19.48
OA6 CDL OB . -86.28 -10.97 -18.37
CA5 CDL OB . -86.63 -9.70 -18.64
OA7 CDL OB . -86.23 -9.08 -19.57
C11 CDL OB . -87.58 -9.17 -17.59
C12 CDL OB . -89.04 -9.26 -18.02
C13 CDL OB . -89.99 -9.08 -16.85
C14 CDL OB . -91.42 -8.79 -17.26
C15 CDL OB . -92.31 -8.31 -16.12
C16 CDL OB . -93.71 -7.89 -16.54
C17 CDL OB . -94.61 -7.48 -15.40
C18 CDL OB . -95.55 -8.56 -14.91
C19 CDL OB . -94.87 -9.77 -14.30
C20 CDL OB . -94.07 -9.48 -13.04
C21 CDL OB . -94.91 -8.91 -11.89
C22 CDL OB . -96.02 -9.84 -11.42
C23 CDL OB . -96.79 -9.31 -10.22
C24 CDL OB . -97.85 -10.27 -9.70
C25 CDL OB . -98.60 -9.73 -8.49
C26 CDL OB . -99.63 -10.70 -7.93
C27 CDL OB . -100.37 -10.16 -6.73
CA6 CDL OB . -86.47 -13.29 -18.92
OA8 CDL OB . -87.89 -13.49 -18.75
CA7 CDL OB . -88.58 -13.88 -19.83
OA9 CDL OB . -88.06 -14.17 -20.87
C31 CDL OB . -90.05 -13.87 -19.58
C32 CDL OB . -90.45 -14.64 -18.34
C33 CDL OB . -89.88 -16.05 -18.31
C34 CDL OB . -90.61 -16.98 -17.37
C35 CDL OB . -89.99 -18.37 -17.25
C36 CDL OB . -90.94 -19.44 -16.72
C37 CDL OB . -91.50 -19.14 -15.35
C38 CDL OB . -92.65 -20.03 -14.94
C39 CDL OB . -93.85 -19.97 -15.86
C40 CDL OB . -95.18 -20.31 -15.19
C41 CDL OB . -95.18 -21.64 -14.47
C42 CDL OB . -96.54 -22.02 -13.87
C43 CDL OB . -97.55 -22.50 -14.91
C44 CDL OB . -98.90 -22.87 -14.33
C45 CDL OB . -99.69 -21.70 -13.78
C46 CDL OB . -101.08 -22.05 -13.28
C47 CDL OB . -101.87 -20.85 -12.84
CB2 CDL OB . -80.72 -8.48 -19.42
OB2 CDL OB . -79.71 -9.31 -20.01
PB2 CDL OB . -78.78 -10.20 -19.06
OB3 CDL OB . -78.21 -9.31 -18.04
OB4 CDL OB . -77.88 -11.02 -19.89
OB5 CDL OB . -79.85 -11.15 -18.34
CB3 CDL OB . -79.60 -11.63 -17.00
CB4 CDL OB . -79.09 -13.05 -17.09
OB6 CDL OB . -80.10 -13.89 -17.77
CB5 CDL OB . -81.38 -13.73 -17.42
OB7 CDL OB . -81.75 -13.51 -16.30
C51 CDL OB . -82.27 -13.84 -18.62
C52 CDL OB . -82.03 -15.12 -19.41
C53 CDL OB . -82.38 -16.39 -18.65
C54 CDL OB . -83.85 -16.52 -18.31
C55 CDL OB . -84.21 -17.84 -17.66
C56 CDL OB . -85.67 -17.95 -17.25
C57 CDL OB . -85.94 -18.99 -16.19
C58 CDL OB . -85.39 -18.62 -14.81
C59 CDL OB . -85.67 -19.66 -13.74
C60 CDL OB . -87.10 -19.68 -13.24
C61 CDL OB . -87.42 -20.83 -12.31
C62 CDL OB . -86.49 -20.95 -11.11
C63 CDL OB . -86.64 -19.81 -10.08
C64 CDL OB . -87.72 -20.07 -9.03
C65 CDL OB . -87.38 -21.19 -8.06
C66 CDL OB . -88.46 -21.49 -7.05
C67 CDL OB . -88.15 -22.71 -6.23
CB6 CDL OB . -78.83 -13.63 -15.73
OB8 CDL OB . -77.82 -14.66 -15.88
CB7 CDL OB . -77.24 -15.11 -14.77
OB9 CDL OB . -77.30 -14.54 -13.72
C71 CDL OB . -76.54 -16.41 -15.01
C72 CDL OB . -76.12 -17.09 -13.71
C73 CDL OB . -74.97 -16.40 -13.00
C74 CDL OB . -74.91 -16.68 -11.52
C75 CDL OB . -75.74 -15.70 -10.71
C76 CDL OB . -76.15 -16.22 -9.34
C77 CDL OB . -77.63 -16.57 -9.24
C78 CDL OB . -78.17 -16.65 -7.82
C79 CDL OB . -78.07 -18.03 -7.19
C80 CDL OB . -76.66 -18.51 -6.95
C81 CDL OB . -76.19 -19.58 -7.93
C82 CDL OB . -76.49 -21.00 -7.49
C83 CDL OB . -77.97 -21.36 -7.44
C84 CDL OB . -78.23 -22.76 -6.93
C85 CDL OB . -79.65 -23.25 -7.16
C86 CDL OB . -79.96 -23.54 -8.62
C87 CDL OB . -81.13 -24.46 -8.79
H1 CDL OB . -82.03 -7.71 -20.95
H1O1 CDL OB . -83.93 -8.59 -19.97
HA22 CDL OB . -81.26 -10.09 -21.65
HA21 CDL OB . -82.24 -10.71 -20.34
HA32 CDL OB . -84.31 -11.03 -19.69
HA31 CDL OB . -84.37 -12.73 -20.10
HA4 CDL OB . -87.06 -11.70 -20.19
H112 CDL OB . -87.45 -9.69 -16.65
H111 CDL OB . -87.29 -8.15 -17.39
H122 CDL OB . -89.24 -8.51 -18.78
H121 CDL OB . -89.22 -10.22 -18.51
H132 CDL OB . -89.63 -8.28 -16.20
H131 CDL OB . -89.97 -9.98 -16.22
H142 CDL OB . -91.86 -9.67 -17.72
H141 CDL OB . -91.43 -8.04 -18.06
H152 CDL OB . -91.83 -7.49 -15.59
H151 CDL OB . -92.36 -9.10 -15.36
H162 CDL OB . -94.18 -8.71 -17.09
H161 CDL OB . -93.63 -7.08 -17.27
H172 CDL OB . -94.01 -7.12 -14.56
H171 CDL OB . -95.19 -6.60 -15.69
H182 CDL OB . -96.17 -8.89 -15.74
H181 CDL OB . -96.27 -8.14 -14.20
H192 CDL OB . -94.21 -10.23 -15.04
H191 CDL OB . -95.61 -10.54 -14.09
H202 CDL OB . -93.57 -10.38 -12.70
H201 CDL OB . -93.25 -8.80 -13.26
H212 CDL OB . -94.25 -8.68 -11.04
H211 CDL OB . -95.32 -7.95 -12.17
H222 CDL OB . -95.61 -10.82 -11.19
H221 CDL OB . -96.71 -10.02 -12.24
H232 CDL OB . -96.08 -9.07 -9.41
H231 CDL OB . -97.23 -8.36 -10.46
H242 CDL OB . -97.39 -11.22 -9.45
H241 CDL OB . -98.55 -10.50 -10.50
H252 CDL OB . -97.90 -9.47 -7.70
H251 CDL OB . -99.09 -8.80 -8.74
H262 CDL OB . -99.16 -11.65 -7.67
H261 CDL OB . -100.34 -10.98 -8.71
H273 CDL OB . -101.03 -10.90 -6.27
H272 CDL OB . -101.00 -9.30 -6.99
H271 CDL OB . -99.69 -9.82 -5.95
HA62 CDL OB . -86.04 -14.05 -19.56
HA61 CDL OB . -86.00 -13.39 -17.94
H312 CDL OB . -90.40 -12.84 -19.50
H311 CDL OB . -90.56 -14.27 -20.45
H322 CDL OB . -91.54 -14.68 -18.27
H321 CDL OB . -90.14 -14.10 -17.45
H332 CDL OB . -89.88 -16.46 -19.31
H331 CDL OB . -88.83 -16.01 -18.04
H342 CDL OB . -91.65 -17.09 -17.68
H341 CDL OB . -90.67 -16.53 -16.38
H352 CDL OB . -89.60 -18.68 -18.22
H351 CDL OB . -89.11 -18.31 -16.61
H362 CDL OB . -90.42 -20.40 -16.70
H361 CDL OB . -91.74 -19.58 -17.44
H372 CDL OB . -90.71 -19.20 -14.61
H371 CDL OB . -91.83 -18.09 -15.30
H382 CDL OB . -92.30 -21.06 -14.87
H381 CDL OB . -92.97 -19.79 -13.92
H392 CDL OB . -93.70 -20.63 -16.71
H391 CDL OB . -93.92 -18.97 -16.29
H402 CDL OB . -95.98 -20.29 -15.94
H401 CDL OB . -95.45 -19.51 -14.50
H412 CDL OB . -94.43 -21.63 -13.68
H411 CDL OB . -94.85 -22.43 -15.15
H422 CDL OB . -96.40 -22.78 -13.11
H421 CDL OB . -96.94 -21.17 -13.33
H432 CDL OB . -97.14 -23.36 -15.45
H431 CDL OB . -97.68 -21.74 -15.67
H442 CDL OB . -99.49 -23.39 -15.08
H441 CDL OB . -98.77 -23.62 -13.54
H452 CDL OB . -99.76 -20.92 -14.54
H451 CDL OB . -99.13 -21.22 -12.98
H462 CDL OB . -101.63 -22.60 -14.06
H461 CDL OB . -101.01 -22.77 -12.47
H473 CDL OB . -101.37 -20.28 -12.07
H472 CDL OB . -102.07 -20.17 -13.67
H471 CDL OB . -102.85 -21.13 -12.44
HB22 CDL OB . -80.92 -8.82 -18.40
HB21 CDL OB . -80.35 -7.47 -19.36
HB32 CDL OB . -78.84 -11.00 -16.55
HB31 CDL OB . -80.49 -11.52 -16.39
HB4 CDL OB . -78.19 -13.05 -17.69
H512 CDL OB . -82.11 -12.98 -19.25
H511 CDL OB . -83.31 -13.78 -18.32
H522 CDL OB . -82.58 -15.08 -20.35
H521 CDL OB . -80.99 -15.16 -19.73
H532 CDL OB . -81.79 -16.43 -17.74
H531 CDL OB . -82.05 -17.26 -19.22
H542 CDL OB . -84.15 -15.70 -17.67
H541 CDL OB . -84.44 -16.39 -19.21
H552 CDL OB . -83.55 -18.01 -16.81
H551 CDL OB . -83.97 -18.65 -18.34
H562 CDL OB . -86.28 -18.15 -18.14
H561 CDL OB . -86.02 -16.97 -16.92
H572 CDL OB . -87.01 -19.16 -16.12
H571 CDL OB . -85.54 -19.95 -16.50
H582 CDL OB . -85.79 -17.66 -14.51
H581 CDL OB . -84.32 -18.46 -14.88
H592 CDL OB . -85.00 -19.47 -12.90
H591 CDL OB . -85.38 -20.64 -14.09
H602 CDL OB . -87.78 -19.72 -14.10
H601 CDL OB . -87.34 -18.73 -12.76
H612 CDL OB . -87.39 -21.77 -12.87
H611 CDL OB . -88.45 -20.76 -11.98
H622 CDL OB . -85.46 -21.00 -11.43
H621 CDL OB . -86.66 -21.91 -10.63
H632 CDL OB . -85.70 -19.65 -9.58
H631 CDL OB . -86.85 -18.88 -10.59
H642 CDL OB . -88.66 -20.29 -9.52
H641 CDL OB . -87.90 -19.15 -8.48
H652 CDL OB . -87.15 -22.10 -8.60
H651 CDL OB . -86.45 -20.94 -7.53
H662 CDL OB . -89.41 -21.62 -7.56
H661 CDL OB . -88.61 -20.64 -6.39
H673 CDL OB . -87.37 -22.53 -5.49
H672 CDL OB . -89.02 -23.08 -5.69
H671 CDL OB . -87.80 -23.54 -6.84
HB62 CDL OB . -79.72 -14.05 -15.30
HB61 CDL OB . -78.45 -12.89 -15.03
H712 CDL OB . -75.67 -16.22 -15.63
H711 CDL OB . -77.16 -17.08 -15.60
H722 CDL OB . -75.86 -18.13 -13.93
H721 CDL OB . -76.98 -17.16 -13.04
H732 CDL OB . -75.04 -15.33 -13.17
H731 CDL OB . -74.03 -16.67 -13.46
H742 CDL OB . -75.25 -17.70 -11.33
H741 CDL OB . -73.88 -16.66 -11.17
H752 CDL OB . -75.20 -14.77 -10.60
H751 CDL OB . -76.63 -15.42 -11.28
H762 CDL OB . -75.90 -15.47 -8.58
H761 CDL OB . -75.55 -17.08 -9.07
H772 CDL OB . -78.22 -15.84 -9.80
H771 CDL OB . -77.80 -17.51 -9.75
H782 CDL OB . -79.20 -16.31 -7.81
H781 CDL OB . -77.63 -15.93 -7.20
H792 CDL OB . -78.60 -18.74 -7.82
H791 CDL OB . -78.63 -18.03 -6.25
H802 CDL OB . -76.59 -18.90 -5.94
H801 CDL OB . -75.97 -17.67 -6.96
H812 CDL OB . -75.13 -19.47 -8.11
H811 CDL OB . -76.65 -19.40 -8.90
H822 CDL OB . -76.04 -21.18 -6.51
H821 CDL OB . -75.97 -21.70 -8.14
H832 CDL OB . -78.41 -21.23 -8.43
H831 CDL OB . -78.50 -20.65 -6.81
H842 CDL OB . -78.01 -22.81 -5.87
H841 CDL OB . -77.54 -23.45 -7.39
H852 CDL OB . -79.83 -24.14 -6.57
H851 CDL OB . -80.36 -22.52 -6.78
H862 CDL OB . -80.16 -22.61 -9.15
H861 CDL OB . -79.09 -23.95 -9.12
H873 CDL OB . -81.93 -24.26 -8.08
H872 CDL OB . -80.84 -25.51 -8.66
H871 CDL OB . -81.57 -24.39 -9.79
O12 PC1 PB . -90.51 -29.70 -4.31
P PC1 PB . -90.35 -28.71 -3.21
O14 PC1 PB . -91.50 -28.43 -2.31
O13 PC1 PB . -89.14 -29.17 -2.27
C11 PC1 PB . -88.32 -28.20 -1.59
C12 PC1 PB . -89.05 -27.94 -0.29
N PC1 PB . -88.40 -26.97 0.65
C13 PC1 PB . -88.38 -25.60 0.07
C14 PC1 PB . -89.17 -26.93 1.93
C15 PC1 PB . -86.99 -27.39 0.94
O11 PC1 PB . -89.90 -27.30 -3.82
C1 PC1 PB . -89.87 -27.08 -5.25
C2 PC1 PB . -91.19 -26.56 -5.71
O21 PC1 PB . -91.38 -26.99 -7.10
C21 PC1 PB . -91.89 -28.21 -7.31
O22 PC1 PB . -91.87 -29.09 -6.48
C22 PC1 PB . -92.46 -28.33 -8.68
C23 PC1 PB . -93.36 -27.15 -9.06
C24 PC1 PB . -94.06 -27.36 -10.38
C25 PC1 PB . -94.93 -26.20 -10.82
C26 PC1 PB . -96.00 -25.81 -9.82
C27 PC1 PB . -97.03 -24.84 -10.37
C28 PC1 PB . -98.06 -24.38 -9.35
C29 PC1 PB . -99.14 -23.48 -9.93
C2A PC1 PB . -100.10 -22.93 -8.89
C2B PC1 PB . -101.24 -22.13 -9.48
C2C PC1 PB . -102.13 -21.46 -8.44
C2D PC1 PB . -103.34 -20.76 -9.02
C2E PC1 PB . -104.12 -19.93 -8.02
C2F PC1 PB . -105.40 -19.34 -8.59
C2G PC1 PB . -106.11 -18.38 -7.65
C2H PC1 PB . -107.44 -17.88 -8.17
C2I PC1 PB . -108.10 -16.87 -7.25
C3 PC1 PB . -91.24 -25.06 -5.68
O31 PC1 PB . -92.53 -24.62 -6.15
C31 PC1 PB . -92.81 -23.33 -6.01
O32 PC1 PB . -92.11 -22.55 -5.42
C32 PC1 PB . -94.10 -22.97 -6.69
C33 PC1 PB . -93.91 -22.18 -7.97
C34 PC1 PB . -95.17 -21.49 -8.46
C35 PC1 PB . -95.05 -20.88 -9.84
C36 PC1 PB . -96.30 -20.14 -10.30
C37 PC1 PB . -96.48 -18.77 -9.67
C38 PC1 PB . -97.83 -18.12 -9.96
C39 PC1 PB . -98.04 -17.71 -11.42
C3A PC1 PB . -97.33 -16.41 -11.81
C3B PC1 PB . -97.66 -15.95 -13.21
C3C PC1 PB . -97.32 -14.49 -13.49
C3D PC1 PB . -97.79 -14.00 -14.84
C3E PC1 PB . -97.72 -12.49 -15.02
C3F PC1 PB . -98.80 -11.92 -15.92
C3G PC1 PB . -98.72 -10.42 -16.11
C3H PC1 PB . -99.93 -9.82 -16.84
C3I PC1 PB . -99.78 -8.35 -17.13
H111 PC1 PB . -87.32 -28.61 -1.47
H112 PC1 PB . -88.22 -27.31 -2.20
H121 PC1 PB . -90.06 -27.59 -0.51
H122 PC1 PB . -89.20 -28.87 0.25
H131 PC1 PB . -87.89 -24.88 0.73
H132 PC1 PB . -87.86 -25.55 -0.89
H133 PC1 PB . -89.38 -25.21 -0.10
H141 PC1 PB . -88.89 -26.08 2.55
H142 PC1 PB . -88.99 -27.83 2.53
H143 PC1 PB . -90.23 -26.86 1.77
H151 PC1 PB . -86.94 -28.44 1.22
H152 PC1 PB . -86.33 -27.26 0.08
H153 PC1 PB . -86.56 -26.81 1.76
H11 PC1 PB . -89.06 -26.39 -5.47
H12 PC1 PB . -89.62 -28.02 -5.76
H2 PC1 PB . -91.99 -26.95 -5.09
H221 PC1 PB . -93.01 -29.26 -8.76
H222 PC1 PB . -91.64 -28.42 -9.39
H231 PC1 PB . -94.08 -26.98 -8.26
H232 PC1 PB . -92.76 -26.25 -9.09
H241 PC1 PB . -93.33 -27.58 -11.15
H242 PC1 PB . -94.68 -28.26 -10.33
H251 PC1 PB . -95.39 -26.42 -11.78
H252 PC1 PB . -94.30 -25.33 -11.03
H261 PC1 PB . -95.54 -25.38 -8.94
H262 PC1 PB . -96.50 -26.71 -9.46
H271 PC1 PB . -97.54 -25.30 -11.23
H272 PC1 PB . -96.54 -23.97 -10.80
H281 PC1 PB . -97.57 -23.88 -8.53
H282 PC1 PB . -98.53 -25.26 -8.89
H291 PC1 PB . -99.70 -24.03 -10.69
H292 PC1 PB . -98.67 -22.67 -10.47
H2A1 PC1 PB . -99.56 -22.33 -8.17
H2A2 PC1 PB . -100.51 -23.75 -8.30
H2B1 PC1 PB . -101.85 -22.75 -10.13
H2B2 PC1 PB . -100.84 -21.37 -10.15
H2C1 PC1 PB . -102.45 -22.20 -7.71
H2C2 PC1 PB . -101.54 -20.75 -7.86
H2D1 PC1 PB . -103.03 -20.12 -9.86
H2D2 PC1 PB . -104.00 -21.49 -9.49
H2E1 PC1 PB . -103.49 -19.13 -7.65
H2E2 PC1 PB . -104.35 -20.53 -7.15
H2F1 PC1 PB . -105.20 -18.83 -9.53
H2F2 PC1 PB . -106.09 -20.15 -8.86
H2G1 PC1 PB . -106.25 -18.85 -6.68
H2G2 PC1 PB . -105.46 -17.53 -7.44
H2H1 PC1 PB . -108.12 -18.71 -8.33
H2H2 PC1 PB . -107.31 -17.43 -9.15
H2I1 PC1 PB . -108.22 -17.27 -6.25
H2I2 PC1 PB . -107.51 -15.95 -7.15
H2I3 PC1 PB . -109.09 -16.58 -7.60
H31 PC1 PB . -90.48 -24.62 -6.34
H32 PC1 PB . -91.05 -24.71 -4.67
H321 PC1 PB . -94.72 -22.41 -5.99
H322 PC1 PB . -94.66 -23.87 -6.89
H331 PC1 PB . -93.53 -22.84 -8.76
H332 PC1 PB . -93.12 -21.44 -7.84
H341 PC1 PB . -96.00 -22.20 -8.43
H342 PC1 PB . -95.46 -20.72 -7.74
H351 PC1 PB . -94.80 -21.66 -10.57
H352 PC1 PB . -94.20 -20.20 -9.87
H361 PC1 PB . -97.18 -20.75 -10.10
H362 PC1 PB . -96.28 -20.05 -11.39
H371 PC1 PB . -96.34 -18.83 -8.60
H372 PC1 PB . -95.68 -18.11 -10.00
H381 PC1 PB . -97.97 -17.25 -9.32
H382 PC1 PB . -98.63 -18.81 -9.67
H391 PC1 PB . -99.10 -17.62 -11.62
H392 PC1 PB . -97.71 -18.51 -12.08
H3A1 PC1 PB . -96.26 -16.53 -11.70
H3A2 PC1 PB . -97.60 -15.63 -11.09
H3B1 PC1 PB . -98.71 -16.13 -13.43
H3B2 PC1 PB . -97.13 -16.57 -13.93
H3C1 PC1 PB . -96.25 -14.34 -13.39
H3C2 PC1 PB . -97.77 -13.87 -12.70
H3D1 PC1 PB . -98.81 -14.33 -15.03
H3D2 PC1 PB . -97.20 -14.48 -15.62
H3E1 PC1 PB . -96.74 -12.20 -15.40
H3E2 PC1 PB . -97.77 -12.00 -14.05
H3F1 PC1 PB . -98.76 -12.41 -16.89
H3F2 PC1 PB . -99.78 -12.19 -15.53
H3G1 PC1 PB . -97.82 -10.17 -16.67
H3G2 PC1 PB . -98.60 -9.93 -15.16
H3H1 PC1 PB . -100.11 -10.36 -17.76
H3H2 PC1 PB . -100.83 -9.99 -16.25
H3I1 PC1 PB . -98.93 -8.15 -17.79
H3I2 PC1 PB . -100.66 -7.92 -17.60
H3I3 PC1 PB . -99.60 -7.76 -16.22
C1B LMT QB . -94.98 -5.47 -29.77
C2B LMT QB . -93.49 -5.25 -30.04
C3B LMT QB . -92.67 -5.40 -28.77
C4B LMT QB . -93.25 -4.54 -27.65
C5B LMT QB . -94.71 -4.92 -27.47
C6B LMT QB . -95.38 -4.10 -26.38
O1B LMT QB . -95.17 -6.82 -29.48
O2B LMT QB . -93.04 -6.20 -31.01
O3B LMT QB . -91.31 -5.04 -29.02
O4' LMT QB . -92.53 -4.76 -26.44
O5B LMT QB . -95.42 -4.66 -28.69
O6B LMT QB . -94.74 -4.29 -25.12
C1' LMT QB . -97.83 -9.87 -30.43
C2' LMT QB . -96.87 -9.44 -31.55
C3' LMT QB . -95.72 -8.60 -30.99
C4' LMT QB . -96.28 -7.48 -30.12
C5' LMT QB . -97.17 -8.09 -29.04
C6' LMT QB . -97.75 -7.08 -28.07
O1' LMT QB . -98.92 -10.49 -31.03
O2' LMT QB . -96.34 -10.60 -32.17
O3' LMT QB . -94.96 -8.06 -32.05
O5' LMT QB . -98.27 -8.75 -29.69
O6' LMT QB . -98.51 -7.73 -27.07
C1 LMT QB . -98.76 -11.89 -31.22
C2 LMT QB . -99.77 -12.60 -30.35
C3 LMT QB . -99.73 -14.09 -30.49
C4 LMT QB . -99.97 -14.54 -31.91
C5 LMT QB . -100.75 -15.84 -31.98
C6 LMT QB . -99.97 -17.00 -31.43
C7 LMT QB . -98.79 -17.36 -32.29
C8 LMT QB . -98.38 -18.79 -32.11
C9 LMT QB . -97.96 -19.12 -30.72
C10 LMT QB . -97.53 -20.55 -30.59
C11 LMT QB . -97.34 -21.01 -29.18
C12 LMT QB . -97.11 -22.48 -29.12
H1B LMT QB . -95.58 -5.08 -30.58
H2B LMT QB . -93.34 -4.26 -30.47
H3B LMT QB . -92.70 -6.43 -28.44
H4B LMT QB . -93.17 -3.49 -27.94
H5B LMT QB . -94.78 -5.96 -27.20
H6'2 LMT QB . -95.30 -3.04 -26.57
H6'1 LMT QB . -96.45 -4.32 -26.31
H1' LMT QB . -97.33 -10.56 -29.75
H2' LMT QB . -97.42 -8.86 -32.28
H3' LMT QB . -95.09 -9.23 -30.38
H4' LMT QB . -96.86 -6.80 -30.73
H5' LMT QB . -96.60 -8.82 -28.49
H6D LMT QB . -98.45 -6.42 -28.55
H6E LMT QB . -96.98 -6.47 -27.63
H12 LMT QB . -97.76 -12.23 -30.96
H11 LMT QB . -98.89 -12.13 -32.27
H22 LMT QB . -100.77 -12.26 -30.63
H21 LMT QB . -99.67 -12.30 -29.31
H32 LMT QB . -100.47 -14.55 -29.83
H31 LMT QB . -98.77 -14.48 -30.13
H42 LMT QB . -100.50 -13.76 -32.46
H41 LMT QB . -99.03 -14.65 -32.43
H52 LMT QB . -101.01 -16.04 -33.02
H51 LMT QB . -101.69 -15.74 -31.46
H62 LMT QB . -100.63 -17.86 -31.29
H61 LMT QB . -99.63 -16.77 -30.42
H72 LMT QB . -99.03 -17.19 -33.33
H71 LMT QB . -97.95 -16.71 -32.07
H82 LMT QB . -99.21 -19.44 -32.38
H81 LMT QB . -97.59 -19.05 -32.81
H92 LMT QB . -98.78 -18.92 -30.01
H91 LMT QB . -97.15 -18.46 -30.39
H102 LMT QB . -96.62 -20.69 -31.16
H101 LMT QB . -98.27 -21.18 -31.09
H112 LMT QB . -98.22 -20.74 -28.58
H111 LMT QB . -96.52 -20.47 -28.72
H123 LMT QB . -96.98 -22.82 -28.10
H122 LMT QB . -96.22 -22.76 -29.68
H121 LMT QB . -97.94 -23.04 -29.55
C1 CDL RB . 0.87 -19.26 -0.11
O1 CDL RB . 0.40 -18.42 0.94
CA2 CDL RB . 2.20 -18.77 -0.59
OA2 CDL RB . 2.96 -18.28 0.55
PA1 CDL RB . 4.45 -17.78 0.36
OA3 CDL RB . 5.29 -18.41 1.39
OA4 CDL RB . 4.82 -17.93 -1.07
OA5 CDL RB . 4.39 -16.23 0.71
CA3 CDL RB . 5.12 -15.28 -0.08
CA4 CDL RB . 4.25 -14.81 -1.21
OA6 CDL RB . 5.02 -13.89 -2.05
CA5 CDL RB . 4.55 -13.59 -3.26
OA7 CDL RB . 3.37 -13.65 -3.55
C11 CDL RB . 5.64 -13.15 -4.18
C12 CDL RB . 5.11 -12.33 -5.36
C13 CDL RB . 6.22 -11.62 -6.12
C14 CDL RB . 7.06 -12.55 -6.99
C15 CDL RB . 8.39 -11.95 -7.40
C16 CDL RB . 9.06 -12.67 -8.56
C17 CDL RB . 9.71 -11.75 -9.57
C18 CDL RB . 10.47 -12.47 -10.67
C19 CDL RB . 10.89 -11.57 -11.83
C20 CDL RB . 11.80 -12.26 -12.83
C21 CDL RB . 11.96 -11.49 -14.13
C22 CDL RB . 12.91 -12.15 -15.11
C23 CDL RB . 12.82 -11.59 -16.53
C24 CDL RB . 13.78 -12.23 -17.51
C25 CDL RB . 13.54 -11.81 -18.95
C26 CDL RB . 14.57 -12.34 -19.93
C27 CDL RB . 14.29 -11.90 -21.35
CA6 CDL RB . 3.04 -14.08 -0.72
OA8 CDL RB . 3.37 -12.66 -0.65
CA7 CDL RB . 2.34 -11.81 -0.58
OA9 CDL RB . 1.28 -12.09 -0.09
C31 CDL RB . 2.69 -10.49 -1.19
C32 CDL RB . 1.70 -9.38 -0.85
C33 CDL RB . 0.29 -9.70 -1.27
C34 CDL RB . -0.49 -8.50 -1.81
C35 CDL RB . 0.02 -8.01 -3.16
C36 CDL RB . -0.95 -7.10 -3.89
C37 CDL RB . -0.48 -6.72 -5.28
C38 CDL RB . -1.33 -5.64 -5.95
C39 CDL RB . -0.59 -4.79 -6.96
C40 CDL RB . 0.64 -4.07 -6.41
C41 CDL RB . 0.38 -3.18 -5.20
C42 CDL RB . 1.58 -3.00 -4.28
C43 CDL RB . 1.96 -4.26 -3.52
C44 CDL RB . 3.17 -4.09 -2.62
C45 CDL RB . 3.73 -5.41 -2.10
C46 CDL RB . 5.01 -5.27 -1.31
C47 CDL RB . 5.59 -6.59 -0.90
CB2 CDL RB . -0.17 -19.30 -1.22
OB2 CDL RB . -0.25 -17.98 -1.79
PB2 CDL RB . -1.48 -17.61 -2.74
OB3 CDL RB . -2.72 -18.07 -2.09
OB4 CDL RB . -1.18 -18.05 -4.13
OB5 CDL RB . -1.48 -16.01 -2.69
CB3 CDL RB . -0.31 -15.26 -3.10
CB4 CDL RB . -0.77 -13.94 -3.63
OB6 CDL RB . 0.40 -13.16 -4.02
CB5 CDL RB . 0.27 -12.31 -5.05
OB7 CDL RB . -0.73 -12.21 -5.72
C51 CDL RB . 1.51 -11.50 -5.26
C52 CDL RB . 1.28 -10.29 -6.16
C53 CDL RB . 2.49 -9.39 -6.30
C54 CDL RB . 2.30 -8.27 -7.29
C55 CDL RB . 3.43 -7.25 -7.34
C56 CDL RB . 3.31 -6.23 -8.45
C57 CDL RB . 4.19 -5.01 -8.28
C58 CDL RB . 4.15 -4.04 -9.46
C59 CDL RB . 4.88 -4.52 -10.69
C60 CDL RB . 6.40 -4.52 -10.56
C61 CDL RB . 7.03 -3.15 -10.74
C62 CDL RB . 8.43 -3.02 -10.16
C63 CDL RB . 9.41 -4.09 -10.61
C64 CDL RB . 9.70 -4.09 -12.09
C65 CDL RB . 10.88 -4.98 -12.48
C66 CDL RB . 11.11 -5.13 -13.98
C67 CDL RB . 10.46 -6.36 -14.56
CB6 CDL RB . -1.53 -13.16 -2.58
OB8 CDL RB . -1.78 -11.84 -3.11
CB7 CDL RB . -3.05 -11.45 -3.22
OB9 CDL RB . -3.98 -12.05 -2.76
C71 CDL RB . -3.16 -10.18 -4.01
C72 CDL RB . -4.49 -10.02 -4.73
C73 CDL RB . -5.63 -9.72 -3.77
C74 CDL RB . -6.86 -9.16 -4.45
C75 CDL RB . -8.02 -8.93 -3.51
C76 CDL RB . -9.16 -8.11 -4.09
C77 CDL RB . -8.83 -6.63 -4.25
C78 CDL RB . -8.67 -5.89 -2.94
C79 CDL RB . -8.42 -4.39 -3.09
C80 CDL RB . -7.09 -4.04 -3.74
C81 CDL RB . -6.98 -2.59 -4.19
C82 CDL RB . -7.99 -2.20 -5.25
C83 CDL RB . -7.57 -1.03 -6.12
C84 CDL RB . -7.32 0.26 -5.35
C85 CDL RB . -6.86 1.40 -6.23
C86 CDL RB . -6.73 2.74 -5.50
C87 CDL RB . -6.18 3.84 -6.39
H1 CDL RB . 0.94 -20.23 0.40
H1O1 CDL RB . -0.56 -18.63 1.11
HA22 CDL RB . 2.79 -19.55 -1.08
HA21 CDL RB . 2.12 -17.95 -1.28
HA32 CDL RB . 6.04 -15.72 -0.44
HA31 CDL RB . 5.41 -14.44 0.55
HA4 CDL RB . 3.92 -15.68 -1.80
H112 CDL RB . 6.40 -12.59 -3.66
H111 CDL RB . 6.14 -14.05 -4.55
H122 CDL RB . 4.53 -12.96 -6.02
H121 CDL RB . 4.41 -11.58 -4.98
H132 CDL RB . 5.78 -10.84 -6.75
H131 CDL RB . 6.86 -11.08 -5.43
H142 CDL RB . 7.23 -13.48 -6.46
H141 CDL RB . 6.49 -12.82 -7.87
H152 CDL RB . 9.07 -11.94 -6.55
H151 CDL RB . 8.26 -10.90 -7.66
H162 CDL RB . 8.32 -13.30 -9.07
H161 CDL RB . 9.79 -13.38 -8.18
H172 CDL RB . 10.38 -11.05 -9.06
H171 CDL RB . 8.96 -11.10 -10.02
H182 CDL RB . 9.86 -13.28 -11.05
H181 CDL RB . 11.34 -12.96 -10.25
H192 CDL RB . 10.00 -11.19 -12.33
H191 CDL RB . 11.38 -10.68 -11.44
H202 CDL RB . 11.41 -13.26 -13.04
H201 CDL RB . 12.78 -12.44 -12.38
H212 CDL RB . 10.99 -11.36 -14.60
H211 CDL RB . 12.30 -10.48 -13.92
H222 CDL RB . 12.73 -13.22 -15.13
H221 CDL RB . 13.94 -12.06 -14.75
H232 CDL RB . 12.96 -10.51 -16.50
H231 CDL RB . 11.79 -11.71 -16.89
H242 CDL RB . 14.80 -11.98 -17.23
H241 CDL RB . 13.73 -13.31 -17.43
H252 CDL RB . 12.55 -12.14 -19.26
H251 CDL RB . 13.50 -10.72 -19.01
H262 CDL RB . 15.57 -12.01 -19.64
H261 CDL RB . 14.61 -13.42 -19.88
H273 CDL RB . 14.21 -10.83 -21.44
H272 CDL RB . 15.09 -12.22 -22.03
H271 CDL RB . 13.36 -12.33 -21.73
HA62 CDL RB . 2.73 -14.44 0.26
HA61 CDL RB . 2.20 -14.20 -1.39
H312 CDL RB . 2.77 -10.60 -2.27
H311 CDL RB . 3.69 -10.21 -0.87
H322 CDL RB . 2.04 -8.45 -1.30
H321 CDL RB . 1.74 -9.19 0.23
H332 CDL RB . 0.29 -10.48 -2.01
H331 CDL RB . -0.26 -10.11 -0.42
H342 CDL RB . -0.45 -7.68 -1.09
H341 CDL RB . -1.54 -8.74 -1.87
H352 CDL RB . 0.27 -8.87 -3.79
H351 CDL RB . 0.97 -7.50 -3.03
H362 CDL RB . -1.12 -6.20 -3.31
H361 CDL RB . -1.93 -7.57 -3.95
H372 CDL RB . -0.48 -7.62 -5.91
H371 CDL RB . 0.56 -6.42 -5.24
H382 CDL RB . -1.82 -5.04 -5.19
H381 CDL RB . -2.17 -6.13 -6.45
H392 CDL RB . -1.28 -4.06 -7.39
H391 CDL RB . -0.29 -5.40 -7.81
H402 CDL RB . 1.07 -3.46 -7.20
H401 CDL RB . 1.42 -4.79 -6.19
H412 CDL RB . -0.47 -3.55 -4.62
H411 CDL RB . 0.05 -2.20 -5.55
H422 CDL RB . 1.38 -2.19 -3.58
H421 CDL RB . 2.43 -2.64 -4.86
H432 CDL RB . 2.13 -5.08 -4.20
H431 CDL RB . 1.12 -4.58 -2.91
H442 CDL RB . 2.94 -3.44 -1.79
H441 CDL RB . 3.96 -3.56 -3.17
H452 CDL RB . 3.89 -6.09 -2.93
H451 CDL RB . 2.97 -5.90 -1.49
H462 CDL RB . 4.85 -4.65 -0.43
H461 CDL RB . 5.75 -4.72 -1.90
H473 CDL RB . 5.02 -7.08 -0.10
H472 CDL RB . 6.61 -6.50 -0.53
H471 CDL RB . 5.62 -7.30 -1.72
HB22 CDL RB . -1.14 -19.62 -0.85
HB21 CDL RB . 0.13 -19.98 -2.01
HB32 CDL RB . 0.33 -15.13 -2.22
HB31 CDL RB . 0.27 -15.83 -3.81
HB4 CDL RB . -1.38 -14.12 -4.51
H512 CDL RB . 1.88 -11.18 -4.29
H511 CDL RB . 2.30 -12.13 -5.67
H522 CDL RB . 0.96 -10.63 -7.15
H521 CDL RB . 0.43 -9.72 -5.80
H532 CDL RB . 2.73 -8.96 -5.32
H531 CDL RB . 3.37 -9.98 -6.56
H542 CDL RB . 1.36 -7.76 -7.11
H541 CDL RB . 2.17 -8.69 -8.29
H552 CDL RB . 4.39 -7.77 -7.42
H551 CDL RB . 3.50 -6.74 -6.38
H562 CDL RB . 3.51 -6.71 -9.41
H561 CDL RB . 2.27 -5.91 -8.53
H572 CDL RB . 3.91 -4.48 -7.38
H571 CDL RB . 5.21 -5.33 -8.09
H582 CDL RB . 3.11 -3.83 -9.71
H581 CDL RB . 4.53 -3.07 -9.15
H592 CDL RB . 4.61 -3.90 -11.54
H591 CDL RB . 4.54 -5.52 -10.98
H602 CDL RB . 6.83 -5.20 -11.28
H601 CDL RB . 6.69 -4.92 -9.59
H612 CDL RB . 6.38 -2.39 -10.30
H611 CDL RB . 7.05 -2.89 -11.80
H622 CDL RB . 8.37 -3.01 -9.07
H621 CDL RB . 8.84 -2.05 -10.40
H632 CDL RB . 9.02 -5.08 -10.33
H631 CDL RB . 10.33 -4.01 -10.04
H642 CDL RB . 9.89 -3.07 -12.42
H641 CDL RB . 8.82 -4.39 -12.64
H652 CDL RB . 10.74 -5.97 -12.05
H651 CDL RB . 11.79 -4.62 -12.02
H662 CDL RB . 10.73 -4.24 -14.49
H661 CDL RB . 12.17 -5.13 -14.19
H673 CDL RB . 9.39 -6.40 -14.37
H672 CDL RB . 10.88 -7.27 -14.15
H671 CDL RB . 10.58 -6.42 -15.64
HB62 CDL RB . -2.46 -13.67 -2.35
HB61 CDL RB . -0.97 -13.08 -1.66
H712 CDL RB . -3.02 -9.35 -3.32
H711 CDL RB . -2.34 -10.11 -4.72
H722 CDL RB . -4.41 -9.23 -5.47
H721 CDL RB . -4.71 -10.92 -5.30
H732 CDL RB . -5.90 -10.62 -3.22
H731 CDL RB . -5.28 -9.02 -3.02
H742 CDL RB . -7.16 -9.83 -5.25
H741 CDL RB . -6.61 -8.24 -4.96
H752 CDL RB . -8.41 -9.89 -3.17
H751 CDL RB . -7.66 -8.47 -2.59
H762 CDL RB . -9.45 -8.52 -5.06
H761 CDL RB . -10.05 -8.22 -3.48
H772 CDL RB . -9.60 -6.15 -4.85
H771 CDL RB . -7.93 -6.53 -4.84
H782 CDL RB . -9.56 -6.04 -2.32
H781 CDL RB . -7.86 -6.33 -2.36
H792 CDL RB . -9.23 -3.94 -3.66
H791 CDL RB . -8.49 -3.90 -2.11
H802 CDL RB . -6.91 -4.68 -4.59
H801 CDL RB . -6.28 -4.27 -3.05
H812 CDL RB . -7.08 -1.94 -3.32
H811 CDL RB . -5.97 -2.41 -4.56
H822 CDL RB . -8.94 -1.97 -4.78
H821 CDL RB . -8.20 -3.06 -5.89
H832 CDL RB . -6.68 -1.30 -6.68
H831 CDL RB . -8.32 -0.85 -6.88
H842 CDL RB . -6.57 0.07 -4.57
H841 CDL RB . -8.21 0.54 -4.81
H852 CDL RB . -7.54 1.51 -7.07
H851 CDL RB . -5.90 1.16 -6.69
H862 CDL RB . -7.70 3.03 -5.11
H861 CDL RB . -6.11 2.62 -4.62
H873 CDL RB . -6.07 4.77 -5.84
H872 CDL RB . -5.21 3.59 -6.81
H871 CDL RB . -6.84 4.05 -7.22
C1 CDL SB . 15.77 -8.38 9.50
O1 CDL SB . 15.53 -7.39 8.50
CA2 CDL SB . 15.04 -8.01 10.76
OA2 CDL SB . 15.35 -6.65 11.11
PA1 CDL SB . 14.71 -6.03 12.44
OA3 CDL SB . 15.35 -4.72 12.69
OA4 CDL SB . 14.74 -7.06 13.50
OA5 CDL SB . 13.20 -5.75 12.01
CA3 CDL SB . 12.73 -4.39 12.07
CA4 CDL SB . 11.33 -4.28 11.54
OA6 CDL SB . 10.99 -5.51 10.81
CA5 CDL SB . 9.72 -5.95 10.88
OA7 CDL SB . 8.96 -5.63 11.77
C11 CDL SB . 9.38 -6.87 9.75
C12 CDL SB . 8.86 -6.16 8.52
C13 CDL SB . 7.42 -6.52 8.17
C14 CDL SB . 6.71 -5.49 7.31
C15 CDL SB . 6.77 -5.77 5.81
C16 CDL SB . 5.77 -4.95 5.00
C17 CDL SB . 6.22 -3.53 4.76
C18 CDL SB . 5.19 -2.61 4.13
C19 CDL SB . 5.72 -1.20 3.90
C20 CDL SB . 4.66 -0.16 3.58
C21 CDL SB . 5.22 1.08 2.89
C22 CDL SB . 5.45 0.90 1.39
C23 CDL SB . 5.26 2.16 0.56
C24 CDL SB . 3.81 2.47 0.20
C25 CDL SB . 2.93 2.84 1.38
C26 CDL SB . 1.57 3.41 1.01
C27 CDL SB . 0.56 3.63 2.10
CA6 CDL SB . 11.17 -3.12 10.61
OA8 CDL SB . 10.60 -3.58 9.35
CA7 CDL SB . 10.16 -2.64 8.52
OA9 CDL SB . 9.86 -1.54 8.86
C31 CDL SB . 10.13 -3.16 7.11
C32 CDL SB . 10.34 -2.06 6.08
C33 CDL SB . 9.05 -1.53 5.51
C34 CDL SB . 9.24 -0.46 4.46
C35 CDL SB . 9.76 0.86 5.02
C36 CDL SB . 10.81 1.58 4.19
C37 CDL SB . 11.75 0.69 3.38
C38 CDL SB . 12.86 1.45 2.69
C39 CDL SB . 12.54 1.78 1.25
C40 CDL SB . 13.35 2.91 0.67
C41 CDL SB . 14.84 2.66 0.63
C42 CDL SB . 15.61 3.78 -0.05
C43 CDL SB . 17.11 3.56 -0.12
C44 CDL SB . 17.52 2.28 -0.84
C45 CDL SB . 18.83 2.41 -1.61
C46 CDL SB . 19.30 1.13 -2.27
C47 CDL SB . 20.49 1.30 -3.16
CB2 CDL SB . 17.26 -8.53 9.70
OB2 CDL SB . 17.96 -7.60 8.84
PB2 CDL SB . 19.46 -7.87 8.38
OB3 CDL SB . 19.73 -9.32 8.56
OB4 CDL SB . 20.35 -6.89 9.04
OB5 CDL SB . 19.46 -7.59 6.80
CB3 CDL SB . 18.28 -7.82 6.01
CB4 CDL SB . 18.16 -6.75 4.97
OB6 CDL SB . 17.15 -7.18 4.01
CB5 CDL SB . 15.97 -6.55 4.02
OB7 CDL SB . 15.30 -6.37 5.01
C51 CDL SB . 15.60 -6.08 2.65
C52 CDL SB . 14.17 -5.60 2.51
C53 CDL SB . 14.05 -4.38 1.60
C54 CDL SB . 14.68 -4.56 0.24
C55 CDL SB . 14.72 -3.29 -0.60
C56 CDL SB . 15.39 -2.12 0.12
C57 CDL SB . 15.77 -0.97 -0.78
C58 CDL SB . 16.71 -1.35 -1.91
C59 CDL SB . 18.03 -1.94 -1.44
C60 CDL SB . 18.99 -2.26 -2.58
C61 CDL SB . 20.41 -2.59 -2.14
C62 CDL SB . 21.33 -2.95 -3.28
C63 CDL SB . 22.64 -3.61 -2.85
C64 CDL SB . 23.35 -4.33 -3.98
C65 CDL SB . 24.51 -5.19 -3.53
C66 CDL SB . 25.06 -6.08 -4.65
C67 CDL SB . 26.38 -6.73 -4.31
CB6 CDL SB . 19.44 -6.54 4.20
OB8 CDL SB . 19.40 -5.23 3.59
CB7 CDL SB . 20.22 -5.00 2.56
OB9 CDL SB . 21.23 -5.63 2.36
C71 CDL SB . 19.72 -3.89 1.70
C72 CDL SB . 20.36 -2.54 1.98
C73 CDL SB . 21.78 -2.41 1.43
C74 CDL SB . 22.35 -1.01 1.51
C75 CDL SB . 21.91 -0.11 0.36
C76 CDL SB . 22.89 -0.09 -0.81
C77 CDL SB . 24.16 0.69 -0.50
C78 CDL SB . 24.86 1.30 -1.70
C79 CDL SB . 26.02 2.23 -1.32
C80 CDL SB . 27.09 1.58 -0.45
C81 CDL SB . 26.84 1.65 1.05
C82 CDL SB . 27.83 0.87 1.90
C83 CDL SB . 27.79 -0.64 1.70
C84 CDL SB . 26.48 -1.31 2.07
C85 CDL SB . 26.54 -2.82 2.17
C86 CDL SB . 27.26 -3.51 1.03
C87 CDL SB . 27.34 -5.00 1.20
H1 CDL SB . 15.35 -9.26 9.05
H1O1 CDL SB . 16.31 -6.80 8.45
HA22 CDL SB . 15.29 -8.66 11.60
HA21 CDL SB . 13.95 -8.06 10.64
HA32 CDL SB . 13.43 -3.74 11.54
HA31 CDL SB . 12.76 -4.06 13.11
HA4 CDL SB . 10.64 -4.14 12.38
H112 CDL SB . 10.24 -7.49 9.48
H111 CDL SB . 8.65 -7.59 10.12
H122 CDL SB . 8.94 -5.08 8.67
H121 CDL SB . 9.51 -6.37 7.66
H132 CDL SB . 7.40 -7.49 7.67
H131 CDL SB . 6.86 -6.68 9.09
H142 CDL SB . 5.67 -5.42 7.62
H141 CDL SB . 7.11 -4.50 7.51
H152 CDL SB . 6.61 -6.83 5.62
H151 CDL SB . 7.77 -5.57 5.46
H162 CDL SB . 5.60 -5.44 4.04
H161 CDL SB . 4.80 -4.95 5.48
H172 CDL SB . 6.57 -3.09 5.69
H171 CDL SB . 7.11 -3.55 4.12
H182 CDL SB . 4.29 -2.59 4.73
H181 CDL SB . 4.86 -3.02 3.17
H192 CDL SB . 6.47 -1.21 3.11
H191 CDL SB . 6.27 -0.87 4.79
H202 CDL SB . 3.89 -0.61 2.95
H201 CDL SB . 4.14 0.13 4.48
H212 CDL SB . 6.18 1.33 3.36
H211 CDL SB . 4.60 1.94 3.11
H222 CDL SB . 6.45 0.51 1.23
H221 CDL SB . 4.79 0.11 1.02
H232 CDL SB . 5.71 3.01 1.08
H231 CDL SB . 5.85 2.07 -0.35
H242 CDL SB . 3.38 1.62 -0.31
H241 CDL SB . 3.79 3.26 -0.55
H252 CDL SB . 3.46 3.56 2.01
H251 CDL SB . 2.79 1.97 2.01
H262 CDL SB . 1.13 2.80 0.24
H261 CDL SB . 1.74 4.37 0.53
H273 CDL SB . -0.40 3.97 1.71
H272 CDL SB . 0.36 2.73 2.68
H271 CDL SB . 0.89 4.39 2.81
HA62 CDL SB . 10.54 -2.35 11.05
HA61 CDL SB . 12.12 -2.65 10.37
H312 CDL SB . 9.17 -3.63 6.93
H311 CDL SB . 10.86 -3.94 6.99
H322 CDL SB . 10.98 -2.43 5.28
H321 CDL SB . 10.92 -1.25 6.53
H332 CDL SB . 8.40 -1.16 6.31
H331 CDL SB . 8.52 -2.36 5.07
H342 CDL SB . 8.29 -0.27 3.96
H341 CDL SB . 9.87 -0.87 3.68
H352 CDL SB . 10.13 0.71 6.04
H351 CDL SB . 8.92 1.52 5.15
H362 CDL SB . 10.33 2.30 3.53
H361 CDL SB . 11.42 2.19 4.86
H372 CDL SB . 12.14 -0.12 3.99
H371 CDL SB . 11.19 0.19 2.60
H382 CDL SB . 13.79 0.89 2.75
H381 CDL SB . 13.06 2.38 3.23
H392 CDL SB . 12.68 0.88 0.64
H391 CDL SB . 11.47 2.00 1.15
H402 CDL SB . 13.15 3.82 1.24
H401 CDL SB . 12.99 3.14 -0.34
H412 CDL SB . 15.21 2.52 1.65
H411 CDL SB . 15.04 1.71 0.14
H422 CDL SB . 15.21 3.93 -1.05
H421 CDL SB . 15.41 4.71 0.47
H432 CDL SB . 17.56 4.41 -0.64
H431 CDL SB . 17.54 3.58 0.87
H442 CDL SB . 17.62 1.49 -0.11
H441 CDL SB . 16.72 1.95 -1.50
H452 CDL SB . 19.60 2.76 -0.94
H451 CDL SB . 18.74 3.19 -2.36
H462 CDL SB . 19.51 0.38 -1.52
H461 CDL SB . 18.48 0.71 -2.86
H473 CDL SB . 20.25 1.83 -4.09
H472 CDL SB . 21.29 1.86 -2.69
H471 CDL SB . 20.91 0.34 -3.46
HB22 CDL SB . 17.55 -8.35 10.74
HB21 CDL SB . 17.59 -9.53 9.44
HB32 CDL SB . 18.37 -8.80 5.53
HB31 CDL SB . 17.39 -7.89 6.64
HB4 CDL SB . 17.84 -5.83 5.45
H512 CDL SB . 16.30 -5.28 2.38
H511 CDL SB . 15.80 -6.86 1.92
H522 CDL SB . 13.74 -5.39 3.48
H521 CDL SB . 13.55 -6.41 2.11
H532 CDL SB . 12.99 -4.11 1.50
H531 CDL SB . 14.49 -3.54 2.12
H542 CDL SB . 14.16 -5.34 -0.31
H541 CDL SB . 15.69 -4.94 0.33
H552 CDL SB . 13.72 -3.02 -0.91
H551 CDL SB . 15.25 -3.50 -1.52
H562 CDL SB . 16.25 -2.46 0.68
H561 CDL SB . 14.70 -1.74 0.89
H572 CDL SB . 16.23 -0.19 -0.19
H571 CDL SB . 14.87 -0.50 -1.19
H582 CDL SB . 16.89 -0.47 -2.53
H581 CDL SB . 16.22 -2.04 -2.60
H592 CDL SB . 17.84 -2.85 -0.88
H591 CDL SB . 18.50 -1.29 -0.71
H602 CDL SB . 19.01 -1.43 -3.29
H601 CDL SB . 18.60 -3.09 -3.16
H612 CDL SB . 20.38 -3.41 -1.41
H611 CDL SB . 20.82 -1.76 -1.59
H622 CDL SB . 21.54 -2.06 -3.87
H621 CDL SB . 20.81 -3.61 -3.99
H632 CDL SB . 22.46 -4.29 -2.03
H631 CDL SB . 23.30 -2.85 -2.43
H642 CDL SB . 23.71 -3.60 -4.71
H641 CDL SB . 22.64 -4.93 -4.53
H652 CDL SB . 25.32 -4.59 -3.13
H651 CDL SB . 24.20 -5.82 -2.69
H662 CDL SB . 25.16 -5.49 -5.56
H661 CDL SB . 24.32 -6.85 -4.89
H673 CDL SB . 26.84 -7.17 -5.19
H672 CDL SB . 26.27 -7.53 -3.58
H671 CDL SB . 27.10 -6.02 -3.90
HB62 CDL SB . 20.31 -6.63 4.85
HB61 CDL SB . 19.56 -7.28 3.41
H712 CDL SB . 19.87 -4.17 0.66
H711 CDL SB . 18.63 -3.80 1.80
H722 CDL SB . 19.75 -1.74 1.59
H721 CDL SB . 20.38 -2.37 3.06
H732 CDL SB . 21.80 -2.76 0.40
H731 CDL SB . 22.45 -3.11 1.96
H742 CDL SB . 23.43 -1.05 1.55
H741 CDL SB . 22.05 -0.55 2.44
H752 CDL SB . 20.93 -0.40 0.01
H751 CDL SB . 21.78 0.90 0.72
H762 CDL SB . 22.42 0.29 -1.71
H761 CDL SB . 23.18 -1.11 -1.06
H772 CDL SB . 24.85 0.02 -0.03
H771 CDL SB . 23.94 1.46 0.24
H782 CDL SB . 24.15 1.85 -2.31
H781 CDL SB . 25.23 0.52 -2.36
H792 CDL SB . 25.63 3.11 -0.80
H791 CDL SB . 26.48 2.63 -2.22
H802 CDL SB . 28.05 2.06 -0.66
H801 CDL SB . 27.23 0.55 -0.76
H812 CDL SB . 26.85 2.69 1.36
H811 CDL SB . 25.83 1.33 1.30
H822 CDL SB . 27.64 1.09 2.96
H821 CDL SB . 28.83 1.24 1.73
H832 CDL SB . 28.60 -1.09 2.28
H831 CDL SB . 28.03 -0.87 0.67
H842 CDL SB . 25.71 -1.05 1.35
H841 CDL SB . 26.11 -0.89 3.01
H852 CDL SB . 25.53 -3.21 2.24
H851 CDL SB . 27.00 -3.11 3.11
H862 CDL SB . 26.77 -3.28 0.08
H861 CDL SB . 28.27 -3.10 0.92
H873 CDL SB . 27.40 -5.29 2.25
H872 CDL SB . 26.48 -5.52 0.79
H871 CDL SB . 28.22 -5.42 0.73
C13 Q7G TB . -41.53 -16.72 -27.41
C15 Q7G TB . -43.57 -17.86 -26.51
C16 Q7G TB . -40.81 -15.44 -27.81
C17 Q7G TB . -40.21 -15.58 -29.19
C01 Q7G TB . -42.20 -21.89 -25.04
C03 Q7G TB . -44.17 -22.66 -26.48
C04 Q7G TB . -45.26 -21.96 -25.64
C06 Q7G TB . -43.67 -20.36 -26.43
C07 Q7G TB . -42.75 -19.13 -26.37
C08 Q7G TB . -41.72 -19.22 -27.52
C10 Q7G TB . -41.97 -21.77 -27.55
C18 Q7G TB . -39.27 -16.74 -29.25
C19 Q7G TB . -40.01 -18.03 -28.92
CG1 Q7G TB . -39.80 -13.96 -30.92
C02 Q7G TB . -42.95 -21.72 -26.37
C05 Q7G TB . -44.82 -20.52 -25.42
C09 Q7G TB . -41.01 -20.59 -27.55
C11 Q7G TB . -40.74 -18.02 -27.57
C12 Q7G TB . -39.70 -18.09 -26.43
C14 Q7G TB . -42.76 -16.66 -26.95
C1B Q7G TB . -36.29 -9.92 -33.04
C1C Q7G TB . -41.11 -11.08 -35.13
C22 Q7G TB . -38.71 -13.00 -31.36
C23 Q7G TB . -38.79 -12.62 -32.84
C24 Q7G TB . -37.53 -11.92 -33.29
C2B Q7G TB . -36.89 -8.60 -33.52
C2C Q7G TB . -41.02 -9.86 -36.05
C3B Q7G TB . -35.84 -7.49 -33.42
C3C Q7G TB . -42.26 -9.78 -36.92
C48 Q7G TB . -40.03 -11.80 -33.14
C4B Q7G TB . -34.45 -8.07 -33.62
C4C Q7G TB . -42.46 -11.10 -37.65
C5B Q7G TB . -34.12 -9.09 -32.54
C5C Q7G TB . -42.49 -12.26 -36.66
C6B Q7G TB . -33.39 -8.51 -31.36
C6C Q7G TB . -42.58 -13.61 -37.33
C73 Q7G TB . -45.19 -24.08 -24.80
C74 Q7G TB . -44.12 -24.09 -25.90
C75 Q7G TB . -44.27 -25.20 -26.93
C76 Q7G TB . -44.86 -24.89 -23.56
C77 Q7G TB . -46.04 -24.94 -22.59
C78 Q7G TB . -47.32 -25.34 -23.29
C79 Q7G TB . -47.53 -24.47 -24.50
C81 Q7G TB . -48.53 -25.26 -22.36
O1 Q7G TB . -34.41 -8.70 -34.91
O11 Q7G TB . -43.71 -11.04 -38.35
O1B Q7G TB . -37.33 -10.71 -32.55
O1C Q7G TB . -39.91 -11.15 -34.41
O20 Q7G TB . -39.54 -14.37 -29.57
O2B Q7G TB . -37.32 -8.72 -34.87
O2C Q7G TB . -40.91 -8.67 -35.26
O3B Q7G TB . -35.94 -6.86 -32.14
O3C Q7G TB . -42.13 -8.72 -37.86
O5B Q7G TB . -35.32 -9.68 -32.04
O5C Q7G TB . -41.27 -12.25 -35.90
O6B Q7G TB . -33.09 -9.51 -30.38
O6C Q7G TB . -43.78 -13.74 -38.08
O72 Q7G TB . -45.31 -22.72 -24.42
O80 Q7G TB . -46.40 -24.53 -25.39
H1 Q7G TB . -44.07 -17.64 -25.56
H2 Q7G TB . -44.37 -17.98 -27.23
H3 Q7G TB . -40.05 -15.22 -27.07
H4 Q7G TB . -41.48 -14.59 -27.78
H5 Q7G TB . -41.04 -15.76 -29.88
H6 Q7G TB . -41.59 -22.80 -25.04
H7 Q7G TB . -41.51 -21.08 -24.84
H8 Q7G TB . -42.86 -21.95 -24.18
H9 Q7G TB . -44.47 -22.72 -27.53
H10 Q7G TB . -46.24 -22.01 -26.11
H11 Q7G TB . -44.16 -20.30 -27.41
H12 Q7G TB . -42.23 -19.11 -25.42
H13 Q7G TB . -42.30 -19.17 -28.44
H14 Q7G TB . -42.52 -21.78 -28.49
H15 Q7G TB . -41.42 -22.70 -27.54
H16 Q7G TB . -38.42 -16.59 -28.59
H17 Q7G TB . -38.82 -16.86 -30.24
H18 Q7G TB . -39.31 -18.85 -28.96
H19 Q7G TB . -40.72 -18.24 -29.72
H20 Q7G TB . -40.76 -13.47 -30.81
H21 Q7G TB . -39.91 -14.82 -31.57
H22 Q7G TB . -45.63 -19.80 -25.61
H23 Q7G TB . -44.51 -20.31 -24.41
H24 Q7G TB . -40.33 -20.69 -26.70
H25 Q7G TB . -40.38 -20.66 -28.43
H27 Q7G TB . -39.03 -18.93 -26.53
H28 Q7G TB . -40.17 -18.16 -25.45
H29 Q7G TB . -39.07 -17.20 -26.39
H30 Q7G TB . -43.29 -15.72 -26.84
H31 Q7G TB . -35.69 -10.41 -33.81
H32 Q7G TB . -41.95 -10.95 -34.46
H35 Q7G TB . -37.73 -13.42 -31.15
H36 Q7G TB . -38.76 -12.09 -30.78
H37 Q7G TB . -38.85 -13.55 -33.40
H38 Q7G TB . -37.58 -11.68 -34.35
H39 Q7G TB . -36.68 -12.59 -33.17
H40 Q7G TB . -37.80 -8.35 -32.99
H41 Q7G TB . -40.15 -9.95 -36.69
H44 Q7G TB . -36.05 -6.68 -34.10
H45 Q7G TB . -43.14 -9.58 -36.30
H48 Q7G TB . -40.95 -12.39 -33.05
H49 Q7G TB . -40.13 -10.94 -32.48
H50 Q7G TB . -33.69 -7.28 -33.58
H51 Q7G TB . -41.63 -11.25 -38.34
H54 Q7G TB . -33.52 -9.92 -32.95
H55 Q7G TB . -43.34 -12.14 -35.99
H60 Q7G TB . -32.40 -8.15 -31.64
H61 Q7G TB . -33.91 -7.65 -30.96
H62 Q7G TB . -42.66 -14.40 -36.57
H63 Q7G TB . -41.70 -13.83 -37.91
H64 Q7G TB . -43.16 -24.29 -25.42
H65 Q7G TB . -45.20 -25.13 -27.50
H66 Q7G TB . -43.47 -25.17 -27.66
H67 Q7G TB . -44.27 -26.18 -26.47
H68 Q7G TB . -43.99 -24.48 -23.06
H69 Q7G TB . -44.58 -25.90 -23.87
H70 Q7G TB . -46.17 -23.96 -22.13
H71 Q7G TB . -45.81 -25.60 -21.77
H72 Q7G TB . -47.23 -26.38 -23.62
H73 Q7G TB . -48.34 -24.81 -25.13
H74 Q7G TB . -47.75 -23.44 -24.22
H75 Q7G TB . -48.63 -24.28 -21.89
H76 Q7G TB . -48.46 -25.98 -21.55
H77 Q7G TB . -49.46 -25.46 -22.88
H81 Q7G TB . -36.65 -9.24 -35.38
H82 Q7G TB . -41.58 -8.75 -34.53
H85 Q7G TB . -35.69 -5.90 -32.27
H86 Q7G TB . -42.86 -8.06 -37.67
H91 Q7G TB . -33.92 -10.05 -30.27
H92 Q7G TB . -44.54 -13.84 -37.44
C1 CDL UB . -69.23 -13.14 -30.16
O1 CDL UB . -69.47 -12.25 -31.25
CA2 CDL UB . -68.01 -12.68 -29.41
OA2 CDL UB . -68.39 -11.69 -28.43
PA1 CDL UB . -67.44 -11.47 -27.17
OA3 CDL UB . -67.48 -10.04 -26.77
OA4 CDL UB . -67.74 -12.51 -26.16
OA5 CDL UB . -66.01 -11.75 -27.82
CA3 CDL UB . -64.82 -11.65 -27.01
CA4 CDL UB . -64.07 -12.94 -27.09
OA6 CDL UB . -64.82 -13.84 -27.96
CA5 CDL UB . -64.15 -14.44 -28.96
OA7 CDL UB . -63.42 -13.86 -29.71
C11 CDL UB . -64.46 -15.90 -29.01
C12 CDL UB . -63.26 -16.74 -29.45
C13 CDL UB . -63.24 -18.12 -28.82
C14 CDL UB . -62.03 -18.94 -29.21
C15 CDL UB . -61.86 -20.20 -28.39
C16 CDL UB . -60.43 -20.73 -28.42
C17 CDL UB . -60.11 -21.70 -27.29
C18 CDL UB . -58.61 -21.93 -27.13
C19 CDL UB . -58.23 -22.86 -25.99
C20 CDL UB . -56.73 -22.94 -25.78
C21 CDL UB . -56.29 -23.96 -24.75
C22 CDL UB . -54.79 -24.17 -24.71
C23 CDL UB . -54.34 -25.31 -23.83
C24 CDL UB . -52.92 -25.78 -24.13
C25 CDL UB . -52.46 -26.94 -23.26
C26 CDL UB . -51.27 -27.69 -23.82
C27 CDL UB . -50.71 -28.72 -22.87
CA6 CDL UB . -63.94 -13.59 -25.74
OA8 CDL UB . -63.16 -14.79 -25.86
CA7 CDL UB . -62.79 -15.37 -24.72
OA9 CDL UB . -63.05 -14.92 -23.63
C31 CDL UB . -62.04 -16.65 -24.94
C32 CDL UB . -62.09 -17.55 -23.73
C33 CDL UB . -61.53 -18.94 -23.97
C34 CDL UB . -61.98 -19.95 -22.95
C35 CDL UB . -61.35 -21.33 -23.10
C36 CDL UB . -62.05 -22.40 -22.29
C37 CDL UB . -61.18 -23.61 -21.98
C38 CDL UB . -60.12 -23.34 -20.94
C39 CDL UB . -59.33 -24.57 -20.52
C40 CDL UB . -58.35 -24.30 -19.38
C41 CDL UB . -57.22 -23.37 -19.75
C42 CDL UB . -56.36 -22.96 -18.56
C43 CDL UB . -55.36 -21.86 -18.89
C44 CDL UB . -54.24 -22.31 -19.82
C45 CDL UB . -53.30 -21.18 -20.20
C46 CDL UB . -52.16 -21.61 -21.10
C47 CDL UB . -52.62 -22.18 -22.42
CB2 CDL UB . -69.09 -14.55 -30.69
OB2 CDL UB . -70.14 -15.36 -30.12
PB2 CDL UB . -69.81 -16.50 -29.06
OB3 CDL UB . -70.72 -16.28 -27.91
OB4 CDL UB . -69.85 -17.81 -29.75
OB5 CDL UB . -68.33 -16.26 -28.50
CB3 CDL UB . -67.73 -17.25 -27.65
CB4 CDL UB . -67.15 -16.58 -26.44
OB6 CDL UB . -66.05 -17.38 -25.90
CB5 CDL UB . -66.21 -18.71 -25.75
OB7 CDL UB . -67.24 -19.29 -25.95
C51 CDL UB . -64.95 -19.35 -25.27
C52 CDL UB . -65.04 -20.87 -25.17
C53 CDL UB . -65.09 -21.56 -26.53
C54 CDL UB . -65.04 -23.08 -26.45
C55 CDL UB . -65.04 -23.77 -27.80
C56 CDL UB . -65.07 -25.28 -27.71
C57 CDL UB . -63.90 -25.90 -26.96
C58 CDL UB . -62.53 -25.53 -27.50
C59 CDL UB . -62.27 -26.03 -28.91
C60 CDL UB . -61.00 -25.47 -29.54
C61 CDL UB . -59.72 -25.90 -28.85
C62 CDL UB . -58.47 -25.27 -29.47
C63 CDL UB . -57.17 -25.70 -28.80
C64 CDL UB . -55.95 -24.96 -29.33
C65 CDL UB . -54.64 -25.44 -28.74
C66 CDL UB . -53.44 -24.64 -29.19
C67 CDL UB . -52.13 -25.15 -28.64
CB6 CDL UB . -68.18 -16.35 -25.35
OB8 CDL UB . -68.75 -17.61 -24.93
CB7 CDL UB . -69.76 -17.54 -24.06
OB9 CDL UB . -70.30 -16.51 -23.74
C71 CDL UB . -70.15 -18.89 -23.54
C72 CDL UB . -71.46 -19.41 -24.11
C73 CDL UB . -71.29 -20.35 -25.29
C74 CDL UB . -70.54 -19.74 -26.46
C75 CDL UB . -70.42 -20.64 -27.68
C76 CDL UB . -69.84 -22.01 -27.38
C77 CDL UB . -69.41 -22.78 -28.62
C78 CDL UB . -69.45 -24.29 -28.47
C79 CDL UB . -68.89 -25.05 -29.65
C80 CDL UB . -69.44 -24.60 -30.99
C81 CDL UB . -69.18 -25.57 -32.13
C82 CDL UB . -67.73 -25.93 -32.33
C83 CDL UB . -66.82 -24.75 -32.59
C84 CDL UB . -65.40 -25.12 -33.01
C85 CDL UB . -64.70 -26.05 -32.04
C86 CDL UB . -63.22 -26.20 -32.29
C87 CDL UB . -62.88 -26.68 -33.68
H1 CDL UB . -70.14 -13.02 -29.57
H1O1 CDL UB . -68.72 -12.34 -31.89
HA22 CDL UB . -67.49 -13.49 -28.89
HA21 CDL UB . -67.28 -12.21 -30.06
HA32 CDL UB . -65.08 -11.39 -25.99
HA31 CDL UB . -64.22 -10.81 -27.40
HA4 CDL UB . -63.06 -12.76 -27.49
H112 CDL UB . -65.29 -16.11 -29.67
H111 CDL UB . -64.79 -16.21 -28.02
H122 CDL UB . -62.35 -16.20 -29.21
H121 CDL UB . -63.25 -16.82 -30.53
H132 CDL UB . -64.15 -18.65 -29.10
H131 CDL UB . -63.29 -18.02 -27.74
H142 CDL UB . -62.10 -19.20 -30.27
H141 CDL UB . -61.14 -18.32 -29.14
H152 CDL UB . -62.17 -20.02 -27.37
H151 CDL UB . -62.54 -20.96 -28.74
H162 CDL UB . -59.74 -19.90 -28.39
H161 CDL UB . -60.24 -21.21 -29.37
H172 CDL UB . -60.61 -22.65 -27.46
H171 CDL UB . -60.52 -21.34 -26.35
H182 CDL UB . -58.22 -22.34 -28.07
H181 CDL UB . -58.10 -20.98 -27.02
H192 CDL UB . -58.64 -23.86 -26.16
H191 CDL UB . -58.71 -22.52 -25.07
H202 CDL UB . -56.35 -21.97 -25.50
H201 CDL UB . -56.24 -23.16 -26.73
H212 CDL UB . -56.64 -23.67 -23.77
H211 CDL UB . -56.79 -24.92 -24.93
H222 CDL UB . -54.31 -23.25 -24.38
H221 CDL UB . -54.41 -24.32 -25.72
H232 CDL UB . -54.40 -25.02 -22.78
H231 CDL UB . -55.04 -26.15 -23.92
H242 CDL UB . -52.24 -24.95 -24.03
H241 CDL UB . -52.85 -26.06 -25.18
H252 CDL UB . -52.21 -26.57 -22.27
H251 CDL UB . -53.29 -27.63 -23.10
H262 CDL UB . -51.56 -28.18 -24.76
H261 CDL UB . -50.49 -26.99 -24.12
H273 CDL UB . -51.44 -29.48 -22.61
H272 CDL UB . -49.85 -29.24 -23.29
H271 CDL UB . -50.38 -28.27 -21.94
HA62 CDL UB . -64.92 -13.80 -25.32
HA61 CDL UB . -63.43 -12.92 -25.05
H312 CDL UB . -62.43 -17.15 -25.82
H311 CDL UB . -61.00 -16.40 -25.20
H322 CDL UB . -61.54 -17.08 -22.92
H321 CDL UB . -63.11 -17.62 -23.37
H332 CDL UB . -60.43 -18.90 -24.00
H331 CDL UB . -61.80 -19.27 -24.98
H342 CDL UB . -61.79 -19.58 -21.96
H341 CDL UB . -63.07 -20.06 -23.00
H352 CDL UB . -61.33 -21.61 -24.15
H351 CDL UB . -60.30 -21.27 -22.82
H362 CDL UB . -62.95 -22.73 -22.82
H361 CDL UB . -62.42 -21.98 -21.36
H372 CDL UB . -60.72 -23.98 -22.90
H371 CDL UB . -61.82 -24.43 -21.64
H382 CDL UB . -59.44 -22.57 -21.31
H381 CDL UB . -60.57 -22.89 -20.06
H392 CDL UB . -58.78 -24.96 -21.37
H391 CDL UB . -60.00 -25.37 -20.24
H402 CDL UB . -58.90 -23.90 -18.53
H401 CDL UB . -57.95 -25.25 -19.03
H412 CDL UB . -57.60 -22.48 -20.24
H411 CDL UB . -56.59 -23.84 -20.50
H422 CDL UB . -57.00 -22.63 -17.75
H421 CDL UB . -55.83 -23.82 -18.18
H432 CDL UB . -54.93 -21.47 -17.97
H431 CDL UB . -55.88 -21.01 -19.33
H442 CDL UB . -54.67 -22.75 -20.71
H441 CDL UB . -53.68 -23.11 -19.36
H452 CDL UB . -52.90 -20.72 -19.30
H451 CDL UB . -53.87 -20.38 -20.68
H462 CDL UB . -51.54 -22.34 -20.59
H461 CDL UB . -51.50 -20.77 -21.28
H473 CDL UB . -51.81 -22.30 -23.13
H472 CDL UB . -53.38 -21.56 -22.90
H471 CDL UB . -53.08 -23.17 -22.30
HB22 CDL UB . -68.12 -14.98 -30.45
HB21 CDL UB . -69.20 -14.57 -31.76
HB32 CDL UB . -68.53 -17.95 -27.36
HB31 CDL UB . -67.00 -17.84 -28.19
HB4 CDL UB . -66.75 -15.62 -26.76
H512 CDL UB . -64.69 -18.92 -24.31
H511 CDL UB . -64.12 -19.07 -25.93
H522 CDL UB . -65.91 -21.14 -24.58
H521 CDL UB . -64.20 -21.25 -24.59
H532 CDL UB . -66.00 -21.25 -27.05
H531 CDL UB . -64.28 -21.20 -27.16
H542 CDL UB . -64.17 -23.37 -25.87
H541 CDL UB . -65.88 -23.43 -25.85
H552 CDL UB . -65.88 -23.41 -28.38
H551 CDL UB . -64.16 -23.46 -28.37
H562 CDL UB . -65.14 -25.71 -28.71
H561 CDL UB . -66.00 -25.59 -27.23
H572 CDL UB . -63.96 -25.62 -25.90
H571 CDL UB . -64.00 -26.98 -26.95
H582 CDL UB . -62.40 -24.45 -27.46
H581 CDL UB . -61.76 -25.91 -26.83
H592 CDL UB . -62.22 -27.11 -28.91
H591 CDL UB . -63.12 -25.80 -29.55
H602 CDL UB . -60.97 -25.75 -30.59
H601 CDL UB . -61.05 -24.38 -29.56
H612 CDL UB . -59.76 -25.66 -27.80
H611 CDL UB . -59.64 -26.99 -28.88
H622 CDL UB . -58.56 -24.19 -29.45
H621 CDL UB . -58.43 -25.52 -30.53
H632 CDL UB . -57.25 -25.54 -27.73
H631 CDL UB . -57.03 -26.77 -28.90
H642 CDL UB . -55.92 -25.05 -30.42
H641 CDL UB . -56.07 -23.90 -29.15
H652 CDL UB . -54.49 -26.49 -28.97
H651 CDL UB . -54.70 -25.41 -27.65
H662 CDL UB . -53.56 -23.59 -28.91
H661 CDL UB . -53.39 -24.61 -30.28
H673 CDL UB . -52.18 -25.32 -27.56
H672 CDL UB . -51.83 -26.10 -29.10
H671 CDL UB . -51.30 -24.46 -28.81
HB62 CDL UB . -67.73 -15.84 -24.51
HB61 CDL UB . -68.99 -15.71 -25.70
H712 CDL UB . -70.21 -18.82 -22.46
H711 CDL UB . -69.35 -19.61 -23.73
H722 CDL UB . -72.09 -18.56 -24.40
H721 CDL UB . -72.03 -19.90 -23.33
H732 CDL UB . -72.27 -20.69 -25.62
H731 CDL UB . -70.79 -21.26 -24.97
H742 CDL UB . -71.01 -18.79 -26.74
H741 CDL UB . -69.54 -19.45 -26.13
H752 CDL UB . -69.82 -20.14 -28.44
H751 CDL UB . -71.40 -20.75 -28.13
H762 CDL UB . -70.56 -22.61 -26.82
H761 CDL UB . -68.99 -21.91 -26.71
H772 CDL UB . -68.40 -22.46 -28.91
H771 CDL UB . -70.03 -22.48 -29.46
H782 CDL UB . -70.47 -24.61 -28.28
H781 CDL UB . -68.90 -24.57 -27.56
H792 CDL UB . -69.09 -26.12 -29.53
H791 CDL UB . -67.81 -24.98 -29.66
H802 CDL UB . -69.02 -23.63 -31.24
H801 CDL UB . -70.51 -24.41 -30.90
H812 CDL UB . -69.59 -25.16 -33.06
H811 CDL UB . -69.76 -26.48 -31.97
H822 CDL UB . -67.63 -26.64 -33.16
H821 CDL UB . -67.37 -26.49 -31.47
H832 CDL UB . -66.79 -24.12 -31.70
H831 CDL UB . -67.27 -24.11 -33.36
H842 CDL UB . -64.82 -24.21 -33.13
H841 CDL UB . -65.43 -25.56 -33.99
H852 CDL UB . -65.18 -27.03 -32.08
H851 CDL UB . -64.87 -25.71 -31.02
H862 CDL UB . -62.71 -25.25 -32.10
H861 CDL UB . -62.79 -26.89 -31.56
H873 CDL UB . -61.83 -26.97 -33.76
H872 CDL UB . -63.06 -25.91 -34.43
H871 CDL UB . -63.47 -27.55 -33.97
C27 PEE VB . -3.10 2.90 -3.88
C26 PEE VB . -3.90 2.69 -2.63
C25 PEE VB . -3.09 2.90 -1.37
C24 PEE VB . -3.86 2.57 -0.10
C23 PEE VB . -3.51 3.44 1.09
C22 PEE VB . -4.73 3.91 1.85
C21 PEE VB . -4.42 4.87 2.99
C20 PEE VB . -5.63 5.68 3.42
C19 PEE VB . -5.52 6.27 4.82
C18 PEE VB . -6.63 7.24 5.16
C17 PEE VB . -8.02 6.69 4.87
C16 PEE VB . -9.15 7.56 5.41
C15 PEE VB . -9.33 8.87 4.68
C14 PEE VB . -10.55 9.65 5.13
C13 PEE VB . -11.19 10.50 4.05
C12 PEE VB . -11.67 9.71 2.85
C11 PEE VB . -12.62 10.50 1.95
C10 PEE VB . -12.94 9.76 0.69
O4 PEE VB . -13.97 9.19 0.46
O2 PEE VB . -11.90 9.81 -0.16
C2 PEE VB . -12.14 9.39 -1.54
C1 PEE VB . -11.60 10.46 -2.45
O3P PEE VB . -12.18 11.72 -2.05
P PEE VB . -12.43 12.90 -3.09
O2P PEE VB . -11.62 12.56 -4.33
O1P PEE VB . -12.12 14.21 -2.49
O4P PEE VB . -14.01 12.75 -3.48
C4 PEE VB . -14.41 12.13 -4.72
C5 PEE VB . -15.79 12.59 -5.12
N PEE VB . -15.74 13.37 -6.38
C3 PEE VB . -11.42 8.08 -1.75
O3 PEE VB . -12.30 7.02 -1.32
C30 PEE VB . -12.18 5.85 -1.95
O5 PEE VB . -12.14 5.72 -3.14
C31 PEE VB . -12.11 4.72 -0.97
C32 PEE VB . -13.25 4.71 0.05
C33 PEE VB . -13.09 3.63 1.11
C34 PEE VB . -12.40 2.38 0.60
C35 PEE VB . -12.42 1.22 1.58
C36 PEE VB . -11.23 0.28 1.41
C37 PEE VB . -11.53 -1.18 1.72
C38 PEE VB . -12.26 -1.41 3.03
C39 PEE VB . -12.59 -2.86 3.29
C40 PEE VB . -13.71 -3.06 4.30
C41 PEE VB . -13.98 -4.51 4.66
C42 PEE VB . -14.27 -4.71 6.14
C43 PEE VB . -13.09 -4.42 7.04
C44 PEE VB . -13.48 -3.92 8.43
C45 PEE VB . -12.35 -3.26 9.18
C46 PEE VB . -12.72 -1.92 9.78
C47 PEE VB . -13.90 -1.99 10.72
H7 PEE VB . -2.27 2.20 -3.97
H8 PEE VB . -3.70 2.77 -4.79
H82 PEE VB . -2.67 3.90 -3.94
H5 PEE VB . -4.34 1.70 -2.64
H6 PEE VB . -4.76 3.37 -2.63
H12 PEE VB . -2.72 3.93 -1.33
H4 PEE VB . -2.19 2.29 -1.41
H10 PEE VB . -3.69 1.53 0.16
H11 PEE VB . -4.93 2.63 -0.30
H83 PEE VB . -2.92 4.30 0.77
H9 PEE VB . -2.84 2.90 1.76
H2 PEE VB . -5.43 4.38 1.16
H3 PEE VB . -5.26 3.06 2.24
H14 PEE VB . -4.03 4.32 3.84
H1 PEE VB . -3.62 5.54 2.69
H16 PEE VB . -6.52 5.05 3.36
H13 PEE VB . -5.80 6.48 2.71
H18 PEE VB . -4.55 6.76 4.94
H20 PEE VB . -6.56 7.52 6.20
H22 PEE VB . -8.11 5.68 5.26
H19 PEE VB . -8.15 6.59 3.80
H21 PEE VB . -10.08 7.01 5.38
H28 PEE VB . -8.98 7.75 6.47
H23 PEE VB . -9.35 8.69 3.61
H24 PEE VB . -8.44 9.50 4.82
H25 PEE VB . -10.30 10.27 5.98
H26 PEE VB . -11.29 8.95 5.52
H17 PEE VB . -10.49 11.28 3.73
H27 PEE VB . -12.02 11.06 4.48
H15 PEE VB . -10.83 9.37 2.25
H29 PEE VB . -12.17 8.80 3.18
H30 PEE VB . -12.20 11.48 1.73
H31 PEE VB . -13.56 10.70 2.48
H32 PEE VB . -13.19 9.23 -1.72
H33 PEE VB . -10.52 10.55 -2.43
H34 PEE VB . -11.88 10.29 -3.49
H35 PEE VB . -6.49 8.17 4.61
H36 PEE VB . -13.66 12.34 -5.48
H37 PEE VB . -14.43 11.05 -4.57
H38 PEE VB . -16.22 13.22 -4.34
H39 PEE VB . -16.45 11.74 -5.22
H40 PEE VB . -16.64 13.78 -6.59
H41 PEE VB . -15.48 12.78 -7.17
H43 PEE VB . -11.12 7.97 -2.79
H44 PEE VB . -10.50 8.02 -1.15
H45 PEE VB . -11.14 4.73 -0.46
H46 PEE VB . -12.11 3.79 -1.54
H47 PEE VB . -13.31 5.68 0.53
H48 PEE VB . -14.21 4.59 -0.47
H49 PEE VB . -12.58 4.04 1.98
H50 PEE VB . -14.07 3.36 1.50
H51 PEE VB . -12.87 2.05 -0.33
H52 PEE VB . -11.37 2.59 0.31
H53 PEE VB . -13.34 0.66 1.46
H54 PEE VB . -12.46 1.59 2.59
H55 PEE VB . -10.41 0.62 2.04
H56 PEE VB . -10.84 0.37 0.39
H57 PEE VB . -10.61 -1.75 1.70
H58 PEE VB . -12.11 -1.59 0.90
H59 PEE VB . -11.64 -1.02 3.84
H60 PEE VB . -11.70 -3.37 3.66
H81 PEE VB . -13.51 -2.47 5.20
H61 PEE VB . -14.63 -2.62 3.90
H80 PEE VB . -13.13 -5.13 4.37
H62 PEE VB . -14.80 -4.89 4.07
H63 PEE VB . -14.62 -5.73 6.29
H64 PEE VB . -15.12 -4.10 6.42
H65 PEE VB . -12.42 -3.70 6.57
H66 PEE VB . -12.48 -5.32 7.15
H67 PEE VB . -13.86 -4.76 9.01
H68 PEE VB . -14.32 -3.24 8.34
H69 PEE VB . -11.49 -3.13 8.52
H70 PEE VB . -11.99 -3.92 9.97
H71 PEE VB . -12.94 -1.22 8.97
H72 PEE VB . -11.86 -1.49 10.28
H73 PEE VB . -13.80 -1.29 11.55
H74 PEE VB . -14.02 -2.98 11.15
H75 PEE VB . -14.83 -1.76 10.21
H76 PEE VB . -15.06 14.12 -6.32
H42 PEE VB . -5.50 5.46 5.55
H77 PEE VB . -13.17 -0.82 3.08
H78 PEE VB . -12.83 -3.37 2.36
#